data_3J9X
#
_entry.id   3J9X
#
_cell.length_a   1
_cell.length_b   1
_cell.length_c   1
_cell.angle_alpha   90
_cell.angle_beta   90
_cell.angle_gamma   90
#
_symmetry.space_group_name_H-M   'P 1'
#
loop_
_entity.id
_entity.type
_entity.pdbx_description
1 polymer 'coat protein'
2 polymer DNA
#
loop_
_entity_poly.entity_id
_entity_poly.type
_entity_poly.pdbx_seq_one_letter_code
_entity_poly.pdbx_strand_id
1 'polypeptide(L)'
;SRSYSQRYAKWQAKFNAFSNPTVASTILSNVSPVAQQNFQTNVPKFTSVNENVSAVLTQYGITGPNRAIYQGFGLKVARA
LNRIGSGPALVNMINGLKGYYISAFNANPQVLDAVVNIITGSPTGYVS
;
A,B,C,D,E,F,G,H,I,J,K,L,M,N,O,P,Q,R,S,T,U,V,W,X,Y,Z,a,b,c,d,e,f,g,h,i,j,k,l,m,n,o,p,q,r,s,t,u,v,w,x,y,z,1,2,3,4,5,6
2 'polydeoxyribonucleotide'
;(DA)(DT)(DA)(DT)(DA)(DT)(DA)(DT)(DA)(DT)(DA)(DT)(DA)(DT)(DA)(DT)(DA)(DT)(DA)(DT)
(DA)(DT)(DA)(DT)(DA)(DT)(DA)(DT)(DA)(DT)(DA)(DT)(DA)(DT)(DA)(DT)(DA)(DT)(DA)(DT)
(DA)(DT)(DA)(DT)(DA)(DT)(DA)(DT)(DA)(DT)(DA)(DT)(DA)(DT)(DA)(DT)(DA)(DT)(DA)(DT)
(DA)(DT)(DA)(DT)(DA)(DT)(DA)(DT)(DA)(DT)(DA)(DT)(DA)(DT)(DA)(DT)(DA)(DT)(DA)(DT)
(DA)(DT)(DA)(DT)(DA)(DT)(DA)(DT)(DA)(DT)(DA)(DT)(DA)(DT)(DA)(DT)(DA)(DT)(DA)(DT)
(DA)(DT)(DA)(DT)(DA)(DT)(DA)(DT)(DA)(DT)(DA)(DT)(DA)(DT)(DA)(DT)(DA)(DT)(DA)(DT)
(DA)(DT)(DA)(DT)(DA)(DT)(DA)(DT)(DA)(DT)(DA)(DT)(DA)(DT)(DA)(DT)(DA)(DT)(DA)(DT)
(DA)(DT)(DA)(DT)(DA)(DT)(DA)(DT)(DA)(DT)(DA)(DT)(DA)(DT)(DA)(DT)(DA)(DT)(DA)(DT)
(DA)(DT)(DA)(DT)(DA)(DT)(DA)(DT)(DA)(DT)(DA)(DT)(DA)(DT)(DA)(DT)(DA)(DT)(DA)(DT)
(DA)(DT)(DA)(DT)(DA)(DT)(DA)(DT)(DA)(DT)(DA)(DT)(DA)(DT)(DA)(DT)(DA)(DT)(DA)(DT)
(DA)(DT)(DA)(DT)(DA)(DT)(DA)(DT)(DA)(DT)(DA)(DT)(DA)(DT)(DA)(DT)(DA)(DT)(DA)(DT)
(DA)(DT)(DA)(DT)(DA)(DT)(DA)(DT)(DA)(DT)(DA)(DT)(DA)(DT)(DA)(DT)(DA)(DT)(DA)(DT)
(DA)(DT)(DA)(DT)(DA)(DT)(DA)(DT)(DA)(DT)(DA)(DT)(DA)(DT)(DA)(DT)(DA)(DT)(DA)(DT)
(DA)(DT)(DA)(DT)(DA)(DT)(DA)(DT)(DA)(DT)(DA)(DT)(DA)(DT)(DA)(DT)(DA)(DT)(DA)(DT)
(DA)(DT)(DA)(DT)(DA)(DT)(DA)(DT)(DA)(DT)(DA)(DT)(DA)(DT)(DA)(DT)(DA)(DT)(DA)(DT)
(DA)(DT)(DA)(DT)(DA)(DT)(DA)(DT)(DA)(DT)(DA)(DT)(DA)(DT)(DA)(DT)(DA)(DT)(DA)(DT)
(DA)(DT)(DA)(DT)(DA)(DT)(DA)(DT)(DA)(DT)(DA)(DT)(DA)(DT)(DA)(DT)(DA)(DT)(DA)(DT)
(DA)(DT)(DA)(DT)(DA)(DT)(DA)(DT)
;
7,8
#
loop_
_chem_comp.id
_chem_comp.type
_chem_comp.name
_chem_comp.formula
DA DNA linking 2'-DEOXYADENOSINE-5'-MONOPHOSPHATE 'C10 H14 N5 O6 P'
DT DNA linking THYMIDINE-5'-MONOPHOSPHATE 'C10 H15 N2 O8 P'
#
# COMPACT_ATOMS: atom_id res chain seq x y z
N SER A 1 -75.19 33.65 -18.90
CA SER A 1 -75.18 34.98 -18.30
C SER A 1 -74.98 34.92 -16.80
N ARG A 2 -74.40 35.97 -16.24
CA ARG A 2 -74.08 35.99 -14.81
C ARG A 2 -74.45 37.31 -14.15
N SER A 3 -75.18 37.20 -13.04
CA SER A 3 -75.54 38.35 -12.22
C SER A 3 -74.38 38.76 -11.36
N TYR A 4 -74.46 39.92 -10.72
CA TYR A 4 -73.41 40.35 -9.83
C TYR A 4 -73.11 39.33 -8.78
N SER A 5 -74.15 38.81 -8.14
CA SER A 5 -73.97 37.80 -7.13
C SER A 5 -73.08 36.69 -7.63
N GLN A 6 -73.36 36.24 -8.84
CA GLN A 6 -72.58 35.18 -9.46
C GLN A 6 -71.18 35.63 -9.83
N ARG A 7 -71.06 36.85 -10.33
CA ARG A 7 -69.76 37.36 -10.74
C ARG A 7 -68.81 37.34 -9.58
N TYR A 8 -69.26 37.92 -8.49
CA TYR A 8 -68.48 38.02 -7.31
C TYR A 8 -68.21 36.69 -6.69
N ALA A 9 -69.24 35.86 -6.57
CA ALA A 9 -69.09 34.56 -5.95
C ALA A 9 -67.93 33.80 -6.52
N LYS A 10 -67.90 33.65 -7.84
CA LYS A 10 -66.85 32.89 -8.46
C LYS A 10 -65.52 33.59 -8.36
N TRP A 11 -65.53 34.92 -8.50
CA TRP A 11 -64.30 35.68 -8.37
C TRP A 11 -63.66 35.42 -7.04
N GLN A 12 -64.47 35.37 -6.01
CA GLN A 12 -63.97 35.16 -4.69
C GLN A 12 -63.36 33.81 -4.55
N ALA A 13 -64.03 32.80 -5.09
CA ALA A 13 -63.54 31.44 -5.00
C ALA A 13 -62.19 31.30 -5.66
N LYS A 14 -62.02 31.93 -6.82
CA LYS A 14 -60.79 31.82 -7.54
C LYS A 14 -59.71 32.63 -6.91
N PHE A 15 -60.06 33.77 -6.34
CA PHE A 15 -59.09 34.58 -5.65
C PHE A 15 -58.53 33.82 -4.47
N ASN A 16 -59.42 33.20 -3.71
CA ASN A 16 -59.02 32.43 -2.54
C ASN A 16 -58.09 31.33 -2.94
N ALA A 17 -58.45 30.61 -4.00
CA ALA A 17 -57.64 29.51 -4.47
C ALA A 17 -56.24 29.96 -4.79
N PHE A 18 -56.14 31.02 -5.58
CA PHE A 18 -54.85 31.54 -5.98
C PHE A 18 -53.98 31.94 -4.82
N SER A 19 -54.58 32.51 -3.77
CA SER A 19 -53.81 32.99 -2.63
C SER A 19 -53.05 31.87 -1.90
N ASN A 20 -53.44 30.62 -2.14
CA ASN A 20 -52.79 29.47 -1.51
C ASN A 20 -51.32 29.35 -1.96
N PRO A 21 -50.37 29.49 -1.03
CA PRO A 21 -48.91 29.39 -1.25
C PRO A 21 -48.51 28.47 -2.39
N THR A 22 -49.07 27.28 -2.41
CA THR A 22 -48.65 26.28 -3.35
C THR A 22 -49.29 26.48 -4.68
N VAL A 23 -50.47 27.05 -4.68
CA VAL A 23 -51.16 27.28 -5.91
C VAL A 23 -50.54 28.43 -6.63
N ALA A 24 -50.29 29.50 -5.90
CA ALA A 24 -49.67 30.66 -6.48
C ALA A 24 -48.32 30.32 -7.04
N SER A 25 -47.51 29.62 -6.25
CA SER A 25 -46.17 29.31 -6.68
C SER A 25 -46.14 28.30 -7.78
N THR A 26 -47.08 27.37 -7.77
CA THR A 26 -47.15 26.40 -8.85
C THR A 26 -47.38 27.08 -10.15
N ILE A 27 -48.42 27.90 -10.20
CA ILE A 27 -48.77 28.56 -11.41
C ILE A 27 -47.70 29.53 -11.85
N LEU A 28 -47.28 30.38 -10.94
CA LEU A 28 -46.36 31.44 -11.28
C LEU A 28 -45.00 30.93 -11.68
N SER A 29 -44.53 29.88 -11.01
CA SER A 29 -43.26 29.32 -11.37
C SER A 29 -43.32 28.58 -12.68
N ASN A 30 -44.49 28.03 -13.02
CA ASN A 30 -44.64 27.36 -14.28
C ASN A 30 -44.70 28.32 -15.44
N VAL A 31 -45.31 29.47 -15.24
CA VAL A 31 -45.44 30.44 -16.33
C VAL A 31 -44.35 31.47 -16.30
N SER A 32 -43.40 31.32 -15.36
CA SER A 32 -42.28 32.22 -15.28
C SER A 32 -41.60 32.46 -16.63
N PRO A 33 -40.78 31.51 -17.12
CA PRO A 33 -40.01 31.65 -18.36
C PRO A 33 -40.90 32.04 -19.56
N VAL A 34 -42.18 31.68 -19.51
CA VAL A 34 -43.10 32.02 -20.57
C VAL A 34 -43.38 33.48 -20.56
N ALA A 35 -43.71 34.00 -19.38
CA ALA A 35 -43.97 35.40 -19.20
C ALA A 35 -42.76 36.21 -19.55
N GLN A 36 -41.59 35.69 -19.20
CA GLN A 36 -40.34 36.37 -19.47
C GLN A 36 -40.18 36.60 -20.92
N GLN A 37 -40.47 35.56 -21.71
CA GLN A 37 -40.41 35.66 -23.14
C GLN A 37 -41.31 36.74 -23.66
N ASN A 38 -42.54 36.75 -23.17
CA ASN A 38 -43.54 37.69 -23.65
C ASN A 38 -43.18 39.11 -23.29
N PHE A 39 -42.66 39.30 -22.08
CA PHE A 39 -42.27 40.62 -21.64
C PHE A 39 -41.13 41.13 -22.49
N GLN A 40 -40.13 40.30 -22.68
CA GLN A 40 -38.97 40.67 -23.46
C GLN A 40 -39.34 40.92 -24.90
N THR A 41 -40.26 40.13 -25.43
CA THR A 41 -40.62 40.24 -26.81
C THR A 41 -41.32 41.55 -27.14
N ASN A 42 -42.29 41.95 -26.33
CA ASN A 42 -43.08 43.12 -26.68
C ASN A 42 -42.67 44.41 -26.01
N VAL A 43 -42.17 44.35 -24.78
CA VAL A 43 -41.93 45.60 -24.04
C VAL A 43 -40.96 46.61 -24.70
N PRO A 44 -39.81 46.16 -25.23
CA PRO A 44 -38.79 46.96 -25.91
C PRO A 44 -39.41 47.78 -27.04
N LYS A 45 -40.48 47.26 -27.63
CA LYS A 45 -41.16 47.91 -28.73
C LYS A 45 -41.79 49.20 -28.28
N PHE A 46 -42.25 49.22 -27.04
CA PHE A 46 -42.92 50.38 -26.49
C PHE A 46 -41.95 51.29 -25.80
N THR A 47 -40.84 50.74 -25.32
CA THR A 47 -39.82 51.57 -24.73
C THR A 47 -39.25 52.51 -25.75
N SER A 48 -39.01 52.00 -26.95
CA SER A 48 -38.48 52.83 -28.02
C SER A 48 -39.46 53.94 -28.38
N VAL A 49 -40.75 53.67 -28.21
CA VAL A 49 -41.77 54.67 -28.43
C VAL A 49 -41.69 55.75 -27.40
N ASN A 50 -41.57 55.34 -26.15
CA ASN A 50 -41.46 56.29 -25.06
C ASN A 50 -40.30 57.20 -25.26
N GLU A 51 -39.20 56.63 -25.76
CA GLU A 51 -38.01 57.39 -25.99
C GLU A 51 -38.17 58.40 -27.10
N ASN A 52 -38.63 57.95 -28.25
CA ASN A 52 -38.73 58.81 -29.39
C ASN A 52 -39.79 59.87 -29.19
N VAL A 53 -40.91 59.49 -28.57
CA VAL A 53 -41.95 60.44 -28.28
C VAL A 53 -41.48 61.46 -27.28
N SER A 54 -40.71 61.01 -26.30
CA SER A 54 -40.15 61.92 -25.33
C SER A 54 -39.31 62.97 -26.02
N ALA A 55 -38.48 62.53 -26.96
CA ALA A 55 -37.64 63.47 -27.69
C ALA A 55 -38.48 64.54 -28.34
N VAL A 56 -39.56 64.13 -28.97
CA VAL A 56 -40.47 65.05 -29.60
C VAL A 56 -41.03 66.04 -28.62
N LEU A 57 -41.49 65.54 -27.50
CA LEU A 57 -42.13 66.37 -26.51
C LEU A 57 -41.18 67.42 -25.96
N THR A 58 -39.92 67.06 -25.85
CA THR A 58 -38.93 68.02 -25.41
C THR A 58 -38.75 69.11 -26.45
N GLN A 59 -38.77 68.74 -27.73
CA GLN A 59 -38.70 69.72 -28.82
C GLN A 59 -39.91 70.67 -28.81
N TYR A 60 -41.07 70.15 -28.39
CA TYR A 60 -42.28 70.98 -28.30
C TYR A 60 -42.45 71.68 -26.97
N GLY A 61 -41.50 71.53 -26.07
CA GLY A 61 -41.57 72.27 -24.81
C GLY A 61 -42.59 71.68 -23.84
N ILE A 62 -42.97 70.43 -24.03
CA ILE A 62 -43.99 69.81 -23.22
C ILE A 62 -43.38 69.27 -21.94
N THR A 63 -43.96 69.66 -20.80
CA THR A 63 -43.43 69.24 -19.50
C THR A 63 -44.51 68.62 -18.62
N GLY A 64 -44.06 67.94 -17.58
CA GLY A 64 -44.94 67.38 -16.60
C GLY A 64 -45.91 66.37 -17.20
N PRO A 65 -47.09 66.28 -16.61
CA PRO A 65 -48.18 65.40 -16.97
C PRO A 65 -48.63 65.61 -18.39
N ASN A 66 -48.30 66.76 -18.96
CA ASN A 66 -48.67 67.00 -20.32
C ASN A 66 -47.91 66.08 -21.24
N ARG A 67 -46.70 65.71 -20.82
CA ARG A 67 -45.92 64.76 -21.59
C ARG A 67 -46.60 63.45 -21.52
N ALA A 68 -47.07 63.11 -20.32
CA ALA A 68 -47.76 61.85 -20.08
C ALA A 68 -48.99 61.70 -20.97
N ILE A 69 -49.68 62.81 -21.23
CA ILE A 69 -50.84 62.77 -22.12
C ILE A 69 -50.44 62.27 -23.48
N TYR A 70 -49.40 62.87 -24.04
CA TYR A 70 -48.97 62.52 -25.36
C TYR A 70 -48.32 61.16 -25.41
N GLN A 71 -47.64 60.79 -24.33
CA GLN A 71 -47.04 59.48 -24.25
C GLN A 71 -48.09 58.40 -24.29
N GLY A 72 -49.19 58.63 -23.59
CA GLY A 72 -50.31 57.68 -23.59
C GLY A 72 -50.84 57.51 -24.99
N PHE A 73 -51.03 58.62 -25.68
CA PHE A 73 -51.49 58.60 -27.04
C PHE A 73 -50.57 57.78 -27.93
N GLY A 74 -49.27 58.06 -27.85
CA GLY A 74 -48.29 57.36 -28.65
C GLY A 74 -48.30 55.86 -28.39
N LEU A 75 -48.36 55.50 -27.12
CA LEU A 75 -48.39 54.11 -26.73
C LEU A 75 -49.60 53.40 -27.31
N LYS A 76 -50.73 54.09 -27.33
CA LYS A 76 -51.94 53.54 -27.89
C LYS A 76 -51.79 53.28 -29.37
N VAL A 77 -51.15 54.21 -30.07
CA VAL A 77 -50.92 54.04 -31.49
C VAL A 77 -50.13 52.77 -31.74
N ALA A 78 -49.07 52.60 -30.98
CA ALA A 78 -48.20 51.44 -31.10
C ALA A 78 -48.95 50.15 -30.77
N ARG A 79 -49.82 50.21 -29.77
CA ARG A 79 -50.60 49.04 -29.37
C ARG A 79 -51.42 48.53 -30.51
N ALA A 80 -52.16 49.43 -31.14
CA ALA A 80 -52.98 49.09 -32.27
C ALA A 80 -52.14 48.53 -33.39
N LEU A 81 -50.99 49.14 -33.61
CA LEU A 81 -50.11 48.66 -34.63
C LEU A 81 -49.75 47.22 -34.40
N ASN A 82 -49.39 46.87 -33.16
CA ASN A 82 -49.03 45.49 -32.86
C ASN A 82 -50.20 44.51 -33.01
N ARG A 83 -51.39 44.92 -32.61
CA ARG A 83 -52.54 44.02 -32.63
C ARG A 83 -53.34 44.06 -33.93
N ILE A 84 -53.11 45.07 -34.75
CA ILE A 84 -53.80 45.20 -36.03
C ILE A 84 -52.85 45.14 -37.21
N GLY A 85 -51.77 45.89 -37.13
CA GLY A 85 -50.83 46.00 -38.22
C GLY A 85 -51.11 47.26 -39.01
N SER A 86 -50.15 47.69 -39.81
CA SER A 86 -50.31 48.93 -40.56
C SER A 86 -51.31 48.76 -41.68
N GLY A 87 -51.80 49.88 -42.19
CA GLY A 87 -52.77 49.87 -43.27
C GLY A 87 -54.11 50.42 -42.83
N PRO A 88 -55.09 50.37 -43.71
CA PRO A 88 -56.49 50.82 -43.56
C PRO A 88 -56.98 50.82 -42.12
N ALA A 89 -57.02 49.65 -41.50
CA ALA A 89 -57.56 49.51 -40.17
C ALA A 89 -56.84 50.40 -39.17
N LEU A 90 -55.53 50.54 -39.32
CA LEU A 90 -54.77 51.39 -38.42
C LEU A 90 -55.16 52.81 -38.61
N VAL A 91 -55.33 53.19 -39.86
CA VAL A 91 -55.77 54.53 -40.19
C VAL A 91 -57.08 54.85 -39.51
N ASN A 92 -58.02 53.92 -39.59
CA ASN A 92 -59.32 54.08 -38.97
C ASN A 92 -59.17 54.27 -37.48
N MET A 93 -58.28 53.48 -36.89
CA MET A 93 -58.02 53.55 -35.47
C MET A 93 -57.48 54.88 -35.06
N ILE A 94 -56.44 55.34 -35.75
CA ILE A 94 -55.76 56.56 -35.36
C ILE A 94 -56.68 57.74 -35.45
N ASN A 95 -57.50 57.80 -36.49
CA ASN A 95 -58.45 58.89 -36.63
C ASN A 95 -59.34 59.01 -35.41
N GLY A 96 -59.88 57.88 -34.97
CA GLY A 96 -60.74 57.88 -33.79
C GLY A 96 -59.96 58.21 -32.55
N LEU A 97 -58.76 57.66 -32.45
CA LEU A 97 -57.90 57.90 -31.32
C LEU A 97 -57.58 59.35 -31.15
N LYS A 98 -57.24 60.02 -32.22
CA LYS A 98 -56.97 61.43 -32.16
C LYS A 98 -58.18 62.17 -31.67
N GLY A 99 -59.35 61.83 -32.19
CA GLY A 99 -60.59 62.46 -31.74
C GLY A 99 -60.75 62.28 -30.24
N TYR A 100 -60.45 61.09 -29.76
CA TYR A 100 -60.52 60.77 -28.34
C TYR A 100 -59.69 61.73 -27.53
N TYR A 101 -58.41 61.81 -27.83
CA TYR A 101 -57.52 62.66 -27.06
C TYR A 101 -57.74 64.14 -27.25
N ILE A 102 -58.01 64.55 -28.46
CA ILE A 102 -58.20 65.95 -28.74
C ILE A 102 -59.36 66.52 -27.98
N SER A 103 -60.48 65.82 -28.00
CA SER A 103 -61.68 66.35 -27.40
C SER A 103 -61.92 65.89 -25.97
N ALA A 104 -61.43 64.71 -25.59
CA ALA A 104 -61.66 64.25 -24.24
C ALA A 104 -60.66 64.80 -23.28
N PHE A 105 -59.41 64.96 -23.73
CA PHE A 105 -58.35 65.43 -22.85
C PHE A 105 -57.76 66.75 -23.30
N ASN A 106 -58.34 67.33 -24.32
CA ASN A 106 -57.87 68.61 -24.84
C ASN A 106 -56.43 68.54 -25.30
N ALA A 107 -56.05 67.43 -25.91
CA ALA A 107 -54.70 67.29 -26.42
C ALA A 107 -54.56 68.12 -27.69
N ASN A 108 -53.36 68.66 -27.93
CA ASN A 108 -53.11 69.53 -29.07
C ASN A 108 -52.87 68.75 -30.36
N PRO A 109 -53.89 68.65 -31.23
CA PRO A 109 -53.87 68.01 -32.56
C PRO A 109 -52.51 68.03 -33.24
N GLN A 110 -51.88 69.20 -33.24
CA GLN A 110 -50.63 69.37 -33.93
C GLN A 110 -49.53 68.53 -33.32
N VAL A 111 -49.47 68.50 -32.01
CA VAL A 111 -48.48 67.71 -31.33
C VAL A 111 -48.79 66.25 -31.51
N LEU A 112 -50.08 65.92 -31.49
CA LEU A 112 -50.50 64.54 -31.68
C LEU A 112 -50.04 64.02 -33.01
N ASP A 113 -50.11 64.86 -34.03
CA ASP A 113 -49.63 64.48 -35.33
C ASP A 113 -48.15 64.30 -35.35
N ALA A 114 -47.44 65.11 -34.56
CA ALA A 114 -46.00 64.95 -34.42
C ALA A 114 -45.67 63.58 -33.82
N VAL A 115 -46.48 63.13 -32.87
CA VAL A 115 -46.27 61.81 -32.28
C VAL A 115 -46.47 60.73 -33.31
N VAL A 116 -47.56 60.82 -34.08
CA VAL A 116 -47.86 59.85 -35.12
C VAL A 116 -46.74 59.84 -36.16
N ASN A 117 -46.24 61.04 -36.49
CA ASN A 117 -45.14 61.20 -37.44
C ASN A 117 -43.88 60.44 -37.07
N ILE A 118 -43.78 60.00 -35.83
CA ILE A 118 -42.64 59.24 -35.40
C ILE A 118 -42.93 57.78 -35.43
N ILE A 119 -44.02 57.40 -34.79
CA ILE A 119 -44.39 56.00 -34.65
C ILE A 119 -44.69 55.38 -36.00
N THR A 120 -45.48 56.07 -36.81
CA THR A 120 -45.83 55.58 -38.12
C THR A 120 -44.89 56.12 -39.15
N GLY A 121 -44.38 57.32 -38.89
CA GLY A 121 -43.44 57.96 -39.80
C GLY A 121 -44.12 59.11 -40.51
N SER A 122 -45.44 59.19 -40.39
CA SER A 122 -46.21 60.25 -41.01
C SER A 122 -47.57 60.30 -40.38
N PRO A 123 -48.27 61.41 -40.50
CA PRO A 123 -49.63 61.61 -40.10
C PRO A 123 -50.49 60.61 -40.83
N THR A 124 -51.66 60.31 -40.29
CA THR A 124 -52.46 59.26 -40.86
C THR A 124 -53.36 59.75 -41.96
N GLY A 125 -54.55 59.16 -42.07
CA GLY A 125 -55.48 59.51 -43.14
C GLY A 125 -55.10 58.77 -44.42
N TYR A 126 -53.91 59.08 -44.91
CA TYR A 126 -53.37 58.41 -46.06
C TYR A 126 -52.31 57.42 -45.61
N VAL A 127 -52.21 56.30 -46.30
CA VAL A 127 -51.21 55.31 -45.95
C VAL A 127 -49.91 55.59 -46.67
N SER A 128 -48.88 55.90 -45.90
CA SER A 128 -47.58 56.20 -46.47
C SER A 128 -46.52 56.28 -45.37
N SER B 1 -36.83 57.77 -15.30
CA SER B 1 -35.96 57.65 -16.47
C SER B 1 -35.27 56.29 -16.51
N ARG B 2 -35.80 55.38 -17.31
CA ARG B 2 -35.23 54.03 -17.41
C ARG B 2 -35.32 53.47 -18.83
N SER B 3 -34.30 52.71 -19.21
CA SER B 3 -34.30 51.98 -20.48
C SER B 3 -35.14 50.76 -20.34
N TYR B 4 -35.39 50.06 -21.44
CA TYR B 4 -36.22 48.87 -21.30
C TYR B 4 -35.45 47.82 -20.56
N SER B 5 -34.13 47.86 -20.69
CA SER B 5 -33.32 46.86 -20.05
C SER B 5 -33.42 46.98 -18.57
N GLN B 6 -33.57 48.21 -18.10
CA GLN B 6 -33.76 48.45 -16.69
C GLN B 6 -35.16 48.10 -16.27
N ARG B 7 -36.13 48.41 -17.13
CA ARG B 7 -37.51 48.09 -16.84
C ARG B 7 -37.66 46.62 -16.66
N TYR B 8 -37.09 45.87 -17.59
CA TYR B 8 -37.12 44.43 -17.55
C TYR B 8 -36.38 43.89 -16.39
N ALA B 9 -35.16 44.34 -16.18
CA ALA B 9 -34.34 43.83 -15.11
C ALA B 9 -35.08 43.84 -13.79
N LYS B 10 -35.64 44.98 -13.43
CA LYS B 10 -36.33 45.08 -12.18
C LYS B 10 -37.62 44.29 -12.20
N TRP B 11 -38.34 44.33 -13.32
CA TRP B 11 -39.55 43.56 -13.45
C TRP B 11 -39.31 42.11 -13.20
N GLN B 12 -38.21 41.61 -13.73
CA GLN B 12 -37.86 40.23 -13.56
C GLN B 12 -37.61 39.90 -12.13
N ALA B 13 -36.87 40.76 -11.46
CA ALA B 13 -36.55 40.53 -10.07
C ALA B 13 -37.79 40.49 -9.22
N LYS B 14 -38.74 41.38 -9.51
CA LYS B 14 -39.94 41.44 -8.73
C LYS B 14 -40.88 40.32 -9.05
N PHE B 15 -40.89 39.90 -10.30
CA PHE B 15 -41.71 38.77 -10.67
C PHE B 15 -41.23 37.54 -9.96
N ASN B 16 -39.91 37.35 -9.95
CA ASN B 16 -39.31 36.22 -9.27
C ASN B 16 -39.68 36.21 -7.82
N ALA B 17 -39.55 37.36 -7.18
CA ALA B 17 -39.85 37.49 -5.78
C ALA B 17 -41.28 37.07 -5.50
N PHE B 18 -42.21 37.63 -6.26
CA PHE B 18 -43.61 37.33 -6.05
C PHE B 18 -43.93 35.88 -6.21
N SER B 19 -43.28 35.20 -7.16
CA SER B 19 -43.57 33.80 -7.42
C SER B 19 -43.25 32.87 -6.23
N ASN B 20 -42.46 33.36 -5.27
CA ASN B 20 -42.09 32.59 -4.11
C ASN B 20 -43.29 32.31 -3.22
N PRO B 21 -43.68 31.02 -3.06
CA PRO B 21 -44.81 30.54 -2.24
C PRO B 21 -45.12 31.43 -1.05
N THR B 22 -44.09 31.78 -0.30
CA THR B 22 -44.26 32.56 0.90
C THR B 22 -44.63 33.96 0.59
N VAL B 23 -43.93 34.56 -0.37
CA VAL B 23 -44.19 35.92 -0.73
C VAL B 23 -45.55 36.09 -1.32
N ALA B 24 -45.91 35.18 -2.21
CA ALA B 24 -47.20 35.24 -2.86
C ALA B 24 -48.31 35.16 -1.85
N SER B 25 -48.25 34.16 -0.99
CA SER B 25 -49.30 33.96 -0.03
C SER B 25 -49.32 35.01 1.04
N THR B 26 -48.16 35.53 1.39
CA THR B 26 -48.11 36.58 2.39
C THR B 26 -48.85 37.77 1.93
N ILE B 27 -48.51 38.24 0.75
CA ILE B 27 -49.14 39.41 0.22
C ILE B 27 -50.60 39.19 -0.04
N LEU B 28 -50.91 38.13 -0.75
CA LEU B 28 -52.25 37.88 -1.19
C LEU B 28 -53.21 37.61 -0.04
N SER B 29 -52.74 36.90 0.98
CA SER B 29 -53.58 36.63 2.11
C SER B 29 -53.79 37.87 2.95
N ASN B 30 -52.82 38.80 2.93
CA ASN B 30 -52.97 40.03 3.67
C ASN B 30 -53.92 40.98 2.99
N VAL B 31 -53.91 41.00 1.66
CA VAL B 31 -54.78 41.92 0.94
C VAL B 31 -56.08 41.29 0.56
N SER B 32 -56.28 40.04 0.97
CA SER B 32 -57.52 39.34 0.69
C SER B 32 -58.78 40.18 1.03
N PRO B 33 -59.14 40.30 2.32
CA PRO B 33 -60.34 41.02 2.75
C PRO B 33 -60.41 42.47 2.20
N VAL B 34 -59.24 43.06 1.92
CA VAL B 34 -59.18 44.39 1.37
C VAL B 34 -59.67 44.37 -0.04
N ALA B 35 -59.16 43.42 -0.81
CA ALA B 35 -59.56 43.23 -2.18
C ALA B 35 -61.03 42.96 -2.27
N GLN B 36 -61.53 42.20 -1.33
CA GLN B 36 -62.93 41.85 -1.32
C GLN B 36 -63.77 43.07 -1.20
N GLN B 37 -63.37 43.98 -0.33
CA GLN B 37 -64.08 45.21 -0.16
C GLN B 37 -64.09 46.03 -1.42
N ASN B 38 -62.94 46.12 -2.06
CA ASN B 38 -62.80 46.92 -3.25
C ASN B 38 -63.60 46.36 -4.40
N PHE B 39 -63.58 45.04 -4.53
CA PHE B 39 -64.33 44.37 -5.57
C PHE B 39 -65.81 44.58 -5.35
N GLN B 40 -66.26 44.35 -4.12
CA GLN B 40 -67.65 44.50 -3.80
C GLN B 40 -68.14 45.90 -4.02
N THR B 41 -67.29 46.87 -3.72
CA THR B 41 -67.68 48.24 -3.80
C THR B 41 -67.87 48.72 -5.24
N ASN B 42 -66.90 48.49 -6.10
CA ASN B 42 -66.95 49.07 -7.43
C ASN B 42 -67.53 48.19 -8.52
N VAL B 43 -67.60 46.88 -8.31
CA VAL B 43 -68.06 46.01 -9.39
C VAL B 43 -69.57 46.01 -9.70
N PRO B 44 -70.47 45.81 -8.71
CA PRO B 44 -71.91 45.77 -8.93
C PRO B 44 -72.42 47.03 -9.65
N LYS B 45 -71.66 48.12 -9.56
CA LYS B 45 -71.97 49.35 -10.25
C LYS B 45 -72.00 49.15 -11.75
N PHE B 46 -71.09 48.33 -12.25
CA PHE B 46 -70.98 48.08 -13.66
C PHE B 46 -71.84 46.92 -14.08
N THR B 47 -72.11 46.02 -13.15
CA THR B 47 -72.99 44.92 -13.46
C THR B 47 -74.38 45.43 -13.81
N SER B 48 -74.84 46.41 -13.03
CA SER B 48 -76.15 47.00 -13.29
C SER B 48 -76.18 47.68 -14.65
N VAL B 49 -75.04 48.22 -15.06
CA VAL B 49 -74.92 48.83 -16.36
C VAL B 49 -75.10 47.81 -17.42
N ASN B 50 -74.45 46.67 -17.25
CA ASN B 50 -74.52 45.60 -18.21
C ASN B 50 -75.93 45.12 -18.42
N GLU B 51 -76.71 45.01 -17.34
CA GLU B 51 -78.10 44.57 -17.50
C GLU B 51 -78.89 45.55 -18.33
N ASN B 52 -78.86 46.83 -17.96
CA ASN B 52 -79.66 47.82 -18.67
C ASN B 52 -79.19 48.03 -20.10
N VAL B 53 -77.88 48.12 -20.29
CA VAL B 53 -77.33 48.32 -21.61
C VAL B 53 -77.66 47.17 -22.51
N SER B 54 -77.53 45.96 -21.98
CA SER B 54 -77.83 44.79 -22.74
C SER B 54 -79.28 44.81 -23.19
N ALA B 55 -80.17 45.18 -22.28
CA ALA B 55 -81.59 45.26 -22.61
C ALA B 55 -81.82 46.19 -23.78
N VAL B 56 -81.15 47.34 -23.76
CA VAL B 56 -81.26 48.29 -24.85
C VAL B 56 -80.80 47.71 -26.14
N LEU B 57 -79.68 47.03 -26.11
CA LEU B 57 -79.12 46.46 -27.31
C LEU B 57 -80.05 45.44 -27.92
N THR B 58 -80.77 44.71 -27.07
CA THR B 58 -81.77 43.78 -27.57
C THR B 58 -82.90 44.52 -28.26
N GLN B 59 -83.33 45.65 -27.69
CA GLN B 59 -84.36 46.47 -28.31
C GLN B 59 -83.88 47.08 -29.64
N TYR B 60 -82.58 47.32 -29.77
CA TYR B 60 -82.02 47.80 -31.03
C TYR B 60 -81.62 46.69 -32.00
N GLY B 61 -81.85 45.44 -31.63
CA GLY B 61 -81.58 44.35 -32.54
C GLY B 61 -80.09 44.02 -32.67
N ILE B 62 -79.29 44.46 -31.71
CA ILE B 62 -77.85 44.28 -31.76
C ILE B 62 -77.47 42.91 -31.25
N THR B 63 -76.70 42.17 -32.04
CA THR B 63 -76.30 40.82 -31.66
C THR B 63 -74.80 40.60 -31.74
N GLY B 64 -74.35 39.54 -31.10
CA GLY B 64 -72.97 39.13 -31.18
C GLY B 64 -72.03 40.18 -30.63
N PRO B 65 -70.83 40.24 -31.18
CA PRO B 65 -69.75 41.13 -30.82
C PRO B 65 -70.14 42.57 -30.99
N ASN B 66 -71.19 42.83 -31.75
CA ASN B 66 -71.64 44.18 -31.90
C ASN B 66 -72.18 44.68 -30.59
N ARG B 67 -72.75 43.78 -29.80
CA ARG B 67 -73.24 44.15 -28.50
C ARG B 67 -72.07 44.50 -27.65
N ALA B 68 -71.02 43.71 -27.77
CA ALA B 68 -69.80 43.91 -27.00
C ALA B 68 -69.17 45.25 -27.29
N ILE B 69 -69.29 45.73 -28.51
CA ILE B 69 -68.80 47.06 -28.83
C ILE B 69 -69.45 48.09 -27.96
N TYR B 70 -70.76 48.01 -27.87
CA TYR B 70 -71.51 48.97 -27.11
C TYR B 70 -71.37 48.74 -25.62
N GLN B 71 -71.15 47.50 -25.22
CA GLN B 71 -70.90 47.21 -23.82
C GLN B 71 -69.62 47.84 -23.37
N GLY B 72 -68.60 47.74 -24.21
CA GLY B 72 -67.30 48.36 -23.91
C GLY B 72 -67.45 49.86 -23.78
N PHE B 73 -68.18 50.45 -24.70
CA PHE B 73 -68.44 51.86 -24.67
C PHE B 73 -69.14 52.27 -23.39
N GLY B 74 -70.24 51.59 -23.07
CA GLY B 74 -71.03 51.90 -21.90
C GLY B 74 -70.23 51.78 -20.63
N LEU B 75 -69.49 50.71 -20.51
CA LEU B 75 -68.68 50.47 -19.35
C LEU B 75 -67.65 51.58 -19.16
N LYS B 76 -67.08 52.03 -20.27
CA LYS B 76 -66.10 53.08 -20.22
C LYS B 76 -66.73 54.40 -19.81
N VAL B 77 -67.96 54.64 -20.25
CA VAL B 77 -68.70 55.83 -19.82
C VAL B 77 -68.87 55.81 -18.32
N ALA B 78 -69.29 54.66 -17.79
CA ALA B 78 -69.52 54.51 -16.38
C ALA B 78 -68.23 54.67 -15.59
N ARG B 79 -67.12 54.15 -16.13
CA ARG B 79 -65.82 54.34 -15.52
C ARG B 79 -65.52 55.79 -15.26
N ALA B 80 -65.65 56.59 -16.31
CA ALA B 80 -65.38 58.00 -16.22
C ALA B 80 -66.28 58.65 -15.20
N LEU B 81 -67.54 58.23 -15.18
CA LEU B 81 -68.45 58.75 -14.20
C LEU B 81 -67.92 58.52 -12.80
N ASN B 82 -67.45 57.32 -12.50
CA ASN B 82 -66.92 57.04 -11.17
C ASN B 82 -65.67 57.86 -10.84
N ARG B 83 -64.74 57.97 -11.77
CA ARG B 83 -63.47 58.61 -11.49
C ARG B 83 -63.51 60.14 -11.63
N ILE B 84 -64.44 60.64 -12.43
CA ILE B 84 -64.60 62.08 -12.63
C ILE B 84 -65.81 62.63 -11.91
N GLY B 85 -66.95 61.98 -12.10
CA GLY B 85 -68.20 62.46 -11.55
C GLY B 85 -68.95 63.22 -12.60
N SER B 86 -70.25 63.40 -12.42
CA SER B 86 -71.06 64.07 -13.43
C SER B 86 -70.72 65.54 -13.52
N GLY B 87 -71.07 66.16 -14.63
CA GLY B 87 -70.79 67.57 -14.85
C GLY B 87 -69.85 67.75 -16.04
N PRO B 88 -69.50 69.01 -16.31
CA PRO B 88 -68.64 69.50 -17.40
C PRO B 88 -67.60 68.48 -17.86
N ALA B 89 -66.69 68.10 -16.98
CA ALA B 89 -65.61 67.21 -17.34
C ALA B 89 -66.09 65.90 -17.90
N LEU B 90 -67.18 65.38 -17.35
CA LEU B 90 -67.71 64.12 -17.84
C LEU B 90 -68.20 64.28 -19.23
N VAL B 91 -68.89 65.39 -19.48
CA VAL B 91 -69.38 65.67 -20.80
C VAL B 91 -68.24 65.76 -21.79
N ASN B 92 -67.17 66.44 -21.39
CA ASN B 92 -65.98 66.54 -22.23
C ASN B 92 -65.46 65.17 -22.58
N MET B 93 -65.41 64.30 -21.57
CA MET B 93 -64.97 62.94 -21.76
C MET B 93 -65.84 62.19 -22.72
N ILE B 94 -67.14 62.24 -22.49
CA ILE B 94 -68.07 61.47 -23.28
C ILE B 94 -68.04 61.88 -24.72
N ASN B 95 -67.94 63.18 -24.96
CA ASN B 95 -67.88 63.67 -26.33
C ASN B 95 -66.74 63.03 -27.09
N GLY B 96 -65.57 62.99 -26.47
CA GLY B 96 -64.40 62.38 -27.10
C GLY B 96 -64.55 60.89 -27.23
N LEU B 97 -65.08 60.27 -26.19
CA LEU B 97 -65.29 58.84 -26.18
C LEU B 97 -66.25 58.39 -27.26
N LYS B 98 -67.36 59.09 -27.38
CA LYS B 98 -68.33 58.78 -28.39
C LYS B 98 -67.70 58.84 -29.76
N GLY B 99 -67.07 59.97 -30.08
CA GLY B 99 -66.44 60.14 -31.38
C GLY B 99 -65.41 59.05 -31.64
N TYR B 100 -64.65 58.72 -30.60
CA TYR B 100 -63.67 57.66 -30.64
C TYR B 100 -64.26 56.37 -31.14
N TYR B 101 -65.32 55.91 -30.50
CA TYR B 101 -65.96 54.67 -30.91
C TYR B 101 -66.59 54.76 -32.29
N ILE B 102 -67.17 55.88 -32.62
CA ILE B 102 -67.82 56.02 -33.90
C ILE B 102 -66.86 55.81 -35.03
N SER B 103 -65.72 56.45 -34.97
CA SER B 103 -64.79 56.38 -36.07
C SER B 103 -63.73 55.30 -35.92
N ALA B 104 -63.36 54.96 -34.70
CA ALA B 104 -62.35 53.94 -34.52
C ALA B 104 -62.91 52.57 -34.75
N PHE B 105 -64.14 52.33 -34.29
CA PHE B 105 -64.73 51.01 -34.38
C PHE B 105 -65.99 50.97 -35.18
N ASN B 106 -66.31 52.07 -35.84
CA ASN B 106 -67.52 52.15 -36.64
C ASN B 106 -68.76 51.90 -35.81
N ALA B 107 -68.76 52.40 -34.58
CA ALA B 107 -69.93 52.25 -33.73
C ALA B 107 -71.03 53.19 -34.20
N ASN B 108 -72.27 52.74 -34.08
CA ASN B 108 -73.41 53.51 -34.58
C ASN B 108 -73.90 54.54 -33.56
N PRO B 109 -73.60 55.84 -33.79
CA PRO B 109 -74.02 57.02 -33.00
C PRO B 109 -75.37 56.83 -32.32
N GLN B 110 -76.35 56.29 -33.04
CA GLN B 110 -77.68 56.12 -32.51
C GLN B 110 -77.70 55.21 -31.31
N VAL B 111 -77.04 54.09 -31.42
CA VAL B 111 -77.01 53.16 -30.34
C VAL B 111 -76.16 53.71 -29.24
N LEU B 112 -75.07 54.38 -29.61
CA LEU B 112 -74.17 54.95 -28.63
C LEU B 112 -74.90 55.94 -27.75
N ASP B 113 -75.78 56.71 -28.35
CA ASP B 113 -76.58 57.65 -27.62
C ASP B 113 -77.51 56.94 -26.70
N ALA B 114 -78.09 55.85 -27.18
CA ALA B 114 -78.99 55.07 -26.36
C ALA B 114 -78.28 54.57 -25.11
N VAL B 115 -77.04 54.13 -25.27
CA VAL B 115 -76.26 53.67 -24.13
C VAL B 115 -76.05 54.78 -23.13
N VAL B 116 -75.68 55.96 -23.61
CA VAL B 116 -75.49 57.11 -22.75
C VAL B 116 -76.79 57.50 -22.06
N ASN B 117 -77.90 57.35 -22.78
CA ASN B 117 -79.22 57.66 -22.26
C ASN B 117 -79.67 56.71 -21.15
N ILE B 118 -78.89 55.69 -20.87
CA ILE B 118 -79.15 54.82 -19.76
C ILE B 118 -78.29 55.17 -18.60
N ILE B 119 -77.01 55.25 -18.88
CA ILE B 119 -76.03 55.52 -17.85
C ILE B 119 -76.18 56.91 -17.27
N THR B 120 -76.27 57.90 -18.15
CA THR B 120 -76.41 59.27 -17.70
C THR B 120 -77.86 59.65 -17.67
N GLY B 121 -78.62 59.11 -18.61
CA GLY B 121 -80.03 59.41 -18.71
C GLY B 121 -80.29 60.43 -19.80
N SER B 122 -79.23 61.06 -20.29
CA SER B 122 -79.36 62.08 -21.30
C SER B 122 -78.16 62.08 -22.22
N PRO B 123 -78.31 62.57 -23.45
CA PRO B 123 -77.30 62.74 -24.46
C PRO B 123 -76.20 63.66 -23.97
N THR B 124 -75.05 63.56 -24.60
CA THR B 124 -73.92 64.38 -24.23
C THR B 124 -73.92 65.67 -25.03
N GLY B 125 -72.74 66.13 -25.44
CA GLY B 125 -72.64 67.37 -26.21
C GLY B 125 -72.63 68.57 -25.28
N TYR B 126 -73.74 68.78 -24.59
CA TYR B 126 -73.88 69.86 -23.64
C TYR B 126 -74.30 69.33 -22.27
N VAL B 127 -73.93 70.05 -21.22
CA VAL B 127 -74.24 69.63 -19.86
C VAL B 127 -75.72 69.69 -19.60
N SER B 128 -76.30 68.54 -19.22
CA SER B 128 -77.74 68.47 -18.95
C SER B 128 -78.11 67.21 -18.17
N SER C 1 -61.50 54.59 -8.03
CA SER C 1 -61.23 55.60 -7.01
C SER C 1 -61.18 54.98 -5.62
N ARG C 2 -60.43 55.61 -4.72
CA ARG C 2 -60.24 55.08 -3.38
C ARG C 2 -60.37 56.14 -2.30
N SER C 3 -61.18 55.85 -1.30
CA SER C 3 -61.35 56.70 -0.13
C SER C 3 -60.21 56.50 0.82
N TYR C 4 -60.08 57.36 1.81
CA TYR C 4 -59.05 57.20 2.81
C TYR C 4 -59.07 55.85 3.45
N SER C 5 -60.25 55.41 3.85
CA SER C 5 -60.40 54.10 4.46
C SER C 5 -59.74 53.04 3.60
N GLN C 6 -60.00 53.11 2.30
CA GLN C 6 -59.43 52.17 1.36
C GLN C 6 -57.95 52.37 1.18
N ARG C 7 -57.51 53.62 1.13
CA ARG C 7 -56.09 53.91 0.93
C ARG C 7 -55.28 53.28 2.01
N TYR C 8 -55.67 53.54 3.23
CA TYR C 8 -55.00 53.04 4.39
C TYR C 8 -55.09 51.56 4.49
N ALA C 9 -56.29 51.02 4.32
CA ALA C 9 -56.49 49.59 4.46
C ALA C 9 -55.49 48.81 3.65
N LYS C 10 -55.37 49.11 2.37
CA LYS C 10 -54.47 48.37 1.52
C LYS C 10 -53.04 48.66 1.86
N TRP C 11 -52.73 49.91 2.20
CA TRP C 11 -51.38 50.26 2.58
C TRP C 11 -50.93 49.43 3.74
N GLN C 12 -51.81 49.24 4.69
CA GLN C 12 -51.50 48.47 5.86
C GLN C 12 -51.22 47.05 5.52
N ALA C 13 -52.04 46.48 4.66
CA ALA C 13 -51.89 45.09 4.27
C ALA C 13 -50.55 44.85 3.61
N LYS C 14 -50.16 45.77 2.75
CA LYS C 14 -48.91 45.63 2.04
C LYS C 14 -47.73 45.89 2.91
N PHE C 15 -47.87 46.83 3.83
CA PHE C 15 -46.80 47.09 4.76
C PHE C 15 -46.53 45.87 5.60
N ASN C 16 -47.60 45.27 6.11
CA ASN C 16 -47.50 44.08 6.93
C ASN C 16 -46.80 42.98 6.19
N ALA C 17 -47.22 42.77 4.94
CA ALA C 17 -46.64 41.73 4.11
C ALA C 17 -45.16 41.92 3.97
N PHE C 18 -44.75 43.13 3.61
CA PHE C 18 -43.35 43.42 3.41
C PHE C 18 -42.52 43.17 4.65
N SER C 19 -43.05 43.49 5.82
CA SER C 19 -42.29 43.35 7.06
C SER C 19 -41.88 41.91 7.36
N ASN C 20 -42.52 40.94 6.70
CA ASN C 20 -42.19 39.53 6.89
C ASN C 20 -40.77 39.22 6.43
N PRO C 21 -39.88 38.79 7.37
CA PRO C 21 -38.47 38.43 7.12
C PRO C 21 -38.19 37.89 5.73
N THR C 22 -39.00 36.94 5.31
CA THR C 22 -38.75 36.24 4.07
C THR C 22 -39.20 37.03 2.89
N VAL C 23 -40.21 37.84 3.09
CA VAL C 23 -40.72 38.63 2.02
C VAL C 23 -39.81 39.77 1.74
N ALA C 24 -39.38 40.43 2.80
CA ALA C 24 -38.47 41.54 2.66
C ALA C 24 -37.19 41.09 2.03
N SER C 25 -36.63 40.00 2.52
CA SER C 25 -35.36 39.53 2.02
C SER C 25 -35.47 38.98 0.63
N THR C 26 -36.60 38.35 0.30
CA THR C 26 -36.78 37.85 -1.04
C THR C 26 -36.74 38.97 -2.03
N ILE C 27 -37.55 39.96 -1.78
CA ILE C 27 -37.65 41.06 -2.69
C ILE C 27 -36.35 41.83 -2.77
N LEU C 28 -35.83 42.22 -1.62
CA LEU C 28 -34.66 43.07 -1.56
C LEU C 28 -33.43 42.41 -2.10
N SER C 29 -33.28 41.11 -1.85
CA SER C 29 -32.12 40.41 -2.37
C SER C 29 -32.24 40.20 -3.87
N ASN C 30 -33.47 40.10 -4.37
CA ASN C 30 -33.66 39.94 -5.80
C ASN C 30 -33.40 41.22 -6.55
N VAL C 31 -33.76 42.36 -5.96
CA VAL C 31 -33.56 43.62 -6.64
C VAL C 31 -32.28 44.28 -6.25
N SER C 32 -31.48 43.61 -5.43
CA SER C 32 -30.19 44.15 -5.02
C SER C 32 -29.36 44.65 -6.22
N PRO C 33 -28.73 43.74 -7.00
CA PRO C 33 -27.86 44.11 -8.11
C PRO C 33 -28.52 45.09 -9.11
N VAL C 34 -29.85 45.05 -9.18
CA VAL C 34 -30.57 45.92 -10.06
C VAL C 34 -30.52 47.33 -9.54
N ALA C 35 -30.82 47.48 -8.26
CA ALA C 35 -30.77 48.76 -7.61
C ALA C 35 -29.39 49.32 -7.66
N GLN C 36 -28.40 48.45 -7.50
CA GLN C 36 -27.02 48.86 -7.51
C GLN C 36 -26.68 49.51 -8.80
N GLN C 37 -27.13 48.91 -9.88
CA GLN C 37 -26.92 49.46 -11.20
C GLN C 37 -27.51 50.84 -11.31
N ASN C 38 -28.74 50.98 -10.86
CA ASN C 38 -29.45 52.23 -10.98
C ASN C 38 -28.82 53.32 -10.15
N PHE C 39 -28.38 52.97 -8.96
CA PHE C 39 -27.74 53.91 -8.08
C PHE C 39 -26.45 54.40 -8.69
N GLN C 40 -25.64 53.46 -9.15
CA GLN C 40 -24.38 53.79 -9.77
C GLN C 40 -24.54 54.57 -11.02
N THR C 41 -25.57 54.26 -11.79
CA THR C 41 -25.79 54.91 -13.06
C THR C 41 -26.13 56.39 -12.91
N ASN C 42 -27.05 56.72 -12.02
CA ASN C 42 -27.53 58.09 -11.94
C ASN C 42 -26.89 58.94 -10.85
N VAL C 43 -26.53 58.35 -9.72
CA VAL C 43 -26.08 59.18 -8.60
C VAL C 43 -24.86 60.09 -8.87
N PRO C 44 -23.79 59.58 -9.50
CA PRO C 44 -22.57 60.29 -9.87
C PRO C 44 -22.89 61.56 -10.64
N LYS C 45 -24.00 61.54 -11.38
CA LYS C 45 -24.40 62.67 -12.19
C LYS C 45 -24.77 63.84 -11.33
N PHE C 46 -25.32 63.56 -10.15
CA PHE C 46 -25.75 64.59 -9.24
C PHE C 46 -24.67 64.96 -8.26
N THR C 47 -23.77 64.03 -8.01
CA THR C 47 -22.64 64.33 -7.16
C THR C 47 -21.78 65.40 -7.79
N SER C 48 -21.56 65.27 -9.10
CA SER C 48 -20.77 66.26 -9.81
C SER C 48 -21.43 67.63 -9.76
N VAL C 49 -22.77 67.65 -9.70
CA VAL C 49 -23.51 68.88 -9.57
C VAL C 49 -23.28 69.48 -8.22
N ASN C 50 -23.36 68.67 -7.19
CA ASN C 50 -23.13 69.14 -5.84
C ASN C 50 -21.78 69.74 -5.72
N GLU C 51 -20.80 69.14 -6.36
CA GLU C 51 -19.46 69.63 -6.32
C GLU C 51 -19.29 70.96 -7.00
N ASN C 52 -19.74 71.04 -8.25
CA ASN C 52 -19.54 72.24 -9.02
C ASN C 52 -20.35 73.39 -8.47
N VAL C 53 -21.56 73.10 -8.02
CA VAL C 53 -22.40 74.12 -7.42
C VAL C 53 -21.79 74.60 -6.13
N SER C 54 -21.23 73.67 -5.35
CA SER C 54 -20.56 74.04 -4.14
C SER C 54 -19.46 75.01 -4.41
N ALA C 55 -18.66 74.74 -5.44
CA ALA C 55 -17.58 75.63 -5.81
C ALA C 55 -18.09 77.03 -6.04
N VAL C 56 -19.18 77.13 -6.78
CA VAL C 56 -19.82 78.40 -7.05
C VAL C 56 -20.21 79.11 -5.79
N LEU C 57 -20.87 78.39 -4.91
CA LEU C 57 -21.39 78.97 -3.71
C LEU C 57 -20.29 79.50 -2.82
N THR C 58 -19.15 78.84 -2.83
CA THR C 58 -18.00 79.33 -2.09
C THR C 58 -17.51 80.63 -2.68
N GLN C 59 -17.50 80.72 -4.01
CA GLN C 59 -17.11 81.97 -4.68
C GLN C 59 -18.08 83.11 -4.36
N TYR C 60 -19.36 82.78 -4.15
CA TYR C 60 -20.34 83.80 -3.79
C TYR C 60 -20.47 84.04 -2.28
N GLY C 61 -19.66 83.37 -1.48
CA GLY C 61 -19.67 83.62 -0.06
C GLY C 61 -20.88 83.02 0.65
N ILE C 62 -21.50 82.03 0.02
CA ILE C 62 -22.70 81.43 0.57
C ILE C 62 -22.35 80.38 1.59
N THR C 63 -22.92 80.48 2.79
CA THR C 63 -22.62 79.53 3.86
C THR C 63 -23.87 78.94 4.48
N GLY C 64 -23.68 77.85 5.20
CA GLY C 64 -24.75 77.23 5.94
C GLY C 64 -25.86 76.73 5.02
N PRO C 65 -27.08 76.75 5.53
CA PRO C 65 -28.31 76.33 4.89
C PRO C 65 -28.58 77.11 3.63
N ASN C 66 -27.94 78.27 3.49
CA ASN C 66 -28.13 79.04 2.30
C ASN C 66 -27.53 78.32 1.12
N ARG C 67 -26.46 77.55 1.38
CA ARG C 67 -25.86 76.77 0.34
C ARG C 67 -26.82 75.70 -0.05
N ALA C 68 -27.45 75.12 0.96
CA ALA C 68 -28.43 74.05 0.75
C ALA C 68 -29.58 74.50 -0.14
N ILE C 69 -29.98 75.77 -0.01
CA ILE C 69 -31.03 76.30 -0.87
C ILE C 69 -30.64 76.22 -2.32
N TYR C 70 -29.45 76.69 -2.62
CA TYR C 70 -28.99 76.73 -3.99
C TYR C 70 -28.66 75.34 -4.50
N GLN C 71 -28.19 74.48 -3.61
CA GLN C 71 -27.90 73.11 -3.98
C GLN C 71 -29.16 72.41 -4.41
N GLY C 72 -30.25 72.63 -3.67
CA GLY C 72 -31.53 72.04 -4.01
C GLY C 72 -31.98 72.49 -5.38
N PHE C 73 -31.85 73.78 -5.64
CA PHE C 73 -32.17 74.33 -6.93
C PHE C 73 -31.38 73.66 -8.04
N GLY C 74 -30.07 73.57 -7.86
CA GLY C 74 -29.21 72.97 -8.85
C GLY C 74 -29.59 71.52 -9.12
N LEU C 75 -29.84 70.77 -8.07
CA LEU C 75 -30.20 69.39 -8.19
C LEU C 75 -31.49 69.23 -8.97
N LYS C 76 -32.43 70.13 -8.76
CA LYS C 76 -33.68 70.12 -9.48
C LYS C 76 -33.47 70.35 -10.96
N VAL C 77 -32.57 71.27 -11.29
CA VAL C 77 -32.27 71.53 -12.69
C VAL C 77 -31.76 70.28 -13.36
N ALA C 78 -30.83 69.60 -12.69
CA ALA C 78 -30.25 68.38 -13.20
C ALA C 78 -31.29 67.28 -13.34
N ARG C 79 -32.21 67.20 -12.38
CA ARG C 79 -33.26 66.19 -12.43
C ARG C 79 -34.07 66.31 -13.68
N ALA C 80 -34.53 67.52 -13.95
CA ALA C 80 -35.31 67.79 -15.14
C ALA C 80 -34.53 67.46 -16.37
N LEU C 81 -33.25 67.80 -16.37
CA LEU C 81 -32.41 67.50 -17.49
C LEU C 81 -32.41 66.02 -17.77
N ASN C 82 -32.24 65.21 -16.74
CA ASN C 82 -32.23 63.76 -16.93
C ASN C 82 -33.57 63.20 -17.41
N ARG C 83 -34.68 63.73 -16.91
CA ARG C 83 -35.99 63.18 -17.23
C ARG C 83 -36.65 63.85 -18.44
N ILE C 84 -36.13 64.99 -18.86
CA ILE C 84 -36.65 65.71 -20.02
C ILE C 84 -35.64 65.82 -21.15
N GLY C 85 -34.44 66.22 -20.80
CA GLY C 85 -33.40 66.45 -21.78
C GLY C 85 -33.33 67.93 -22.08
N SER C 86 -32.23 68.37 -22.67
CA SER C 86 -32.04 69.78 -22.97
C SER C 86 -32.94 70.25 -24.07
N GLY C 87 -33.12 71.56 -24.16
CA GLY C 87 -33.97 72.14 -25.18
C GLY C 87 -35.19 72.81 -24.57
N PRO C 88 -36.08 73.31 -25.43
CA PRO C 88 -37.35 74.01 -25.14
C PRO C 88 -37.96 73.63 -23.79
N ALA C 89 -38.30 72.38 -23.62
CA ALA C 89 -38.98 71.93 -22.40
C ALA C 89 -38.16 72.23 -21.16
N LEU C 90 -36.85 72.08 -21.25
CA LEU C 90 -35.99 72.37 -20.11
C LEU C 90 -36.04 73.83 -19.80
N VAL C 91 -36.02 74.64 -20.84
CA VAL C 91 -36.11 76.09 -20.67
C VAL C 91 -37.37 76.46 -19.94
N ASN C 92 -38.48 75.85 -20.35
CA ASN C 92 -39.75 76.11 -19.71
C ASN C 92 -39.69 75.75 -18.24
N MET C 93 -39.06 74.61 -17.96
CA MET C 93 -38.91 74.14 -16.62
C MET C 93 -38.12 75.08 -15.76
N ILE C 94 -36.95 75.49 -16.24
CA ILE C 94 -36.07 76.30 -15.45
C ILE C 94 -36.68 77.63 -15.12
N ASN C 95 -37.38 78.22 -16.09
CA ASN C 95 -38.03 79.50 -15.84
C ASN C 95 -38.98 79.40 -14.66
N GLY C 96 -39.80 78.36 -14.64
CA GLY C 96 -40.73 78.16 -13.54
C GLY C 96 -40.01 77.87 -12.26
N LEU C 97 -38.98 77.04 -12.34
CA LEU C 97 -38.18 76.67 -11.20
C LEU C 97 -37.56 77.86 -10.53
N LYS C 98 -36.98 78.74 -11.31
CA LYS C 98 -36.42 79.94 -10.76
C LYS C 98 -37.47 80.75 -10.05
N GLY C 99 -38.63 80.89 -10.66
CA GLY C 99 -39.72 81.60 -10.02
C GLY C 99 -40.05 80.99 -8.67
N TYR C 100 -40.08 79.67 -8.63
CA TYR C 100 -40.34 78.93 -7.42
C TYR C 100 -39.39 79.31 -6.33
N TYR C 101 -38.10 79.18 -6.58
CA TYR C 101 -37.11 79.48 -5.55
C TYR C 101 -36.98 80.94 -5.20
N ILE C 102 -37.04 81.79 -6.21
CA ILE C 102 -36.89 83.20 -5.98
C ILE C 102 -37.95 83.75 -5.07
N SER C 103 -39.19 83.40 -5.35
CA SER C 103 -40.29 83.95 -4.60
C SER C 103 -40.75 83.11 -3.42
N ALA C 104 -40.58 81.80 -3.48
CA ALA C 104 -41.02 80.97 -2.36
C ALA C 104 -40.00 80.92 -1.27
N PHE C 105 -38.72 80.92 -1.64
CA PHE C 105 -37.66 80.79 -0.65
C PHE C 105 -36.75 81.99 -0.60
N ASN C 106 -37.09 83.02 -1.36
CA ASN C 106 -36.31 84.24 -1.41
C ASN C 106 -34.88 83.99 -1.85
N ALA C 107 -34.71 83.08 -2.81
CA ALA C 107 -33.39 82.80 -3.34
C ALA C 107 -32.95 83.95 -4.24
N ASN C 108 -31.65 84.23 -4.27
CA ASN C 108 -31.11 85.35 -5.03
C ASN C 108 -30.94 85.02 -6.52
N PRO C 109 -31.88 85.46 -7.37
CA PRO C 109 -31.89 85.32 -8.84
C PRO C 109 -30.51 85.25 -9.46
N GLN C 110 -29.63 86.16 -9.06
CA GLN C 110 -28.32 86.25 -9.64
C GLN C 110 -27.50 85.00 -9.36
N VAL C 111 -27.55 84.52 -8.14
CA VAL C 111 -26.84 83.34 -7.77
C VAL C 111 -27.45 82.14 -8.45
N LEU C 112 -28.77 82.15 -8.55
CA LEU C 112 -29.48 81.06 -9.20
C LEU C 112 -29.04 80.92 -10.64
N ASP C 113 -28.82 82.04 -11.30
CA ASP C 113 -28.33 82.02 -12.65
C ASP C 113 -26.93 81.50 -12.72
N ALA C 114 -26.13 81.80 -11.70
CA ALA C 114 -24.79 81.26 -11.62
C ALA C 114 -24.82 79.74 -11.54
N VAL C 115 -25.79 79.20 -10.80
CA VAL C 115 -25.93 77.76 -10.71
C VAL C 115 -26.28 77.16 -12.05
N VAL C 116 -27.26 77.76 -12.73
CA VAL C 116 -27.67 77.31 -14.05
C VAL C 116 -26.50 77.38 -15.03
N ASN C 117 -25.72 78.45 -14.92
CA ASN C 117 -24.54 78.66 -15.75
C ASN C 117 -23.51 77.54 -15.67
N ILE C 118 -23.62 76.69 -14.65
CA ILE C 118 -22.72 75.59 -14.52
C ILE C 118 -23.33 74.33 -15.05
N ILE C 119 -24.53 74.04 -14.59
CA ILE C 119 -25.21 72.82 -14.95
C ILE C 119 -25.54 72.77 -16.42
N THR C 120 -26.07 73.87 -16.93
CA THR C 120 -26.40 73.94 -18.34
C THR C 120 -25.28 74.55 -19.12
N GLY C 121 -24.54 75.42 -18.45
CA GLY C 121 -23.41 76.09 -19.09
C GLY C 121 -23.73 77.54 -19.36
N SER C 122 -25.01 77.89 -19.23
CA SER C 122 -25.47 79.25 -19.43
C SER C 122 -26.84 79.41 -18.83
N PRO C 123 -27.25 80.64 -18.57
CA PRO C 123 -28.57 81.01 -18.11
C PRO C 123 -29.57 80.56 -19.16
N THR C 124 -30.81 80.38 -18.76
CA THR C 124 -31.76 79.80 -19.66
C THR C 124 -32.44 80.84 -20.53
N GLY C 125 -33.72 80.64 -20.83
CA GLY C 125 -34.44 81.54 -21.72
C GLY C 125 -34.13 81.19 -23.17
N TYR C 126 -32.87 81.35 -23.53
CA TYR C 126 -32.39 81.00 -24.83
C TYR C 126 -31.64 79.70 -24.75
N VAL C 127 -31.72 78.88 -25.79
CA VAL C 127 -31.01 77.63 -25.80
C VAL C 127 -29.61 77.82 -26.37
N SER C 128 -28.61 77.59 -25.53
CA SER C 128 -27.24 77.73 -25.95
C SER C 128 -26.29 77.18 -24.90
N SER D 1 -19.14 66.09 3.84
CA SER D 1 -18.23 66.15 2.71
C SER D 1 -17.86 64.77 2.21
N ARG D 2 -18.52 64.34 1.13
CA ARG D 2 -18.26 63.01 0.57
C ARG D 2 -18.34 63.00 -0.96
N SER D 3 -17.49 62.19 -1.57
CA SER D 3 -17.55 61.96 -3.03
C SER D 3 -18.65 60.99 -3.32
N TYR D 4 -18.96 60.78 -4.59
CA TYR D 4 -20.04 59.86 -4.87
C TYR D 4 -19.60 58.47 -4.55
N SER D 5 -18.30 58.23 -4.64
CA SER D 5 -17.79 56.91 -4.40
C SER D 5 -17.98 56.54 -2.96
N GLN D 6 -17.89 57.53 -2.09
CA GLN D 6 -18.14 57.33 -0.69
C GLN D 6 -19.62 57.21 -0.43
N ARG D 7 -20.41 58.02 -1.12
CA ARG D 7 -21.85 57.96 -0.98
C ARG D 7 -22.35 56.59 -1.32
N TYR D 8 -21.88 56.09 -2.45
CA TYR D 8 -22.24 54.77 -2.90
C TYR D 8 -21.74 53.72 -1.99
N ALA D 9 -20.47 53.76 -1.64
CA ALA D 9 -19.88 52.74 -0.81
C ALA D 9 -20.72 52.48 0.42
N LYS D 10 -21.03 53.54 1.16
CA LYS D 10 -21.80 53.37 2.36
C LYS D 10 -23.22 52.97 2.06
N TRP D 11 -23.80 53.55 1.03
CA TRP D 11 -25.16 53.19 0.64
C TRP D 11 -25.26 51.73 0.36
N GLN D 12 -24.26 51.19 -0.30
CA GLN D 12 -24.24 49.79 -0.63
C GLN D 12 -24.21 48.95 0.60
N ALA D 13 -23.35 49.32 1.54
CA ALA D 13 -23.21 48.57 2.77
C ALA D 13 -24.50 48.55 3.54
N LYS D 14 -25.20 49.67 3.57
CA LYS D 14 -26.42 49.75 4.32
C LYS D 14 -27.55 49.07 3.63
N PHE D 15 -27.55 49.11 2.31
CA PHE D 15 -28.56 48.42 1.57
C PHE D 15 -28.43 46.93 1.82
N ASN D 16 -27.20 46.44 1.76
CA ASN D 16 -26.93 45.04 2.00
C ASN D 16 -27.42 44.63 3.36
N ALA D 17 -27.08 45.44 4.36
CA ALA D 17 -27.47 45.15 5.71
C ALA D 17 -28.97 45.02 5.83
N PHE D 18 -29.68 46.00 5.31
CA PHE D 18 -31.12 46.01 5.40
C PHE D 18 -31.75 44.81 4.75
N SER D 19 -31.19 44.35 3.62
CA SER D 19 -31.77 43.23 2.89
C SER D 19 -31.76 41.92 3.68
N ASN D 20 -30.98 41.85 4.75
CA ASN D 20 -30.88 40.66 5.58
C ASN D 20 -32.20 40.40 6.31
N PRO D 21 -32.88 39.27 6.01
CA PRO D 21 -34.15 38.82 6.61
C PRO D 21 -34.35 39.32 8.03
N THR D 22 -33.33 39.13 8.87
CA THR D 22 -33.42 39.48 10.25
C THR D 22 -33.44 40.95 10.45
N VAL D 23 -32.56 41.64 9.76
CA VAL D 23 -32.47 43.07 9.89
C VAL D 23 -33.71 43.75 9.39
N ALA D 24 -34.18 43.31 8.24
CA ALA D 24 -35.36 43.88 7.65
C ALA D 24 -36.53 43.74 8.56
N SER D 25 -36.79 42.53 9.03
CA SER D 25 -37.93 42.29 9.86
C SER D 25 -37.80 42.89 11.22
N THR D 26 -36.59 42.96 11.74
CA THR D 26 -36.41 43.56 13.03
C THR D 26 -36.81 44.99 13.01
N ILE D 27 -36.27 45.72 12.08
CA ILE D 27 -36.56 47.12 11.99
C ILE D 27 -38.01 47.36 11.66
N LEU D 28 -38.49 46.70 10.61
CA LEU D 28 -39.81 46.95 10.12
C LEU D 28 -40.89 46.55 11.10
N SER D 29 -40.69 45.45 11.81
CA SER D 29 -41.67 45.03 12.78
C SER D 29 -41.67 45.93 13.99
N ASN D 30 -40.51 46.53 14.30
CA ASN D 30 -40.45 47.44 15.42
C ASN D 30 -41.09 48.77 15.11
N VAL D 31 -40.97 49.23 13.87
CA VAL D 31 -41.54 50.52 13.51
C VAL D 31 -42.91 50.39 12.94
N SER D 32 -43.43 49.16 12.88
CA SER D 32 -44.77 48.92 12.37
C SER D 32 -45.82 49.87 12.99
N PRO D 33 -46.26 49.64 14.24
CA PRO D 33 -47.30 50.44 14.88
C PRO D 33 -46.98 51.95 14.86
N VAL D 34 -45.71 52.30 14.81
CA VAL D 34 -45.30 53.68 14.76
C VAL D 34 -45.66 54.26 13.43
N ALA D 35 -45.31 53.53 12.38
CA ALA D 35 -45.62 53.92 11.03
C ALA D 35 -47.09 54.06 10.84
N GLN D 36 -47.84 53.16 11.46
CA GLN D 36 -49.27 53.18 11.34
C GLN D 36 -49.82 54.46 11.88
N GLN D 37 -49.30 54.89 13.01
CA GLN D 37 -49.74 56.13 13.59
C GLN D 37 -49.45 57.30 12.69
N ASN D 38 -48.25 57.32 12.13
CA ASN D 38 -47.84 58.42 11.29
C ASN D 38 -48.63 58.48 10.02
N PHE D 39 -48.90 57.33 9.43
CA PHE D 39 -49.69 57.25 8.23
C PHE D 39 -51.10 57.72 8.50
N GLN D 40 -51.70 57.20 9.57
CA GLN D 40 -53.05 57.57 9.93
C GLN D 40 -53.18 59.03 10.21
N THR D 41 -52.17 59.60 10.83
CA THR D 41 -52.23 60.98 11.22
C THR D 41 -52.19 61.96 10.04
N ASN D 42 -51.21 61.80 9.16
CA ASN D 42 -51.03 62.78 8.10
C ASN D 42 -51.69 62.48 6.77
N VAL D 43 -52.07 61.24 6.53
CA VAL D 43 -52.61 60.92 5.20
C VAL D 43 -54.05 61.40 4.90
N PRO D 44 -55.05 61.10 5.76
CA PRO D 44 -56.45 61.48 5.55
C PRO D 44 -56.60 62.98 5.29
N LYS D 45 -55.62 63.77 5.76
CA LYS D 45 -55.58 65.19 5.55
C LYS D 45 -55.53 65.52 4.08
N PHE D 46 -54.78 64.72 3.32
CA PHE D 46 -54.61 64.94 1.91
C PHE D 46 -55.67 64.24 1.10
N THR D 47 -56.22 63.18 1.67
CA THR D 47 -57.30 62.49 0.98
C THR D 47 -58.49 63.40 0.85
N SER D 48 -58.80 64.15 1.91
CA SER D 48 -59.91 65.09 1.86
C SER D 48 -59.66 66.17 0.83
N VAL D 49 -58.40 66.53 0.64
CA VAL D 49 -58.04 67.49 -0.38
C VAL D 49 -58.35 66.95 -1.73
N ASN D 50 -57.98 65.70 -1.96
CA ASN D 50 -58.21 65.08 -3.23
C ASN D 50 -59.67 65.05 -3.60
N GLU D 51 -60.54 64.78 -2.63
CA GLU D 51 -61.98 64.76 -2.92
C GLU D 51 -62.46 66.13 -3.37
N ASN D 52 -62.17 67.15 -2.58
CA ASN D 52 -62.67 68.48 -2.91
C ASN D 52 -62.04 69.05 -4.17
N VAL D 53 -60.73 68.88 -4.31
CA VAL D 53 -60.04 69.37 -5.48
C VAL D 53 -60.54 68.71 -6.72
N SER D 54 -60.73 67.40 -6.65
CA SER D 54 -61.22 66.65 -7.77
C SER D 54 -62.57 67.18 -8.19
N ALA D 55 -63.44 67.43 -7.21
CA ALA D 55 -64.76 67.95 -7.50
C ALA D 55 -64.67 69.24 -8.27
N VAL D 56 -63.78 70.13 -7.85
CA VAL D 56 -63.57 71.38 -8.54
C VAL D 56 -63.15 71.18 -9.96
N LEU D 57 -62.21 70.27 -10.17
CA LEU D 57 -61.69 70.02 -11.48
C LEU D 57 -62.77 69.53 -12.40
N THR D 58 -63.71 68.75 -11.88
CA THR D 58 -64.85 68.31 -12.66
C THR D 58 -65.73 69.50 -13.05
N GLN D 59 -65.93 70.42 -12.12
CA GLN D 59 -66.69 71.63 -12.43
C GLN D 59 -65.99 72.52 -13.45
N TYR D 60 -64.65 72.47 -13.49
CA TYR D 60 -63.89 73.20 -14.50
C TYR D 60 -63.68 72.42 -15.80
N GLY D 61 -64.21 71.21 -15.89
CA GLY D 61 -64.11 70.46 -17.13
C GLY D 61 -62.72 69.85 -17.36
N ILE D 62 -61.94 69.73 -16.29
CA ILE D 62 -60.58 69.23 -16.41
C ILE D 62 -60.56 67.71 -16.40
N THR D 63 -59.90 67.13 -17.40
CA THR D 63 -59.86 65.67 -17.51
C THR D 63 -58.44 65.14 -17.66
N GLY D 64 -58.30 63.85 -17.42
CA GLY D 64 -57.04 63.17 -17.64
C GLY D 64 -55.94 63.71 -16.74
N PRO D 65 -54.72 63.66 -17.24
CA PRO D 65 -53.50 64.10 -16.60
C PRO D 65 -53.54 65.56 -16.25
N ASN D 66 -54.43 66.31 -16.87
CA ASN D 66 -54.55 67.69 -16.54
C ASN D 66 -55.08 67.84 -15.14
N ARG D 67 -55.90 66.89 -14.73
CA ARG D 67 -56.41 66.90 -13.38
C ARG D 67 -55.27 66.66 -12.45
N ALA D 68 -54.42 65.71 -12.84
CA ALA D 68 -53.26 65.35 -12.05
C ALA D 68 -52.32 66.52 -11.84
N ILE D 69 -52.22 67.40 -12.83
CA ILE D 69 -51.41 68.59 -12.66
C ILE D 69 -51.89 69.40 -11.50
N TYR D 70 -53.19 69.61 -11.44
CA TYR D 70 -53.77 70.40 -10.39
C TYR D 70 -53.81 69.67 -9.07
N GLN D 71 -53.90 68.34 -9.13
CA GLN D 71 -53.86 67.55 -7.92
C GLN D 71 -52.51 67.67 -7.28
N GLY D 72 -51.46 67.62 -8.09
CA GLY D 72 -50.10 67.76 -7.60
C GLY D 72 -49.92 69.11 -6.95
N PHE D 73 -50.41 70.14 -7.61
CA PHE D 73 -50.35 71.48 -7.09
C PHE D 73 -51.05 71.58 -5.75
N GLY D 74 -52.30 71.13 -5.70
CA GLY D 74 -53.09 71.21 -4.49
C GLY D 74 -52.45 70.47 -3.34
N LEU D 75 -51.99 69.28 -3.60
CA LEU D 75 -51.35 68.49 -2.58
C LEU D 75 -50.13 69.18 -2.03
N LYS D 76 -49.37 69.82 -2.90
CA LYS D 76 -48.18 70.53 -2.49
C LYS D 76 -48.54 71.75 -1.65
N VAL D 77 -49.64 72.41 -1.98
CA VAL D 77 -50.12 73.51 -1.17
C VAL D 77 -50.43 73.05 0.24
N ALA D 78 -51.14 71.92 0.33
CA ALA D 78 -51.51 71.35 1.60
C ALA D 78 -50.29 70.93 2.40
N ARG D 79 -49.29 70.38 1.72
CA ARG D 79 -48.04 70.03 2.37
C ARG D 79 -47.45 71.18 3.10
N ALA D 80 -47.30 72.30 2.40
CA ALA D 80 -46.73 73.49 2.98
C ALA D 80 -47.55 73.95 4.15
N LEU D 81 -48.86 73.86 4.03
CA LEU D 81 -49.72 74.23 5.12
C LEU D 81 -49.37 73.43 6.35
N ASN D 82 -49.22 72.12 6.22
CA ASN D 82 -48.87 71.29 7.36
C ASN D 82 -47.51 71.62 7.98
N ARG D 83 -46.50 71.80 7.13
CA ARG D 83 -45.14 71.99 7.64
C ARG D 83 -44.83 73.45 8.03
N ILE D 84 -45.54 74.39 7.45
CA ILE D 84 -45.36 75.81 7.75
C ILE D 84 -46.48 76.35 8.63
N GLY D 85 -47.71 76.10 8.21
CA GLY D 85 -48.86 76.65 8.90
C GLY D 85 -49.32 77.89 8.16
N SER D 86 -50.56 78.30 8.39
CA SER D 86 -51.11 79.45 7.68
C SER D 86 -50.44 80.73 8.11
N GLY D 87 -50.55 81.76 7.27
CA GLY D 87 -49.95 83.04 7.56
C GLY D 87 -48.90 83.39 6.51
N PRO D 88 -48.25 84.54 6.70
CA PRO D 88 -47.21 85.13 5.85
C PRO D 88 -46.39 84.12 5.07
N ALA D 89 -45.66 83.25 5.77
CA ALA D 89 -44.78 82.30 5.12
C ALA D 89 -45.50 81.42 4.14
N LEU D 90 -46.72 81.02 4.46
CA LEU D 90 -47.47 80.17 3.57
C LEU D 90 -47.79 80.91 2.33
N VAL D 91 -48.18 82.16 2.47
CA VAL D 91 -48.49 82.98 1.33
C VAL D 91 -47.28 83.11 0.43
N ASN D 92 -46.12 83.34 1.04
CA ASN D 92 -44.87 83.43 0.29
C ASN D 92 -44.65 82.16 -0.51
N MET D 93 -44.88 81.03 0.14
CA MET D 93 -44.75 79.75 -0.50
C MET D 93 -45.67 79.60 -1.66
N ILE D 94 -46.94 79.88 -1.44
CA ILE D 94 -47.95 79.66 -2.45
C ILE D 94 -47.70 80.53 -3.65
N ASN D 95 -47.29 81.77 -3.44
CA ASN D 95 -47.01 82.65 -4.55
C ASN D 95 -45.97 82.05 -5.48
N GLY D 96 -44.89 81.51 -4.91
CA GLY D 96 -43.85 80.90 -5.71
C GLY D 96 -44.32 79.62 -6.34
N LEU D 97 -45.07 78.84 -5.58
CA LEU D 97 -45.59 77.58 -6.07
C LEU D 97 -46.53 77.77 -7.24
N LYS D 98 -47.44 78.70 -7.12
CA LYS D 98 -48.36 79.00 -8.18
C LYS D 98 -47.62 79.37 -9.44
N GLY D 99 -46.72 80.35 -9.35
CA GLY D 99 -45.95 80.79 -10.51
C GLY D 99 -45.19 79.63 -11.12
N TYR D 100 -44.61 78.81 -10.26
CA TYR D 100 -43.90 77.62 -10.66
C TYR D 100 -44.72 76.75 -11.58
N TYR D 101 -45.91 76.38 -11.14
CA TYR D 101 -46.77 75.55 -11.96
C TYR D 101 -47.24 76.23 -13.23
N ILE D 102 -47.52 77.51 -13.14
CA ILE D 102 -48.01 78.22 -14.30
C ILE D 102 -47.04 78.18 -15.44
N SER D 103 -45.78 78.47 -15.14
CA SER D 103 -44.80 78.56 -16.20
C SER D 103 -44.03 77.27 -16.44
N ALA D 104 -43.86 76.46 -15.41
CA ALA D 104 -43.12 75.21 -15.58
C ALA D 104 -43.95 74.18 -16.28
N PHE D 105 -45.24 74.10 -15.94
CA PHE D 105 -46.10 73.07 -16.48
C PHE D 105 -47.26 73.62 -17.25
N ASN D 106 -47.26 74.92 -17.49
CA ASN D 106 -48.35 75.55 -18.22
C ASN D 106 -49.69 75.34 -17.53
N ALA D 107 -49.69 75.38 -16.20
CA ALA D 107 -50.92 75.24 -15.47
C ALA D 107 -51.74 76.52 -15.58
N ASN D 108 -53.05 76.37 -15.63
CA ASN D 108 -53.94 77.51 -15.82
C ASN D 108 -54.27 78.23 -14.51
N PRO D 109 -53.67 79.41 -14.29
CA PRO D 109 -53.88 80.32 -13.13
C PRO D 109 -55.29 80.24 -12.56
N GLN D 110 -56.30 80.24 -13.43
CA GLN D 110 -57.68 80.21 -12.99
C GLN D 110 -58.01 78.99 -12.19
N VAL D 111 -57.60 77.85 -12.68
CA VAL D 111 -57.88 76.63 -11.98
C VAL D 111 -57.03 76.55 -10.76
N LEU D 112 -55.79 77.03 -10.87
CA LEU D 112 -54.87 77.01 -9.75
C LEU D 112 -55.44 77.78 -8.59
N ASP D 113 -56.05 78.91 -8.89
CA ASP D 113 -56.68 79.71 -7.87
C ASP D 113 -57.83 78.98 -7.26
N ALA D 114 -58.61 78.28 -8.09
CA ALA D 114 -59.72 77.51 -7.59
C ALA D 114 -59.25 76.47 -6.59
N VAL D 115 -58.12 75.82 -6.89
CA VAL D 115 -57.57 74.83 -5.98
C VAL D 115 -57.21 75.45 -4.65
N VAL D 116 -56.55 76.60 -4.70
CA VAL D 116 -56.16 77.31 -3.49
C VAL D 116 -57.40 77.75 -2.72
N ASN D 117 -58.46 78.11 -3.44
CA ASN D 117 -59.71 78.54 -2.85
C ASN D 117 -60.46 77.42 -2.14
N ILE D 118 -59.95 76.21 -2.23
CA ILE D 118 -60.50 75.10 -1.51
C ILE D 118 -59.69 74.83 -0.29
N ILE D 119 -58.40 74.68 -0.51
CA ILE D 119 -57.48 74.34 0.56
C ILE D 119 -57.36 75.45 1.58
N THR D 120 -57.15 76.67 1.09
CA THR D 120 -57.02 77.80 1.98
C THR D 120 -58.34 78.49 2.14
N GLY D 121 -59.12 78.49 1.07
CA GLY D 121 -60.41 79.14 1.08
C GLY D 121 -60.34 80.50 0.41
N SER D 122 -59.13 80.98 0.18
CA SER D 122 -58.95 82.27 -0.43
C SER D 122 -57.68 82.30 -1.27
N PRO D 123 -57.63 83.19 -2.26
CA PRO D 123 -56.52 83.44 -3.15
C PRO D 123 -55.29 83.86 -2.37
N THR D 124 -54.14 83.69 -2.99
CA THR D 124 -52.89 84.05 -2.36
C THR D 124 -52.52 85.50 -2.65
N GLY D 125 -51.25 85.77 -2.88
CA GLY D 125 -50.80 87.12 -3.16
C GLY D 125 -50.59 87.91 -1.88
N TYR D 126 -51.70 88.13 -1.15
CA TYR D 126 -51.68 88.83 0.11
C TYR D 126 -52.31 87.99 1.20
N VAL D 127 -51.88 88.21 2.45
CA VAL D 127 -52.39 87.43 3.57
C VAL D 127 -53.84 87.76 3.83
N SER D 128 -54.70 86.72 3.79
CA SER D 128 -56.13 86.92 4.01
C SER D 128 -56.84 85.60 4.30
N SER E 1 -44.43 66.70 9.48
CA SER E 1 -44.04 67.20 10.79
C SER E 1 -44.26 66.17 11.87
N ARG E 2 -43.45 66.26 12.94
CA ARG E 2 -43.50 65.28 14.02
C ARG E 2 -43.48 65.90 15.39
N SER E 3 -44.44 65.49 16.23
CA SER E 3 -44.49 65.93 17.62
C SER E 3 -43.52 65.14 18.44
N TYR E 4 -43.29 65.57 19.68
CA TYR E 4 -42.40 64.83 20.57
C TYR E 4 -42.80 63.39 20.68
N SER E 5 -44.08 63.14 20.90
CA SER E 5 -44.56 61.78 21.03
C SER E 5 -44.08 60.95 19.86
N GLN E 6 -44.21 61.51 18.66
CA GLN E 6 -43.79 60.83 17.46
C GLN E 6 -42.29 60.71 17.35
N ARG E 7 -41.57 61.77 17.73
CA ARG E 7 -40.11 61.76 17.66
C ARG E 7 -39.56 60.63 18.46
N TYR E 8 -39.99 60.54 19.69
CA TYR E 8 -39.54 59.55 20.60
C TYR E 8 -39.99 58.18 20.19
N ALA E 9 -41.25 58.04 19.84
CA ALA E 9 -41.78 56.74 19.47
C ALA E 9 -40.92 56.05 18.44
N LYS E 10 -40.62 56.74 17.35
CA LYS E 10 -39.85 56.13 16.30
C LYS E 10 -38.42 55.93 16.72
N TRP E 11 -37.86 56.88 17.46
CA TRP E 11 -36.51 56.75 17.96
C TRP E 11 -36.36 55.49 18.76
N GLN E 12 -37.35 55.21 19.57
CA GLN E 12 -37.30 54.05 20.41
C GLN E 12 -37.33 52.80 19.59
N ALA E 13 -38.18 52.76 18.59
CA ALA E 13 -38.31 51.59 17.74
C ALA E 13 -37.01 51.27 17.04
N LYS E 14 -36.34 52.31 16.56
CA LYS E 14 -35.11 52.12 15.84
C LYS E 14 -33.98 51.77 16.75
N PHE E 15 -33.98 52.34 17.95
CA PHE E 15 -32.97 52.02 18.91
C PHE E 15 -33.05 50.56 19.28
N ASN E 16 -34.27 50.10 19.54
CA ASN E 16 -34.51 48.72 19.90
C ASN E 16 -34.01 47.80 18.82
N ALA E 17 -34.36 48.13 17.57
CA ALA E 17 -33.96 47.32 16.45
C ALA E 17 -32.46 47.18 16.39
N PHE E 18 -31.77 48.30 16.47
CA PHE E 18 -30.32 48.31 16.39
C PHE E 18 -29.68 47.46 17.45
N SER E 19 -30.24 47.48 18.67
CA SER E 19 -29.63 46.76 19.79
C SER E 19 -29.58 45.24 19.56
N ASN E 20 -30.36 44.74 18.61
CA ASN E 20 -30.38 43.32 18.31
C ASN E 20 -29.03 42.84 17.77
N PRO E 21 -28.34 41.93 18.49
CA PRO E 21 -27.03 41.34 18.15
C PRO E 21 -26.77 41.25 16.66
N THR E 22 -27.73 40.72 15.92
CA THR E 22 -27.53 40.43 14.53
C THR E 22 -27.70 41.65 13.68
N VAL E 23 -28.51 42.57 14.15
CA VAL E 23 -28.73 43.78 13.42
C VAL E 23 -27.56 44.68 13.56
N ALA E 24 -27.10 44.84 14.78
CA ALA E 24 -25.95 45.66 15.04
C ALA E 24 -24.75 45.16 14.29
N SER E 25 -24.50 43.86 14.38
CA SER E 25 -23.33 43.31 13.74
C SER E 25 -23.43 43.29 12.25
N THR E 26 -24.64 43.11 11.73
CA THR E 26 -24.82 43.14 10.30
C THR E 26 -24.44 44.48 9.76
N ILE E 27 -25.03 45.51 10.33
CA ILE E 27 -24.79 46.84 9.87
C ILE E 27 -23.36 47.25 10.06
N LEU E 28 -22.86 47.09 11.28
CA LEU E 28 -21.55 47.56 11.63
C LEU E 28 -20.45 46.84 10.88
N SER E 29 -20.61 45.55 10.68
CA SER E 29 -19.60 44.81 9.96
C SER E 29 -19.63 45.14 8.48
N ASN E 30 -20.81 45.51 7.96
CA ASN E 30 -20.91 45.90 6.56
C ASN E 30 -20.30 47.25 6.31
N VAL E 31 -20.44 48.17 7.26
CA VAL E 31 -19.91 49.51 7.06
C VAL E 31 -18.55 49.66 7.65
N SER E 32 -17.99 48.58 8.20
CA SER E 32 -16.66 48.62 8.76
C SER E 32 -15.64 49.28 7.83
N PRO E 33 -15.16 48.58 6.77
CA PRO E 33 -14.14 49.07 5.87
C PRO E 33 -14.47 50.45 5.27
N VAL E 34 -15.76 50.76 5.17
CA VAL E 34 -16.20 52.03 4.65
C VAL E 34 -15.87 53.12 5.64
N ALA E 35 -16.24 52.90 6.89
CA ALA E 35 -15.97 53.84 7.94
C ALA E 35 -14.49 54.02 8.10
N GLN E 36 -13.74 52.94 7.95
CA GLN E 36 -12.30 52.99 8.08
C GLN E 36 -11.72 53.93 7.10
N GLN E 37 -12.20 53.86 5.86
CA GLN E 37 -11.76 54.75 4.83
C GLN E 37 -12.01 56.19 5.20
N ASN E 38 -13.21 56.47 5.68
CA ASN E 38 -13.61 57.81 5.99
C ASN E 38 -12.82 58.37 7.15
N PHE E 39 -12.58 57.55 8.15
CA PHE E 39 -11.82 57.96 9.30
C PHE E 39 -10.41 58.29 8.89
N GLN E 40 -9.79 57.39 8.15
CA GLN E 40 -8.43 57.60 7.69
C GLN E 40 -8.31 58.78 6.78
N THR E 41 -9.31 59.00 5.95
CA THR E 41 -9.27 60.07 4.99
C THR E 41 -9.29 61.45 5.63
N ASN E 42 -10.18 61.67 6.58
CA ASN E 42 -10.33 63.00 7.13
C ASN E 42 -9.63 63.26 8.44
N VAL E 43 -9.50 62.26 9.31
CA VAL E 43 -8.98 62.52 10.65
C VAL E 43 -7.57 63.15 10.71
N PRO E 44 -6.59 62.65 9.94
CA PRO E 44 -5.21 63.12 9.85
C PRO E 44 -5.17 64.61 9.57
N LYS E 45 -6.19 65.11 8.87
CA LYS E 45 -6.26 66.51 8.50
C LYS E 45 -6.42 67.37 9.72
N PHE E 46 -7.12 66.86 10.72
CA PHE E 46 -7.39 67.58 11.93
C PHE E 46 -6.34 67.32 12.97
N THR E 47 -5.69 66.18 12.89
CA THR E 47 -4.60 65.91 13.80
C THR E 47 -3.48 66.88 13.58
N SER E 48 -3.18 67.15 12.31
CA SER E 48 -2.13 68.11 11.99
C SER E 48 -2.47 69.50 12.51
N VAL E 49 -3.77 69.80 12.56
CA VAL E 49 -4.22 71.06 13.11
C VAL E 49 -3.98 71.10 14.58
N ASN E 50 -4.33 70.03 15.27
CA ASN E 50 -4.12 69.95 16.70
C ASN E 50 -2.69 70.14 17.04
N GLU E 51 -1.82 69.58 16.22
CA GLU E 51 -0.40 69.68 16.43
C GLU E 51 0.12 71.08 16.25
N ASN E 52 -0.18 71.67 15.12
CA ASN E 52 0.33 72.97 14.81
C ASN E 52 -0.23 74.03 15.72
N VAL E 53 -1.52 73.91 16.04
CA VAL E 53 -2.15 74.84 16.96
C VAL E 53 -1.56 74.69 18.33
N SER E 54 -1.30 73.46 18.73
CA SER E 54 -0.68 73.22 20.01
C SER E 54 0.64 73.94 20.10
N ALA E 55 1.44 73.85 19.04
CA ALA E 55 2.74 74.52 19.01
C ALA E 55 2.57 76.00 19.27
N VAL E 56 1.59 76.59 18.60
CA VAL E 56 1.29 78.00 18.79
C VAL E 56 0.96 78.31 20.21
N LEU E 57 0.08 77.53 20.79
CA LEU E 57 -0.39 77.76 22.12
C LEU E 57 0.72 77.69 23.14
N THR E 58 1.67 76.81 22.91
CA THR E 58 2.83 76.73 23.78
C THR E 58 3.66 78.00 23.67
N GLN E 59 3.80 78.52 22.46
CA GLN E 59 4.51 79.79 22.26
C GLN E 59 3.80 80.96 22.96
N TYR E 60 2.48 80.90 23.04
CA TYR E 60 1.72 81.94 23.73
C TYR E 60 1.51 81.68 25.21
N GLY E 61 2.08 80.61 25.73
CA GLY E 61 2.00 80.36 27.17
C GLY E 61 0.63 79.86 27.61
N ILE E 62 -0.15 79.33 26.69
CA ILE E 62 -1.49 78.89 27.00
C ILE E 62 -1.47 77.49 27.57
N THR E 63 -2.11 77.33 28.73
CA THR E 63 -2.12 76.02 29.41
C THR E 63 -3.52 75.58 29.78
N GLY E 64 -3.64 74.30 30.08
CA GLY E 64 -4.90 73.74 30.55
C GLY E 64 -5.99 73.88 29.52
N PRO E 65 -7.22 74.01 30.00
CA PRO E 65 -8.45 74.14 29.25
C PRO E 65 -8.42 75.33 28.34
N ASN E 66 -7.54 76.28 28.61
CA ASN E 66 -7.44 77.43 27.76
C ASN E 66 -6.92 77.02 26.41
N ARG E 67 -6.09 75.98 26.39
CA ARG E 67 -5.58 75.48 25.14
C ARG E 67 -6.72 74.87 24.41
N ALA E 68 -7.56 74.15 25.14
CA ALA E 68 -8.73 73.49 24.56
C ALA E 68 -9.66 74.48 23.88
N ILE E 69 -9.77 75.68 24.45
CA ILE E 69 -10.60 76.71 23.83
C ILE E 69 -10.12 77.02 22.44
N TYR E 70 -8.82 77.27 22.32
CA TYR E 70 -8.26 77.65 21.06
C TYR E 70 -8.20 76.48 20.10
N GLN E 71 -8.02 75.28 20.63
CA GLN E 71 -8.01 74.10 19.81
C GLN E 71 -9.36 73.90 19.16
N GLY E 72 -10.42 74.12 19.93
CA GLY E 72 -11.77 74.01 19.40
C GLY E 72 -11.99 74.98 18.27
N PHE E 73 -11.55 76.21 18.47
CA PHE E 73 -11.63 77.23 17.46
C PHE E 73 -10.92 76.80 16.19
N GLY E 74 -9.68 76.34 16.33
CA GLY E 74 -8.89 75.91 15.19
C GLY E 74 -9.56 74.78 14.43
N LEU E 75 -10.06 73.81 15.17
CA LEU E 75 -10.72 72.68 14.57
C LEU E 75 -11.94 73.10 13.77
N LYS E 76 -12.66 74.08 14.29
CA LYS E 76 -13.81 74.60 13.59
C LYS E 76 -13.43 75.26 12.29
N VAL E 77 -12.33 76.01 12.30
CA VAL E 77 -11.85 76.63 11.08
C VAL E 77 -11.58 75.59 10.02
N ALA E 78 -10.90 74.53 10.42
CA ALA E 78 -10.55 73.45 9.52
C ALA E 78 -11.80 72.75 8.99
N ARG E 79 -12.79 72.57 9.86
CA ARG E 79 -14.04 71.93 9.47
C ARG E 79 -14.70 72.65 8.34
N ALA E 80 -14.84 73.96 8.49
CA ALA E 80 -15.44 74.79 7.49
C ALA E 80 -14.64 74.71 6.21
N LEU E 81 -13.34 74.72 6.33
CA LEU E 81 -12.48 74.62 5.18
C LEU E 81 -12.79 73.37 4.40
N ASN E 82 -12.90 72.24 5.09
CA ASN E 82 -13.21 70.99 4.41
C ASN E 82 -14.58 70.96 3.75
N ARG E 83 -15.58 71.53 4.41
CA ARG E 83 -16.95 71.45 3.91
C ARG E 83 -17.33 72.64 3.00
N ILE E 84 -16.53 73.69 3.02
CA ILE E 84 -16.79 74.87 2.17
C ILE E 84 -15.69 75.09 1.17
N GLY E 85 -14.45 75.04 1.63
CA GLY E 85 -13.31 75.35 0.79
C GLY E 85 -12.88 76.78 1.02
N SER E 86 -11.66 77.11 0.62
CA SER E 86 -11.13 78.45 0.84
C SER E 86 -11.81 79.47 -0.03
N GLY E 87 -11.68 80.73 0.33
CA GLY E 87 -12.29 81.81 -0.43
C GLY E 87 -13.38 82.51 0.38
N PRO E 88 -14.05 83.46 -0.26
CA PRO E 88 -15.15 84.31 0.26
C PRO E 88 -15.95 83.66 1.39
N ALA E 89 -16.58 82.53 1.11
CA ALA E 89 -17.43 81.89 2.08
C ALA E 89 -16.69 81.55 3.37
N LEU E 90 -15.43 81.13 3.24
CA LEU E 90 -14.63 80.80 4.40
C LEU E 90 -14.39 82.03 5.20
N VAL E 91 -14.09 83.12 4.51
CA VAL E 91 -13.87 84.39 5.16
C VAL E 91 -15.07 84.79 5.98
N ASN E 92 -16.25 84.65 5.38
CA ASN E 92 -17.48 84.97 6.07
C ASN E 92 -17.63 84.13 7.31
N MET E 93 -17.30 82.86 7.19
CA MET E 93 -17.38 81.93 8.29
C MET E 93 -16.47 82.32 9.42
N ILE E 94 -15.21 82.56 9.12
CA ILE E 94 -14.22 82.83 10.14
C ILE E 94 -14.55 84.08 10.91
N ASN E 95 -15.01 85.10 10.21
CA ASN E 95 -15.39 86.34 10.87
C ASN E 95 -16.42 86.08 11.95
N GLY E 96 -17.46 85.32 11.61
CA GLY E 96 -18.50 85.00 12.56
C GLY E 96 -17.98 84.12 13.66
N LEU E 97 -17.15 83.16 13.30
CA LEU E 97 -16.57 82.24 14.24
C LEU E 97 -15.76 82.95 15.30
N LYS E 98 -14.93 83.88 14.86
CA LYS E 98 -14.15 84.65 15.80
C LYS E 98 -15.06 85.39 16.75
N GLY E 99 -16.11 86.01 16.22
CA GLY E 99 -17.06 86.72 17.07
C GLY E 99 -17.63 85.77 18.11
N TYR E 100 -17.95 84.55 17.69
CA TYR E 100 -18.48 83.54 18.56
C TYR E 100 -17.56 83.29 19.73
N TYR E 101 -16.32 82.95 19.46
CA TYR E 101 -15.39 82.64 20.53
C TYR E 101 -14.95 83.82 21.35
N ILE E 102 -14.74 84.95 20.71
CA ILE E 102 -14.29 86.12 21.42
C ILE E 102 -15.29 86.57 22.45
N SER E 103 -16.54 86.64 22.06
CA SER E 103 -17.54 87.16 22.96
C SER E 103 -18.29 86.11 23.78
N ALA E 104 -18.40 84.89 23.26
CA ALA E 104 -19.12 83.86 24.02
C ALA E 104 -18.24 83.21 25.03
N PHE E 105 -16.95 83.02 24.69
CA PHE E 105 -16.04 82.31 25.58
C PHE E 105 -14.90 83.18 26.04
N ASN E 106 -14.94 84.45 25.67
CA ASN E 106 -13.89 85.38 26.07
C ASN E 106 -12.53 84.95 25.56
N ALA E 107 -12.48 84.42 24.35
CA ALA E 107 -11.21 84.03 23.76
C ALA E 107 -10.46 85.27 23.32
N ASN E 108 -9.12 85.22 23.40
CA ASN E 108 -8.29 86.36 23.06
C ASN E 108 -8.07 86.52 21.55
N PRO E 109 -8.81 87.44 20.91
CA PRO E 109 -8.73 87.81 19.48
C PRO E 109 -7.34 87.62 18.88
N GLN E 110 -6.32 88.10 19.58
CA GLN E 110 -4.97 88.06 19.06
C GLN E 110 -4.47 86.63 18.90
N VAL E 111 -4.75 85.79 19.88
CA VAL E 111 -4.34 84.42 19.81
C VAL E 111 -5.16 83.71 18.76
N LEU E 112 -6.43 84.07 18.66
CA LEU E 112 -7.31 83.47 17.67
C LEU E 112 -6.78 83.70 16.28
N ASP E 113 -6.27 84.91 16.05
CA ASP E 113 -5.67 85.23 14.77
C ASP E 113 -4.43 84.44 14.54
N ALA E 114 -3.67 84.18 15.59
CA ALA E 114 -2.49 83.33 15.48
C ALA E 114 -2.88 81.93 15.04
N VAL E 115 -4.00 81.43 15.54
CA VAL E 115 -4.48 80.12 15.12
C VAL E 115 -4.83 80.11 13.65
N VAL E 116 -5.58 81.12 13.22
CA VAL E 116 -5.98 81.24 11.83
C VAL E 116 -4.74 81.35 10.93
N ASN E 117 -3.74 82.11 11.41
CA ASN E 117 -2.48 82.29 10.71
C ASN E 117 -1.74 81.00 10.41
N ILE E 118 -2.13 79.92 11.06
CA ILE E 118 -1.51 78.65 10.80
C ILE E 118 -2.35 77.83 9.87
N ILE E 119 -3.61 77.69 10.21
CA ILE E 119 -4.51 76.86 9.43
C ILE E 119 -4.72 77.40 8.03
N THR E 120 -4.95 78.70 7.93
CA THR E 120 -5.14 79.33 6.64
C THR E 120 -3.83 79.87 6.13
N GLY E 121 -2.97 80.26 7.05
CA GLY E 121 -1.68 80.81 6.70
C GLY E 121 -1.65 82.30 6.94
N SER E 122 -2.82 82.88 7.19
CA SER E 122 -2.93 84.30 7.46
C SER E 122 -4.28 84.57 8.08
N PRO E 123 -4.42 85.69 8.75
CA PRO E 123 -5.66 86.20 9.29
C PRO E 123 -6.64 86.38 8.17
N THR E 124 -7.92 86.38 8.47
CA THR E 124 -8.90 86.39 7.41
C THR E 124 -9.25 87.79 6.96
N GLY E 125 -10.52 88.01 6.61
CA GLY E 125 -10.93 89.31 6.09
C GLY E 125 -10.58 89.41 4.60
N TYR E 126 -9.29 89.36 4.33
CA TYR E 126 -8.79 89.37 2.98
C TYR E 126 -8.36 87.97 2.62
N VAL E 127 -8.53 87.61 1.36
CA VAL E 127 -8.13 86.30 0.91
C VAL E 127 -6.68 86.31 0.45
N SER E 128 -5.83 85.59 1.15
CA SER E 128 -4.43 85.54 0.81
C SER E 128 -3.72 84.45 1.61
N SER F 1 -1.77 62.96 24.73
CA SER F 1 -0.77 63.19 23.69
C SER F 1 -0.68 62.01 22.74
N ARG F 2 -1.32 62.13 21.59
CA ARG F 2 -1.33 61.05 20.60
C ARG F 2 -1.28 61.56 19.17
N SER F 3 -0.58 60.83 18.30
CA SER F 3 -0.56 61.12 16.87
C SER F 3 -1.82 60.61 16.26
N TYR F 4 -2.06 60.92 14.99
CA TYR F 4 -3.29 60.44 14.39
C TYR F 4 -3.20 58.96 14.21
N SER F 5 -1.98 58.45 14.05
CA SER F 5 -1.81 57.05 13.82
C SER F 5 -2.20 56.27 15.04
N GLN F 6 -1.96 56.87 16.20
CA GLN F 6 -2.38 56.27 17.45
C GLN F 6 -3.86 56.42 17.66
N ARG F 7 -4.39 57.59 17.28
CA ARG F 7 -5.81 57.83 17.39
C ARG F 7 -6.58 56.82 16.59
N TYR F 8 -6.13 56.63 15.36
CA TYR F 8 -6.73 55.67 14.47
C TYR F 8 -6.57 54.28 14.95
N ALA F 9 -5.36 53.90 15.30
CA ALA F 9 -5.09 52.54 15.73
C ALA F 9 -6.06 52.10 16.80
N LYS F 10 -6.20 52.90 17.85
CA LYS F 10 -7.08 52.52 18.92
C LYS F 10 -8.51 52.59 18.50
N TRP F 11 -8.87 53.61 17.73
CA TRP F 11 -10.22 53.75 17.23
C TRP F 11 -10.63 52.53 16.47
N GLN F 12 -9.73 52.02 15.66
CA GLN F 12 -10.01 50.86 14.86
C GLN F 12 -10.26 49.66 15.73
N ALA F 13 -9.42 49.48 16.73
CA ALA F 13 -9.57 48.35 17.63
C ALA F 13 -10.89 48.39 18.35
N LYS F 14 -11.31 49.56 18.76
CA LYS F 14 -12.54 49.68 19.49
C LYS F 14 -13.73 49.57 18.60
N PHE F 15 -13.61 50.04 17.37
CA PHE F 15 -14.70 49.90 16.43
C PHE F 15 -14.93 48.44 16.16
N ASN F 16 -13.83 47.71 15.93
CA ASN F 16 -13.90 46.30 15.67
C ASN F 16 -14.59 45.59 16.80
N ALA F 17 -14.16 45.90 18.03
CA ALA F 17 -14.73 45.28 19.20
C ALA F 17 -16.21 45.48 19.24
N PHE F 18 -16.65 46.72 19.11
CA PHE F 18 -18.05 47.04 19.18
C PHE F 18 -18.88 46.33 18.16
N SER F 19 -18.33 46.15 16.95
CA SER F 19 -19.09 45.52 15.86
C SER F 19 -19.44 44.05 16.15
N ASN F 20 -18.78 43.45 17.14
CA ASN F 20 -19.04 42.06 17.50
C ASN F 20 -20.43 41.89 18.09
N PRO F 21 -21.32 41.12 17.41
CA PRO F 21 -22.71 40.83 17.82
C PRO F 21 -22.91 40.84 19.32
N THR F 22 -22.04 40.15 20.04
CA THR F 22 -22.17 40.02 21.47
C THR F 22 -21.88 41.30 22.15
N VAL F 23 -20.80 41.94 21.75
CA VAL F 23 -20.40 43.19 22.38
C VAL F 23 -21.41 44.27 22.13
N ALA F 24 -21.86 44.36 20.90
CA ALA F 24 -22.83 45.36 20.54
C ALA F 24 -24.09 45.22 21.34
N SER F 25 -24.63 44.01 21.36
CA SER F 25 -25.87 43.79 22.05
C SER F 25 -25.74 43.85 23.54
N THR F 26 -24.59 43.45 24.05
CA THR F 26 -24.37 43.51 25.48
C THR F 26 -24.45 44.92 25.96
N ILE F 27 -23.69 45.78 25.33
CA ILE F 27 -23.65 47.16 25.73
C ILE F 27 -24.97 47.83 25.51
N LEU F 28 -25.49 47.69 24.29
CA LEU F 28 -26.69 48.40 23.91
C LEU F 28 -27.90 47.97 24.69
N SER F 29 -28.01 46.68 24.97
CA SER F 29 -29.15 46.21 25.73
C SER F 29 -29.04 46.63 27.19
N ASN F 30 -27.81 46.79 27.69
CA ASN F 30 -27.63 47.22 29.05
C ASN F 30 -27.94 48.69 29.22
N VAL F 31 -27.61 49.50 28.22
CA VAL F 31 -27.84 50.93 28.33
C VAL F 31 -29.16 51.33 27.73
N SER F 32 -29.93 50.36 27.26
CA SER F 32 -31.24 50.63 26.70
C SER F 32 -32.09 51.55 27.59
N PRO F 33 -32.68 51.03 28.69
CA PRO F 33 -33.56 51.78 29.57
C PRO F 33 -32.93 53.09 30.08
N VAL F 34 -31.60 53.12 30.15
CA VAL F 34 -30.89 54.29 30.59
C VAL F 34 -30.99 55.36 29.53
N ALA F 35 -30.72 54.96 28.30
CA ALA F 35 -30.82 55.84 27.16
C ALA F 35 -32.21 56.39 27.04
N GLN F 36 -33.18 55.55 27.30
CA GLN F 36 -34.56 55.94 27.20
C GLN F 36 -34.86 57.06 28.13
N GLN F 37 -34.35 56.95 29.35
CA GLN F 37 -34.55 58.00 30.32
C GLN F 37 -33.92 59.28 29.89
N ASN F 38 -32.71 59.20 29.37
CA ASN F 38 -31.98 60.38 28.98
C ASN F 38 -32.64 61.07 27.79
N PHE F 39 -33.12 60.28 26.85
CA PHE F 39 -33.79 60.79 25.68
C PHE F 39 -35.07 61.47 26.10
N GLN F 40 -35.86 60.79 26.92
CA GLN F 40 -37.12 61.32 27.38
C GLN F 40 -36.94 62.59 28.15
N THR F 41 -35.89 62.67 28.93
CA THR F 41 -35.67 63.81 29.77
C THR F 41 -35.30 65.07 29.01
N ASN F 42 -34.32 64.99 28.13
CA ASN F 42 -33.83 66.20 27.48
C ASN F 42 -34.42 66.53 26.13
N VAL F 43 -35.05 65.57 25.46
CA VAL F 43 -35.53 65.86 24.11
C VAL F 43 -36.80 66.74 23.99
N PRO F 44 -37.91 66.43 24.70
CA PRO F 44 -39.15 67.18 24.62
C PRO F 44 -38.95 68.67 24.91
N LYS F 45 -37.86 68.99 25.62
CA LYS F 45 -37.49 70.36 25.91
C LYS F 45 -37.24 71.13 24.65
N PHE F 46 -36.63 70.48 23.66
CA PHE F 46 -36.29 71.11 22.42
C PHE F 46 -37.40 71.00 21.41
N THR F 47 -38.22 69.97 21.56
CA THR F 47 -39.37 69.83 20.69
C THR F 47 -40.31 71.00 20.88
N SER F 48 -40.52 71.40 22.12
CA SER F 48 -41.39 72.54 22.41
C SER F 48 -40.82 73.81 21.82
N VAL F 49 -39.49 73.89 21.76
CA VAL F 49 -38.83 75.02 21.15
C VAL F 49 -39.14 75.07 19.69
N ASN F 50 -39.05 73.91 19.04
CA ASN F 50 -39.30 73.83 17.63
C ASN F 50 -40.69 74.28 17.27
N GLU F 51 -41.68 73.92 18.08
CA GLU F 51 -43.05 74.35 17.80
C GLU F 51 -43.18 75.86 17.84
N ASN F 52 -42.73 76.46 18.95
CA ASN F 52 -42.88 77.90 19.11
C ASN F 52 -42.04 78.68 18.12
N VAL F 53 -40.80 78.26 17.93
CA VAL F 53 -39.92 78.94 17.01
C VAL F 53 -40.44 78.87 15.61
N SER F 54 -40.93 77.70 15.23
CA SER F 54 -41.48 77.52 13.91
C SER F 54 -42.64 78.47 13.69
N ALA F 55 -43.51 78.58 14.70
CA ALA F 55 -44.64 79.46 14.61
C ALA F 55 -44.20 80.88 14.33
N VAL F 56 -43.18 81.32 15.04
CA VAL F 56 -42.62 82.64 14.83
C VAL F 56 -42.14 82.84 13.43
N LEU F 57 -41.42 81.86 12.93
CA LEU F 57 -40.86 81.94 11.60
C LEU F 57 -41.94 82.08 10.56
N THR F 58 -43.07 81.41 10.79
CA THR F 58 -44.20 81.55 9.89
C THR F 58 -44.75 82.96 9.93
N GLN F 59 -44.82 83.55 11.13
CA GLN F 59 -45.26 84.93 11.26
C GLN F 59 -44.28 85.93 10.61
N TYR F 60 -43.00 85.56 10.56
CA TYR F 60 -42.01 86.39 9.86
C TYR F 60 -41.86 86.06 8.38
N GLY F 61 -42.65 85.12 7.87
CA GLY F 61 -42.61 84.83 6.44
C GLY F 61 -41.39 84.02 6.02
N ILE F 62 -40.74 83.36 6.99
CA ILE F 62 -39.52 82.62 6.72
C ILE F 62 -39.85 81.24 6.19
N THR F 63 -39.26 80.87 5.06
CA THR F 63 -39.53 79.58 4.45
C THR F 63 -38.27 78.80 4.12
N GLY F 64 -38.43 77.51 3.89
CA GLY F 64 -37.35 76.67 3.47
C GLY F 64 -36.24 76.59 4.49
N PRO F 65 -35.03 76.42 4.01
CA PRO F 65 -33.79 76.30 4.77
C PRO F 65 -33.53 77.52 5.61
N ASN F 66 -34.18 78.63 5.27
CA ASN F 66 -34.01 79.81 6.06
C ASN F 66 -34.61 79.60 7.42
N ARG F 67 -35.66 78.79 7.49
CA ARG F 67 -36.26 78.48 8.76
C ARG F 67 -35.29 77.67 9.55
N ALA F 68 -34.65 76.73 8.85
CA ALA F 68 -33.66 75.85 9.48
C ALA F 68 -32.52 76.63 10.07
N ILE F 69 -32.14 77.74 9.46
CA ILE F 69 -31.09 78.57 10.03
C ILE F 69 -31.48 79.02 11.41
N TYR F 70 -32.70 79.51 11.53
CA TYR F 70 -33.17 80.02 12.78
C TYR F 70 -33.48 78.91 13.76
N GLN F 71 -33.87 77.75 13.24
CA GLN F 71 -34.12 76.61 14.10
C GLN F 71 -32.83 76.18 14.75
N GLY F 72 -31.76 76.15 13.97
CA GLY F 72 -30.44 75.79 14.49
C GLY F 72 -30.03 76.76 15.58
N PHE F 73 -30.21 78.03 15.30
CA PHE F 73 -29.90 79.06 16.26
C PHE F 73 -30.67 78.88 17.55
N GLY F 74 -31.99 78.75 17.44
CA GLY F 74 -32.85 78.61 18.59
C GLY F 74 -32.49 77.40 19.42
N LEU F 75 -32.28 76.28 18.76
CA LEU F 75 -31.94 75.07 19.44
C LEU F 75 -30.64 75.21 20.21
N LYS F 76 -29.69 75.91 19.62
CA LYS F 76 -28.41 76.14 20.25
C LYS F 76 -28.55 77.04 21.46
N VAL F 77 -29.44 78.02 21.38
CA VAL F 77 -29.73 78.87 22.52
C VAL F 77 -30.26 78.04 23.67
N ALA F 78 -31.21 77.17 23.36
CA ALA F 78 -31.81 76.30 24.36
C ALA F 78 -30.78 75.36 24.96
N ARG F 79 -29.88 74.85 24.14
CA ARG F 79 -28.81 74.00 24.64
C ARG F 79 -28.03 74.67 25.72
N ALA F 80 -27.57 75.89 25.45
CA ALA F 80 -26.80 76.64 26.41
C ALA F 80 -27.60 76.87 27.67
N LEU F 81 -28.87 77.13 27.51
CA LEU F 81 -29.72 77.30 28.67
C LEU F 81 -29.67 76.09 29.55
N ASN F 82 -29.80 74.90 28.96
CA ASN F 82 -29.76 73.67 29.75
C ASN F 82 -28.41 73.44 30.45
N ARG F 83 -27.32 73.65 29.72
CA ARG F 83 -26.00 73.32 30.26
C ARG F 83 -25.40 74.43 31.14
N ILE F 84 -25.84 75.67 30.91
CA ILE F 84 -25.36 76.81 31.70
C ILE F 84 -26.40 77.29 32.70
N GLY F 85 -27.62 77.49 32.22
CA GLY F 85 -28.67 78.04 33.05
C GLY F 85 -28.78 79.52 32.79
N SER F 86 -29.91 80.12 33.15
CA SER F 86 -30.12 81.54 32.87
C SER F 86 -29.22 82.40 33.73
N GLY F 87 -29.02 83.63 33.30
CA GLY F 87 -28.17 84.56 34.01
C GLY F 87 -26.97 84.98 33.16
N PRO F 88 -26.11 85.81 33.73
CA PRO F 88 -24.89 86.38 33.15
C PRO F 88 -24.26 85.53 32.06
N ALA F 89 -23.82 84.33 32.41
CA ALA F 89 -23.11 83.46 31.49
C ALA F 89 -23.92 83.16 30.26
N LEU F 90 -25.23 82.99 30.42
CA LEU F 90 -26.07 82.69 29.29
C LEU F 90 -26.11 83.87 28.37
N VAL F 91 -26.22 85.05 28.94
CA VAL F 91 -26.24 86.26 28.15
C VAL F 91 -24.94 86.39 27.36
N ASN F 92 -23.82 86.11 28.01
CA ASN F 92 -22.53 86.14 27.35
C ASN F 92 -22.53 85.20 26.17
N MET F 93 -23.06 84.01 26.38
CA MET F 93 -23.16 83.02 25.33
C MET F 93 -24.00 83.51 24.18
N ILE F 94 -25.20 83.99 24.48
CA ILE F 94 -26.12 84.38 23.46
C ILE F 94 -25.58 85.50 22.63
N ASN F 95 -24.93 86.46 23.27
CA ASN F 95 -24.36 87.58 22.53
C ASN F 95 -23.40 87.09 21.45
N GLY F 96 -22.54 86.15 21.81
CA GLY F 96 -21.59 85.61 20.85
C GLY F 96 -22.28 84.77 19.81
N LEU F 97 -23.25 83.98 20.24
CA LEU F 97 -23.99 83.14 19.35
C LEU F 97 -24.76 83.92 18.31
N LYS F 98 -25.44 84.96 18.76
CA LYS F 98 -26.18 85.79 17.86
C LYS F 98 -25.27 86.38 16.81
N GLY F 99 -24.19 87.02 17.24
CA GLY F 99 -23.24 87.63 16.31
C GLY F 99 -22.71 86.61 15.32
N TYR F 100 -22.41 85.42 15.85
CA TYR F 100 -21.95 84.31 15.06
C TYR F 100 -22.86 84.02 13.90
N TYR F 101 -24.13 83.82 14.17
CA TYR F 101 -25.08 83.55 13.11
C TYR F 101 -25.28 84.71 12.16
N ILE F 102 -25.28 85.91 12.69
CA ILE F 102 -25.49 87.07 11.85
C ILE F 102 -24.45 87.17 10.77
N SER F 103 -23.20 87.03 11.14
CA SER F 103 -22.13 87.23 10.19
C SER F 103 -21.65 85.95 9.52
N ALA F 104 -21.76 84.82 10.21
CA ALA F 104 -21.31 83.58 9.62
C ALA F 104 -22.28 83.07 8.60
N PHE F 105 -23.58 83.20 8.89
CA PHE F 105 -24.60 82.65 8.02
C PHE F 105 -25.54 83.68 7.48
N ASN F 106 -25.23 84.95 7.72
CA ASN F 106 -26.08 86.03 7.24
C ASN F 106 -27.48 85.94 7.81
N ALA F 107 -27.59 85.53 9.07
CA ALA F 107 -28.89 85.44 9.71
C ALA F 107 -29.38 86.83 10.04
N ASN F 108 -30.68 87.04 9.95
CA ASN F 108 -31.27 88.36 10.15
C ASN F 108 -31.54 88.65 11.63
N PRO F 109 -30.71 89.50 12.26
CA PRO F 109 -30.82 90.00 13.65
C PRO F 109 -32.25 90.08 14.16
N GLN F 110 -33.16 90.60 13.34
CA GLN F 110 -34.54 90.78 13.74
C GLN F 110 -35.20 89.47 14.07
N VAL F 111 -35.03 88.50 13.21
CA VAL F 111 -35.62 87.22 13.44
C VAL F 111 -34.92 86.52 14.56
N LEU F 112 -33.60 86.70 14.62
CA LEU F 112 -32.81 86.08 15.67
C LEU F 112 -33.29 86.53 17.03
N ASP F 113 -33.61 87.81 17.13
CA ASP F 113 -34.13 88.34 18.36
C ASP F 113 -35.46 87.75 18.68
N ALA F 114 -36.28 87.58 17.66
CA ALA F 114 -37.59 86.98 17.86
C ALA F 114 -37.46 85.59 18.43
N VAL F 115 -36.48 84.82 17.93
CA VAL F 115 -36.25 83.48 18.44
C VAL F 115 -35.87 83.51 19.90
N VAL F 116 -34.96 84.41 20.26
CA VAL F 116 -34.54 84.56 21.64
C VAL F 116 -35.72 84.99 22.51
N ASN F 117 -36.59 85.83 21.96
CA ASN F 117 -37.76 86.33 22.67
C ASN F 117 -38.81 85.25 22.93
N ILE F 118 -38.57 84.04 22.43
CA ILE F 118 -39.41 82.93 22.72
C ILE F 118 -38.80 82.08 23.77
N ILE F 119 -37.56 81.70 23.52
CA ILE F 119 -36.84 80.81 24.41
C ILE F 119 -36.55 81.46 25.74
N THR F 120 -36.04 82.68 25.72
CA THR F 120 -35.73 83.37 26.94
C THR F 120 -36.87 84.26 27.33
N GLY F 121 -37.53 84.81 26.33
CA GLY F 121 -38.65 85.71 26.56
C GLY F 121 -38.21 87.16 26.39
N SER F 122 -36.91 87.38 26.34
CA SER F 122 -36.38 88.73 26.24
C SER F 122 -35.09 88.72 25.45
N PRO F 123 -34.74 89.86 24.84
CA PRO F 123 -33.53 90.11 24.09
C PRO F 123 -32.32 89.93 24.97
N THR F 124 -31.19 89.71 24.34
CA THR F 124 -29.94 89.52 25.06
C THR F 124 -29.24 90.86 25.29
N GLY F 125 -27.91 90.87 25.17
CA GLY F 125 -27.16 92.10 25.37
C GLY F 125 -26.89 92.33 26.86
N TYR F 126 -27.97 92.55 27.61
CA TYR F 126 -27.90 92.76 29.04
C TYR F 126 -28.80 91.77 29.77
N VAL F 127 -28.44 91.46 31.01
CA VAL F 127 -29.21 90.50 31.79
C VAL F 127 -30.57 91.06 32.15
N SER F 128 -31.62 90.33 31.75
CA SER F 128 -32.99 90.77 32.01
C SER F 128 -34.01 89.65 31.83
N SER G 1 -26.66 67.71 30.16
CA SER G 1 -26.28 67.64 31.55
C SER G 1 -26.82 66.38 32.22
N ARG G 2 -26.12 65.92 33.24
CA ARG G 2 -26.48 64.66 33.92
C ARG G 2 -26.43 64.77 35.43
N SER G 3 -27.51 64.35 36.07
CA SER G 3 -27.61 64.28 37.52
C SER G 3 -26.90 63.06 38.02
N TYR G 4 -26.70 62.97 39.33
CA TYR G 4 -26.07 61.80 39.90
C TYR G 4 -26.78 60.54 39.51
N SER G 5 -28.11 60.54 39.64
CA SER G 5 -28.88 59.38 39.27
C SER G 5 -28.51 58.91 37.89
N GLN G 6 -28.41 59.85 36.96
CA GLN G 6 -28.05 59.54 35.60
C GLN G 6 -26.61 59.10 35.47
N ARG G 7 -25.71 59.75 36.20
CA ARG G 7 -24.29 59.43 36.13
C ARG G 7 -24.08 57.99 36.48
N TYR G 8 -24.62 57.61 37.61
CA TYR G 8 -24.49 56.27 38.11
C TYR G 8 -25.19 55.28 37.25
N ALA G 9 -26.42 55.57 36.87
CA ALA G 9 -27.20 54.64 36.07
C ALA G 9 -26.41 54.15 34.87
N LYS G 10 -25.89 55.08 34.09
CA LYS G 10 -25.18 54.69 32.90
C LYS G 10 -23.88 54.02 33.22
N TRP G 11 -23.18 54.51 34.25
CA TRP G 11 -21.94 53.89 34.68
C TRP G 11 -22.15 52.45 34.98
N GLN G 12 -23.24 52.15 35.65
CA GLN G 12 -23.54 50.80 36.03
C GLN G 12 -23.77 49.94 34.84
N ALA G 13 -24.52 50.45 33.88
CA ALA G 13 -24.83 49.70 32.68
C ALA G 13 -23.58 49.34 31.92
N LYS G 14 -22.66 50.28 31.82
CA LYS G 14 -21.44 50.05 31.09
C LYS G 14 -20.51 49.16 31.82
N PHE G 15 -20.48 49.27 33.14
CA PHE G 15 -19.66 48.41 33.94
C PHE G 15 -20.10 46.98 33.77
N ASN G 16 -21.41 46.76 33.86
CA ASN G 16 -21.97 45.44 33.72
C ASN G 16 -21.61 44.85 32.38
N ALA G 17 -21.77 45.66 31.33
CA ALA G 17 -21.46 45.20 29.99
C ALA G 17 -20.04 44.73 29.89
N PHE G 18 -19.11 45.56 30.36
CA PHE G 18 -17.70 45.24 30.29
C PHE G 18 -17.36 43.96 31.00
N SER G 19 -18.01 43.71 32.14
CA SER G 19 -17.67 42.52 32.94
C SER G 19 -17.95 41.21 32.21
N ASN G 20 -18.74 41.26 31.13
CA ASN G 20 -19.05 40.07 30.35
C ASN G 20 -17.80 39.49 29.68
N PRO G 21 -17.40 38.25 30.06
CA PRO G 21 -16.23 37.51 29.53
C PRO G 21 -15.86 37.86 28.11
N THR G 22 -16.86 37.87 27.22
CA THR G 22 -16.61 38.03 25.82
C THR G 22 -16.42 39.46 25.46
N VAL G 23 -17.04 40.35 26.20
CA VAL G 23 -16.92 41.73 25.93
C VAL G 23 -15.60 42.23 26.39
N ALA G 24 -15.21 41.84 27.58
CA ALA G 24 -13.94 42.24 28.12
C ALA G 24 -12.83 41.75 27.25
N SER G 25 -12.88 40.47 26.88
CA SER G 25 -11.82 39.90 26.10
C SER G 25 -11.79 40.41 24.70
N THR G 26 -12.96 40.71 24.13
CA THR G 26 -13.00 41.27 22.80
C THR G 26 -12.29 42.57 22.77
N ILE G 27 -12.67 43.46 23.65
CA ILE G 27 -12.10 44.77 23.68
C ILE G 27 -10.63 44.74 24.01
N LEU G 28 -10.30 44.05 25.09
CA LEU G 28 -8.95 44.05 25.59
C LEU G 28 -7.98 43.38 24.65
N SER G 29 -8.41 42.30 24.00
CA SER G 29 -7.53 41.64 23.07
C SER G 29 -7.37 42.45 21.81
N ASN G 30 -8.37 43.24 21.45
CA ASN G 30 -8.26 44.08 20.28
C ASN G 30 -7.34 45.26 20.50
N VAL G 31 -7.36 45.81 21.71
CA VAL G 31 -6.52 46.97 22.00
C VAL G 31 -5.21 46.59 22.61
N SER G 32 -4.97 45.29 22.74
CA SER G 32 -3.72 44.81 23.29
C SER G 32 -2.50 45.47 22.64
N PRO G 33 -2.11 45.07 21.42
CA PRO G 33 -0.91 45.58 20.74
C PRO G 33 -0.89 47.12 20.66
N VAL G 34 -2.05 47.74 20.67
CA VAL G 34 -2.14 49.17 20.63
C VAL G 34 -1.66 49.76 21.92
N ALA G 35 -2.19 49.23 23.02
CA ALA G 35 -1.79 49.66 24.33
C ALA G 35 -0.33 49.43 24.55
N GLN G 36 0.16 48.30 24.03
CA GLN G 36 1.56 47.96 24.18
C GLN G 36 2.42 49.02 23.58
N GLN G 37 2.04 49.47 22.40
CA GLN G 37 2.77 50.53 21.75
C GLN G 37 2.81 51.77 22.59
N ASN G 38 1.66 52.15 23.13
CA ASN G 38 1.55 53.37 23.89
C ASN G 38 2.34 53.30 25.18
N PHE G 39 2.31 52.15 25.82
CA PHE G 39 3.03 51.96 27.05
C PHE G 39 4.52 52.05 26.80
N GLN G 40 4.97 51.35 25.78
CA GLN G 40 6.38 51.35 25.43
C GLN G 40 6.84 52.72 24.98
N THR G 41 5.99 53.43 24.28
CA THR G 41 6.36 54.71 23.75
C THR G 41 6.60 55.76 24.83
N ASN G 42 5.69 55.86 25.79
CA ASN G 42 5.80 56.92 26.77
C ASN G 42 6.43 56.54 28.10
N VAL G 43 6.25 55.32 28.55
CA VAL G 43 6.71 54.98 29.91
C VAL G 43 8.20 55.18 30.19
N PRO G 44 9.12 54.74 29.30
CA PRO G 44 10.56 54.88 29.39
C PRO G 44 10.96 56.32 29.63
N LYS G 45 10.15 57.25 29.14
CA LYS G 45 10.42 58.67 29.29
C LYS G 45 10.36 59.09 30.74
N PHE G 46 9.48 58.44 31.48
CA PHE G 46 9.27 58.77 32.87
C PHE G 46 10.15 57.93 33.76
N THR G 47 10.53 56.75 33.29
CA THR G 47 11.44 55.94 34.05
C THR G 47 12.77 56.63 34.18
N SER G 48 13.24 57.23 33.09
CA SER G 48 14.49 57.96 33.13
C SER G 48 14.43 59.12 34.10
N VAL G 49 13.24 59.70 34.25
CA VAL G 49 13.03 60.77 35.20
C VAL G 49 13.16 60.26 36.60
N ASN G 50 12.51 59.13 36.87
CA ASN G 50 12.56 58.53 38.18
C ASN G 50 13.98 58.24 38.56
N GLU G 51 14.76 57.79 37.60
CA GLU G 51 16.14 57.47 37.85
C GLU G 51 16.98 58.68 38.16
N ASN G 52 16.91 59.68 37.30
CA ASN G 52 17.73 60.85 37.47
C ASN G 52 17.34 61.64 38.69
N VAL G 53 16.04 61.73 38.95
CA VAL G 53 15.56 62.42 40.13
C VAL G 53 15.98 61.68 41.36
N SER G 54 15.92 60.36 41.32
CA SER G 54 16.36 59.56 42.43
C SER G 54 17.80 59.87 42.77
N ALA G 55 18.64 59.95 41.74
CA ALA G 55 20.05 60.26 41.95
C ALA G 55 20.20 61.55 42.70
N VAL G 56 19.45 62.55 42.29
CA VAL G 56 19.44 63.85 42.95
C VAL G 56 19.07 63.73 44.39
N LEU G 57 17.99 63.03 44.66
CA LEU G 57 17.47 62.91 45.99
C LEU G 57 18.45 62.24 46.92
N THR G 58 19.20 61.29 46.40
CA THR G 58 20.22 60.64 47.19
C THR G 58 21.33 61.63 47.53
N GLN G 59 21.69 62.49 46.58
CA GLN G 59 22.68 63.53 46.84
C GLN G 59 22.20 64.53 47.90
N TYR G 60 20.88 64.77 47.95
CA TYR G 60 20.32 65.67 48.95
C TYR G 60 19.94 64.99 50.26
N GLY G 61 20.20 63.69 50.38
CA GLY G 61 19.94 63.01 51.63
C GLY G 61 18.47 62.73 51.88
N ILE G 62 17.67 62.75 50.81
CA ILE G 62 16.24 62.57 50.94
C ILE G 62 15.89 61.10 51.01
N THR G 63 15.14 60.71 52.03
CA THR G 63 14.78 59.30 52.22
C THR G 63 13.28 59.11 52.40
N GLY G 64 12.84 57.87 52.25
CA GLY G 64 11.47 57.51 52.48
C GLY G 64 10.53 58.24 51.56
N PRO G 65 9.32 58.49 52.04
CA PRO G 65 8.23 59.17 51.39
C PRO G 65 8.60 60.55 50.95
N ASN G 66 9.64 61.11 51.54
CA ASN G 66 10.06 62.42 51.14
C ASN G 66 10.61 62.37 49.73
N ARG G 67 11.18 61.24 49.35
CA ARG G 67 11.66 61.07 48.00
C ARG G 67 10.49 61.04 47.11
N ALA G 68 9.44 60.34 47.54
CA ALA G 68 8.22 60.21 46.77
C ALA G 68 7.59 61.56 46.47
N ILE G 69 7.70 62.50 47.42
CA ILE G 69 7.19 63.84 47.19
C ILE G 69 7.84 64.47 46.00
N TYR G 70 9.16 64.43 45.98
CA TYR G 70 9.90 65.07 44.92
C TYR G 70 9.78 64.31 43.63
N GLN G 71 9.64 63.00 43.71
CA GLN G 71 9.46 62.19 42.52
C GLN G 71 8.17 62.55 41.84
N GLY G 72 7.12 62.76 42.63
CA GLY G 72 5.81 63.15 42.09
C GLY G 72 5.93 64.48 41.37
N PHE G 73 6.61 65.42 42.00
CA PHE G 73 6.85 66.71 41.40
C PHE G 73 7.55 66.57 40.06
N GLY G 74 8.64 65.82 40.03
CA GLY G 74 9.41 65.61 38.81
C GLY G 74 8.57 65.00 37.71
N LEU G 75 7.80 63.99 38.07
CA LEU G 75 6.95 63.32 37.10
C LEU G 75 5.95 64.26 36.50
N LYS G 76 5.42 65.16 37.32
CA LYS G 76 4.47 66.15 36.85
C LYS G 76 5.11 67.09 35.86
N VAL G 77 6.34 67.49 36.13
CA VAL G 77 7.06 68.37 35.21
C VAL G 77 7.17 67.71 33.86
N ALA G 78 7.57 66.45 33.86
CA ALA G 78 7.73 65.69 32.63
C ALA G 78 6.41 65.52 31.90
N ARG G 79 5.32 65.30 32.65
CA ARG G 79 4.01 65.15 32.06
C ARG G 79 3.64 66.36 31.24
N ALA G 80 3.78 67.52 31.84
CA ALA G 80 3.47 68.76 31.18
C ALA G 80 4.33 68.92 29.96
N LEU G 81 5.60 68.57 30.08
CA LEU G 81 6.50 68.67 28.97
C LEU G 81 5.98 67.86 27.81
N ASN G 82 5.57 66.63 28.06
CA ASN G 82 5.04 65.79 26.98
C ASN G 82 3.76 66.32 26.35
N ARG G 83 2.86 66.86 27.17
CA ARG G 83 1.56 67.29 26.67
C ARG G 83 1.53 68.76 26.23
N ILE G 84 2.54 69.53 26.61
CA ILE G 84 2.64 70.94 26.23
C ILE G 84 3.85 71.22 25.36
N GLY G 85 4.99 70.72 25.79
CA GLY G 85 6.24 71.01 25.11
C GLY G 85 6.96 72.13 25.82
N SER G 86 8.26 72.27 25.56
CA SER G 86 9.05 73.28 26.24
C SER G 86 8.69 74.68 25.77
N GLY G 87 9.07 75.68 26.55
CA GLY G 87 8.80 77.05 26.21
C GLY G 87 7.83 77.68 27.21
N PRO G 88 7.44 78.93 26.94
CA PRO G 88 6.52 79.78 27.71
C PRO G 88 5.51 79.00 28.55
N ALA G 89 4.66 78.23 27.89
CA ALA G 89 3.60 77.52 28.59
C ALA G 89 4.14 76.60 29.66
N LEU G 90 5.27 75.95 29.41
CA LEU G 90 5.87 75.07 30.38
C LEU G 90 6.31 75.87 31.57
N VAL G 91 6.91 77.02 31.29
CA VAL G 91 7.36 77.90 32.34
C VAL G 91 6.21 78.28 33.24
N ASN G 92 5.08 78.64 32.64
CA ASN G 92 3.89 78.99 33.39
C ASN G 92 3.45 77.85 34.26
N MET G 93 3.50 76.65 33.70
CA MET G 93 3.12 75.46 34.41
C MET G 93 4.00 75.21 35.61
N ILE G 94 5.30 75.23 35.42
CA ILE G 94 6.23 74.89 36.47
C ILE G 94 6.13 75.85 37.62
N ASN G 95 5.97 77.14 37.32
CA ASN G 95 5.82 78.12 38.37
C ASN G 95 4.67 77.77 39.29
N GLY G 96 3.53 77.45 38.70
CA GLY G 96 2.36 77.09 39.48
C GLY G 96 2.57 75.80 40.21
N LEU G 97 3.19 74.84 39.54
CA LEU G 97 3.47 73.54 40.10
C LEU G 97 4.32 73.64 41.34
N LYS G 98 5.37 74.43 41.27
CA LYS G 98 6.21 74.63 42.41
C LYS G 98 5.42 75.20 43.55
N GLY G 99 4.59 76.20 43.27
CA GLY G 99 3.75 76.78 44.31
C GLY G 99 2.89 75.71 44.96
N TYR G 100 2.34 74.83 44.14
CA TYR G 100 1.52 73.73 44.60
C TYR G 100 2.26 72.89 45.62
N TYR G 101 3.42 72.37 45.24
CA TYR G 101 4.16 71.50 46.14
C TYR G 101 4.77 72.20 47.33
N ILE G 102 5.28 73.40 47.12
CA ILE G 102 5.93 74.12 48.19
C ILE G 102 4.98 74.40 49.30
N SER G 103 3.80 74.90 48.97
CA SER G 103 2.88 75.32 49.99
C SER G 103 1.85 74.27 50.38
N ALA G 104 1.50 73.36 49.48
CA ALA G 104 0.52 72.35 49.83
C ALA G 104 1.13 71.20 50.54
N PHE G 105 2.36 70.83 50.17
CA PHE G 105 3.01 69.67 50.75
C PHE G 105 4.27 70.03 51.50
N ASN G 106 4.57 71.31 51.60
CA ASN G 106 5.75 71.78 52.30
C ASN G 106 7.02 71.23 51.67
N ALA G 107 7.05 71.13 50.35
CA ALA G 107 8.25 70.67 49.67
C ALA G 107 9.30 71.77 49.68
N ASN G 108 10.57 71.37 49.75
CA ASN G 108 11.67 72.34 49.84
C ASN G 108 12.04 72.92 48.48
N PRO G 109 11.59 74.17 48.19
CA PRO G 109 11.88 74.95 46.97
C PRO G 109 13.23 74.65 46.35
N GLN G 110 14.27 74.61 47.17
CA GLN G 110 15.61 74.42 46.68
C GLN G 110 15.78 73.06 46.03
N VAL G 111 15.24 72.04 46.66
CA VAL G 111 15.33 70.71 46.12
C VAL G 111 14.49 70.61 44.89
N LEU G 112 13.34 71.28 44.92
CA LEU G 112 12.44 71.27 43.77
C LEU G 112 13.11 71.84 42.55
N ASP G 113 13.91 72.88 42.75
CA ASP G 113 14.66 73.46 41.67
C ASP G 113 15.72 72.53 41.18
N ALA G 114 16.30 71.74 42.09
CA ALA G 114 17.27 70.73 41.70
C ALA G 114 16.62 69.69 40.78
N VAL G 115 15.37 69.34 41.08
CA VAL G 115 14.65 68.40 40.23
C VAL G 115 14.42 68.97 38.85
N VAL G 116 13.96 70.22 38.80
CA VAL G 116 13.73 70.89 37.53
C VAL G 116 15.03 71.00 36.74
N ASN G 117 16.12 71.29 37.44
CA ASN G 117 17.46 71.38 36.85
C ASN G 117 17.91 70.12 36.12
N ILE G 118 17.23 69.01 36.35
CA ILE G 118 17.56 67.80 35.68
C ILE G 118 16.65 67.57 34.52
N ILE G 119 15.37 67.64 34.78
CA ILE G 119 14.37 67.37 33.77
C ILE G 119 14.42 68.37 32.64
N THR G 120 14.49 69.64 32.99
CA THR G 120 14.56 70.70 31.99
C THR G 120 15.99 71.04 31.71
N GLY G 121 16.84 70.88 32.71
CA GLY G 121 18.25 71.19 32.58
C GLY G 121 18.59 72.45 33.33
N SER G 122 17.56 73.18 33.75
CA SER G 122 17.75 74.40 34.50
C SER G 122 16.45 74.78 35.17
N PRO G 123 16.50 75.61 36.20
CA PRO G 123 15.37 76.17 36.88
C PRO G 123 14.56 76.97 35.88
N THR G 124 13.30 77.17 36.16
CA THR G 124 12.43 77.77 35.17
C THR G 124 12.45 79.28 35.23
N GLY G 125 11.30 79.90 34.97
CA GLY G 125 11.22 81.37 34.93
C GLY G 125 11.72 81.87 33.58
N TYR G 126 12.98 81.61 33.30
CA TYR G 126 13.60 81.95 32.05
C TYR G 126 13.73 80.69 31.22
N VAL G 127 13.58 80.83 29.92
CA VAL G 127 13.72 79.69 29.03
C VAL G 127 15.17 79.51 28.62
N SER G 128 15.77 78.41 29.03
CA SER G 128 17.15 78.13 28.69
C SER G 128 17.52 76.70 29.07
N SER H 1 12.58 48.90 43.29
CA SER H 1 13.70 49.21 42.40
C SER H 1 13.60 48.43 41.10
N ARG H 2 13.09 49.09 40.05
CA ARG H 2 12.93 48.43 38.75
C ARG H 2 13.23 49.38 37.59
N SER H 3 13.81 48.83 36.53
CA SER H 3 14.02 49.57 35.28
C SER H 3 12.74 49.62 34.52
N TYR H 4 12.68 50.38 33.44
CA TYR H 4 11.44 50.45 32.71
C TYR H 4 11.21 49.13 32.04
N SER H 5 12.29 48.44 31.71
CA SER H 5 12.16 47.18 31.00
C SER H 5 11.50 46.17 31.88
N GLN H 6 11.76 46.26 33.18
CA GLN H 6 11.12 45.40 34.14
C GLN H 6 9.69 45.83 34.37
N ARG H 7 9.47 47.14 34.42
CA ARG H 7 8.14 47.67 34.61
C ARG H 7 7.25 47.20 33.51
N TYR H 8 7.73 47.34 32.29
CA TYR H 8 7.01 46.90 31.13
C TYR H 8 6.81 45.44 31.09
N ALA H 9 7.88 44.68 31.30
CA ALA H 9 7.80 43.24 31.23
C ALA H 9 6.66 42.72 32.06
N LYS H 10 6.61 43.11 33.32
CA LYS H 10 5.58 42.63 34.20
C LYS H 10 4.24 43.17 33.82
N TRP H 11 4.19 44.46 33.45
CA TRP H 11 2.95 45.07 33.03
C TRP H 11 2.34 44.31 31.89
N GLN H 12 3.18 43.90 30.96
CA GLN H 12 2.72 43.18 29.81
C GLN H 12 2.13 41.87 30.20
N ALA H 13 2.81 41.16 31.09
CA ALA H 13 2.34 39.87 31.53
C ALA H 13 1.00 39.97 32.21
N LYS H 14 0.83 41.00 33.01
CA LYS H 14 -0.41 41.17 33.73
C LYS H 14 -1.52 41.65 32.85
N PHE H 15 -1.18 42.46 31.87
CA PHE H 15 -2.18 42.92 30.94
C PHE H 15 -2.70 41.74 30.16
N ASN H 16 -1.80 40.88 29.71
CA ASN H 16 -2.15 39.69 28.97
C ASN H 16 -3.08 38.83 29.78
N ALA H 17 -2.71 38.60 31.04
CA ALA H 17 -3.49 37.78 31.92
C ALA H 17 -4.90 38.30 32.03
N PHE H 18 -5.02 39.59 32.33
CA PHE H 18 -6.32 40.19 32.51
C PHE H 18 -7.19 40.08 31.29
N SER H 19 -6.60 40.20 30.11
CA SER H 19 -7.38 40.18 28.86
C SER H 19 -8.08 38.83 28.62
N ASN H 20 -7.66 37.78 29.33
CA ASN H 20 -8.26 36.46 29.19
C ASN H 20 -9.70 36.45 29.68
N PRO H 21 -10.67 36.19 28.78
CA PRO H 21 -12.13 36.12 29.06
C PRO H 21 -12.45 35.68 30.47
N THR H 22 -11.82 34.59 30.90
CA THR H 22 -12.10 34.03 32.20
C THR H 22 -11.58 34.90 33.29
N VAL H 23 -10.35 35.36 33.15
CA VAL H 23 -9.74 36.18 34.16
C VAL H 23 -10.47 37.48 34.29
N ALA H 24 -10.77 38.10 33.17
CA ALA H 24 -11.45 39.36 33.19
C ALA H 24 -12.77 39.26 33.89
N SER H 25 -13.58 38.29 33.49
CA SER H 25 -14.90 38.16 34.04
C SER H 25 -14.88 37.68 35.46
N THR H 26 -13.89 36.86 35.81
CA THR H 26 -13.80 36.39 37.17
C THR H 26 -13.60 37.53 38.11
N ILE H 27 -12.61 38.34 37.82
CA ILE H 27 -12.29 39.44 38.67
C ILE H 27 -13.41 40.46 38.69
N LEU H 28 -13.84 40.87 37.51
CA LEU H 28 -14.80 41.92 37.39
C LEU H 28 -16.15 41.57 37.96
N SER H 29 -16.57 40.32 37.78
CA SER H 29 -17.83 39.91 38.33
C SER H 29 -17.78 39.77 39.83
N ASN H 30 -16.59 39.46 40.36
CA ASN H 30 -16.44 39.35 41.79
C ASN H 30 -16.41 40.70 42.47
N VAL H 31 -15.83 41.70 41.80
CA VAL H 31 -15.74 43.02 42.40
C VAL H 31 -16.87 43.90 41.98
N SER H 32 -17.80 43.36 41.20
CA SER H 32 -18.95 44.12 40.76
C SER H 32 -19.67 44.86 41.92
N PRO H 33 -20.45 44.15 42.76
CA PRO H 33 -21.21 44.76 43.85
C PRO H 33 -20.34 45.62 44.78
N VAL H 34 -19.05 45.30 44.87
CA VAL H 34 -18.13 46.06 45.68
C VAL H 34 -17.90 47.41 45.06
N ALA H 35 -17.63 47.40 43.77
CA ALA H 35 -17.43 48.60 43.01
C ALA H 35 -18.63 49.48 43.08
N GLN H 36 -19.80 48.86 43.03
CA GLN H 36 -21.03 49.59 43.07
C GLN H 36 -21.15 50.35 44.33
N GLN H 37 -20.79 49.72 45.43
CA GLN H 37 -20.82 50.39 46.71
C GLN H 37 -19.90 51.57 46.75
N ASN H 38 -18.69 51.37 46.24
CA ASN H 38 -17.69 52.40 46.29
C ASN H 38 -18.07 53.58 45.41
N PHE H 39 -18.62 53.30 44.24
CA PHE H 39 -19.07 54.33 43.34
C PHE H 39 -20.20 55.10 43.96
N GLN H 40 -21.18 54.40 44.48
CA GLN H 40 -22.32 55.03 45.09
C GLN H 40 -21.94 55.89 46.26
N THR H 41 -20.95 55.44 47.02
CA THR H 41 -20.56 56.15 48.22
C THR H 41 -19.86 57.46 47.93
N ASN H 42 -18.84 57.45 47.08
CA ASN H 42 -18.04 58.64 46.91
C ASN H 42 -18.42 59.54 45.75
N VAL H 43 -19.19 59.05 44.78
CA VAL H 43 -19.48 59.88 43.61
C VAL H 43 -20.50 61.03 43.80
N PRO H 44 -21.71 60.77 44.34
CA PRO H 44 -22.75 61.79 44.54
C PRO H 44 -22.23 63.00 45.32
N LYS H 45 -21.17 62.78 46.10
CA LYS H 45 -20.52 63.83 46.85
C LYS H 45 -19.99 64.91 45.94
N PHE H 46 -19.46 64.51 44.79
CA PHE H 46 -18.88 65.42 43.85
C PHE H 46 -19.90 65.92 42.86
N THR H 47 -20.94 65.13 42.65
CA THR H 47 -22.01 65.57 41.78
C THR H 47 -22.67 66.81 42.34
N SER H 48 -22.91 66.79 43.66
CA SER H 48 -23.52 67.94 44.32
C SER H 48 -22.62 69.17 44.20
N VAL H 49 -21.31 68.94 44.18
CA VAL H 49 -20.37 70.02 44.00
C VAL H 49 -20.53 70.62 42.65
N ASN H 50 -20.64 69.77 41.65
CA ASN H 50 -20.78 70.23 40.30
C ASN H 50 -22.00 71.10 40.12
N GLU H 51 -23.12 70.73 40.74
CA GLU H 51 -24.32 71.55 40.62
C GLU H 51 -24.11 72.93 41.19
N ASN H 52 -23.64 73.01 42.43
CA ASN H 52 -23.47 74.30 43.08
C ASN H 52 -22.39 75.14 42.43
N VAL H 53 -21.26 74.52 42.10
CA VAL H 53 -20.17 75.24 41.48
C VAL H 53 -20.57 75.77 40.14
N SER H 54 -21.29 74.95 39.38
CA SER H 54 -21.74 75.36 38.08
C SER H 54 -22.63 76.57 38.20
N ALA H 55 -23.54 76.54 39.18
CA ALA H 55 -24.44 77.66 39.40
C ALA H 55 -23.67 78.94 39.63
N VAL H 56 -22.64 78.86 40.44
CA VAL H 56 -21.78 80.00 40.71
C VAL H 56 -21.15 80.52 39.47
N LEU H 57 -20.62 79.63 38.66
CA LEU H 57 -19.94 80.02 37.46
C LEU H 57 -20.88 80.75 36.51
N THR H 58 -22.14 80.33 36.49
CA THR H 58 -23.13 81.04 35.70
C THR H 58 -23.35 82.44 36.23
N GLN H 59 -23.39 82.59 37.55
CA GLN H 59 -23.53 83.91 38.16
C GLN H 59 -22.29 84.80 37.89
N TYR H 60 -21.13 84.18 37.72
CA TYR H 60 -19.92 84.93 37.36
C TYR H 60 -19.72 85.09 35.86
N GLY H 61 -20.65 84.60 35.05
CA GLY H 61 -20.56 84.79 33.61
C GLY H 61 -19.51 83.90 32.94
N ILE H 62 -19.12 82.83 33.61
CA ILE H 62 -18.08 81.96 33.11
C ILE H 62 -18.66 80.94 32.13
N THR H 63 -18.07 80.86 30.95
CA THR H 63 -18.57 79.95 29.92
C THR H 63 -17.49 79.05 29.36
N GLY H 64 -17.92 77.99 28.69
CA GLY H 64 -17.03 77.10 28.00
C GLY H 64 -16.05 76.42 28.94
N PRO H 65 -14.87 76.14 28.44
CA PRO H 65 -13.77 75.48 29.11
C PRO H 65 -13.31 76.24 30.31
N ASN H 66 -13.67 77.52 30.39
CA ASN H 66 -13.30 78.29 31.53
C ASN H 66 -14.04 77.78 32.74
N ARG H 67 -15.25 77.28 32.52
CA ARG H 67 -16.02 76.71 33.59
C ARG H 67 -15.33 75.47 34.05
N ALA H 68 -14.85 74.69 33.08
CA ALA H 68 -14.15 73.45 33.36
C ALA H 68 -12.92 73.67 34.20
N ILE H 69 -12.25 74.81 34.01
CA ILE H 69 -11.09 75.12 34.84
C ILE H 69 -11.49 75.16 36.28
N TYR H 70 -12.58 75.85 36.56
CA TYR H 70 -13.02 76.01 37.92
C TYR H 70 -13.66 74.75 38.44
N GLN H 71 -14.26 73.96 37.56
CA GLN H 71 -14.83 72.70 37.97
C GLN H 71 -13.73 71.78 38.43
N GLY H 72 -12.63 71.75 37.69
CA GLY H 72 -11.48 70.93 38.05
C GLY H 72 -10.94 71.34 39.40
N PHE H 73 -10.81 72.65 39.60
CA PHE H 73 -10.36 73.19 40.86
C PHE H 73 -11.26 72.77 41.99
N GLY H 74 -12.56 73.00 41.85
CA GLY H 74 -13.53 72.70 42.88
C GLY H 74 -13.53 71.23 43.23
N LEU H 75 -13.51 70.39 42.23
CA LEU H 75 -13.51 68.96 42.45
C LEU H 75 -12.29 68.53 43.22
N LYS H 76 -11.15 69.13 42.91
CA LYS H 76 -9.92 68.81 43.59
C LYS H 76 -9.96 69.26 45.03
N VAL H 77 -10.60 70.41 45.29
CA VAL H 77 -10.79 70.86 46.66
C VAL H 77 -11.58 69.85 47.44
N ALA H 78 -12.67 69.38 46.85
CA ALA H 78 -13.54 68.41 47.48
C ALA H 78 -12.81 67.10 47.73
N ARG H 79 -11.97 66.70 46.78
CA ARG H 79 -11.17 65.50 46.94
C ARG H 79 -10.36 65.55 48.21
N ALA H 80 -9.62 66.64 48.37
CA ALA H 80 -8.78 66.81 49.54
C ALA H 80 -9.61 66.79 50.79
N LEU H 81 -10.78 67.39 50.75
CA LEU H 81 -11.66 67.37 51.87
C LEU H 81 -11.96 65.95 52.28
N ASN H 82 -12.30 65.10 51.32
CA ASN H 82 -12.61 63.71 51.64
C ASN H 82 -11.41 62.93 52.21
N ARG H 83 -10.24 63.10 51.61
CA ARG H 83 -9.07 62.31 52.00
C ARG H 83 -8.33 62.88 53.21
N ILE H 84 -8.46 64.18 53.43
CA ILE H 84 -7.80 64.85 54.56
C ILE H 84 -8.79 65.19 55.67
N GLY H 85 -9.88 65.83 55.29
CA GLY H 85 -10.86 66.31 56.25
C GLY H 85 -10.61 67.77 56.52
N SER H 86 -11.60 68.46 57.06
CA SER H 86 -11.45 69.90 57.29
C SER H 86 -10.46 70.18 58.40
N GLY H 87 -9.95 71.40 58.42
CA GLY H 87 -8.98 71.81 59.41
C GLY H 87 -7.66 72.18 58.76
N PRO H 88 -6.68 72.54 59.59
CA PRO H 88 -5.31 72.96 59.25
C PRO H 88 -4.80 72.40 57.93
N ALA H 89 -4.67 71.07 57.86
CA ALA H 89 -4.09 70.44 56.68
C ALA H 89 -4.85 70.77 55.42
N LEU H 90 -6.17 70.87 55.51
CA LEU H 90 -6.96 71.18 54.35
C LEU H 90 -6.64 72.57 53.89
N VAL H 91 -6.55 73.48 54.83
CA VAL H 91 -6.21 74.85 54.51
C VAL H 91 -4.87 74.92 53.83
N ASN H 92 -3.90 74.18 54.35
CA ASN H 92 -2.58 74.12 53.74
C ASN H 92 -2.68 73.66 52.30
N MET H 93 -3.49 72.63 52.07
CA MET H 93 -3.72 72.12 50.76
C MET H 93 -4.33 73.14 49.84
N ILE H 94 -5.40 73.76 50.29
CA ILE H 94 -6.13 74.69 49.47
C ILE H 94 -5.28 75.86 49.07
N ASN H 95 -4.47 76.37 50.01
CA ASN H 95 -3.61 77.49 49.71
C ASN H 95 -2.71 77.19 48.54
N GLY H 96 -2.10 76.00 48.54
CA GLY H 96 -1.22 75.60 47.46
C GLY H 96 -1.99 75.35 46.19
N LEU H 97 -3.14 74.72 46.32
CA LEU H 97 -3.98 74.43 45.18
C LEU H 97 -4.46 75.68 44.48
N LYS H 98 -4.93 76.64 45.25
CA LYS H 98 -5.37 77.88 44.71
C LYS H 98 -4.28 78.55 43.92
N GLY H 99 -3.12 78.73 44.55
CA GLY H 99 -1.97 79.37 43.89
C GLY H 99 -1.61 78.63 42.62
N TYR H 100 -1.63 77.30 42.69
CA TYR H 100 -1.37 76.44 41.57
C TYR H 100 -2.21 76.80 40.38
N TYR H 101 -3.52 76.82 40.57
CA TYR H 101 -4.40 77.16 39.47
C TYR H 101 -4.26 78.58 38.98
N ILE H 102 -4.03 79.51 39.90
CA ILE H 102 -3.90 80.90 39.50
C ILE H 102 -2.77 81.10 38.54
N SER H 103 -1.62 80.54 38.84
CA SER H 103 -0.46 80.79 38.03
C SER H 103 -0.22 79.73 36.96
N ALA H 104 -0.64 78.51 37.20
CA ALA H 104 -0.43 77.46 36.21
C ALA H 104 -1.40 77.57 35.08
N PHE H 105 -2.66 77.90 35.40
CA PHE H 105 -3.70 77.94 34.39
C PHE H 105 -4.33 79.29 34.24
N ASN H 106 -3.77 80.29 34.89
CA ASN H 106 -4.31 81.65 34.83
C ASN H 106 -5.74 81.69 35.33
N ALA H 107 -6.05 80.93 36.36
CA ALA H 107 -7.38 80.95 36.92
C ALA H 107 -7.57 82.23 37.72
N ASN H 108 -8.78 82.77 37.70
CA ASN H 108 -9.07 84.03 38.35
C ASN H 108 -9.40 83.87 39.83
N PRO H 109 -8.45 84.23 40.72
CA PRO H 109 -8.56 84.24 42.20
C PRO H 109 -9.98 84.48 42.70
N GLN H 110 -10.67 85.46 42.11
CA GLN H 110 -12.01 85.81 42.54
C GLN H 110 -12.98 84.67 42.39
N VAL H 111 -12.95 84.03 41.26
CA VAL H 111 -13.84 82.94 41.02
C VAL H 111 -13.41 81.76 41.83
N LEU H 112 -12.10 81.58 41.97
CA LEU H 112 -11.56 80.47 42.74
C LEU H 112 -12.03 80.54 44.16
N ASP H 113 -12.08 81.75 44.70
CA ASP H 113 -12.56 81.94 46.04
C ASP H 113 -14.01 81.62 46.12
N ALA H 114 -14.77 82.01 45.11
CA ALA H 114 -16.18 81.70 45.07
C ALA H 114 -16.41 80.21 45.13
N VAL H 115 -15.60 79.45 44.41
CA VAL H 115 -15.72 78.00 44.42
C VAL H 115 -15.47 77.45 45.80
N VAL H 116 -14.42 77.94 46.45
CA VAL H 116 -14.10 77.50 47.79
C VAL H 116 -15.21 77.89 48.76
N ASN H 117 -15.83 79.05 48.53
CA ASN H 117 -16.91 79.54 49.36
C ASN H 117 -18.19 78.71 49.23
N ILE H 118 -18.19 77.74 48.34
CA ILE H 118 -19.29 76.82 48.23
C ILE H 118 -18.97 75.55 48.92
N ILE H 119 -17.83 75.00 48.55
CA ILE H 119 -17.41 73.71 49.08
C ILE H 119 -17.10 73.78 50.56
N THR H 120 -16.34 74.77 50.96
CA THR H 120 -15.98 74.92 52.36
C THR H 120 -16.92 75.88 53.01
N GLY H 121 -17.35 76.87 52.27
CA GLY H 121 -18.24 77.88 52.79
C GLY H 121 -17.48 79.15 53.14
N SER H 122 -16.17 79.06 53.18
CA SER H 122 -15.34 80.19 53.55
C SER H 122 -14.03 80.14 52.81
N PRO H 123 -13.38 81.29 52.63
CA PRO H 123 -12.08 81.48 52.02
C PRO H 123 -11.02 80.73 52.79
N THR H 124 -9.91 80.47 52.13
CA THR H 124 -8.82 79.76 52.74
C THR H 124 -7.86 80.72 53.41
N GLY H 125 -6.55 80.46 53.31
CA GLY H 125 -5.55 81.32 53.93
C GLY H 125 -5.38 80.97 55.40
N TYR H 126 -6.44 81.18 56.18
CA TYR H 126 -6.45 80.87 57.60
C TYR H 126 -7.61 79.95 57.94
N VAL H 127 -7.43 79.15 58.98
CA VAL H 127 -8.46 78.20 59.39
C VAL H 127 -9.69 78.92 59.91
N SER H 128 -10.85 78.65 59.28
CA SER H 128 -12.10 79.30 59.68
C SER H 128 -13.32 78.58 59.12
N SER I 1 -10.99 57.40 49.94
CA SER I 1 -10.75 56.77 51.24
C SER I 1 -11.61 55.53 51.43
N ARG I 2 -11.12 54.58 52.23
CA ARG I 2 -11.81 53.32 52.42
C ARG I 2 -11.88 52.88 53.87
N SER I 3 -13.07 52.55 54.32
CA SER I 3 -13.30 52.03 55.66
C SER I 3 -12.94 50.57 55.72
N TYR I 4 -12.87 50.01 56.91
CA TYR I 4 -12.57 48.59 57.04
C TYR I 4 -13.52 47.75 56.24
N SER I 5 -14.81 48.03 56.35
CA SER I 5 -15.80 47.28 55.61
C SER I 5 -15.42 47.22 54.14
N GLN I 6 -15.03 48.37 53.60
CA GLN I 6 -14.63 48.45 52.21
C GLN I 6 -13.32 47.76 51.94
N ARG I 7 -12.37 47.89 52.85
CA ARG I 7 -11.05 47.27 52.68
C ARG I 7 -11.20 45.79 52.51
N TYR I 8 -11.91 45.20 53.43
CA TYR I 8 -12.14 43.79 53.45
C TYR I 8 -12.96 43.34 52.29
N ALA I 9 -14.06 44.03 52.03
CA ALA I 9 -14.95 43.64 50.95
C ALA I 9 -14.20 43.40 49.66
N LYS I 10 -13.41 44.38 49.25
CA LYS I 10 -12.71 44.26 48.00
C LYS I 10 -11.62 43.23 48.08
N TRP I 11 -10.93 43.16 49.23
CA TRP I 11 -9.90 42.16 49.40
C TRP I 11 -10.45 40.78 49.19
N GLN I 12 -11.64 40.55 49.71
CA GLN I 12 -12.27 39.27 49.60
C GLN I 12 -12.57 38.94 48.17
N ALA I 13 -13.10 39.92 47.46
CA ALA I 13 -13.47 39.71 46.07
C ALA I 13 -12.27 39.34 45.23
N LYS I 14 -11.16 40.00 45.47
CA LYS I 14 -9.97 39.74 44.70
C LYS I 14 -9.32 38.46 45.09
N PHE I 15 -9.39 38.12 46.37
CA PHE I 15 -8.84 36.87 46.82
C PHE I 15 -9.58 35.72 46.17
N ASN I 16 -10.91 35.81 46.17
CA ASN I 16 -11.74 34.80 45.57
C ASN I 16 -11.42 34.63 44.11
N ALA I 17 -11.29 35.74 43.41
CA ALA I 17 -10.98 35.71 41.99
C ALA I 17 -9.69 34.97 41.74
N PHE I 18 -8.65 35.34 42.46
CA PHE I 18 -7.36 34.74 42.30
C PHE I 18 -7.37 33.26 42.53
N SER I 19 -8.14 32.79 43.50
CA SER I 19 -8.16 31.36 43.85
C SER I 19 -8.66 30.48 42.70
N ASN I 20 -9.33 31.07 41.71
CA ASN I 20 -9.82 30.33 40.55
C ASN I 20 -8.68 29.73 39.74
N PRO I 21 -8.61 28.38 39.65
CA PRO I 21 -7.60 27.60 38.90
C PRO I 21 -7.04 28.32 37.69
N THR I 22 -7.93 28.85 36.86
CA THR I 22 -7.52 29.42 35.61
C THR I 22 -6.99 30.80 35.76
N VAL I 23 -7.45 31.49 36.77
CA VAL I 23 -7.00 32.83 37.00
C VAL I 23 -5.65 32.81 37.60
N ALA I 24 -5.46 31.95 38.59
CA ALA I 24 -4.19 31.82 39.23
C ALA I 24 -3.14 31.39 38.25
N SER I 25 -3.44 30.38 37.46
CA SER I 25 -2.47 29.86 36.53
C SER I 25 -2.22 30.80 35.39
N THR I 26 -3.23 31.53 34.96
CA THR I 26 -3.03 32.50 33.91
C THR I 26 -2.04 33.54 34.34
N ILE I 27 -2.30 34.14 35.48
CA ILE I 27 -1.45 35.18 35.95
C ILE I 27 -0.07 34.68 36.26
N LEU I 28 0.02 33.62 37.03
CA LEU I 28 1.29 33.13 37.51
C LEU I 28 2.15 32.59 36.39
N SER I 29 1.55 31.94 35.42
CA SER I 29 2.33 31.43 34.30
C SER I 29 2.79 32.56 33.40
N ASN I 30 2.02 33.64 33.34
CA ASN I 30 2.43 34.77 32.54
C ASN I 30 3.56 35.54 33.16
N VAL I 31 3.56 35.65 34.48
CA VAL I 31 4.61 36.40 35.15
C VAL I 31 5.74 35.54 35.60
N SER I 32 5.67 34.24 35.28
CA SER I 32 6.73 33.32 35.63
C SER I 32 8.13 33.86 35.26
N PRO I 33 8.52 33.81 33.97
CA PRO I 33 9.84 34.21 33.51
C PRO I 33 10.23 35.63 33.97
N VAL I 34 9.23 36.47 34.20
CA VAL I 34 9.48 37.82 34.65
C VAL I 34 9.96 37.80 36.07
N ALA I 35 9.24 37.08 36.91
CA ALA I 35 9.59 36.92 38.29
C ALA I 35 10.94 36.29 38.43
N GLN I 36 11.22 35.33 37.55
CA GLN I 36 12.48 34.62 37.57
C GLN I 36 13.60 35.57 37.38
N GLN I 37 13.45 36.48 36.43
CA GLN I 37 14.44 37.48 36.19
C GLN I 37 14.70 38.32 37.41
N ASN I 38 13.62 38.77 38.04
CA ASN I 38 13.72 39.64 39.18
C ASN I 38 14.36 38.96 40.36
N PHE I 39 14.01 37.70 40.57
CA PHE I 39 14.57 36.94 41.66
C PHE I 39 16.05 36.76 41.46
N GLN I 40 16.43 36.34 40.26
CA GLN I 40 17.82 36.13 39.93
C GLN I 40 18.61 37.41 39.99
N THR I 41 18.01 38.50 39.58
CA THR I 41 18.70 39.76 39.54
C THR I 41 19.07 40.29 40.91
N ASN I 42 18.13 40.27 41.84
CA ASN I 42 18.39 40.89 43.12
C ASN I 42 18.81 39.94 44.25
N VAL I 43 18.32 38.72 44.25
CA VAL I 43 18.57 37.84 45.40
C VAL I 43 20.04 37.57 45.74
N PRO I 44 20.90 37.26 44.75
CA PRO I 44 22.32 37.00 44.88
C PRO I 44 23.02 38.13 45.62
N LYS I 45 22.49 39.34 45.48
CA LYS I 45 23.06 40.53 46.11
C LYS I 45 22.96 40.42 47.61
N PHE I 46 21.90 39.80 48.08
CA PHE I 46 21.65 39.68 49.50
C PHE I 46 22.24 38.41 50.04
N THR I 47 22.38 37.40 49.20
CA THR I 47 23.02 36.19 49.63
C THR I 47 24.45 36.45 50.00
N SER I 48 25.13 37.25 49.19
CA SER I 48 26.51 37.59 49.47
C SER I 48 26.63 38.35 50.79
N VAL I 49 25.58 39.11 51.13
CA VAL I 49 25.55 39.81 52.39
C VAL I 49 25.43 38.84 53.53
N ASN I 50 24.53 37.89 53.38
CA ASN I 50 24.33 36.89 54.41
C ASN I 50 25.61 36.15 54.67
N GLU I 51 26.35 35.87 53.62
CA GLU I 51 27.60 35.16 53.73
C GLU I 51 28.66 35.96 54.45
N ASN I 52 28.88 37.18 54.00
CA ASN I 52 29.94 37.98 54.55
C ASN I 52 29.62 38.39 55.98
N VAL I 53 28.36 38.70 56.25
CA VAL I 53 27.95 39.04 57.58
C VAL I 53 28.08 37.85 58.49
N SER I 54 27.73 36.68 57.99
CA SER I 54 27.89 35.47 58.76
C SER I 54 29.31 35.30 59.19
N ALA I 55 30.24 35.51 58.26
CA ALA I 55 31.66 35.39 58.57
C ALA I 55 32.02 36.27 59.73
N VAL I 56 31.56 37.51 59.68
CA VAL I 56 31.79 38.46 60.74
C VAL I 56 31.28 37.96 62.06
N LEU I 57 30.06 37.50 62.06
CA LEU I 57 29.41 37.06 63.28
C LEU I 57 30.12 35.91 63.91
N THR I 58 30.68 35.03 63.09
CA THR I 58 31.46 33.93 63.61
C THR I 58 32.72 34.45 64.28
N GLN I 59 33.35 35.46 63.68
CA GLN I 59 34.52 36.09 64.30
C GLN I 59 34.18 36.76 65.64
N TYR I 60 32.96 37.28 65.76
CA TYR I 60 32.53 37.88 67.01
C TYR I 60 31.90 36.92 67.99
N GLY I 61 31.85 35.64 67.66
CA GLY I 61 31.34 34.65 68.60
C GLY I 61 29.83 34.68 68.73
N ILE I 62 29.15 35.24 67.73
CA ILE I 62 27.71 35.38 67.79
C ILE I 62 27.03 34.11 67.34
N THR I 63 26.13 33.58 68.16
CA THR I 63 25.44 32.33 67.84
C THR I 63 23.93 32.45 67.94
N GLY I 64 23.25 31.48 67.37
CA GLY I 64 21.81 31.41 67.46
C GLY I 64 21.14 32.61 66.84
N PRO I 65 19.98 32.97 67.39
CA PRO I 65 19.13 34.06 67.00
C PRO I 65 19.84 35.38 67.07
N ASN I 66 20.93 35.45 67.82
CA ASN I 66 21.66 36.67 67.91
C ASN I 66 22.30 36.97 66.57
N ARG I 67 22.63 35.92 65.82
CA ARG I 67 23.18 36.11 64.50
C ARG I 67 22.12 36.67 63.64
N ALA I 68 20.91 36.14 63.80
CA ALA I 68 19.75 36.57 63.03
C ALA I 68 19.47 38.06 63.22
N ILE I 69 19.70 38.56 64.43
CA ILE I 69 19.52 39.99 64.69
C ILE I 69 20.41 40.80 63.79
N TYR I 70 21.68 40.45 63.76
CA TYR I 70 22.64 41.20 62.99
C TYR I 70 22.46 40.99 61.50
N GLN I 71 22.03 39.80 61.13
CA GLN I 71 21.77 39.50 59.74
C GLN I 71 20.65 40.37 59.23
N GLY I 72 19.61 40.55 60.04
CA GLY I 72 18.49 41.41 59.66
C GLY I 72 18.95 42.82 59.45
N PHE I 73 19.78 43.30 60.35
CA PHE I 73 20.35 44.62 60.24
C PHE I 73 21.12 44.78 58.95
N GLY I 74 22.00 43.84 58.66
CA GLY I 74 22.82 43.88 57.45
C GLY I 74 21.95 43.89 56.20
N LEU I 75 20.95 43.04 56.18
CA LEU I 75 20.06 42.96 55.04
C LEU I 75 19.35 44.27 54.80
N LYS I 76 18.96 44.93 55.88
CA LYS I 76 18.31 46.22 55.78
C LYS I 76 19.21 47.25 55.18
N VAL I 77 20.49 47.23 55.58
CA VAL I 77 21.45 48.17 55.03
C VAL I 77 21.54 48.00 53.53
N ALA I 78 21.64 46.75 53.09
CA ALA I 78 21.73 46.43 51.67
C ALA I 78 20.47 46.84 50.92
N ARG I 79 19.31 46.66 51.56
CA ARG I 79 18.06 47.03 50.93
C ARG I 79 18.04 48.49 50.59
N ALA I 80 18.38 49.32 51.56
CA ALA I 80 18.42 50.74 51.36
C ALA I 80 19.40 51.10 50.29
N LEU I 81 20.54 50.43 50.29
CA LEU I 81 21.52 50.67 49.28
C LEU I 81 20.94 50.45 47.91
N ASN I 82 20.24 49.35 47.71
CA ASN I 82 19.64 49.08 46.40
C ASN I 82 18.56 50.09 46.00
N ARG I 83 17.75 50.51 46.96
CA ARG I 83 16.62 51.39 46.62
C ARG I 83 16.96 52.88 46.72
N ILE I 84 18.09 53.20 47.34
CA ILE I 84 18.52 54.59 47.48
C ILE I 84 19.84 54.86 46.77
N GLY I 85 20.80 53.98 47.00
CA GLY I 85 22.14 54.16 46.46
C GLY I 85 23.03 54.77 47.52
N SER I 86 24.33 54.68 47.33
CA SER I 86 25.27 55.18 48.32
C SER I 86 25.27 56.69 48.36
N GLY I 87 25.81 57.25 49.45
CA GLY I 87 25.87 58.69 49.60
C GLY I 87 24.99 59.15 50.75
N PRO I 88 24.92 60.47 50.93
CA PRO I 88 24.15 61.21 51.95
C PRO I 88 22.92 60.47 52.47
N ALA I 89 21.98 60.19 51.57
CA ALA I 89 20.73 59.56 51.98
C ALA I 89 20.95 58.23 52.67
N LEU I 90 21.93 57.46 52.20
CA LEU I 90 22.23 56.19 52.82
C LEU I 90 22.75 56.40 54.20
N VAL I 91 23.61 57.40 54.35
CA VAL I 91 24.15 57.74 55.65
C VAL I 91 23.04 58.05 56.62
N ASN I 92 22.07 58.86 56.18
CA ASN I 92 20.94 59.22 57.00
C ASN I 92 20.17 57.98 57.41
N MET I 93 20.00 57.07 56.48
CA MET I 93 19.30 55.84 56.72
C MET I 93 19.99 55.00 57.77
N ILE I 94 21.28 54.77 57.58
CA ILE I 94 22.01 53.89 58.46
C ILE I 94 22.03 54.39 59.87
N ASN I 95 22.19 55.70 60.04
CA ASN I 95 22.18 56.28 61.37
C ASN I 95 20.90 55.93 62.11
N GLY I 96 19.76 56.11 61.43
CA GLY I 96 18.49 55.80 62.04
C GLY I 96 18.34 54.33 62.28
N LEU I 97 18.79 53.53 61.31
CA LEU I 97 18.72 52.09 61.40
C LEU I 97 19.46 51.56 62.59
N LYS I 98 20.66 52.06 62.80
CA LYS I 98 21.43 51.65 63.95
C LYS I 98 20.69 51.97 65.22
N GLY I 99 20.13 53.18 65.29
CA GLY I 99 19.36 53.56 66.46
C GLY I 99 18.23 52.58 66.70
N TYR I 100 17.57 52.18 65.63
CA TYR I 100 16.49 51.23 65.68
C TYR I 100 16.92 49.94 66.34
N TYR I 101 17.95 49.32 65.81
CA TYR I 101 18.41 48.05 66.35
C TYR I 101 19.06 48.14 67.70
N ILE I 102 19.84 49.17 67.93
CA ILE I 102 20.53 49.30 69.18
C ILE I 102 19.58 49.42 70.33
N SER I 103 18.58 50.27 70.19
CA SER I 103 17.69 50.54 71.28
C SER I 103 16.42 49.69 71.28
N ALA I 104 15.96 49.25 70.11
CA ALA I 104 14.74 48.45 70.09
C ALA I 104 15.02 47.01 70.37
N PHE I 105 16.16 46.51 69.89
CA PHE I 105 16.48 45.10 70.04
C PHE I 105 17.72 44.86 70.86
N ASN I 106 18.28 45.94 71.40
CA ASN I 106 19.48 45.83 72.22
C ASN I 106 20.64 45.25 71.46
N ALA I 107 20.77 45.60 70.18
CA ALA I 107 21.88 45.12 69.38
C ALA I 107 23.15 45.86 69.78
N ASN I 108 24.28 45.17 69.71
CA ASN I 108 25.55 45.75 70.13
C ASN I 108 26.18 46.65 69.07
N PRO I 109 26.04 47.98 69.22
CA PRO I 109 26.60 49.04 68.36
C PRO I 109 27.89 48.65 67.67
N GLN I 110 28.82 48.09 68.42
CA GLN I 110 30.13 47.76 67.90
C GLN I 110 30.05 46.69 66.83
N VAL I 111 29.24 45.68 67.06
CA VAL I 111 29.08 44.63 66.09
C VAL I 111 28.33 45.16 64.90
N LEU I 112 27.36 46.04 65.15
CA LEU I 112 26.59 46.63 64.08
C LEU I 112 27.49 47.39 63.13
N ASP I 113 28.46 48.08 63.68
CA ASP I 113 29.42 48.80 62.87
C ASP I 113 30.28 47.85 62.09
N ALA I 114 30.59 46.69 62.67
CA ALA I 114 31.34 45.67 61.96
C ALA I 114 30.56 45.20 60.74
N VAL I 115 29.23 45.07 60.88
CA VAL I 115 28.40 44.68 59.76
C VAL I 115 28.43 45.71 58.67
N VAL I 116 28.27 46.98 59.05
CA VAL I 116 28.31 48.08 58.09
C VAL I 116 29.66 48.13 57.39
N ASN I 117 30.73 47.89 58.16
CA ASN I 117 32.09 47.86 57.64
C ASN I 117 32.30 46.85 56.52
N ILE I 118 31.37 45.92 56.36
CA ILE I 118 31.49 44.96 55.29
C ILE I 118 30.64 45.36 54.12
N ILE I 119 29.39 45.65 54.39
CA ILE I 119 28.45 45.97 53.34
C ILE I 119 28.82 47.26 52.63
N THR I 120 29.16 48.28 53.40
CA THR I 120 29.55 49.55 52.84
C THR I 120 31.04 49.63 52.69
N GLY I 121 31.74 48.94 53.58
CA GLY I 121 33.18 48.92 53.56
C GLY I 121 33.74 49.74 54.70
N SER I 122 32.87 50.51 55.36
CA SER I 122 33.24 51.32 56.49
C SER I 122 32.01 51.75 57.24
N PRO I 123 32.17 52.15 58.49
CA PRO I 123 31.13 52.71 59.32
C PRO I 123 30.62 53.97 58.65
N THR I 124 29.40 54.36 58.99
CA THR I 124 28.79 55.44 58.27
C THR I 124 29.15 56.79 58.84
N GLY I 125 28.19 57.72 58.82
CA GLY I 125 28.46 59.09 59.29
C GLY I 125 29.17 59.88 58.20
N TYR I 126 30.36 59.44 57.86
CA TYR I 126 31.14 60.02 56.79
C TYR I 126 31.05 59.12 55.57
N VAL I 127 31.05 59.73 54.40
CA VAL I 127 31.01 58.94 53.19
C VAL I 127 32.41 58.57 52.74
N SER I 128 32.71 57.29 52.74
CA SER I 128 34.01 56.82 52.33
C SER I 128 34.02 55.30 52.19
N SER J 1 21.74 26.38 55.85
CA SER J 1 22.96 26.71 55.12
C SER J 1 22.81 26.46 53.64
N ARG J 2 22.56 27.53 52.88
CA ARG J 2 22.38 27.41 51.43
C ARG J 2 22.97 28.59 50.68
N SER J 3 23.51 28.31 49.49
CA SER J 3 23.99 29.36 48.58
C SER J 3 22.81 29.96 47.88
N TYR J 4 23.03 31.03 47.14
CA TYR J 4 21.90 31.63 46.47
C TYR J 4 21.43 30.73 45.38
N SER J 5 22.35 29.93 44.83
CA SER J 5 22.01 29.06 43.74
C SER J 5 21.06 28.01 44.20
N GLN J 6 21.22 27.59 45.44
CA GLN J 6 20.33 26.64 46.05
C GLN J 6 19.02 27.30 46.42
N ARG J 7 19.10 28.52 46.92
CA ARG J 7 17.91 29.26 47.28
C ARG J 7 17.02 29.43 46.07
N TYR J 8 17.63 29.84 44.98
CA TYR J 8 16.94 30.01 43.73
C TYR J 8 16.42 28.73 43.20
N ALA J 9 17.27 27.73 43.13
CA ALA J 9 16.86 26.45 42.56
C ALA J 9 15.56 25.97 43.16
N LYS J 10 15.50 25.92 44.48
CA LYS J 10 14.32 25.43 45.12
C LYS J 10 13.18 26.39 44.96
N TRP J 11 13.46 27.68 45.06
CA TRP J 11 12.42 28.68 44.87
C TRP J 11 11.76 28.52 43.54
N GLN J 12 12.56 28.26 42.53
CA GLN J 12 12.05 28.10 41.19
C GLN J 12 11.15 26.91 41.11
N ALA J 13 11.58 25.81 41.69
CA ALA J 13 10.79 24.59 41.66
C ALA J 13 9.45 24.78 42.33
N LYS J 14 9.44 25.50 43.43
CA LYS J 14 8.22 25.70 44.16
C LYS J 14 7.33 26.70 43.51
N PHE J 15 7.92 27.70 42.87
CA PHE J 15 7.14 28.66 42.15
C PHE J 15 6.43 27.97 41.01
N ASN J 16 7.16 27.13 40.28
CA ASN J 16 6.61 26.38 39.18
C ASN J 16 5.45 25.54 39.64
N ALA J 17 5.65 24.83 40.73
CA ALA J 17 4.62 23.97 41.28
C ALA J 17 3.37 24.75 41.56
N PHE J 18 3.50 25.85 42.28
CA PHE J 18 2.37 26.65 42.66
C PHE J 18 1.61 27.17 41.48
N SER J 19 2.31 27.53 40.41
CA SER J 19 1.65 28.11 39.23
C SER J 19 0.69 27.14 38.53
N ASN J 20 0.80 25.85 38.84
CA ASN J 20 -0.06 24.84 38.26
C ASN J 20 -1.51 25.01 38.70
N PRO J 21 -2.43 25.31 37.76
CA PRO J 21 -3.88 25.50 37.99
C PRO J 21 -4.41 24.70 39.17
N THR J 22 -4.08 23.42 39.19
CA THR J 22 -4.60 22.54 40.20
C THR J 22 -4.00 22.83 41.53
N VAL J 23 -2.69 23.01 41.57
CA VAL J 23 -2.00 23.26 42.80
C VAL J 23 -2.42 24.57 43.39
N ALA J 24 -2.48 25.59 42.54
CA ALA J 24 -2.86 26.91 43.00
C ALA J 24 -4.23 26.90 43.62
N SER J 25 -5.19 26.35 42.90
CA SER J 25 -6.55 26.35 43.37
C SER J 25 -6.75 25.43 44.52
N THR J 26 -6.02 24.34 44.57
CA THR J 26 -6.15 23.43 45.68
C THR J 26 -5.78 24.10 46.96
N ILE J 27 -4.61 24.69 46.97
CA ILE J 27 -4.13 25.33 48.16
C ILE J 27 -4.98 26.52 48.52
N LEU J 28 -5.21 27.39 47.56
CA LEU J 28 -5.89 28.63 47.81
C LEU J 28 -7.33 28.43 48.22
N SER J 29 -8.01 27.46 47.62
CA SER J 29 -9.37 27.22 47.98
C SER J 29 -9.47 26.55 49.34
N ASN J 30 -8.43 25.82 49.74
CA ASN J 30 -8.44 25.20 51.05
C ASN J 30 -8.17 26.19 52.14
N VAL J 31 -7.33 27.18 51.87
CA VAL J 31 -6.99 28.17 52.89
C VAL J 31 -7.86 29.38 52.81
N SER J 32 -8.81 29.38 51.88
CA SER J 32 -9.72 30.49 51.73
C SER J 32 -10.35 30.95 53.07
N PRO J 33 -11.34 30.21 53.61
CA PRO J 33 -12.04 30.59 54.84
C PRO J 33 -11.08 30.85 56.02
N VAL J 34 -9.90 30.21 55.98
CA VAL J 34 -8.91 30.41 57.01
C VAL J 34 -8.33 31.79 56.90
N ALA J 35 -7.96 32.14 55.68
CA ALA J 35 -7.43 33.45 55.40
C ALA J 35 -8.40 34.51 55.76
N GLN J 36 -9.68 34.24 55.50
CA GLN J 36 -10.72 35.20 55.77
C GLN J 36 -10.76 35.49 57.23
N GLN J 37 -10.65 34.46 58.05
CA GLN J 37 -10.64 34.66 59.48
C GLN J 37 -9.48 35.48 59.92
N ASN J 38 -8.31 35.19 59.38
CA ASN J 38 -7.11 35.88 59.78
C ASN J 38 -7.13 37.33 59.38
N PHE J 39 -7.63 37.59 58.18
CA PHE J 39 -7.76 38.94 57.69
C PHE J 39 -8.74 39.72 58.54
N GLN J 40 -9.89 39.13 58.78
CA GLN J 40 -10.91 39.79 59.57
C GLN J 40 -10.44 40.08 60.96
N THR J 41 -9.66 39.17 61.52
CA THR J 41 -9.22 39.32 62.88
C THR J 41 -8.22 40.44 63.08
N ASN J 42 -7.16 40.47 62.28
CA ASN J 42 -6.10 41.43 62.53
C ASN J 42 -6.17 42.72 61.76
N VAL J 43 -6.94 42.79 60.68
CA VAL J 43 -6.93 44.01 59.87
C VAL J 43 -7.68 45.24 60.45
N PRO J 44 -8.96 45.11 60.86
CA PRO J 44 -9.75 46.22 61.38
C PRO J 44 -9.05 46.94 62.55
N LYS J 45 -8.13 46.23 63.21
CA LYS J 45 -7.33 46.77 64.28
C LYS J 45 -6.49 47.94 63.80
N PHE J 46 -5.98 47.81 62.59
CA PHE J 46 -5.12 48.82 62.01
C PHE J 46 -5.92 49.86 61.27
N THR J 47 -7.09 49.46 60.79
CA THR J 47 -7.94 50.42 60.12
C THR J 47 -8.36 51.51 61.08
N SER J 48 -8.71 51.12 62.31
CA SER J 48 -9.09 52.08 63.31
C SER J 48 -7.94 53.02 63.64
N VAL J 49 -6.73 52.51 63.54
CA VAL J 49 -5.55 53.32 63.76
C VAL J 49 -5.46 54.36 62.70
N ASN J 50 -5.66 53.95 61.46
CA ASN J 50 -5.58 54.86 60.35
C ASN J 50 -6.55 56.00 60.48
N GLU J 51 -7.77 55.73 60.93
CA GLU J 51 -8.75 56.80 61.10
C GLU J 51 -8.28 57.82 62.12
N ASN J 52 -7.92 57.36 63.31
CA ASN J 52 -7.52 58.28 64.36
C ASN J 52 -6.23 59.00 64.05
N VAL J 53 -5.24 58.27 63.54
CA VAL J 53 -3.97 58.87 63.21
C VAL J 53 -4.13 59.90 62.13
N SER J 54 -4.92 59.59 61.13
CA SER J 54 -5.16 60.51 60.05
C SER J 54 -5.77 61.79 60.59
N ALA J 55 -6.74 61.65 61.49
CA ALA J 55 -7.38 62.81 62.09
C ALA J 55 -6.36 63.71 62.74
N VAL J 56 -5.45 63.11 63.48
CA VAL J 56 -4.40 63.85 64.13
C VAL J 56 -3.54 64.60 63.15
N LEU J 57 -3.17 63.93 62.09
CA LEU J 57 -2.32 64.52 61.09
C LEU J 57 -2.98 65.73 60.46
N THR J 58 -4.29 65.66 60.30
CA THR J 58 -5.04 66.81 59.79
C THR J 58 -4.97 67.96 60.77
N GLN J 59 -5.10 67.67 62.06
CA GLN J 59 -4.98 68.70 63.09
C GLN J 59 -3.56 69.30 63.15
N TYR J 60 -2.55 68.51 62.78
CA TYR J 60 -1.18 69.02 62.71
C TYR J 60 -0.82 69.63 61.36
N GLY J 61 -1.76 69.67 60.43
CA GLY J 61 -1.51 70.31 59.15
C GLY J 61 -0.64 69.48 58.21
N ILE J 62 -0.55 68.18 58.47
CA ILE J 62 0.30 67.30 57.69
C ILE J 62 -0.40 66.85 56.42
N THR J 63 0.25 67.03 55.29
CA THR J 63 -0.35 66.67 54.01
C THR J 63 0.54 65.78 53.17
N GLY J 64 -0.06 65.14 52.18
CA GLY J 64 0.67 64.34 51.22
C GLY J 64 1.39 63.18 51.87
N PRO J 65 2.51 62.80 51.30
CA PRO J 65 3.37 61.71 51.70
C PRO J 65 3.89 61.89 53.10
N ASN J 66 3.82 63.11 53.62
CA ASN J 66 4.25 63.34 54.95
C ASN J 66 3.31 62.66 55.91
N ARG J 67 2.04 62.56 55.53
CA ARG J 67 1.07 61.87 56.33
C ARG J 67 1.43 60.42 56.34
N ALA J 68 1.80 59.92 55.16
CA ALA J 68 2.18 58.53 54.99
C ALA J 68 3.36 58.15 55.86
N ILE J 69 4.28 59.08 56.07
CA ILE J 69 5.40 58.81 56.96
C ILE J 69 4.90 58.46 58.33
N TYR J 70 3.97 59.26 58.82
CA TYR J 70 3.46 59.06 60.16
C TYR J 70 2.50 57.89 60.21
N GLN J 71 1.83 57.61 59.10
CA GLN J 71 0.97 56.45 59.05
C GLN J 71 1.78 55.19 59.16
N GLY J 72 2.91 55.16 58.47
CA GLY J 72 3.80 54.01 58.53
C GLY J 72 4.30 53.80 59.94
N PHE J 73 4.70 54.89 60.56
CA PHE J 73 5.15 54.85 61.94
C PHE J 73 4.08 54.31 62.85
N GLY J 74 2.89 54.89 62.80
CA GLY J 74 1.79 54.49 63.65
C GLY J 74 1.43 53.04 63.47
N LEU J 75 1.34 52.60 62.24
CA LEU J 75 1.00 51.24 61.95
C LEU J 75 2.02 50.28 62.52
N LYS J 76 3.30 50.66 62.45
CA LYS J 76 4.36 49.85 62.98
C LYS J 76 4.29 49.78 64.49
N VAL J 77 3.91 50.89 65.13
CA VAL J 77 3.71 50.88 66.57
C VAL J 77 2.65 49.89 66.95
N ALA J 78 1.54 49.93 66.23
CA ALA J 78 0.42 49.04 66.48
C ALA J 78 0.81 47.59 66.26
N ARG J 79 1.61 47.33 65.23
CA ARG J 79 2.11 46.00 64.97
C ARG J 79 2.80 45.42 66.18
N ALA J 80 3.75 46.18 66.71
CA ALA J 80 4.50 45.76 67.87
C ALA J 80 3.59 45.50 69.04
N LEU J 81 2.59 46.35 69.19
CA LEU J 81 1.63 46.16 70.25
C LEU J 81 0.98 44.80 70.13
N ASN J 82 0.54 44.43 68.93
CA ASN J 82 -0.09 43.14 68.75
C ASN J 82 0.84 41.95 69.02
N ARG J 83 2.07 42.03 68.52
CA ARG J 83 2.98 40.89 68.61
C ARG J 83 3.73 40.83 69.94
N ILE J 84 3.90 41.96 70.61
CA ILE J 84 4.57 42.04 71.90
C ILE J 84 3.60 42.22 73.05
N GLY J 85 2.71 43.19 72.91
CA GLY J 85 1.79 43.53 73.98
C GLY J 85 2.34 44.71 74.75
N SER J 86 1.49 45.40 75.48
CA SER J 86 1.93 46.60 76.20
C SER J 86 2.86 46.24 77.33
N GLY J 87 3.62 47.23 77.79
CA GLY J 87 4.57 47.02 78.86
C GLY J 87 5.99 47.26 78.38
N PRO J 88 6.95 47.07 79.29
CA PRO J 88 8.41 47.24 79.13
C PRO J 88 8.89 47.05 77.69
N ALA J 89 8.72 45.84 77.16
CA ALA J 89 9.24 45.51 75.84
C ALA J 89 8.69 46.42 74.77
N LEU J 90 7.43 46.81 74.89
CA LEU J 90 6.84 47.67 73.90
C LEU J 90 7.48 49.01 73.95
N VAL J 91 7.71 49.50 75.16
CA VAL J 91 8.36 50.78 75.33
C VAL J 91 9.75 50.74 74.71
N ASN J 92 10.48 49.66 74.94
CA ASN J 92 11.79 49.49 74.36
C ASN J 92 11.72 49.59 72.85
N MET J 93 10.72 48.92 72.29
CA MET J 93 10.50 48.95 70.87
C MET J 93 10.23 50.34 70.36
N ILE J 94 9.28 51.01 71.00
CA ILE J 94 8.85 52.31 70.55
C ILE J 94 9.97 53.30 70.59
N ASN J 95 10.78 53.25 71.64
CA ASN J 95 11.91 54.16 71.75
C ASN J 95 12.82 54.07 70.55
N GLY J 96 13.13 52.83 70.14
CA GLY J 96 13.99 52.63 68.99
C GLY J 96 13.30 53.01 67.71
N LEU J 97 12.04 52.67 67.61
CA LEU J 97 11.25 52.99 66.44
C LEU J 97 11.13 54.48 66.22
N LYS J 98 10.82 55.20 67.27
CA LYS J 98 10.72 56.63 67.19
C LYS J 98 12.00 57.23 66.69
N GLY J 99 13.11 56.91 67.35
CA GLY J 99 14.42 57.43 66.95
C GLY J 99 14.72 57.11 65.51
N TYR J 100 14.39 55.88 65.11
CA TYR J 100 14.55 55.41 63.76
C TYR J 100 13.91 56.33 62.77
N TYR J 101 12.64 56.61 62.94
CA TYR J 101 11.94 57.51 62.03
C TYR J 101 12.45 58.93 62.08
N ILE J 102 12.81 59.41 63.25
CA ILE J 102 13.27 60.77 63.37
C ILE J 102 14.49 61.01 62.54
N SER J 103 15.46 60.12 62.63
CA SER J 103 16.72 60.34 61.95
C SER J 103 16.80 59.69 60.58
N ALA J 104 16.09 58.58 60.38
CA ALA J 104 16.15 57.91 59.10
C ALA J 104 15.33 58.63 58.07
N PHE J 105 14.16 59.13 58.48
CA PHE J 105 13.24 59.75 57.55
C PHE J 105 12.94 61.18 57.87
N ASN J 106 13.66 61.74 58.83
CA ASN J 106 13.44 63.12 59.24
C ASN J 106 12.03 63.34 59.72
N ALA J 107 11.47 62.37 60.43
CA ALA J 107 10.13 62.52 60.96
C ALA J 107 10.16 63.46 62.15
N ASN J 108 9.11 64.25 62.31
CA ASN J 108 9.05 65.26 63.36
C ASN J 108 8.58 64.68 64.70
N PRO J 109 9.50 64.49 65.65
CA PRO J 109 9.26 64.03 67.04
C PRO J 109 7.90 64.43 67.60
N GLN J 110 7.50 65.68 67.37
CA GLN J 110 6.24 66.17 67.90
C GLN J 110 5.06 65.42 67.36
N VAL J 111 5.04 65.21 66.07
CA VAL J 111 3.96 64.52 65.46
C VAL J 111 4.04 63.06 65.82
N LEU J 112 5.26 62.54 65.88
CA LEU J 112 5.46 61.15 66.22
C LEU J 112 4.89 60.84 67.58
N ASP J 113 5.08 61.76 68.51
CA ASP J 113 4.54 61.61 69.82
C ASP J 113 3.05 61.64 69.80
N ALA J 114 2.49 62.52 68.98
CA ALA J 114 1.05 62.59 68.84
C ALA J 114 0.48 61.27 68.36
N VAL J 115 1.17 60.63 67.43
CA VAL J 115 0.72 59.33 66.93
C VAL J 115 0.72 58.31 68.04
N VAL J 116 1.80 58.27 68.81
CA VAL J 116 1.90 57.35 69.93
C VAL J 116 0.81 57.63 70.96
N ASN J 117 0.50 58.92 71.15
CA ASN J 117 -0.51 59.34 72.09
C ASN J 117 -1.93 58.95 71.69
N ILE J 118 -2.08 58.36 70.51
CA ILE J 118 -3.33 57.84 70.09
C ILE J 118 -3.38 56.37 70.29
N ILE J 119 -2.36 55.71 69.77
CA ILE J 119 -2.28 54.27 69.81
C ILE J 119 -2.10 53.75 71.21
N THR J 120 -1.16 54.34 71.94
CA THR J 120 -0.91 53.92 73.31
C THR J 120 -1.66 54.79 74.26
N GLY J 121 -1.79 56.05 73.89
CA GLY J 121 -2.48 57.01 74.74
C GLY J 121 -1.49 57.86 75.51
N SER J 122 -0.23 57.45 75.51
CA SER J 122 0.79 58.16 76.25
C SER J 122 2.12 58.04 75.55
N PRO J 123 3.03 59.00 75.78
CA PRO J 123 4.39 59.06 75.29
C PRO J 123 5.18 57.87 75.75
N THR J 124 6.24 57.58 75.04
CA THR J 124 7.10 56.47 75.37
C THR J 124 8.19 56.88 76.34
N GLY J 125 9.40 56.36 76.16
CA GLY J 125 10.51 56.70 77.04
C GLY J 125 10.48 55.85 78.29
N TYR J 126 9.43 56.03 79.10
CA TYR J 126 9.24 55.27 80.32
C TYR J 126 7.86 54.60 80.31
N VAL J 127 7.76 53.48 81.01
CA VAL J 127 6.52 52.72 81.06
C VAL J 127 5.44 53.50 81.80
N SER J 128 4.31 53.74 81.11
CA SER J 128 3.22 54.50 81.71
C SER J 128 1.92 54.33 80.92
N SER K 1 0.21 37.57 64.98
CA SER K 1 0.18 36.51 65.96
C SER K 1 -0.94 35.52 65.71
N ARG K 2 -0.75 34.28 66.13
CA ARG K 2 -1.72 33.22 65.87
C ARG K 2 -2.01 32.35 67.09
N SER K 3 -3.29 32.19 67.39
CA SER K 3 -3.75 31.31 68.46
C SER K 3 -3.72 29.89 68.00
N TYR K 4 -3.89 28.96 68.93
CA TYR K 4 -3.93 27.55 68.57
C TYR K 4 -4.97 27.27 67.51
N SER K 5 -6.17 27.81 67.72
CA SER K 5 -7.23 27.62 66.74
C SER K 5 -6.76 27.97 65.36
N GLN K 6 -6.06 29.10 65.25
CA GLN K 6 -5.54 29.55 63.99
C GLN K 6 -4.40 28.68 63.49
N ARG K 7 -3.52 28.27 64.39
CA ARG K 7 -2.38 27.45 64.02
C ARG K 7 -2.84 26.20 63.35
N TYR K 8 -3.75 25.51 64.01
CA TYR K 8 -4.27 24.28 63.53
C TYR K 8 -5.08 24.46 62.29
N ALA K 9 -5.97 25.44 62.28
CA ALA K 9 -6.82 25.66 61.13
C ALA K 9 -6.04 25.70 59.84
N LYS K 10 -5.01 26.54 59.80
CA LYS K 10 -4.25 26.68 58.58
C LYS K 10 -3.43 25.45 58.30
N TRP K 11 -2.88 24.84 59.35
CA TRP K 11 -2.12 23.62 59.18
C TRP K 11 -2.95 22.57 58.50
N GLN K 12 -4.20 22.47 58.90
CA GLN K 12 -5.08 21.50 58.35
C GLN K 12 -5.34 21.76 56.90
N ALA K 13 -5.57 23.00 56.56
CA ALA K 13 -5.86 23.38 55.19
C ALA K 13 -4.70 23.02 54.28
N LYS K 14 -3.49 23.28 54.73
CA LYS K 14 -2.32 23.01 53.92
C LYS K 14 -2.02 21.56 53.85
N PHE K 15 -2.27 20.85 54.93
CA PHE K 15 -2.06 19.41 54.91
C PHE K 15 -2.98 18.78 53.91
N ASN K 16 -4.25 19.18 53.93
CA ASN K 16 -5.24 18.66 53.02
C ASN K 16 -4.83 18.90 51.60
N ALA K 17 -4.40 20.12 51.31
CA ALA K 17 -3.98 20.50 49.98
C ALA K 17 -2.88 19.60 49.50
N PHE K 18 -1.85 19.44 50.31
CA PHE K 18 -0.71 18.64 49.94
C PHE K 18 -1.07 17.22 49.64
N SER K 19 -2.02 16.65 50.39
CA SER K 19 -2.38 15.25 50.22
C SER K 19 -2.97 14.94 48.84
N ASN K 20 -3.39 15.97 48.11
CA ASN K 20 -3.95 15.81 46.77
C ASN K 20 -2.91 15.26 45.80
N PRO K 21 -3.12 14.05 45.25
CA PRO K 21 -2.25 13.34 44.28
C PRO K 21 -1.45 14.27 43.39
N THR K 22 -2.11 15.25 42.80
CA THR K 22 -1.49 16.09 41.81
C THR K 22 -0.67 17.16 42.45
N VAL K 23 -1.06 17.57 43.63
CA VAL K 23 -0.34 18.60 44.31
C VAL K 23 0.92 18.05 44.87
N ALA K 24 0.82 16.89 45.50
CA ALA K 24 1.98 16.25 46.06
C ALA K 24 2.98 15.94 44.99
N SER K 25 2.53 15.35 43.90
CA SER K 25 3.44 14.96 42.86
C SER K 25 3.99 16.14 42.11
N THR K 26 3.21 17.19 41.96
CA THR K 26 3.72 18.38 41.31
C THR K 26 4.87 18.95 42.08
N ILE K 27 4.65 19.16 43.35
CA ILE K 27 5.67 19.75 44.16
C ILE K 27 6.88 18.86 44.28
N LEU K 28 6.65 17.62 44.64
CA LEU K 28 7.73 16.70 44.92
C LEU K 28 8.56 16.39 43.69
N SER K 29 7.90 16.26 42.54
CA SER K 29 8.64 15.98 41.33
C SER K 29 9.42 17.20 40.88
N ASN K 30 8.92 18.40 41.20
CA ASN K 30 9.63 19.60 40.83
C ASN K 30 10.85 19.82 41.68
N VAL K 31 10.77 19.47 42.96
CA VAL K 31 11.89 19.68 43.86
C VAL K 31 12.76 18.47 43.98
N SER K 32 12.44 17.41 43.23
CA SER K 32 13.22 16.20 43.24
C SER K 32 14.72 16.47 43.08
N PRO K 33 15.21 16.76 41.85
CA PRO K 33 16.63 16.97 41.57
C PRO K 33 17.28 18.02 42.49
N VAL K 34 16.48 18.95 43.00
CA VAL K 34 16.98 19.96 43.90
C VAL K 34 17.32 19.35 45.23
N ALA K 35 16.39 18.58 45.76
CA ALA K 35 16.58 17.90 47.01
C ALA K 35 17.74 16.95 46.91
N GLN K 36 17.86 16.30 45.76
CA GLN K 36 18.92 15.35 45.53
C GLN K 36 20.25 16.00 45.69
N GLN K 37 20.38 17.18 45.12
CA GLN K 37 21.60 17.94 45.24
C GLN K 37 21.92 18.23 46.67
N ASN K 38 20.92 18.68 47.41
CA ASN K 38 21.12 19.07 48.79
C ASN K 38 21.49 17.91 49.66
N PHE K 39 20.85 16.77 49.42
CA PHE K 39 21.13 15.57 50.18
C PHE K 39 22.53 15.12 49.93
N GLN K 40 22.91 15.06 48.66
CA GLN K 40 24.24 14.64 48.29
C GLN K 40 25.29 15.59 48.79
N THR K 41 24.99 16.86 48.77
CA THR K 41 25.94 17.86 49.17
C THR K 41 26.31 17.79 50.65
N ASN K 42 25.31 17.69 51.51
CA ASN K 42 25.58 17.75 52.93
C ASN K 42 25.69 16.42 53.66
N VAL K 43 24.93 15.42 53.23
CA VAL K 43 24.88 14.18 54.01
C VAL K 43 26.22 13.45 54.24
N PRO K 44 27.07 13.30 53.21
CA PRO K 44 28.39 12.68 53.24
C PRO K 44 29.26 13.30 54.33
N LYS K 45 29.01 14.57 54.63
CA LYS K 45 29.78 15.29 55.62
C LYS K 45 29.54 14.73 56.99
N PHE K 46 28.32 14.26 57.22
CA PHE K 46 27.93 13.73 58.50
C PHE K 46 28.17 12.24 58.58
N THR K 47 28.15 11.58 57.43
CA THR K 47 28.46 10.17 57.42
C THR K 47 29.88 9.94 57.85
N SER K 48 30.79 10.78 57.37
CA SER K 48 32.18 10.67 57.77
C SER K 48 32.35 10.88 59.27
N VAL K 49 31.49 11.70 59.84
CA VAL K 49 31.49 11.93 61.27
C VAL K 49 31.06 10.70 62.00
N ASN K 50 29.98 10.10 61.53
CA ASN K 50 29.48 8.88 62.15
C ASN K 50 30.53 7.82 62.14
N GLU K 51 31.28 7.75 61.05
CA GLU K 51 32.32 6.76 60.92
C GLU K 51 33.46 6.99 61.88
N ASN K 52 34.00 8.19 61.87
CA ASN K 52 35.16 8.48 62.68
C ASN K 52 34.82 8.44 64.15
N VAL K 53 33.64 8.95 64.51
CA VAL K 53 33.19 8.91 65.88
C VAL K 53 32.98 7.49 66.33
N SER K 54 32.42 6.68 65.44
CA SER K 54 32.23 5.28 65.75
C SER K 54 33.55 4.63 66.09
N ALA K 55 34.57 4.91 65.29
CA ALA K 55 35.89 4.35 65.55
C ALA K 55 36.35 4.68 66.94
N VAL K 56 36.18 5.94 67.33
CA VAL K 56 36.53 6.39 68.65
C VAL K 56 35.81 5.62 69.72
N LEU K 57 34.51 5.49 69.55
CA LEU K 57 33.68 4.84 70.53
C LEU K 57 34.06 3.41 70.73
N THR K 58 34.47 2.74 69.66
CA THR K 58 34.94 1.38 69.77
C THR K 58 36.23 1.32 70.58
N GLN K 59 37.11 2.29 70.37
CA GLN K 59 38.34 2.38 71.16
C GLN K 59 38.05 2.62 72.65
N TYR K 60 36.97 3.33 72.94
CA TYR K 60 36.58 3.58 74.33
C TYR K 60 35.66 2.52 74.92
N GLY K 61 35.35 1.48 74.16
CA GLY K 61 34.55 0.39 74.70
C GLY K 61 33.08 0.74 74.82
N ILE K 62 32.63 1.74 74.08
CA ILE K 62 31.26 2.20 74.18
C ILE K 62 30.36 1.36 73.30
N THR K 63 29.30 0.82 73.90
CA THR K 63 28.37 -0.05 73.17
C THR K 63 26.93 0.40 73.29
N GLY K 64 26.10 -0.13 72.42
CA GLY K 64 24.67 0.11 72.47
C GLY K 64 24.33 1.57 72.31
N PRO K 65 23.25 2.00 72.95
CA PRO K 65 22.70 3.34 72.95
C PRO K 65 23.68 4.35 73.48
N ASN K 66 24.69 3.88 74.20
CA ASN K 66 25.68 4.79 74.71
C ASN K 66 26.47 5.36 73.57
N ARG K 67 26.63 4.58 72.50
CA ARG K 67 27.31 5.06 71.34
C ARG K 67 26.48 6.12 70.71
N ALA K 68 25.17 5.87 70.68
CA ALA K 68 24.21 6.80 70.10
C ALA K 68 24.26 8.15 70.79
N ILE K 69 24.50 8.15 72.11
CA ILE K 69 24.62 9.41 72.84
C ILE K 69 25.74 10.24 72.29
N TYR K 70 26.90 9.63 72.14
CA TYR K 70 28.06 10.34 71.69
C TYR K 70 27.97 10.69 70.22
N GLN K 71 27.31 9.83 69.45
CA GLN K 71 27.12 10.09 68.05
C GLN K 71 26.28 11.33 67.86
N GLY K 72 25.24 11.46 68.68
CA GLY K 72 24.37 12.64 68.62
C GLY K 72 25.16 13.89 68.91
N PHE K 73 26.00 13.82 69.94
CA PHE K 73 26.85 14.93 70.29
C PHE K 73 27.74 15.32 69.13
N GLY K 74 28.42 14.34 68.54
CA GLY K 74 29.32 14.59 67.42
C GLY K 74 28.60 15.23 66.25
N LEU K 75 27.43 14.71 65.93
CA LEU K 75 26.65 15.23 64.84
C LEU K 75 26.27 16.68 65.06
N LYS K 76 25.95 17.01 66.30
CA LYS K 76 25.61 18.37 66.66
C LYS K 76 26.79 19.30 66.45
N VAL K 77 27.98 18.84 66.83
CA VAL K 77 29.18 19.64 66.63
C VAL K 77 29.35 19.97 65.16
N ALA K 78 29.20 18.96 64.32
CA ALA K 78 29.34 19.12 62.89
C ALA K 78 28.27 20.05 62.32
N ARG K 79 27.05 19.95 62.84
CA ARG K 79 25.97 20.81 62.39
C ARG K 79 26.31 22.25 62.58
N ALA K 80 26.74 22.59 63.77
CA ALA K 80 27.12 23.95 64.09
C ALA K 80 28.24 24.40 63.19
N LEU K 81 29.19 23.52 62.97
CA LEU K 81 30.30 23.83 62.11
C LEU K 81 29.81 24.24 60.74
N ASN K 82 28.89 23.47 60.17
CA ASN K 82 28.36 23.80 58.85
C ASN K 82 27.58 25.11 58.82
N ARG K 83 26.80 25.38 59.86
CA ARG K 83 25.93 26.56 59.85
C ARG K 83 26.58 27.81 60.46
N ILE K 84 27.70 27.62 61.16
CA ILE K 84 28.42 28.74 61.77
C ILE K 84 29.82 28.90 61.21
N GLY K 85 30.54 27.80 61.12
CA GLY K 85 31.92 27.82 60.69
C GLY K 85 32.83 27.80 61.90
N SER K 86 34.10 27.46 61.68
CA SER K 86 35.03 27.36 62.79
C SER K 86 35.37 28.72 63.35
N GLY K 87 35.92 28.73 64.57
CA GLY K 87 36.29 29.97 65.22
C GLY K 87 35.44 30.23 66.45
N PRO K 88 35.66 31.38 67.07
CA PRO K 88 34.99 31.90 68.28
C PRO K 88 33.59 31.34 68.51
N ALA K 89 32.69 31.61 67.56
CA ALA K 89 31.30 31.21 67.73
C ALA K 89 31.16 29.71 67.91
N LEU K 90 31.97 28.94 67.21
CA LEU K 90 31.92 27.50 67.35
C LEU K 90 32.35 27.10 68.72
N VAL K 91 33.39 27.75 69.21
CA VAL K 91 33.88 27.50 70.55
C VAL K 91 32.79 27.73 71.57
N ASN K 92 32.08 28.83 71.42
CA ASN K 92 30.99 29.17 72.31
C ASN K 92 29.94 28.08 72.27
N MET K 93 29.64 27.61 71.08
CA MET K 93 28.67 26.57 70.89
C MET K 93 29.05 25.29 71.57
N ILE K 94 30.27 24.84 71.32
CA ILE K 94 30.70 23.55 71.84
C ILE K 94 30.71 23.54 73.34
N ASN K 95 31.15 24.63 73.95
CA ASN K 95 31.16 24.72 75.40
C ASN K 95 29.77 24.46 75.97
N GLY K 96 28.77 25.13 75.40
CA GLY K 96 27.41 24.94 75.85
C GLY K 96 26.91 23.56 75.57
N LEU K 97 27.25 23.05 74.38
CA LEU K 97 26.85 21.73 73.96
C LEU K 97 27.35 20.67 74.90
N LYS K 98 28.61 20.76 75.27
CA LYS K 98 29.16 19.81 76.20
C LYS K 98 28.41 19.87 77.50
N GLY K 99 28.13 21.06 77.99
CA GLY K 99 27.37 21.21 79.22
C GLY K 99 26.02 20.51 79.10
N TYR K 100 25.38 20.67 77.95
CA TYR K 100 24.12 20.04 77.67
C TYR K 100 24.20 18.54 77.84
N TYR K 101 25.11 17.90 77.14
CA TYR K 101 25.21 16.46 77.20
C TYR K 101 25.74 15.93 78.51
N ILE K 102 26.72 16.60 79.07
CA ILE K 102 27.30 16.14 80.30
C ILE K 102 26.32 16.09 81.42
N SER K 103 25.54 17.15 81.57
CA SER K 103 24.64 17.24 82.68
C SER K 103 23.22 16.77 82.39
N ALA K 104 22.78 16.88 81.14
CA ALA K 104 21.41 16.45 80.83
C ALA K 104 21.34 14.97 80.59
N PHE K 105 22.38 14.40 79.97
CA PHE K 105 22.36 13.00 79.62
C PHE K 105 23.43 12.21 80.32
N ASN K 106 24.17 12.87 81.20
CA ASN K 106 25.25 12.21 81.94
C ASN K 106 26.31 11.64 81.02
N ALA K 107 26.61 12.36 79.95
CA ALA K 107 27.65 11.94 79.04
C ALA K 107 29.01 12.16 79.67
N ASN K 108 29.98 11.29 79.36
CA ASN K 108 31.31 11.36 79.96
C ASN K 108 32.21 12.40 79.28
N PRO K 109 32.36 13.59 79.89
CA PRO K 109 33.21 14.71 79.45
C PRO K 109 34.45 14.27 78.67
N GLN K 110 35.15 13.28 79.20
CA GLN K 110 36.39 12.84 78.59
C GLN K 110 36.16 12.25 77.21
N VAL K 111 35.13 11.45 77.08
CA VAL K 111 34.81 10.86 75.80
C VAL K 111 34.31 11.93 74.87
N LEU K 112 33.56 12.88 75.41
CA LEU K 112 33.03 13.96 74.60
C LEU K 112 34.15 14.75 73.99
N ASP K 113 35.22 14.97 74.74
CA ASP K 113 36.37 15.65 74.24
C ASP K 113 37.06 14.85 73.17
N ALA K 114 37.05 13.53 73.32
CA ALA K 114 37.61 12.66 72.29
C ALA K 114 36.85 12.82 70.98
N VAL K 115 35.53 12.97 71.07
CA VAL K 115 34.72 13.19 69.88
C VAL K 115 35.08 14.51 69.21
N VAL K 116 35.17 15.57 70.01
CA VAL K 116 35.54 16.87 69.49
C VAL K 116 36.92 16.83 68.86
N ASN K 117 37.83 16.09 69.49
CA ASN K 117 39.19 15.91 69.00
C ASN K 117 39.27 15.32 67.60
N ILE K 118 38.18 14.75 67.12
CA ILE K 118 38.15 14.21 65.80
C ILE K 118 37.54 15.18 64.84
N ILE K 119 36.37 15.65 65.19
CA ILE K 119 35.62 16.53 64.31
C ILE K 119 36.32 17.84 64.10
N THR K 120 36.81 18.43 65.17
CA THR K 120 37.52 19.69 65.08
C THR K 120 39.00 19.44 64.98
N GLY K 121 39.44 18.35 65.58
CA GLY K 121 40.85 18.00 65.56
C GLY K 121 41.47 18.22 66.92
N SER K 122 40.75 18.91 67.79
CA SER K 122 41.20 19.18 69.13
C SER K 122 40.03 19.61 69.98
N PRO K 123 40.17 19.52 71.29
CA PRO K 123 39.22 20.00 72.27
C PRO K 123 39.05 21.49 72.07
N THR K 124 37.94 22.02 72.53
CA THR K 124 37.65 23.41 72.22
C THR K 124 38.25 24.36 73.23
N GLY K 125 37.53 25.45 73.53
CA GLY K 125 38.05 26.46 74.44
C GLY K 125 39.02 27.39 73.70
N TYR K 126 40.11 26.81 73.22
CA TYR K 126 41.08 27.50 72.43
C TYR K 126 40.90 27.12 70.98
N VAL K 127 41.14 28.06 70.09
CA VAL K 127 41.02 27.77 68.67
C VAL K 127 42.34 27.25 68.13
N SER K 128 42.34 26.00 67.69
CA SER K 128 43.54 25.40 67.15
C SER K 128 43.21 24.06 66.48
N SER L 1 24.48 -0.53 59.84
CA SER L 1 25.80 -0.30 59.27
C SER L 1 25.73 0.02 57.80
N ARG L 2 25.79 1.30 57.46
CA ARG L 2 25.71 1.73 56.05
C ARG L 2 26.62 2.91 55.75
N SER L 3 27.18 2.94 54.55
CA SER L 3 27.96 4.08 54.07
C SER L 3 27.01 5.15 53.62
N TYR L 4 27.52 6.32 53.28
CA TYR L 4 26.61 7.36 52.86
C TYR L 4 26.06 7.01 51.52
N SER L 5 26.83 6.26 50.74
CA SER L 5 26.39 5.92 49.42
C SER L 5 25.19 5.02 49.48
N GLN L 6 25.15 4.19 50.50
CA GLN L 6 24.01 3.34 50.74
C GLN L 6 22.86 4.13 51.30
N ARG L 7 23.16 5.05 52.20
CA ARG L 7 22.15 5.89 52.78
C ARG L 7 21.43 6.66 51.71
N TYR L 8 22.21 7.26 50.83
CA TYR L 8 21.69 8.00 49.72
C TYR L 8 20.94 7.15 48.77
N ALA L 9 21.54 6.05 48.36
CA ALA L 9 20.91 5.17 47.39
C ALA L 9 19.49 4.85 47.77
N LYS L 10 19.31 4.36 49.00
CA LYS L 10 17.99 3.98 49.42
C LYS L 10 17.11 5.19 49.61
N TRP L 11 17.66 6.27 50.15
CA TRP L 11 16.90 7.49 50.31
C TRP L 11 16.34 7.96 49.01
N GLN L 12 17.14 7.87 47.97
CA GLN L 12 16.73 8.28 46.66
C GLN L 12 15.59 7.46 46.17
N ALA L 13 15.71 6.15 46.34
CA ALA L 13 14.67 5.24 45.88
C ALA L 13 13.36 5.51 46.56
N LYS L 14 13.41 5.80 47.85
CA LYS L 14 12.22 6.03 48.61
C LYS L 14 11.63 7.38 48.33
N PHE L 15 12.49 8.36 48.08
CA PHE L 15 12.01 9.67 47.73
C PHE L 15 11.25 9.59 46.43
N ASN L 16 11.84 8.89 45.46
CA ASN L 16 11.23 8.72 44.17
C ASN L 16 9.88 8.08 44.30
N ALA L 17 9.82 7.01 45.08
CA ALA L 17 8.58 6.30 45.29
C ALA L 17 7.52 7.21 45.82
N PHE L 18 7.84 7.93 46.87
CA PHE L 18 6.88 8.81 47.50
C PHE L 18 6.35 9.87 46.58
N SER L 19 7.21 10.39 45.70
CA SER L 19 6.81 11.47 44.80
C SER L 19 5.71 11.05 43.80
N ASN L 20 5.50 9.75 43.65
CA ASN L 20 4.49 9.22 42.73
C ASN L 20 3.09 9.58 43.21
N PRO L 21 2.33 10.39 42.43
CA PRO L 21 0.96 10.84 42.71
C PRO L 21 0.16 9.85 43.53
N THR L 22 0.18 8.59 43.11
CA THR L 22 -0.60 7.57 43.75
C THR L 22 -0.06 7.24 45.10
N VAL L 23 1.25 7.08 45.20
CA VAL L 23 1.86 6.74 46.45
C VAL L 23 1.71 7.84 47.45
N ALA L 24 1.94 9.05 47.01
CA ALA L 24 1.84 10.20 47.89
C ALA L 24 0.45 10.31 48.46
N SER L 25 -0.54 10.28 47.60
CA SER L 25 -1.90 10.45 48.03
C SER L 25 -2.41 9.28 48.80
N THR L 26 -1.94 8.08 48.47
CA THR L 26 -2.38 6.91 49.20
C THR L 26 -1.97 7.01 50.62
N ILE L 27 -0.70 7.26 50.84
CA ILE L 27 -0.20 7.34 52.19
C ILE L 27 -0.79 8.49 52.93
N LEU L 28 -0.74 9.67 52.34
CA LEU L 28 -1.14 10.87 52.99
C LEU L 28 -2.62 10.91 53.30
N SER L 29 -3.43 10.38 52.41
CA SER L 29 -4.85 10.37 52.66
C SER L 29 -5.21 9.33 53.71
N ASN L 30 -4.41 8.28 53.82
CA ASN L 30 -4.66 7.27 54.83
C ASN L 30 -4.27 7.75 56.21
N VAL L 31 -3.21 8.54 56.30
CA VAL L 31 -2.75 9.00 57.60
C VAL L 31 -3.31 10.35 57.93
N SER L 32 -4.15 10.89 57.06
CA SER L 32 -4.78 12.18 57.30
C SER L 32 -5.39 12.29 58.71
N PRO L 33 -6.57 11.67 58.96
CA PRO L 33 -7.27 11.77 60.24
C PRO L 33 -6.38 11.37 61.44
N VAL L 34 -5.38 10.54 61.20
CA VAL L 34 -4.47 10.12 62.23
C VAL L 34 -3.59 11.27 62.61
N ALA L 35 -3.04 11.92 61.59
CA ALA L 35 -2.20 13.08 61.78
C ALA L 35 -2.94 14.16 62.49
N GLN L 36 -4.21 14.31 62.14
CA GLN L 36 -5.03 15.33 62.73
C GLN L 36 -5.13 15.13 64.20
N GLN L 37 -5.33 13.89 64.61
CA GLN L 37 -5.40 13.57 66.01
C GLN L 37 -4.13 13.90 66.72
N ASN L 38 -3.01 13.54 66.12
CA ASN L 38 -1.72 13.73 66.73
C ASN L 38 -1.39 15.20 66.86
N PHE L 39 -1.71 15.96 65.82
CA PHE L 39 -1.48 17.39 65.84
C PHE L 39 -2.33 18.04 66.90
N GLN L 40 -3.60 17.71 66.92
CA GLN L 40 -4.51 18.28 67.88
C GLN L 40 -4.12 17.96 69.29
N THR L 41 -3.61 16.76 69.50
CA THR L 41 -3.27 16.34 70.83
C THR L 41 -2.06 17.06 71.41
N ASN L 42 -0.96 17.09 70.67
CA ASN L 42 0.27 17.62 71.25
C ASN L 42 0.56 19.08 70.97
N VAL L 43 -0.08 19.69 69.98
CA VAL L 43 0.27 21.07 69.65
C VAL L 43 -0.23 22.17 70.61
N PRO L 44 -1.54 22.22 70.95
CA PRO L 44 -2.10 23.26 71.83
C PRO L 44 -1.36 23.34 73.16
N LYS L 45 -0.69 22.25 73.54
CA LYS L 45 0.12 22.20 74.74
C LYS L 45 1.23 23.21 74.69
N PHE L 46 1.82 23.39 73.51
CA PHE L 46 2.93 24.30 73.33
C PHE L 46 2.45 25.68 72.99
N THR L 47 1.27 25.77 72.40
CA THR L 47 0.71 27.06 72.09
C THR L 47 0.46 27.84 73.37
N SER L 48 -0.07 27.15 74.39
CA SER L 48 -0.31 27.78 75.67
C SER L 48 0.99 28.25 76.31
N VAL L 49 2.06 27.52 76.04
CA VAL L 49 3.37 27.91 76.53
C VAL L 49 3.79 29.18 75.90
N ASN L 50 3.60 29.28 74.60
CA ASN L 50 3.98 30.46 73.87
C ASN L 50 3.29 31.69 74.38
N GLU L 51 2.00 31.58 74.71
CA GLU L 51 1.28 32.74 75.23
C GLU L 51 1.88 33.21 76.55
N ASN L 52 2.02 32.30 77.50
CA ASN L 52 2.53 32.69 78.81
C ASN L 52 3.97 33.13 78.77
N VAL L 53 4.80 32.41 78.05
CA VAL L 53 6.20 32.76 77.94
C VAL L 53 6.38 34.10 77.30
N SER L 54 5.61 34.34 76.24
CA SER L 54 5.68 35.60 75.55
C SER L 54 5.33 36.73 76.50
N ALA L 55 4.28 36.54 77.28
CA ALA L 55 3.86 37.55 78.24
C ALA L 55 5.00 37.90 79.17
N VAL L 56 5.70 36.88 79.67
CA VAL L 56 6.83 37.08 80.54
C VAL L 56 7.90 37.89 79.89
N LEU L 57 8.21 37.55 78.65
CA LEU L 57 9.26 38.23 77.92
C LEU L 57 8.94 39.69 77.75
N THR L 58 7.67 40.01 77.57
CA THR L 58 7.25 41.40 77.50
C THR L 58 7.48 42.10 78.82
N GLN L 59 7.18 41.42 79.92
CA GLN L 59 7.44 41.99 81.25
C GLN L 59 8.95 42.18 81.51
N TYR L 60 9.78 41.34 80.90
CA TYR L 60 11.23 41.49 81.01
C TYR L 60 11.84 42.42 79.95
N GLY L 61 11.01 42.99 79.09
CA GLY L 61 11.52 43.95 78.12
C GLY L 61 12.25 43.29 76.94
N ILE L 62 12.02 42.00 76.75
CA ILE L 62 12.72 41.26 75.71
C ILE L 62 12.05 41.44 74.37
N THR L 63 12.82 41.83 73.35
CA THR L 63 12.25 42.08 72.03
C THR L 63 13.00 41.34 70.93
N GLY L 64 12.36 41.24 69.79
CA GLY L 64 12.98 40.66 68.61
C GLY L 64 13.34 39.20 68.82
N PRO L 65 14.41 38.78 68.15
CA PRO L 65 14.96 37.45 68.17
C PRO L 65 15.38 37.02 69.54
N ASN L 66 15.54 37.97 70.44
CA ASN L 66 15.90 37.62 71.78
C ASN L 66 14.74 36.90 72.44
N ARG L 67 13.53 37.26 72.04
CA ARG L 67 12.36 36.58 72.55
C ARG L 67 12.38 35.19 72.06
N ALA L 68 12.73 35.04 70.78
CA ALA L 68 12.80 33.73 70.13
C ALA L 68 13.78 32.81 70.82
N ILE L 69 14.87 33.36 71.35
CA ILE L 69 15.82 32.56 72.09
C ILE L 69 15.13 31.89 73.25
N TYR L 70 14.38 32.68 73.99
CA TYR L 70 13.72 32.17 75.17
C TYR L 70 12.52 31.31 74.81
N GLN L 71 11.89 31.60 73.67
CA GLN L 71 10.80 30.77 73.22
C GLN L 71 11.29 29.39 72.89
N GLY L 72 12.45 29.31 72.23
CA GLY L 72 13.05 28.04 71.89
C GLY L 72 13.36 27.25 73.15
N PHE L 73 13.95 27.93 74.12
CA PHE L 73 14.25 27.33 75.38
C PHE L 73 13.01 26.78 76.06
N GLY L 74 12.00 27.62 76.19
CA GLY L 74 10.76 27.23 76.86
C GLY L 74 10.11 26.06 76.18
N LEU L 75 10.03 26.10 74.87
CA LEU L 75 9.42 25.03 74.12
C LEU L 75 10.15 23.73 74.34
N LYS L 76 11.46 23.79 74.40
CA LYS L 76 12.27 22.62 74.62
C LYS L 76 12.07 22.06 76.01
N VAL L 77 11.89 22.95 76.99
CA VAL L 77 11.57 22.51 78.34
C VAL L 77 10.28 21.72 78.36
N ALA L 78 9.26 22.27 77.69
CA ALA L 78 7.96 21.64 77.61
C ALA L 78 8.04 20.30 76.90
N ARG L 79 8.85 20.23 75.85
CA ARG L 79 9.05 18.98 75.15
C ARG L 79 9.49 17.89 76.07
N ALA L 80 10.53 18.17 76.85
CA ALA L 80 11.07 17.21 77.79
C ALA L 80 10.02 16.81 78.79
N LEU L 81 9.23 17.77 79.23
CA LEU L 81 8.17 17.47 80.15
C LEU L 81 7.24 16.43 79.56
N ASN L 82 6.83 16.61 78.31
CA ASN L 82 5.94 15.63 77.68
C ASN L 82 6.56 14.25 77.54
N ARG L 83 7.81 14.18 77.09
CA ARG L 83 8.44 12.90 76.79
C ARG L 83 9.03 12.21 78.02
N ILE L 84 9.38 12.98 79.04
CA ILE L 84 9.94 12.45 80.27
C ILE L 84 8.94 12.46 81.41
N GLY L 85 8.32 13.61 81.61
CA GLY L 85 7.40 13.78 82.74
C GLY L 85 8.13 14.47 83.86
N SER L 86 7.40 15.05 84.80
CA SER L 86 8.04 15.79 85.88
C SER L 86 8.76 14.86 86.82
N GLY L 87 9.69 15.43 87.59
CA GLY L 87 10.47 14.64 88.53
C GLY L 87 11.95 14.68 88.17
N PRO L 88 12.76 13.98 88.96
CA PRO L 88 14.22 13.83 88.86
C PRO L 88 14.77 14.02 87.46
N ALA L 89 14.38 13.14 86.54
CA ALA L 89 14.92 13.16 85.19
C ALA L 89 14.69 14.48 84.50
N LEU L 90 13.53 15.09 84.74
CA LEU L 90 13.25 16.36 84.11
C LEU L 90 14.17 17.40 84.63
N VAL L 91 14.39 17.40 85.92
CA VAL L 91 15.30 18.34 86.53
C VAL L 91 16.69 18.18 85.95
N ASN L 92 17.13 16.94 85.79
CA ASN L 92 18.42 16.67 85.19
C ASN L 92 18.50 17.29 83.81
N MET L 93 17.43 17.10 83.05
CA MET L 93 17.35 17.66 81.73
C MET L 93 17.44 19.16 81.73
N ILE L 94 16.61 19.79 82.56
CA ILE L 94 16.53 21.23 82.58
C ILE L 94 17.84 21.84 82.97
N ASN L 95 18.52 21.25 83.95
CA ASN L 95 19.80 21.77 84.37
C ASN L 95 20.77 21.87 83.20
N GLY L 96 20.84 20.81 82.40
CA GLY L 96 21.73 20.80 81.25
C GLY L 96 21.25 21.75 80.18
N LEU L 97 19.95 21.78 79.97
CA LEU L 97 19.36 22.65 78.98
C LEU L 97 19.60 24.11 79.28
N LYS L 98 19.37 24.48 80.52
CA LYS L 98 19.60 25.84 80.94
C LYS L 98 21.02 26.25 80.69
N GLY L 99 21.97 25.47 81.19
CA GLY L 99 23.40 25.76 81.01
C GLY L 99 23.74 25.87 79.55
N TYR L 100 23.18 24.96 78.75
CA TYR L 100 23.34 24.96 77.31
C TYR L 100 23.02 26.28 76.71
N TYR L 101 21.83 26.79 76.96
CA TYR L 101 21.43 28.07 76.42
C TYR L 101 22.24 29.24 76.95
N ILE L 102 22.60 29.19 78.22
CA ILE L 102 23.34 30.28 78.81
C ILE L 102 24.65 30.49 78.11
N SER L 103 25.39 29.41 77.90
CA SER L 103 26.71 29.53 77.33
C SER L 103 26.76 29.37 75.84
N ALA L 104 25.85 28.61 75.26
CA ALA L 104 25.86 28.41 73.81
C ALA L 104 25.31 29.62 73.10
N PHE L 105 24.26 30.22 73.66
CA PHE L 105 23.59 31.32 72.99
C PHE L 105 23.60 32.59 73.79
N ASN L 106 24.33 32.59 74.89
CA ASN L 106 24.40 33.76 75.75
C ASN L 106 23.03 34.15 76.28
N ALA L 107 22.21 33.16 76.59
CA ALA L 107 20.90 33.44 77.15
C ALA L 107 21.04 33.89 78.58
N ASN L 108 20.18 34.81 79.00
CA ASN L 108 20.26 35.38 80.34
C ASN L 108 19.55 34.53 81.39
N PRO L 109 20.32 33.81 82.24
CA PRO L 109 19.87 32.97 83.37
C PRO L 109 18.59 33.49 84.02
N GLN L 110 18.51 34.78 84.25
CA GLN L 110 17.35 35.37 84.91
C GLN L 110 16.08 35.15 84.14
N VAL L 111 16.13 35.39 82.85
CA VAL L 111 14.96 35.23 82.05
C VAL L 111 14.69 33.77 81.88
N LEU L 112 15.75 32.97 81.76
CA LEU L 112 15.61 31.53 81.59
C LEU L 112 14.86 30.94 82.75
N ASP L 113 15.18 31.42 83.95
CA ASP L 113 14.50 30.97 85.13
C ASP L 113 13.06 31.37 85.10
N ALA L 114 12.79 32.58 84.64
CA ALA L 114 11.42 33.04 84.52
C ALA L 114 10.61 32.14 83.63
N VAL L 115 11.21 31.71 82.52
CA VAL L 115 10.54 30.80 81.61
C VAL L 115 10.21 29.49 82.29
N VAL L 116 11.18 28.94 83.01
CA VAL L 116 10.97 27.70 83.74
C VAL L 116 9.89 27.88 84.81
N ASN L 117 9.86 29.06 85.42
CA ASN L 117 8.89 29.37 86.45
C ASN L 117 7.47 29.49 85.93
N ILE L 118 7.28 29.38 84.62
CA ILE L 118 5.98 29.35 84.04
C ILE L 118 5.61 27.96 83.71
N ILE L 119 6.48 27.29 82.99
CA ILE L 119 6.23 25.95 82.53
C ILE L 119 6.17 24.96 83.68
N THR L 120 7.15 25.02 84.56
CA THR L 120 7.18 24.12 85.70
C THR L 120 6.56 24.77 86.89
N GLY L 121 6.76 26.08 86.99
CA GLY L 121 6.23 26.83 88.11
C GLY L 121 7.32 27.10 89.13
N SER L 122 8.44 26.42 89.00
CA SER L 122 9.53 26.58 89.94
C SER L 122 10.86 26.38 89.25
N PRO L 123 11.93 26.95 89.80
CA PRO L 123 13.31 26.86 89.36
C PRO L 123 13.77 25.42 89.38
N THR L 124 14.80 25.15 88.62
CA THR L 124 15.36 23.82 88.55
C THR L 124 16.42 23.61 89.60
N GLY L 125 17.49 22.90 89.25
CA GLY L 125 18.57 22.64 90.20
C GLY L 125 18.24 21.45 91.08
N TYR L 126 17.19 21.60 91.90
CA TYR L 126 16.72 20.55 92.78
C TYR L 126 15.24 20.26 92.53
N VAL L 127 14.83 19.03 92.81
CA VAL L 127 13.45 18.63 92.59
C VAL L 127 12.52 19.35 93.54
N SER L 128 11.54 20.08 92.98
CA SER L 128 10.59 20.82 93.80
C SER L 128 9.36 21.25 92.99
N SER M 1 5.31 11.76 72.22
CA SER M 1 4.96 10.47 72.78
C SER M 1 3.66 9.94 72.19
N ARG M 2 3.53 8.61 72.16
CA ARG M 2 2.37 7.97 71.54
C ARG M 2 1.80 6.85 72.38
N SER M 3 0.49 6.90 72.61
CA SER M 3 -0.24 5.85 73.31
C SER M 3 -0.50 4.70 72.38
N TYR M 4 -0.94 3.58 72.92
CA TYR M 4 -1.28 2.44 72.08
C TYR M 4 -2.25 2.79 71.00
N SER M 5 -3.31 3.50 71.37
CA SER M 5 -4.31 3.90 70.40
C SER M 5 -3.64 4.58 69.22
N GLN M 6 -2.72 5.48 69.51
CA GLN M 6 -1.99 6.19 68.48
C GLN M 6 -1.04 5.29 67.72
N ARG M 7 -0.35 4.40 68.43
CA ARG M 7 0.60 3.50 67.80
C ARG M 7 -0.07 2.70 66.74
N TYR M 8 -1.16 2.08 67.11
CA TYR M 8 -1.91 1.23 66.23
C TYR M 8 -2.54 2.01 65.12
N ALA M 9 -3.18 3.12 65.45
CA ALA M 9 -3.86 3.91 64.45
C ALA M 9 -2.98 4.19 63.26
N LYS M 10 -1.80 4.72 63.51
CA LYS M 10 -0.92 5.08 62.43
C LYS M 10 -0.37 3.86 61.73
N TRP M 11 -0.06 2.81 62.51
CA TRP M 11 0.41 1.57 61.92
C TRP M 11 -0.57 1.06 60.92
N GLN M 12 -1.84 1.13 61.26
CA GLN M 12 -2.86 0.64 60.40
C GLN M 12 -2.93 1.42 59.13
N ALA M 13 -2.85 2.73 59.24
CA ALA M 13 -2.92 3.60 58.09
C ALA M 13 -1.81 3.31 57.12
N LYS M 14 -0.61 3.09 57.63
CA LYS M 14 0.53 2.85 56.80
C LYS M 14 0.50 1.47 56.22
N PHE M 15 0.01 0.51 56.98
CA PHE M 15 -0.12 -0.83 56.47
C PHE M 15 -1.06 -0.85 55.29
N ASN M 16 -2.21 -0.20 55.46
CA ASN M 16 -3.20 -0.12 54.42
C ASN M 16 -2.62 0.49 53.17
N ALA M 17 -1.91 1.59 53.33
CA ALA M 17 -1.30 2.28 52.22
C ALA M 17 -0.39 1.36 51.45
N PHE M 18 0.51 0.70 52.17
CA PHE M 18 1.46 -0.19 51.54
C PHE M 18 0.81 -1.30 50.76
N SER M 19 -0.30 -1.84 51.27
CA SER M 19 -0.95 -2.97 50.61
C SER M 19 -1.48 -2.64 49.21
N ASN M 20 -1.59 -1.35 48.89
CA ASN M 20 -2.05 -0.92 47.58
C ASN M 20 -1.07 -1.34 46.47
N PRO M 21 -1.51 -2.21 45.53
CA PRO M 21 -0.74 -2.73 44.39
C PRO M 21 0.33 -1.79 43.88
N THR M 22 -0.05 -0.54 43.67
CA THR M 22 0.83 0.41 43.03
C THR M 22 1.81 0.97 44.00
N VAL M 23 1.43 1.04 45.25
CA VAL M 23 2.29 1.57 46.25
C VAL M 23 3.35 0.58 46.58
N ALA M 24 2.93 -0.65 46.78
CA ALA M 24 3.86 -1.70 47.08
C ALA M 24 4.87 -1.87 45.98
N SER M 25 4.39 -1.93 44.75
CA SER M 25 5.27 -2.15 43.63
C SER M 25 6.14 -0.96 43.34
N THR M 26 5.63 0.23 43.57
CA THR M 26 6.44 1.42 43.38
C THR M 26 7.62 1.39 44.29
N ILE M 27 7.35 1.22 45.55
CA ILE M 27 8.40 1.23 46.53
C ILE M 27 9.37 0.10 46.33
N LEU M 28 8.83 -1.11 46.24
CA LEU M 28 9.64 -2.29 46.18
C LEU M 28 10.48 -2.38 44.93
N SER M 29 9.92 -1.94 43.80
CA SER M 29 10.68 -1.96 42.57
C SER M 29 11.75 -0.89 42.57
N ASN M 30 11.50 0.22 43.28
CA ASN M 30 12.50 1.26 43.36
C ASN M 30 13.65 0.88 44.24
N VAL M 31 13.39 0.14 45.31
CA VAL M 31 14.45 -0.23 46.23
C VAL M 31 15.00 -1.59 45.92
N SER M 32 14.51 -2.21 44.86
CA SER M 32 15.01 -3.51 44.45
C SER M 32 16.55 -3.57 44.41
N PRO M 33 17.18 -3.01 43.36
CA PRO M 33 18.64 -3.07 43.16
C PRO M 33 19.42 -2.59 44.40
N VAL M 34 18.81 -1.71 45.20
CA VAL M 34 19.45 -1.21 46.38
C VAL M 34 19.52 -2.30 47.41
N ALA M 35 18.40 -2.95 47.64
CA ALA M 35 18.33 -4.05 48.58
C ALA M 35 19.24 -5.15 48.16
N GLN M 36 19.32 -5.39 46.85
CA GLN M 36 20.16 -6.43 46.32
C GLN M 36 21.57 -6.22 46.70
N GLN M 37 22.01 -4.98 46.57
CA GLN M 37 23.35 -4.62 46.95
C GLN M 37 23.61 -4.91 48.41
N ASN M 38 22.68 -4.50 49.25
CA ASN M 38 22.85 -4.67 50.67
C ASN M 38 22.86 -6.12 51.09
N PHE M 39 22.01 -6.91 50.47
CA PHE M 39 21.94 -8.32 50.76
C PHE M 39 23.22 -8.99 50.38
N GLN M 40 23.69 -8.71 49.17
CA GLN M 40 24.92 -9.29 48.67
C GLN M 40 26.10 -8.84 49.47
N THR M 41 26.10 -7.60 49.91
CA THR M 41 27.23 -7.06 50.63
C THR M 41 27.43 -7.71 51.99
N ASN M 42 26.36 -7.85 52.76
CA ASN M 42 26.52 -8.34 54.13
C ASN M 42 26.26 -9.82 54.33
N VAL M 43 25.34 -10.41 53.58
CA VAL M 43 24.93 -11.79 53.89
C VAL M 43 26.06 -12.84 53.84
N PRO M 44 26.93 -12.85 52.83
CA PRO M 44 28.07 -13.74 52.66
C PRO M 44 28.96 -13.75 53.89
N LYS M 45 28.99 -12.63 54.61
CA LYS M 45 29.81 -12.50 55.79
C LYS M 45 29.32 -13.41 56.89
N PHE M 46 28.02 -13.63 56.93
CA PHE M 46 27.41 -14.44 57.95
C PHE M 46 27.29 -15.87 57.50
N THR M 47 27.24 -16.09 56.20
CA THR M 47 27.22 -17.44 55.70
C THR M 47 28.50 -18.14 56.04
N SER M 48 29.62 -17.44 55.87
CA SER M 48 30.91 -18.01 56.21
C SER M 48 31.00 -18.35 57.68
N VAL M 49 30.29 -17.59 58.51
CA VAL M 49 30.22 -17.87 59.94
C VAL M 49 29.46 -19.13 60.18
N ASN M 50 28.32 -19.26 59.54
CA ASN M 50 27.51 -20.45 59.68
C ASN M 50 28.28 -21.67 59.31
N GLU M 51 29.09 -21.55 58.27
CA GLU M 51 29.90 -22.66 57.81
C GLU M 51 30.97 -23.05 58.78
N ASN M 52 31.76 -22.08 59.20
CA ASN M 52 32.87 -22.37 60.07
C ASN M 52 32.41 -22.81 61.43
N VAL M 53 31.36 -22.18 61.94
CA VAL M 53 30.80 -22.57 63.22
C VAL M 53 30.23 -23.97 63.13
N SER M 54 29.58 -24.28 62.02
CA SER M 54 29.05 -25.61 61.82
C SER M 54 30.16 -26.63 61.92
N ALA M 55 31.29 -26.35 61.27
CA ALA M 55 32.42 -27.26 61.32
C ALA M 55 32.81 -27.54 62.74
N VAL M 56 32.90 -26.49 63.54
CA VAL M 56 33.23 -26.61 64.94
C VAL M 56 32.26 -27.50 65.67
N LEU M 57 30.98 -27.24 65.46
CA LEU M 57 29.96 -27.96 66.16
C LEU M 57 29.97 -29.44 65.84
N THR M 58 30.32 -29.77 64.61
CA THR M 58 30.46 -31.16 64.24
C THR M 58 31.62 -31.79 64.99
N GLN M 59 32.72 -31.06 65.14
CA GLN M 59 33.86 -31.54 65.91
C GLN M 59 33.50 -31.75 67.39
N TYR M 60 32.58 -30.94 67.91
CA TYR M 60 32.15 -31.09 69.30
C TYR M 60 30.96 -32.03 69.47
N GLY M 61 30.50 -32.65 68.40
CA GLY M 61 29.44 -33.62 68.52
C GLY M 61 28.07 -32.99 68.75
N ILE M 62 27.93 -31.72 68.41
CA ILE M 62 26.69 -31.02 68.65
C ILE M 62 25.70 -31.27 67.54
N THR M 63 24.49 -31.69 67.91
CA THR M 63 23.47 -32.02 66.91
C THR M 63 22.15 -31.32 67.19
N GLY M 64 21.30 -31.29 66.18
CA GLY M 64 19.97 -30.75 66.31
C GLY M 64 19.99 -29.28 66.67
N PRO M 65 18.98 -28.84 67.41
CA PRO M 65 18.74 -27.50 67.87
C PRO M 65 19.88 -27.00 68.72
N ASN M 66 20.69 -27.90 69.24
CA ASN M 66 21.81 -27.49 70.04
C ASN M 66 22.81 -26.78 69.16
N ARG M 67 22.88 -27.17 67.89
CA ARG M 67 23.75 -26.50 66.97
C ARG M 67 23.23 -25.13 66.76
N ALA M 68 21.91 -25.03 66.64
CA ALA M 68 21.24 -23.75 66.41
C ALA M 68 21.54 -22.77 67.54
N ILE M 69 21.65 -23.26 68.76
CA ILE M 69 21.99 -22.40 69.88
C ILE M 69 23.31 -21.73 69.66
N TYR M 70 24.31 -22.52 69.31
CA TYR M 70 25.64 -22.00 69.14
C TYR M 70 25.75 -21.17 67.88
N GLN M 71 24.99 -21.53 66.86
CA GLN M 71 24.98 -20.77 65.63
C GLN M 71 24.45 -19.37 65.89
N GLY M 72 23.40 -19.28 66.70
CA GLY M 72 22.83 -17.98 67.04
C GLY M 72 23.86 -17.13 67.75
N PHE M 73 24.56 -17.73 68.70
CA PHE M 73 25.61 -17.05 69.42
C PHE M 73 26.66 -16.52 68.47
N GLY M 74 27.15 -17.37 67.58
CA GLY M 74 28.18 -16.99 66.62
C GLY M 74 27.72 -15.84 65.75
N LEU M 75 26.50 -15.93 65.25
CA LEU M 75 25.96 -14.90 64.40
C LEU M 75 25.89 -13.57 65.12
N LYS M 76 25.55 -13.60 66.39
CA LYS M 76 25.51 -12.40 67.20
C LYS M 76 26.86 -11.77 67.34
N VAL M 77 27.88 -12.60 67.52
CA VAL M 77 29.24 -12.09 67.62
C VAL M 77 29.62 -11.34 66.37
N ALA M 78 29.32 -11.95 65.22
CA ALA M 78 29.60 -11.35 63.94
C ALA M 78 28.84 -10.05 63.73
N ARG M 79 27.58 -10.03 64.18
CA ARG M 79 26.76 -8.84 64.05
C ARG M 79 27.39 -7.65 64.73
N ALA M 80 27.80 -7.86 65.96
CA ALA M 80 28.44 -6.82 66.73
C ALA M 80 29.72 -6.39 66.06
N LEU M 81 30.46 -7.34 65.54
CA LEU M 81 31.67 -7.02 64.85
C LEU M 81 31.40 -6.08 63.71
N ASN M 82 30.39 -6.37 62.91
CA ASN M 82 30.06 -5.49 61.78
C ASN M 82 29.60 -4.10 62.20
N ARG M 83 28.82 -4.01 63.27
CA ARG M 83 28.24 -2.73 63.67
C ARG M 83 29.10 -1.96 64.67
N ILE M 84 30.08 -2.64 65.27
CA ILE M 84 30.99 -2.00 66.23
C ILE M 84 32.42 -2.00 65.75
N GLY M 85 32.88 -3.15 65.30
CA GLY M 85 34.27 -3.32 64.90
C GLY M 85 35.04 -3.95 66.03
N SER M 86 36.20 -4.50 65.72
CA SER M 86 37.00 -5.18 66.73
C SER M 86 37.58 -4.22 67.73
N GLY M 87 38.01 -4.75 68.87
CA GLY M 87 38.60 -3.93 69.92
C GLY M 87 37.72 -3.91 71.16
N PRO M 88 38.13 -3.12 72.15
CA PRO M 88 37.51 -2.89 73.46
C PRO M 88 36.00 -3.13 73.47
N ALA M 89 35.27 -2.35 72.68
CA ALA M 89 33.81 -2.44 72.68
C ALA M 89 33.32 -3.84 72.33
N LEU M 90 34.00 -4.50 71.41
CA LEU M 90 33.62 -5.84 71.04
C LEU M 90 33.82 -6.76 72.19
N VAL M 91 34.94 -6.59 72.88
CA VAL M 91 35.24 -7.40 74.04
C VAL M 91 34.15 -7.27 75.07
N ASN M 92 33.72 -6.04 75.32
CA ASN M 92 32.66 -5.78 76.27
C ASN M 92 31.39 -6.49 75.86
N MET M 93 31.10 -6.44 74.56
CA MET M 93 29.94 -7.09 74.03
C MET M 93 29.97 -8.58 74.22
N ILE M 94 31.07 -9.21 73.84
CA ILE M 94 31.16 -10.65 73.88
C ILE M 94 31.03 -11.18 75.28
N ASN M 95 31.65 -10.49 76.23
CA ASN M 95 31.55 -10.90 77.63
C ASN M 95 30.10 -10.99 78.06
N GLY M 96 29.32 -9.95 77.75
CA GLY M 96 27.93 -9.95 78.12
C GLY M 96 27.16 -10.99 77.36
N LEU M 97 27.47 -11.13 76.07
CA LEU M 97 26.81 -12.09 75.22
C LEU M 97 26.99 -13.50 75.73
N LYS M 98 28.19 -13.85 76.12
CA LYS M 98 28.44 -15.14 76.66
C LYS M 98 27.61 -15.37 77.90
N GLY M 99 27.56 -14.36 78.77
CA GLY M 99 26.75 -14.46 79.98
C GLY M 99 25.30 -14.74 79.61
N TYR M 100 24.82 -14.06 78.58
CA TYR M 100 23.47 -14.23 78.10
C TYR M 100 23.19 -15.66 77.75
N TYR M 101 24.00 -16.23 76.86
CA TYR M 101 23.77 -17.59 76.42
C TYR M 101 24.05 -18.64 77.46
N ILE M 102 25.10 -18.46 78.24
CA ILE M 102 25.46 -19.43 79.22
C ILE M 102 24.38 -19.61 80.25
N SER M 103 23.87 -18.51 80.76
CA SER M 103 22.92 -18.59 81.83
C SER M 103 21.46 -18.57 81.39
N ALA M 104 21.16 -17.95 80.25
CA ALA M 104 19.77 -17.91 79.82
C ALA M 104 19.38 -19.15 79.08
N PHE M 105 20.32 -19.71 78.30
CA PHE M 105 20.00 -20.87 77.49
C PHE M 105 20.81 -22.09 77.87
N ASN M 106 21.61 -21.96 78.92
CA ASN M 106 22.43 -23.06 79.39
C ASN M 106 23.42 -23.52 78.34
N ALA M 107 23.97 -22.59 77.58
CA ALA M 107 24.96 -22.91 76.58
C ALA M 107 26.28 -23.25 77.26
N ASN M 108 27.04 -24.16 76.67
CA ASN M 108 28.30 -24.62 77.26
C ASN M 108 29.46 -23.67 76.98
N PRO M 109 29.82 -22.83 77.97
CA PRO M 109 30.94 -21.87 77.95
C PRO M 109 32.11 -22.30 77.08
N GLN M 110 32.53 -23.55 77.22
CA GLN M 110 33.68 -24.04 76.51
C GLN M 110 33.45 -24.06 75.00
N VAL M 111 32.28 -24.50 74.60
CA VAL M 111 31.95 -24.53 73.20
C VAL M 111 31.79 -23.13 72.69
N LEU M 112 31.22 -22.26 73.53
CA LEU M 112 31.02 -20.87 73.15
C LEU M 112 32.34 -20.21 72.83
N ASP M 113 33.34 -20.53 73.63
CA ASP M 113 34.67 -20.01 73.40
C ASP M 113 35.25 -20.55 72.12
N ALA M 114 34.93 -21.81 71.80
CA ALA M 114 35.36 -22.39 70.54
C ALA M 114 34.77 -21.61 69.36
N VAL M 115 33.53 -21.18 69.50
CA VAL M 115 32.89 -20.39 68.45
C VAL M 115 33.60 -19.06 68.29
N VAL M 116 33.86 -18.39 69.40
CA VAL M 116 34.54 -17.10 69.37
C VAL M 116 35.95 -17.27 68.77
N ASN M 117 36.60 -18.37 69.12
CA ASN M 117 37.93 -18.70 68.59
C ASN M 117 37.99 -18.79 67.08
N ILE M 118 36.84 -18.88 66.42
CA ILE M 118 36.81 -18.92 64.99
C ILE M 118 36.52 -17.57 64.43
N ILE M 119 35.45 -16.98 64.91
CA ILE M 119 35.00 -15.71 64.39
C ILE M 119 36.00 -14.60 64.64
N THR M 120 36.51 -14.54 65.86
CA THR M 120 37.49 -13.54 66.22
C THR M 120 38.88 -14.09 66.04
N GLY M 121 39.01 -15.39 66.22
CA GLY M 121 40.30 -16.05 66.08
C GLY M 121 40.83 -16.45 67.44
N SER M 122 40.20 -15.93 68.50
CA SER M 122 40.60 -16.25 69.86
C SER M 122 39.49 -15.86 70.79
N PRO M 123 39.48 -16.42 71.99
CA PRO M 123 38.59 -16.09 73.07
C PRO M 123 38.78 -14.63 73.40
N THR M 124 37.78 -14.02 74.00
CA THR M 124 37.83 -12.59 74.20
C THR M 124 38.53 -12.21 75.48
N GLY M 125 38.07 -11.14 76.14
CA GLY M 125 38.73 -10.65 77.35
C GLY M 125 39.92 -9.79 76.97
N TYR M 126 40.90 -10.42 76.33
CA TYR M 126 42.06 -9.76 75.84
C TYR M 126 41.93 -9.58 74.35
N VAL M 127 42.45 -8.48 73.83
CA VAL M 127 42.40 -8.24 72.40
C VAL M 127 43.61 -8.85 71.72
N SER M 128 43.37 -9.83 70.87
CA SER M 128 44.43 -10.49 70.15
C SER M 128 43.87 -11.40 69.08
N SER N 1 20.74 -27.04 54.24
CA SER N 1 22.12 -26.96 53.80
C SER N 1 22.25 -26.15 52.52
N ARG N 2 22.63 -24.88 52.65
CA ARG N 2 22.76 -24.00 51.48
C ARG N 2 23.93 -23.04 51.61
N SER N 3 24.58 -22.76 50.49
CA SER N 3 25.65 -21.74 50.43
C SER N 3 25.01 -20.39 50.38
N TYR N 4 25.80 -19.33 50.48
CA TYR N 4 25.19 -18.03 50.44
C TYR N 4 24.69 -17.76 49.07
N SER N 5 25.33 -18.36 48.07
CA SER N 5 24.94 -18.12 46.71
C SER N 5 23.57 -18.67 46.46
N GLN N 6 23.25 -19.76 47.13
CA GLN N 6 21.94 -20.34 47.04
C GLN N 6 20.95 -19.54 47.84
N ARG N 7 21.37 -19.07 49.01
CA ARG N 7 20.53 -18.26 49.85
C ARG N 7 20.10 -17.02 49.11
N TYR N 8 21.06 -16.37 48.49
CA TYR N 8 20.82 -15.20 47.71
C TYR N 8 19.98 -15.48 46.52
N ALA N 9 20.35 -16.49 45.75
CA ALA N 9 19.63 -16.80 44.53
C ALA N 9 18.15 -16.89 44.78
N LYS N 10 17.75 -17.69 45.75
CA LYS N 10 16.36 -17.86 46.02
C LYS N 10 15.76 -16.62 46.60
N TRP N 11 16.49 -15.95 47.49
CA TRP N 11 16.01 -14.70 48.07
C TRP N 11 15.68 -13.70 47.01
N GLN N 12 16.53 -13.63 46.01
CA GLN N 12 16.34 -12.71 44.92
C GLN N 12 15.09 -13.03 44.17
N ALA N 13 14.89 -14.30 43.87
CA ALA N 13 13.73 -14.72 43.12
C ALA N 13 12.46 -14.39 43.85
N LYS N 14 12.46 -14.58 45.16
CA LYS N 14 11.28 -14.33 45.95
C LYS N 14 11.05 -12.87 46.16
N PHE N 15 12.11 -12.11 46.26
CA PHE N 15 11.97 -10.67 46.39
C PHE N 15 11.34 -10.13 45.13
N ASN N 16 11.84 -10.58 43.99
CA ASN N 16 11.32 -10.15 42.71
C ASN N 16 9.85 -10.46 42.61
N ALA N 17 9.48 -11.68 42.98
CA ALA N 17 8.10 -12.10 42.91
C ALA N 17 7.23 -11.19 43.73
N PHE N 18 7.61 -10.96 44.98
CA PHE N 18 6.83 -10.14 45.87
C PHE N 18 6.64 -8.75 45.36
N SER N 19 7.66 -8.18 44.72
CA SER N 19 7.58 -6.79 44.25
C SER N 19 6.52 -6.58 43.17
N ASN N 20 6.03 -7.67 42.57
CA ASN N 20 5.02 -7.58 41.53
C ASN N 20 3.69 -7.09 42.09
N PRO N 21 3.21 -5.90 41.65
CA PRO N 21 1.95 -5.25 42.05
C PRO N 21 0.88 -6.24 42.48
N THR N 22 0.66 -7.25 41.65
CA THR N 22 -0.38 -8.21 41.90
C THR N 22 -0.06 -9.09 43.05
N VAL N 23 1.16 -9.58 43.08
CA VAL N 23 1.58 -10.46 44.14
C VAL N 23 1.59 -9.77 45.46
N ALA N 24 2.13 -8.56 45.48
CA ALA N 24 2.21 -7.80 46.69
C ALA N 24 0.84 -7.56 47.26
N SER N 25 -0.06 -7.05 46.43
CA SER N 25 -1.37 -6.71 46.90
C SER N 25 -2.20 -7.92 47.22
N THR N 26 -1.99 -9.00 46.49
CA THR N 26 -2.73 -10.22 46.76
C THR N 26 -2.45 -10.70 48.13
N ILE N 27 -1.17 -10.85 48.44
CA ILE N 27 -0.79 -11.36 49.72
C ILE N 27 -1.16 -10.41 50.82
N LEU N 28 -0.79 -9.16 50.66
CA LEU N 28 -0.97 -8.18 51.71
C LEU N 28 -2.42 -7.90 52.00
N SER N 29 -3.26 -7.87 50.98
CA SER N 29 -4.66 -7.64 51.20
C SER N 29 -5.33 -8.84 51.82
N ASN N 30 -4.81 -10.03 51.57
CA ASN N 30 -5.36 -11.23 52.16
C ASN N 30 -4.99 -11.35 53.62
N VAL N 31 -3.79 -10.92 53.98
CA VAL N 31 -3.36 -11.04 55.37
C VAL N 31 -3.61 -9.80 56.15
N SER N 32 -4.25 -8.80 55.51
CA SER N 32 -4.58 -7.57 56.18
C SER N 32 -5.28 -7.79 57.54
N PRO N 33 -6.58 -8.15 57.56
CA PRO N 33 -7.34 -8.33 58.79
C PRO N 33 -6.67 -9.29 59.78
N VAL N 34 -5.87 -10.23 59.26
CA VAL N 34 -5.17 -11.17 60.09
C VAL N 34 -4.09 -10.46 60.85
N ALA N 35 -3.32 -9.66 60.13
CA ALA N 35 -2.26 -8.87 60.70
C ALA N 35 -2.80 -7.95 61.74
N GLN N 36 -3.97 -7.39 61.46
CA GLN N 36 -4.59 -6.46 62.37
C GLN N 36 -4.86 -7.11 63.68
N GLN N 37 -5.36 -8.34 63.63
CA GLN N 37 -5.63 -9.07 64.83
C GLN N 37 -4.38 -9.33 65.63
N ASN N 38 -3.32 -9.72 64.93
CA ASN N 38 -2.08 -10.06 65.58
C ASN N 38 -1.43 -8.85 66.21
N PHE N 39 -1.49 -7.73 65.50
CA PHE N 39 -0.95 -6.49 66.01
C PHE N 39 -1.71 -6.05 67.23
N GLN N 40 -3.03 -6.05 67.13
CA GLN N 40 -3.87 -5.63 68.23
C GLN N 40 -3.67 -6.49 69.44
N THR N 41 -3.46 -7.77 69.23
CA THR N 41 -3.35 -8.70 70.32
C THR N 41 -2.07 -8.53 71.12
N ASN N 42 -0.92 -8.52 70.44
CA ASN N 42 0.34 -8.51 71.17
C ASN N 42 0.98 -7.16 71.42
N VAL N 43 0.57 -6.13 70.70
CA VAL N 43 1.25 -4.84 70.86
C VAL N 43 0.93 -4.04 72.15
N PRO N 44 -0.35 -3.79 72.48
CA PRO N 44 -0.75 -3.01 73.66
C PRO N 44 -0.12 -3.57 74.95
N LYS N 45 0.25 -4.84 74.93
CA LYS N 45 0.92 -5.49 76.03
C LYS N 45 2.23 -4.82 76.34
N PHE N 46 2.94 -4.41 75.30
CA PHE N 46 4.24 -3.78 75.45
C PHE N 46 4.12 -2.29 75.60
N THR N 47 3.04 -1.73 75.08
CA THR N 47 2.81 -0.31 75.25
C THR N 47 2.64 0.01 76.71
N SER N 48 1.88 -0.82 77.42
CA SER N 48 1.68 -0.62 78.85
C SER N 48 2.98 -0.72 79.61
N VAL N 49 3.89 -1.55 79.11
CA VAL N 49 5.21 -1.69 79.70
C VAL N 49 5.95 -0.40 79.55
N ASN N 50 5.90 0.17 78.37
CA ASN N 50 6.60 1.40 78.09
C ASN N 50 6.16 2.51 79.00
N GLU N 51 4.86 2.61 79.26
CA GLU N 51 4.38 3.66 80.16
C GLU N 51 4.94 3.50 81.56
N ASN N 52 4.80 2.32 82.14
CA ASN N 52 5.26 2.11 83.50
C ASN N 52 6.77 2.18 83.62
N VAL N 53 7.48 1.56 82.69
CA VAL N 53 8.93 1.58 82.72
C VAL N 53 9.45 2.97 82.58
N SER N 54 8.85 3.73 81.68
CA SER N 54 9.26 5.10 81.47
C SER N 54 9.10 5.89 82.74
N ALA N 55 7.96 5.71 83.42
CA ALA N 55 7.71 6.40 84.66
C ALA N 55 8.81 6.13 85.67
N VAL N 56 9.20 4.87 85.77
CA VAL N 56 10.27 4.49 86.66
C VAL N 56 11.56 5.19 86.33
N LEU N 57 11.89 5.21 85.06
CA LEU N 57 13.11 5.82 84.61
C LEU N 57 13.15 7.29 84.96
N THR N 58 12.00 7.95 84.89
CA THR N 58 11.92 9.34 85.31
C THR N 58 12.19 9.49 86.80
N GLN N 59 11.66 8.56 87.59
CA GLN N 59 11.92 8.58 89.02
C GLN N 59 13.39 8.29 89.35
N TYR N 60 14.07 7.53 88.48
CA TYR N 60 15.51 7.29 88.64
C TYR N 60 16.39 8.34 87.98
N GLY N 61 15.80 9.35 87.37
CA GLY N 61 16.58 10.43 86.80
C GLY N 61 17.25 10.05 85.47
N ILE N 62 16.75 9.00 84.83
CA ILE N 62 17.36 8.49 83.60
C ILE N 62 16.85 9.29 82.41
N THR N 63 17.77 9.78 81.59
CA THR N 63 17.40 10.59 80.43
C THR N 63 18.05 10.11 79.15
N GLY N 64 17.51 10.56 78.04
CA GLY N 64 18.07 10.27 76.74
C GLY N 64 18.10 8.80 76.43
N PRO N 65 19.08 8.37 75.67
CA PRO N 65 19.32 7.02 75.20
C PRO N 65 19.50 6.08 76.35
N ASN N 66 19.81 6.59 77.53
CA ASN N 66 19.96 5.74 78.67
C ASN N 66 18.62 5.15 79.02
N ARG N 67 17.55 5.90 78.77
CA ARG N 67 16.22 5.39 79.01
C ARG N 67 15.97 4.28 78.06
N ALA N 68 16.39 4.49 76.82
CA ALA N 68 16.22 3.51 75.77
C ALA N 68 16.90 2.19 76.09
N ILE N 69 18.04 2.26 76.78
CA ILE N 69 18.71 1.04 77.19
C ILE N 69 17.80 0.21 78.05
N TYR N 70 17.18 0.87 79.02
CA TYR N 70 16.33 0.17 79.94
C TYR N 70 15.00 -0.21 79.30
N GLN N 71 14.56 0.58 78.33
CA GLN N 71 13.34 0.25 77.61
C GLN N 71 13.54 -1.01 76.83
N GLY N 72 14.70 -1.14 76.19
CA GLY N 72 15.03 -2.33 75.42
C GLY N 72 15.05 -3.54 76.33
N PHE N 73 15.69 -3.39 77.48
CA PHE N 73 15.74 -4.44 78.46
C PHE N 73 14.35 -4.87 78.89
N GLY N 74 13.54 -3.91 79.31
CA GLY N 74 12.20 -4.18 79.80
C GLY N 74 11.36 -4.87 78.76
N LEU N 75 11.40 -4.37 77.55
CA LEU N 75 10.63 -4.94 76.47
C LEU N 75 11.03 -6.38 76.22
N LYS N 76 12.31 -6.66 76.30
CA LYS N 76 12.82 -8.00 76.10
C LYS N 76 12.37 -8.92 77.21
N VAL N 77 12.31 -8.40 78.44
CA VAL N 77 11.79 -9.18 79.55
C VAL N 77 10.35 -9.58 79.29
N ALA N 78 9.55 -8.61 78.86
CA ALA N 78 8.16 -8.85 78.57
C ALA N 78 7.99 -9.85 77.42
N ARG N 79 8.85 -9.75 76.42
CA ARG N 79 8.83 -10.72 75.32
C ARG N 79 8.93 -12.12 75.82
N ALA N 80 9.93 -12.38 76.64
CA ALA N 80 10.16 -13.70 77.19
C ALA N 80 8.97 -14.14 77.99
N LEU N 81 8.38 -13.23 78.74
CA LEU N 81 7.20 -13.54 79.49
C LEU N 81 6.11 -14.08 78.58
N ASN N 82 5.87 -13.40 77.46
CA ASN N 82 4.84 -13.85 76.54
C ASN N 82 5.14 -15.23 75.91
N ARG N 83 6.38 -15.43 75.47
CA ARG N 83 6.72 -16.65 74.74
C ARG N 83 7.04 -17.83 75.67
N ILE N 84 7.47 -17.55 76.89
CA ILE N 84 7.78 -18.59 77.87
C ILE N 84 6.72 -18.72 78.93
N GLY N 85 6.35 -17.59 79.52
CA GLY N 85 5.40 -17.59 80.64
C GLY N 85 6.17 -17.53 81.93
N SER N 86 5.51 -17.13 83.00
CA SER N 86 6.20 -16.98 84.27
C SER N 86 6.61 -18.32 84.84
N GLY N 87 7.57 -18.29 85.77
CA GLY N 87 8.07 -19.51 86.37
C GLY N 87 9.54 -19.70 86.06
N PRO N 88 10.10 -20.80 86.55
CA PRO N 88 11.50 -21.26 86.42
C PRO N 88 12.20 -20.73 85.17
N ALA N 89 11.70 -21.14 84.00
CA ALA N 89 12.35 -20.80 82.74
C ALA N 89 12.48 -19.31 82.55
N LEU N 90 11.48 -18.55 82.99
CA LEU N 90 11.53 -17.12 82.84
C LEU N 90 12.63 -16.56 83.68
N VAL N 91 12.72 -17.07 84.90
CA VAL N 91 13.76 -16.63 85.80
C VAL N 91 15.13 -16.91 85.21
N ASN N 92 15.29 -18.10 84.62
CA ASN N 92 16.54 -18.46 83.98
C ASN N 92 16.87 -17.45 82.89
N MET N 93 15.86 -17.09 82.11
CA MET N 93 16.02 -16.12 81.06
C MET N 93 16.43 -14.78 81.59
N ILE N 94 15.71 -14.29 82.58
CA ILE N 94 15.96 -12.97 83.10
C ILE N 94 17.33 -12.85 83.69
N ASN N 95 17.77 -13.89 84.39
CA ASN N 95 19.10 -13.86 84.98
C ASN N 95 20.15 -13.61 83.92
N GLY N 96 20.05 -14.32 82.80
CA GLY N 96 21.00 -14.16 81.72
C GLY N 96 20.86 -12.83 81.05
N LEU N 97 19.62 -12.41 80.85
CA LEU N 97 19.33 -11.15 80.22
C LEU N 97 19.86 -9.97 81.02
N LYS N 98 19.62 -9.99 82.31
CA LYS N 98 20.11 -8.96 83.17
C LYS N 98 21.61 -8.84 83.08
N GLY N 99 22.31 -9.96 83.29
CA GLY N 99 23.77 -9.96 83.23
C GLY N 99 24.26 -9.45 81.88
N TYR N 100 23.57 -9.88 80.82
CA TYR N 100 23.86 -9.45 79.48
C TYR N 100 23.89 -7.95 79.37
N TYR N 101 22.83 -7.29 79.77
CA TYR N 101 22.78 -5.84 79.72
C TYR N 101 23.78 -5.16 80.62
N ILE N 102 24.01 -5.72 81.79
CA ILE N 102 24.92 -5.11 82.72
C ILE N 102 26.30 -4.99 82.15
N SER N 103 26.79 -6.08 81.58
CA SER N 103 28.15 -6.10 81.10
C SER N 103 28.30 -5.75 79.63
N ALA N 104 27.29 -6.04 78.83
CA ALA N 104 27.38 -5.71 77.41
C ALA N 104 27.18 -4.26 77.15
N PHE N 105 26.24 -3.64 77.87
CA PHE N 105 25.90 -2.26 77.63
C PHE N 105 26.12 -1.38 78.82
N ASN N 106 26.75 -1.91 79.86
CA ASN N 106 27.00 -1.15 81.07
C ASN N 106 25.72 -0.65 81.70
N ALA N 107 24.67 -1.46 81.65
CA ALA N 107 23.40 -1.08 82.26
C ALA N 107 23.51 -1.18 83.76
N ASN N 108 22.86 -0.28 84.47
CA ASN N 108 22.95 -0.23 85.92
C ASN N 108 21.98 -1.18 86.62
N PRO N 109 22.49 -2.31 87.15
CA PRO N 109 21.77 -3.34 87.93
C PRO N 109 20.58 -2.79 88.72
N GLN N 110 20.77 -1.66 89.38
CA GLN N 110 19.72 -1.07 90.20
C GLN N 110 18.50 -0.71 89.40
N VAL N 111 18.73 -0.06 88.28
CA VAL N 111 17.62 0.34 87.46
C VAL N 111 17.05 -0.88 86.79
N LEU N 112 17.91 -1.81 86.41
CA LEU N 112 17.46 -3.02 85.75
C LEU N 112 16.51 -3.78 86.63
N ASP N 113 16.81 -3.82 87.91
CA ASP N 113 15.95 -4.46 88.87
C ASP N 113 14.65 -3.75 88.98
N ALA N 114 14.70 -2.42 88.96
CA ALA N 114 13.48 -1.64 89.02
C ALA N 114 12.57 -1.97 87.85
N VAL N 115 13.15 -2.13 86.67
CA VAL N 115 12.37 -2.48 85.49
C VAL N 115 11.70 -3.82 85.67
N VAL N 116 12.45 -4.80 86.16
CA VAL N 116 11.90 -6.13 86.41
C VAL N 116 10.81 -6.07 87.47
N ASN N 117 11.00 -5.19 88.46
CA ASN N 117 10.04 -5.01 89.54
C ASN N 117 8.72 -4.39 89.08
N ILE N 118 8.64 -4.00 87.81
CA ILE N 118 7.42 -3.52 87.26
C ILE N 118 6.76 -4.59 86.47
N ILE N 119 7.52 -5.17 85.57
CA ILE N 119 7.02 -6.18 84.66
C ILE N 119 6.63 -7.44 85.39
N THR N 120 7.53 -7.93 86.25
CA THR N 120 7.25 -9.13 87.00
C THR N 120 6.71 -8.78 88.34
N GLY N 121 7.17 -7.68 88.89
CA GLY N 121 6.74 -7.24 90.20
C GLY N 121 7.76 -7.60 91.26
N SER N 122 8.72 -8.45 90.90
CA SER N 122 9.72 -8.88 91.83
C SER N 122 11.03 -9.15 91.12
N PRO N 123 12.15 -9.07 91.84
CA PRO N 123 13.50 -9.34 91.41
C PRO N 123 13.62 -10.77 90.92
N THR N 124 14.63 -11.01 90.11
CA THR N 124 14.87 -12.33 89.59
C THR N 124 15.77 -13.14 90.51
N GLY N 125 16.69 -13.93 89.94
CA GLY N 125 17.59 -14.74 90.75
C GLY N 125 16.91 -16.04 91.15
N TYR N 126 15.86 -15.92 91.97
CA TYR N 126 15.11 -17.07 92.43
C TYR N 126 13.62 -16.88 92.09
N VAL N 127 12.92 -18.00 91.92
CA VAL N 127 11.51 -17.96 91.56
C VAL N 127 10.68 -17.39 92.70
N SER N 128 9.95 -16.31 92.43
CA SER N 128 9.12 -15.67 93.46
C SER N 128 8.09 -14.73 92.85
N SER O 1 3.83 -15.39 70.05
CA SER O 1 3.14 -16.67 70.13
C SER O 1 1.82 -16.65 69.38
N ARG O 2 1.40 -17.81 68.89
CA ARG O 2 0.18 -17.91 68.09
C ARG O 2 -0.70 -19.08 68.49
N SER O 3 -1.98 -18.78 68.71
CA SER O 3 -2.98 -19.80 69.01
C SER O 3 -3.41 -20.48 67.74
N TYR O 4 -4.15 -21.57 67.85
CA TYR O 4 -4.65 -22.25 66.67
C TYR O 4 -5.42 -21.34 65.78
N SER O 5 -6.33 -20.56 66.37
CA SER O 5 -7.12 -19.62 65.60
C SER O 5 -6.22 -18.77 64.73
N GLN O 6 -5.14 -18.27 65.31
CA GLN O 6 -4.19 -17.45 64.60
C GLN O 6 -3.40 -18.24 63.58
N ARG O 7 -3.00 -19.46 63.93
CA ARG O 7 -2.22 -20.29 63.03
C ARG O 7 -2.96 -20.50 61.75
N TYR O 8 -4.19 -20.94 61.89
CA TYR O 8 -5.03 -21.23 60.77
C TYR O 8 -5.37 -19.99 59.99
N ALA O 9 -5.77 -18.94 60.69
CA ALA O 9 -6.17 -17.71 60.02
C ALA O 9 -5.14 -17.27 59.00
N LYS O 10 -3.90 -17.16 59.44
CA LYS O 10 -2.88 -16.69 58.54
C LYS O 10 -2.56 -17.69 57.47
N TRP O 11 -2.56 -18.98 57.83
CA TRP O 11 -2.33 -20.02 56.85
C TRP O 11 -3.31 -19.92 55.73
N GLN O 12 -4.55 -19.66 56.07
CA GLN O 12 -5.59 -19.57 55.08
C GLN O 12 -5.37 -18.42 54.17
N ALA O 13 -5.00 -17.28 54.73
CA ALA O 13 -4.77 -16.09 53.94
C ALA O 13 -3.67 -16.30 52.94
N LYS O 14 -2.61 -16.95 53.36
CA LYS O 14 -1.48 -17.17 52.49
C LYS O 14 -1.77 -18.22 51.47
N PHE O 15 -2.53 -19.23 51.84
CA PHE O 15 -2.91 -20.26 50.90
C PHE O 15 -3.73 -19.64 49.79
N ASN O 16 -4.70 -18.83 50.17
CA ASN O 16 -5.56 -18.17 49.22
C ASN O 16 -4.77 -17.33 48.26
N ALA O 17 -3.83 -16.56 48.79
CA ALA O 17 -2.99 -15.71 47.99
C ALA O 17 -2.25 -16.50 46.95
N PHE O 18 -1.59 -17.56 47.40
CA PHE O 18 -0.81 -18.39 46.51
C PHE O 18 -1.63 -18.98 45.39
N SER O 19 -2.86 -19.38 45.67
CA SER O 19 -3.69 -20.03 44.66
C SER O 19 -4.00 -19.13 43.46
N ASN O 20 -3.80 -17.82 43.61
CA ASN O 20 -4.03 -16.87 42.53
C ASN O 20 -3.09 -17.12 41.35
N PRO O 21 -3.63 -17.49 40.17
CA PRO O 21 -2.90 -17.77 38.91
C PRO O 21 -1.61 -16.99 38.76
N THR O 22 -1.68 -15.69 38.99
CA THR O 22 -0.55 -14.84 38.74
C THR O 22 0.44 -14.87 39.84
N VAL O 23 -0.02 -15.14 41.03
CA VAL O 23 0.86 -15.20 42.16
C VAL O 23 1.63 -16.47 42.13
N ALA O 24 0.93 -17.56 41.88
CA ALA O 24 1.56 -18.85 41.82
C ALA O 24 2.59 -18.87 40.72
N SER O 25 2.22 -18.39 39.54
CA SER O 25 3.13 -18.43 38.42
C SER O 25 4.26 -17.47 38.56
N THR O 26 4.02 -16.33 39.19
CA THR O 26 5.09 -15.38 39.42
C THR O 26 6.15 -15.99 40.26
N ILE O 27 5.74 -16.52 41.40
CA ILE O 27 6.68 -17.08 42.32
C ILE O 27 7.38 -18.29 41.74
N LEU O 28 6.59 -19.22 41.23
CA LEU O 28 7.13 -20.48 40.77
C LEU O 28 8.03 -20.32 39.57
N SER O 29 7.68 -19.42 38.66
CA SER O 29 8.51 -19.21 37.51
C SER O 29 9.80 -18.48 37.88
N ASN O 30 9.74 -17.66 38.93
CA ASN O 30 10.94 -16.98 39.37
C ASN O 30 11.90 -17.90 40.07
N VAL O 31 11.37 -18.86 40.82
CA VAL O 31 12.24 -19.77 41.56
C VAL O 31 12.50 -21.04 40.80
N SER O 32 11.98 -21.13 39.57
CA SER O 32 12.21 -22.29 38.74
C SER O 32 13.68 -22.71 38.69
N PRO O 33 14.52 -22.00 37.89
CA PRO O 33 15.93 -22.34 37.70
C PRO O 33 16.70 -22.50 39.02
N VAL O 34 16.24 -21.83 40.07
CA VAL O 34 16.87 -21.92 41.37
C VAL O 34 16.60 -23.28 41.96
N ALA O 35 15.34 -23.68 41.94
CA ALA O 35 14.95 -24.97 42.44
C ALA O 35 15.62 -26.06 41.67
N GLN O 36 15.76 -25.85 40.37
CA GLN O 36 16.37 -26.83 39.49
C GLN O 36 17.77 -27.09 39.93
N GLN O 37 18.50 -26.03 40.24
CA GLN O 37 19.84 -26.15 40.74
C GLN O 37 19.89 -26.97 41.99
N ASN O 38 19.01 -26.67 42.93
CA ASN O 38 19.01 -27.33 44.21
C ASN O 38 18.67 -28.79 44.09
N PHE O 39 17.71 -29.09 43.23
CA PHE O 39 17.30 -30.46 43.01
C PHE O 39 18.43 -31.26 42.43
N GLN O 40 19.05 -30.70 41.39
CA GLN O 40 20.15 -31.36 40.73
C GLN O 40 21.34 -31.52 41.64
N THR O 41 21.58 -30.53 42.48
CA THR O 41 22.72 -30.56 43.34
C THR O 41 22.67 -31.64 44.39
N ASN O 42 21.53 -31.77 45.07
CA ASN O 42 21.46 -32.72 46.17
C ASN O 42 20.84 -34.07 45.86
N VAL O 43 19.88 -34.13 44.95
CA VAL O 43 19.16 -35.39 44.75
C VAL O 43 20.01 -36.62 44.35
N PRO O 44 20.96 -36.49 43.40
CA PRO O 44 21.87 -37.51 42.93
C PRO O 44 22.62 -38.15 44.08
N LYS O 45 22.83 -37.38 45.14
CA LYS O 45 23.57 -37.85 46.31
C LYS O 45 22.79 -38.94 47.00
N PHE O 46 21.47 -38.84 46.97
CA PHE O 46 20.61 -39.78 47.64
C PHE O 46 20.22 -40.90 46.72
N THR O 47 20.22 -40.64 45.43
CA THR O 47 19.94 -41.70 44.49
C THR O 47 21.01 -42.76 44.57
N SER O 48 22.26 -42.34 44.66
CA SER O 48 23.36 -43.28 44.78
C SER O 48 23.24 -44.12 46.05
N VAL O 49 22.65 -43.52 47.09
CA VAL O 49 22.40 -44.24 48.33
C VAL O 49 21.36 -45.29 48.12
N ASN O 50 20.27 -44.92 47.46
CA ASN O 50 19.21 -45.85 47.18
C ASN O 50 19.71 -47.02 46.41
N GLU O 51 20.62 -46.77 45.49
CA GLU O 51 21.19 -47.81 44.67
C GLU O 51 22.06 -48.75 45.45
N ASN O 52 23.01 -48.20 46.18
CA ASN O 52 23.95 -49.02 46.90
C ASN O 52 23.29 -49.77 48.02
N VAL O 53 22.35 -49.12 48.71
CA VAL O 53 21.62 -49.77 49.77
C VAL O 53 20.76 -50.87 49.21
N SER O 54 20.16 -50.63 48.06
CA SER O 54 19.37 -51.64 47.41
C SER O 54 20.20 -52.86 47.14
N ALA O 55 21.41 -52.67 46.64
CA ALA O 55 22.30 -53.79 46.37
C ALA O 55 22.49 -54.62 47.61
N VAL O 56 22.75 -53.94 48.72
CA VAL O 56 22.91 -54.61 49.99
C VAL O 56 21.71 -55.42 50.36
N LEU O 57 20.55 -54.82 50.25
CA LEU O 57 19.33 -55.45 50.66
C LEU O 57 19.05 -56.69 49.85
N THR O 58 19.42 -56.67 48.58
CA THR O 58 19.27 -57.85 47.76
C THR O 58 20.19 -58.96 48.23
N GLN O 59 21.41 -58.60 48.63
CA GLN O 59 22.34 -59.58 49.19
C GLN O 59 21.81 -60.18 50.51
N TYR O 60 21.07 -59.39 51.27
CA TYR O 60 20.48 -59.89 52.52
C TYR O 60 19.11 -60.52 52.36
N GLY O 61 18.61 -60.61 51.13
CA GLY O 61 17.35 -61.28 50.90
C GLY O 61 16.14 -60.46 51.33
N ILE O 62 16.32 -59.15 51.45
CA ILE O 62 15.26 -58.29 51.93
C ILE O 62 14.34 -57.91 50.78
N THR O 63 13.04 -58.13 50.98
CA THR O 63 12.06 -57.84 49.93
C THR O 63 10.92 -56.98 50.43
N GLY O 64 10.18 -56.42 49.49
CA GLY O 64 9.00 -55.64 49.79
C GLY O 64 9.32 -54.42 50.64
N PRO O 65 8.38 -54.04 51.48
CA PRO O 65 8.40 -52.92 52.38
C PRO O 65 9.54 -53.01 53.36
N ASN O 66 10.08 -54.21 53.54
CA ASN O 66 11.19 -54.37 54.43
C ASN O 66 12.41 -53.67 53.87
N ARG O 67 12.49 -53.61 52.54
CA ARG O 67 13.57 -52.90 51.90
C ARG O 67 13.39 -51.46 52.18
N ALA O 68 12.14 -51.01 52.09
CA ALA O 68 11.80 -49.61 52.33
C ALA O 68 12.21 -49.16 53.71
N ILE O 69 12.10 -50.06 54.70
CA ILE O 69 12.53 -49.74 56.05
C ILE O 69 13.99 -49.36 56.08
N TYR O 70 14.80 -50.20 55.49
CA TYR O 70 16.23 -49.99 55.51
C TYR O 70 16.63 -48.84 54.62
N GLN O 71 15.90 -48.64 53.53
CA GLN O 71 16.17 -47.53 52.64
C GLN O 71 15.95 -46.22 53.37
N GLY O 72 14.88 -46.15 54.15
CA GLY O 72 14.59 -44.96 54.94
C GLY O 72 15.71 -44.67 55.90
N PHE O 73 16.17 -45.70 56.58
CA PHE O 73 17.29 -45.58 57.48
C PHE O 73 18.52 -45.02 56.78
N GLY O 74 18.87 -45.62 55.65
CA GLY O 74 20.03 -45.19 54.90
C GLY O 74 19.93 -43.75 54.47
N LEU O 75 18.76 -43.37 53.97
CA LEU O 75 18.54 -42.01 53.54
C LEU O 75 18.71 -41.03 54.67
N LYS O 76 18.26 -41.41 55.85
CA LYS O 76 18.42 -40.57 57.03
C LYS O 76 19.87 -40.37 57.37
N VAL O 77 20.66 -41.43 57.26
CA VAL O 77 22.09 -41.34 57.54
C VAL O 77 22.73 -40.31 56.62
N ALA O 78 22.39 -40.41 55.35
CA ALA O 78 22.92 -39.50 54.34
C ALA O 78 22.49 -38.07 54.59
N ARG O 79 21.23 -37.90 55.02
CA ARG O 79 20.72 -36.57 55.31
C ARG O 79 21.54 -35.88 56.35
N ALA O 80 21.78 -36.57 57.45
CA ALA O 80 22.56 -36.03 58.53
C ALA O 80 23.96 -35.72 58.06
N LEU O 81 24.51 -36.60 57.24
CA LEU O 81 25.82 -36.37 56.70
C LEU O 81 25.87 -35.06 55.96
N ASN O 82 24.89 -34.81 55.10
CA ASN O 82 24.87 -33.56 54.35
C ASN O 82 24.70 -32.32 55.23
N ARG O 83 23.87 -32.41 56.26
CA ARG O 83 23.55 -31.24 57.08
C ARG O 83 24.48 -31.09 58.29
N ILE O 84 25.23 -32.13 58.62
CA ILE O 84 26.17 -32.09 59.74
C ILE O 84 27.60 -32.28 59.30
N GLY O 85 27.83 -33.28 58.47
CA GLY O 85 29.18 -33.63 58.05
C GLY O 85 29.68 -34.79 58.88
N SER O 86 30.72 -35.46 58.42
CA SER O 86 31.25 -36.61 59.12
C SER O 86 31.94 -36.21 60.39
N GLY O 87 32.15 -37.18 61.28
CA GLY O 87 32.80 -36.93 62.54
C GLY O 87 31.85 -37.11 63.72
N PRO O 88 32.34 -36.82 64.92
CA PRO O 88 31.67 -36.92 66.23
C PRO O 88 30.14 -36.77 66.15
N ALA O 89 29.69 -35.62 65.68
CA ALA O 89 28.26 -35.35 65.64
C ALA O 89 27.49 -36.39 64.84
N LEU O 90 28.08 -36.85 63.74
CA LEU O 90 27.43 -37.85 62.93
C LEU O 90 27.34 -39.12 63.69
N VAL O 91 28.39 -39.46 64.39
CA VAL O 91 28.41 -40.66 65.21
C VAL O 91 27.28 -40.63 66.22
N ASN O 92 27.13 -39.48 66.88
CA ASN O 92 26.07 -39.31 67.85
C ASN O 92 24.72 -39.53 67.21
N MET O 93 24.56 -38.97 66.02
CA MET O 93 23.34 -39.10 65.28
C MET O 93 23.00 -40.53 64.95
N ILE O 94 23.97 -41.24 64.37
CA ILE O 94 23.72 -42.59 63.92
C ILE O 94 23.36 -43.50 65.04
N ASN O 95 24.03 -43.34 66.17
CA ASN O 95 23.73 -44.16 67.33
C ASN O 95 22.26 -44.05 67.71
N GLY O 96 21.77 -42.82 67.78
CA GLY O 96 20.38 -42.58 68.12
C GLY O 96 19.46 -43.10 67.04
N LEU O 97 19.85 -42.87 65.80
CA LEU O 97 19.08 -43.31 64.66
C LEU O 97 18.87 -44.80 64.64
N LYS O 98 19.94 -45.53 64.89
CA LYS O 98 19.84 -46.96 64.95
C LYS O 98 18.87 -47.38 66.03
N GLY O 99 18.98 -46.74 67.20
CA GLY O 99 18.06 -47.04 68.30
C GLY O 99 16.63 -46.82 67.85
N TYR O 100 16.40 -45.74 67.13
CA TYR O 100 15.09 -45.41 66.60
C TYR O 100 14.53 -46.53 65.77
N TYR O 101 15.26 -46.94 64.75
CA TYR O 101 14.77 -47.98 63.87
C TYR O 101 14.71 -49.35 64.48
N ILE O 102 15.71 -49.69 65.26
CA ILE O 102 15.76 -51.00 65.86
C ILE O 102 14.58 -51.25 66.75
N SER O 103 14.29 -50.30 67.61
CA SER O 103 13.25 -50.51 68.59
C SER O 103 11.88 -49.98 68.18
N ALA O 104 11.83 -48.97 67.33
CA ALA O 104 10.52 -48.44 66.92
C ALA O 104 9.94 -49.23 65.80
N PHE O 105 10.78 -49.71 64.88
CA PHE O 105 10.29 -50.42 63.71
C PHE O 105 10.77 -51.84 63.65
N ASN O 106 11.47 -52.27 64.68
CA ASN O 106 11.99 -53.63 64.75
C ASN O 106 12.93 -53.94 63.61
N ALA O 107 13.74 -52.96 63.22
CA ALA O 107 14.72 -53.16 62.17
C ALA O 107 15.86 -54.01 62.69
N ASN O 108 16.44 -54.84 61.82
CA ASN O 108 17.51 -55.76 62.22
C ASN O 108 18.88 -55.08 62.30
N PRO O 109 19.34 -54.72 63.52
CA PRO O 109 20.64 -54.11 63.83
C PRO O 109 21.75 -54.50 62.87
N GLN O 110 21.86 -55.78 62.56
CA GLN O 110 22.94 -56.27 61.73
C GLN O 110 22.84 -55.72 60.32
N VAL O 111 21.63 -55.70 59.78
CA VAL O 111 21.43 -55.18 58.45
C VAL O 111 21.63 -53.69 58.46
N LEU O 112 21.20 -53.05 59.54
CA LEU O 112 21.36 -51.62 59.67
C LEU O 112 22.81 -51.23 59.62
N ASP O 113 23.65 -52.03 60.25
CA ASP O 113 25.08 -51.79 60.21
C ASP O 113 25.63 -52.00 58.83
N ALA O 114 25.06 -52.95 58.10
CA ALA O 114 25.46 -53.16 56.71
C ALA O 114 25.16 -51.92 55.88
N VAL O 115 24.03 -51.27 56.15
CA VAL O 115 23.68 -50.04 55.44
C VAL O 115 24.68 -48.95 55.75
N VAL O 116 24.99 -48.77 57.03
CA VAL O 116 25.95 -47.76 57.45
C VAL O 116 27.32 -48.04 56.83
N ASN O 117 27.69 -49.32 56.77
CA ASN O 117 28.94 -49.77 56.18
C ASN O 117 29.11 -49.36 54.72
N ILE O 118 28.04 -48.94 54.07
CA ILE O 118 28.12 -48.49 52.72
C ILE O 118 28.18 -47.00 52.65
N ILE O 119 27.25 -46.36 53.31
CA ILE O 119 27.14 -44.92 53.27
C ILE O 119 28.33 -44.24 53.90
N THR O 120 28.73 -44.73 55.06
CA THR O 120 29.89 -44.17 55.74
C THR O 120 31.12 -44.93 55.39
N GLY O 121 30.94 -46.22 55.10
CA GLY O 121 32.06 -47.08 54.76
C GLY O 121 32.37 -48.03 55.89
N SER O 122 31.79 -47.77 57.05
CA SER O 122 31.98 -48.61 58.22
C SER O 122 30.91 -48.30 59.23
N PRO O 123 30.67 -49.20 60.17
CA PRO O 123 29.79 -49.05 61.29
C PRO O 123 30.27 -47.88 62.11
N THR O 124 29.39 -47.28 62.88
CA THR O 124 29.74 -46.07 63.56
C THR O 124 30.39 -46.32 64.90
N GLY O 125 30.13 -45.46 65.88
CA GLY O 125 30.77 -45.58 67.19
C GLY O 125 32.16 -44.96 67.13
N TYR O 126 33.02 -45.55 66.32
CA TYR O 126 34.34 -45.06 66.09
C TYR O 126 34.38 -44.36 64.75
N VAL O 127 35.18 -43.32 64.65
CA VAL O 127 35.31 -42.60 63.40
C VAL O 127 36.40 -43.21 62.55
N SER O 128 36.02 -43.77 61.41
CA SER O 128 36.97 -44.39 60.52
C SER O 128 36.32 -44.72 59.18
N SER P 1 11.62 -48.39 39.77
CA SER P 1 13.03 -48.50 39.39
C SER P 1 13.43 -47.36 38.47
N ARG P 2 14.08 -46.34 39.03
CA ARG P 2 14.51 -45.18 38.24
C ARG P 2 15.86 -44.63 38.70
N SER P 3 16.65 -44.15 37.76
CA SER P 3 17.91 -43.46 38.06
C SER P 3 17.60 -42.06 38.47
N TYR P 4 18.60 -41.33 38.94
CA TYR P 4 18.30 -39.98 39.36
C TYR P 4 18.00 -39.14 38.16
N SER P 5 18.56 -39.51 37.02
CA SER P 5 18.37 -38.75 35.82
C SER P 5 16.93 -38.83 35.39
N GLN P 6 16.32 -39.97 35.63
CA GLN P 6 14.92 -40.16 35.35
C GLN P 6 14.07 -39.46 36.38
N ARG P 7 14.49 -39.53 37.64
CA ARG P 7 13.77 -38.86 38.70
C ARG P 7 13.71 -37.39 38.44
N TYR P 8 14.84 -36.82 38.08
CA TYR P 8 14.93 -35.43 37.76
C TYR P 8 14.16 -35.08 36.55
N ALA P 9 14.36 -35.83 35.48
CA ALA P 9 13.70 -35.54 34.22
C ALA P 9 12.22 -35.34 34.41
N LYS P 10 11.57 -36.31 35.06
CA LYS P 10 10.15 -36.21 35.23
C LYS P 10 9.80 -35.12 36.22
N TRP P 11 10.58 -34.99 37.28
CA TRP P 11 10.34 -33.94 38.25
C TRP P 11 10.34 -32.59 37.60
N GLN P 12 11.27 -32.39 36.70
CA GLN P 12 11.38 -31.15 36.00
C GLN P 12 10.16 -30.88 35.17
N ALA P 13 9.71 -31.89 34.45
CA ALA P 13 8.55 -31.75 33.60
C ALA P 13 7.33 -31.38 34.40
N LYS P 14 7.18 -32.00 35.57
CA LYS P 14 6.02 -31.74 36.37
C LYS P 14 6.10 -30.43 37.08
N PHE P 15 7.31 -30.03 37.45
CA PHE P 15 7.48 -28.74 38.06
C PHE P 15 7.09 -27.66 37.08
N ASN P 16 7.58 -27.81 35.85
CA ASN P 16 7.27 -26.86 34.80
C ASN P 16 5.79 -26.75 34.60
N ALA P 17 5.13 -27.90 34.51
CA ALA P 17 3.70 -27.94 34.30
C ALA P 17 2.99 -27.16 35.39
N PHE P 18 3.31 -27.47 36.63
CA PHE P 18 2.65 -26.84 37.74
C PHE P 18 2.83 -25.34 37.75
N SER P 19 3.99 -24.86 37.36
CA SER P 19 4.28 -23.42 37.39
C SER P 19 3.39 -22.61 36.45
N ASN P 20 2.72 -23.28 35.51
CA ASN P 20 1.84 -22.61 34.56
C ASN P 20 0.62 -22.02 35.26
N PRO P 21 0.46 -20.68 35.25
CA PRO P 21 -0.65 -19.93 35.85
C PRO P 21 -1.96 -20.71 35.90
N THR P 22 -2.31 -21.30 34.78
CA THR P 22 -3.57 -22.00 34.67
C THR P 22 -3.55 -23.27 35.45
N VAL P 23 -2.48 -24.02 35.30
CA VAL P 23 -2.37 -25.28 35.99
C VAL P 23 -2.32 -25.09 37.48
N ALA P 24 -1.52 -24.14 37.91
CA ALA P 24 -1.38 -23.87 39.32
C ALA P 24 -2.71 -23.50 39.93
N SER P 25 -3.39 -22.55 39.33
CA SER P 25 -4.63 -22.09 39.89
C SER P 25 -5.73 -23.09 39.75
N THR P 26 -5.71 -23.89 38.70
CA THR P 26 -6.72 -24.90 38.53
C THR P 26 -6.67 -25.88 39.64
N ILE P 27 -5.50 -26.42 39.88
CA ILE P 27 -5.34 -27.41 40.91
C ILE P 27 -5.59 -26.82 42.27
N LEU P 28 -4.94 -25.72 42.56
CA LEU P 28 -4.98 -25.14 43.88
C LEU P 28 -6.36 -24.63 44.25
N SER P 29 -7.07 -24.06 43.29
CA SER P 29 -8.40 -23.57 43.57
C SER P 29 -9.37 -24.72 43.75
N ASN P 30 -9.11 -25.85 43.09
CA ASN P 30 -9.97 -27.00 43.24
C ASN P 30 -9.76 -27.69 44.57
N VAL P 31 -8.53 -27.72 45.05
CA VAL P 31 -8.25 -28.39 46.31
C VAL P 31 -8.30 -27.45 47.47
N SER P 32 -8.63 -26.19 47.22
CA SER P 32 -8.74 -25.21 48.28
C SER P 32 -9.57 -25.71 49.47
N PRO P 33 -10.93 -25.73 49.36
CA PRO P 33 -11.82 -26.11 50.45
C PRO P 33 -11.47 -27.49 51.05
N VAL P 34 -10.85 -28.36 50.24
CA VAL P 34 -10.46 -29.67 50.70
C VAL P 34 -9.31 -29.54 51.65
N ALA P 35 -8.33 -28.75 51.25
CA ALA P 35 -7.16 -28.48 52.07
C ALA P 35 -7.58 -27.86 53.37
N GLN P 36 -8.56 -26.98 53.30
CA GLN P 36 -9.02 -26.29 54.46
C GLN P 36 -9.55 -27.25 55.47
N GLN P 37 -10.31 -28.23 54.99
CA GLN P 37 -10.83 -29.24 55.87
C GLN P 37 -9.75 -30.04 56.52
N ASN P 38 -8.75 -30.42 55.74
CA ASN P 38 -7.68 -31.24 56.24
C ASN P 38 -6.84 -30.50 57.24
N PHE P 39 -6.57 -29.24 56.98
CA PHE P 39 -5.82 -28.41 57.88
C PHE P 39 -6.56 -28.23 59.18
N GLN P 40 -7.83 -27.89 59.07
CA GLN P 40 -8.65 -27.67 60.25
C GLN P 40 -8.76 -28.91 61.09
N THR P 41 -8.83 -30.05 60.44
CA THR P 41 -9.02 -31.29 61.14
C THR P 41 -7.80 -31.72 61.96
N ASN P 42 -6.63 -31.76 61.34
CA ASN P 42 -5.47 -32.31 62.01
C ASN P 42 -4.58 -31.31 62.72
N VAL P 43 -4.66 -30.02 62.40
CA VAL P 43 -3.73 -29.08 63.01
C VAL P 43 -3.98 -28.70 64.50
N PRO P 44 -5.20 -28.28 64.89
CA PRO P 44 -5.50 -27.87 66.26
C PRO P 44 -5.13 -28.95 67.28
N LYS P 45 -5.05 -30.21 66.81
CA LYS P 45 -4.64 -31.32 67.63
C LYS P 45 -3.25 -31.13 68.16
N PHE P 46 -2.38 -30.57 67.33
CA PHE P 46 -1.00 -30.38 67.69
C PHE P 46 -0.79 -29.03 68.35
N THR P 47 -1.67 -28.09 68.04
CA THR P 47 -1.58 -26.80 68.70
C THR P 47 -1.80 -26.95 70.19
N SER P 48 -2.78 -27.77 70.56
CA SER P 48 -3.06 -28.02 71.97
C SER P 48 -1.87 -28.69 72.64
N VAL P 49 -1.14 -29.49 71.89
CA VAL P 49 0.06 -30.12 72.41
C VAL P 49 1.08 -29.09 72.72
N ASN P 50 1.26 -28.16 71.80
CA ASN P 50 2.24 -27.11 71.97
C ASN P 50 1.99 -26.30 73.21
N GLU P 51 0.72 -25.99 73.49
CA GLU P 51 0.41 -25.22 74.69
C GLU P 51 0.81 -25.97 75.94
N ASN P 52 0.34 -27.21 76.08
CA ASN P 52 0.63 -27.97 77.29
C ASN P 52 2.09 -28.30 77.43
N VAL P 53 2.73 -28.73 76.35
CA VAL P 53 4.13 -29.07 76.39
C VAL P 53 4.96 -27.87 76.74
N SER P 54 4.64 -26.74 76.16
CA SER P 54 5.36 -25.53 76.43
C SER P 54 5.27 -25.19 77.90
N ALA P 55 4.07 -25.31 78.47
CA ALA P 55 3.87 -25.03 79.87
C ALA P 55 4.79 -25.88 80.72
N VAL P 56 4.89 -27.16 80.39
CA VAL P 56 5.76 -28.07 81.09
C VAL P 56 7.19 -27.63 81.03
N LEU P 57 7.63 -27.25 79.84
CA LEU P 57 8.99 -26.85 79.64
C LEU P 57 9.33 -25.63 80.48
N THR P 58 8.37 -24.73 80.64
CA THR P 58 8.57 -23.60 81.51
C THR P 58 8.73 -24.03 82.95
N GLN P 59 7.93 -25.00 83.38
CA GLN P 59 8.06 -25.54 84.73
C GLN P 59 9.40 -26.27 84.94
N TYR P 60 9.97 -26.83 83.87
CA TYR P 60 11.29 -27.45 83.94
C TYR P 60 12.45 -26.48 83.68
N GLY P 61 12.15 -25.21 83.46
CA GLY P 61 13.21 -24.23 83.29
C GLY P 61 13.88 -24.29 81.93
N ILE P 62 13.22 -24.91 80.96
CA ILE P 62 13.80 -25.09 79.64
C ILE P 62 13.59 -23.86 78.79
N THR P 63 14.67 -23.35 78.20
CA THR P 63 14.59 -22.14 77.39
C THR P 63 15.22 -22.31 76.03
N GLY P 64 14.89 -21.39 75.14
CA GLY P 64 15.49 -21.34 73.82
C GLY P 64 15.20 -22.59 73.02
N PRO P 65 16.13 -22.96 72.15
CA PRO P 65 16.10 -24.09 71.26
C PRO P 65 15.97 -25.38 72.01
N ASN P 66 16.28 -25.38 73.29
CA ASN P 66 16.13 -26.57 74.06
C ASN P 66 14.66 -26.91 74.19
N ARG P 67 13.82 -25.89 74.20
CA ARG P 67 12.40 -26.12 74.25
C ARG P 67 11.98 -26.74 72.97
N ALA P 68 12.55 -26.23 71.88
CA ALA P 68 12.25 -26.73 70.55
C ALA P 68 12.59 -28.20 70.40
N ILE P 69 13.65 -28.64 71.08
CA ILE P 69 13.99 -30.05 71.04
C ILE P 69 12.85 -30.87 71.56
N TYR P 70 12.30 -30.46 72.68
CA TYR P 70 11.24 -31.20 73.31
C TYR P 70 9.92 -31.01 72.58
N GLN P 71 9.76 -29.86 71.93
CA GLN P 71 8.57 -29.63 71.14
C GLN P 71 8.55 -30.55 69.97
N GLY P 72 9.70 -30.73 69.33
CA GLY P 72 9.81 -31.65 68.20
C GLY P 72 9.48 -33.05 68.63
N PHE P 73 10.03 -33.46 69.76
CA PHE P 73 9.76 -34.75 70.32
C PHE P 73 8.28 -34.95 70.57
N GLY P 74 7.67 -34.02 71.29
CA GLY P 74 6.27 -34.12 71.64
C GLY P 74 5.39 -34.19 70.43
N LEU P 75 5.65 -33.33 69.47
CA LEU P 75 4.86 -33.31 68.26
C LEU P 75 4.95 -34.64 67.53
N LYS P 76 6.13 -35.23 67.52
CA LYS P 76 6.33 -36.49 66.86
C LYS P 76 5.60 -37.61 67.58
N VAL P 77 5.55 -37.53 68.91
CA VAL P 77 4.77 -38.48 69.68
C VAL P 77 3.31 -38.42 69.29
N ALA P 78 2.79 -37.20 69.22
CA ALA P 78 1.40 -36.98 68.86
C ALA P 78 1.12 -37.47 67.44
N ARG P 79 2.06 -37.25 66.54
CA ARG P 79 1.92 -37.75 65.17
C ARG P 79 1.65 -39.22 65.15
N ALA P 80 2.50 -39.97 65.84
CA ALA P 80 2.37 -41.41 65.89
C ALA P 80 1.05 -41.80 66.48
N LEU P 81 0.61 -41.08 67.50
CA LEU P 81 -0.66 -41.34 68.09
C LEU P 81 -1.76 -41.25 67.05
N ASN P 82 -1.75 -40.20 66.24
CA ASN P 82 -2.77 -40.05 65.21
C ASN P 82 -2.73 -41.16 64.14
N ARG P 83 -1.53 -41.50 63.67
CA ARG P 83 -1.42 -42.45 62.57
C ARG P 83 -1.45 -43.92 63.02
N ILE P 84 -1.08 -44.17 64.26
CA ILE P 84 -1.09 -45.52 64.82
C ILE P 84 -2.25 -45.74 65.78
N GLY P 85 -2.41 -44.83 66.71
CA GLY P 85 -3.42 -44.97 67.75
C GLY P 85 -2.76 -45.53 69.00
N SER P 86 -3.41 -45.38 70.14
CA SER P 86 -2.83 -45.83 71.39
C SER P 86 -2.77 -47.34 71.46
N GLY P 87 -1.91 -47.85 72.33
CA GLY P 87 -1.75 -49.28 72.48
C GLY P 87 -0.34 -49.71 72.12
N PRO P 88 -0.10 -51.02 72.20
CA PRO P 88 1.17 -51.72 71.93
C PRO P 88 2.08 -50.99 70.93
N ALA P 89 1.61 -50.85 69.69
CA ALA P 89 2.42 -50.27 68.64
C ALA P 89 2.90 -48.88 68.98
N LEU P 90 2.07 -48.10 69.65
CA LEU P 90 2.45 -46.76 70.01
C LEU P 90 3.56 -46.80 71.00
N VAL P 91 3.44 -47.69 71.96
CA VAL P 91 4.46 -47.85 72.96
C VAL P 91 5.78 -48.23 72.31
N ASN P 92 5.72 -49.15 71.36
CA ASN P 92 6.91 -49.56 70.62
C ASN P 92 7.55 -48.36 69.96
N MET P 93 6.72 -47.53 69.34
CA MET P 93 7.18 -46.33 68.70
C MET P 93 7.84 -45.39 69.66
N ILE P 94 7.16 -45.11 70.77
CA ILE P 94 7.65 -44.13 71.71
C ILE P 94 8.96 -44.56 72.30
N ASN P 95 9.10 -45.83 72.60
CA ASN P 95 10.34 -46.33 73.17
C ASN P 95 11.52 -46.01 72.26
N GLY P 96 11.36 -46.26 70.96
CA GLY P 96 12.41 -45.97 70.01
C GLY P 96 12.62 -44.50 69.85
N LEU P 97 11.53 -43.75 69.80
CA LEU P 97 11.59 -42.31 69.66
C LEU P 97 12.30 -41.64 70.81
N LYS P 98 11.95 -42.04 72.01
CA LYS P 98 12.58 -41.51 73.19
C LYS P 98 14.07 -41.73 73.15
N GLY P 99 14.48 -42.99 72.94
CA GLY P 99 15.90 -43.33 72.90
C GLY P 99 16.60 -42.52 71.81
N TYR P 100 15.94 -42.39 70.67
CA TYR P 100 16.42 -41.62 69.56
C TYR P 100 16.81 -40.23 69.97
N TYR P 101 15.89 -39.50 70.59
CA TYR P 101 16.18 -38.15 71.02
C TYR P 101 17.22 -38.07 72.11
N ILE P 102 17.21 -39.03 73.03
CA ILE P 102 18.16 -39.00 74.11
C ILE P 102 19.57 -39.05 73.62
N SER P 103 19.85 -39.96 72.71
CA SER P 103 21.21 -40.14 72.26
C SER P 103 21.55 -39.36 71.00
N ALA P 104 20.59 -39.11 70.14
CA ALA P 104 20.86 -38.38 68.92
C ALA P 104 21.02 -36.91 69.18
N PHE P 105 20.20 -36.36 70.08
CA PHE P 105 20.19 -34.94 70.33
C PHE P 105 20.50 -34.59 71.76
N ASN P 106 20.89 -35.58 72.54
CA ASN P 106 21.20 -35.36 73.94
C ASN P 106 20.02 -34.79 74.70
N ALA P 107 18.82 -35.27 74.37
CA ALA P 107 17.64 -34.82 75.07
C ALA P 107 17.59 -35.45 76.44
N ASN P 108 17.09 -34.71 77.43
CA ASN P 108 17.07 -35.17 78.80
C ASN P 108 15.84 -36.04 79.12
N PRO P 109 16.04 -37.37 79.23
CA PRO P 109 15.04 -38.39 79.60
C PRO P 109 13.95 -37.87 80.52
N GLN P 110 14.32 -37.11 81.53
CA GLN P 110 13.38 -36.61 82.50
C GLN P 110 12.34 -35.71 81.87
N VAL P 111 12.79 -34.79 81.05
CA VAL P 111 11.88 -33.89 80.42
C VAL P 111 11.11 -34.62 79.37
N LEU P 112 11.77 -35.56 78.69
CA LEU P 112 11.12 -36.34 77.65
C LEU P 112 9.94 -37.09 78.21
N ASP P 113 10.13 -37.63 79.40
CA ASP P 113 9.06 -38.32 80.07
C ASP P 113 7.95 -37.40 80.42
N ALA P 114 8.30 -36.20 80.86
CA ALA P 114 7.29 -35.21 81.18
C ALA P 114 6.44 -34.90 79.97
N VAL P 115 7.06 -34.79 78.81
CA VAL P 115 6.32 -34.52 77.58
C VAL P 115 5.35 -35.65 77.29
N VAL P 116 5.82 -36.88 77.41
CA VAL P 116 4.97 -38.04 77.18
C VAL P 116 3.83 -38.08 78.20
N ASN P 117 4.12 -37.66 79.42
CA ASN P 117 3.14 -37.63 80.49
C ASN P 117 2.04 -36.59 80.27
N ILE P 118 2.16 -35.79 79.22
CA ILE P 118 1.13 -34.87 78.86
C ILE P 118 0.33 -35.42 77.74
N ILE P 119 1.01 -35.83 76.70
CA ILE P 119 0.38 -36.32 75.50
C ILE P 119 -0.34 -37.62 75.75
N THR P 120 0.33 -38.57 76.38
CA THR P 120 -0.26 -39.85 76.67
C THR P 120 -0.84 -39.86 78.05
N GLY P 121 -0.19 -39.14 78.95
CA GLY P 121 -0.62 -39.09 80.32
C GLY P 121 0.21 -40.02 81.19
N SER P 122 0.97 -40.90 80.57
CA SER P 122 1.77 -41.85 81.30
C SER P 122 3.04 -42.17 80.54
N PRO P 123 4.08 -42.61 81.24
CA PRO P 123 5.36 -43.04 80.74
C PRO P 123 5.20 -44.20 79.80
N THR P 124 6.20 -44.39 78.96
CA THR P 124 6.19 -45.48 78.00
C THR P 124 6.79 -46.74 78.59
N GLY P 125 7.55 -47.48 77.80
CA GLY P 125 8.17 -48.71 78.26
C GLY P 125 7.20 -49.87 78.20
N TYR P 126 6.14 -49.78 79.00
CA TYR P 126 5.10 -50.79 79.03
C TYR P 126 3.73 -50.16 78.77
N VAL P 127 2.82 -50.94 78.22
CA VAL P 127 1.48 -50.45 77.90
C VAL P 127 0.70 -50.12 79.16
N SER P 128 0.27 -48.87 79.28
CA SER P 128 -0.48 -48.43 80.46
C SER P 128 -1.22 -47.11 80.22
N SER Q 1 -3.53 -39.03 58.60
CA SER Q 1 -4.49 -40.06 58.22
C SER Q 1 -5.71 -39.47 57.53
N ARG Q 2 -6.34 -40.26 56.66
CA ARG Q 2 -7.47 -39.79 55.87
C ARG Q 2 -8.63 -40.77 55.83
N SER Q 3 -9.81 -40.27 56.14
CA SER Q 3 -11.04 -41.04 56.06
C SER Q 3 -11.51 -41.13 54.64
N TYR Q 4 -12.48 -41.99 54.36
CA TYR Q 4 -13.03 -42.09 53.02
C TYR Q 4 -13.48 -40.76 52.50
N SER Q 5 -14.23 -40.04 53.32
CA SER Q 5 -14.72 -38.73 52.91
C SER Q 5 -13.59 -37.89 52.40
N GLN Q 6 -12.47 -37.90 53.12
CA GLN Q 6 -11.31 -37.14 52.74
C GLN Q 6 -10.63 -37.70 51.50
N ARG Q 7 -10.55 -39.02 51.41
CA ARG Q 7 -9.90 -39.67 50.28
C ARG Q 7 -10.55 -39.25 49.02
N TYR Q 8 -11.86 -39.39 48.99
CA TYR Q 8 -12.64 -39.08 47.83
C TYR Q 8 -12.63 -37.61 47.53
N ALA Q 9 -12.84 -36.80 48.55
CA ALA Q 9 -12.89 -35.36 48.36
C ALA Q 9 -11.71 -34.86 47.56
N LYS Q 10 -10.51 -35.20 48.00
CA LYS Q 10 -9.33 -34.71 47.33
C LYS Q 10 -9.16 -35.35 45.97
N TRP Q 11 -9.49 -36.64 45.86
CA TRP Q 11 -9.41 -37.32 44.59
C TRP Q 11 -10.25 -36.62 43.57
N GLN Q 12 -11.42 -36.19 43.97
CA GLN Q 12 -12.32 -35.54 43.08
C GLN Q 12 -11.76 -34.23 42.62
N ALA Q 13 -11.21 -33.47 43.54
CA ALA Q 13 -10.65 -32.18 43.23
C ALA Q 13 -9.54 -32.28 42.21
N LYS Q 14 -8.69 -33.28 42.38
CA LYS Q 14 -7.57 -33.45 41.48
C LYS Q 14 -7.99 -34.00 40.17
N PHE Q 15 -9.00 -34.86 40.17
CA PHE Q 15 -9.51 -35.39 38.93
C PHE Q 15 -10.08 -34.26 38.09
N ASN Q 16 -10.87 -33.41 38.73
CA ASN Q 16 -11.47 -32.28 38.07
C ASN Q 16 -10.43 -31.39 37.45
N ALA Q 17 -9.39 -31.10 38.24
CA ALA Q 17 -8.32 -30.25 37.78
C ALA Q 17 -7.68 -30.80 36.52
N PHE Q 18 -7.32 -32.07 36.58
CA PHE Q 18 -6.67 -32.72 35.46
C PHE Q 18 -7.50 -32.68 34.20
N SER Q 19 -8.82 -32.84 34.33
CA SER Q 19 -9.69 -32.89 33.16
C SER Q 19 -9.68 -31.60 32.33
N ASN Q 20 -9.19 -30.50 32.93
CA ASN Q 20 -9.12 -29.22 32.24
C ASN Q 20 -8.16 -29.28 31.06
N PRO Q 21 -8.66 -29.09 29.82
CA PRO Q 21 -7.91 -29.09 28.54
C PRO Q 21 -6.46 -28.65 28.68
N THR Q 22 -6.26 -27.53 29.35
CA THR Q 22 -4.95 -26.93 29.41
C THR Q 22 -4.09 -27.58 30.43
N VAL Q 23 -4.70 -28.11 31.45
CA VAL Q 23 -3.97 -28.76 32.49
C VAL Q 23 -3.50 -30.09 32.03
N ALA Q 24 -4.40 -30.83 31.42
CA ALA Q 24 -4.06 -32.12 30.90
C ALA Q 24 -2.97 -32.02 29.88
N SER Q 25 -3.13 -31.10 28.93
CA SER Q 25 -2.17 -30.98 27.88
C SER Q 25 -0.85 -30.43 28.35
N THR Q 26 -0.89 -29.54 29.33
CA THR Q 26 0.35 -29.01 29.87
C THR Q 26 1.16 -30.11 30.46
N ILE Q 27 0.56 -30.87 31.34
CA ILE Q 27 1.25 -31.92 32.01
C ILE Q 27 1.71 -32.99 31.06
N LEU Q 28 0.78 -33.48 30.24
CA LEU Q 28 1.05 -34.60 29.38
C LEU Q 28 2.07 -34.28 28.31
N SER Q 29 2.01 -33.07 27.78
CA SER Q 29 2.97 -32.68 26.77
C SER Q 29 4.34 -32.46 27.37
N ASN Q 30 4.39 -32.05 28.63
CA ASN Q 30 5.67 -31.86 29.29
C ASN Q 30 6.33 -33.17 29.64
N VAL Q 31 5.54 -34.17 30.00
CA VAL Q 31 6.11 -35.46 30.37
C VAL Q 31 6.15 -36.43 29.22
N SER Q 32 5.72 -35.97 28.05
CA SER Q 32 5.75 -36.80 26.86
C SER Q 32 7.10 -37.51 26.67
N PRO Q 33 8.14 -36.80 26.18
CA PRO Q 33 9.45 -37.39 25.88
C PRO Q 33 10.04 -38.16 27.07
N VAL Q 34 9.65 -37.80 28.29
CA VAL Q 34 10.12 -38.47 29.47
C VAL Q 34 9.52 -39.84 29.54
N ALA Q 35 8.21 -39.89 29.39
CA ALA Q 35 7.49 -41.14 29.41
C ALA Q 35 7.97 -42.03 28.30
N GLN Q 36 8.25 -41.43 27.16
CA GLN Q 36 8.71 -42.18 26.01
C GLN Q 36 9.97 -42.91 26.33
N GLN Q 37 10.89 -42.22 26.99
CA GLN Q 37 12.12 -42.82 27.41
C GLN Q 37 11.89 -44.00 28.30
N ASN Q 38 11.01 -43.83 29.28
CA ASN Q 38 10.75 -44.86 30.26
C ASN Q 38 10.10 -46.07 29.64
N PHE Q 39 9.18 -45.83 28.73
CA PHE Q 39 8.49 -46.90 28.04
C PHE Q 39 9.46 -47.69 27.22
N GLN Q 40 10.27 -46.99 26.44
CA GLN Q 40 11.26 -47.64 25.60
C GLN Q 40 12.29 -48.37 26.40
N THR Q 41 12.67 -47.81 27.53
CA THR Q 41 13.70 -48.40 28.33
C THR Q 41 13.31 -49.73 28.94
N ASN Q 42 12.11 -49.81 29.52
CA ASN Q 42 11.75 -51.02 30.23
C ASN Q 42 10.87 -51.99 29.47
N VAL Q 43 10.00 -51.51 28.58
CA VAL Q 43 9.04 -52.42 27.97
C VAL Q 43 9.62 -53.60 27.17
N PRO Q 44 10.65 -53.39 26.32
CA PRO Q 44 11.34 -54.39 25.53
C PRO Q 44 11.83 -55.55 26.39
N LYS Q 45 12.12 -55.25 27.66
CA LYS Q 45 12.63 -56.24 28.58
C LYS Q 45 11.57 -57.28 28.87
N PHE Q 46 10.31 -56.86 28.86
CA PHE Q 46 9.21 -57.74 29.16
C PHE Q 46 8.64 -58.35 27.91
N THR Q 47 8.83 -57.68 26.78
CA THR Q 47 8.40 -58.26 25.53
C THR Q 47 9.18 -59.51 25.24
N SER Q 48 10.49 -59.46 25.49
CA SER Q 48 11.33 -60.62 25.27
C SER Q 48 10.91 -61.78 26.17
N VAL Q 49 10.39 -61.45 27.34
CA VAL Q 49 9.89 -62.45 28.26
C VAL Q 49 8.65 -63.09 27.69
N ASN Q 50 7.74 -62.27 27.20
CA ASN Q 50 6.51 -62.77 26.62
C ASN Q 50 6.81 -63.70 25.48
N GLU Q 51 7.83 -63.37 24.71
CA GLU Q 51 8.22 -64.18 23.58
C GLU Q 51 8.78 -65.51 23.99
N ASN Q 52 9.77 -65.49 24.87
CA ASN Q 52 10.43 -66.69 25.26
C ASN Q 52 9.52 -67.60 26.05
N VAL Q 53 8.71 -67.02 26.91
CA VAL Q 53 7.75 -67.79 27.69
C VAL Q 53 6.72 -68.39 26.77
N SER Q 54 6.29 -67.63 25.78
CA SER Q 54 5.35 -68.15 24.81
C SER Q 54 5.90 -69.38 24.15
N ALA Q 55 7.16 -69.32 23.74
CA ALA Q 55 7.80 -70.47 23.10
C ALA Q 55 7.70 -71.68 23.98
N VAL Q 56 7.99 -71.51 25.25
CA VAL Q 56 7.90 -72.58 26.22
C VAL Q 56 6.51 -73.16 26.29
N LEU Q 57 5.53 -72.29 26.38
CA LEU Q 57 4.17 -72.71 26.53
C LEU Q 57 3.69 -73.50 25.35
N THR Q 58 4.16 -73.14 24.17
CA THR Q 58 3.83 -73.90 22.98
C THR Q 58 4.42 -75.29 23.05
N GLN Q 59 5.66 -75.39 23.55
CA GLN Q 59 6.29 -76.70 23.74
C GLN Q 59 5.54 -77.56 24.76
N TYR Q 60 4.92 -76.92 25.76
CA TYR Q 60 4.13 -77.64 26.75
C TYR Q 60 2.68 -77.84 26.37
N GLY Q 61 2.28 -77.38 25.20
CA GLY Q 61 0.92 -77.62 24.74
C GLY Q 61 -0.10 -76.72 25.43
N ILE Q 62 0.35 -75.62 26.00
CA ILE Q 62 -0.52 -74.73 26.73
C ILE Q 62 -1.24 -73.79 25.79
N THR Q 63 -2.56 -73.74 25.89
CA THR Q 63 -3.36 -72.89 25.01
C THR Q 63 -4.31 -71.99 25.77
N GLY Q 64 -4.82 -70.98 25.08
CA GLY Q 64 -5.82 -70.10 25.64
C GLY Q 64 -5.31 -69.35 26.86
N PRO Q 65 -6.20 -69.06 27.77
CA PRO Q 65 -6.00 -68.34 29.01
C PRO Q 65 -5.01 -69.04 29.90
N ASN Q 66 -4.77 -70.32 29.64
CA ASN Q 66 -3.80 -71.03 30.43
C ASN Q 66 -2.42 -70.49 30.15
N ARG Q 67 -2.21 -70.01 28.92
CA ARG Q 67 -0.96 -69.42 28.57
C ARG Q 67 -0.82 -68.15 29.33
N ALA Q 68 -1.92 -67.41 29.40
CA ALA Q 68 -1.96 -66.14 30.11
C ALA Q 68 -1.59 -66.30 31.58
N ILE Q 69 -1.98 -67.42 32.18
CA ILE Q 69 -1.61 -67.68 33.56
C ILE Q 69 -0.11 -67.70 33.73
N TYR Q 70 0.55 -68.46 32.88
CA TYR Q 70 1.97 -68.62 32.98
C TYR Q 70 2.70 -67.37 32.54
N GLN Q 71 2.13 -66.64 31.59
CA GLN Q 71 2.71 -65.40 31.15
C GLN Q 71 2.74 -64.40 32.27
N GLY Q 72 1.65 -64.34 33.03
CA GLY Q 72 1.56 -63.45 34.18
C GLY Q 72 2.64 -63.78 35.19
N PHE Q 73 2.80 -65.06 35.47
CA PHE Q 73 3.82 -65.52 36.36
C PHE Q 73 5.20 -65.08 35.90
N GLY Q 74 5.51 -65.32 34.64
CA GLY Q 74 6.81 -64.96 34.08
C GLY Q 74 7.06 -63.48 34.18
N LEU Q 75 6.06 -62.68 33.85
CA LEU Q 75 6.18 -61.25 33.90
C LEU Q 75 6.48 -60.78 35.30
N LYS Q 76 5.85 -61.41 36.29
CA LYS Q 76 6.09 -61.09 37.67
C LYS Q 76 7.51 -61.37 38.08
N VAL Q 77 8.05 -62.49 37.61
CA VAL Q 77 9.43 -62.83 37.90
C VAL Q 77 10.36 -61.76 37.40
N ALA Q 78 10.13 -61.33 36.17
CA ALA Q 78 10.93 -60.30 35.54
C ALA Q 78 10.81 -58.97 36.28
N ARG Q 79 9.60 -58.65 36.73
CA ARG Q 79 9.37 -57.42 37.47
C ARG Q 79 10.24 -57.34 38.69
N ALA Q 80 10.21 -58.40 39.47
CA ALA Q 80 11.01 -58.46 40.67
C ALA Q 80 12.46 -58.35 40.34
N LEU Q 81 12.88 -59.00 39.28
CA LEU Q 81 14.24 -58.94 38.85
C LEU Q 81 14.66 -57.50 38.62
N ASN Q 82 13.83 -56.75 37.90
CA ASN Q 82 14.15 -55.35 37.63
C ASN Q 82 14.20 -54.48 38.88
N ARG Q 83 13.28 -54.71 39.81
CA ARG Q 83 13.17 -53.85 40.99
C ARG Q 83 14.00 -54.33 42.18
N ILE Q 84 14.46 -55.58 42.12
CA ILE Q 84 15.28 -56.15 43.19
C ILE Q 84 16.66 -56.52 42.72
N GLY Q 85 16.73 -57.21 41.59
CA GLY Q 85 18.00 -57.71 41.08
C GLY Q 85 18.15 -59.15 41.47
N SER Q 86 19.06 -59.85 40.79
CA SER Q 86 19.24 -61.28 41.05
C SER Q 86 19.90 -61.51 42.39
N GLY Q 87 19.80 -62.73 42.89
CA GLY Q 87 20.39 -63.09 44.16
C GLY Q 87 19.32 -63.42 45.20
N PRO Q 88 19.76 -63.69 46.43
CA PRO Q 88 18.97 -64.04 47.62
C PRO Q 88 17.54 -63.52 47.59
N ALA Q 89 17.39 -62.20 47.54
CA ALA Q 89 16.06 -61.60 47.60
C ALA Q 89 15.16 -62.08 46.48
N LEU Q 90 15.73 -62.28 45.30
CA LEU Q 90 14.94 -62.76 44.18
C LEU Q 90 14.48 -64.15 44.45
N VAL Q 91 15.38 -64.96 44.99
CA VAL Q 91 15.06 -66.32 45.35
C VAL Q 91 13.88 -66.36 46.30
N ASN Q 92 13.92 -65.51 47.32
CA ASN Q 92 12.86 -65.42 48.29
C ASN Q 92 11.55 -65.07 47.61
N MET Q 93 11.62 -64.13 46.68
CA MET Q 93 10.47 -63.71 45.94
C MET Q 93 9.86 -64.82 45.13
N ILE Q 94 10.69 -65.51 44.35
CA ILE Q 94 10.19 -66.52 43.45
C ILE Q 94 9.54 -67.64 44.19
N ASN Q 95 10.13 -68.04 45.31
CA ASN Q 95 9.54 -69.11 46.11
C ASN Q 95 8.12 -68.77 46.50
N GLY Q 96 7.90 -67.55 46.99
CA GLY Q 96 6.59 -67.13 47.39
C GLY Q 96 5.67 -67.01 46.20
N LEU Q 97 6.20 -66.47 45.11
CA LEU Q 97 5.45 -66.30 43.88
C LEU Q 97 4.92 -67.60 43.35
N LYS Q 98 5.76 -68.61 43.34
CA LYS Q 98 5.34 -69.90 42.89
C LYS Q 98 4.21 -70.42 43.76
N GLY Q 99 4.36 -70.27 45.07
CA GLY Q 99 3.31 -70.68 45.99
C GLY Q 99 2.00 -69.98 45.65
N TYR Q 100 2.09 -68.70 45.34
CA TYR Q 100 0.94 -67.91 44.97
C TYR Q 100 0.22 -68.51 43.79
N TYR Q 101 0.92 -68.72 42.70
CA TYR Q 101 0.29 -69.25 41.50
C TYR Q 101 -0.13 -70.70 41.60
N ILE Q 102 0.69 -71.51 42.22
CA ILE Q 102 0.40 -72.91 42.33
C ILE Q 102 -0.87 -73.16 43.08
N SER Q 103 -1.02 -72.50 44.21
CA SER Q 103 -2.16 -72.78 45.05
C SER Q 103 -3.33 -71.83 44.84
N ALA Q 104 -3.09 -70.60 44.40
CA ALA Q 104 -4.20 -69.68 44.20
C ALA Q 104 -4.85 -69.88 42.87
N PHE Q 105 -4.06 -70.20 41.84
CA PHE Q 105 -4.59 -70.33 40.49
C PHE Q 105 -4.44 -71.73 39.94
N ASN Q 106 -3.95 -72.64 40.78
CA ASN Q 106 -3.76 -74.02 40.36
C ASN Q 106 -2.81 -74.14 39.19
N ALA Q 107 -1.77 -73.32 39.17
CA ALA Q 107 -0.78 -73.38 38.11
C ALA Q 107 0.10 -74.61 38.31
N ASN Q 108 0.55 -75.21 37.21
CA ASN Q 108 1.34 -76.43 37.27
C ASN Q 108 2.81 -76.17 37.58
N PRO Q 109 3.23 -76.37 38.84
CA PRO Q 109 4.61 -76.24 39.37
C PRO Q 109 5.69 -76.53 38.33
N GLN Q 110 5.53 -77.62 37.60
CA GLN Q 110 6.54 -78.05 36.65
C GLN Q 110 6.68 -77.05 35.51
N VAL Q 111 5.56 -76.56 35.01
CA VAL Q 111 5.60 -75.60 33.95
C VAL Q 111 6.13 -74.29 34.48
N LEU Q 112 5.76 -73.96 35.71
CA LEU Q 112 6.22 -72.74 36.33
C LEU Q 112 7.73 -72.71 36.42
N ASP Q 113 8.31 -73.86 36.74
CA ASP Q 113 9.74 -73.98 36.79
C ASP Q 113 10.35 -73.83 35.43
N ALA Q 114 9.65 -74.32 34.41
CA ALA Q 114 10.12 -74.14 33.04
C ALA Q 114 10.18 -72.66 32.68
N VAL Q 115 9.20 -71.88 33.16
CA VAL Q 115 9.21 -70.44 32.92
C VAL Q 115 10.39 -69.79 33.59
N VAL Q 116 10.62 -70.14 34.85
CA VAL Q 116 11.75 -69.59 35.60
C VAL Q 116 13.06 -69.97 34.93
N ASN Q 117 13.14 -71.20 34.43
CA ASN Q 117 14.30 -71.71 33.72
C ASN Q 117 14.69 -70.88 32.50
N ILE Q 118 13.80 -70.02 32.03
CA ILE Q 118 14.10 -69.18 30.92
C ILE Q 118 14.50 -67.82 31.37
N ILE Q 119 13.67 -67.23 32.21
CA ILE Q 119 13.89 -65.88 32.67
C ILE Q 119 15.15 -65.77 33.50
N THR Q 120 15.33 -66.69 34.42
CA THR Q 120 16.52 -66.69 35.26
C THR Q 120 17.58 -67.57 34.67
N GLY Q 121 17.14 -68.59 33.96
CA GLY Q 121 18.06 -69.53 33.33
C GLY Q 121 18.04 -70.85 34.06
N SER Q 122 17.44 -70.86 35.25
CA SER Q 122 17.34 -72.07 36.04
C SER Q 122 16.28 -71.88 37.10
N PRO Q 123 15.76 -72.96 37.66
CA PRO Q 123 14.84 -72.97 38.76
C PRO Q 123 15.51 -72.30 39.94
N THR Q 124 14.71 -71.81 40.86
CA THR Q 124 15.28 -71.01 41.93
C THR Q 124 15.74 -71.85 43.10
N GLY Q 125 15.58 -71.34 44.32
CA GLY Q 125 16.07 -72.03 45.50
C GLY Q 125 17.57 -71.79 45.68
N TYR Q 126 18.33 -72.26 44.70
CA TYR Q 126 19.74 -72.06 44.67
C TYR Q 126 20.07 -70.98 43.65
N VAL Q 127 21.07 -70.19 43.92
CA VAL Q 127 21.46 -69.15 43.00
C VAL Q 127 22.46 -69.68 41.99
N SER Q 128 22.06 -69.71 40.74
CA SER Q 128 22.93 -70.20 39.68
C SER Q 128 22.34 -69.89 38.31
N SER R 1 -0.78 -60.76 18.76
CA SER R 1 0.60 -61.06 18.37
C SER R 1 1.33 -59.83 17.90
N ARG R 2 2.14 -59.24 18.79
CA ARG R 2 2.88 -58.02 18.45
C ARG R 2 4.27 -58.00 19.07
N SER R 3 5.23 -57.44 18.36
CA SER R 3 6.58 -57.22 18.88
C SER R 3 6.56 -56.00 19.75
N TYR R 4 7.65 -55.73 20.45
CA TYR R 4 7.64 -54.57 21.31
C TYR R 4 7.62 -53.34 20.47
N SER R 5 8.20 -53.42 19.27
CA SER R 5 8.28 -52.28 18.42
C SER R 5 6.91 -51.87 17.99
N GLN R 6 6.04 -52.84 17.82
CA GLN R 6 4.66 -52.58 17.49
C GLN R 6 3.91 -52.08 18.69
N ARG R 7 4.19 -52.67 19.84
CA ARG R 7 3.55 -52.25 21.08
C ARG R 7 3.83 -50.80 21.34
N TYR R 8 5.09 -50.43 21.21
CA TYR R 8 5.53 -49.08 21.39
C TYR R 8 4.96 -48.17 20.37
N ALA R 9 5.09 -48.54 19.10
CA ALA R 9 4.61 -47.68 18.03
C ALA R 9 3.20 -47.22 18.27
N LYS R 10 2.30 -48.16 18.53
CA LYS R 10 0.93 -47.80 18.74
C LYS R 10 0.74 -47.05 20.03
N TRP R 11 1.44 -47.47 21.07
CA TRP R 11 1.37 -46.79 22.35
C TRP R 11 1.72 -45.35 22.21
N GLN R 12 2.75 -45.08 21.43
CA GLN R 12 3.20 -43.73 21.21
C GLN R 12 2.15 -42.92 20.53
N ALA R 13 1.54 -43.50 19.50
CA ALA R 13 0.53 -42.80 18.75
C ALA R 13 -0.65 -42.44 19.62
N LYS R 14 -1.03 -43.35 20.49
CA LYS R 14 -2.16 -43.12 21.34
C LYS R 14 -1.86 -42.18 22.46
N PHE R 15 -0.64 -42.22 22.95
CA PHE R 15 -0.24 -41.29 23.97
C PHE R 15 -0.27 -39.89 23.42
N ASN R 16 0.27 -39.73 22.21
CA ASN R 16 0.28 -38.44 21.56
C ASN R 16 -1.12 -37.91 21.41
N ALA R 17 -2.01 -38.77 20.92
CA ALA R 17 -3.38 -38.39 20.71
C ALA R 17 -4.00 -37.88 21.99
N PHE R 18 -3.87 -38.65 23.05
CA PHE R 18 -4.45 -38.29 24.32
C PHE R 18 -3.95 -36.99 24.84
N SER R 19 -2.68 -36.69 24.64
CA SER R 19 -2.08 -35.46 25.18
C SER R 19 -2.68 -34.19 24.57
N ASN R 20 -3.39 -34.32 23.46
CA ASN R 20 -4.01 -33.18 22.80
C ASN R 20 -5.13 -32.59 23.65
N PRO R 21 -4.99 -31.32 24.11
CA PRO R 21 -5.94 -30.56 24.93
C PRO R 21 -7.39 -30.99 24.71
N THR R 22 -7.78 -31.05 23.44
CA THR R 22 -9.15 -31.35 23.09
C THR R 22 -9.47 -32.78 23.39
N VAL R 23 -8.59 -33.68 23.00
CA VAL R 23 -8.83 -35.09 23.20
C VAL R 23 -8.86 -35.42 24.66
N ALA R 24 -7.91 -34.89 25.40
CA ALA R 24 -7.84 -35.15 26.82
C ALA R 24 -9.09 -34.71 27.51
N SER R 25 -9.49 -33.47 27.28
CA SER R 25 -10.65 -32.93 27.95
C SER R 25 -11.92 -33.54 27.48
N THR R 26 -11.99 -33.91 26.22
CA THR R 26 -13.19 -34.54 25.70
C THR R 26 -13.45 -35.82 26.41
N ILE R 27 -12.46 -36.67 26.44
CA ILE R 27 -12.61 -37.95 27.06
C ILE R 27 -12.84 -37.82 28.54
N LEU R 28 -11.98 -37.07 29.20
CA LEU R 28 -12.01 -36.96 30.64
C LEU R 28 -13.26 -36.30 31.16
N SER R 29 -13.75 -35.29 30.45
CA SER R 29 -14.96 -34.62 30.89
C SER R 29 -16.17 -35.49 30.65
N ASN R 30 -16.11 -36.36 29.64
CA ASN R 30 -17.22 -37.25 29.37
C ASN R 30 -17.29 -38.38 30.38
N VAL R 31 -16.14 -38.86 30.83
CA VAL R 31 -16.13 -39.97 31.78
C VAL R 31 -16.06 -39.50 33.20
N SER R 32 -16.09 -38.18 33.39
CA SER R 32 -16.05 -37.61 34.73
C SER R 32 -17.08 -38.26 35.68
N PRO R 33 -18.39 -37.92 35.55
CA PRO R 33 -19.43 -38.43 36.44
C PRO R 33 -19.46 -39.97 36.52
N VAL R 34 -18.99 -40.63 35.46
CA VAL R 34 -18.93 -42.07 35.44
C VAL R 34 -17.88 -42.55 36.38
N ALA R 35 -16.71 -41.93 36.28
CA ALA R 35 -15.60 -42.24 37.15
C ALA R 35 -15.96 -42.01 38.58
N GLN R 36 -16.71 -40.95 38.82
CA GLN R 36 -17.11 -40.60 40.16
C GLN R 36 -17.92 -41.70 40.75
N GLN R 37 -18.84 -42.23 39.97
CA GLN R 37 -19.65 -43.33 40.44
C GLN R 37 -18.83 -44.54 40.78
N ASN R 38 -17.89 -44.86 39.91
CA ASN R 38 -17.08 -46.03 40.10
C ASN R 38 -16.18 -45.91 41.30
N PHE R 39 -15.62 -44.72 41.49
CA PHE R 39 -14.77 -44.45 42.62
C PHE R 39 -15.56 -44.55 43.90
N GLN R 40 -16.72 -43.90 43.92
CA GLN R 40 -17.56 -43.90 45.09
C GLN R 40 -18.01 -45.28 45.46
N THR R 41 -18.28 -46.10 44.45
CA THR R 41 -18.81 -47.41 44.68
C THR R 41 -17.79 -48.36 45.30
N ASN R 42 -16.61 -48.46 44.70
CA ASN R 42 -15.67 -49.47 45.15
C ASN R 42 -14.64 -49.02 46.16
N VAL R 43 -14.41 -47.73 46.31
CA VAL R 43 -13.34 -47.29 47.22
C VAL R 43 -13.62 -47.40 48.73
N PRO R 44 -14.74 -46.85 49.25
CA PRO R 44 -15.07 -46.86 50.67
C PRO R 44 -15.04 -48.28 51.25
N LYS R 45 -15.21 -49.28 50.39
CA LYS R 45 -15.14 -50.68 50.76
C LYS R 45 -13.77 -51.02 51.33
N PHE R 46 -12.74 -50.44 50.75
CA PHE R 46 -11.38 -50.71 51.16
C PHE R 46 -10.94 -49.76 52.25
N THR R 47 -11.54 -48.59 52.28
CA THR R 47 -11.23 -47.66 53.35
C THR R 47 -11.61 -48.24 54.69
N SER R 48 -12.78 -48.88 54.74
CA SER R 48 -13.22 -49.51 55.98
C SER R 48 -12.29 -50.63 56.39
N VAL R 49 -11.69 -51.29 55.41
CA VAL R 49 -10.72 -52.32 55.67
C VAL R 49 -9.52 -51.73 56.32
N ASN R 50 -9.05 -50.62 55.79
CA ASN R 50 -7.88 -49.96 56.31
C ASN R 50 -8.05 -49.58 57.76
N GLU R 51 -9.24 -49.08 58.13
CA GLU R 51 -9.47 -48.70 59.52
C GLU R 51 -9.35 -49.91 60.44
N ASN R 52 -10.10 -50.96 60.13
CA ASN R 52 -10.09 -52.14 61.00
C ASN R 52 -8.76 -52.85 61.03
N VAL R 53 -8.15 -53.02 59.86
CA VAL R 53 -6.86 -53.68 59.78
C VAL R 53 -5.82 -52.92 60.53
N SER R 54 -5.83 -51.60 60.38
CA SER R 54 -4.88 -50.77 61.05
C SER R 54 -5.02 -50.94 62.55
N ALA R 55 -6.26 -50.95 63.03
CA ALA R 55 -6.51 -51.12 64.45
C ALA R 55 -5.88 -52.40 64.96
N VAL R 56 -6.05 -53.48 64.20
CA VAL R 56 -5.46 -54.75 64.55
C VAL R 56 -3.97 -54.67 64.64
N LEU R 57 -3.36 -54.04 63.67
CA LEU R 57 -1.93 -53.93 63.62
C LEU R 57 -1.40 -53.19 64.83
N THR R 58 -2.14 -52.19 65.29
CA THR R 58 -1.77 -51.50 66.50
C THR R 58 -1.84 -52.41 67.71
N GLN R 59 -2.86 -53.25 67.76
CA GLN R 59 -2.98 -54.23 68.85
C GLN R 59 -1.85 -55.28 68.79
N TYR R 60 -1.34 -55.56 67.59
CA TYR R 60 -0.20 -56.47 67.45
C TYR R 60 1.15 -55.78 67.55
N GLY R 61 1.17 -54.48 67.79
CA GLY R 61 2.43 -53.79 67.98
C GLY R 61 3.19 -53.55 66.67
N ILE R 62 2.49 -53.62 65.55
CA ILE R 62 3.13 -53.49 64.24
C ILE R 62 3.28 -52.03 63.86
N THR R 63 4.49 -51.63 63.51
CA THR R 63 4.76 -50.23 63.17
C THR R 63 5.45 -50.08 61.83
N GLY R 64 5.42 -48.86 61.31
CA GLY R 64 6.11 -48.53 60.09
C GLY R 64 5.63 -49.32 58.91
N PRO R 65 6.52 -49.59 57.97
CA PRO R 65 6.31 -50.31 56.74
C PRO R 65 5.83 -51.71 56.99
N ASN R 66 6.02 -52.21 58.20
CA ASN R 66 5.54 -53.52 58.51
C ASN R 66 4.03 -53.52 58.50
N ARG R 67 3.44 -52.39 58.86
CA ARG R 67 2.01 -52.27 58.83
C ARG R 67 1.58 -52.31 57.41
N ALA R 68 2.33 -51.61 56.57
CA ALA R 68 2.04 -51.55 55.14
C ALA R 68 2.06 -52.92 54.50
N ILE R 69 2.93 -53.80 54.98
CA ILE R 69 2.95 -55.16 54.46
C ILE R 69 1.60 -55.80 54.65
N TYR R 70 1.08 -55.67 55.85
CA TYR R 70 -0.19 -56.30 56.17
C TYR R 70 -1.35 -55.57 55.55
N GLN R 71 -1.19 -54.25 55.35
CA GLN R 71 -2.23 -53.49 54.69
C GLN R 71 -2.36 -53.95 53.26
N GLY R 72 -1.23 -54.16 52.60
CA GLY R 72 -1.23 -54.64 51.23
C GLY R 72 -1.90 -55.99 51.14
N PHE R 73 -1.55 -56.87 52.07
CA PHE R 73 -2.16 -58.17 52.13
C PHE R 73 -3.66 -58.09 52.30
N GLY R 74 -4.10 -57.34 53.29
CA GLY R 74 -5.51 -57.20 53.59
C GLY R 74 -6.28 -56.64 52.42
N LEU R 75 -5.75 -55.61 51.81
CA LEU R 75 -6.41 -54.99 50.70
C LEU R 75 -6.56 -55.96 49.55
N LYS R 76 -5.55 -56.78 49.33
CA LYS R 76 -5.58 -57.76 48.28
C LYS R 76 -6.60 -58.85 48.57
N VAL R 77 -6.75 -59.21 49.83
CA VAL R 77 -7.78 -60.16 50.23
C VAL R 77 -9.15 -59.61 49.88
N ALA R 78 -9.38 -58.35 50.24
CA ALA R 78 -10.65 -57.69 49.97
C ALA R 78 -10.91 -57.59 48.47
N ARG R 79 -9.87 -57.31 47.70
CA ARG R 79 -9.99 -57.28 46.26
C ARG R 79 -10.59 -58.55 45.72
N ALA R 80 -9.98 -59.66 46.10
CA ALA R 80 -10.44 -60.96 45.66
C ALA R 80 -11.87 -61.19 46.07
N LEU R 81 -12.21 -60.77 47.27
CA LEU R 81 -13.56 -60.90 47.73
C LEU R 81 -14.52 -60.21 46.78
N ASN R 82 -14.19 -58.99 46.38
CA ASN R 82 -15.07 -58.26 45.46
C ASN R 82 -15.18 -58.92 44.09
N ARG R 83 -14.07 -59.35 43.53
CA ARG R 83 -14.07 -59.88 42.16
C ARG R 83 -14.47 -61.36 42.08
N ILE R 84 -14.27 -62.10 43.16
CA ILE R 84 -14.64 -63.51 43.21
C ILE R 84 -15.89 -63.75 44.02
N GLY R 85 -15.92 -63.20 45.22
CA GLY R 85 -17.02 -63.44 46.14
C GLY R 85 -16.62 -64.52 47.11
N SER R 86 -17.32 -64.61 48.24
CA SER R 86 -16.96 -65.59 49.25
C SER R 86 -17.25 -66.99 48.79
N GLY R 87 -16.61 -67.96 49.43
CA GLY R 87 -16.78 -69.36 49.09
C GLY R 87 -15.48 -69.96 48.60
N PRO R 88 -15.54 -71.24 48.23
CA PRO R 88 -14.45 -72.09 47.73
C PRO R 88 -13.32 -71.31 47.04
N ALA R 89 -13.63 -70.65 45.94
CA ALA R 89 -12.63 -69.97 45.15
C ALA R 89 -11.88 -68.93 45.95
N LEU R 90 -12.57 -68.24 46.84
CA LEU R 90 -11.92 -67.24 47.65
C LEU R 90 -10.95 -67.87 48.57
N VAL R 91 -11.35 -68.98 49.16
CA VAL R 91 -10.47 -69.71 50.05
C VAL R 91 -9.23 -70.15 49.31
N ASN R 92 -9.41 -70.66 48.09
CA ASN R 92 -8.28 -71.07 47.27
C ASN R 92 -7.33 -69.91 47.06
N MET R 93 -7.90 -68.74 46.78
CA MET R 93 -7.13 -67.55 46.59
C MET R 93 -6.36 -67.17 47.81
N ILE R 94 -7.04 -67.11 48.95
CA ILE R 94 -6.43 -66.67 50.18
C ILE R 94 -5.31 -67.57 50.58
N ASN R 95 -5.49 -68.87 50.43
CA ASN R 95 -4.44 -69.81 50.79
C ASN R 95 -3.16 -69.50 50.06
N GLY R 96 -3.26 -69.25 48.75
CA GLY R 96 -2.08 -68.92 47.96
C GLY R 96 -1.52 -67.57 48.32
N LEU R 97 -2.42 -66.61 48.52
CA LEU R 97 -2.03 -65.28 48.89
C LEU R 97 -1.29 -65.22 50.21
N LYS R 98 -1.82 -65.90 51.20
CA LYS R 98 -1.19 -65.97 52.48
C LYS R 98 0.21 -66.51 52.37
N GLY R 99 0.35 -67.69 51.75
CA GLY R 99 1.65 -68.32 51.59
C GLY R 99 2.61 -67.40 50.86
N TYR R 100 2.09 -66.73 49.83
CA TYR R 100 2.84 -65.77 49.06
C TYR R 100 3.48 -64.73 49.94
N TYR R 101 2.70 -64.06 50.75
CA TYR R 101 3.24 -63.05 51.64
C TYR R 101 4.18 -63.60 52.69
N ILE R 102 3.87 -64.77 53.21
CA ILE R 102 4.71 -65.35 54.23
C ILE R 102 6.12 -65.56 53.76
N SER R 103 6.26 -66.15 52.60
CA SER R 103 7.58 -66.49 52.12
C SER R 103 8.20 -65.44 51.21
N ALA R 104 7.38 -64.69 50.49
CA ALA R 104 7.93 -63.67 49.60
C ALA R 104 8.39 -62.47 50.35
N PHE R 105 7.62 -62.08 51.38
CA PHE R 105 7.93 -60.86 52.12
C PHE R 105 8.18 -61.09 53.57
N ASN R 106 8.26 -62.35 53.96
CA ASN R 106 8.50 -62.70 55.36
C ASN R 106 7.40 -62.15 56.26
N ALA R 107 6.17 -62.19 55.79
CA ALA R 107 5.06 -61.73 56.59
C ALA R 107 4.75 -62.76 57.66
N ASN R 108 4.35 -62.29 58.83
CA ASN R 108 4.11 -63.17 59.97
C ASN R 108 2.70 -63.77 59.95
N PRO R 109 2.59 -65.07 59.60
CA PRO R 109 1.34 -65.88 59.59
C PRO R 109 0.32 -65.44 60.63
N GLN R 110 0.78 -65.19 61.85
CA GLN R 110 -0.12 -64.82 62.93
C GLN R 110 -0.86 -63.55 62.65
N VAL R 111 -0.15 -62.55 62.20
CA VAL R 111 -0.77 -61.30 61.91
C VAL R 111 -1.60 -61.42 60.67
N LEU R 112 -1.11 -62.20 59.71
CA LEU R 112 -1.83 -62.41 58.46
C LEU R 112 -3.18 -63.00 58.73
N ASP R 113 -3.24 -63.93 59.66
CA ASP R 113 -4.48 -64.54 60.04
C ASP R 113 -5.38 -63.54 60.68
N ALA R 114 -4.81 -62.68 61.52
CA ALA R 114 -5.60 -61.65 62.16
C ALA R 114 -6.25 -60.75 61.13
N VAL R 115 -5.52 -60.41 60.08
CA VAL R 115 -6.07 -59.58 59.02
C VAL R 115 -7.23 -60.27 58.35
N VAL R 116 -7.07 -61.55 58.03
CA VAL R 116 -8.13 -62.32 57.41
C VAL R 116 -9.34 -62.42 58.35
N ASN R 117 -9.06 -62.52 59.65
CA ASN R 117 -10.11 -62.61 60.65
C ASN R 117 -10.92 -61.33 60.81
N ILE R 118 -10.53 -60.29 60.10
CA ILE R 118 -11.29 -59.07 60.08
C ILE R 118 -12.10 -59.01 58.84
N ILE R 119 -11.44 -59.19 57.72
CA ILE R 119 -12.07 -59.09 56.42
C ILE R 119 -13.08 -60.18 56.20
N THR R 120 -12.69 -61.41 56.47
CA THR R 120 -13.58 -62.53 56.28
C THR R 120 -14.26 -62.87 57.58
N GLY R 121 -13.54 -62.68 58.67
CA GLY R 121 -14.07 -62.98 59.98
C GLY R 121 -13.56 -64.32 60.47
N SER R 122 -12.95 -65.09 59.59
CA SER R 122 -12.46 -66.41 59.94
C SER R 122 -11.23 -66.74 59.12
N PRO R 123 -10.39 -67.63 59.64
CA PRO R 123 -9.18 -68.16 59.02
C PRO R 123 -9.52 -68.86 57.73
N THR R 124 -8.52 -69.00 56.88
CA THR R 124 -8.71 -69.66 55.61
C THR R 124 -8.44 -71.15 55.72
N GLY R 125 -7.81 -71.75 54.71
CA GLY R 125 -7.52 -73.17 54.73
C GLY R 125 -8.72 -73.96 54.26
N TYR R 126 -9.81 -73.90 55.04
CA TYR R 126 -11.04 -74.58 54.72
C TYR R 126 -12.20 -73.59 54.69
N VAL R 127 -13.23 -73.90 53.90
CA VAL R 127 -14.39 -73.02 53.77
C VAL R 127 -15.16 -72.96 55.06
N SER R 128 -15.33 -71.75 55.61
CA SER R 128 -16.05 -71.57 56.86
C SER R 128 -16.44 -70.11 57.09
N SER S 1 -15.01 -54.92 39.62
CA SER S 1 -16.13 -55.50 38.90
C SER S 1 -17.12 -54.43 38.46
N ARG S 2 -17.84 -54.71 37.37
CA ARG S 2 -18.77 -53.74 36.79
C ARG S 2 -20.10 -54.34 36.41
N SER S 3 -21.16 -53.71 36.87
CA SER S 3 -22.53 -54.09 36.52
C SER S 3 -22.87 -53.58 35.14
N TYR S 4 -23.99 -54.04 34.59
CA TYR S 4 -24.42 -53.54 33.29
C TYR S 4 -24.53 -52.05 33.26
N SER S 5 -25.16 -51.48 34.28
CA SER S 5 -25.31 -50.05 34.35
C SER S 5 -23.97 -49.38 34.16
N GLN S 6 -22.96 -49.89 34.85
CA GLN S 6 -21.62 -49.35 34.75
C GLN S 6 -20.98 -49.61 33.41
N ARG S 7 -21.19 -50.81 32.87
CA ARG S 7 -20.60 -51.17 31.58
C ARG S 7 -21.04 -50.20 30.53
N TYR S 8 -22.33 -50.02 30.45
CA TYR S 8 -22.92 -49.14 29.48
C TYR S 8 -22.55 -47.72 29.71
N ALA S 9 -22.66 -47.27 30.94
CA ALA S 9 -22.38 -45.87 31.26
C ALA S 9 -21.05 -45.44 30.68
N LYS S 10 -20.00 -46.18 30.98
CA LYS S 10 -18.69 -45.80 30.53
C LYS S 10 -18.55 -45.97 29.05
N TRP S 11 -19.15 -47.03 28.49
CA TRP S 11 -19.11 -47.23 27.06
C TRP S 11 -19.67 -46.05 26.35
N GLN S 12 -20.76 -45.51 26.86
CA GLN S 12 -21.41 -44.40 26.26
C GLN S 12 -20.53 -43.19 26.27
N ALA S 13 -19.90 -42.95 27.41
CA ALA S 13 -19.04 -41.79 27.56
C ALA S 13 -17.90 -41.82 26.57
N LYS S 14 -17.31 -42.99 26.39
CA LYS S 14 -16.19 -43.12 25.49
C LYS S 14 -16.61 -43.06 24.07
N PHE S 15 -17.78 -43.60 23.77
CA PHE S 15 -18.29 -43.55 22.42
C PHE S 15 -18.51 -42.10 22.02
N ASN S 16 -19.14 -41.35 22.91
CA ASN S 16 -19.41 -39.95 22.68
C ASN S 16 -18.15 -39.20 22.42
N ALA S 17 -17.14 -39.43 23.27
CA ALA S 17 -15.87 -38.77 23.13
C ALA S 17 -15.27 -39.00 21.77
N PHE S 18 -15.21 -40.26 21.37
CA PHE S 18 -14.63 -40.62 20.11
C PHE S 18 -15.32 -39.97 18.93
N SER S 19 -16.64 -39.84 18.99
CA SER S 19 -17.39 -39.29 17.87
C SER S 19 -17.03 -37.83 17.56
N ASN S 20 -16.36 -37.15 18.49
CA ASN S 20 -15.93 -35.78 18.29
C ASN S 20 -14.91 -35.66 17.16
N PRO S 21 -15.26 -34.95 16.07
CA PRO S 21 -14.42 -34.71 14.87
C PRO S 21 -12.93 -34.70 15.16
N THR S 22 -12.53 -33.95 16.17
CA THR S 22 -11.13 -33.74 16.43
C THR S 22 -10.53 -34.88 17.18
N VAL S 23 -11.34 -35.56 17.96
CA VAL S 23 -10.85 -36.68 18.70
C VAL S 23 -10.67 -37.85 17.81
N ALA S 24 -11.65 -38.10 16.98
CA ALA S 24 -11.58 -39.19 16.05
C ALA S 24 -10.41 -39.01 15.12
N SER S 25 -10.26 -37.82 14.55
CA SER S 25 -9.21 -37.59 13.61
C SER S 25 -7.86 -37.56 14.25
N THR S 26 -7.78 -37.07 15.47
CA THR S 26 -6.51 -37.07 16.17
C THR S 26 -6.01 -38.47 16.35
N ILE S 27 -6.85 -39.30 16.90
CA ILE S 27 -6.46 -40.66 17.17
C ILE S 27 -6.18 -41.41 15.91
N LEU S 28 -7.12 -41.38 14.97
CA LEU S 28 -7.03 -42.17 13.77
C LEU S 28 -5.88 -41.75 12.89
N SER S 29 -5.62 -40.45 12.80
CA SER S 29 -4.52 -40.00 11.99
C SER S 29 -3.18 -40.33 12.63
N ASN S 30 -3.16 -40.40 13.97
CA ASN S 30 -1.93 -40.76 14.66
C ASN S 30 -1.62 -42.22 14.52
N VAL S 31 -2.64 -43.07 14.51
CA VAL S 31 -2.40 -44.50 14.42
C VAL S 31 -2.48 -44.99 13.01
N SER S 32 -2.69 -44.09 12.06
CA SER S 32 -2.75 -44.45 10.66
C SER S 32 -1.58 -45.35 10.24
N PRO S 33 -0.37 -44.79 10.04
CA PRO S 33 0.79 -45.54 9.54
C PRO S 33 1.09 -46.80 10.40
N VAL S 34 0.69 -46.78 11.67
CA VAL S 34 0.90 -47.89 12.54
C VAL S 34 -0.01 -49.02 12.14
N ALA S 35 -1.28 -48.71 11.97
CA ALA S 35 -2.26 -49.68 11.55
C ALA S 35 -1.90 -50.23 10.20
N GLN S 36 -1.39 -49.37 9.34
CA GLN S 36 -1.01 -49.78 8.00
C GLN S 36 0.01 -50.85 8.05
N GLN S 37 1.00 -50.66 8.91
CA GLN S 37 2.03 -51.66 9.10
C GLN S 37 1.45 -52.97 9.53
N ASN S 38 0.57 -52.93 10.51
CA ASN S 38 0.00 -54.13 11.07
C ASN S 38 -0.86 -54.87 10.06
N PHE S 39 -1.62 -54.12 9.28
CA PHE S 39 -2.46 -54.70 8.27
C PHE S 39 -1.63 -55.38 7.23
N GLN S 40 -0.62 -54.68 6.74
CA GLN S 40 0.25 -55.22 5.73
C GLN S 40 1.04 -56.40 6.23
N THR S 41 1.43 -56.37 7.48
CA THR S 41 2.24 -57.42 8.04
C THR S 41 1.49 -58.75 8.15
N ASN S 42 0.27 -58.72 8.66
CA ASN S 42 -0.42 -59.97 8.91
C ASN S 42 -1.42 -60.39 7.84
N VAL S 43 -2.08 -59.45 7.18
CA VAL S 43 -3.17 -59.83 6.28
C VAL S 43 -2.80 -60.78 5.13
N PRO S 44 -1.69 -60.55 4.41
CA PRO S 44 -1.16 -61.36 3.32
C PRO S 44 -1.02 -62.82 3.73
N LYS S 45 -0.78 -63.05 5.02
CA LYS S 45 -0.61 -64.39 5.54
C LYS S 45 -1.89 -65.17 5.44
N PHE S 46 -3.01 -64.48 5.59
CA PHE S 46 -4.30 -65.12 5.55
C PHE S 46 -4.88 -65.12 4.16
N THR S 47 -4.46 -64.18 3.34
CA THR S 47 -4.89 -64.18 1.96
C THR S 47 -4.38 -65.40 1.26
N SER S 48 -3.13 -65.75 1.52
CA SER S 48 -2.56 -66.95 0.91
C SER S 48 -3.30 -68.20 1.35
N VAL S 49 -3.84 -68.17 2.57
CA VAL S 49 -4.64 -69.27 3.08
C VAL S 49 -5.92 -69.36 2.31
N ASN S 50 -6.59 -68.23 2.14
CA ASN S 50 -7.83 -68.20 1.41
C ASN S 50 -7.65 -68.74 0.03
N GLU S 51 -6.53 -68.41 -0.58
CA GLU S 51 -6.23 -68.87 -1.92
C GLU S 51 -6.02 -70.35 -1.99
N ASN S 52 -5.13 -70.86 -1.16
CA ASN S 52 -4.79 -72.26 -1.21
C ASN S 52 -5.95 -73.13 -0.78
N VAL S 53 -6.69 -72.70 0.23
CA VAL S 53 -7.85 -73.41 0.68
C VAL S 53 -8.91 -73.42 -0.40
N SER S 54 -9.08 -72.29 -1.07
CA SER S 54 -10.01 -72.21 -2.15
C SER S 54 -9.70 -73.23 -3.20
N ALA S 55 -8.43 -73.35 -3.56
CA ALA S 55 -8.01 -74.32 -4.55
C ALA S 55 -8.46 -75.71 -4.16
N VAL S 56 -8.24 -76.05 -2.89
CA VAL S 56 -8.66 -77.32 -2.36
C VAL S 56 -10.14 -77.54 -2.51
N LEU S 57 -10.90 -76.55 -2.11
CA LEU S 57 -12.33 -76.66 -2.13
C LEU S 57 -12.87 -76.85 -3.51
N THR S 58 -12.24 -76.24 -4.50
CA THR S 58 -12.63 -76.45 -5.87
C THR S 58 -12.36 -77.89 -6.28
N GLN S 59 -11.24 -78.45 -5.84
CA GLN S 59 -10.93 -79.86 -6.12
C GLN S 59 -11.95 -80.80 -5.47
N TYR S 60 -12.48 -80.41 -4.31
CA TYR S 60 -13.50 -81.21 -3.64
C TYR S 60 -14.92 -80.91 -4.06
N GLY S 61 -15.11 -80.00 -5.01
CA GLY S 61 -16.44 -79.73 -5.52
C GLY S 61 -17.29 -78.90 -4.57
N ILE S 62 -16.65 -78.19 -3.66
CA ILE S 62 -17.36 -77.43 -2.66
C ILE S 62 -17.76 -76.08 -3.21
N THR S 63 -19.04 -75.75 -3.11
CA THR S 63 -19.55 -74.49 -3.64
C THR S 63 -20.34 -73.69 -2.62
N GLY S 64 -20.54 -72.42 -2.91
CA GLY S 64 -21.36 -71.56 -2.09
C GLY S 64 -20.80 -71.42 -0.70
N PRO S 65 -21.69 -71.24 0.27
CA PRO S 65 -21.44 -71.05 1.68
C PRO S 65 -20.71 -72.23 2.27
N ASN S 66 -20.74 -73.36 1.60
CA ASN S 66 -20.03 -74.51 2.09
C ASN S 66 -18.55 -74.25 2.01
N ARG S 67 -18.13 -73.46 1.03
CA ARG S 67 -16.74 -73.10 0.92
C ARG S 67 -16.40 -72.24 2.07
N ALA S 68 -17.30 -71.32 2.39
CA ALA S 68 -17.11 -70.40 3.49
C ALA S 68 -16.92 -71.12 4.81
N ILE S 69 -17.60 -72.24 4.99
CA ILE S 69 -17.42 -73.05 6.20
C ILE S 69 -15.99 -73.48 6.34
N TYR S 70 -15.45 -74.05 5.29
CA TYR S 70 -14.10 -74.56 5.33
C TYR S 70 -13.07 -73.46 5.36
N GLN S 71 -13.39 -72.33 4.72
CA GLN S 71 -12.50 -71.20 4.74
C GLN S 71 -12.36 -70.68 6.14
N GLY S 72 -13.46 -70.61 6.87
CA GLY S 72 -13.44 -70.17 8.26
C GLY S 72 -12.56 -71.06 9.09
N PHE S 73 -12.72 -72.36 8.91
CA PHE S 73 -11.91 -73.33 9.59
C PHE S 73 -10.43 -73.11 9.32
N GLY S 74 -10.08 -72.97 8.05
CA GLY S 74 -8.69 -72.77 7.65
C GLY S 74 -8.11 -71.50 8.26
N LEU S 75 -8.88 -70.44 8.22
CA LEU S 75 -8.44 -69.18 8.77
C LEU S 75 -8.17 -69.29 10.26
N LYS S 76 -9.00 -70.05 10.95
CA LYS S 76 -8.82 -70.27 12.37
C LYS S 76 -7.54 -71.01 12.65
N VAL S 77 -7.23 -72.00 11.83
CA VAL S 77 -5.99 -72.75 11.99
C VAL S 77 -4.81 -71.82 11.89
N ALA S 78 -4.82 -70.96 10.88
CA ALA S 78 -3.76 -70.01 10.66
C ALA S 78 -3.65 -69.02 11.80
N ARG S 79 -4.79 -68.59 12.34
CA ARG S 79 -4.80 -67.66 13.45
C ARG S 79 -4.04 -68.21 14.63
N ALA S 80 -4.37 -69.43 15.00
CA ALA S 80 -3.72 -70.08 16.10
C ALA S 80 -2.25 -70.22 15.85
N LEU S 81 -1.90 -70.56 14.61
CA LEU S 81 -0.52 -70.69 14.25
C LEU S 81 0.22 -69.39 14.52
N ASN S 82 -0.36 -68.27 14.11
CA ASN S 82 0.31 -66.98 14.34
C ASN S 82 0.43 -66.62 15.81
N ARG S 83 -0.60 -66.92 16.61
CA ARG S 83 -0.61 -66.50 18.01
C ARG S 83 -0.02 -67.56 18.95
N ILE S 84 0.16 -68.77 18.47
CA ILE S 84 0.73 -69.85 19.28
C ILE S 84 2.04 -70.37 18.71
N GLY S 85 2.05 -70.63 17.42
CA GLY S 85 3.20 -71.21 16.78
C GLY S 85 2.99 -72.70 16.63
N SER S 86 3.77 -73.34 15.76
CA SER S 86 3.61 -74.76 15.51
C SER S 86 4.08 -75.58 16.69
N GLY S 87 3.67 -76.84 16.73
CA GLY S 87 4.05 -77.74 17.80
C GLY S 87 2.85 -78.12 18.65
N PRO S 88 3.11 -78.88 19.71
CA PRO S 88 2.15 -79.42 20.70
C PRO S 88 0.88 -78.59 20.85
N ALA S 89 1.04 -77.34 21.27
CA ALA S 89 -0.11 -76.49 21.53
C ALA S 89 -1.00 -76.34 20.30
N LEU S 90 -0.40 -76.25 19.13
CA LEU S 90 -1.17 -76.12 17.91
C LEU S 90 -1.95 -77.38 17.68
N VAL S 91 -1.31 -78.51 17.92
CA VAL S 91 -1.96 -79.80 17.78
C VAL S 91 -3.19 -79.87 18.65
N ASN S 92 -3.04 -79.43 19.90
CA ASN S 92 -4.14 -79.43 20.83
C ASN S 92 -5.27 -78.57 20.32
N MET S 93 -4.91 -77.41 19.77
CA MET S 93 -5.87 -76.50 19.22
C MET S 93 -6.64 -77.09 18.08
N ILE S 94 -5.92 -77.65 17.11
CA ILE S 94 -6.56 -78.15 15.91
C ILE S 94 -7.51 -79.27 16.21
N ASN S 95 -7.13 -80.15 17.12
CA ASN S 95 -8.01 -81.24 17.50
C ASN S 95 -9.34 -80.73 17.98
N GLY S 96 -9.32 -79.73 18.87
CA GLY S 96 -10.55 -79.16 19.38
C GLY S 96 -11.30 -78.44 18.30
N LEU S 97 -10.57 -77.71 17.46
CA LEU S 97 -11.15 -76.95 16.38
C LEU S 97 -11.91 -77.84 15.43
N LYS S 98 -11.31 -78.95 15.05
CA LYS S 98 -11.98 -79.89 14.19
C LYS S 98 -13.27 -80.37 14.83
N GLY S 99 -13.20 -80.71 16.11
CA GLY S 99 -14.39 -81.14 16.82
C GLY S 99 -15.48 -80.08 16.74
N TYR S 100 -15.07 -78.83 16.90
CA TYR S 100 -15.98 -77.70 16.83
C TYR S 100 -16.71 -77.68 15.51
N TYR S 101 -15.99 -77.67 14.41
CA TYR S 101 -16.62 -77.59 13.11
C TYR S 101 -17.35 -78.84 12.69
N ILE S 102 -16.80 -80.00 13.00
CA ILE S 102 -17.41 -81.24 12.60
C ILE S 102 -18.76 -81.40 13.22
N SER S 103 -18.86 -81.15 14.50
CA SER S 103 -20.10 -81.41 15.20
C SER S 103 -21.01 -80.20 15.33
N ALA S 104 -20.44 -78.99 15.34
CA ALA S 104 -21.31 -77.81 15.47
C ALA S 104 -21.87 -77.39 14.15
N PHE S 105 -21.08 -77.53 13.08
CA PHE S 105 -21.52 -77.08 11.77
C PHE S 105 -21.63 -78.19 10.77
N ASN S 106 -21.43 -79.42 11.22
CA ASN S 106 -21.52 -80.58 10.36
C ASN S 106 -20.52 -80.52 9.22
N ALA S 107 -19.34 -80.02 9.49
CA ALA S 107 -18.29 -79.97 8.48
C ALA S 107 -17.74 -81.37 8.25
N ASN S 108 -17.33 -81.64 7.01
CA ASN S 108 -16.85 -82.97 6.65
C ASN S 108 -15.38 -83.19 7.03
N PRO S 109 -15.13 -83.90 8.14
CA PRO S 109 -13.81 -84.28 8.68
C PRO S 109 -12.75 -84.45 7.61
N GLN S 110 -13.08 -85.17 6.55
CA GLN S 110 -12.12 -85.48 5.52
C GLN S 110 -11.65 -84.22 4.80
N VAL S 111 -12.58 -83.35 4.50
CA VAL S 111 -12.24 -82.11 3.84
C VAL S 111 -11.48 -81.23 4.78
N LEU S 112 -11.86 -81.26 6.05
CA LEU S 112 -11.19 -80.46 7.06
C LEU S 112 -9.74 -80.84 7.16
N ASP S 113 -9.46 -82.12 7.06
CA ASP S 113 -8.10 -82.59 7.07
C ASP S 113 -7.36 -82.16 5.85
N ALA S 114 -8.05 -82.08 4.71
CA ALA S 114 -7.45 -81.56 3.50
C ALA S 114 -7.03 -80.11 3.67
N VAL S 115 -7.84 -79.33 4.39
CA VAL S 115 -7.49 -77.95 4.66
C VAL S 115 -6.26 -77.87 5.53
N VAL S 116 -6.22 -78.66 6.59
CA VAL S 116 -5.06 -78.69 7.49
C VAL S 116 -3.81 -79.12 6.73
N ASN S 117 -3.97 -80.09 5.83
CA ASN S 117 -2.90 -80.60 5.00
C ASN S 117 -2.23 -79.52 4.14
N ILE S 118 -2.86 -78.38 4.00
CA ILE S 118 -2.28 -77.31 3.25
C ILE S 118 -1.63 -76.31 4.14
N ILE S 119 -2.37 -75.86 5.14
CA ILE S 119 -1.89 -74.83 6.03
C ILE S 119 -0.71 -75.32 6.85
N THR S 120 -0.83 -76.51 7.40
CA THR S 120 0.26 -77.09 8.19
C THR S 120 1.13 -77.94 7.33
N GLY S 121 0.54 -78.53 6.31
CA GLY S 121 1.27 -79.39 5.39
C GLY S 121 0.90 -80.84 5.62
N SER S 122 0.21 -81.11 6.72
CA SER S 122 -0.23 -82.43 7.06
C SER S 122 -1.31 -82.36 8.11
N PRO S 123 -2.10 -83.41 8.25
CA PRO S 123 -3.10 -83.58 9.28
C PRO S 123 -2.41 -83.52 10.63
N THR S 124 -3.14 -83.20 11.66
CA THR S 124 -2.51 -82.96 12.93
C THR S 124 -2.35 -84.23 13.75
N GLY S 125 -2.48 -84.12 15.06
CA GLY S 125 -2.28 -85.29 15.94
C GLY S 125 -0.78 -85.48 16.19
N TYR S 126 -0.06 -85.77 15.11
CA TYR S 126 1.36 -85.91 15.15
C TYR S 126 1.99 -84.66 14.58
N VAL S 127 3.14 -84.29 15.11
CA VAL S 127 3.83 -83.11 14.60
C VAL S 127 4.77 -83.51 13.48
N SER S 128 4.48 -83.01 12.28
CA SER S 128 5.30 -83.32 11.14
C SER S 128 4.91 -82.43 9.95
N SER T 1 -13.77 -61.97 -5.28
CA SER T 1 -12.47 -62.44 -5.75
C SER T 1 -11.45 -61.33 -5.76
N ARG T 2 -10.61 -61.29 -4.72
CA ARG T 2 -9.58 -60.24 -4.61
C ARG T 2 -8.29 -60.78 -4.01
N SER T 3 -7.16 -60.25 -4.49
CA SER T 3 -5.85 -60.55 -3.92
C SER T 3 -5.68 -59.74 -2.67
N TYR T 4 -4.61 -59.98 -1.92
CA TYR T 4 -4.44 -59.22 -0.71
C TYR T 4 -4.10 -57.80 -1.07
N SER T 5 -3.46 -57.63 -2.22
CA SER T 5 -3.05 -56.31 -2.62
C SER T 5 -4.25 -55.46 -2.89
N GLN T 6 -5.30 -56.08 -3.39
CA GLN T 6 -6.55 -55.39 -3.62
C GLN T 6 -7.27 -55.16 -2.31
N ARG T 7 -7.23 -56.16 -1.44
CA ARG T 7 -7.86 -56.04 -0.13
C ARG T 7 -7.29 -54.87 0.61
N TYR T 8 -5.97 -54.80 0.62
CA TYR T 8 -5.26 -53.73 1.27
C TYR T 8 -5.51 -52.42 0.61
N ALA T 9 -5.37 -52.36 -0.69
CA ALA T 9 -5.54 -51.11 -1.41
C ALA T 9 -6.83 -50.44 -1.02
N LYS T 10 -7.94 -51.15 -1.10
CA LYS T 10 -9.20 -50.56 -0.79
C LYS T 10 -9.32 -50.27 0.68
N TRP T 11 -8.83 -51.18 1.52
CA TRP T 11 -8.86 -50.97 2.95
C TRP T 11 -8.18 -49.69 3.32
N GLN T 12 -7.06 -49.43 2.69
CA GLN T 12 -6.30 -48.24 2.94
C GLN T 12 -7.07 -47.03 2.59
N ALA T 13 -7.70 -47.05 1.42
CA ALA T 13 -8.47 -45.91 0.95
C ALA T 13 -9.60 -45.60 1.89
N LYS T 14 -10.25 -46.63 2.39
CA LYS T 14 -11.38 -46.43 3.27
C LYS T 14 -10.97 -46.03 4.64
N PHE T 15 -9.83 -46.53 5.09
CA PHE T 15 -9.32 -46.13 6.37
C PHE T 15 -9.00 -44.66 6.35
N ASN T 16 -8.33 -44.23 5.28
CA ASN T 16 -7.97 -42.84 5.09
C ASN T 16 -9.20 -41.97 5.13
N ALA T 17 -10.21 -42.37 4.38
CA ALA T 17 -11.44 -41.62 4.32
C ALA T 17 -12.03 -41.44 5.69
N PHE T 18 -12.18 -42.53 6.42
CA PHE T 18 -12.77 -42.49 7.73
C PHE T 18 -12.04 -41.60 8.68
N SER T 19 -10.71 -41.57 8.59
CA SER T 19 -9.91 -40.78 9.52
C SER T 19 -10.15 -39.26 9.40
N ASN T 20 -10.77 -38.84 8.30
CA ASN T 20 -11.06 -37.43 8.07
C ASN T 20 -12.08 -36.91 9.08
N PRO T 21 -11.69 -35.95 9.95
CA PRO T 21 -12.54 -35.31 10.98
C PRO T 21 -14.01 -35.26 10.62
N THR T 22 -14.29 -34.80 9.41
CA THR T 22 -15.66 -34.64 8.97
C THR T 22 -16.32 -35.95 8.75
N VAL T 23 -15.63 -36.85 8.07
CA VAL T 23 -16.19 -38.14 7.78
C VAL T 23 -16.43 -38.94 9.03
N ALA T 24 -15.45 -38.92 9.91
CA ALA T 24 -15.56 -39.65 11.14
C ALA T 24 -16.74 -39.19 11.95
N SER T 25 -16.83 -37.89 12.16
CA SER T 25 -17.88 -37.35 12.97
C SER T 25 -19.22 -37.42 12.32
N THR T 26 -19.26 -37.33 11.00
CA THR T 26 -20.51 -37.44 10.31
C THR T 26 -21.12 -38.77 10.52
N ILE T 27 -20.35 -39.80 10.26
CA ILE T 27 -20.85 -41.14 10.40
C ILE T 27 -21.18 -41.46 11.83
N LEU T 28 -20.23 -41.21 12.71
CA LEU T 28 -20.36 -41.60 14.09
C LEU T 28 -21.46 -40.86 14.80
N SER T 29 -21.63 -39.59 14.50
CA SER T 29 -22.70 -38.83 15.13
C SER T 29 -24.06 -39.25 14.60
N ASN T 30 -24.10 -39.71 13.35
CA ASN T 30 -25.36 -40.18 12.79
C ASN T 30 -25.76 -41.51 13.34
N VAL T 31 -24.80 -42.39 13.60
CA VAL T 31 -25.13 -43.71 14.10
C VAL T 31 -25.08 -43.77 15.60
N SER T 32 -24.81 -42.64 16.24
CA SER T 32 -24.78 -42.58 17.69
C SER T 32 -26.00 -43.25 18.34
N PRO T 33 -27.17 -42.58 18.35
CA PRO T 33 -28.39 -43.08 19.00
C PRO T 33 -28.76 -44.51 18.54
N VAL T 34 -28.37 -44.87 17.32
CA VAL T 34 -28.64 -46.18 16.80
C VAL T 34 -27.80 -47.19 17.52
N ALA T 35 -26.52 -46.89 17.65
CA ALA T 35 -25.58 -47.72 18.35
C ALA T 35 -26.01 -47.91 19.77
N GLN T 36 -26.52 -46.84 20.36
CA GLN T 36 -26.95 -46.88 21.74
C GLN T 36 -28.03 -47.88 21.91
N GLN T 37 -28.97 -47.89 20.99
CA GLN T 37 -30.05 -48.84 21.05
C GLN T 37 -29.55 -50.25 20.95
N ASN T 38 -28.63 -50.48 20.03
CA ASN T 38 -28.13 -51.81 19.80
C ASN T 38 -27.33 -52.32 20.97
N PHE T 39 -26.54 -51.44 21.56
CA PHE T 39 -25.75 -51.77 22.73
C PHE T 39 -26.66 -52.10 23.88
N GLN T 40 -27.62 -51.24 24.13
CA GLN T 40 -28.55 -51.44 25.22
C GLN T 40 -29.33 -52.70 25.08
N THR T 41 -29.69 -53.04 23.85
CA THR T 41 -30.51 -54.18 23.61
C THR T 41 -29.79 -55.51 23.86
N ASN T 42 -28.62 -55.68 23.27
CA ASN T 42 -27.97 -56.98 23.35
C ASN T 42 -26.95 -57.16 24.45
N VAL T 43 -26.46 -56.09 25.04
CA VAL T 43 -25.40 -56.25 26.04
C VAL T 43 -25.82 -56.78 27.43
N PRO T 44 -26.83 -56.19 28.10
CA PRO T 44 -27.28 -56.60 29.44
C PRO T 44 -27.62 -58.09 29.48
N LYS T 45 -27.93 -58.68 28.32
CA LYS T 45 -28.21 -60.09 28.18
C LYS T 45 -27.02 -60.92 28.60
N PHE T 46 -25.82 -60.44 28.27
CA PHE T 46 -24.61 -61.15 28.56
C PHE T 46 -24.06 -60.77 29.91
N THR T 47 -24.39 -59.57 30.36
CA THR T 47 -23.96 -59.15 31.67
C THR T 47 -24.57 -60.05 32.73
N SER T 48 -25.86 -60.36 32.56
CA SER T 48 -26.54 -61.24 33.50
C SER T 48 -25.92 -62.62 33.49
N VAL T 49 -25.40 -63.03 32.34
CA VAL T 49 -24.71 -64.30 32.24
C VAL T 49 -23.47 -64.28 33.05
N ASN T 50 -22.73 -63.19 32.94
CA ASN T 50 -21.49 -63.05 33.66
C ASN T 50 -21.69 -63.15 35.16
N GLU T 51 -22.76 -62.54 35.67
CA GLU T 51 -23.02 -62.61 37.10
C GLU T 51 -23.27 -64.04 37.55
N ASN T 52 -24.19 -64.72 36.89
CA ASN T 52 -24.53 -66.07 37.30
C ASN T 52 -23.39 -67.06 37.08
N VAL T 53 -22.74 -66.96 35.94
CA VAL T 53 -21.64 -67.85 35.63
C VAL T 53 -20.51 -67.66 36.60
N SER T 54 -20.21 -66.42 36.91
CA SER T 54 -19.16 -66.11 37.84
C SER T 54 -19.47 -66.72 39.19
N ALA T 55 -20.71 -66.61 39.63
CA ALA T 55 -21.13 -67.18 40.90
C ALA T 55 -20.85 -68.66 40.93
N VAL T 56 -21.18 -69.34 39.85
CA VAL T 56 -20.93 -70.77 39.73
C VAL T 56 -19.48 -71.08 39.86
N LEU T 57 -18.66 -70.33 39.16
CA LEU T 57 -17.24 -70.56 39.16
C LEU T 57 -16.66 -70.41 40.55
N THR T 58 -17.20 -69.48 41.32
CA THR T 58 -16.79 -69.35 42.71
C THR T 58 -17.16 -70.58 43.52
N GLN T 59 -18.35 -71.11 43.28
CA GLN T 59 -18.77 -72.34 43.95
C GLN T 59 -17.91 -73.55 43.54
N TYR T 60 -17.38 -73.52 42.32
CA TYR T 60 -16.47 -74.58 41.87
C TYR T 60 -15.00 -74.31 42.20
N GLY T 61 -14.71 -73.21 42.88
CA GLY T 61 -13.34 -72.95 43.30
C GLY T 61 -12.44 -72.47 42.16
N ILE T 62 -13.04 -72.00 41.08
CA ILE T 62 -12.28 -71.58 39.91
C ILE T 62 -11.77 -70.17 40.07
N THR T 63 -10.47 -69.98 39.87
CA THR T 63 -9.87 -68.66 40.04
C THR T 63 -9.05 -68.22 38.83
N GLY T 64 -8.77 -66.94 38.77
CA GLY T 64 -7.90 -66.39 37.75
C GLY T 64 -8.46 -66.60 36.36
N PRO T 65 -7.57 -66.74 35.40
CA PRO T 65 -7.83 -66.94 33.99
C PRO T 65 -8.62 -68.17 33.73
N ASN T 66 -8.66 -69.08 34.70
CA ASN T 66 -9.45 -70.26 34.53
C ASN T 66 -10.90 -69.90 34.52
N ARG T 67 -11.27 -68.86 35.25
CA ARG T 67 -12.63 -68.38 35.26
C ARG T 67 -12.93 -67.84 33.91
N ALA T 68 -11.98 -67.11 33.36
CA ALA T 68 -12.11 -66.50 32.05
C ALA T 68 -12.34 -67.53 30.97
N ILE T 69 -11.75 -68.71 31.11
CA ILE T 69 -11.99 -69.77 30.16
C ILE T 69 -13.46 -70.10 30.11
N TYR T 70 -14.05 -70.26 31.28
CA TYR T 70 -15.43 -70.64 31.36
C TYR T 70 -16.34 -69.47 31.02
N GLN T 71 -15.89 -68.25 31.29
CA GLN T 71 -16.66 -67.08 30.93
C GLN T 71 -16.76 -66.98 29.44
N GLY T 72 -15.66 -67.23 28.75
CA GLY T 72 -15.64 -67.21 27.29
C GLY T 72 -16.59 -68.24 26.74
N PHE T 73 -16.54 -69.44 27.30
CA PHE T 73 -17.42 -70.50 26.91
C PHE T 73 -18.87 -70.12 27.09
N GLY T 74 -19.21 -69.66 28.29
CA GLY T 74 -20.58 -69.30 28.60
C GLY T 74 -21.11 -68.21 27.70
N LEU T 75 -20.30 -67.19 27.49
CA LEU T 75 -20.70 -66.10 26.65
C LEU T 75 -20.97 -66.56 25.24
N LYS T 76 -20.15 -67.48 24.76
CA LYS T 76 -20.31 -68.01 23.42
C LYS T 76 -21.58 -68.84 23.32
N VAL T 77 -21.91 -69.57 24.38
CA VAL T 77 -23.16 -70.31 24.42
C VAL T 77 -24.34 -69.37 24.28
N ALA T 78 -24.30 -68.29 25.05
CA ALA T 78 -25.35 -67.29 25.02
C ALA T 78 -25.46 -66.63 23.66
N ARG T 79 -24.32 -66.37 23.03
CA ARG T 79 -24.31 -65.82 21.68
C ARG T 79 -25.12 -66.66 20.74
N ALA T 80 -24.83 -67.94 20.71
CA ALA T 80 -25.52 -68.86 19.84
C ALA T 80 -27.00 -68.87 20.15
N LEU T 81 -27.33 -68.81 21.42
CA LEU T 81 -28.72 -68.76 21.80
C LEU T 81 -29.41 -67.57 21.14
N ASN T 82 -28.79 -66.41 21.20
CA ASN T 82 -29.39 -65.23 20.59
C ASN T 82 -29.53 -65.33 19.07
N ARG T 83 -28.49 -65.82 18.40
CA ARG T 83 -28.50 -65.83 16.93
C ARG T 83 -29.21 -67.05 16.34
N ILE T 84 -29.28 -68.13 17.10
CA ILE T 84 -29.96 -69.36 16.64
C ILE T 84 -31.30 -69.54 17.32
N GLY T 85 -31.30 -69.43 18.64
CA GLY T 85 -32.51 -69.70 19.42
C GLY T 85 -32.45 -71.11 19.96
N SER T 86 -33.24 -71.39 20.98
CA SER T 86 -33.20 -72.72 21.59
C SER T 86 -33.76 -73.76 20.67
N GLY T 87 -33.41 -75.01 20.94
CA GLY T 87 -33.87 -76.13 20.13
C GLY T 87 -32.70 -76.83 19.46
N PRO T 88 -33.01 -77.85 18.66
CA PRO T 88 -32.09 -78.73 17.91
C PRO T 88 -30.77 -78.06 17.54
N ALA T 89 -30.83 -77.01 16.74
CA ALA T 89 -29.62 -76.36 16.24
C ALA T 89 -28.73 -75.88 17.35
N LEU T 90 -29.33 -75.38 18.42
CA LEU T 90 -28.55 -74.89 19.53
C LEU T 90 -27.82 -76.01 20.18
N VAL T 91 -28.51 -77.13 20.34
CA VAL T 91 -27.90 -78.30 20.93
C VAL T 91 -26.73 -78.76 20.09
N ASN T 92 -26.91 -78.76 18.77
CA ASN T 92 -25.84 -79.13 17.85
C ASN T 92 -24.64 -78.23 18.07
N MET T 93 -24.90 -76.94 18.19
CA MET T 93 -23.87 -75.97 18.45
C MET T 93 -23.14 -76.23 19.73
N ILE T 94 -23.89 -76.40 20.80
CA ILE T 94 -23.31 -76.55 22.11
C ILE T 94 -22.46 -77.78 22.19
N ASN T 95 -22.91 -78.86 21.59
CA ASN T 95 -22.14 -80.09 21.60
C ASN T 95 -20.76 -79.87 21.03
N GLY T 96 -20.68 -79.18 19.90
CA GLY T 96 -19.40 -78.91 19.27
C GLY T 96 -18.59 -77.92 20.07
N LEU T 97 -19.26 -76.92 20.60
CA LEU T 97 -18.61 -75.91 21.41
C LEU T 97 -17.99 -76.49 22.66
N LYS T 98 -18.75 -77.31 23.35
CA LYS T 98 -18.26 -77.95 24.54
C LYS T 98 -17.02 -78.74 24.25
N GLY T 99 -17.09 -79.64 23.26
CA GLY T 99 -15.96 -80.48 22.89
C GLY T 99 -14.76 -79.62 22.53
N TYR T 100 -15.03 -78.54 21.80
CA TYR T 100 -14.01 -77.59 21.41
C TYR T 100 -13.23 -77.10 22.59
N TYR T 101 -13.91 -76.57 23.59
CA TYR T 101 -13.23 -76.08 24.77
C TYR T 101 -12.54 -77.15 25.57
N ILE T 102 -13.14 -78.33 25.65
CA ILE T 102 -12.55 -79.39 26.42
C ILE T 102 -11.19 -79.76 25.91
N SER T 103 -11.08 -79.94 24.60
CA SER T 103 -9.84 -80.41 24.03
C SER T 103 -8.93 -79.30 23.55
N ALA T 104 -9.48 -78.18 23.13
CA ALA T 104 -8.64 -77.09 22.66
C ALA T 104 -8.00 -76.36 23.79
N PHE T 105 -8.74 -76.16 24.88
CA PHE T 105 -8.23 -75.37 25.99
C PHE T 105 -8.17 -76.14 27.28
N ASN T 106 -8.40 -77.44 27.21
CA ASN T 106 -8.37 -78.28 28.39
C ASN T 106 -9.38 -77.82 29.43
N ALA T 107 -10.55 -77.39 28.97
CA ALA T 107 -11.60 -76.98 29.88
C ALA T 107 -12.22 -78.21 30.52
N ASN T 108 -12.60 -78.07 31.79
CA ASN T 108 -13.15 -79.20 32.55
C ASN T 108 -14.64 -79.40 32.32
N PRO T 109 -15.02 -80.43 31.53
CA PRO T 109 -16.40 -80.87 31.23
C PRO T 109 -17.38 -80.58 32.36
N GLN T 110 -16.99 -80.86 33.59
CA GLN T 110 -17.87 -80.68 34.74
C GLN T 110 -18.28 -79.25 34.91
N VAL T 111 -17.32 -78.35 34.83
CA VAL T 111 -17.62 -76.97 35.01
C VAL T 111 -18.35 -76.47 33.79
N LEU T 112 -17.97 -76.97 32.62
CA LEU T 112 -18.60 -76.56 31.38
C LEU T 112 -20.07 -76.86 31.41
N ASP T 113 -20.41 -78.02 31.97
CA ASP T 113 -21.79 -78.40 32.11
C ASP T 113 -22.50 -77.49 33.05
N ALA T 114 -21.82 -77.12 34.13
CA ALA T 114 -22.40 -76.21 35.10
C ALA T 114 -22.75 -74.89 34.44
N VAL T 115 -21.87 -74.41 33.57
CA VAL T 115 -22.13 -73.16 32.86
C VAL T 115 -23.36 -73.27 31.99
N VAL T 116 -23.45 -74.38 31.25
CA VAL T 116 -24.61 -74.61 30.40
C VAL T 116 -25.88 -74.73 31.24
N ASN T 117 -25.75 -75.32 32.43
CA ASN T 117 -26.88 -75.50 33.34
C ASN T 117 -27.38 -74.19 33.92
N ILE T 118 -26.71 -73.09 33.62
CA ILE T 118 -27.17 -71.80 34.02
C ILE T 118 -27.84 -71.12 32.88
N ILE T 119 -27.14 -71.07 31.77
CA ILE T 119 -27.61 -70.39 30.59
C ILE T 119 -28.82 -71.06 29.99
N THR T 120 -28.74 -72.37 29.82
CA THR T 120 -29.84 -73.12 29.26
C THR T 120 -30.69 -73.69 30.35
N GLY T 121 -30.05 -74.06 31.45
CA GLY T 121 -30.74 -74.65 32.57
C GLY T 121 -30.59 -76.16 32.57
N SER T 122 -30.10 -76.71 31.46
CA SER T 122 -29.94 -78.14 31.35
C SER T 122 -28.76 -78.47 30.47
N PRO T 123 -28.18 -79.65 30.64
CA PRO T 123 -27.08 -80.22 29.88
C PRO T 123 -27.45 -80.34 28.43
N THR T 124 -26.45 -80.42 27.59
CA THR T 124 -26.66 -80.55 26.16
C THR T 124 -26.75 -82.01 25.75
N GLY T 125 -26.18 -82.36 24.60
CA GLY T 125 -26.22 -83.74 24.12
C GLY T 125 -27.52 -84.02 23.40
N TYR T 126 -28.63 -83.95 24.15
CA TYR T 126 -29.96 -84.17 23.61
C TYR T 126 -30.86 -82.98 23.92
N VAL T 127 -31.86 -82.75 23.07
CA VAL T 127 -32.76 -81.62 23.25
C VAL T 127 -33.62 -81.82 24.48
N SER T 128 -33.56 -80.85 25.41
CA SER T 128 -34.33 -80.94 26.65
C SER T 128 -34.40 -79.60 27.37
N SER U 1 -28.08 -60.23 16.27
CA SER U 1 -29.23 -60.25 15.39
C SER U 1 -29.92 -58.88 15.34
N ARG U 2 -30.58 -58.60 14.23
CA ARG U 2 -31.20 -57.31 14.02
C ARG U 2 -32.60 -57.40 13.44
N SER U 3 -33.55 -56.72 14.09
CA SER U 3 -34.92 -56.62 13.62
C SER U 3 -35.02 -55.62 12.52
N TYR U 4 -36.15 -55.58 11.83
CA TYR U 4 -36.36 -54.58 10.79
C TYR U 4 -36.12 -53.19 11.27
N SER U 5 -36.70 -52.86 12.43
CA SER U 5 -36.52 -51.54 13.00
C SER U 5 -35.05 -51.19 13.05
N GLN U 6 -34.25 -52.13 13.51
CA GLN U 6 -32.82 -51.93 13.62
C GLN U 6 -32.14 -51.87 12.27
N ARG U 7 -32.57 -52.73 11.34
CA ARG U 7 -31.97 -52.77 10.02
C ARG U 7 -32.08 -51.43 9.36
N TYR U 8 -33.29 -50.92 9.35
CA TYR U 8 -33.58 -49.67 8.74
C TYR U 8 -32.92 -48.52 9.45
N ALA U 9 -33.03 -48.50 10.76
CA ALA U 9 -32.47 -47.40 11.55
C ALA U 9 -31.03 -47.14 11.16
N LYS U 10 -30.21 -48.17 11.19
CA LYS U 10 -28.81 -47.99 10.90
C LYS U 10 -28.59 -47.67 9.45
N TRP U 11 -29.36 -48.30 8.56
CA TRP U 11 -29.24 -48.02 7.15
C TRP U 11 -29.46 -46.56 6.88
N GLN U 12 -30.44 -45.99 7.56
CA GLN U 12 -30.76 -44.61 7.37
C GLN U 12 -29.64 -43.73 7.82
N ALA U 13 -29.07 -44.05 8.97
CA ALA U 13 -27.99 -43.25 9.51
C ALA U 13 -26.81 -43.22 8.57
N LYS U 14 -26.48 -44.37 8.00
CA LYS U 14 -25.34 -44.45 7.12
C LYS U 14 -25.61 -43.82 5.80
N PHE U 15 -26.85 -43.94 5.33
CA PHE U 15 -27.21 -43.30 4.08
C PHE U 15 -27.07 -41.80 4.20
N ASN U 16 -27.59 -41.27 5.30
CA ASN U 16 -27.52 -39.85 5.57
C ASN U 16 -26.09 -39.37 5.59
N ALA U 17 -25.25 -40.12 6.30
CA ALA U 17 -23.85 -39.77 6.41
C ALA U 17 -23.21 -39.68 5.06
N PHE U 18 -23.40 -40.70 4.24
CA PHE U 18 -22.81 -40.75 2.94
C PHE U 18 -23.22 -39.60 2.06
N SER U 19 -24.48 -39.18 2.16
CA SER U 19 -24.99 -38.11 1.30
C SER U 19 -24.28 -36.77 1.50
N ASN U 20 -23.56 -36.63 2.62
CA ASN U 20 -22.83 -35.41 2.91
C ASN U 20 -21.71 -35.17 1.89
N PRO U 21 -21.79 -34.07 1.11
CA PRO U 21 -20.81 -33.65 0.08
C PRO U 21 -19.38 -34.10 0.36
N THR U 22 -18.93 -33.86 1.57
CA THR U 22 -17.54 -34.09 1.90
C THR U 22 -17.28 -35.52 2.20
N VAL U 23 -18.28 -36.21 2.68
CA VAL U 23 -18.13 -37.59 3.00
C VAL U 23 -18.13 -38.40 1.76
N ALA U 24 -19.07 -38.11 0.88
CA ALA U 24 -19.16 -38.81 -0.37
C ALA U 24 -17.90 -38.62 -1.17
N SER U 25 -17.46 -37.39 -1.28
CA SER U 25 -16.30 -37.10 -2.09
C SER U 25 -15.04 -37.61 -1.47
N THR U 26 -14.95 -37.61 -0.15
CA THR U 26 -13.79 -38.15 0.50
C THR U 26 -13.63 -39.59 0.18
N ILE U 27 -14.68 -40.35 0.42
CA ILE U 27 -14.64 -41.76 0.19
C ILE U 27 -14.42 -42.09 -1.25
N LEU U 28 -15.24 -41.52 -2.11
CA LEU U 28 -15.23 -41.85 -3.52
C LEU U 28 -13.95 -41.45 -4.20
N SER U 29 -13.39 -40.31 -3.83
CA SER U 29 -12.15 -39.89 -4.42
C SER U 29 -10.98 -40.73 -3.93
N ASN U 30 -11.09 -41.25 -2.71
CA ASN U 30 -10.04 -42.09 -2.18
C ASN U 30 -10.05 -43.46 -2.81
N VAL U 31 -11.23 -43.98 -3.12
CA VAL U 31 -11.31 -45.31 -3.70
C VAL U 31 -11.39 -45.27 -5.20
N SER U 32 -11.30 -44.08 -5.77
CA SER U 32 -11.32 -43.91 -7.21
C SER U 32 -10.36 -44.88 -7.92
N PRO U 33 -9.03 -44.59 -7.92
CA PRO U 33 -8.03 -45.39 -8.63
C PRO U 33 -8.10 -46.89 -8.26
N VAL U 34 -8.59 -47.20 -7.07
CA VAL U 34 -8.72 -48.56 -6.64
C VAL U 34 -9.81 -49.24 -7.40
N ALA U 35 -10.96 -48.59 -7.46
CA ALA U 35 -12.10 -49.09 -8.20
C ALA U 35 -11.75 -49.23 -9.65
N GLN U 36 -10.99 -48.28 -10.17
CA GLN U 36 -10.59 -48.29 -11.56
C GLN U 36 -9.85 -49.53 -11.87
N GLN U 37 -8.93 -49.89 -11.00
CA GLN U 37 -8.17 -51.11 -11.16
C GLN U 37 -9.06 -52.30 -11.22
N ASN U 38 -9.99 -52.38 -10.29
CA ASN U 38 -10.86 -53.53 -10.19
C ASN U 38 -11.77 -53.65 -11.39
N PHE U 39 -12.27 -52.52 -11.86
CA PHE U 39 -13.14 -52.51 -13.02
C PHE U 39 -12.40 -52.99 -14.23
N GLN U 40 -11.22 -52.43 -14.43
CA GLN U 40 -10.39 -52.79 -15.57
C GLN U 40 -9.95 -54.22 -15.51
N THR U 41 -9.67 -54.70 -14.32
CA THR U 41 -9.17 -56.05 -14.16
C THR U 41 -10.20 -57.10 -14.52
N ASN U 42 -11.42 -56.97 -14.04
CA ASN U 42 -12.40 -58.01 -14.24
C ASN U 42 -13.38 -57.80 -15.39
N VAL U 43 -13.75 -56.56 -15.69
CA VAL U 43 -14.81 -56.34 -16.67
C VAL U 43 -14.56 -56.92 -18.07
N PRO U 44 -13.36 -56.74 -18.67
CA PRO U 44 -12.95 -57.22 -19.97
C PRO U 44 -13.18 -58.72 -20.09
N LYS U 45 -13.10 -59.42 -18.96
CA LYS U 45 -13.28 -60.86 -18.93
C LYS U 45 -14.69 -61.23 -19.30
N PHE U 46 -15.64 -60.39 -18.93
CA PHE U 46 -17.03 -60.64 -19.19
C PHE U 46 -17.47 -60.04 -20.50
N THR U 47 -16.78 -59.00 -20.93
CA THR U 47 -17.09 -58.43 -22.22
C THR U 47 -16.81 -59.44 -23.31
N SER U 48 -15.69 -60.14 -23.19
CA SER U 48 -15.35 -61.16 -24.17
C SER U 48 -16.39 -62.27 -24.19
N VAL U 49 -17.01 -62.52 -23.05
CA VAL U 49 -18.07 -63.50 -22.96
C VAL U 49 -19.28 -63.02 -23.70
N ASN U 50 -19.65 -61.78 -23.48
CA ASN U 50 -20.78 -61.19 -24.15
C ASN U 50 -20.62 -61.27 -25.63
N GLU U 51 -19.40 -61.04 -26.10
CA GLU U 51 -19.11 -61.08 -27.50
C GLU U 51 -19.23 -62.45 -28.09
N ASN U 52 -18.55 -63.41 -27.47
CA ASN U 52 -18.54 -64.75 -28.01
C ASN U 52 -19.89 -65.41 -27.91
N VAL U 53 -20.59 -65.16 -26.82
CA VAL U 53 -21.92 -65.70 -26.66
C VAL U 53 -22.86 -65.08 -27.65
N SER U 54 -22.70 -63.79 -27.90
CA SER U 54 -23.51 -63.12 -28.88
C SER U 54 -23.34 -63.78 -30.23
N ALA U 55 -22.10 -64.07 -30.60
CA ALA U 55 -21.83 -64.72 -31.87
C ALA U 55 -22.60 -66.01 -31.98
N VAL U 56 -22.58 -66.79 -30.92
CA VAL U 56 -23.32 -68.04 -30.86
C VAL U 56 -24.79 -67.83 -31.08
N LEU U 57 -25.35 -66.88 -30.37
CA LEU U 57 -26.76 -66.62 -30.41
C LEU U 57 -27.21 -66.21 -31.79
N THR U 58 -26.36 -65.48 -32.49
CA THR U 58 -26.67 -65.11 -33.86
C THR U 58 -26.71 -66.34 -34.75
N GLN U 59 -25.78 -67.27 -34.53
CA GLN U 59 -25.77 -68.53 -35.27
C GLN U 59 -27.03 -69.36 -34.99
N TYR U 60 -27.56 -69.26 -33.78
CA TYR U 60 -28.79 -69.98 -33.42
C TYR U 60 -30.06 -69.22 -33.72
N GLY U 61 -29.95 -68.03 -34.29
CA GLY U 61 -31.14 -67.29 -34.68
C GLY U 61 -31.87 -66.65 -33.51
N ILE U 62 -31.16 -66.47 -32.39
CA ILE U 62 -31.76 -65.94 -31.20
C ILE U 62 -31.80 -64.42 -31.24
N THR U 63 -32.98 -63.85 -31.05
CA THR U 63 -33.15 -62.40 -31.10
C THR U 63 -33.82 -61.83 -29.88
N GLY U 64 -33.71 -60.53 -29.71
CA GLY U 64 -34.38 -59.82 -28.64
C GLY U 64 -33.93 -60.30 -27.28
N PRO U 65 -34.83 -60.24 -26.32
CA PRO U 65 -34.66 -60.62 -24.93
C PRO U 65 -34.27 -62.05 -24.78
N ASN U 66 -34.50 -62.86 -25.82
CA ASN U 66 -34.11 -64.23 -25.75
C ASN U 66 -32.61 -64.34 -25.73
N ARG U 67 -31.94 -63.38 -26.37
CA ARG U 67 -30.51 -63.35 -26.35
C ARG U 67 -30.07 -63.03 -24.97
N ALA U 68 -30.78 -62.09 -24.35
CA ALA U 68 -30.48 -61.66 -22.98
C ALA U 68 -30.56 -62.82 -22.00
N ILE U 69 -31.49 -63.74 -22.23
CA ILE U 69 -31.60 -64.91 -21.37
C ILE U 69 -30.32 -65.69 -21.38
N TYR U 70 -29.83 -65.99 -22.57
CA TYR U 70 -28.66 -66.80 -22.70
C TYR U 70 -27.41 -66.05 -22.29
N GLN U 71 -27.40 -64.74 -22.51
CA GLN U 71 -26.29 -63.92 -22.09
C GLN U 71 -26.14 -63.95 -20.59
N GLY U 72 -27.27 -63.87 -19.89
CA GLY U 72 -27.27 -63.93 -18.43
C GLY U 72 -26.68 -65.25 -17.96
N PHE U 73 -27.11 -66.33 -18.58
CA PHE U 73 -26.60 -67.63 -18.28
C PHE U 73 -25.10 -67.70 -18.45
N GLY U 74 -24.61 -67.24 -19.60
CA GLY U 74 -23.20 -67.25 -19.89
C GLY U 74 -22.40 -66.45 -18.87
N LEU U 75 -22.90 -65.28 -18.55
CA LEU U 75 -22.24 -64.43 -17.59
C LEU U 75 -22.13 -65.09 -16.24
N LYS U 76 -23.17 -65.81 -15.85
CA LYS U 76 -23.17 -66.54 -14.60
C LYS U 76 -22.12 -67.61 -14.59
N VAL U 77 -21.97 -68.32 -15.71
CA VAL U 77 -20.94 -69.35 -15.81
C VAL U 77 -19.58 -68.75 -15.57
N ALA U 78 -19.32 -67.63 -16.23
CA ALA U 78 -18.05 -66.95 -16.10
C ALA U 78 -17.82 -66.45 -14.68
N ARG U 79 -18.87 -65.96 -14.03
CA ARG U 79 -18.77 -65.49 -12.66
C ARG U 79 -18.26 -66.56 -11.74
N ALA U 80 -18.89 -67.73 -11.83
CA ALA U 80 -18.50 -68.85 -11.01
C ALA U 80 -17.08 -69.24 -11.31
N LEU U 81 -16.72 -69.22 -12.57
CA LEU U 81 -15.37 -69.54 -12.96
C LEU U 81 -14.39 -68.64 -12.25
N ASN U 82 -14.65 -67.34 -12.25
CA ASN U 82 -13.75 -66.40 -11.58
C ASN U 82 -13.67 -66.61 -10.07
N ARG U 83 -14.80 -66.89 -9.44
CA ARG U 83 -14.84 -66.98 -7.98
C ARG U 83 -14.58 -68.40 -7.45
N ILE U 84 -14.65 -69.39 -8.32
CA ILE U 84 -14.40 -70.79 -7.94
C ILE U 84 -13.20 -71.37 -8.65
N GLY U 85 -13.14 -71.18 -9.95
CA GLY U 85 -12.09 -71.77 -10.76
C GLY U 85 -12.61 -73.03 -11.41
N SER U 86 -11.93 -73.50 -12.45
CA SER U 86 -12.38 -74.67 -13.18
C SER U 86 -12.21 -75.93 -12.36
N GLY U 87 -12.91 -76.99 -12.76
CA GLY U 87 -12.83 -78.26 -12.06
C GLY U 87 -14.16 -78.61 -11.41
N PRO U 88 -14.17 -79.72 -10.67
CA PRO U 88 -15.29 -80.31 -9.93
C PRO U 88 -16.36 -79.29 -9.50
N ALA U 89 -15.96 -78.34 -8.67
CA ALA U 89 -16.91 -77.37 -8.14
C ALA U 89 -17.63 -76.61 -9.24
N LEU U 90 -16.92 -76.28 -10.31
CA LEU U 90 -17.54 -75.57 -11.41
C LEU U 90 -18.56 -76.44 -12.06
N VAL U 91 -18.21 -77.71 -12.23
CA VAL U 91 -19.12 -78.67 -12.82
C VAL U 91 -20.40 -78.73 -12.03
N ASN U 92 -20.27 -78.81 -10.70
CA ASN U 92 -21.42 -78.85 -9.82
C ASN U 92 -22.27 -77.61 -10.02
N MET U 93 -21.61 -76.47 -10.13
CA MET U 93 -22.29 -75.22 -10.33
C MET U 93 -23.08 -75.18 -11.61
N ILE U 94 -22.43 -75.54 -12.71
CA ILE U 94 -23.06 -75.44 -14.02
C ILE U 94 -24.26 -76.32 -14.11
N ASN U 95 -24.16 -77.54 -13.57
CA ASN U 95 -25.29 -78.45 -13.59
C ASN U 95 -26.52 -77.81 -12.97
N GLY U 96 -26.34 -77.21 -11.80
CA GLY U 96 -27.45 -76.57 -11.12
C GLY U 96 -27.92 -75.37 -11.88
N LEU U 97 -26.97 -74.59 -12.41
CA LEU U 97 -27.28 -73.41 -13.17
C LEU U 97 -28.13 -73.71 -14.37
N LYS U 98 -27.78 -74.74 -15.10
CA LYS U 98 -28.56 -75.14 -16.23
C LYS U 98 -29.97 -75.49 -15.81
N GLY U 99 -30.09 -76.24 -14.72
CA GLY U 99 -31.40 -76.58 -14.21
C GLY U 99 -32.22 -75.33 -13.93
N TYR U 100 -31.55 -74.34 -13.34
CA TYR U 100 -32.17 -73.07 -13.02
C TYR U 100 -32.77 -72.43 -14.25
N TYR U 101 -31.97 -72.23 -15.27
CA TYR U 101 -32.45 -71.57 -16.48
C TYR U 101 -33.40 -72.39 -17.30
N ILE U 102 -33.15 -73.67 -17.41
CA ILE U 102 -33.99 -74.53 -18.21
C ILE U 102 -35.39 -74.56 -17.70
N SER U 103 -35.54 -74.74 -16.41
CA SER U 103 -36.86 -74.91 -15.85
C SER U 103 -37.49 -73.63 -15.31
N ALA U 104 -36.67 -72.67 -14.88
CA ALA U 104 -37.25 -71.44 -14.34
C ALA U 104 -37.58 -70.47 -15.44
N PHE U 105 -36.76 -70.43 -16.50
CA PHE U 105 -36.96 -69.47 -17.57
C PHE U 105 -37.24 -70.13 -18.89
N ASN U 106 -37.37 -71.44 -18.89
CA ASN U 106 -37.64 -72.18 -20.10
C ASN U 106 -36.57 -71.99 -21.15
N ALA U 107 -35.31 -71.91 -20.71
CA ALA U 107 -34.21 -71.77 -21.64
C ALA U 107 -33.96 -73.10 -22.35
N ASN U 108 -33.53 -73.04 -23.60
CA ASN U 108 -33.32 -74.24 -24.41
C ASN U 108 -31.98 -74.91 -24.12
N PRO U 109 -32.00 -76.00 -23.31
CA PRO U 109 -30.85 -76.85 -22.94
C PRO U 109 -29.76 -76.91 -23.99
N GLN U 110 -30.15 -77.11 -25.25
CA GLN U 110 -29.20 -77.28 -26.32
C GLN U 110 -28.39 -76.01 -26.56
N VAL U 111 -29.07 -74.88 -26.54
CA VAL U 111 -28.41 -73.62 -26.73
C VAL U 111 -27.55 -73.31 -25.53
N LEU U 112 -28.05 -73.68 -24.35
CA LEU U 112 -27.31 -73.45 -23.13
C LEU U 112 -25.99 -74.18 -23.15
N ASP U 113 -25.99 -75.39 -23.70
CA ASP U 113 -24.78 -76.14 -23.85
C ASP U 113 -23.85 -75.51 -24.84
N ALA U 114 -24.42 -74.89 -25.88
CA ALA U 114 -23.62 -74.16 -26.84
C ALA U 114 -22.89 -73.01 -26.16
N VAL U 115 -23.56 -72.34 -25.23
CA VAL U 115 -22.94 -71.25 -24.49
C VAL U 115 -21.79 -71.77 -23.65
N VAL U 116 -22.03 -72.86 -22.92
CA VAL U 116 -21.00 -73.46 -22.09
C VAL U 116 -19.81 -73.90 -22.94
N ASN U 117 -20.11 -74.45 -24.13
CA ASN U 117 -19.10 -74.88 -25.08
C ASN U 117 -18.15 -73.78 -25.51
N ILE U 118 -18.49 -72.53 -25.25
CA ILE U 118 -17.62 -71.44 -25.57
C ILE U 118 -16.84 -71.00 -24.39
N ILE U 119 -17.54 -70.75 -23.30
CA ILE U 119 -16.92 -70.23 -22.10
C ILE U 119 -15.96 -71.23 -21.49
N THR U 120 -16.38 -72.48 -21.40
CA THR U 120 -15.54 -73.51 -20.85
C THR U 120 -14.80 -74.22 -21.96
N GLY U 121 -15.42 -74.26 -23.13
CA GLY U 121 -14.83 -74.93 -24.28
C GLY U 121 -15.53 -76.23 -24.56
N SER U 122 -16.36 -76.67 -23.63
CA SER U 122 -17.11 -77.89 -23.78
C SER U 122 -18.24 -77.92 -22.77
N PRO U 123 -19.24 -78.73 -23.00
CA PRO U 123 -20.34 -78.99 -22.09
C PRO U 123 -19.78 -79.56 -20.82
N THR U 124 -20.50 -79.43 -19.73
CA THR U 124 -19.95 -79.80 -18.45
C THR U 124 -20.14 -81.26 -18.14
N GLY U 125 -20.38 -81.59 -16.86
CA GLY U 125 -20.51 -82.98 -16.45
C GLY U 125 -19.12 -83.60 -16.28
N TYR U 126 -18.39 -83.68 -17.38
CA TYR U 126 -17.05 -84.16 -17.38
C TYR U 126 -16.09 -82.99 -17.49
N VAL U 127 -14.95 -83.09 -16.85
CA VAL U 127 -13.97 -82.03 -16.92
C VAL U 127 -13.06 -82.23 -18.11
N SER U 128 -13.12 -81.31 -19.06
CA SER U 128 -12.29 -81.39 -20.25
C SER U 128 -12.37 -80.10 -21.06
N SER V 1 -24.58 -51.84 -28.28
CA SER V 1 -23.38 -52.43 -28.87
C SER V 1 -22.14 -51.66 -28.50
N ARG V 2 -21.41 -52.18 -27.51
CA ARG V 2 -20.18 -51.52 -27.04
C ARG V 2 -19.10 -52.51 -26.66
N SER V 3 -17.84 -52.15 -26.92
CA SER V 3 -16.68 -52.92 -26.48
C SER V 3 -16.44 -52.65 -25.03
N TYR V 4 -15.53 -53.38 -24.41
CA TYR V 4 -15.29 -53.13 -23.01
C TYR V 4 -14.62 -51.81 -22.86
N SER V 5 -13.85 -51.41 -23.87
CA SER V 5 -13.13 -50.18 -23.79
C SER V 5 -14.08 -49.02 -23.75
N GLN V 6 -15.19 -49.16 -24.43
CA GLN V 6 -16.23 -48.16 -24.42
C GLN V 6 -17.00 -48.22 -23.12
N ARG V 7 -17.25 -49.43 -22.63
CA ARG V 7 -17.95 -49.60 -21.38
C ARG V 7 -17.19 -48.93 -20.27
N TYR V 8 -15.90 -49.19 -20.23
CA TYR V 8 -15.03 -48.60 -19.26
C TYR V 8 -14.93 -47.13 -19.41
N ALA V 9 -14.66 -46.67 -20.62
CA ALA V 9 -14.48 -45.26 -20.86
C ALA V 9 -15.61 -44.45 -20.26
N LYS V 10 -16.84 -44.81 -20.59
CA LYS V 10 -17.97 -44.07 -20.10
C LYS V 10 -18.14 -44.27 -18.62
N TRP V 11 -17.95 -45.50 -18.15
CA TRP V 11 -18.05 -45.78 -16.73
C TRP V 11 -17.13 -44.91 -15.94
N GLN V 12 -15.93 -44.73 -16.44
CA GLN V 12 -14.95 -43.92 -15.78
C GLN V 12 -15.40 -42.50 -15.69
N ALA V 13 -15.90 -41.98 -16.80
CA ALA V 13 -16.36 -40.60 -16.84
C ALA V 13 -17.47 -40.36 -15.86
N LYS V 14 -18.37 -41.31 -15.75
CA LYS V 14 -19.50 -41.16 -14.86
C LYS V 14 -19.13 -41.35 -13.44
N PHE V 15 -18.17 -42.23 -13.18
CA PHE V 15 -17.70 -42.42 -11.84
C PHE V 15 -17.05 -41.15 -11.36
N ASN V 16 -16.22 -40.56 -12.21
CA ASN V 16 -15.54 -39.32 -11.89
C ASN V 16 -16.54 -38.25 -11.56
N ALA V 17 -17.55 -38.11 -12.40
CA ALA V 17 -18.57 -37.12 -12.21
C ALA V 17 -19.22 -37.27 -10.86
N PHE V 18 -19.67 -38.47 -10.56
CA PHE V 18 -20.35 -38.73 -9.31
C PHE V 18 -19.51 -38.41 -8.11
N SER V 19 -18.22 -38.68 -8.17
CA SER V 19 -17.34 -38.47 -7.03
C SER V 19 -17.22 -36.99 -6.62
N ASN V 20 -17.64 -36.08 -7.50
CA ASN V 20 -17.59 -34.66 -7.23
C ASN V 20 -18.54 -34.27 -6.11
N PRO V 21 -18.02 -33.79 -4.96
CA PRO V 21 -18.79 -33.34 -3.77
C PRO V 21 -20.17 -32.83 -4.10
N THR V 22 -20.25 -31.93 -5.08
CA THR V 22 -21.49 -31.31 -5.42
C THR V 22 -22.41 -32.26 -6.09
N VAL V 23 -21.89 -33.03 -7.04
CA VAL V 23 -22.69 -33.97 -7.76
C VAL V 23 -23.21 -35.05 -6.87
N ALA V 24 -22.34 -35.57 -6.04
CA ALA V 24 -22.72 -36.63 -5.13
C ALA V 24 -23.82 -36.18 -4.22
N SER V 25 -23.63 -35.05 -3.57
CA SER V 25 -24.61 -34.58 -2.63
C SER V 25 -25.87 -34.11 -3.27
N THR V 26 -25.77 -33.57 -4.47
CA THR V 26 -26.95 -33.12 -5.17
C THR V 26 -27.86 -34.27 -5.43
N ILE V 27 -27.32 -35.31 -6.03
CA ILE V 27 -28.12 -36.44 -6.36
C ILE V 27 -28.63 -37.15 -5.14
N LEU V 28 -27.72 -37.44 -4.22
CA LEU V 28 -28.06 -38.23 -3.06
C LEU V 28 -29.03 -37.53 -2.14
N SER V 29 -28.89 -36.22 -1.98
CA SER V 29 -29.80 -35.50 -1.13
C SER V 29 -31.16 -35.37 -1.78
N ASN V 30 -31.21 -35.36 -3.12
CA ASN V 30 -32.48 -35.29 -3.80
C ASN V 30 -33.23 -36.60 -3.75
N VAL V 31 -32.50 -37.71 -3.80
CA VAL V 31 -33.17 -39.01 -3.80
C VAL V 31 -33.26 -39.58 -2.42
N SER V 32 -32.80 -38.83 -1.42
CA SER V 32 -32.88 -39.27 -0.04
C SER V 32 -34.28 -39.80 0.35
N PRO V 33 -35.27 -38.91 0.58
CA PRO V 33 -36.61 -39.30 1.00
C PRO V 33 -37.26 -40.35 0.08
N VAL V 34 -36.85 -40.36 -1.19
CA VAL V 34 -37.36 -41.32 -2.14
C VAL V 34 -36.84 -42.69 -1.81
N ALA V 35 -35.53 -42.75 -1.58
CA ALA V 35 -34.88 -43.98 -1.21
C ALA V 35 -35.45 -44.52 0.06
N GLN V 36 -35.76 -43.62 0.99
CA GLN V 36 -36.30 -44.02 2.26
C GLN V 36 -37.60 -44.73 2.07
N GLN V 37 -38.43 -44.19 1.19
CA GLN V 37 -39.70 -44.83 0.92
C GLN V 37 -39.53 -46.19 0.34
N ASN V 38 -38.60 -46.32 -0.60
CA ASN V 38 -38.39 -47.57 -1.28
C ASN V 38 -37.84 -48.62 -0.35
N PHE V 39 -36.92 -48.20 0.51
CA PHE V 39 -36.33 -49.10 1.48
C PHE V 39 -37.38 -49.56 2.45
N GLN V 40 -38.15 -48.63 2.98
CA GLN V 40 -39.18 -48.95 3.94
C GLN V 40 -40.22 -49.88 3.36
N THR V 41 -40.53 -49.67 2.09
CA THR V 41 -41.57 -50.44 1.47
C THR V 41 -41.19 -51.90 1.24
N ASN V 42 -40.05 -52.15 0.64
CA ASN V 42 -39.72 -53.52 0.25
C ASN V 42 -38.86 -54.29 1.23
N VAL V 43 -38.19 -53.63 2.16
CA VAL V 43 -37.28 -54.37 3.05
C VAL V 43 -37.94 -55.23 4.16
N PRO V 44 -38.84 -54.66 4.99
CA PRO V 44 -39.48 -55.38 6.10
C PRO V 44 -40.16 -56.68 5.62
N LYS V 45 -40.48 -56.74 4.33
CA LYS V 45 -41.06 -57.91 3.71
C LYS V 45 -40.13 -59.10 3.82
N PHE V 46 -38.83 -58.83 3.67
CA PHE V 46 -37.84 -59.87 3.70
C PHE V 46 -37.34 -60.10 5.11
N THR V 47 -37.42 -59.09 5.94
CA THR V 47 -37.04 -59.26 7.32
C THR V 47 -37.92 -60.27 8.00
N SER V 48 -39.22 -60.20 7.72
CA SER V 48 -40.16 -61.15 8.29
C SER V 48 -39.87 -62.56 7.81
N VAL V 49 -39.36 -62.67 6.59
CA VAL V 49 -38.97 -63.96 6.06
C VAL V 49 -37.83 -64.50 6.83
N ASN V 50 -36.85 -63.66 7.11
CA ASN V 50 -35.68 -64.08 7.83
C ASN V 50 -36.03 -64.61 9.20
N GLU V 51 -36.97 -63.97 9.89
CA GLU V 51 -37.36 -64.46 11.21
C GLU V 51 -37.96 -65.85 11.13
N ASN V 52 -38.95 -66.03 10.27
CA ASN V 52 -39.63 -67.32 10.19
C ASN V 52 -38.72 -68.41 9.65
N VAL V 53 -37.96 -68.10 8.60
CA VAL V 53 -37.07 -69.07 8.02
C VAL V 53 -36.02 -69.49 9.00
N SER V 54 -35.48 -68.53 9.72
CA SER V 54 -34.47 -68.81 10.71
C SER V 54 -35.03 -69.77 11.75
N ALA V 55 -36.24 -69.50 12.20
CA ALA V 55 -36.88 -70.35 13.19
C ALA V 55 -36.94 -71.78 12.71
N VAL V 56 -37.33 -71.96 11.46
CA VAL V 56 -37.40 -73.28 10.85
C VAL V 56 -36.07 -73.96 10.87
N LEU V 57 -35.04 -73.22 10.47
CA LEU V 57 -33.72 -73.79 10.40
C LEU V 57 -33.24 -74.26 11.75
N THR V 58 -33.63 -73.54 12.81
CA THR V 58 -33.32 -73.98 14.15
C THR V 58 -34.02 -75.28 14.48
N GLN V 59 -35.27 -75.41 14.06
CA GLN V 59 -36.02 -76.64 14.27
C GLN V 59 -35.42 -77.82 13.47
N TYR V 60 -34.79 -77.51 12.33
CA TYR V 60 -34.11 -78.54 11.55
C TYR V 60 -32.65 -78.76 11.96
N GLY V 61 -32.19 -78.05 12.97
CA GLY V 61 -30.84 -78.28 13.46
C GLY V 61 -29.75 -77.68 12.56
N ILE V 62 -30.14 -76.74 11.71
CA ILE V 62 -29.20 -76.15 10.76
C ILE V 62 -28.41 -75.04 11.40
N THR V 63 -27.09 -75.12 11.29
CA THR V 63 -26.22 -74.12 11.91
C THR V 63 -25.22 -73.52 10.93
N GLY V 64 -24.65 -72.40 11.31
CA GLY V 64 -23.60 -71.76 10.55
C GLY V 64 -24.06 -71.35 9.17
N PRO V 65 -23.16 -71.37 8.23
CA PRO V 65 -23.32 -71.01 6.84
C PRO V 65 -24.36 -71.85 6.17
N ASN V 66 -24.67 -73.00 6.75
CA ASN V 66 -25.69 -73.83 6.18
C ASN V 66 -27.02 -73.14 6.29
N ARG V 67 -27.20 -72.35 7.35
CA ARG V 67 -28.41 -71.59 7.51
C ARG V 67 -28.47 -70.57 6.43
N ALA V 68 -27.33 -69.95 6.17
CA ALA V 68 -27.22 -68.92 5.16
C ALA V 68 -27.58 -69.45 3.79
N ILE V 69 -27.28 -70.70 3.51
CA ILE V 69 -27.67 -71.30 2.24
C ILE V 69 -29.16 -71.23 2.08
N TYR V 70 -29.87 -71.62 3.11
CA TYR V 70 -31.30 -71.66 3.07
C TYR V 70 -31.90 -70.27 3.16
N GLN V 71 -31.21 -69.36 3.83
CA GLN V 71 -31.66 -67.98 3.89
C GLN V 71 -31.61 -67.37 2.53
N GLY V 72 -30.53 -67.63 1.79
CA GLY V 72 -30.39 -67.12 0.44
C GLY V 72 -31.50 -67.65 -0.44
N PHE V 73 -31.76 -68.94 -0.33
CA PHE V 73 -32.82 -69.56 -1.07
C PHE V 73 -34.16 -68.92 -0.78
N GLY V 74 -34.49 -68.83 0.51
CA GLY V 74 -35.77 -68.28 0.93
C GLY V 74 -35.95 -66.85 0.46
N LEU V 75 -34.93 -66.05 0.62
CA LEU V 75 -35.00 -64.67 0.21
C LEU V 75 -35.24 -64.56 -1.27
N LYS V 76 -34.61 -65.43 -2.04
CA LYS V 76 -34.76 -65.42 -3.48
C LYS V 76 -36.18 -65.85 -3.88
N VAL V 77 -36.75 -66.79 -3.13
CA VAL V 77 -38.14 -67.17 -3.36
C VAL V 77 -39.05 -65.98 -3.16
N ALA V 78 -38.84 -65.26 -2.07
CA ALA V 78 -39.64 -64.09 -1.75
C ALA V 78 -39.48 -63.01 -2.81
N ARG V 79 -38.25 -62.83 -3.30
CA ARG V 79 -38.01 -61.88 -4.37
C ARG V 79 -38.90 -62.13 -5.55
N ALA V 80 -38.90 -63.36 -6.01
CA ALA V 80 -39.71 -63.74 -7.15
C ALA V 80 -41.17 -63.49 -6.88
N LEU V 81 -41.59 -63.79 -5.66
CA LEU V 81 -42.95 -63.54 -5.29
C LEU V 81 -43.30 -62.07 -5.49
N ASN V 82 -42.44 -61.17 -5.04
CA ASN V 82 -42.70 -59.74 -5.20
C ASN V 82 -42.74 -59.30 -6.66
N ARG V 83 -41.78 -59.75 -7.46
CA ARG V 83 -41.65 -59.28 -8.84
C ARG V 83 -42.58 -60.02 -9.82
N ILE V 84 -42.95 -61.25 -9.48
CA ILE V 84 -43.84 -62.04 -10.34
C ILE V 84 -45.25 -62.11 -9.77
N GLY V 85 -45.35 -62.47 -8.50
CA GLY V 85 -46.64 -62.67 -7.86
C GLY V 85 -46.95 -64.15 -7.85
N SER V 86 -47.87 -64.57 -6.99
CA SER V 86 -48.17 -65.99 -6.87
C SER V 86 -48.87 -66.50 -8.10
N GLY V 87 -48.84 -67.81 -8.29
CA GLY V 87 -49.46 -68.44 -9.44
C GLY V 87 -48.43 -69.15 -10.30
N PRO V 88 -48.90 -69.72 -11.40
CA PRO V 88 -48.13 -70.48 -12.41
C PRO V 88 -46.67 -70.07 -12.52
N ALA V 89 -46.42 -68.83 -12.92
CA ALA V 89 -45.07 -68.37 -13.15
C ALA V 89 -44.19 -68.51 -11.94
N LEU V 90 -44.74 -68.28 -10.76
CA LEU V 90 -43.97 -68.40 -9.54
C LEU V 90 -43.57 -69.81 -9.34
N VAL V 91 -44.51 -70.71 -9.56
CA VAL V 91 -44.23 -72.12 -9.42
C VAL V 91 -43.13 -72.54 -10.37
N ASN V 92 -43.19 -72.05 -11.61
CA ASN V 92 -42.16 -72.34 -12.59
C ASN V 92 -40.81 -71.89 -12.07
N MET V 93 -40.78 -70.69 -11.50
CA MET V 93 -39.59 -70.14 -10.93
C MET V 93 -39.05 -70.98 -9.81
N ILE V 94 -39.90 -71.31 -8.86
CA ILE V 94 -39.49 -72.03 -7.69
C ILE V 94 -38.94 -73.37 -8.04
N ASN V 95 -39.57 -74.06 -8.98
CA ASN V 95 -39.10 -75.37 -9.39
C ASN V 95 -37.66 -75.31 -9.85
N GLY V 96 -37.34 -74.32 -10.67
CA GLY V 96 -35.98 -74.16 -11.16
C GLY V 96 -35.05 -73.73 -10.06
N LEU V 97 -35.51 -72.84 -9.22
CA LEU V 97 -34.72 -72.35 -8.11
C LEU V 97 -34.36 -73.44 -7.13
N LYS V 98 -35.33 -74.24 -6.78
CA LYS V 98 -35.11 -75.34 -5.89
C LYS V 98 -34.06 -76.27 -6.43
N GLY V 99 -34.25 -76.73 -7.66
CA GLY V 99 -33.30 -77.64 -8.30
C GLY V 99 -31.91 -77.03 -8.34
N TYR V 100 -31.87 -75.74 -8.65
CA TYR V 100 -30.63 -74.99 -8.68
C TYR V 100 -29.86 -75.12 -7.40
N TYR V 101 -30.49 -74.82 -6.28
CA TYR V 101 -29.83 -74.93 -4.99
C TYR V 101 -29.47 -76.35 -4.62
N ILE V 102 -30.31 -77.29 -4.95
CA ILE V 102 -30.05 -78.67 -4.61
C ILE V 102 -28.77 -79.16 -5.22
N SER V 103 -28.60 -78.90 -6.49
CA SER V 103 -27.45 -79.45 -7.18
C SER V 103 -26.26 -78.50 -7.25
N ALA V 104 -26.52 -77.19 -7.25
CA ALA V 104 -25.42 -76.24 -7.32
C ALA V 104 -24.72 -76.12 -6.01
N PHE V 105 -25.50 -76.12 -4.91
CA PHE V 105 -24.93 -75.90 -3.60
C PHE V 105 -25.14 -77.05 -2.66
N ASN V 106 -25.66 -78.16 -3.17
CA ASN V 106 -25.92 -79.32 -2.35
C ASN V 106 -26.89 -79.01 -1.23
N ALA V 107 -27.89 -78.18 -1.51
CA ALA V 107 -28.88 -77.86 -0.51
C ALA V 107 -29.82 -79.05 -0.34
N ASN V 108 -30.27 -79.25 0.89
CA ASN V 108 -31.11 -80.40 1.20
C ASN V 108 -32.59 -80.14 0.92
N PRO V 109 -33.13 -80.74 -0.18
CA PRO V 109 -34.54 -80.71 -0.61
C PRO V 109 -35.53 -80.58 0.54
N GLN V 110 -35.32 -81.35 1.60
CA GLN V 110 -36.23 -81.35 2.73
C GLN V 110 -36.32 -80.00 3.40
N VAL V 111 -35.18 -79.40 3.64
CA VAL V 111 -35.17 -78.13 4.28
C VAL V 111 -35.66 -77.09 3.30
N LEU V 112 -35.30 -77.25 2.04
CA LEU V 112 -35.71 -76.30 1.01
C LEU V 112 -37.22 -76.24 0.94
N ASP V 113 -37.86 -77.39 1.05
CA ASP V 113 -39.29 -77.44 1.05
C ASP V 113 -39.85 -76.77 2.25
N ALA V 114 -39.21 -76.96 3.39
CA ALA V 114 -39.65 -76.31 4.61
C ALA V 114 -39.64 -74.81 4.45
N VAL V 115 -38.59 -74.28 3.81
CA VAL V 115 -38.51 -72.85 3.58
C VAL V 115 -39.65 -72.36 2.72
N VAL V 116 -39.93 -73.09 1.64
CA VAL V 116 -41.03 -72.75 0.76
C VAL V 116 -42.36 -72.82 1.50
N ASN V 117 -42.47 -73.80 2.41
CA ASN V 117 -43.67 -73.99 3.19
C ASN V 117 -43.93 -72.88 4.20
N ILE V 118 -43.00 -71.93 4.30
CA ILE V 118 -43.20 -70.78 5.12
C ILE V 118 -43.60 -69.61 4.28
N ILE V 119 -42.80 -69.37 3.26
CA ILE V 119 -43.01 -68.24 2.39
C ILE V 119 -44.28 -68.37 1.59
N THR V 120 -44.48 -69.51 0.98
CA THR V 120 -45.67 -69.74 0.18
C THR V 120 -46.72 -70.43 1.01
N GLY V 121 -46.27 -71.28 1.90
CA GLY V 121 -47.17 -72.03 2.75
C GLY V 121 -47.36 -73.45 2.23
N SER V 122 -46.91 -73.68 1.00
CA SER V 122 -47.08 -74.99 0.40
C SER V 122 -45.93 -75.28 -0.53
N PRO V 123 -45.64 -76.56 -0.78
CA PRO V 123 -44.64 -77.08 -1.69
C PRO V 123 -44.91 -76.61 -3.10
N THR V 124 -43.88 -76.65 -3.91
CA THR V 124 -43.98 -76.23 -5.29
C THR V 124 -44.37 -77.40 -6.18
N GLY V 125 -43.79 -77.47 -7.38
CA GLY V 125 -44.10 -78.56 -8.30
C GLY V 125 -45.36 -78.25 -9.08
N TYR V 126 -46.49 -78.17 -8.36
CA TYR V 126 -47.78 -77.87 -8.95
C TYR V 126 -48.41 -76.68 -8.24
N VAL V 127 -49.26 -75.94 -8.96
CA VAL V 127 -49.90 -74.75 -8.42
C VAL V 127 -50.88 -75.14 -7.32
N SER V 128 -50.68 -74.59 -6.12
CA SER V 128 -51.55 -74.90 -4.99
C SER V 128 -51.39 -73.90 -3.85
N SER W 1 -39.94 -54.07 -7.51
CA SER W 1 -40.99 -53.51 -8.34
C SER W 1 -41.34 -52.09 -7.92
N ARG W 2 -41.82 -51.29 -8.87
CA ARG W 2 -42.12 -49.88 -8.62
C ARG W 2 -43.46 -49.44 -9.19
N SER W 3 -44.26 -48.82 -8.36
CA SER W 3 -45.54 -48.24 -8.76
C SER W 3 -45.31 -46.92 -9.45
N TYR W 4 -46.34 -46.39 -10.08
CA TYR W 4 -46.22 -45.09 -10.72
C TYR W 4 -45.72 -44.04 -9.78
N SER W 5 -46.31 -43.99 -8.58
CA SER W 5 -45.89 -43.02 -7.59
C SER W 5 -44.39 -43.07 -7.42
N GLN W 6 -43.86 -44.28 -7.30
CA GLN W 6 -42.44 -44.48 -7.13
C GLN W 6 -41.65 -44.13 -8.37
N ARG W 7 -42.18 -44.50 -9.54
CA ARG W 7 -41.50 -44.23 -10.79
C ARG W 7 -41.24 -42.77 -10.95
N TYR W 8 -42.30 -42.00 -10.78
CA TYR W 8 -42.24 -40.58 -10.92
C TYR W 8 -41.42 -39.94 -9.86
N ALA W 9 -41.63 -40.34 -8.61
CA ALA W 9 -40.91 -39.74 -7.51
C ALA W 9 -39.41 -39.72 -7.76
N LYS W 10 -38.85 -40.87 -8.09
CA LYS W 10 -37.43 -40.94 -8.30
C LYS W 10 -37.02 -40.21 -9.55
N TRP W 11 -37.83 -40.31 -10.60
CA TRP W 11 -37.53 -39.59 -11.83
C TRP W 11 -37.39 -38.13 -11.57
N GLN W 12 -38.27 -37.61 -10.74
CA GLN W 12 -38.26 -36.21 -10.44
C GLN W 12 -37.01 -35.83 -9.72
N ALA W 13 -36.63 -36.63 -8.74
CA ALA W 13 -35.44 -36.35 -7.95
C ALA W 13 -34.21 -36.30 -8.82
N LYS W 14 -34.11 -37.22 -9.75
CA LYS W 14 -32.94 -37.28 -10.60
C LYS W 14 -32.95 -36.20 -11.63
N PHE W 15 -34.12 -35.84 -12.12
CA PHE W 15 -34.23 -34.77 -13.06
C PHE W 15 -33.77 -33.48 -12.42
N ASN W 16 -34.25 -33.23 -11.20
CA ASN W 16 -33.89 -32.05 -10.47
C ASN W 16 -32.40 -31.96 -10.28
N ALA W 17 -31.81 -33.08 -9.86
CA ALA W 17 -30.38 -33.15 -9.64
C ALA W 17 -29.62 -32.75 -10.87
N PHE W 18 -29.96 -33.37 -11.99
CA PHE W 18 -29.28 -33.11 -13.24
C PHE W 18 -29.35 -31.67 -13.66
N SER W 19 -30.50 -31.02 -13.42
CA SER W 19 -30.67 -29.64 -13.87
C SER W 19 -29.70 -28.65 -13.20
N ASN W 20 -29.06 -29.07 -12.10
CA ASN W 20 -28.11 -28.24 -11.40
C ASN W 20 -26.88 -27.95 -12.26
N PRO W 21 -26.63 -26.67 -12.62
CA PRO W 21 -25.51 -26.17 -13.44
C PRO W 21 -24.25 -27.01 -13.33
N THR W 22 -23.85 -27.31 -12.11
CA THR W 22 -22.59 -27.97 -11.88
C THR W 22 -22.68 -29.44 -12.09
N VAL W 23 -23.85 -29.99 -11.87
CA VAL W 23 -24.04 -31.39 -12.06
C VAL W 23 -24.12 -31.72 -13.50
N ALA W 24 -24.89 -30.93 -14.23
CA ALA W 24 -25.03 -31.11 -15.65
C ALA W 24 -23.70 -30.98 -16.33
N SER W 25 -22.98 -29.92 -16.01
CA SER W 25 -21.72 -29.67 -16.66
C SER W 25 -20.65 -30.65 -16.26
N THR W 26 -20.69 -31.11 -15.02
CA THR W 26 -19.73 -32.10 -14.58
C THR W 26 -19.88 -33.35 -15.39
N ILE W 27 -21.09 -33.85 -15.44
CA ILE W 27 -21.34 -35.07 -16.13
C ILE W 27 -21.08 -34.95 -17.61
N LEU W 28 -21.67 -33.94 -18.21
CA LEU W 28 -21.62 -33.77 -19.64
C LEU W 28 -20.23 -33.49 -20.14
N SER W 29 -19.46 -32.71 -19.39
CA SER W 29 -18.11 -32.42 -19.81
C SER W 29 -17.21 -33.63 -19.63
N ASN W 30 -17.54 -34.49 -18.66
CA ASN W 30 -16.75 -35.69 -18.46
C ASN W 30 -17.01 -36.72 -19.53
N VAL W 31 -18.25 -36.81 -20.00
CA VAL W 31 -18.58 -37.80 -21.01
C VAL W 31 -18.51 -37.24 -22.39
N SER W 32 -18.11 -35.98 -22.52
CA SER W 32 -17.97 -35.35 -23.81
C SER W 32 -17.18 -36.22 -24.82
N PRO W 33 -15.84 -36.28 -24.70
CA PRO W 33 -14.99 -37.02 -25.64
C PRO W 33 -15.42 -38.47 -25.82
N VAL W 34 -16.08 -39.04 -24.82
CA VAL W 34 -16.54 -40.41 -24.88
C VAL W 34 -17.68 -40.49 -25.85
N ALA W 35 -18.65 -39.61 -25.67
CA ALA W 35 -19.80 -39.54 -26.54
C ALA W 35 -19.38 -39.26 -27.94
N GLN W 36 -18.37 -38.41 -28.10
CA GLN W 36 -17.88 -38.05 -29.41
C GLN W 36 -17.40 -39.25 -30.13
N GLN W 37 -16.66 -40.09 -29.43
CA GLN W 37 -16.18 -41.32 -30.00
C GLN W 37 -17.31 -42.19 -30.48
N ASN W 38 -18.32 -42.34 -29.64
CA ASN W 38 -19.44 -43.21 -29.94
C ASN W 38 -20.24 -42.70 -31.11
N PHE W 39 -20.44 -41.39 -31.17
CA PHE W 39 -21.18 -40.79 -32.25
C PHE W 39 -20.45 -40.98 -33.55
N GLN W 40 -19.15 -40.69 -33.54
CA GLN W 40 -18.34 -40.84 -34.72
C GLN W 40 -18.24 -42.27 -35.17
N THR W 41 -18.18 -43.18 -34.22
CA THR W 41 -18.02 -44.57 -34.54
C THR W 41 -19.22 -45.17 -35.25
N ASN W 42 -20.41 -44.91 -34.75
CA ASN W 42 -21.58 -45.56 -35.31
C ASN W 42 -22.39 -44.74 -36.31
N VAL W 43 -22.43 -43.44 -36.16
CA VAL W 43 -23.34 -42.64 -37.01
C VAL W 43 -23.10 -42.74 -38.52
N PRO W 44 -21.85 -42.67 -39.01
CA PRO W 44 -21.44 -42.78 -40.40
C PRO W 44 -21.99 -44.05 -41.04
N LYS W 45 -22.18 -45.08 -40.23
CA LYS W 45 -22.67 -46.36 -40.69
C LYS W 45 -24.10 -46.24 -41.18
N PHE W 46 -24.85 -45.36 -40.53
CA PHE W 46 -26.24 -45.16 -40.87
C PHE W 46 -26.42 -44.08 -41.88
N THR W 47 -25.48 -43.15 -41.94
CA THR W 47 -25.54 -42.13 -42.95
C THR W 47 -25.40 -42.75 -44.31
N SER W 48 -24.48 -43.69 -44.45
CA SER W 48 -24.30 -44.38 -45.72
C SER W 48 -25.56 -45.13 -46.13
N VAL W 49 -26.31 -45.60 -45.14
CA VAL W 49 -27.57 -46.26 -45.40
C VAL W 49 -28.57 -45.28 -45.93
N ASN W 50 -28.67 -44.13 -45.29
CA ASN W 50 -29.58 -43.10 -45.72
C ASN W 50 -29.31 -42.71 -47.14
N GLU W 51 -28.04 -42.64 -47.49
CA GLU W 51 -27.63 -42.27 -48.82
C GLU W 51 -28.02 -43.30 -49.85
N ASN W 52 -27.62 -44.54 -49.61
CA ASN W 52 -27.86 -45.58 -50.57
C ASN W 52 -29.33 -45.89 -50.72
N VAL W 53 -30.05 -45.87 -49.61
CA VAL W 53 -31.48 -46.09 -49.65
C VAL W 53 -32.16 -44.96 -50.37
N SER W 54 -31.70 -43.74 -50.15
CA SER W 54 -32.24 -42.61 -50.85
C SER W 54 -32.11 -42.80 -52.33
N ALA W 55 -30.94 -43.24 -52.78
CA ALA W 55 -30.72 -43.47 -54.20
C ALA W 55 -31.76 -44.42 -54.75
N VAL W 56 -32.00 -45.49 -54.02
CA VAL W 56 -33.00 -46.46 -54.41
C VAL W 56 -34.36 -45.85 -54.54
N LEU W 57 -34.75 -45.08 -53.54
CA LEU W 57 -36.06 -44.50 -53.50
C LEU W 57 -36.28 -43.55 -54.66
N THR W 58 -35.24 -42.84 -55.06
CA THR W 58 -35.34 -41.98 -56.21
C THR W 58 -35.57 -42.79 -57.47
N GLN W 59 -34.89 -43.94 -57.58
CA GLN W 59 -35.11 -44.84 -58.73
C GLN W 59 -36.54 -45.39 -58.75
N TYR W 60 -37.14 -45.57 -57.57
CA TYR W 60 -38.52 -46.05 -57.50
C TYR W 60 -39.56 -44.94 -57.51
N GLY W 61 -39.14 -43.70 -57.65
CA GLY W 61 -40.09 -42.61 -57.75
C GLY W 61 -40.75 -42.25 -56.43
N ILE W 62 -40.12 -42.63 -55.33
CA ILE W 62 -40.70 -42.40 -54.02
C ILE W 62 -40.39 -41.00 -53.54
N THR W 63 -41.42 -40.26 -53.15
CA THR W 63 -41.24 -38.88 -52.71
C THR W 63 -41.88 -38.62 -51.36
N GLY W 64 -41.49 -37.51 -50.75
CA GLY W 64 -42.08 -37.07 -49.51
C GLY W 64 -41.87 -38.07 -48.39
N PRO W 65 -42.81 -38.12 -47.48
CA PRO W 65 -42.86 -38.96 -46.30
C PRO W 65 -42.81 -40.42 -46.66
N ASN W 66 -43.13 -40.75 -47.91
CA ASN W 66 -43.06 -42.12 -48.31
C ASN W 66 -41.63 -42.59 -48.33
N ARG W 67 -40.71 -41.65 -48.60
CA ARG W 67 -39.31 -41.99 -48.57
C ARG W 67 -38.93 -42.27 -47.16
N ALA W 68 -39.46 -41.44 -46.25
CA ALA W 68 -39.19 -41.58 -44.83
C ALA W 68 -39.62 -42.94 -44.30
N ILE W 69 -40.71 -43.48 -44.84
CA ILE W 69 -41.15 -44.81 -44.45
C ILE W 69 -40.09 -45.84 -44.73
N TYR W 70 -39.58 -45.82 -45.94
CA TYR W 70 -38.60 -46.80 -46.34
C TYR W 70 -37.26 -46.55 -45.69
N GLN W 71 -36.95 -45.29 -45.44
CA GLN W 71 -35.71 -44.95 -44.76
C GLN W 71 -35.71 -45.52 -43.37
N GLY W 72 -36.85 -45.41 -42.68
CA GLY W 72 -36.98 -45.96 -41.34
C GLY W 72 -36.76 -47.46 -41.35
N PHE W 73 -37.36 -48.13 -42.31
CA PHE W 73 -37.19 -49.54 -42.48
C PHE W 73 -35.72 -49.90 -42.66
N GLY W 74 -35.05 -49.21 -43.57
CA GLY W 74 -33.65 -49.46 -43.84
C GLY W 74 -32.79 -49.27 -42.61
N LEU W 75 -33.04 -48.20 -41.90
CA LEU W 75 -32.28 -47.90 -40.70
C LEU W 75 -32.45 -48.99 -39.66
N LYS W 76 -33.65 -49.52 -39.56
CA LYS W 76 -33.92 -50.61 -38.64
C LYS W 76 -33.14 -51.84 -38.99
N VAL W 77 -33.06 -52.14 -40.29
CA VAL W 77 -32.29 -53.29 -40.74
C VAL W 77 -30.85 -53.16 -40.31
N ALA W 78 -30.28 -51.98 -40.53
CA ALA W 78 -28.92 -51.70 -40.16
C ALA W 78 -28.70 -51.79 -38.66
N ARG W 79 -29.67 -51.32 -37.89
CA ARG W 79 -29.58 -51.37 -36.44
C ARG W 79 -29.41 -52.77 -35.95
N ALA W 80 -30.27 -53.65 -36.43
CA ALA W 80 -30.22 -55.04 -36.06
C ALA W 80 -28.90 -55.64 -36.47
N LEU W 81 -28.44 -55.28 -37.65
CA LEU W 81 -27.17 -55.77 -38.12
C LEU W 81 -26.07 -55.43 -37.13
N ASN W 82 -26.03 -54.18 -36.69
CA ASN W 82 -25.00 -53.77 -35.73
C ASN W 82 -25.11 -54.48 -34.38
N ARG W 83 -26.32 -54.68 -33.89
CA ARG W 83 -26.50 -55.25 -32.55
C ARG W 83 -26.62 -56.77 -32.55
N ILE W 84 -26.83 -57.37 -33.72
CA ILE W 84 -26.94 -58.82 -33.84
C ILE W 84 -25.84 -59.41 -34.71
N GLY W 85 -25.64 -58.81 -35.85
CA GLY W 85 -24.68 -59.33 -36.82
C GLY W 85 -25.41 -60.13 -37.87
N SER W 86 -24.77 -60.37 -39.00
CA SER W 86 -25.41 -61.09 -40.09
C SER W 86 -25.59 -62.55 -39.76
N GLY W 87 -26.47 -63.21 -40.50
CA GLY W 87 -26.75 -64.62 -40.29
C GLY W 87 -28.16 -64.84 -39.81
N PRO W 88 -28.49 -66.09 -39.50
CA PRO W 88 -29.78 -66.62 -39.02
C PRO W 88 -30.62 -65.58 -38.27
N ALA W 89 -30.09 -65.08 -37.15
CA ALA W 89 -30.84 -64.15 -36.32
C ALA W 89 -31.28 -62.92 -37.09
N LEU W 90 -30.42 -62.42 -37.98
CA LEU W 90 -30.76 -61.25 -38.77
C LEU W 90 -31.89 -61.59 -39.69
N VAL W 91 -31.83 -62.77 -40.28
CA VAL W 91 -32.88 -63.23 -41.17
C VAL W 91 -34.20 -63.24 -40.45
N ASN W 92 -34.20 -63.78 -39.24
CA ASN W 92 -35.40 -63.85 -38.43
C ASN W 92 -35.94 -62.45 -38.18
N MET W 93 -35.04 -61.53 -37.89
CA MET W 93 -35.40 -60.16 -37.64
C MET W 93 -36.04 -59.51 -38.83
N ILE W 94 -35.39 -59.62 -39.99
CA ILE W 94 -35.87 -58.93 -41.17
C ILE W 94 -37.22 -59.42 -41.59
N ASN W 95 -37.45 -60.73 -41.49
CA ASN W 95 -38.75 -61.28 -41.83
C ASN W 95 -39.85 -60.62 -41.03
N GLY W 96 -39.64 -60.50 -39.72
CA GLY W 96 -40.63 -59.88 -38.87
C GLY W 96 -40.75 -58.41 -39.17
N LEU W 97 -39.61 -57.76 -39.39
CA LEU W 97 -39.59 -56.35 -39.69
C LEU W 97 -40.37 -56.01 -40.93
N LYS W 98 -40.20 -56.80 -41.97
CA LYS W 98 -40.94 -56.59 -43.17
C LYS W 98 -42.42 -56.71 -42.90
N GLY W 99 -42.81 -57.72 -42.15
CA GLY W 99 -44.21 -57.90 -41.79
C GLY W 99 -44.73 -56.65 -41.08
N TYR W 100 -43.92 -56.11 -40.19
CA TYR W 100 -44.26 -54.91 -39.45
C TYR W 100 -44.60 -53.78 -40.39
N TYR W 101 -43.67 -53.44 -41.28
CA TYR W 101 -43.90 -52.32 -42.18
C TYR W 101 -44.94 -52.56 -43.23
N ILE W 102 -44.97 -53.75 -43.79
CA ILE W 102 -45.91 -54.05 -44.84
C ILE W 102 -47.32 -53.92 -44.37
N SER W 103 -47.62 -54.48 -43.22
CA SER W 103 -48.99 -54.50 -42.75
C SER W 103 -49.35 -53.37 -41.81
N ALA W 104 -48.38 -52.84 -41.07
CA ALA W 104 -48.71 -51.75 -40.15
C ALA W 104 -48.72 -50.43 -40.83
N PHE W 105 -47.82 -50.23 -41.80
CA PHE W 105 -47.71 -48.94 -42.47
C PHE W 105 -48.02 -49.03 -43.95
N ASN W 106 -48.42 -50.20 -44.40
CA ASN W 106 -48.76 -50.40 -45.80
C ASN W 106 -47.58 -50.14 -46.71
N ALA W 107 -46.39 -50.51 -46.27
CA ALA W 107 -45.20 -50.34 -47.10
C ALA W 107 -45.20 -51.37 -48.20
N ASN W 108 -44.65 -50.99 -49.36
CA ASN W 108 -44.66 -51.87 -50.53
C ASN W 108 -43.54 -52.91 -50.49
N PRO W 109 -43.86 -54.17 -50.12
CA PRO W 109 -42.97 -55.33 -50.05
C PRO W 109 -41.83 -55.29 -51.07
N GLN W 110 -42.16 -54.97 -52.31
CA GLN W 110 -41.17 -54.99 -53.38
C GLN W 110 -40.09 -53.94 -53.15
N VAL W 111 -40.50 -52.76 -52.74
CA VAL W 111 -39.55 -51.71 -52.48
C VAL W 111 -38.76 -52.04 -51.25
N LEU W 112 -39.42 -52.65 -50.28
CA LEU W 112 -38.76 -53.03 -49.04
C LEU W 112 -37.63 -54.00 -49.33
N ASP W 113 -37.87 -54.92 -50.25
CA ASP W 113 -36.85 -55.85 -50.65
C ASP W 113 -35.72 -55.16 -51.35
N ALA W 114 -36.04 -54.12 -52.12
CA ALA W 114 -35.00 -53.32 -52.77
C ALA W 114 -34.10 -52.67 -51.73
N VAL W 115 -34.69 -52.22 -50.62
CA VAL W 115 -33.91 -51.63 -49.55
C VAL W 115 -32.98 -52.65 -48.93
N VAL W 116 -33.52 -53.83 -48.63
CA VAL W 116 -32.72 -54.92 -48.06
C VAL W 116 -31.60 -55.31 -49.01
N ASN W 117 -31.91 -55.33 -50.31
CA ASN W 117 -30.95 -55.66 -51.35
C ASN W 117 -29.72 -54.74 -51.37
N ILE W 118 -29.80 -53.61 -50.68
CA ILE W 118 -28.68 -52.72 -50.62
C ILE W 118 -27.94 -52.90 -49.34
N ILE W 119 -28.65 -52.86 -48.24
CA ILE W 119 -28.04 -52.95 -46.93
C ILE W 119 -27.38 -54.29 -46.71
N THR W 120 -28.08 -55.36 -47.05
CA THR W 120 -27.55 -56.69 -46.91
C THR W 120 -26.89 -57.14 -48.18
N GLY W 121 -27.40 -56.64 -49.29
CA GLY W 121 -26.87 -57.00 -50.60
C GLY W 121 -27.83 -57.91 -51.32
N SER W 122 -28.81 -58.44 -50.60
CA SER W 122 -29.80 -59.31 -51.17
C SER W 122 -30.99 -59.40 -50.23
N PRO W 123 -32.13 -59.82 -50.74
CA PRO W 123 -33.33 -60.11 -49.98
C PRO W 123 -33.02 -61.19 -48.98
N THR W 124 -33.79 -61.26 -47.91
CA THR W 124 -33.44 -62.16 -46.85
C THR W 124 -33.99 -63.55 -47.06
N GLY W 125 -34.39 -64.22 -45.98
CA GLY W 125 -34.87 -65.59 -46.07
C GLY W 125 -33.69 -66.55 -46.12
N TYR W 126 -32.90 -66.43 -47.18
CA TYR W 126 -31.70 -67.19 -47.35
C TYR W 126 -30.51 -66.30 -47.04
N VAL W 127 -29.47 -66.90 -46.48
CA VAL W 127 -28.28 -66.13 -46.17
C VAL W 127 -27.33 -66.15 -47.35
N SER W 128 -27.11 -64.97 -47.92
CA SER W 128 -26.22 -64.85 -49.06
C SER W 128 -25.93 -63.39 -49.36
N SER X 1 -30.80 -32.28 -46.36
CA SER X 1 -29.73 -32.90 -47.12
C SER X 1 -28.37 -32.64 -46.50
N ARG X 2 -27.86 -33.62 -45.75
CA ARG X 2 -26.57 -33.46 -45.07
C ARG X 2 -25.76 -34.77 -45.06
N SER X 3 -24.45 -34.64 -45.17
CA SER X 3 -23.54 -35.78 -45.03
C SER X 3 -23.36 -36.06 -43.57
N TYR X 4 -22.70 -37.17 -43.25
CA TYR X 4 -22.54 -37.47 -41.84
C TYR X 4 -21.59 -36.47 -41.23
N SER X 5 -20.68 -35.95 -42.04
CA SER X 5 -19.71 -35.03 -41.54
C SER X 5 -20.36 -33.77 -41.10
N GLN X 6 -21.42 -33.40 -41.80
CA GLN X 6 -22.20 -32.25 -41.43
C GLN X 6 -23.07 -32.55 -40.24
N ARG X 7 -23.64 -33.75 -40.21
CA ARG X 7 -24.46 -34.16 -39.10
C ARG X 7 -23.67 -34.11 -37.82
N TYR X 8 -22.48 -34.66 -37.87
CA TYR X 8 -21.58 -34.67 -36.75
C TYR X 8 -21.14 -33.31 -36.38
N ALA X 9 -20.67 -32.54 -37.36
CA ALA X 9 -20.16 -31.22 -37.09
C ALA X 9 -21.13 -30.41 -36.25
N LYS X 10 -22.38 -30.33 -36.69
CA LYS X 10 -23.34 -29.56 -35.97
C LYS X 10 -23.69 -30.20 -34.65
N TRP X 11 -23.81 -31.52 -34.64
CA TRP X 11 -24.10 -32.22 -33.41
C TRP X 11 -23.07 -31.92 -32.36
N GLN X 12 -21.83 -31.88 -32.77
CA GLN X 12 -20.75 -31.60 -31.86
C GLN X 12 -20.88 -30.23 -31.29
N ALA X 13 -21.16 -29.26 -32.14
CA ALA X 13 -21.28 -27.88 -31.72
C ALA X 13 -22.39 -27.72 -30.70
N LYS X 14 -23.49 -28.41 -30.94
CA LYS X 14 -24.63 -28.30 -30.06
C LYS X 14 -24.43 -29.04 -28.78
N PHE X 15 -23.73 -30.16 -28.85
CA PHE X 15 -23.42 -30.90 -27.65
C PHE X 15 -22.55 -30.06 -26.76
N ASN X 16 -21.53 -29.43 -27.35
CA ASN X 16 -20.63 -28.58 -26.62
C ASN X 16 -21.38 -27.48 -25.94
N ALA X 17 -22.27 -26.82 -26.69
CA ALA X 17 -23.04 -25.74 -26.16
C ALA X 17 -23.83 -26.17 -24.96
N PHE X 18 -24.56 -27.26 -25.09
CA PHE X 18 -25.39 -27.75 -24.02
C PHE X 18 -24.61 -28.06 -22.77
N SER X 19 -23.40 -28.60 -22.92
CA SER X 19 -22.60 -29.00 -21.77
C SER X 19 -22.19 -27.82 -20.88
N ASN X 20 -22.31 -26.60 -21.38
CA ASN X 20 -21.96 -25.41 -20.63
C ASN X 20 -22.91 -25.20 -19.45
N PRO X 21 -22.40 -25.27 -18.20
CA PRO X 21 -23.13 -25.09 -16.94
C PRO X 21 -24.34 -24.17 -17.07
N THR X 22 -24.12 -23.02 -17.67
CA THR X 22 -25.15 -22.02 -17.79
C THR X 22 -26.20 -22.44 -18.75
N VAL X 23 -25.79 -22.95 -19.89
CA VAL X 23 -26.72 -23.37 -20.92
C VAL X 23 -27.54 -24.53 -20.45
N ALA X 24 -26.89 -25.49 -19.84
CA ALA X 24 -27.57 -26.67 -19.36
C ALA X 24 -28.62 -26.31 -18.36
N SER X 25 -28.24 -25.53 -17.36
CA SER X 25 -29.17 -25.19 -16.31
C SER X 25 -30.22 -24.24 -16.76
N THR X 26 -29.90 -23.37 -17.69
CA THR X 26 -30.89 -22.44 -18.19
C THR X 26 -32.01 -23.18 -18.85
N ILE X 27 -31.66 -24.05 -19.77
CA ILE X 27 -32.67 -24.79 -20.47
C ILE X 27 -33.42 -25.71 -19.57
N LEU X 28 -32.69 -26.51 -18.81
CA LEU X 28 -33.29 -27.53 -17.99
C LEU X 28 -34.16 -26.97 -16.90
N SER X 29 -33.75 -25.88 -16.30
CA SER X 29 -34.54 -25.27 -15.25
C SER X 29 -35.78 -24.62 -15.81
N ASN X 30 -35.71 -24.15 -17.06
CA ASN X 30 -36.86 -23.54 -17.69
C ASN X 30 -37.89 -24.57 -18.09
N VAL X 31 -37.43 -25.74 -18.54
CA VAL X 31 -38.36 -26.76 -18.97
C VAL X 31 -38.70 -27.73 -17.88
N SER X 32 -38.18 -27.49 -16.68
CA SER X 32 -38.47 -28.34 -15.55
C SER X 32 -39.98 -28.62 -15.37
N PRO X 33 -40.76 -27.64 -14.85
CA PRO X 33 -42.19 -27.81 -14.58
C PRO X 33 -42.97 -28.30 -15.82
N VAL X 34 -42.47 -27.99 -17.02
CA VAL X 34 -43.10 -28.42 -18.24
C VAL X 34 -42.92 -29.90 -18.40
N ALA X 35 -41.70 -30.35 -18.21
CA ALA X 35 -41.37 -31.75 -18.28
C ALA X 35 -42.16 -32.52 -17.28
N GLN X 36 -42.33 -31.96 -16.10
CA GLN X 36 -43.06 -32.60 -15.04
C GLN X 36 -44.46 -32.88 -15.47
N GLN X 37 -45.08 -31.90 -16.11
CA GLN X 37 -46.42 -32.07 -16.59
C GLN X 37 -46.51 -33.17 -17.61
N ASN X 38 -45.56 -33.18 -18.54
CA ASN X 38 -45.58 -34.15 -19.61
C ASN X 38 -45.36 -35.55 -19.09
N PHE X 39 -44.45 -35.68 -18.14
CA PHE X 39 -44.16 -36.96 -17.54
C PHE X 39 -45.38 -37.46 -16.79
N GLN X 40 -45.95 -36.60 -15.98
CA GLN X 40 -47.11 -36.96 -15.19
C GLN X 40 -48.27 -37.36 -16.06
N THR X 41 -48.42 -36.68 -17.18
CA THR X 41 -49.55 -36.92 -18.03
C THR X 41 -49.49 -38.27 -18.75
N ASN X 42 -48.38 -38.57 -19.40
CA ASN X 42 -48.33 -39.76 -20.23
C ASN X 42 -47.76 -41.00 -19.59
N VAL X 43 -47.04 -40.88 -18.48
CA VAL X 43 -46.41 -42.06 -17.90
C VAL X 43 -47.34 -43.05 -17.16
N PRO X 44 -48.16 -42.61 -16.18
CA PRO X 44 -49.03 -43.48 -15.41
C PRO X 44 -49.94 -44.34 -16.30
N LYS X 45 -50.16 -43.88 -17.52
CA LYS X 45 -50.93 -44.60 -18.51
C LYS X 45 -50.29 -45.94 -18.83
N PHE X 46 -48.98 -45.96 -18.87
CA PHE X 46 -48.23 -47.17 -19.20
C PHE X 46 -47.93 -47.97 -17.97
N THR X 47 -47.86 -47.29 -16.83
CA THR X 47 -47.63 -48.00 -15.60
C THR X 47 -48.79 -48.95 -15.31
N SER X 48 -50.01 -48.47 -15.55
CA SER X 48 -51.18 -49.30 -15.35
C SER X 48 -51.17 -50.50 -16.29
N VAL X 49 -50.60 -50.31 -17.46
CA VAL X 49 -50.46 -51.39 -18.41
C VAL X 49 -49.54 -52.43 -17.87
N ASN X 50 -48.43 -51.99 -17.32
CA ASN X 50 -47.45 -52.90 -16.78
C ASN X 50 -48.03 -53.76 -15.69
N GLU X 51 -48.85 -53.18 -14.82
CA GLU X 51 -49.46 -53.97 -13.75
C GLU X 51 -50.34 -55.07 -14.31
N ASN X 52 -51.28 -54.70 -15.18
CA ASN X 52 -52.21 -55.68 -15.71
C ASN X 52 -51.53 -56.72 -16.59
N VAL X 53 -50.64 -56.27 -17.47
CA VAL X 53 -49.94 -57.17 -18.34
C VAL X 53 -49.10 -58.14 -17.57
N SER X 54 -48.42 -57.63 -16.55
CA SER X 54 -47.59 -58.46 -15.73
C SER X 54 -48.43 -59.54 -15.08
N ALA X 55 -49.60 -59.17 -14.57
CA ALA X 55 -50.49 -60.12 -13.94
C ALA X 55 -50.83 -61.24 -14.89
N VAL X 56 -51.14 -60.89 -16.13
CA VAL X 56 -51.45 -61.87 -17.15
C VAL X 56 -50.31 -62.81 -17.37
N LEU X 57 -49.12 -62.27 -17.49
CA LEU X 57 -47.95 -63.07 -17.74
C LEU X 57 -47.72 -64.07 -16.63
N THR X 58 -48.02 -63.68 -15.41
CA THR X 58 -47.93 -64.60 -14.30
C THR X 58 -48.93 -65.73 -14.43
N GLN X 59 -50.14 -65.40 -14.87
CA GLN X 59 -51.16 -66.42 -15.11
C GLN X 59 -50.78 -67.35 -16.28
N TYR X 60 -50.00 -66.86 -17.23
CA TYR X 60 -49.50 -67.69 -18.32
C TYR X 60 -48.18 -68.38 -18.00
N GLY X 61 -47.64 -68.19 -16.80
CA GLY X 61 -46.43 -68.89 -16.42
C GLY X 61 -45.17 -68.31 -17.05
N ILE X 62 -45.25 -67.07 -17.53
CA ILE X 62 -44.14 -66.44 -18.21
C ILE X 62 -43.17 -65.83 -17.22
N THR X 63 -41.89 -66.17 -17.35
CA THR X 63 -40.88 -65.68 -16.42
C THR X 63 -39.70 -65.05 -17.13
N GLY X 64 -38.92 -64.30 -16.37
CA GLY X 64 -37.69 -63.72 -16.87
C GLY X 64 -37.93 -62.76 -18.01
N PRO X 65 -36.96 -62.69 -18.90
CA PRO X 65 -36.93 -61.85 -20.08
C PRO X 65 -38.07 -62.15 -21.01
N ASN X 66 -38.68 -63.31 -20.87
CA ASN X 66 -39.81 -63.62 -21.69
C ASN X 66 -40.95 -62.71 -21.35
N ARG X 67 -41.04 -62.31 -20.08
CA ARG X 67 -42.06 -61.38 -19.67
C ARG X 67 -41.80 -60.08 -20.33
N ALA X 68 -40.52 -59.70 -20.35
CA ALA X 68 -40.09 -58.45 -20.95
C ALA X 68 -40.45 -58.38 -22.42
N ILE X 69 -40.41 -59.50 -23.11
CA ILE X 69 -40.81 -59.53 -24.50
C ILE X 69 -42.23 -59.05 -24.64
N TYR X 70 -43.10 -59.58 -23.81
CA TYR X 70 -44.50 -59.24 -23.87
C TYR X 70 -44.77 -57.87 -23.31
N GLN X 71 -43.95 -57.43 -22.36
CA GLN X 71 -44.09 -56.10 -21.82
C GLN X 71 -43.79 -55.08 -22.89
N GLY X 72 -42.73 -55.34 -23.67
CA GLY X 72 -42.36 -54.46 -24.76
C GLY X 72 -43.48 -54.37 -25.77
N PHE X 73 -44.04 -55.52 -26.12
CA PHE X 73 -45.14 -55.58 -27.03
C PHE X 73 -46.32 -54.78 -26.53
N GLY X 74 -46.74 -55.04 -25.30
CA GLY X 74 -47.88 -54.38 -24.71
C GLY X 74 -47.70 -52.88 -24.66
N LEU X 75 -46.54 -52.45 -24.23
CA LEU X 75 -46.26 -51.04 -24.14
C LEU X 75 -46.34 -50.38 -25.49
N LYS X 76 -45.86 -51.06 -26.51
CA LYS X 76 -45.89 -50.53 -27.86
C LYS X 76 -47.31 -50.45 -28.38
N VAL X 77 -48.15 -51.41 -28.01
CA VAL X 77 -49.56 -51.36 -28.35
C VAL X 77 -50.20 -50.11 -27.76
N ALA X 78 -49.93 -49.88 -26.49
CA ALA X 78 -50.46 -48.73 -25.79
C ALA X 78 -49.98 -47.43 -26.39
N ARG X 79 -48.70 -47.40 -26.79
CA ARG X 79 -48.16 -46.23 -27.47
C ARG X 79 -48.98 -45.84 -28.66
N ALA X 80 -49.22 -46.81 -29.53
CA ALA X 80 -49.99 -46.57 -30.73
C ALA X 80 -51.37 -46.09 -30.39
N LEU X 81 -51.96 -46.67 -29.36
CA LEU X 81 -53.25 -46.23 -28.92
C LEU X 81 -53.24 -44.75 -28.61
N ASN X 82 -52.24 -44.30 -27.86
CA ASN X 82 -52.16 -42.88 -27.52
C ASN X 82 -51.97 -41.97 -28.75
N ARG X 83 -51.07 -42.35 -29.64
CA ARG X 83 -50.72 -41.49 -30.76
C ARG X 83 -51.70 -41.60 -31.94
N ILE X 84 -52.37 -42.73 -32.07
CA ILE X 84 -53.35 -42.96 -33.14
C ILE X 84 -54.78 -42.88 -32.63
N GLY X 85 -55.06 -43.61 -31.56
CA GLY X 85 -56.41 -43.70 -31.05
C GLY X 85 -57.05 -44.97 -31.54
N SER X 86 -58.10 -45.41 -30.89
CA SER X 86 -58.73 -46.67 -31.27
C SER X 86 -59.43 -46.56 -32.61
N GLY X 87 -59.67 -47.71 -33.24
CA GLY X 87 -60.32 -47.73 -34.54
C GLY X 87 -59.40 -48.33 -35.59
N PRO X 88 -59.87 -48.38 -36.82
CA PRO X 88 -59.23 -48.92 -38.04
C PRO X 88 -57.70 -48.86 -37.99
N ALA X 89 -57.15 -47.66 -37.93
CA ALA X 89 -55.71 -47.48 -37.98
C ALA X 89 -55.00 -48.23 -36.89
N LEU X 90 -55.59 -48.28 -35.71
CA LEU X 90 -54.96 -48.98 -34.60
C LEU X 90 -54.91 -50.44 -34.90
N VAL X 91 -56.01 -50.96 -35.42
CA VAL X 91 -56.07 -52.35 -35.78
C VAL X 91 -55.00 -52.68 -36.81
N ASN X 92 -54.85 -51.81 -37.81
CA ASN X 92 -53.83 -51.99 -38.82
C ASN X 92 -52.46 -52.07 -38.17
N MET X 93 -52.22 -51.18 -37.23
CA MET X 93 -50.98 -51.16 -36.49
C MET X 93 -50.74 -52.44 -35.74
N ILE X 94 -51.74 -52.85 -34.97
CA ILE X 94 -51.59 -53.99 -34.11
C ILE X 94 -51.34 -55.24 -34.91
N ASN X 95 -52.02 -55.39 -36.03
CA ASN X 95 -51.82 -56.55 -36.88
C ASN X 95 -50.37 -56.70 -37.27
N GLY X 96 -49.76 -55.59 -37.70
CA GLY X 96 -48.36 -55.62 -38.10
C GLY X 96 -47.46 -55.82 -36.91
N LEU X 97 -47.78 -55.18 -35.81
CA LEU X 97 -47.00 -55.29 -34.60
C LEU X 97 -46.98 -56.70 -34.07
N LYS X 98 -48.14 -57.31 -34.01
CA LYS X 98 -48.24 -58.68 -33.56
C LYS X 98 -47.38 -59.59 -34.39
N GLY X 99 -47.57 -59.55 -35.71
CA GLY X 99 -46.80 -60.39 -36.61
C GLY X 99 -45.31 -60.15 -36.43
N TYR X 100 -44.94 -58.89 -36.28
CA TYR X 100 -43.58 -58.49 -36.03
C TYR X 100 -42.97 -59.23 -34.88
N TYR X 101 -43.61 -59.18 -33.74
CA TYR X 101 -43.10 -59.87 -32.57
C TYR X 101 -43.10 -61.37 -32.71
N ILE X 102 -44.12 -61.92 -33.35
CA ILE X 102 -44.20 -63.35 -33.50
C ILE X 102 -43.02 -63.90 -34.23
N SER X 103 -42.67 -63.28 -35.35
CA SER X 103 -41.62 -63.81 -36.18
C SER X 103 -40.26 -63.21 -35.91
N ALA X 104 -40.20 -61.97 -35.46
CA ALA X 104 -38.92 -61.34 -35.19
C ALA X 104 -38.33 -61.84 -33.91
N PHE X 105 -39.17 -62.03 -32.88
CA PHE X 105 -38.69 -62.41 -31.57
C PHE X 105 -39.23 -63.72 -31.09
N ASN X 106 -39.94 -64.42 -31.96
CA ASN X 106 -40.53 -65.70 -31.60
C ASN X 106 -41.50 -65.56 -30.44
N ALA X 107 -42.26 -64.47 -30.42
CA ALA X 107 -43.24 -64.27 -29.38
C ALA X 107 -44.42 -65.18 -29.63
N ASN X 108 -45.02 -65.68 -28.55
CA ASN X 108 -46.11 -66.62 -28.65
C ASN X 108 -47.48 -65.95 -28.84
N PRO X 109 -48.03 -65.98 -30.07
CA PRO X 109 -49.36 -65.47 -30.47
C PRO X 109 -50.39 -65.50 -29.36
N GLN X 110 -50.45 -66.61 -28.62
CA GLN X 110 -51.43 -66.78 -27.56
C GLN X 110 -51.27 -65.75 -26.48
N VAL X 111 -50.05 -65.55 -26.04
CA VAL X 111 -49.81 -64.61 -25.00
C VAL X 111 -49.97 -63.23 -25.55
N LEU X 112 -49.54 -63.02 -26.79
CA LEU X 112 -49.64 -61.72 -27.43
C LEU X 112 -51.08 -61.27 -27.48
N ASP X 113 -51.96 -62.21 -27.77
CA ASP X 113 -53.37 -61.92 -27.81
C ASP X 113 -53.87 -61.56 -26.44
N ALA X 114 -53.40 -62.28 -25.43
CA ALA X 114 -53.78 -61.99 -24.07
C ALA X 114 -53.40 -60.57 -23.70
N VAL X 115 -52.23 -60.13 -24.11
CA VAL X 115 -51.79 -58.77 -23.83
C VAL X 115 -52.72 -57.76 -24.48
N VAL X 116 -53.06 -58.00 -25.73
CA VAL X 116 -53.98 -57.12 -26.45
C VAL X 116 -55.35 -57.12 -25.78
N ASN X 117 -55.75 -58.28 -25.27
CA ASN X 117 -57.04 -58.43 -24.60
C ASN X 117 -57.12 -57.69 -23.27
N ILE X 118 -56.01 -57.09 -22.85
CA ILE X 118 -56.01 -56.27 -21.68
C ILE X 118 -56.07 -54.84 -22.06
N ILE X 119 -55.16 -54.46 -22.93
CA ILE X 119 -55.03 -53.09 -23.35
C ILE X 119 -56.23 -52.62 -24.15
N THR X 120 -56.62 -53.42 -25.14
CA THR X 120 -57.76 -53.07 -25.95
C THR X 120 -59.00 -53.72 -25.43
N GLY X 121 -58.83 -54.91 -24.88
CA GLY X 121 -59.95 -55.66 -24.34
C GLY X 121 -60.40 -56.72 -25.32
N SER X 122 -59.93 -56.64 -26.55
CA SER X 122 -60.32 -57.57 -27.58
C SER X 122 -59.19 -57.80 -28.55
N PRO X 123 -59.19 -58.96 -29.23
CA PRO X 123 -58.25 -59.37 -30.25
C PRO X 123 -58.28 -58.41 -31.42
N THR X 124 -57.22 -58.41 -32.19
CA THR X 124 -57.11 -57.54 -33.34
C THR X 124 -57.68 -58.21 -34.58
N GLY X 125 -57.02 -58.01 -35.73
CA GLY X 125 -57.48 -58.62 -36.97
C GLY X 125 -58.58 -57.78 -37.60
N TYR X 126 -59.71 -57.68 -36.90
CA TYR X 126 -60.85 -56.89 -37.34
C TYR X 126 -61.25 -55.89 -36.27
N VAL X 127 -61.83 -54.77 -36.70
CA VAL X 127 -62.25 -53.73 -35.76
C VAL X 127 -63.38 -54.21 -34.88
N SER X 128 -63.17 -54.17 -33.57
CA SER X 128 -64.18 -54.61 -32.62
C SER X 128 -63.89 -54.13 -31.19
N SER Y 1 -48.00 -37.59 -27.71
CA SER Y 1 -48.82 -36.55 -28.30
C SER Y 1 -48.88 -35.31 -27.41
N ARG Y 2 -49.09 -34.16 -28.03
CA ARG Y 2 -49.08 -32.89 -27.31
C ARG Y 2 -50.23 -31.98 -27.69
N SER Y 3 -50.95 -31.49 -26.68
CA SER Y 3 -52.01 -30.51 -26.88
C SER Y 3 -51.44 -29.14 -27.07
N TYR Y 4 -52.27 -28.19 -27.47
CA TYR Y 4 -51.81 -26.83 -27.62
C TYR Y 4 -51.17 -26.32 -26.36
N SER Y 5 -51.83 -26.52 -25.23
CA SER Y 5 -51.28 -26.07 -23.96
C SER Y 5 -49.86 -26.55 -23.80
N GLN Y 6 -49.63 -27.81 -24.12
CA GLN Y 6 -48.30 -28.38 -24.03
C GLN Y 6 -47.36 -27.85 -25.07
N ARG Y 7 -47.85 -27.66 -26.29
CA ARG Y 7 -47.01 -27.15 -27.38
C ARG Y 7 -46.43 -25.84 -27.00
N TYR Y 8 -47.30 -24.94 -26.59
CA TYR Y 8 -46.92 -23.61 -26.23
C TYR Y 8 -46.06 -23.59 -25.01
N ALA Y 9 -46.46 -24.32 -23.97
CA ALA Y 9 -45.72 -24.33 -22.73
C ALA Y 9 -44.24 -24.57 -22.96
N LYS Y 10 -43.93 -25.64 -23.66
CA LYS Y 10 -42.54 -25.98 -23.87
C LYS Y 10 -41.87 -25.00 -24.80
N TRP Y 11 -42.59 -24.54 -25.82
CA TRP Y 11 -42.04 -23.55 -26.72
C TRP Y 11 -41.59 -22.34 -25.97
N GLN Y 12 -42.40 -21.92 -25.02
CA GLN Y 12 -42.10 -20.75 -24.25
C GLN Y 12 -40.87 -20.95 -23.42
N ALA Y 13 -40.76 -22.11 -22.81
CA ALA Y 13 -39.62 -22.40 -21.96
C ALA Y 13 -38.34 -22.36 -22.74
N LYS Y 14 -38.35 -22.92 -23.94
CA LYS Y 14 -37.17 -22.96 -24.75
C LYS Y 14 -36.85 -21.62 -25.34
N PHE Y 15 -37.86 -20.86 -25.68
CA PHE Y 15 -37.64 -19.53 -26.19
C PHE Y 15 -36.96 -18.69 -25.14
N ASN Y 16 -37.48 -18.75 -23.92
CA ASN Y 16 -36.92 -18.01 -22.81
C ASN Y 16 -35.47 -18.36 -22.60
N ALA Y 17 -35.18 -19.67 -22.61
CA ALA Y 17 -33.83 -20.14 -22.41
C ALA Y 17 -32.90 -19.54 -23.43
N PHE Y 18 -33.28 -19.65 -24.69
CA PHE Y 18 -32.45 -19.16 -25.77
C PHE Y 18 -32.16 -17.69 -25.66
N SER Y 19 -33.14 -16.91 -25.22
CA SER Y 19 -32.96 -15.44 -25.15
C SER Y 19 -31.85 -15.01 -24.19
N ASN Y 20 -31.43 -15.91 -23.30
CA ASN Y 20 -30.37 -15.63 -22.35
C ASN Y 20 -29.04 -15.37 -23.06
N PRO Y 21 -28.49 -14.14 -22.94
CA PRO Y 21 -27.21 -13.69 -23.54
C PRO Y 21 -26.19 -14.79 -23.73
N THR Y 22 -25.97 -15.57 -22.68
CA THR Y 22 -24.92 -16.56 -22.69
C THR Y 22 -25.32 -17.79 -23.40
N VAL Y 23 -26.60 -18.09 -23.39
CA VAL Y 23 -27.09 -19.26 -24.05
C VAL Y 23 -27.10 -19.04 -25.52
N ALA Y 24 -27.61 -17.90 -25.92
CA ALA Y 24 -27.67 -17.56 -27.32
C ALA Y 24 -26.29 -17.52 -27.91
N SER Y 25 -25.36 -16.84 -27.24
CA SER Y 25 -24.04 -16.71 -27.76
C SER Y 25 -23.26 -17.98 -27.71
N THR Y 26 -23.51 -18.81 -26.71
CA THR Y 26 -22.84 -20.09 -26.65
C THR Y 26 -23.20 -20.92 -27.84
N ILE Y 27 -24.48 -21.08 -28.06
CA ILE Y 27 -24.94 -21.89 -29.14
C ILE Y 27 -24.53 -21.34 -30.48
N LEU Y 28 -24.83 -20.07 -30.69
CA LEU Y 28 -24.61 -19.45 -31.98
C LEU Y 28 -23.15 -19.36 -32.35
N SER Y 29 -22.29 -19.09 -31.37
CA SER Y 29 -20.88 -19.01 -31.65
C SER Y 29 -20.30 -20.39 -31.90
N ASN Y 30 -20.90 -21.42 -31.29
CA ASN Y 30 -20.42 -22.77 -31.52
C ASN Y 30 -20.81 -23.28 -32.88
N VAL Y 31 -22.00 -22.91 -33.36
CA VAL Y 31 -22.45 -23.40 -34.65
C VAL Y 31 -22.14 -22.43 -35.75
N SER Y 32 -21.45 -21.34 -35.43
CA SER Y 32 -21.06 -20.37 -36.43
C SER Y 32 -20.41 -21.02 -37.67
N PRO Y 33 -19.13 -21.43 -37.58
CA PRO Y 33 -18.38 -21.99 -38.71
C PRO Y 33 -19.12 -23.15 -39.39
N VAL Y 34 -19.96 -23.86 -38.65
CA VAL Y 34 -20.71 -24.95 -39.18
C VAL Y 34 -21.77 -24.44 -40.12
N ALA Y 35 -22.52 -23.45 -39.65
CA ALA Y 35 -23.55 -22.83 -40.44
C ALA Y 35 -22.95 -22.20 -41.66
N GLN Y 36 -21.77 -21.61 -41.51
CA GLN Y 36 -21.09 -20.97 -42.61
C GLN Y 36 -20.84 -21.93 -43.70
N GLN Y 37 -20.37 -23.12 -43.34
CA GLN Y 37 -20.14 -24.15 -44.30
C GLN Y 37 -21.39 -24.50 -45.05
N ASN Y 38 -22.47 -24.69 -44.32
CA ASN Y 38 -23.72 -25.11 -44.91
C ASN Y 38 -24.29 -24.06 -45.83
N PHE Y 39 -24.18 -22.80 -45.43
CA PHE Y 39 -24.67 -21.70 -46.23
C PHE Y 39 -23.89 -21.62 -47.52
N GLN Y 40 -22.57 -21.67 -47.41
CA GLN Y 40 -21.72 -21.60 -48.57
C GLN Y 40 -21.89 -22.78 -49.48
N THR Y 41 -22.13 -23.94 -48.91
CA THR Y 41 -22.26 -25.15 -49.69
C THR Y 41 -23.49 -25.15 -50.56
N ASN Y 42 -24.63 -24.80 -50.01
CA ASN Y 42 -25.87 -24.92 -50.76
C ASN Y 42 -26.37 -23.65 -51.42
N VAL Y 43 -26.15 -22.49 -50.83
CA VAL Y 43 -26.77 -21.27 -51.35
C VAL Y 43 -26.44 -20.92 -52.81
N PRO Y 44 -25.16 -20.98 -53.24
CA PRO Y 44 -24.67 -20.72 -54.58
C PRO Y 44 -25.43 -21.52 -55.61
N LYS Y 45 -25.92 -22.70 -55.21
CA LYS Y 45 -26.65 -23.58 -56.09
C LYS Y 45 -27.96 -22.96 -56.51
N PHE Y 46 -28.55 -22.19 -55.61
CA PHE Y 46 -29.83 -21.58 -55.85
C PHE Y 46 -29.66 -20.20 -56.43
N THR Y 47 -28.54 -19.56 -56.15
CA THR Y 47 -28.27 -18.28 -56.76
C THR Y 47 -28.16 -18.41 -58.24
N SER Y 48 -27.47 -19.45 -58.70
CA SER Y 48 -27.33 -19.69 -60.13
C SER Y 48 -28.69 -19.93 -60.77
N VAL Y 49 -29.61 -20.51 -60.02
CA VAL Y 49 -30.96 -20.73 -60.49
C VAL Y 49 -31.67 -19.41 -60.66
N ASN Y 50 -31.56 -18.56 -59.65
CA ASN Y 50 -32.18 -17.26 -59.70
C ASN Y 50 -31.70 -16.49 -60.90
N GLU Y 51 -30.42 -16.62 -61.20
CA GLU Y 51 -29.83 -15.92 -62.31
C GLU Y 51 -30.35 -16.43 -63.64
N ASN Y 52 -30.27 -17.73 -63.84
CA ASN Y 52 -30.64 -18.29 -65.11
C ASN Y 52 -32.13 -18.16 -65.35
N VAL Y 53 -32.93 -18.35 -64.31
CA VAL Y 53 -34.36 -18.19 -64.42
C VAL Y 53 -34.70 -16.77 -64.72
N SER Y 54 -34.00 -15.84 -64.08
CA SER Y 54 -34.21 -14.44 -64.34
C SER Y 54 -33.99 -14.14 -65.80
N ALA Y 55 -32.92 -14.68 -66.37
CA ALA Y 55 -32.63 -14.46 -67.78
C ALA Y 55 -33.81 -14.89 -68.62
N VAL Y 56 -34.35 -16.06 -68.32
CA VAL Y 56 -35.51 -16.57 -69.02
C VAL Y 56 -36.67 -15.63 -68.94
N LEU Y 57 -36.96 -15.18 -67.74
CA LEU Y 57 -38.11 -14.34 -67.50
C LEU Y 57 -38.01 -13.04 -68.25
N THR Y 58 -36.80 -12.51 -68.38
CA THR Y 58 -36.61 -11.31 -69.16
C THR Y 58 -36.90 -11.58 -70.63
N GLN Y 59 -36.49 -12.74 -71.13
CA GLN Y 59 -36.81 -13.12 -72.51
C GLN Y 59 -38.32 -13.27 -72.73
N TYR Y 60 -39.05 -13.69 -71.70
CA TYR Y 60 -40.50 -13.83 -71.80
C TYR Y 60 -41.26 -12.56 -71.43
N GLY Y 61 -40.56 -11.49 -71.12
CA GLY Y 61 -41.23 -10.22 -70.85
C GLY Y 61 -41.90 -10.19 -69.48
N ILE Y 62 -41.47 -11.05 -68.58
CA ILE Y 62 -42.09 -11.15 -67.27
C ILE Y 62 -41.51 -10.10 -66.34
N THR Y 63 -42.39 -9.32 -65.72
CA THR Y 63 -41.95 -8.25 -64.82
C THR Y 63 -42.62 -8.31 -63.46
N GLY Y 64 -42.04 -7.60 -62.51
CA GLY Y 64 -42.62 -7.47 -61.19
C GLY Y 64 -42.73 -8.81 -60.49
N PRO Y 65 -43.75 -8.95 -59.65
CA PRO Y 65 -44.08 -10.09 -58.85
C PRO Y 65 -44.34 -11.32 -59.69
N ASN Y 66 -44.60 -11.11 -60.97
CA ASN Y 66 -44.81 -12.24 -61.84
C ASN Y 66 -43.53 -13.00 -62.01
N ARG Y 67 -42.40 -12.29 -61.93
CA ARG Y 67 -41.13 -12.94 -62.01
C ARG Y 67 -40.95 -13.76 -60.79
N ALA Y 68 -41.35 -13.18 -59.65
CA ALA Y 68 -41.25 -13.86 -58.37
C ALA Y 68 -42.01 -15.17 -58.34
N ILE Y 69 -43.14 -15.21 -59.04
CA ILE Y 69 -43.90 -16.46 -59.14
C ILE Y 69 -43.07 -17.55 -59.75
N TYR Y 70 -42.48 -17.24 -60.87
CA TYR Y 70 -41.71 -18.23 -61.60
C TYR Y 70 -40.41 -18.55 -60.89
N GLN Y 71 -39.84 -17.57 -60.21
CA GLN Y 71 -38.63 -17.79 -59.46
C GLN Y 71 -38.88 -18.77 -58.35
N GLY Y 72 -40.02 -18.62 -57.68
CA GLY Y 72 -40.39 -19.55 -56.61
C GLY Y 72 -40.51 -20.96 -57.13
N PHE Y 73 -41.15 -21.09 -58.27
CA PHE Y 73 -41.29 -22.38 -58.91
C PHE Y 73 -39.94 -22.99 -59.21
N GLY Y 74 -39.05 -22.23 -59.83
CA GLY Y 74 -37.72 -22.70 -60.16
C GLY Y 74 -36.96 -23.14 -58.93
N LEU Y 75 -37.01 -22.35 -57.90
CA LEU Y 75 -36.32 -22.66 -56.66
C LEU Y 75 -36.80 -23.96 -56.07
N LYS Y 76 -38.11 -24.19 -56.16
CA LYS Y 76 -38.68 -25.42 -55.67
C LYS Y 76 -38.18 -26.62 -56.44
N VAL Y 77 -38.06 -26.47 -57.76
CA VAL Y 77 -37.53 -27.55 -58.57
C VAL Y 77 -36.14 -27.92 -58.12
N ALA Y 78 -35.31 -26.92 -57.91
CA ALA Y 78 -33.95 -27.12 -57.48
C ALA Y 78 -33.89 -27.75 -56.09
N ARG Y 79 -34.79 -27.35 -55.21
CA ARG Y 79 -34.84 -27.90 -53.86
C ARG Y 79 -35.04 -29.39 -53.90
N ALA Y 80 -36.03 -29.81 -54.65
CA ALA Y 80 -36.32 -31.23 -54.79
C ALA Y 80 -35.14 -31.94 -55.38
N LEU Y 81 -34.51 -31.33 -56.36
CA LEU Y 81 -33.35 -31.93 -56.96
C LEU Y 81 -32.29 -32.21 -55.91
N ASN Y 82 -32.01 -31.23 -55.07
CA ASN Y 82 -31.00 -31.44 -54.03
C ASN Y 82 -31.38 -32.50 -53.00
N ARG Y 83 -32.64 -32.56 -52.62
CA ARG Y 83 -33.07 -33.48 -51.56
C ARG Y 83 -33.52 -34.85 -52.08
N ILE Y 84 -33.76 -34.94 -53.39
CA ILE Y 84 -34.18 -36.20 -54.01
C ILE Y 84 -33.17 -36.71 -55.02
N GLY Y 85 -32.74 -35.83 -55.89
CA GLY Y 85 -31.84 -36.20 -56.97
C GLY Y 85 -32.65 -36.40 -58.24
N SER Y 86 -31.98 -36.39 -59.38
CA SER Y 86 -32.67 -36.54 -60.65
C SER Y 86 -33.20 -37.92 -60.85
N GLY Y 87 -34.14 -38.07 -61.79
CA GLY Y 87 -34.73 -39.36 -62.08
C GLY Y 87 -36.21 -39.38 -61.70
N PRO Y 88 -36.83 -40.54 -61.85
CA PRO Y 88 -38.24 -40.87 -61.57
C PRO Y 88 -38.89 -39.98 -60.52
N ALA Y 89 -38.36 -40.02 -59.31
CA ALA Y 89 -38.95 -39.28 -58.20
C ALA Y 89 -39.03 -37.79 -58.49
N LEU Y 90 -38.02 -37.25 -59.15
CA LEU Y 90 -38.01 -35.84 -59.49
C LEU Y 90 -39.10 -35.56 -60.46
N VAL Y 91 -39.25 -36.44 -61.44
CA VAL Y 91 -40.30 -36.31 -62.43
C VAL Y 91 -41.65 -36.25 -61.77
N ASN Y 92 -41.88 -37.15 -60.81
CA ASN Y 92 -43.13 -37.18 -60.08
C ASN Y 92 -43.36 -35.87 -59.37
N MET Y 93 -42.30 -35.35 -58.77
CA MET Y 93 -42.36 -34.10 -58.07
C MET Y 93 -42.73 -32.95 -58.96
N ILE Y 94 -42.04 -32.81 -60.07
CA ILE Y 94 -42.23 -31.69 -60.95
C ILE Y 94 -43.62 -31.66 -61.51
N ASN Y 95 -44.14 -32.82 -61.88
CA ASN Y 95 -45.50 -32.90 -62.39
C ASN Y 95 -46.49 -32.30 -61.42
N GLY Y 96 -46.38 -32.68 -60.15
CA GLY Y 96 -47.27 -32.17 -59.13
C GLY Y 96 -47.03 -30.70 -58.90
N LEU Y 97 -45.77 -30.31 -58.88
CA LEU Y 97 -45.39 -28.93 -58.68
C LEU Y 97 -45.97 -28.02 -59.73
N LYS Y 98 -45.89 -28.42 -60.97
CA LYS Y 98 -46.47 -27.65 -62.02
C LYS Y 98 -47.95 -27.49 -61.81
N GLY Y 99 -48.62 -28.59 -61.47
CA GLY Y 99 -50.04 -28.52 -61.19
C GLY Y 99 -50.34 -27.50 -60.11
N TYR Y 100 -49.50 -27.50 -59.07
CA TYR Y 100 -49.63 -26.57 -57.97
C TYR Y 100 -49.61 -25.15 -58.45
N TYR Y 101 -48.57 -24.76 -59.16
CA TYR Y 101 -48.45 -23.39 -59.62
C TYR Y 101 -49.43 -23.00 -60.70
N ILE Y 102 -49.68 -23.89 -61.63
CA ILE Y 102 -50.56 -23.58 -62.72
C ILE Y 102 -51.95 -23.29 -62.24
N SER Y 103 -52.47 -24.11 -61.36
CA SER Y 103 -53.84 -23.95 -60.93
C SER Y 103 -54.01 -23.16 -59.65
N ALA Y 104 -53.02 -23.16 -58.78
CA ALA Y 104 -53.17 -22.39 -57.53
C ALA Y 104 -52.83 -20.95 -57.72
N PHE Y 105 -51.83 -20.67 -58.56
CA PHE Y 105 -51.38 -19.30 -58.74
C PHE Y 105 -51.56 -18.81 -60.14
N ASN Y 106 -52.18 -19.62 -60.99
CA ASN Y 106 -52.43 -19.25 -62.37
C ASN Y 106 -51.14 -18.98 -63.12
N ALA Y 107 -50.11 -19.77 -62.83
CA ALA Y 107 -48.85 -19.62 -63.54
C ALA Y 107 -48.99 -20.17 -64.95
N ASN Y 108 -48.27 -19.58 -65.90
CA ASN Y 108 -48.36 -19.99 -67.30
C ASN Y 108 -47.51 -21.21 -67.62
N PRO Y 109 -48.15 -22.40 -67.71
CA PRO Y 109 -47.55 -23.70 -68.06
C PRO Y 109 -46.35 -23.60 -68.98
N GLN Y 110 -46.48 -22.81 -70.04
CA GLN Y 110 -45.44 -22.71 -71.04
C GLN Y 110 -44.18 -22.10 -70.46
N VAL Y 111 -44.34 -21.06 -69.67
CA VAL Y 111 -43.21 -20.42 -69.06
C VAL Y 111 -42.63 -21.32 -68.02
N LEU Y 112 -43.48 -22.04 -67.31
CA LEU Y 112 -43.03 -22.97 -66.29
C LEU Y 112 -42.13 -24.02 -66.89
N ASP Y 113 -42.49 -24.49 -68.07
CA ASP Y 113 -41.67 -25.46 -68.77
C ASP Y 113 -40.36 -24.86 -69.19
N ALA Y 114 -40.37 -23.57 -69.55
CA ALA Y 114 -39.14 -22.88 -69.87
C ALA Y 114 -38.20 -22.86 -68.66
N VAL Y 115 -38.77 -22.67 -67.47
CA VAL Y 115 -37.96 -22.69 -66.26
C VAL Y 115 -37.35 -24.06 -66.04
N VAL Y 116 -38.17 -25.10 -66.17
CA VAL Y 116 -37.68 -26.46 -66.00
C VAL Y 116 -36.60 -26.78 -67.03
N ASN Y 117 -36.80 -26.29 -68.25
CA ASN Y 117 -35.84 -26.46 -69.34
C ASN Y 117 -34.46 -25.91 -69.03
N ILE Y 118 -34.33 -25.10 -68.00
CA ILE Y 118 -33.06 -24.58 -67.63
C ILE Y 118 -32.48 -25.36 -66.50
N ILE Y 119 -33.25 -25.52 -65.45
CA ILE Y 119 -32.79 -26.18 -64.25
C ILE Y 119 -32.47 -27.64 -64.51
N THR Y 120 -33.36 -28.32 -65.20
CA THR Y 120 -33.16 -29.72 -65.52
C THR Y 120 -32.51 -29.86 -66.87
N GLY Y 121 -32.81 -28.90 -67.74
CA GLY Y 121 -32.25 -28.92 -69.09
C GLY Y 121 -33.32 -29.28 -70.09
N SER Y 122 -34.46 -29.76 -69.59
CA SER Y 122 -35.58 -30.12 -70.43
C SER Y 122 -36.82 -30.24 -69.60
N PRO Y 123 -37.98 -30.17 -70.22
CA PRO Y 123 -39.27 -30.39 -69.61
C PRO Y 123 -39.30 -31.79 -69.04
N THR Y 124 -40.16 -32.03 -68.08
CA THR Y 124 -40.12 -33.29 -67.39
C THR Y 124 -40.95 -34.36 -68.07
N GLY Y 125 -41.58 -35.23 -67.28
CA GLY Y 125 -42.35 -36.34 -67.85
C GLY Y 125 -41.41 -37.48 -68.24
N TYR Y 126 -40.52 -37.20 -69.17
CA TYR Y 126 -39.52 -38.12 -69.60
C TYR Y 126 -38.19 -37.72 -69.00
N VAL Y 127 -37.37 -38.69 -68.67
CA VAL Y 127 -36.06 -38.39 -68.11
C VAL Y 127 -35.04 -38.23 -69.22
N SER Y 128 -34.50 -37.02 -69.35
CA SER Y 128 -33.52 -36.75 -70.37
C SER Y 128 -32.88 -35.37 -70.14
N SER Z 1 -30.87 -6.90 -56.55
CA SER Z 1 -29.90 -7.47 -57.47
C SER Z 1 -28.58 -7.76 -56.79
N ARG Z 2 -28.37 -9.02 -56.43
CA ARG Z 2 -27.14 -9.43 -55.74
C ARG Z 2 -26.67 -10.81 -56.17
N SER Z 3 -25.34 -10.97 -56.23
CA SER Z 3 -24.73 -12.27 -56.49
C SER Z 3 -24.74 -13.07 -55.22
N TYR Z 4 -24.38 -14.34 -55.29
CA TYR Z 4 -24.41 -15.13 -54.08
C TYR Z 4 -23.33 -14.66 -53.17
N SER Z 5 -22.25 -14.13 -53.74
CA SER Z 5 -21.14 -13.70 -52.95
C SER Z 5 -21.54 -12.54 -52.10
N GLN Z 6 -22.41 -11.71 -52.63
CA GLN Z 6 -22.95 -10.59 -51.88
C GLN Z 6 -23.96 -11.06 -50.87
N ARG Z 7 -24.79 -12.03 -51.26
CA ARG Z 7 -25.78 -12.58 -50.36
C ARG Z 7 -25.11 -13.15 -49.15
N TYR Z 8 -24.07 -13.93 -49.39
CA TYR Z 8 -23.29 -14.53 -48.33
C TYR Z 8 -22.59 -13.51 -47.51
N ALA Z 9 -21.88 -12.60 -48.16
CA ALA Z 9 -21.11 -11.61 -47.45
C ALA Z 9 -21.94 -10.93 -46.38
N LYS Z 10 -23.09 -10.41 -46.78
CA LYS Z 10 -23.91 -9.71 -45.83
C LYS Z 10 -24.52 -10.65 -44.82
N TRP Z 11 -24.93 -11.83 -45.27
CA TRP Z 11 -25.48 -12.82 -44.36
C TRP Z 11 -24.51 -13.13 -43.27
N GLN Z 12 -23.25 -13.27 -43.62
CA GLN Z 12 -22.22 -13.57 -42.68
C GLN Z 12 -22.08 -12.48 -41.67
N ALA Z 13 -22.07 -11.25 -42.13
CA ALA Z 13 -21.91 -10.12 -41.25
C ALA Z 13 -23.04 -10.04 -40.25
N LYS Z 14 -24.25 -10.32 -40.72
CA LYS Z 14 -25.40 -10.24 -39.85
C LYS Z 14 -25.48 -11.39 -38.92
N PHE Z 15 -25.05 -12.55 -39.37
CA PHE Z 15 -25.02 -13.70 -38.50
C PHE Z 15 -24.07 -13.45 -37.36
N ASN Z 16 -22.89 -12.93 -37.70
CA ASN Z 16 -21.88 -12.62 -36.71
C ASN Z 16 -22.42 -11.66 -35.69
N ALA Z 17 -23.06 -10.60 -36.17
CA ALA Z 17 -23.62 -9.60 -35.30
C ALA Z 17 -24.58 -10.21 -34.32
N PHE Z 18 -25.52 -10.99 -34.83
CA PHE Z 18 -26.53 -11.59 -34.00
C PHE Z 18 -25.96 -12.49 -32.94
N SER Z 19 -24.89 -13.21 -33.27
CA SER Z 19 -24.31 -14.16 -32.32
C SER Z 19 -23.72 -13.48 -31.07
N ASN Z 20 -23.52 -12.17 -31.13
CA ASN Z 20 -22.98 -11.42 -30.00
C ASN Z 20 -23.95 -11.41 -28.83
N PRO Z 21 -23.57 -12.01 -27.68
CA PRO Z 21 -24.36 -12.09 -26.43
C PRO Z 21 -25.31 -10.92 -26.24
N THR Z 22 -24.79 -9.72 -26.41
CA THR Z 22 -25.56 -8.53 -26.17
C THR Z 22 -26.60 -8.34 -27.23
N VAL Z 23 -26.20 -8.50 -28.47
CA VAL Z 23 -27.12 -8.32 -29.57
C VAL Z 23 -28.21 -9.33 -29.54
N ALA Z 24 -27.84 -10.58 -29.31
CA ALA Z 24 -28.80 -11.64 -29.27
C ALA Z 24 -29.84 -11.40 -28.21
N SER Z 25 -29.38 -11.13 -27.00
CA SER Z 25 -30.29 -10.95 -25.90
C SER Z 25 -31.07 -9.68 -25.98
N THR Z 26 -30.48 -8.64 -26.56
CA THR Z 26 -31.19 -7.40 -26.71
C THR Z 26 -32.38 -7.58 -27.58
N ILE Z 27 -32.17 -8.14 -28.75
CA ILE Z 27 -33.24 -8.33 -29.68
C ILE Z 27 -34.26 -9.30 -29.15
N LEU Z 28 -33.80 -10.45 -28.71
CA LEU Z 28 -34.68 -11.51 -28.30
C LEU Z 28 -35.49 -11.17 -27.08
N SER Z 29 -34.88 -10.47 -26.13
CA SER Z 29 -35.62 -10.08 -24.95
C SER Z 29 -36.63 -8.99 -25.25
N ASN Z 30 -36.34 -8.17 -26.26
CA ASN Z 30 -37.27 -7.13 -26.64
C ASN Z 30 -38.46 -7.68 -27.38
N VAL Z 31 -38.24 -8.70 -28.20
CA VAL Z 31 -39.34 -9.27 -28.97
C VAL Z 31 -39.98 -10.43 -28.29
N SER Z 32 -39.53 -10.74 -27.08
CA SER Z 32 -40.10 -11.83 -26.29
C SER Z 32 -41.63 -11.77 -26.24
N PRO Z 33 -42.22 -10.87 -25.42
CA PRO Z 33 -43.68 -10.77 -25.23
C PRO Z 33 -44.43 -10.61 -26.56
N VAL Z 34 -43.77 -10.05 -27.57
CA VAL Z 34 -44.37 -9.88 -28.87
C VAL Z 34 -44.52 -11.21 -29.53
N ALA Z 35 -43.45 -11.99 -29.50
CA ALA Z 35 -43.44 -13.31 -30.06
C ALA Z 35 -44.47 -14.16 -29.40
N GLN Z 36 -44.61 -14.00 -28.09
CA GLN Z 36 -45.56 -14.77 -27.33
C GLN Z 36 -46.93 -14.54 -27.83
N GLN Z 37 -47.26 -13.29 -28.09
CA GLN Z 37 -48.56 -12.96 -28.60
C GLN Z 37 -48.81 -13.59 -29.94
N ASN Z 38 -47.81 -13.52 -30.81
CA ASN Z 38 -47.95 -14.04 -32.15
C ASN Z 38 -48.10 -15.54 -32.16
N PHE Z 39 -47.32 -16.20 -31.31
CA PHE Z 39 -47.39 -17.63 -31.19
C PHE Z 39 -48.74 -18.04 -30.66
N GLN Z 40 -49.18 -17.40 -29.60
CA GLN Z 40 -50.45 -17.71 -29.00
C GLN Z 40 -51.59 -17.51 -29.95
N THR Z 41 -51.49 -16.47 -30.76
CA THR Z 41 -52.56 -16.13 -31.65
C THR Z 41 -52.75 -17.13 -32.79
N ASN Z 42 -51.68 -17.44 -33.50
CA ASN Z 42 -51.83 -18.26 -34.69
C ASN Z 42 -51.61 -19.75 -34.51
N VAL Z 43 -50.98 -20.19 -33.44
CA VAL Z 43 -50.68 -21.61 -33.30
C VAL Z 43 -51.87 -22.54 -32.95
N PRO Z 44 -52.65 -22.26 -31.88
CA PRO Z 44 -53.76 -23.11 -31.46
C PRO Z 44 -54.75 -23.37 -32.60
N LYS Z 45 -54.76 -22.48 -33.60
CA LYS Z 45 -55.59 -22.63 -34.77
C LYS Z 45 -55.25 -23.89 -35.54
N PHE Z 46 -53.97 -24.21 -35.58
CA PHE Z 46 -53.49 -25.38 -36.30
C PHE Z 46 -53.48 -26.60 -35.42
N THR Z 47 -53.36 -26.38 -34.12
CA THR Z 47 -53.40 -27.51 -33.21
C THR Z 47 -54.76 -28.18 -33.27
N SER Z 48 -55.82 -27.37 -33.33
CA SER Z 48 -57.16 -27.91 -33.43
C SER Z 48 -57.34 -28.69 -34.73
N VAL Z 49 -56.64 -28.26 -35.77
CA VAL Z 49 -56.67 -28.96 -37.04
C VAL Z 49 -56.06 -30.31 -36.88
N ASN Z 50 -54.92 -30.36 -36.21
CA ASN Z 50 -54.22 -31.60 -36.01
C ASN Z 50 -55.08 -32.61 -35.29
N GLU Z 51 -55.83 -32.18 -34.28
CA GLU Z 51 -56.69 -33.12 -33.55
C GLU Z 51 -57.74 -33.72 -34.47
N ASN Z 52 -58.49 -32.86 -35.16
CA ASN Z 52 -59.57 -33.35 -36.00
C ASN Z 52 -59.07 -34.16 -37.18
N VAL Z 53 -58.02 -33.66 -37.84
CA VAL Z 53 -57.47 -34.36 -38.98
C VAL Z 53 -56.94 -35.70 -38.58
N SER Z 54 -56.25 -35.75 -37.45
CA SER Z 54 -55.72 -37.00 -36.97
C SER Z 54 -56.82 -37.99 -36.74
N ALA Z 55 -57.92 -37.54 -36.13
CA ALA Z 55 -59.05 -38.41 -35.87
C ALA Z 55 -59.55 -39.02 -37.16
N VAL Z 56 -59.66 -38.20 -38.19
CA VAL Z 56 -60.09 -38.68 -39.49
C VAL Z 56 -59.19 -39.74 -40.02
N LEU Z 57 -57.90 -39.50 -39.93
CA LEU Z 57 -56.92 -40.41 -40.45
C LEU Z 57 -57.02 -41.76 -39.76
N THR Z 58 -57.33 -41.74 -38.47
CA THR Z 58 -57.54 -42.98 -37.75
C THR Z 58 -58.76 -43.71 -38.28
N GLN Z 59 -59.82 -42.97 -38.57
CA GLN Z 59 -61.02 -43.58 -39.16
C GLN Z 59 -60.76 -44.13 -40.57
N TYR Z 60 -59.81 -43.53 -41.29
CA TYR Z 60 -59.41 -44.06 -42.60
C TYR Z 60 -58.31 -45.11 -42.55
N GLY Z 61 -57.86 -45.47 -41.36
CA GLY Z 61 -56.87 -46.52 -41.23
C GLY Z 61 -55.46 -46.09 -41.61
N ILE Z 62 -55.22 -44.78 -41.63
CA ILE Z 62 -53.94 -44.24 -42.06
C ILE Z 62 -52.94 -44.26 -40.91
N THR Z 63 -51.77 -44.83 -41.14
CA THR Z 63 -50.76 -44.95 -40.10
C THR Z 63 -49.40 -44.42 -40.54
N GLY Z 64 -48.55 -44.18 -39.57
CA GLY Z 64 -47.19 -43.77 -39.82
C GLY Z 64 -47.10 -42.46 -40.57
N PRO Z 65 -46.08 -42.32 -41.38
CA PRO Z 65 -45.75 -41.18 -42.19
C PRO Z 65 -46.84 -40.86 -43.18
N ASN Z 66 -47.71 -41.81 -43.43
CA ASN Z 66 -48.80 -41.56 -44.32
C ASN Z 66 -49.74 -40.57 -43.69
N ARG Z 67 -49.84 -40.60 -42.37
CA ARG Z 67 -50.66 -39.65 -41.66
C ARG Z 67 -50.05 -38.30 -41.82
N ALA Z 68 -48.73 -38.27 -41.71
CA ALA Z 68 -47.97 -37.02 -41.83
C ALA Z 68 -48.18 -36.38 -43.18
N ILE Z 69 -48.34 -37.18 -44.23
CA ILE Z 69 -48.61 -36.63 -45.54
C ILE Z 69 -49.87 -35.81 -45.50
N TYR Z 70 -50.90 -36.37 -44.92
CA TYR Z 70 -52.18 -35.71 -44.86
C TYR Z 70 -52.19 -34.58 -43.86
N GLN Z 71 -51.37 -34.69 -42.81
CA GLN Z 71 -51.26 -33.63 -41.85
C GLN Z 71 -50.64 -32.42 -42.50
N GLY Z 72 -49.60 -32.65 -43.31
CA GLY Z 72 -48.95 -31.56 -44.02
C GLY Z 72 -49.93 -30.88 -44.95
N PHE Z 73 -50.70 -31.67 -45.67
CA PHE Z 73 -51.70 -31.15 -46.55
C PHE Z 73 -52.71 -30.31 -45.81
N GLY Z 74 -53.29 -30.86 -44.75
CA GLY Z 74 -54.30 -30.17 -43.97
C GLY Z 74 -53.79 -28.87 -43.40
N LEU Z 75 -52.60 -28.90 -42.84
CA LEU Z 75 -52.02 -27.72 -42.27
C LEU Z 75 -51.83 -26.64 -43.31
N LYS Z 76 -51.43 -27.03 -44.50
CA LYS Z 76 -51.23 -26.10 -45.58
C LYS Z 76 -52.55 -25.50 -46.04
N VAL Z 77 -53.61 -26.30 -46.03
CA VAL Z 77 -54.93 -25.80 -46.34
C VAL Z 77 -55.33 -24.71 -45.36
N ALA Z 78 -55.11 -24.99 -44.08
CA ALA Z 78 -55.44 -24.06 -43.02
C ALA Z 78 -54.62 -22.78 -43.14
N ARG Z 79 -53.35 -22.92 -43.51
CA ARG Z 79 -52.50 -21.76 -43.73
C ARG Z 79 -53.10 -20.81 -44.71
N ALA Z 80 -53.47 -21.34 -45.86
CA ALA Z 80 -54.06 -20.54 -46.92
C ALA Z 80 -55.33 -19.88 -46.43
N LEU Z 81 -56.11 -20.61 -45.66
CA LEU Z 81 -57.31 -20.05 -45.10
C LEU Z 81 -56.99 -18.80 -44.30
N ASN Z 82 -55.99 -18.89 -43.44
CA ASN Z 82 -55.62 -17.72 -42.63
C ASN Z 82 -55.12 -16.54 -43.45
N ARG Z 83 -54.26 -16.80 -44.42
CA ARG Z 83 -53.64 -15.72 -45.18
C ARG Z 83 -54.50 -15.19 -46.33
N ILE Z 84 -55.40 -16.03 -46.84
CA ILE Z 84 -56.30 -15.63 -47.92
C ILE Z 84 -57.72 -15.38 -47.43
N GLY Z 85 -58.24 -16.34 -46.67
CA GLY Z 85 -59.62 -16.27 -46.23
C GLY Z 85 -60.48 -17.11 -47.14
N SER Z 86 -61.67 -17.47 -46.68
CA SER Z 86 -62.53 -18.34 -47.48
C SER Z 86 -63.05 -17.62 -48.69
N GLY Z 87 -63.50 -18.39 -49.68
CA GLY Z 87 -64.02 -17.83 -50.91
C GLY Z 87 -63.17 -18.24 -52.10
N PRO Z 88 -63.54 -17.76 -53.28
CA PRO Z 88 -62.93 -17.99 -54.60
C PRO Z 88 -61.44 -18.33 -54.53
N ALA Z 89 -60.64 -17.38 -54.05
CA ALA Z 89 -59.19 -17.54 -54.04
C ALA Z 89 -58.77 -18.77 -53.27
N LEU Z 90 -59.45 -19.07 -52.18
CA LEU Z 90 -59.10 -20.23 -51.39
C LEU Z 90 -59.35 -21.47 -52.17
N VAL Z 91 -60.48 -21.50 -52.85
CA VAL Z 91 -60.83 -22.64 -53.67
C VAL Z 91 -59.77 -22.85 -54.75
N ASN Z 92 -59.35 -21.75 -55.38
CA ASN Z 92 -58.30 -21.82 -56.39
C ASN Z 92 -57.06 -22.45 -55.80
N MET Z 93 -56.70 -22.01 -54.61
CA MET Z 93 -55.56 -22.54 -53.91
C MET Z 93 -55.68 -24.01 -53.64
N ILE Z 94 -56.81 -24.41 -53.06
CA ILE Z 94 -57.00 -25.78 -52.67
C ILE Z 94 -56.96 -26.70 -53.83
N ASN Z 95 -57.56 -26.29 -54.95
CA ASN Z 95 -57.56 -27.12 -56.14
C ASN Z 95 -56.14 -27.47 -56.56
N GLY Z 96 -55.27 -26.46 -56.58
CA GLY Z 96 -53.89 -26.68 -56.95
C GLY Z 96 -53.15 -27.49 -55.91
N LEU Z 97 -53.41 -27.20 -54.65
CA LEU Z 97 -52.78 -27.89 -53.56
C LEU Z 97 -53.13 -29.37 -53.55
N LYS Z 98 -54.40 -29.66 -53.71
CA LYS Z 98 -54.85 -31.02 -53.75
C LYS Z 98 -54.15 -31.78 -54.85
N GLY Z 99 -54.20 -31.26 -56.07
CA GLY Z 99 -53.57 -31.91 -57.22
C GLY Z 99 -52.09 -32.11 -56.96
N TYR Z 100 -51.46 -31.10 -56.37
CA TYR Z 100 -50.06 -31.14 -56.01
C TYR Z 100 -49.74 -32.36 -55.18
N TYR Z 101 -50.45 -32.54 -54.08
CA TYR Z 101 -50.21 -33.68 -53.22
C TYR Z 101 -50.54 -35.01 -53.88
N ILE Z 102 -51.58 -35.04 -54.68
CA ILE Z 102 -51.98 -36.28 -55.31
C ILE Z 102 -50.89 -36.82 -56.19
N SER Z 103 -50.33 -35.96 -57.02
CA SER Z 103 -49.35 -36.43 -57.98
C SER Z 103 -47.91 -36.29 -57.51
N ALA Z 104 -47.63 -35.32 -56.66
CA ALA Z 104 -46.26 -35.15 -56.18
C ALA Z 104 -45.91 -36.18 -55.15
N PHE Z 105 -46.86 -36.49 -54.27
CA PHE Z 105 -46.58 -37.39 -53.16
C PHE Z 105 -47.45 -38.61 -53.17
N ASN Z 106 -48.22 -38.80 -54.24
CA ASN Z 106 -49.11 -39.94 -54.33
C ASN Z 106 -50.12 -39.97 -53.21
N ALA Z 107 -50.61 -38.80 -52.82
CA ALA Z 107 -51.61 -38.73 -51.77
C ALA Z 107 -52.95 -39.19 -52.32
N ASN Z 108 -53.73 -39.86 -51.48
CA ASN Z 108 -55.00 -40.43 -51.91
C ASN Z 108 -56.15 -39.42 -51.86
N PRO Z 109 -56.58 -38.90 -53.03
CA PRO Z 109 -57.72 -37.98 -53.23
C PRO Z 109 -58.82 -38.14 -52.19
N GLN Z 110 -59.19 -39.38 -51.90
CA GLN Z 110 -60.28 -39.65 -50.97
C GLN Z 110 -59.99 -39.12 -49.59
N VAL Z 111 -58.80 -39.38 -49.10
CA VAL Z 111 -58.44 -38.93 -47.80
C VAL Z 111 -58.24 -37.44 -47.82
N LEU Z 112 -57.67 -36.95 -48.93
CA LEU Z 112 -57.43 -35.52 -49.07
C LEU Z 112 -58.71 -34.75 -48.97
N ASP Z 113 -59.76 -35.29 -49.57
CA ASP Z 113 -61.05 -34.68 -49.50
C ASP Z 113 -61.57 -34.69 -48.10
N ALA Z 114 -61.36 -35.81 -47.41
CA ALA Z 114 -61.78 -35.90 -46.03
C ALA Z 114 -61.14 -34.83 -45.18
N VAL Z 115 -59.85 -34.57 -45.42
CA VAL Z 115 -59.15 -33.53 -44.68
C VAL Z 115 -59.78 -32.17 -44.94
N VAL Z 116 -60.05 -31.88 -46.19
CA VAL Z 116 -60.67 -30.62 -46.57
C VAL Z 116 -62.07 -30.51 -45.95
N ASN Z 117 -62.77 -31.64 -45.87
CA ASN Z 117 -64.11 -31.69 -45.31
C ASN Z 117 -64.13 -31.45 -43.80
N ILE Z 118 -62.97 -31.32 -43.19
CA ILE Z 118 -62.88 -30.96 -41.81
C ILE Z 118 -62.58 -29.52 -41.67
N ILE Z 119 -61.53 -29.10 -42.35
CA ILE Z 119 -61.06 -27.74 -42.27
C ILE Z 119 -62.05 -26.76 -42.86
N THR Z 120 -62.53 -27.06 -44.05
CA THR Z 120 -63.48 -26.19 -44.71
C THR Z 120 -64.87 -26.66 -44.44
N GLY Z 121 -65.03 -27.97 -44.34
CA GLY Z 121 -66.34 -28.55 -44.11
C GLY Z 121 -66.93 -29.09 -45.40
N SER Z 122 -66.34 -28.71 -46.53
CA SER Z 122 -66.85 -29.13 -47.81
C SER Z 122 -65.70 -29.28 -48.80
N PRO Z 123 -65.91 -30.10 -49.83
CA PRO Z 123 -65.00 -30.36 -50.93
C PRO Z 123 -64.72 -29.08 -51.69
N THR Z 124 -63.61 -29.09 -52.41
CA THR Z 124 -63.22 -27.93 -53.19
C THR Z 124 -63.81 -27.99 -54.58
N GLY Z 125 -63.03 -27.59 -55.59
CA GLY Z 125 -63.50 -27.60 -56.96
C GLY Z 125 -64.33 -26.36 -57.26
N TYR Z 126 -65.47 -26.23 -56.58
CA TYR Z 126 -66.35 -25.09 -56.73
C TYR Z 126 -66.61 -24.44 -55.37
N VAL Z 127 -66.89 -23.14 -55.39
CA VAL Z 127 -67.13 -22.40 -54.15
C VAL Z 127 -68.42 -22.86 -53.49
N SER Z 128 -68.32 -23.33 -52.25
CA SER Z 128 -69.48 -23.80 -51.51
C SER Z 128 -69.22 -23.91 -50.01
N SER AA 1 -50.38 -13.87 -40.95
CA SER AA 1 -50.89 -12.52 -41.14
C SER AA 1 -50.74 -11.67 -39.88
N ARG AA 2 -50.63 -10.36 -40.06
CA ARG AA 2 -50.41 -9.45 -38.94
C ARG AA 2 -51.28 -8.21 -38.99
N SER AA 3 -51.95 -7.94 -37.88
CA SER AA 3 -52.76 -6.73 -37.72
C SER AA 3 -51.87 -5.56 -37.41
N TYR AA 4 -52.42 -4.36 -37.47
CA TYR AA 4 -51.65 -3.17 -37.14
C TYR AA 4 -51.02 -3.28 -35.78
N SER AA 5 -51.81 -3.69 -34.80
CA SER AA 5 -51.30 -3.84 -33.45
C SER AA 5 -50.03 -4.66 -33.46
N GLN AA 6 -50.06 -5.77 -34.20
CA GLN AA 6 -48.92 -6.65 -34.30
C GLN AA 6 -47.78 -6.02 -35.09
N ARG AA 7 -48.11 -5.33 -36.17
CA ARG AA 7 -47.10 -4.71 -37.01
C ARG AA 7 -46.26 -3.77 -36.20
N TYR AA 8 -46.94 -2.89 -35.51
CA TYR AA 8 -46.31 -1.90 -34.71
C TYR AA 8 -45.57 -2.49 -33.55
N ALA AA 9 -46.21 -3.40 -32.84
CA ALA AA 9 -45.60 -4.01 -31.66
C ALA AA 9 -44.21 -4.51 -31.96
N LYS AA 10 -44.08 -5.32 -33.00
CA LYS AA 10 -42.79 -5.90 -33.31
C LYS AA 10 -41.85 -4.86 -33.83
N TRP AA 11 -42.35 -3.92 -34.63
CA TRP AA 11 -41.51 -2.84 -35.13
C TRP AA 11 -40.88 -2.11 -34.00
N GLN AA 12 -41.65 -1.85 -32.97
CA GLN AA 12 -41.16 -1.12 -31.84
C GLN AA 12 -40.08 -1.87 -31.14
N ALA AA 13 -40.29 -3.16 -30.95
CA ALA AA 13 -39.32 -3.98 -30.25
C ALA AA 13 -37.99 -3.99 -30.98
N LYS AA 14 -38.03 -4.09 -32.29
CA LYS AA 14 -36.82 -4.14 -33.07
C LYS AA 14 -36.16 -2.81 -33.16
N PHE AA 15 -36.95 -1.75 -33.20
CA PHE AA 15 -36.39 -0.43 -33.22
C PHE AA 15 -35.63 -0.17 -31.95
N ASN AA 16 -36.24 -0.53 -30.82
CA ASN AA 16 -35.64 -0.35 -29.52
C ASN AA 16 -34.33 -1.09 -29.45
N ALA AA 17 -34.34 -2.35 -29.90
CA ALA AA 17 -33.15 -3.16 -29.87
C ALA AA 17 -32.03 -2.51 -30.62
N PHE AA 18 -32.31 -2.09 -31.84
CA PHE AA 18 -31.31 -1.48 -32.68
C PHE AA 18 -30.70 -0.25 -32.07
N SER AA 19 -31.51 0.56 -31.39
CA SER AA 19 -31.02 1.81 -30.82
C SER AA 19 -29.93 1.61 -29.76
N ASN AA 20 -29.80 0.39 -29.23
CA ASN AA 20 -28.79 0.08 -28.24
C ASN AA 20 -27.37 0.24 -28.81
N PRO AA 21 -26.57 1.19 -28.27
CA PRO AA 21 -25.18 1.49 -28.67
C PRO AA 21 -24.42 0.30 -29.23
N THR AA 22 -24.47 -0.82 -28.52
CA THR AA 22 -23.67 -1.96 -28.86
C THR AA 22 -24.28 -2.75 -29.96
N VAL AA 23 -25.58 -2.71 -30.06
CA VAL AA 23 -26.26 -3.44 -31.09
C VAL AA 23 -26.11 -2.74 -32.39
N ALA AA 24 -26.31 -1.45 -32.37
CA ALA AA 24 -26.16 -0.66 -33.57
C ALA AA 24 -24.76 -0.75 -34.11
N SER AA 25 -23.78 -0.58 -33.23
CA SER AA 25 -22.41 -0.61 -33.67
C SER AA 25 -21.95 -1.97 -34.07
N THR AA 26 -22.47 -3.00 -33.42
CA THR AA 26 -22.11 -4.35 -33.80
C THR AA 26 -22.54 -4.62 -35.20
N ILE AA 27 -23.80 -4.37 -35.47
CA ILE AA 27 -24.34 -4.64 -36.77
C ILE AA 27 -23.70 -3.78 -37.83
N LEU AA 28 -23.68 -2.49 -37.60
CA LEU AA 28 -23.22 -1.54 -38.59
C LEU AA 28 -21.75 -1.69 -38.89
N SER AA 29 -20.94 -1.98 -37.88
CA SER AA 29 -19.53 -2.15 -38.12
C SER AA 29 -19.26 -3.47 -38.82
N ASN AA 30 -20.12 -4.46 -38.61
CA ASN AA 30 -19.94 -5.73 -39.29
C ASN AA 30 -20.32 -5.65 -40.75
N VAL AA 31 -21.35 -4.86 -41.07
CA VAL AA 31 -21.78 -4.75 -42.45
C VAL AA 31 -21.17 -3.59 -43.16
N SER AA 32 -20.28 -2.87 -42.48
CA SER AA 32 -19.60 -1.74 -43.06
C SER AA 32 -19.01 -2.07 -44.44
N PRO AA 33 -17.86 -2.78 -44.51
CA PRO AA 33 -17.17 -3.09 -45.76
C PRO AA 33 -18.09 -3.75 -46.81
N VAL AA 34 -19.13 -4.43 -46.35
CA VAL AA 34 -20.06 -5.07 -47.24
C VAL AA 34 -20.89 -4.03 -47.94
N ALA AA 35 -21.43 -3.11 -47.16
CA ALA AA 35 -22.22 -2.03 -47.69
C ALA AA 35 -21.40 -1.19 -48.62
N GLN AA 36 -20.13 -0.99 -48.26
CA GLN AA 36 -19.24 -0.19 -49.06
C GLN AA 36 -19.11 -0.76 -50.43
N GLN AA 37 -18.96 -2.07 -50.49
CA GLN AA 37 -18.88 -2.75 -51.76
C GLN AA 37 -20.10 -2.53 -52.59
N ASN AA 38 -21.26 -2.68 -51.97
CA ASN AA 38 -22.51 -2.56 -52.67
C ASN AA 38 -22.74 -1.15 -53.17
N PHE AA 39 -22.40 -0.18 -52.36
CA PHE AA 39 -22.55 1.21 -52.73
C PHE AA 39 -21.67 1.53 -53.91
N GLN AA 40 -20.41 1.14 -53.81
CA GLN AA 40 -19.47 1.38 -54.88
C GLN AA 40 -19.83 0.66 -56.15
N THR AA 41 -20.36 -0.54 -56.01
CA THR AA 41 -20.69 -1.34 -57.16
C THR AA 41 -21.81 -0.75 -57.99
N ASN AA 42 -22.89 -0.34 -57.35
CA ASN AA 42 -24.05 0.10 -58.10
C ASN AA 42 -24.20 1.60 -58.28
N VAL AA 43 -23.77 2.39 -57.32
CA VAL AA 43 -24.05 3.83 -57.38
C VAL AA 43 -23.52 4.57 -58.63
N PRO AA 44 -22.26 4.34 -59.05
CA PRO AA 44 -21.61 4.93 -60.21
C PRO AA 44 -22.45 4.72 -61.46
N LYS AA 45 -23.21 3.63 -61.49
CA LYS AA 45 -24.04 3.30 -62.64
C LYS AA 45 -25.14 4.32 -62.82
N PHE AA 46 -25.62 4.85 -61.70
CA PHE AA 46 -26.69 5.81 -61.73
C PHE AA 46 -26.18 7.22 -61.79
N THR AA 47 -24.96 7.43 -61.30
CA THR AA 47 -24.38 8.74 -61.42
C THR AA 47 -24.16 9.09 -62.86
N SER AA 48 -23.69 8.13 -63.65
CA SER AA 48 -23.49 8.36 -65.06
C SER AA 48 -24.80 8.68 -65.76
N VAL AA 49 -25.90 8.13 -65.25
CA VAL AA 49 -27.22 8.42 -65.78
C VAL AA 49 -27.58 9.84 -65.48
N ASN AA 50 -27.37 10.25 -64.25
CA ASN AA 50 -27.68 11.61 -63.85
C ASN AA 50 -26.94 12.58 -64.70
N GLU AA 51 -25.70 12.27 -65.01
CA GLU AA 51 -24.88 13.13 -65.82
C GLU AA 51 -25.37 13.24 -67.24
N ASN AA 52 -25.58 12.11 -67.87
CA ASN AA 52 -25.96 12.11 -69.26
C ASN AA 52 -27.35 12.66 -69.46
N VAL AA 53 -28.25 12.33 -68.54
CA VAL AA 53 -29.59 12.86 -68.59
C VAL AA 53 -29.58 14.34 -68.37
N SER AA 54 -28.74 14.80 -67.46
CA SER AA 54 -28.61 16.22 -67.22
C SER AA 54 -28.21 16.93 -68.48
N ALA AA 55 -27.24 16.38 -69.20
CA ALA AA 55 -26.79 16.97 -70.44
C ALA AA 55 -27.95 17.15 -71.39
N VAL AA 56 -28.76 16.12 -71.52
CA VAL AA 56 -29.95 16.16 -72.35
C VAL AA 56 -30.88 17.27 -71.94
N LEU AA 57 -31.16 17.35 -70.67
CA LEU AA 57 -32.10 18.31 -70.16
C LEU AA 57 -31.65 19.72 -70.41
N THR AA 58 -30.36 19.95 -70.35
CA THR AA 58 -29.82 21.26 -70.67
C THR AA 58 -30.04 21.58 -72.13
N GLN AA 59 -29.87 20.59 -73.00
CA GLN AA 59 -30.13 20.78 -74.43
C GLN AA 59 -31.61 21.09 -74.69
N TYR AA 60 -32.50 20.54 -73.88
CA TYR AA 60 -33.93 20.80 -74.01
C TYR AA 60 -34.42 22.01 -73.24
N GLY AA 61 -33.52 22.72 -72.57
CA GLY AA 61 -33.91 23.93 -71.88
C GLY AA 61 -34.67 23.67 -70.58
N ILE AA 62 -34.53 22.47 -70.04
CA ILE AA 62 -35.26 22.10 -68.85
C ILE AA 62 -34.56 22.59 -67.61
N THR AA 63 -35.28 23.31 -66.76
CA THR AA 63 -34.68 23.88 -65.55
C THR AA 63 -35.47 23.53 -64.29
N GLY AA 64 -34.84 23.71 -63.15
CA GLY AA 64 -35.48 23.52 -61.87
C GLY AA 64 -35.95 22.10 -61.68
N PRO AA 65 -37.04 21.94 -60.94
CA PRO AA 65 -37.69 20.71 -60.59
C PRO AA 65 -38.13 19.94 -61.81
N ASN AA 66 -38.24 20.61 -62.93
CA ASN AA 66 -38.62 19.93 -64.13
C ASN AA 66 -37.53 18.99 -64.55
N ARG AA 67 -36.29 19.33 -64.24
CA ARG AA 67 -35.19 18.47 -64.53
C ARG AA 67 -35.31 17.27 -63.67
N ALA AA 68 -35.66 17.50 -62.40
CA ALA AA 68 -35.83 16.44 -61.44
C ALA AA 68 -36.86 15.42 -61.88
N ILE AA 69 -37.92 15.88 -62.54
CA ILE AA 69 -38.93 14.97 -63.07
C ILE AA 69 -38.31 13.98 -64.01
N TYR AA 70 -37.56 14.49 -64.97
CA TYR AA 70 -36.98 13.64 -65.98
C TYR AA 70 -35.86 12.81 -65.43
N GLN AA 71 -35.14 13.34 -64.45
CA GLN AA 71 -34.08 12.59 -63.82
C GLN AA 71 -34.64 11.38 -63.12
N GLY AA 72 -35.77 11.56 -62.44
CA GLY AA 72 -36.43 10.46 -61.76
C GLY AA 72 -36.81 9.38 -62.74
N PHE AA 73 -37.38 9.79 -63.85
CA PHE AA 73 -37.74 8.87 -64.92
C PHE AA 73 -36.54 8.08 -65.39
N GLY AA 74 -35.45 8.78 -65.70
CA GLY AA 74 -34.24 8.14 -66.18
C GLY AA 74 -33.70 7.14 -65.18
N LEU AA 75 -33.66 7.53 -63.93
CA LEU AA 75 -33.18 6.66 -62.89
C LEU AA 75 -33.99 5.39 -62.77
N LYS AA 76 -35.30 5.53 -62.95
CA LYS AA 76 -36.18 4.38 -62.92
C LYS AA 76 -35.89 3.43 -64.05
N VAL AA 77 -35.62 3.97 -65.23
CA VAL AA 77 -35.29 3.14 -66.37
C VAL AA 77 -34.06 2.31 -66.07
N ALA AA 78 -33.04 2.96 -65.52
CA ALA AA 78 -31.80 2.30 -65.18
C ALA AA 78 -32.01 1.25 -64.11
N ARG AA 79 -32.87 1.54 -63.14
CA ARG AA 79 -33.17 0.59 -62.08
C ARG AA 79 -33.68 -0.70 -62.62
N ALA AA 80 -34.68 -0.60 -63.48
CA ALA AA 80 -35.26 -1.77 -64.10
C ALA AA 80 -34.23 -2.51 -64.89
N LEU AA 81 -33.39 -1.78 -65.60
CA LEU AA 81 -32.35 -2.40 -66.37
C LEU AA 81 -31.48 -3.26 -65.48
N ASN AA 82 -31.06 -2.73 -64.34
CA ASN AA 82 -30.22 -3.50 -63.44
C ASN AA 82 -30.91 -4.72 -62.85
N ARG AA 83 -32.19 -4.59 -62.52
CA ARG AA 83 -32.89 -5.69 -61.84
C ARG AA 83 -33.60 -6.65 -62.82
N ILE AA 84 -33.74 -6.24 -64.07
CA ILE AA 84 -34.38 -7.08 -65.09
C ILE AA 84 -33.43 -7.44 -66.21
N GLY AA 85 -32.72 -6.44 -66.72
CA GLY AA 85 -31.85 -6.64 -67.87
C GLY AA 85 -32.57 -6.20 -69.12
N SER AA 86 -31.81 -5.98 -70.19
CA SER AA 86 -32.40 -5.51 -71.43
C SER AA 86 -33.22 -6.58 -72.11
N GLY AA 87 -34.07 -6.17 -73.03
CA GLY AA 87 -34.93 -7.10 -73.74
C GLY AA 87 -36.39 -6.89 -73.41
N PRO AA 88 -37.24 -7.75 -73.95
CA PRO AA 88 -38.72 -7.80 -73.82
C PRO AA 88 -39.23 -7.19 -72.52
N ALA AA 89 -38.84 -7.76 -71.39
CA ALA AA 89 -39.34 -7.31 -70.10
C ALA AA 89 -39.05 -5.84 -69.86
N LEU AA 90 -37.88 -5.37 -70.29
CA LEU AA 90 -37.54 -3.98 -70.11
C LEU AA 90 -38.45 -3.13 -70.93
N VAL AA 91 -38.71 -3.57 -72.16
CA VAL AA 91 -39.60 -2.87 -73.04
C VAL AA 91 -40.98 -2.71 -72.40
N ASN AA 92 -41.47 -3.79 -71.82
CA ASN AA 92 -42.76 -3.77 -71.15
C ASN AA 92 -42.75 -2.76 -70.02
N MET AA 93 -41.65 -2.75 -69.28
CA MET AA 93 -41.48 -1.82 -68.19
C MET AA 93 -41.52 -0.39 -68.62
N ILE AA 94 -40.71 -0.06 -69.63
CA ILE AA 94 -40.58 1.31 -70.06
C ILE AA 94 -41.86 1.86 -70.57
N ASN AA 95 -42.60 1.05 -71.32
CA ASN AA 95 -43.89 1.49 -71.84
C ASN AA 95 -44.80 1.94 -70.72
N GLY AA 96 -44.89 1.13 -69.67
CA GLY AA 96 -45.73 1.47 -68.53
C GLY AA 96 -45.19 2.67 -67.80
N LEU AA 97 -43.87 2.72 -67.65
CA LEU AA 97 -43.21 3.81 -66.97
C LEU AA 97 -43.48 5.13 -67.64
N LYS AA 98 -43.39 5.17 -68.95
CA LYS AA 98 -43.67 6.37 -69.67
C LYS AA 98 -45.10 6.80 -69.42
N GLY AA 99 -46.03 5.85 -69.47
CA GLY AA 99 -47.42 6.15 -69.21
C GLY AA 99 -47.57 6.79 -67.83
N TYR AA 100 -46.85 6.24 -66.86
CA TYR AA 100 -46.86 6.74 -65.51
C TYR AA 100 -46.48 8.20 -65.46
N TYR AA 101 -45.32 8.54 -65.99
CA TYR AA 101 -44.86 9.92 -65.94
C TYR AA 101 -45.62 10.87 -66.82
N ILE AA 102 -45.99 10.42 -68.00
CA ILE AA 102 -46.69 11.29 -68.92
C ILE AA 102 -48.00 11.73 -68.37
N SER AA 103 -48.76 10.81 -67.84
CA SER AA 103 -50.09 11.13 -67.39
C SER AA 103 -50.20 11.48 -65.92
N ALA AA 104 -49.31 10.95 -65.08
CA ALA AA 104 -49.39 11.26 -63.65
C ALA AA 104 -48.72 12.55 -63.32
N PHE AA 105 -47.61 12.85 -64.01
CA PHE AA 105 -46.85 14.05 -63.71
C PHE AA 105 -46.79 15.01 -64.85
N ASN AA 106 -47.52 14.70 -65.93
CA ASN AA 106 -47.55 15.56 -67.10
C ASN AA 106 -46.17 15.75 -67.71
N ALA AA 107 -45.37 14.70 -67.71
CA ALA AA 107 -44.06 14.77 -68.32
C ALA AA 107 -44.19 14.76 -69.83
N ASN AA 108 -43.29 15.45 -70.51
CA ASN AA 108 -43.34 15.58 -71.96
C ASN AA 108 -42.77 14.36 -72.68
N PRO AA 109 -43.64 13.46 -73.18
CA PRO AA 109 -43.33 12.24 -73.96
C PRO AA 109 -42.05 12.37 -74.79
N GLN AA 110 -41.92 13.47 -75.50
CA GLN AA 110 -40.80 13.65 -76.41
C GLN AA 110 -39.48 13.71 -75.64
N VAL AA 111 -39.47 14.44 -74.54
CA VAL AA 111 -38.29 14.54 -73.75
C VAL AA 111 -38.00 13.21 -73.08
N LEU AA 112 -39.07 12.53 -72.67
CA LEU AA 112 -38.93 11.23 -72.04
C LEU AA 112 -38.24 10.26 -72.96
N ASP AA 113 -38.59 10.32 -74.23
CA ASP AA 113 -37.96 9.48 -75.22
C ASP AA 113 -36.51 9.84 -75.40
N ALA AA 114 -36.20 11.13 -75.28
CA ALA AA 114 -34.82 11.57 -75.35
C ALA AA 114 -34.01 10.98 -74.21
N VAL AA 115 -34.62 10.87 -73.03
CA VAL AA 115 -33.94 10.25 -71.89
C VAL AA 115 -33.67 8.80 -72.15
N VAL AA 116 -34.68 8.09 -72.64
CA VAL AA 116 -34.55 6.67 -72.96
C VAL AA 116 -33.47 6.46 -74.03
N ASN AA 117 -33.45 7.37 -75.00
CA ASN AA 117 -32.47 7.35 -76.08
C ASN AA 117 -31.02 7.42 -75.60
N ILE AA 118 -30.82 7.78 -74.36
CA ILE AA 118 -29.48 7.82 -73.82
C ILE AA 118 -29.20 6.59 -73.02
N ILE AA 119 -30.08 6.28 -72.10
CA ILE AA 119 -29.89 5.16 -71.21
C ILE AA 119 -29.88 3.84 -71.95
N THR AA 120 -30.84 3.66 -72.84
CA THR AA 120 -30.92 2.45 -73.63
C THR AA 120 -30.21 2.62 -74.94
N GLY AA 121 -30.20 3.86 -75.43
CA GLY AA 121 -29.56 4.17 -76.69
C GLY AA 121 -30.60 4.43 -77.76
N SER AA 122 -31.85 4.10 -77.46
CA SER AA 122 -32.94 4.31 -78.39
C SER AA 122 -34.24 4.23 -77.65
N PRO AA 123 -35.31 4.78 -78.21
CA PRO AA 123 -36.66 4.69 -77.71
C PRO AA 123 -37.05 3.23 -77.67
N THR AA 124 -38.02 2.90 -76.85
CA THR AA 124 -38.33 1.50 -76.64
C THR AA 124 -39.31 0.96 -77.66
N GLY AA 125 -40.19 0.06 -77.22
CA GLY AA 125 -41.13 -0.58 -78.15
C GLY AA 125 -40.44 -1.71 -78.89
N TYR AA 126 -39.44 -1.35 -79.68
CA TYR AA 126 -38.64 -2.30 -80.39
C TYR AA 126 -37.31 -2.44 -79.68
N VAL AA 127 -36.76 -3.64 -79.71
CA VAL AA 127 -35.48 -3.87 -79.08
C VAL AA 127 -34.34 -3.59 -80.06
N SER AA 128 -33.55 -2.58 -79.76
CA SER AA 128 -32.44 -2.22 -80.61
C SER AA 128 -31.54 -1.21 -79.93
N SER BA 1 -24.35 19.66 -57.28
CA SER BA 1 -23.46 19.21 -58.35
C SER BA 1 -22.30 18.41 -57.80
N ARG BA 2 -22.42 17.08 -57.90
CA ARG BA 2 -21.37 16.18 -57.39
C ARG BA 2 -21.18 14.95 -58.27
N SER BA 3 -19.93 14.51 -58.38
CA SER BA 3 -19.60 13.27 -59.07
C SER BA 3 -19.91 12.11 -58.17
N TYR BA 4 -19.83 10.89 -58.67
CA TYR BA 4 -20.14 9.78 -57.81
C TYR BA 4 -19.06 9.63 -56.79
N SER BA 5 -17.86 10.05 -57.13
CA SER BA 5 -16.74 9.91 -56.24
C SER BA 5 -16.95 10.78 -55.04
N GLN BA 6 -17.56 11.92 -55.25
CA GLN BA 6 -17.89 12.81 -54.17
C GLN BA 6 -19.07 12.29 -53.38
N ARG BA 7 -20.05 11.74 -54.09
CA ARG BA 7 -21.21 11.18 -53.44
C ARG BA 7 -20.79 10.09 -52.50
N TYR BA 8 -19.94 9.21 -52.99
CA TYR BA 8 -19.43 8.13 -52.21
C TYR BA 8 -18.58 8.59 -51.09
N ALA BA 9 -17.64 9.47 -51.37
CA ALA BA 9 -16.72 9.95 -50.35
C ALA BA 9 -17.47 10.41 -49.12
N LYS BA 10 -18.43 11.29 -49.31
CA LYS BA 10 -19.16 11.82 -48.19
C LYS BA 10 -20.04 10.77 -47.57
N TRP BA 11 -20.68 9.94 -48.40
CA TRP BA 11 -21.50 8.86 -47.89
C TRP BA 11 -20.72 7.97 -46.97
N GLN BA 12 -19.50 7.67 -47.35
CA GLN BA 12 -18.66 6.83 -46.56
C GLN BA 12 -18.36 7.44 -45.25
N ALA BA 13 -18.03 8.73 -45.25
CA ALA BA 13 -17.70 9.42 -44.02
C ALA BA 13 -18.87 9.42 -43.07
N LYS BA 14 -20.06 9.62 -43.60
CA LYS BA 14 -21.23 9.68 -42.77
C LYS BA 14 -21.65 8.34 -42.29
N PHE BA 15 -21.45 7.32 -43.11
CA PHE BA 15 -21.76 5.98 -42.70
C PHE BA 15 -20.87 5.59 -41.54
N ASN BA 16 -19.59 5.90 -41.68
CA ASN BA 16 -18.62 5.61 -40.64
C ASN BA 16 -19.02 6.27 -39.36
N ALA BA 17 -19.36 7.55 -39.44
CA ALA BA 17 -19.76 8.30 -38.27
C ALA BA 17 -20.91 7.65 -37.57
N PHE BA 18 -21.96 7.35 -38.32
CA PHE BA 18 -23.15 6.75 -37.75
C PHE BA 18 -22.87 5.45 -37.07
N SER BA 19 -21.98 4.63 -37.62
CA SER BA 19 -21.71 3.31 -37.06
C SER BA 19 -21.10 3.37 -35.66
N ASN BA 20 -20.60 4.53 -35.26
CA ASN BA 20 -20.00 4.70 -33.93
C ASN BA 20 -21.04 4.56 -32.84
N PRO BA 21 -20.91 3.53 -31.96
CA PRO BA 21 -21.80 3.23 -30.82
C PRO BA 21 -22.48 4.45 -30.24
N THR BA 22 -21.68 5.49 -29.98
CA THR BA 22 -22.18 6.67 -29.35
C THR BA 22 -23.06 7.45 -30.26
N VAL BA 23 -22.61 7.62 -31.50
CA VAL BA 23 -23.35 8.38 -32.46
C VAL BA 23 -24.65 7.71 -32.80
N ALA BA 24 -24.60 6.42 -33.01
CA ALA BA 24 -25.77 5.66 -33.34
C ALA BA 24 -26.81 5.77 -32.27
N SER BA 25 -26.41 5.51 -31.04
CA SER BA 25 -27.35 5.52 -29.95
C SER BA 25 -27.80 6.90 -29.59
N THR BA 26 -26.95 7.89 -29.77
CA THR BA 26 -27.35 9.24 -29.48
C THR BA 26 -28.47 9.66 -30.37
N ILE BA 27 -28.29 9.49 -31.65
CA ILE BA 27 -29.30 9.88 -32.59
C ILE BA 27 -30.55 9.07 -32.43
N LEU BA 28 -30.40 7.76 -32.42
CA LEU BA 28 -31.53 6.86 -32.41
C LEU BA 28 -32.34 6.97 -31.14
N SER BA 29 -31.68 7.14 -30.01
CA SER BA 29 -32.41 7.27 -28.77
C SER BA 29 -33.11 8.61 -28.67
N ASN BA 30 -32.56 9.63 -29.34
CA ASN BA 30 -33.20 10.93 -29.34
C ASN BA 30 -34.41 10.96 -30.22
N VAL BA 31 -34.37 10.25 -31.34
CA VAL BA 31 -35.49 10.27 -32.27
C VAL BA 31 -36.44 9.13 -32.03
N SER BA 32 -36.16 8.33 -31.00
CA SER BA 32 -37.03 7.22 -30.66
C SER BA 32 -38.51 7.62 -30.58
N PRO BA 33 -38.95 8.30 -29.50
CA PRO BA 33 -40.36 8.67 -29.30
C PRO BA 33 -40.94 9.45 -30.50
N VAL BA 34 -40.09 10.15 -31.24
CA VAL BA 34 -40.52 10.89 -32.40
C VAL BA 34 -40.91 9.93 -33.49
N ALA BA 35 -40.04 8.96 -33.72
CA ALA BA 35 -40.28 7.93 -34.70
C ALA BA 35 -41.53 7.19 -34.38
N GLN BA 36 -41.74 6.93 -33.10
CA GLN BA 36 -42.90 6.19 -32.66
C GLN BA 36 -44.14 6.91 -33.04
N GLN BA 37 -44.16 8.21 -32.86
CA GLN BA 37 -45.29 9.01 -33.24
C GLN BA 37 -45.56 8.94 -34.71
N ASN BA 38 -44.50 9.05 -35.50
CA ASN BA 38 -44.64 9.07 -36.93
C ASN BA 38 -45.12 7.74 -37.46
N PHE BA 39 -44.59 6.67 -36.89
CA PHE BA 39 -44.99 5.33 -37.27
C PHE BA 39 -46.44 5.10 -36.94
N GLN BA 40 -46.81 5.44 -35.71
CA GLN BA 40 -48.17 5.26 -35.27
C GLN BA 40 -49.15 6.04 -36.08
N THR BA 41 -48.75 7.23 -36.49
CA THR BA 41 -49.63 8.11 -37.20
C THR BA 41 -49.94 7.62 -38.62
N ASN BA 42 -48.91 7.32 -39.39
CA ASN BA 42 -49.13 7.00 -40.80
C ASN BA 42 -49.28 5.54 -41.15
N VAL BA 43 -48.86 4.64 -40.28
CA VAL BA 43 -48.90 3.22 -40.65
C VAL BA 43 -50.29 2.54 -40.65
N PRO BA 44 -51.08 2.62 -39.56
CA PRO BA 44 -52.39 1.98 -39.46
C PRO BA 44 -53.31 2.36 -40.62
N LYS BA 45 -53.03 3.51 -41.25
CA LYS BA 45 -53.75 3.98 -42.40
C LYS BA 45 -53.65 2.99 -43.55
N PHE BA 46 -52.47 2.40 -43.70
CA PHE BA 46 -52.21 1.48 -44.78
C PHE BA 46 -52.55 0.07 -44.38
N THR BA 47 -52.50 -0.21 -43.09
CA THR BA 47 -52.87 -1.52 -42.62
C THR BA 47 -54.33 -1.79 -42.92
N SER BA 48 -55.18 -0.78 -42.70
CA SER BA 48 -56.60 -0.91 -42.99
C SER BA 48 -56.83 -1.14 -44.47
N VAL BA 49 -55.96 -0.57 -45.29
CA VAL BA 49 -56.03 -0.77 -46.73
C VAL BA 49 -55.76 -2.20 -47.04
N ASN BA 50 -54.74 -2.74 -46.43
CA ASN BA 50 -54.35 -4.11 -46.68
C ASN BA 50 -55.47 -5.07 -46.36
N GLU BA 51 -56.18 -4.83 -45.26
CA GLU BA 51 -57.28 -5.73 -44.91
C GLU BA 51 -58.37 -5.71 -45.97
N ASN BA 52 -58.84 -4.52 -46.32
CA ASN BA 52 -59.93 -4.43 -47.28
C ASN BA 52 -59.52 -4.88 -48.67
N VAL BA 53 -58.34 -4.46 -49.11
CA VAL BA 53 -57.86 -4.85 -50.43
C VAL BA 53 -57.68 -6.33 -50.52
N SER BA 54 -57.13 -6.91 -49.48
CA SER BA 54 -56.92 -8.34 -49.45
C SER BA 54 -58.25 -9.06 -49.58
N ALA BA 55 -59.25 -8.58 -48.86
CA ALA BA 55 -60.58 -9.19 -48.92
C ALA BA 55 -61.09 -9.20 -50.33
N VAL BA 56 -60.93 -8.08 -51.03
CA VAL BA 56 -61.34 -7.98 -52.41
C VAL BA 56 -60.64 -8.97 -53.28
N LEU BA 57 -59.35 -9.10 -53.10
CA LEU BA 57 -58.56 -10.00 -53.90
C LEU BA 57 -59.01 -11.42 -53.73
N THR BA 58 -59.43 -11.77 -52.52
CA THR BA 58 -59.98 -13.08 -52.27
C THR BA 58 -61.28 -13.28 -53.02
N GLN BA 59 -62.12 -12.25 -53.05
CA GLN BA 59 -63.37 -12.31 -53.80
C GLN BA 59 -63.11 -12.42 -55.32
N TYR BA 60 -61.99 -11.86 -55.79
CA TYR BA 60 -61.62 -11.98 -57.19
C TYR BA 60 -60.78 -13.23 -57.50
N GLY BA 61 -60.53 -14.06 -56.51
CA GLY BA 61 -59.82 -15.31 -56.76
C GLY BA 61 -58.32 -15.12 -56.96
N ILE BA 62 -57.79 -13.98 -56.53
CA ILE BA 62 -56.39 -13.65 -56.73
C ILE BA 62 -55.53 -14.30 -55.66
N THR BA 63 -54.50 -15.03 -56.08
CA THR BA 63 -53.64 -15.72 -55.14
C THR BA 63 -52.17 -15.42 -55.36
N GLY BA 64 -51.36 -15.74 -54.36
CA GLY BA 64 -49.93 -15.61 -54.46
C GLY BA 64 -49.49 -14.18 -54.71
N PRO BA 65 -48.38 -14.04 -55.41
CA PRO BA 65 -47.74 -12.79 -55.76
C PRO BA 65 -48.64 -11.91 -56.58
N ASN BA 66 -49.69 -12.49 -57.16
CA ASN BA 66 -50.61 -11.69 -57.91
C ASN BA 66 -51.35 -10.77 -56.98
N ARG BA 67 -51.57 -11.23 -55.75
CA ARG BA 67 -52.21 -10.40 -54.76
C ARG BA 67 -51.30 -9.27 -54.45
N ALA BA 68 -50.03 -9.59 -54.31
CA ALA BA 68 -49.00 -8.59 -54.00
C ALA BA 68 -48.94 -7.50 -55.04
N ILE BA 69 -49.18 -7.85 -56.30
CA ILE BA 69 -49.21 -6.84 -57.34
C ILE BA 69 -50.25 -5.80 -57.03
N TYR BA 70 -51.43 -6.26 -56.67
CA TYR BA 70 -52.52 -5.37 -56.40
C TYR BA 70 -52.36 -4.67 -55.06
N GLN BA 71 -51.69 -5.34 -54.12
CA GLN BA 71 -51.41 -4.71 -52.84
C GLN BA 71 -50.49 -3.54 -53.03
N GLY BA 72 -49.47 -3.72 -53.86
CA GLY BA 72 -48.53 -2.66 -54.16
C GLY BA 72 -49.25 -1.48 -54.78
N PHE BA 73 -50.10 -1.78 -55.75
CA PHE BA 73 -50.89 -0.76 -56.40
C PHE BA 73 -51.74 0.00 -55.41
N GLY BA 74 -52.51 -0.73 -54.60
CA GLY BA 74 -53.41 -0.11 -53.64
C GLY BA 74 -52.67 0.75 -52.65
N LEU BA 75 -51.58 0.26 -52.14
CA LEU BA 75 -50.80 0.99 -51.19
C LEU BA 75 -50.28 2.28 -51.79
N LYS BA 76 -49.88 2.22 -53.05
CA LYS BA 76 -49.37 3.39 -53.73
C LYS BA 76 -50.48 4.41 -53.96
N VAL BA 77 -51.69 3.93 -54.23
CA VAL BA 77 -52.84 4.82 -54.35
C VAL BA 77 -53.06 5.57 -53.05
N ALA BA 78 -53.03 4.83 -51.95
CA ALA BA 78 -53.22 5.41 -50.64
C ALA BA 78 -52.12 6.41 -50.30
N ARG BA 79 -50.89 6.10 -50.68
CA ARG BA 79 -49.79 7.02 -50.48
C ARG BA 79 -50.08 8.36 -51.08
N ALA BA 80 -50.46 8.35 -52.35
CA ALA BA 80 -50.75 9.59 -53.06
C ALA BA 80 -51.89 10.33 -52.37
N LEU BA 81 -52.87 9.60 -51.91
CA LEU BA 81 -53.96 10.21 -51.20
C LEU BA 81 -53.44 10.99 -50.01
N ASN BA 82 -52.55 10.39 -49.22
CA ASN BA 82 -52.02 11.08 -48.06
C ASN BA 82 -51.19 12.32 -48.42
N ARG BA 83 -50.33 12.20 -49.43
CA ARG BA 83 -49.41 13.30 -49.75
C ARG BA 83 -50.03 14.36 -50.65
N ILE BA 84 -51.05 13.99 -51.42
CA ILE BA 84 -51.74 14.93 -52.31
C ILE BA 84 -53.10 15.33 -51.77
N GLY BA 85 -53.89 14.34 -51.38
CA GLY BA 85 -55.26 14.59 -50.95
C GLY BA 85 -56.19 14.33 -52.10
N SER BA 86 -57.47 14.13 -51.80
CA SER BA 86 -58.43 13.82 -52.86
C SER BA 86 -58.67 15.01 -53.75
N GLY BA 87 -59.19 14.75 -54.94
CA GLY BA 87 -59.47 15.80 -55.90
C GLY BA 87 -58.63 15.62 -57.15
N PRO BA 88 -58.78 16.55 -58.09
CA PRO BA 88 -58.12 16.63 -59.41
C PRO BA 88 -56.77 15.94 -59.45
N ALA BA 89 -55.81 16.45 -58.68
CA ALA BA 89 -54.44 15.95 -58.72
C ALA BA 89 -54.37 14.47 -58.42
N LEU BA 90 -55.21 14.00 -57.50
CA LEU BA 90 -55.19 12.60 -57.16
C LEU BA 90 -55.65 11.78 -58.32
N VAL BA 91 -56.69 12.26 -58.97
CA VAL BA 91 -57.21 11.58 -60.14
C VAL BA 91 -56.15 11.50 -61.22
N ASN BA 92 -55.43 12.60 -61.43
CA ASN BA 92 -54.35 12.63 -62.40
C ASN BA 92 -53.32 11.57 -62.06
N MET BA 93 -52.98 11.47 -60.78
CA MET BA 93 -52.05 10.48 -60.32
C MET BA 93 -52.53 9.08 -60.58
N ILE BA 94 -53.76 8.79 -60.17
CA ILE BA 94 -54.29 7.46 -60.28
C ILE BA 94 -54.36 7.00 -61.70
N ASN BA 95 -54.76 7.90 -62.60
CA ASN BA 95 -54.84 7.55 -64.01
C ASN BA 95 -53.51 7.04 -64.51
N GLY BA 96 -52.42 7.74 -64.18
CA GLY BA 96 -51.10 7.32 -64.60
C GLY BA 96 -50.66 6.07 -63.90
N LEU BA 97 -50.96 5.98 -62.62
CA LEU BA 97 -50.60 4.82 -61.84
C LEU BA 97 -51.27 3.56 -62.34
N LYS BA 98 -52.56 3.65 -62.60
CA LYS BA 98 -53.29 2.53 -63.11
C LYS BA 98 -52.68 2.04 -64.40
N GLY BA 99 -52.51 2.94 -65.37
CA GLY BA 99 -51.95 2.58 -66.66
C GLY BA 99 -50.57 1.95 -66.49
N TYR BA 100 -49.79 2.53 -65.59
CA TYR BA 100 -48.48 2.03 -65.26
C TYR BA 100 -48.51 0.57 -64.89
N TYR BA 101 -49.33 0.21 -63.93
CA TYR BA 101 -49.43 -1.19 -63.53
C TYR BA 101 -49.99 -2.10 -64.60
N ILE BA 102 -50.95 -1.60 -65.37
CA ILE BA 102 -51.55 -2.42 -66.39
C ILE BA 102 -50.54 -2.88 -67.40
N SER BA 103 -49.73 -1.95 -67.88
CA SER BA 103 -48.80 -2.29 -68.93
C SER BA 103 -47.42 -2.67 -68.45
N ALA BA 104 -47.00 -2.14 -67.31
CA ALA BA 104 -45.67 -2.48 -66.80
C ALA BA 104 -45.65 -3.84 -66.19
N PHE BA 105 -46.73 -4.20 -65.46
CA PHE BA 105 -46.75 -5.45 -64.74
C PHE BA 105 -47.87 -6.36 -65.18
N ASN BA 106 -48.57 -5.98 -66.24
CA ASN BA 106 -49.68 -6.78 -66.74
C ASN BA 106 -50.76 -6.93 -65.69
N ALA BA 107 -51.00 -5.89 -64.92
CA ALA BA 107 -52.05 -5.93 -63.92
C ALA BA 107 -53.41 -5.84 -64.60
N ASN BA 108 -54.39 -6.54 -64.05
CA ASN BA 108 -55.71 -6.61 -64.65
C ASN BA 108 -56.60 -5.43 -64.26
N PRO BA 109 -56.81 -4.47 -65.18
CA PRO BA 109 -57.69 -3.28 -65.05
C PRO BA 109 -58.88 -3.51 -64.13
N GLN BA 110 -59.55 -4.65 -64.29
CA GLN BA 110 -60.74 -4.95 -63.51
C GLN BA 110 -60.46 -5.00 -62.04
N VAL BA 111 -59.41 -5.68 -61.67
CA VAL BA 111 -59.08 -5.80 -60.29
C VAL BA 111 -58.54 -4.49 -59.79
N LEU BA 112 -57.78 -3.80 -60.65
CA LEU BA 112 -57.21 -2.52 -60.29
C LEU BA 112 -58.29 -1.54 -59.94
N ASP BA 113 -59.38 -1.57 -60.69
CA ASP BA 113 -60.50 -0.73 -60.41
C ASP BA 113 -61.13 -1.09 -59.11
N ALA BA 114 -61.23 -2.38 -58.84
CA ALA BA 114 -61.79 -2.84 -57.59
C ALA BA 114 -60.99 -2.29 -56.42
N VAL BA 115 -59.67 -2.29 -56.55
CA VAL BA 115 -58.82 -1.77 -55.49
C VAL BA 115 -59.09 -0.29 -55.26
N VAL BA 116 -59.18 0.47 -56.34
CA VAL BA 116 -59.48 1.89 -56.25
C VAL BA 116 -60.86 2.11 -55.64
N ASN BA 117 -61.80 1.22 -55.96
CA ASN BA 117 -63.16 1.30 -55.46
C ASN BA 117 -63.26 1.03 -53.96
N ILE BA 118 -62.15 0.67 -53.33
CA ILE BA 118 -62.10 0.50 -51.91
C ILE BA 118 -61.49 1.70 -51.28
N ILE BA 119 -60.33 2.06 -51.77
CA ILE BA 119 -59.57 3.16 -51.22
C ILE BA 119 -60.25 4.49 -51.44
N THR BA 120 -60.69 4.74 -52.66
CA THR BA 120 -61.36 5.98 -52.98
C THR BA 120 -62.84 5.79 -52.90
N GLY BA 121 -63.30 4.60 -53.25
CA GLY BA 121 -64.72 4.31 -53.24
C GLY BA 121 -65.30 4.39 -54.64
N SER BA 122 -64.54 4.97 -55.56
CA SER BA 122 -65.01 5.15 -56.91
C SER BA 122 -63.87 5.07 -57.89
N PRO BA 123 -64.15 4.71 -59.15
CA PRO BA 123 -63.24 4.64 -60.27
C PRO BA 123 -62.60 5.98 -60.54
N THR BA 124 -61.48 5.96 -61.20
CA THR BA 124 -60.77 7.17 -61.53
C THR BA 124 -61.22 7.73 -62.87
N GLY BA 125 -60.30 8.26 -63.67
CA GLY BA 125 -60.65 8.82 -64.96
C GLY BA 125 -61.14 10.25 -64.81
N TYR BA 126 -62.28 10.40 -64.13
CA TYR BA 126 -62.86 11.71 -63.87
C TYR BA 126 -63.08 11.91 -62.39
N VAL BA 127 -63.06 13.16 -61.95
CA VAL BA 127 -63.24 13.47 -60.53
C VAL BA 127 -64.65 13.15 -60.07
N SER BA 128 -64.76 12.29 -59.06
CA SER BA 128 -66.07 11.89 -58.55
C SER BA 128 -65.96 11.22 -57.18
N SER CA 1 -46.19 12.78 -45.13
CA SER CA 1 -46.37 14.19 -44.85
C SER CA 1 -46.15 14.49 -43.37
N ARG CA 2 -45.73 15.72 -43.08
CA ARG CA 2 -45.40 16.11 -41.72
C ARG CA 2 -45.96 17.47 -41.33
N SER CA 3 -46.65 17.51 -40.20
CA SER CA 3 -47.18 18.75 -39.64
C SER CA 3 -46.08 19.50 -38.94
N TYR CA 4 -46.34 20.75 -38.58
CA TYR CA 4 -45.35 21.52 -37.85
C TYR CA 4 -44.89 20.83 -36.61
N SER CA 5 -45.83 20.30 -35.83
CA SER CA 5 -45.49 19.60 -34.62
C SER CA 5 -44.44 18.54 -34.91
N GLN CA 6 -44.65 17.79 -35.98
CA GLN CA 6 -43.74 16.75 -36.39
C GLN CA 6 -42.42 17.31 -36.90
N ARG CA 7 -42.50 18.39 -37.68
CA ARG CA 7 -41.30 18.99 -38.25
C ARG CA 7 -40.35 19.36 -37.16
N TYR CA 8 -40.87 20.10 -36.21
CA TYR CA 8 -40.09 20.58 -35.10
C TYR CA 8 -39.61 19.48 -34.23
N ALA CA 9 -40.51 18.56 -33.88
CA ALA CA 9 -40.15 17.47 -32.99
C ALA CA 9 -38.89 16.78 -33.43
N LYS CA 10 -38.85 16.35 -34.70
CA LYS CA 10 -37.70 15.62 -35.18
C LYS CA 10 -36.51 16.52 -35.30
N TRP CA 11 -36.72 17.77 -35.73
CA TRP CA 11 -35.61 18.71 -35.82
C TRP CA 11 -34.93 18.85 -34.50
N GLN CA 12 -35.71 18.92 -33.44
CA GLN CA 12 -35.17 19.09 -32.13
C GLN CA 12 -34.35 17.91 -31.73
N ALA CA 13 -34.86 16.71 -32.01
CA ALA CA 13 -34.17 15.50 -31.64
C ALA CA 13 -32.82 15.41 -32.31
N LYS CA 14 -32.77 15.78 -33.58
CA LYS CA 14 -31.54 15.70 -34.32
C LYS CA 14 -30.59 16.78 -33.93
N PHE CA 15 -31.11 17.95 -33.62
CA PHE CA 15 -30.27 19.04 -33.18
C PHE CA 15 -29.57 18.65 -31.89
N ASN CA 16 -30.35 18.10 -30.96
CA ASN CA 16 -29.84 17.67 -29.68
C ASN CA 16 -28.74 16.66 -29.86
N ALA CA 17 -28.99 15.67 -30.72
CA ALA CA 17 -28.04 14.63 -30.97
C ALA CA 17 -26.73 15.21 -31.45
N PHE CA 18 -26.80 16.07 -32.45
CA PHE CA 18 -25.62 16.66 -33.02
C PHE CA 18 -24.81 17.44 -32.02
N SER CA 19 -25.47 18.13 -31.10
CA SER CA 19 -24.76 18.97 -30.13
C SER CA 19 -23.84 18.17 -29.19
N ASN CA 20 -24.03 16.85 -29.14
CA ASN CA 20 -23.20 15.99 -28.31
C ASN CA 20 -21.75 15.98 -28.79
N PRO CA 21 -20.80 16.47 -27.95
CA PRO CA 21 -19.35 16.54 -28.20
C PRO CA 21 -18.83 15.46 -29.14
N THR CA 22 -19.20 14.22 -28.86
CA THR CA 22 -18.65 13.10 -29.58
C THR CA 22 -19.32 12.90 -30.89
N VAL CA 23 -20.57 13.29 -30.97
CA VAL CA 23 -21.31 13.13 -32.19
C VAL CA 23 -20.88 14.17 -33.17
N ALA CA 24 -20.78 15.39 -32.70
CA ALA CA 24 -20.36 16.47 -33.55
C ALA CA 24 -18.98 16.23 -34.08
N SER CA 25 -18.07 15.85 -33.20
CA SER CA 25 -16.70 15.65 -33.61
C SER CA 25 -16.53 14.43 -34.46
N THR CA 26 -17.31 13.40 -34.21
CA THR CA 26 -17.25 12.22 -35.04
C THR CA 26 -17.59 12.55 -36.45
N ILE CA 27 -18.74 13.16 -36.62
CA ILE CA 27 -19.21 13.48 -37.93
C ILE CA 27 -18.30 14.46 -38.63
N LEU CA 28 -18.02 15.56 -37.96
CA LEU CA 28 -17.28 16.64 -38.55
C LEU CA 28 -15.86 16.26 -38.89
N SER CA 29 -15.23 15.46 -38.03
CA SER CA 29 -13.87 15.04 -38.32
C SER CA 29 -13.84 14.02 -39.44
N ASN CA 30 -14.91 13.24 -39.58
CA ASN CA 30 -14.97 12.28 -40.66
C ASN CA 30 -15.20 12.94 -42.00
N VAL CA 31 -15.98 14.01 -42.03
CA VAL CA 31 -16.27 14.68 -43.29
C VAL CA 31 -15.35 15.83 -43.54
N SER CA 32 -14.39 16.04 -42.64
CA SER CA 32 -13.41 17.10 -42.81
C SER CA 32 -12.80 17.12 -44.22
N PRO CA 33 -11.84 16.22 -44.52
CA PRO CA 33 -11.12 16.19 -45.80
C PRO CA 33 -12.07 16.16 -47.01
N VAL CA 34 -13.28 15.64 -46.82
CA VAL CA 34 -14.25 15.59 -47.88
C VAL CA 34 -14.75 16.97 -48.18
N ALA CA 35 -15.15 17.67 -47.13
CA ALA CA 35 -15.62 19.02 -47.25
C ALA CA 35 -14.55 19.90 -47.84
N GLN CA 36 -13.32 19.66 -47.43
CA GLN CA 36 -12.20 20.43 -47.90
C GLN CA 36 -12.09 20.35 -49.38
N GLN CA 37 -12.23 19.14 -49.89
CA GLN CA 37 -12.19 18.92 -51.31
C GLN CA 37 -13.26 19.71 -52.01
N ASN CA 38 -14.47 19.64 -51.49
CA ASN CA 38 -15.60 20.29 -52.11
C ASN CA 38 -15.46 21.79 -52.09
N PHE CA 39 -14.97 22.33 -50.99
CA PHE CA 39 -14.77 23.75 -50.86
C PHE CA 39 -13.75 24.23 -51.85
N GLN CA 40 -12.63 23.54 -51.90
CA GLN CA 40 -11.55 23.88 -52.80
C GLN CA 40 -11.97 23.74 -54.24
N THR CA 41 -12.77 22.73 -54.53
CA THR CA 41 -13.16 22.47 -55.89
C THR CA 41 -14.06 23.55 -56.47
N ASN CA 42 -15.07 23.97 -55.73
CA ASN CA 42 -16.02 24.91 -56.30
C ASN CA 42 -15.82 26.37 -55.93
N VAL CA 43 -15.29 26.66 -54.75
CA VAL CA 43 -15.24 28.07 -54.32
C VAL CA 43 -14.45 29.03 -55.23
N PRO CA 44 -13.24 28.65 -55.69
CA PRO CA 44 -12.39 29.42 -56.58
C PRO CA 44 -13.14 29.85 -57.83
N LYS CA 45 -14.12 29.06 -58.24
CA LYS CA 45 -14.90 29.34 -59.43
C LYS CA 45 -15.71 30.60 -59.24
N PHE CA 46 -16.16 30.82 -58.01
CA PHE CA 46 -16.99 31.96 -57.71
C PHE CA 46 -16.16 33.14 -57.28
N THR CA 47 -14.98 32.88 -56.75
CA THR CA 47 -14.10 33.96 -56.39
C THR CA 47 -13.69 34.72 -57.63
N SER CA 48 -13.38 34.00 -58.70
CA SER CA 48 -13.02 34.63 -59.94
C SER CA 48 -14.16 35.48 -60.49
N VAL CA 49 -15.39 35.07 -60.21
CA VAL CA 49 -16.55 35.83 -60.61
C VAL CA 49 -16.62 37.11 -59.83
N ASN CA 50 -16.43 37.02 -58.53
CA ASN CA 50 -16.46 38.18 -57.68
C ASN CA 50 -15.45 39.19 -58.14
N GLU CA 51 -14.29 38.71 -58.55
CA GLU CA 51 -13.22 39.56 -59.00
C GLU CA 51 -13.56 40.26 -60.29
N ASN CA 52 -13.95 39.49 -61.29
CA ASN CA 52 -14.20 40.05 -62.59
C ASN CA 52 -15.41 40.96 -62.58
N VAL CA 53 -16.44 40.57 -61.84
CA VAL CA 53 -17.62 41.39 -61.72
C VAL CA 53 -17.29 42.66 -60.99
N SER CA 54 -16.46 42.57 -59.97
CA SER CA 54 -16.03 43.74 -59.25
C SER CA 54 -15.37 44.72 -60.19
N ALA CA 55 -14.50 44.23 -61.05
CA ALA CA 55 -13.82 45.08 -62.02
C ALA CA 55 -14.83 45.84 -62.84
N VAL CA 56 -15.84 45.14 -63.31
CA VAL CA 56 -16.90 45.75 -64.09
C VAL CA 56 -17.59 46.84 -63.33
N LEU CA 57 -17.95 46.55 -62.11
CA LEU CA 57 -18.70 47.48 -61.29
C LEU CA 57 -17.92 48.74 -61.03
N THR CA 58 -16.61 48.62 -60.89
CA THR CA 58 -15.77 49.78 -60.74
C THR CA 58 -15.79 50.63 -62.00
N GLN CA 59 -15.76 49.98 -63.16
CA GLN CA 59 -15.86 50.70 -64.44
C GLN CA 59 -17.20 51.42 -64.58
N TYR CA 60 -18.26 50.85 -64.01
CA TYR CA 60 -19.58 51.49 -64.05
C TYR CA 60 -19.84 52.44 -62.90
N GLY CA 61 -18.87 52.64 -62.03
CA GLY CA 61 -19.04 53.61 -60.96
C GLY CA 61 -19.95 53.12 -59.84
N ILE CA 62 -20.13 51.82 -59.74
CA ILE CA 62 -21.03 51.26 -58.75
C ILE CA 62 -20.34 51.11 -57.42
N THR CA 63 -20.95 51.66 -56.37
CA THR CA 63 -20.35 51.62 -55.04
C THR CA 63 -21.29 51.07 -53.99
N GLY CA 64 -20.74 50.70 -52.86
CA GLY CA 64 -21.52 50.25 -51.73
C GLY CA 64 -22.31 49.00 -52.04
N PRO CA 65 -23.47 48.87 -51.41
CA PRO CA 65 -24.41 47.79 -51.51
C PRO CA 65 -24.91 47.61 -52.91
N ASN CA 66 -24.76 48.62 -53.74
CA ASN CA 66 -25.18 48.50 -55.10
C ASN CA 66 -24.30 47.51 -55.82
N ARG CA 67 -23.04 47.43 -55.40
CA ARG CA 67 -22.14 46.47 -55.97
C ARG CA 67 -22.59 45.11 -55.58
N ALA CA 68 -23.00 45.00 -54.32
CA ALA CA 68 -23.49 43.73 -53.77
C ALA CA 68 -24.68 43.21 -54.54
N ILE CA 69 -25.54 44.11 -55.01
CA ILE CA 69 -26.68 43.70 -55.82
C ILE CA 69 -26.24 42.96 -57.05
N TYR CA 70 -25.31 43.57 -57.77
CA TYR CA 70 -24.84 43.00 -59.02
C TYR CA 70 -23.98 41.78 -58.78
N GLN CA 71 -23.25 41.76 -57.68
CA GLN CA 71 -22.45 40.62 -57.34
C GLN CA 71 -23.33 39.42 -57.11
N GLY CA 72 -24.44 39.63 -56.41
CA GLY CA 72 -25.38 38.55 -56.16
C GLY CA 72 -25.92 37.99 -57.46
N PHE CA 73 -26.28 38.87 -58.36
CA PHE CA 73 -26.75 38.48 -59.67
C PHE CA 73 -25.72 37.64 -60.39
N GLY CA 74 -24.48 38.11 -60.43
CA GLY CA 74 -23.40 37.39 -61.11
C GLY CA 74 -23.19 36.02 -60.51
N LEU CA 75 -23.18 35.95 -59.20
CA LEU CA 75 -22.99 34.69 -58.51
C LEU CA 75 -24.07 33.70 -58.86
N LYS CA 76 -25.29 34.18 -58.98
CA LYS CA 76 -26.41 33.35 -59.36
C LYS CA 76 -26.25 32.79 -60.75
N VAL CA 77 -25.77 33.62 -61.66
CA VAL CA 77 -25.52 33.17 -63.02
C VAL CA 77 -24.55 32.02 -63.02
N ALA CA 78 -23.47 32.18 -62.28
CA ALA CA 78 -22.43 31.16 -62.18
C ALA CA 78 -22.97 29.89 -61.54
N ARG CA 79 -23.82 30.03 -60.54
CA ARG CA 79 -24.40 28.88 -59.87
C ARG CA 79 -25.16 28.01 -60.83
N ALA CA 80 -26.03 28.63 -61.60
CA ALA CA 80 -26.80 27.93 -62.58
C ALA CA 80 -25.90 27.26 -63.60
N LEU CA 81 -24.86 27.97 -64.00
CA LEU CA 81 -23.93 27.42 -64.93
C LEU CA 81 -23.35 26.12 -64.40
N ASN CA 82 -22.92 26.12 -63.15
CA ASN CA 82 -22.35 24.91 -62.55
C ASN CA 82 -23.36 23.76 -62.44
N ARG CA 83 -24.60 24.07 -62.08
CA ARG CA 83 -25.58 23.03 -61.84
C ARG CA 83 -26.40 22.65 -63.08
N ILE CA 84 -26.34 23.47 -64.11
CA ILE CA 84 -27.05 23.21 -65.36
C ILE CA 84 -26.12 23.03 -66.53
N GLY CA 85 -25.17 23.94 -66.66
CA GLY CA 85 -24.26 23.93 -67.80
C GLY CA 85 -24.75 24.93 -68.83
N SER CA 86 -23.88 25.31 -69.76
CA SER CA 86 -24.23 26.30 -70.76
C SER CA 86 -25.22 25.74 -71.76
N GLY CA 87 -25.87 26.64 -72.49
CA GLY CA 87 -26.84 26.23 -73.49
C GLY CA 87 -28.25 26.66 -73.10
N PRO CA 88 -29.22 26.26 -73.92
CA PRO CA 88 -30.67 26.54 -73.81
C PRO CA 88 -31.14 26.77 -72.39
N ALA CA 89 -30.99 25.78 -71.53
CA ALA CA 89 -31.49 25.88 -70.17
C ALA CA 89 -30.90 27.07 -69.42
N LEU CA 90 -29.62 27.36 -69.66
CA LEU CA 90 -28.99 28.48 -69.00
C LEU CA 90 -29.61 29.76 -69.49
N VAL CA 91 -29.85 29.82 -70.79
CA VAL CA 91 -30.49 30.98 -71.37
C VAL CA 91 -31.84 31.24 -70.72
N ASN CA 92 -32.62 30.18 -70.56
CA ASN CA 92 -33.92 30.28 -69.93
C ASN CA 92 -33.78 30.82 -68.52
N MET CA 93 -32.78 30.32 -67.81
CA MET CA 93 -32.51 30.75 -66.46
C MET CA 93 -32.18 32.21 -66.38
N ILE CA 94 -31.23 32.65 -67.20
CA ILE CA 94 -30.75 34.01 -67.13
C ILE CA 94 -31.84 35.00 -67.43
N ASN CA 95 -32.67 34.69 -68.42
CA ASN CA 95 -33.78 35.57 -68.75
C ASN CA 95 -34.65 35.82 -67.54
N GLY CA 96 -35.02 34.75 -66.83
CA GLY CA 96 -35.85 34.88 -65.66
C GLY CA 96 -35.12 35.61 -64.55
N LEU CA 97 -33.84 35.28 -64.39
CA LEU CA 97 -33.02 35.89 -63.38
C LEU CA 97 -32.92 37.38 -63.54
N LYS CA 98 -32.70 37.83 -64.76
CA LYS CA 98 -32.65 39.23 -65.02
C LYS CA 98 -33.96 39.88 -64.64
N GLY CA 99 -35.08 39.26 -65.03
CA GLY CA 99 -36.38 39.79 -64.67
C GLY CA 99 -36.50 39.94 -63.15
N TYR CA 100 -36.01 38.94 -62.44
CA TYR CA 100 -36.02 38.94 -60.99
C TYR CA 100 -35.33 40.17 -60.44
N TYR CA 101 -34.09 40.36 -60.82
CA TYR CA 101 -33.33 41.49 -60.29
C TYR CA 101 -33.79 42.84 -60.79
N ILE CA 102 -34.14 42.92 -62.05
CA ILE CA 102 -34.53 44.18 -62.61
C ILE CA 102 -35.76 44.73 -61.96
N SER CA 103 -36.76 43.88 -61.78
CA SER CA 103 -38.01 44.35 -61.24
C SER CA 103 -38.17 44.19 -59.74
N ALA CA 104 -37.49 43.21 -59.14
CA ALA CA 104 -37.63 43.03 -57.70
C ALA CA 104 -36.72 43.95 -56.94
N PHE CA 105 -35.51 44.18 -57.47
CA PHE CA 105 -34.53 44.98 -56.77
C PHE CA 105 -34.15 46.24 -57.51
N ASN CA 106 -34.83 46.48 -58.62
CA ASN CA 106 -34.57 47.67 -59.43
C ASN CA 106 -33.14 47.72 -59.93
N ALA CA 107 -32.60 46.57 -60.29
CA ALA CA 107 -31.26 46.52 -60.83
C ALA CA 107 -31.26 47.05 -62.25
N ASN CA 108 -30.15 47.69 -62.65
CA ASN CA 108 -30.06 48.31 -63.97
C ASN CA 108 -29.72 47.30 -65.07
N PRO CA 109 -30.72 46.86 -65.85
CA PRO CA 109 -30.62 45.94 -66.99
C PRO CA 109 -29.29 46.03 -67.73
N GLN CA 110 -28.85 47.24 -68.02
CA GLN CA 110 -27.64 47.43 -68.80
C GLN CA 110 -26.42 46.92 -68.06
N VAL CA 111 -26.34 47.20 -66.77
CA VAL CA 111 -25.23 46.74 -65.98
C VAL CA 111 -25.32 45.25 -65.83
N LEU CA 112 -26.54 44.74 -65.68
CA LEU CA 112 -26.75 43.31 -65.54
C LEU CA 112 -26.22 42.57 -66.73
N ASP CA 113 -26.43 43.14 -67.91
CA ASP CA 113 -25.92 42.55 -69.12
C ASP CA 113 -24.42 42.61 -69.17
N ALA CA 114 -23.84 43.67 -68.61
CA ALA CA 114 -22.40 43.75 -68.51
C ALA CA 114 -21.85 42.63 -67.64
N VAL CA 115 -22.56 42.28 -66.57
CA VAL CA 115 -22.15 41.17 -65.72
C VAL CA 115 -22.19 39.87 -66.48
N VAL CA 116 -23.29 39.62 -67.18
CA VAL CA 116 -23.45 38.41 -67.98
C VAL CA 116 -22.35 38.33 -69.03
N ASN CA 117 -22.05 39.48 -69.64
CA ASN CA 117 -21.01 39.59 -70.66
C ASN CA 117 -19.63 39.13 -70.19
N ILE CA 118 -19.45 38.99 -68.88
CA ILE CA 118 -18.21 38.53 -68.36
C ILE CA 118 -18.26 37.07 -68.04
N ILE CA 119 -19.27 36.69 -67.29
CA ILE CA 119 -19.41 35.33 -66.84
C ILE CA 119 -19.64 34.38 -67.99
N THR CA 120 -20.54 34.75 -68.90
CA THR CA 120 -20.82 33.93 -70.06
C THR CA 120 -19.98 34.36 -71.22
N GLY CA 121 -19.66 35.63 -71.25
CA GLY CA 121 -18.84 36.18 -72.32
C GLY CA 121 -19.70 37.03 -73.24
N SER CA 122 -21.01 36.94 -73.08
CA SER CA 122 -21.94 37.72 -73.87
C SER CA 122 -23.29 37.69 -73.21
N PRO CA 123 -24.16 38.64 -73.55
CA PRO CA 123 -25.53 38.71 -73.13
C PRO CA 123 -26.23 37.47 -73.59
N THR CA 124 -27.33 37.13 -72.94
CA THR CA 124 -27.96 35.86 -73.23
C THR CA 124 -28.94 35.95 -74.37
N GLY CA 125 -30.04 35.19 -74.28
CA GLY CA 125 -31.02 35.15 -75.36
C GLY CA 125 -30.54 34.20 -76.46
N TYR CA 126 -29.42 34.56 -77.07
CA TYR CA 126 -28.79 33.74 -78.06
C TYR CA 126 -27.59 33.05 -77.45
N VAL CA 127 -27.33 31.83 -77.89
CA VAL CA 127 -26.19 31.10 -77.37
C VAL CA 127 -24.95 31.41 -78.20
N SER CA 128 -23.97 32.03 -77.56
CA SER CA 128 -22.74 32.38 -78.23
C SER CA 128 -21.69 32.86 -77.23
N SER DA 1 -11.99 42.51 -48.72
CA SER DA 1 -11.13 42.25 -49.88
C SER DA 1 -10.24 41.04 -49.64
N ARG DA 2 -10.64 39.90 -50.19
CA ARG DA 2 -9.87 38.66 -50.02
C ARG DA 2 -9.87 37.79 -51.28
N SER DA 3 -8.76 37.12 -51.53
CA SER DA 3 -8.66 36.14 -52.61
C SER DA 3 -9.29 34.87 -52.16
N TYR DA 4 -9.45 33.90 -53.06
CA TYR DA 4 -10.08 32.67 -52.64
C TYR DA 4 -9.16 31.94 -51.73
N SER DA 5 -7.85 32.14 -51.90
CA SER DA 5 -6.89 31.45 -51.11
C SER DA 5 -6.98 31.88 -49.68
N GLN DA 6 -7.32 33.14 -49.48
CA GLN DA 6 -7.53 33.68 -48.16
C GLN DA 6 -8.85 33.23 -47.61
N ARG DA 7 -9.87 33.19 -48.47
CA ARG DA 7 -11.18 32.74 -48.05
C ARG DA 7 -11.10 31.32 -47.55
N TYR DA 8 -10.43 30.49 -48.31
CA TYR DA 8 -10.23 29.11 -47.96
C TYR DA 8 -9.41 28.96 -46.74
N ALA DA 9 -8.27 29.62 -46.70
CA ALA DA 9 -7.37 29.50 -45.58
C ALA DA 9 -8.09 29.68 -44.26
N LYS DA 10 -8.81 30.79 -44.14
CA LYS DA 10 -9.50 31.06 -42.91
C LYS DA 10 -10.64 30.10 -42.69
N TRP DA 11 -11.37 29.79 -43.75
CA TRP DA 11 -12.46 28.84 -43.66
C TRP DA 11 -11.99 27.53 -43.11
N GLN DA 12 -10.83 27.09 -43.56
CA GLN DA 12 -10.27 25.86 -43.12
C GLN DA 12 -9.96 25.90 -41.66
N ALA DA 13 -9.35 26.98 -41.22
CA ALA DA 13 -8.98 27.13 -39.83
C ALA DA 13 -10.19 27.09 -38.94
N LYS DA 14 -11.27 27.73 -39.37
CA LYS DA 14 -12.46 27.79 -38.57
C LYS DA 14 -13.21 26.51 -38.59
N PHE DA 15 -13.17 25.81 -39.71
CA PHE DA 15 -13.81 24.52 -39.80
C PHE DA 15 -13.14 23.57 -38.84
N ASN DA 16 -11.81 23.59 -38.86
CA ASN DA 16 -11.03 22.74 -37.99
C ASN DA 16 -11.38 23.00 -36.55
N ALA DA 17 -11.42 24.27 -36.18
CA ALA DA 17 -11.73 24.67 -34.84
C ALA DA 17 -13.05 24.11 -34.41
N PHE DA 18 -14.07 24.34 -35.21
CA PHE DA 18 -15.41 23.90 -34.89
C PHE DA 18 -15.50 22.41 -34.70
N SER DA 19 -14.76 21.65 -35.50
CA SER DA 19 -14.84 20.19 -35.44
C SER DA 19 -14.36 19.62 -34.10
N ASN DA 20 -13.66 20.42 -33.31
CA ASN DA 20 -13.14 19.99 -32.01
C ASN DA 20 -14.29 19.74 -31.03
N PRO DA 21 -14.47 18.48 -30.58
CA PRO DA 21 -15.50 18.04 -29.61
C PRO DA 21 -15.93 19.12 -28.64
N THR DA 22 -14.94 19.77 -28.04
CA THR DA 22 -15.22 20.77 -27.03
C THR DA 22 -15.81 21.99 -27.64
N VAL DA 23 -15.23 22.46 -28.73
CA VAL DA 23 -15.70 23.65 -29.37
C VAL DA 23 -17.09 23.47 -29.92
N ALA DA 24 -17.29 22.34 -30.56
CA ALA DA 24 -18.58 22.06 -31.15
C ALA DA 24 -19.66 22.05 -30.10
N SER DA 25 -19.44 21.29 -29.04
CA SER DA 25 -20.43 21.16 -28.02
C SER DA 25 -20.61 22.40 -27.20
N THR DA 26 -19.54 23.16 -27.03
CA THR DA 26 -19.64 24.40 -26.28
C THR DA 26 -20.57 25.35 -26.97
N ILE DA 27 -20.32 25.58 -28.24
CA ILE DA 27 -21.12 26.49 -28.98
C ILE DA 27 -22.53 26.00 -29.12
N LEU DA 28 -22.67 24.77 -29.56
CA LEU DA 28 -23.97 24.23 -29.87
C LEU DA 28 -24.85 24.09 -28.65
N SER DA 29 -24.27 23.71 -27.53
CA SER DA 29 -25.06 23.58 -26.31
C SER DA 29 -25.44 24.94 -25.77
N ASN DA 30 -24.63 25.95 -26.03
CA ASN DA 30 -24.95 27.29 -25.58
C ASN DA 30 -26.04 27.91 -26.40
N VAL DA 31 -26.06 27.64 -27.70
CA VAL DA 31 -27.07 28.23 -28.57
C VAL DA 31 -28.27 27.34 -28.74
N SER DA 32 -28.27 26.20 -28.06
CA SER DA 32 -29.38 25.28 -28.11
C SER DA 32 -30.75 25.98 -27.91
N PRO DA 33 -31.11 26.35 -26.66
CA PRO DA 33 -32.41 26.95 -26.35
C PRO DA 33 -32.69 28.20 -27.20
N VAL DA 34 -31.65 28.88 -27.65
CA VAL DA 34 -31.79 30.05 -28.49
C VAL DA 34 -32.30 29.63 -29.84
N ALA DA 35 -31.65 28.62 -30.40
CA ALA DA 35 -32.03 28.08 -31.68
C ALA DA 35 -33.44 27.59 -31.64
N GLN DA 36 -33.81 26.98 -30.52
CA GLN DA 36 -35.14 26.44 -30.37
C GLN DA 36 -36.15 27.52 -30.49
N GLN DA 37 -35.89 28.65 -29.86
CA GLN DA 37 -36.78 29.77 -29.94
C GLN DA 37 -36.94 30.27 -31.34
N ASN DA 38 -35.81 30.38 -32.04
CA ASN DA 38 -35.82 30.92 -33.38
C ASN DA 38 -36.53 29.99 -34.34
N PHE DA 39 -36.31 28.69 -34.19
CA PHE DA 39 -36.97 27.71 -35.00
C PHE DA 39 -38.45 27.74 -34.77
N GLN DA 40 -38.85 27.73 -33.51
CA GLN DA 40 -40.24 27.73 -33.15
C GLN DA 40 -40.94 28.96 -33.65
N THR DA 41 -40.25 30.09 -33.61
CA THR DA 41 -40.85 31.33 -33.99
C THR DA 41 -41.14 31.45 -35.48
N ASN DA 42 -40.14 31.18 -36.31
CA ASN DA 42 -40.31 31.42 -37.74
C ASN DA 42 -40.74 30.24 -38.58
N VAL DA 43 -40.61 29.02 -38.08
CA VAL DA 43 -40.94 27.87 -38.92
C VAL DA 43 -42.44 27.58 -39.16
N PRO DA 44 -43.29 27.48 -38.11
CA PRO DA 44 -44.71 27.17 -38.23
C PRO DA 44 -45.42 28.14 -39.20
N LYS DA 45 -44.83 29.32 -39.39
CA LYS DA 45 -45.34 30.31 -40.32
C LYS DA 45 -45.36 29.78 -41.73
N PHE DA 46 -44.33 29.01 -42.07
CA PHE DA 46 -44.20 28.46 -43.41
C PHE DA 46 -44.87 27.13 -43.51
N THR DA 47 -45.00 26.43 -42.41
CA THR DA 47 -45.70 25.17 -42.42
C THR DA 47 -47.15 25.38 -42.80
N SER DA 48 -47.76 26.42 -42.24
CA SER DA 48 -49.14 26.75 -42.56
C SER DA 48 -49.29 27.09 -44.03
N VAL DA 49 -48.25 27.69 -44.61
CA VAL DA 49 -48.24 27.99 -46.01
C VAL DA 49 -48.28 26.74 -46.81
N ASN DA 50 -47.45 25.78 -46.42
CA ASN DA 50 -47.37 24.53 -47.13
C ASN DA 50 -48.69 23.82 -47.16
N GLU DA 51 -49.43 23.84 -46.06
CA GLU DA 51 -50.73 23.17 -46.04
C GLU DA 51 -51.69 23.81 -47.03
N ASN DA 52 -51.85 25.12 -46.95
CA ASN DA 52 -52.80 25.80 -47.82
C ASN DA 52 -52.38 25.76 -49.28
N VAL DA 53 -51.11 26.00 -49.55
CA VAL DA 53 -50.62 25.97 -50.91
C VAL DA 53 -50.77 24.61 -51.51
N SER DA 54 -50.45 23.59 -50.74
CA SER DA 54 -50.57 22.23 -51.20
C SER DA 54 -52.01 21.95 -51.58
N ALA DA 55 -52.94 22.38 -50.74
CA ALA DA 55 -54.35 22.17 -51.01
C ALA DA 55 -54.74 22.76 -52.35
N VAL DA 56 -54.26 23.97 -52.61
CA VAL DA 56 -54.52 24.63 -53.86
C VAL DA 56 -54.00 23.84 -55.02
N LEU DA 57 -52.78 23.36 -54.90
CA LEU DA 57 -52.15 22.63 -55.96
C LEU DA 57 -52.93 21.37 -56.29
N THR DA 58 -53.51 20.75 -55.28
CA THR DA 58 -54.36 19.60 -55.51
C THR DA 58 -55.60 19.99 -56.29
N GLN DA 59 -56.18 21.13 -55.95
CA GLN DA 59 -57.34 21.64 -56.69
C GLN DA 59 -56.99 21.99 -58.15
N TYR DA 60 -55.73 22.39 -58.39
CA TYR DA 60 -55.28 22.65 -59.75
C TYR DA 60 -54.73 21.43 -60.46
N GLY DA 61 -54.75 20.27 -59.83
CA GLY DA 61 -54.32 19.06 -60.49
C GLY DA 61 -52.80 18.93 -60.60
N ILE DA 62 -52.07 19.70 -59.80
CA ILE DA 62 -50.62 19.71 -59.88
C ILE DA 62 -50.03 18.56 -59.09
N THR DA 63 -49.15 17.80 -59.74
CA THR DA 63 -48.55 16.64 -59.09
C THR DA 63 -47.04 16.63 -59.19
N GLY DA 64 -46.41 15.82 -58.35
CA GLY DA 64 -44.99 15.62 -58.40
C GLY DA 64 -44.22 16.89 -58.13
N PRO DA 65 -43.05 17.00 -58.75
CA PRO DA 65 -42.11 18.10 -58.66
C PRO DA 65 -42.73 19.39 -59.10
N ASN DA 66 -43.81 19.31 -59.85
CA ASN DA 66 -44.47 20.51 -60.28
C ASN DA 66 -45.06 21.21 -59.09
N ARG DA 67 -45.48 20.43 -58.09
CA ARG DA 67 -46.00 21.01 -56.88
C ARG DA 67 -44.90 21.72 -56.19
N ALA DA 68 -43.73 21.07 -56.18
CA ALA DA 68 -42.55 21.62 -55.53
C ALA DA 68 -42.14 22.95 -56.13
N ILE DA 69 -42.35 23.12 -57.44
CA ILE DA 69 -42.06 24.40 -58.06
C ILE DA 69 -42.86 25.49 -57.40
N TYR DA 70 -44.15 25.23 -57.24
CA TYR DA 70 -45.03 26.23 -56.67
C TYR DA 70 -44.83 26.36 -55.17
N GLN DA 71 -44.42 25.28 -54.52
CA GLN DA 71 -44.11 25.35 -53.11
C GLN DA 71 -42.94 26.26 -52.88
N GLY DA 72 -41.91 26.13 -53.72
CA GLY DA 72 -40.74 26.97 -53.62
C GLY DA 72 -41.12 28.42 -53.81
N PHE DA 73 -41.94 28.68 -54.81
CA PHE DA 73 -42.42 30.01 -55.07
C PHE DA 73 -43.15 30.58 -53.88
N GLY DA 74 -44.13 29.84 -53.38
CA GLY DA 74 -44.95 30.29 -52.27
C GLY DA 74 -44.13 30.57 -51.04
N LEU DA 75 -43.22 29.67 -50.73
CA LEU DA 75 -42.37 29.84 -49.57
C LEU DA 75 -41.53 31.09 -49.68
N LYS DA 76 -41.04 31.36 -50.88
CA LYS DA 76 -40.23 32.54 -51.12
C LYS DA 76 -41.06 33.81 -50.98
N VAL DA 77 -42.32 33.75 -51.41
CA VAL DA 77 -43.22 34.87 -51.21
C VAL DA 77 -43.37 35.17 -49.74
N ALA DA 78 -43.61 34.13 -48.96
CA ALA DA 78 -43.79 34.25 -47.53
C ALA DA 78 -42.52 34.80 -46.86
N ARG DA 79 -41.37 34.34 -47.33
CA ARG DA 79 -40.11 34.84 -46.82
C ARG DA 79 -40.02 36.34 -46.91
N ALA DA 80 -40.29 36.85 -48.11
CA ALA DA 80 -40.25 38.28 -48.34
C ALA DA 80 -41.23 39.00 -47.45
N LEU DA 81 -42.40 38.41 -47.27
CA LEU DA 81 -43.37 38.99 -46.40
C LEU DA 81 -42.80 39.17 -45.01
N ASN DA 82 -42.15 38.15 -44.48
CA ASN DA 82 -41.55 38.26 -43.15
C ASN DA 82 -40.45 39.31 -43.05
N ARG DA 83 -39.55 39.34 -44.02
CA ARG DA 83 -38.39 40.22 -43.95
C ARG DA 83 -38.67 41.65 -44.42
N ILE DA 84 -39.68 41.81 -45.28
CA ILE DA 84 -40.05 43.14 -45.79
C ILE DA 84 -41.34 43.64 -45.14
N GLY DA 85 -42.35 42.80 -45.13
CA GLY DA 85 -43.67 43.20 -44.64
C GLY DA 85 -44.54 43.59 -45.81
N SER DA 86 -45.85 43.61 -45.61
CA SER DA 86 -46.76 43.92 -46.70
C SER DA 86 -46.65 45.36 -47.12
N GLY DA 87 -47.11 45.65 -48.33
CA GLY DA 87 -47.05 46.99 -48.87
C GLY DA 87 -46.17 47.05 -50.11
N PRO DA 88 -46.04 48.25 -50.66
CA PRO DA 88 -45.25 48.61 -51.87
C PRO DA 88 -44.09 47.67 -52.15
N ALA DA 89 -43.12 47.63 -51.24
CA ALA DA 89 -41.91 46.86 -51.45
C ALA DA 89 -42.19 45.41 -51.69
N LEU DA 90 -43.18 44.86 -50.99
CA LEU DA 90 -43.51 43.46 -51.16
C LEU DA 90 -44.04 43.23 -52.53
N VAL DA 91 -44.89 44.14 -52.99
CA VAL DA 91 -45.44 44.03 -54.31
C VAL DA 91 -44.34 44.07 -55.35
N ASN DA 92 -43.38 44.97 -55.16
CA ASN DA 92 -42.23 45.06 -56.05
C ASN DA 92 -41.51 43.73 -56.11
N MET DA 93 -41.32 43.14 -54.95
CA MET DA 93 -40.68 41.85 -54.84
C MET DA 93 -41.42 40.78 -55.57
N ILE DA 94 -42.71 40.68 -55.30
CA ILE DA 94 -43.53 39.63 -55.86
C ILE DA 94 -43.57 39.71 -57.35
N ASN DA 95 -43.68 40.92 -57.89
CA ASN DA 95 -43.71 41.09 -59.33
C ASN DA 95 -42.49 40.48 -59.98
N GLY DA 96 -41.32 40.74 -59.42
CA GLY DA 96 -40.08 40.20 -59.96
C GLY DA 96 -40.01 38.70 -59.74
N LEU DA 97 -40.42 38.26 -58.57
CA LEU DA 97 -40.40 36.86 -58.24
C LEU DA 97 -41.29 36.04 -59.14
N LYS DA 98 -42.49 36.52 -59.35
CA LYS DA 98 -43.42 35.85 -60.23
C LYS DA 98 -42.84 35.70 -61.61
N GLY DA 99 -42.38 36.81 -62.21
CA GLY DA 99 -41.80 36.77 -63.54
C GLY DA 99 -40.62 35.81 -63.60
N TYR DA 100 -39.81 35.84 -62.54
CA TYR DA 100 -38.67 34.95 -62.40
C TYR DA 100 -39.06 33.52 -62.57
N TYR DA 101 -40.03 33.06 -61.79
CA TYR DA 101 -40.47 31.68 -61.90
C TYR DA 101 -41.13 31.35 -63.23
N ILE DA 102 -41.89 32.28 -63.77
CA ILE DA 102 -42.56 32.03 -65.02
C ILE DA 102 -41.59 31.71 -66.12
N SER DA 103 -40.56 32.51 -66.25
CA SER DA 103 -39.65 32.34 -67.35
C SER DA 103 -38.43 31.49 -67.03
N ALA DA 104 -38.00 31.49 -65.77
CA ALA DA 104 -36.83 30.69 -65.41
C ALA DA 104 -37.17 29.24 -65.31
N PHE DA 105 -38.36 28.93 -64.76
CA PHE DA 105 -38.73 27.56 -64.52
C PHE DA 105 -39.98 27.15 -65.24
N ASN DA 106 -40.47 28.02 -66.10
CA ASN DA 106 -41.69 27.73 -66.85
C ASN DA 106 -42.87 27.49 -65.92
N ALA DA 107 -42.94 28.25 -64.84
CA ALA DA 107 -44.05 28.12 -63.92
C ALA DA 107 -45.29 28.76 -64.53
N ASN DA 108 -46.45 28.17 -64.27
CA ASN DA 108 -47.69 28.63 -64.86
C ASN DA 108 -48.32 29.78 -64.08
N PRO DA 109 -48.23 31.03 -64.61
CA PRO DA 109 -48.83 32.27 -64.08
C PRO DA 109 -50.12 32.04 -63.31
N GLN DA 110 -51.01 31.22 -63.85
CA GLN DA 110 -52.30 30.97 -63.22
C GLN DA 110 -52.16 30.37 -61.86
N VAL DA 111 -51.33 29.36 -61.75
CA VAL DA 111 -51.15 28.71 -60.49
C VAL DA 111 -50.38 29.61 -59.58
N LEU DA 112 -49.41 30.34 -60.14
CA LEU DA 112 -48.60 31.25 -59.35
C LEU DA 112 -49.46 32.28 -58.68
N ASP DA 113 -50.46 32.77 -59.40
CA ASP DA 113 -51.38 33.72 -58.85
C ASP DA 113 -52.19 33.10 -57.75
N ALA DA 114 -52.60 31.86 -57.95
CA ALA DA 114 -53.35 31.15 -56.94
C ALA DA 114 -52.56 31.06 -55.65
N VAL DA 115 -51.27 30.79 -55.76
CA VAL DA 115 -50.41 30.72 -54.58
C VAL DA 115 -50.37 32.04 -53.86
N VAL DA 116 -50.19 33.12 -54.62
CA VAL DA 116 -50.17 34.45 -54.04
C VAL DA 116 -51.51 34.79 -53.39
N ASN DA 117 -52.59 34.31 -54.01
CA ASN DA 117 -53.93 34.54 -53.51
C ASN DA 117 -54.22 33.81 -52.20
N ILE DA 118 -53.28 33.00 -51.73
CA ILE DA 118 -53.40 32.36 -50.45
C ILE DA 118 -52.59 33.10 -49.44
N ILE DA 119 -51.33 33.31 -49.78
CA ILE DA 119 -50.40 33.93 -48.88
C ILE DA 119 -50.75 35.39 -48.62
N THR DA 120 -51.00 36.13 -49.69
CA THR DA 120 -51.36 37.52 -49.56
C THR DA 120 -52.85 37.68 -49.55
N GLY DA 121 -53.52 36.84 -50.30
CA GLY DA 121 -54.96 36.90 -50.40
C GLY DA 121 -55.39 37.60 -51.67
N SER DA 122 -54.44 38.25 -52.34
CA SER DA 122 -54.75 38.98 -53.55
C SER DA 122 -53.57 38.96 -54.49
N PRO DA 123 -53.81 39.12 -55.79
CA PRO DA 123 -52.84 39.21 -56.86
C PRO DA 123 -51.90 40.37 -56.64
N THR DA 124 -50.76 40.30 -57.27
CA THR DA 124 -49.77 41.35 -57.16
C THR DA 124 -49.97 42.41 -58.22
N GLY DA 125 -48.89 42.94 -58.78
CA GLY DA 125 -48.98 43.97 -59.81
C GLY DA 125 -49.14 45.34 -59.16
N TYR DA 126 -50.27 45.53 -58.48
CA TYR DA 126 -50.58 46.77 -57.79
C TYR DA 126 -50.88 46.50 -56.32
N VAL DA 127 -50.61 47.49 -55.47
CA VAL DA 127 -50.83 47.34 -54.04
C VAL DA 127 -52.32 47.23 -53.73
N SER DA 128 -52.71 46.13 -53.08
CA SER DA 128 -54.10 45.91 -52.74
C SER DA 128 -54.27 44.82 -51.69
N SER EA 1 -35.78 37.42 -39.80
CA SER EA 1 -35.66 38.65 -39.04
C SER EA 1 -35.51 38.38 -37.54
N ARG EA 2 -34.85 39.30 -36.84
CA ARG EA 2 -34.56 39.12 -35.43
C ARG EA 2 -34.83 40.36 -34.60
N SER EA 3 -35.59 40.18 -33.52
CA SER EA 3 -35.86 41.24 -32.57
C SER EA 3 -34.69 41.43 -31.65
N TYR EA 4 -34.69 42.51 -30.88
CA TYR EA 4 -33.63 42.73 -29.91
C TYR EA 4 -33.44 41.56 -29.00
N SER EA 5 -34.53 41.06 -28.45
CA SER EA 5 -34.46 39.92 -27.56
C SER EA 5 -33.67 38.80 -28.20
N GLN EA 6 -33.95 38.54 -29.46
CA GLN EA 6 -33.25 37.51 -30.20
C GLN EA 6 -31.82 37.87 -30.49
N ARG EA 7 -31.57 39.13 -30.84
CA ARG EA 7 -30.23 39.58 -31.16
C ARG EA 7 -29.31 39.33 -30.01
N TYR EA 8 -29.73 39.80 -28.86
CA TYR EA 8 -28.97 39.68 -27.67
C TYR EA 8 -28.83 38.27 -27.22
N ALA EA 9 -29.93 37.53 -27.21
CA ALA EA 9 -29.91 36.15 -26.75
C ALA EA 9 -28.81 35.36 -27.41
N LYS EA 10 -28.76 35.39 -28.74
CA LYS EA 10 -27.76 34.62 -29.44
C LYS EA 10 -26.39 35.18 -29.24
N TRP EA 11 -26.27 36.51 -29.21
CA TRP EA 11 -24.98 37.14 -28.96
C TRP EA 11 -24.41 36.66 -27.68
N GLN EA 12 -25.24 36.56 -26.67
CA GLN EA 12 -24.79 36.13 -25.38
C GLN EA 12 -24.30 34.73 -25.41
N ALA EA 13 -25.03 33.87 -26.08
CA ALA EA 13 -24.66 32.46 -26.15
C ALA EA 13 -23.32 32.28 -26.81
N LYS EA 14 -23.07 33.03 -27.88
CA LYS EA 14 -21.84 32.92 -28.59
C LYS EA 14 -20.71 33.54 -27.85
N PHE EA 15 -20.98 34.63 -27.15
CA PHE EA 15 -19.95 35.26 -26.35
C PHE EA 15 -19.48 34.30 -25.27
N ASN EA 16 -20.44 33.68 -24.60
CA ASN EA 16 -20.14 32.74 -23.55
C ASN EA 16 -19.30 31.62 -24.06
N ALA EA 17 -19.69 31.06 -25.21
CA ALA EA 17 -18.96 29.97 -25.81
C ALA EA 17 -17.53 30.34 -26.06
N PHE EA 18 -17.31 31.47 -26.70
CA PHE EA 18 -15.99 31.93 -27.02
C PHE EA 18 -15.11 32.09 -25.81
N SER EA 19 -15.68 32.58 -24.71
CA SER EA 19 -14.89 32.85 -23.50
C SER EA 19 -14.25 31.58 -22.91
N ASN EA 20 -14.74 30.41 -23.30
CA ASN EA 20 -14.20 29.14 -22.83
C ASN EA 20 -12.75 28.94 -23.27
N PRO EA 21 -11.80 28.88 -22.32
CA PRO EA 21 -10.35 28.68 -22.53
C PRO EA 21 -10.00 27.89 -23.78
N THR EA 22 -10.67 26.76 -23.95
CA THR EA 22 -10.31 25.85 -25.01
C THR EA 22 -10.90 26.26 -26.31
N VAL EA 23 -12.03 26.94 -26.25
CA VAL EA 23 -12.66 27.39 -27.46
C VAL EA 23 -11.93 28.55 -28.01
N ALA EA 24 -11.61 29.49 -27.15
CA ALA EA 24 -10.88 30.66 -27.56
C ALA EA 24 -9.55 30.28 -28.15
N SER EA 25 -8.83 29.43 -27.44
CA SER EA 25 -7.51 29.05 -27.90
C SER EA 25 -7.54 28.19 -29.12
N THR EA 26 -8.56 27.35 -29.24
CA THR EA 26 -8.68 26.54 -30.43
C THR EA 26 -8.83 27.40 -31.64
N ILE EA 27 -9.79 28.29 -31.58
CA ILE EA 27 -10.06 29.13 -32.71
C ILE EA 27 -8.90 30.05 -33.01
N LEU EA 28 -8.43 30.75 -32.01
CA LEU EA 28 -7.42 31.75 -32.19
C LEU EA 28 -6.10 31.17 -32.63
N SER EA 29 -5.74 30.01 -32.11
CA SER EA 29 -4.50 29.40 -32.52
C SER EA 29 -4.60 28.84 -33.91
N ASN EA 30 -5.80 28.45 -34.33
CA ASN EA 30 -5.98 27.94 -35.67
C ASN EA 30 -5.93 29.04 -36.70
N VAL EA 31 -6.45 30.22 -36.36
CA VAL EA 31 -6.47 31.32 -37.31
C VAL EA 31 -5.30 32.23 -37.14
N SER EA 32 -4.39 31.89 -36.23
CA SER EA 32 -3.20 32.68 -36.02
C SER EA 32 -2.47 33.02 -37.32
N PRO EA 33 -1.72 32.07 -37.92
CA PRO EA 33 -0.92 32.30 -39.12
C PRO EA 33 -1.74 32.91 -40.27
N VAL EA 34 -3.05 32.67 -40.28
CA VAL EA 34 -3.91 33.20 -41.30
C VAL EA 34 -4.06 34.68 -41.10
N ALA EA 35 -4.38 35.06 -39.86
CA ALA EA 35 -4.52 36.45 -39.52
C ALA EA 35 -3.24 37.19 -39.76
N GLN EA 36 -2.13 36.54 -39.45
CA GLN EA 36 -0.83 37.13 -39.62
C GLN EA 36 -0.61 37.52 -41.04
N GLN EA 37 -0.97 36.63 -41.95
CA GLN EA 37 -0.87 36.90 -43.35
C GLN EA 37 -1.66 38.10 -43.74
N ASN EA 38 -2.90 38.16 -43.27
CA ASN EA 38 -3.79 39.24 -43.64
C ASN EA 38 -3.33 40.57 -43.09
N PHE EA 39 -2.83 40.56 -41.87
CA PHE EA 39 -2.33 41.77 -41.26
C PHE EA 39 -1.14 42.29 -42.02
N GLN EA 40 -0.20 41.40 -42.30
CA GLN EA 40 1.00 41.76 -43.02
C GLN EA 40 0.69 42.21 -44.43
N THR EA 41 -0.29 41.59 -45.05
CA THR EA 41 -0.61 41.90 -46.41
C THR EA 41 -1.19 43.29 -46.59
N ASN EA 42 -2.14 43.67 -45.75
CA ASN EA 42 -2.81 44.94 -45.95
C ASN EA 42 -2.31 46.10 -45.11
N VAL EA 43 -1.84 45.85 -43.89
CA VAL EA 43 -1.51 46.97 -43.00
C VAL EA 43 -0.45 47.95 -43.51
N PRO EA 44 0.67 47.49 -44.08
CA PRO EA 44 1.77 48.27 -44.65
C PRO EA 44 1.25 49.27 -45.67
N LYS EA 45 0.14 48.92 -46.33
CA LYS EA 45 -0.44 49.77 -47.35
C LYS EA 45 -0.97 51.04 -46.74
N PHE EA 46 -1.46 50.94 -45.51
CA PHE EA 46 -2.03 52.08 -44.83
C PHE EA 46 -1.01 52.81 -44.02
N THR EA 47 0.03 52.10 -43.60
CA THR EA 47 1.10 52.77 -42.90
C THR EA 47 1.77 53.77 -43.79
N SER EA 48 2.00 53.39 -45.04
CA SER EA 48 2.62 54.31 -45.99
C SER EA 48 1.75 55.53 -46.21
N VAL EA 49 0.43 55.36 -46.09
CA VAL EA 49 -0.49 56.47 -46.20
C VAL EA 49 -0.34 57.38 -45.04
N ASN EA 50 -0.28 56.82 -43.85
CA ASN EA 50 -0.11 57.60 -42.64
C ASN EA 50 1.13 58.43 -42.72
N GLU EA 51 2.18 57.85 -43.27
CA GLU EA 51 3.43 58.52 -43.39
C GLU EA 51 3.39 59.67 -44.35
N ASN EA 52 2.92 59.40 -45.56
CA ASN EA 52 2.91 60.42 -46.59
C ASN EA 52 1.94 61.52 -46.26
N VAL EA 53 0.80 61.17 -45.71
CA VAL EA 53 -0.18 62.15 -45.32
C VAL EA 53 0.37 63.00 -44.19
N SER EA 54 1.06 62.37 -43.26
CA SER EA 54 1.68 63.09 -42.19
C SER EA 54 2.62 64.14 -42.72
N ALA EA 55 3.43 63.76 -43.70
CA ALA EA 55 4.37 64.70 -44.30
C ALA EA 55 3.64 65.92 -44.82
N VAL EA 56 2.54 65.68 -45.51
CA VAL EA 56 1.71 66.75 -46.03
C VAL EA 56 1.23 67.66 -44.94
N LEU EA 57 0.70 67.06 -43.88
CA LEU EA 57 0.12 67.82 -42.81
C LEU EA 57 1.13 68.69 -42.13
N THR EA 58 2.36 68.22 -42.03
CA THR EA 58 3.42 69.03 -41.48
C THR EA 58 3.70 70.23 -42.36
N GLN EA 59 3.69 70.01 -43.68
CA GLN EA 59 3.86 71.12 -44.63
C GLN EA 59 2.73 72.15 -44.52
N TYR EA 60 1.52 71.70 -44.18
CA TYR EA 60 0.40 72.61 -44.00
C TYR EA 60 0.25 73.16 -42.59
N GLY EA 61 1.16 72.81 -41.70
CA GLY EA 61 1.12 73.37 -40.37
C GLY EA 61 0.04 72.77 -39.49
N ILE EA 62 -0.43 71.59 -39.84
CA ILE EA 62 -1.52 70.96 -39.12
C ILE EA 62 -0.99 70.22 -37.91
N THR EA 63 -1.56 70.51 -36.75
CA THR EA 63 -1.10 69.88 -35.50
C THR EA 63 -2.24 69.26 -34.72
N GLY EA 64 -1.87 68.41 -33.78
CA GLY EA 64 -2.83 67.81 -32.88
C GLY EA 64 -3.85 66.97 -33.61
N PRO EA 65 -5.06 66.91 -33.06
CA PRO EA 65 -6.22 66.18 -33.54
C PRO EA 65 -6.61 66.61 -34.92
N ASN EA 66 -6.17 67.79 -35.35
CA ASN EA 66 -6.49 68.24 -36.66
C ASN EA 66 -5.79 67.37 -37.68
N ARG EA 67 -4.62 66.84 -37.31
CA ARG EA 67 -3.92 65.94 -38.18
C ARG EA 67 -4.70 64.69 -38.28
N ALA EA 68 -5.23 64.25 -37.14
CA ALA EA 68 -6.03 63.04 -37.07
C ALA EA 68 -7.24 63.10 -37.98
N ILE EA 69 -7.84 64.29 -38.11
CA ILE EA 69 -8.96 64.46 -39.01
C ILE EA 69 -8.58 64.10 -40.42
N TYR EA 70 -7.48 64.67 -40.88
CA TYR EA 70 -7.06 64.46 -42.24
C TYR EA 70 -6.52 63.06 -42.45
N GLN EA 71 -5.91 62.50 -41.41
CA GLN EA 71 -5.42 61.15 -41.49
C GLN EA 71 -6.56 60.19 -41.70
N GLY EA 72 -7.66 60.41 -40.97
CA GLY EA 72 -8.84 59.57 -41.12
C GLY EA 72 -9.37 59.63 -42.53
N PHE EA 73 -9.44 60.83 -43.06
CA PHE EA 73 -9.87 61.02 -44.42
C PHE EA 73 -9.00 60.25 -45.40
N GLY EA 74 -7.68 60.39 -45.27
CA GLY EA 74 -6.74 59.72 -46.15
C GLY EA 74 -6.89 58.21 -46.06
N LEU EA 75 -7.02 57.70 -44.87
CA LEU EA 75 -7.17 56.27 -44.66
C LEU EA 75 -8.42 55.75 -45.33
N LYS EA 76 -9.49 56.53 -45.28
CA LYS EA 76 -10.72 56.16 -45.92
C LYS EA 76 -10.57 56.09 -47.42
N VAL EA 77 -9.84 57.03 -47.99
CA VAL EA 77 -9.59 57.02 -49.42
C VAL EA 77 -8.89 55.73 -49.82
N ALA EA 78 -7.87 55.38 -49.07
CA ALA EA 78 -7.11 54.17 -49.32
C ALA EA 78 -7.97 52.92 -49.16
N ARG EA 79 -8.85 52.92 -48.17
CA ARG EA 79 -9.74 51.79 -47.95
C ARG EA 79 -10.58 51.50 -49.15
N ALA EA 80 -11.21 52.54 -49.67
CA ALA EA 80 -12.05 52.42 -50.83
C ALA EA 80 -11.23 51.93 -52.01
N LEU EA 81 -10.03 52.46 -52.14
CA LEU EA 81 -9.17 52.04 -53.20
C LEU EA 81 -8.93 50.55 -53.15
N ASN EA 82 -8.63 50.03 -51.97
CA ASN EA 82 -8.41 48.58 -51.84
C ASN EA 82 -9.64 47.74 -52.13
N ARG EA 83 -10.81 48.20 -51.70
CA ARG EA 83 -12.02 47.40 -51.83
C ARG EA 83 -12.80 47.68 -53.13
N ILE EA 84 -12.46 48.76 -53.82
CA ILE EA 84 -13.11 49.11 -55.08
C ILE EA 84 -12.14 49.12 -56.24
N GLY EA 85 -11.01 49.76 -56.04
CA GLY EA 85 -10.03 49.92 -57.10
C GLY EA 85 -10.19 51.28 -57.72
N SER EA 86 -9.17 51.73 -58.46
CA SER EA 86 -9.21 53.06 -59.06
C SER EA 86 -10.20 53.13 -60.20
N GLY EA 87 -10.58 54.34 -60.57
CA GLY EA 87 -11.52 54.55 -61.66
C GLY EA 87 -12.82 55.15 -61.14
N PRO EA 88 -13.79 55.30 -62.05
CA PRO EA 88 -15.14 55.85 -61.86
C PRO EA 88 -15.67 55.71 -60.43
N ALA EA 89 -15.81 54.47 -59.98
CA ALA EA 89 -16.39 54.22 -58.67
C ALA EA 89 -15.62 54.91 -57.56
N LEU EA 90 -14.31 54.95 -57.67
CA LEU EA 90 -13.49 55.61 -56.67
C LEU EA 90 -13.76 57.07 -56.68
N VAL EA 91 -13.88 57.62 -57.87
CA VAL EA 91 -14.18 59.04 -58.03
C VAL EA 91 -15.48 59.37 -57.33
N ASN EA 92 -16.49 58.54 -57.54
CA ASN EA 92 -17.78 58.73 -56.92
C ASN EA 92 -17.65 58.72 -55.42
N MET EA 93 -16.85 57.79 -54.93
CA MET EA 93 -16.61 57.66 -53.51
C MET EA 93 -15.96 58.88 -52.92
N ILE EA 94 -14.88 59.33 -53.54
CA ILE EA 94 -14.11 60.42 -53.00
C ILE EA 94 -14.92 61.69 -52.94
N ASN EA 95 -15.72 61.94 -53.97
CA ASN EA 95 -16.56 63.12 -53.98
C ASN EA 95 -17.46 63.16 -52.77
N GLY EA 96 -18.11 62.03 -52.47
CA GLY EA 96 -18.99 61.95 -51.33
C GLY EA 96 -18.21 62.07 -50.04
N LEU EA 97 -17.07 61.41 -50.00
CA LEU EA 97 -16.21 61.42 -48.83
C LEU EA 97 -15.78 62.82 -48.46
N LYS EA 98 -15.35 63.58 -49.45
CA LYS EA 98 -14.97 64.94 -49.20
C LYS EA 98 -16.13 65.71 -48.63
N GLY EA 99 -17.31 65.54 -49.21
CA GLY EA 99 -18.49 66.21 -48.70
C GLY EA 99 -18.70 65.87 -47.23
N TYR EA 100 -18.52 64.60 -46.90
CA TYR EA 100 -18.66 64.13 -45.54
C TYR EA 100 -17.75 64.89 -44.61
N TYR EA 101 -16.47 64.90 -44.89
CA TYR EA 101 -15.53 65.56 -43.99
C TYR EA 101 -15.62 67.07 -43.99
N ILE EA 102 -15.83 67.65 -45.15
CA ILE EA 102 -15.89 69.09 -45.24
C ILE EA 102 -17.02 69.64 -44.43
N SER EA 103 -18.18 69.06 -44.56
CA SER EA 103 -19.34 69.62 -43.91
C SER EA 103 -19.65 69.00 -42.55
N ALA EA 104 -19.27 67.75 -42.33
CA ALA EA 104 -19.57 67.13 -41.04
C ALA EA 104 -18.55 67.48 -40.01
N PHE EA 105 -17.28 67.58 -40.42
CA PHE EA 105 -16.20 67.85 -39.48
C PHE EA 105 -15.51 69.14 -39.74
N ASN EA 106 -16.00 69.91 -40.70
CA ASN EA 106 -15.42 71.20 -41.04
C ASN EA 106 -13.98 71.06 -41.49
N ALA EA 107 -13.67 70.00 -42.23
CA ALA EA 107 -12.33 69.82 -42.75
C ALA EA 107 -12.09 70.78 -43.90
N ASN EA 108 -10.85 71.23 -44.04
CA ASN EA 108 -10.51 72.22 -45.06
C ASN EA 108 -10.30 71.59 -46.44
N PRO EA 109 -11.31 71.69 -47.33
CA PRO EA 109 -11.32 71.21 -48.72
C PRO EA 109 -9.94 71.22 -49.38
N GLN EA 110 -9.21 72.31 -49.23
CA GLN EA 110 -7.93 72.46 -49.88
C GLN EA 110 -6.92 71.45 -49.37
N VAL EA 111 -6.90 71.25 -48.06
CA VAL EA 111 -5.99 70.30 -47.49
C VAL EA 111 -6.42 68.91 -47.85
N LEU EA 112 -7.74 68.69 -47.90
CA LEU EA 112 -8.27 67.40 -48.26
C LEU EA 112 -7.82 66.99 -49.64
N ASP EA 113 -7.81 67.96 -50.54
CA ASP EA 113 -7.33 67.72 -51.88
C ASP EA 113 -5.87 67.40 -51.90
N ALA EA 114 -5.10 68.05 -51.01
CA ALA EA 114 -3.69 67.75 -50.88
C ALA EA 114 -3.49 66.30 -50.46
N VAL EA 115 -4.35 65.80 -49.58
CA VAL EA 115 -4.27 64.40 -49.16
C VAL EA 115 -4.55 63.48 -50.32
N VAL EA 116 -5.60 63.76 -51.07
CA VAL EA 116 -5.96 62.96 -52.23
C VAL EA 116 -4.83 62.98 -53.26
N ASN EA 117 -4.22 64.16 -53.43
CA ASN EA 117 -3.10 64.34 -54.34
C ASN EA 117 -1.91 63.44 -54.05
N ILE EA 118 -1.87 62.83 -52.88
CA ILE EA 118 -0.81 61.93 -52.54
C ILE EA 118 -1.23 60.52 -52.75
N ILE EA 119 -2.36 60.16 -52.18
CA ILE EA 119 -2.84 58.80 -52.23
C ILE EA 119 -3.17 58.38 -53.64
N THR EA 120 -3.88 59.23 -54.36
CA THR EA 120 -4.24 58.94 -55.73
C THR EA 120 -3.23 59.52 -56.68
N GLY EA 121 -2.62 60.62 -56.26
CA GLY EA 121 -1.63 61.29 -57.07
C GLY EA 121 -2.18 62.58 -57.64
N SER EA 122 -3.49 62.75 -57.53
CA SER EA 122 -4.15 63.95 -58.01
C SER EA 122 -5.53 64.04 -57.39
N PRO EA 123 -6.12 65.22 -57.39
CA PRO EA 123 -7.46 65.47 -56.97
C PRO EA 123 -8.40 64.66 -57.83
N THR EA 124 -9.59 64.40 -57.35
CA THR EA 124 -10.46 63.49 -58.07
C THR EA 124 -11.30 64.19 -59.11
N GLY EA 125 -12.54 63.74 -59.29
CA GLY EA 125 -13.41 64.30 -60.33
C GLY EA 125 -13.05 63.69 -61.68
N TYR EA 126 -11.84 63.94 -62.12
CA TYR EA 126 -11.33 63.39 -63.33
C TYR EA 126 -10.38 62.26 -63.00
N VAL EA 127 -10.35 61.23 -63.83
CA VAL EA 127 -9.46 60.12 -63.60
C VAL EA 127 -8.11 60.38 -64.26
N SER EA 128 -7.07 60.51 -63.44
CA SER EA 128 -5.75 60.75 -63.95
C SER EA 128 -4.71 60.60 -62.84
N SER FA 1 4.42 57.45 -32.73
CA SER FA 1 5.29 57.39 -33.89
C SER FA 1 5.86 56.00 -34.09
N ARG FA 2 5.27 55.24 -35.01
CA ARG FA 2 5.73 53.87 -35.28
C ARG FA 2 5.63 53.51 -36.75
N SER FA 3 6.58 52.72 -37.22
CA SER FA 3 6.55 52.16 -38.57
C SER FA 3 5.61 51.00 -38.59
N TYR FA 4 5.32 50.46 -39.77
CA TYR FA 4 4.40 49.36 -39.81
C TYR FA 4 5.05 48.16 -39.21
N SER FA 5 6.37 48.09 -39.29
CA SER FA 5 7.08 46.96 -38.78
C SER FA 5 6.96 46.89 -37.30
N GLN FA 6 6.92 48.05 -36.68
CA GLN FA 6 6.70 48.15 -35.26
C GLN FA 6 5.28 47.87 -34.90
N ARG FA 7 4.35 48.37 -35.72
CA ARG FA 7 2.94 48.14 -35.49
C ARG FA 7 2.65 46.66 -35.51
N TYR FA 8 3.19 45.99 -36.51
CA TYR FA 8 3.04 44.57 -36.65
C TYR FA 8 3.70 43.83 -35.56
N ALA FA 9 4.95 44.15 -35.29
CA ALA FA 9 5.70 43.43 -34.28
C ALA FA 9 4.93 43.34 -32.98
N LYS FA 10 4.46 44.47 -32.49
CA LYS FA 10 3.76 44.47 -31.24
C LYS FA 10 2.41 43.81 -31.37
N TRP FA 11 1.72 44.05 -32.48
CA TRP FA 11 0.44 43.41 -32.72
C TRP FA 11 0.56 41.92 -32.66
N GLN FA 12 1.63 41.40 -33.23
CA GLN FA 12 1.85 39.99 -33.25
C GLN FA 12 2.04 39.46 -31.87
N ALA FA 13 2.84 40.15 -31.07
CA ALA FA 13 3.11 39.73 -29.72
C ALA FA 13 1.85 39.69 -28.90
N LYS FA 14 0.99 40.68 -29.08
CA LYS FA 14 -0.23 40.75 -28.33
C LYS FA 14 -1.25 39.77 -28.79
N PHE FA 15 -1.27 39.50 -30.08
CA PHE FA 15 -2.18 38.52 -30.60
C PHE FA 15 -1.81 37.16 -30.05
N ASN FA 16 -0.52 36.86 -30.05
CA ASN FA 16 -0.03 35.61 -29.52
C ASN FA 16 -0.43 35.45 -28.08
N ALA FA 17 -0.21 36.50 -27.30
CA ALA FA 17 -0.55 36.48 -25.89
C ALA FA 17 -2.00 36.14 -25.69
N PHE FA 18 -2.86 36.87 -26.37
CA PHE FA 18 -4.29 36.68 -26.23
C PHE FA 18 -4.73 35.29 -26.57
N SER FA 19 -4.12 34.68 -27.58
CA SER FA 19 -4.52 33.35 -28.03
C SER FA 19 -4.30 32.26 -26.97
N ASN FA 20 -3.50 32.56 -25.95
CA ASN FA 20 -3.22 31.61 -24.88
C ASN FA 20 -4.47 31.33 -24.05
N PRO FA 21 -4.96 30.07 -24.06
CA PRO FA 21 -6.15 29.59 -23.32
C PRO FA 21 -6.40 30.35 -22.04
N THR FA 22 -5.36 30.51 -21.23
CA THR FA 22 -5.49 31.14 -19.95
C THR FA 22 -5.73 32.60 -20.09
N VAL FA 23 -4.97 33.24 -20.94
CA VAL FA 23 -5.11 34.67 -21.14
C VAL FA 23 -6.44 35.01 -21.72
N ALA FA 24 -6.84 34.27 -22.71
CA ALA FA 24 -8.11 34.52 -23.37
C ALA FA 24 -9.24 34.41 -22.39
N SER FA 25 -9.29 33.30 -21.65
CA SER FA 25 -10.38 33.09 -20.75
C SER FA 25 -10.33 33.98 -19.55
N THR FA 26 -9.14 34.36 -19.12
CA THR FA 26 -9.03 35.26 -18.00
C THR FA 26 -9.65 36.57 -18.32
N ILE FA 27 -9.24 37.15 -19.42
CA ILE FA 27 -9.75 38.43 -19.80
C ILE FA 27 -11.22 38.37 -20.11
N LEU FA 28 -11.61 37.43 -20.95
CA LEU FA 28 -12.97 37.36 -21.43
C LEU FA 28 -13.95 37.04 -20.34
N SER FA 29 -13.57 36.17 -19.41
CA SER FA 29 -14.46 35.83 -18.33
C SER FA 29 -14.58 36.98 -17.35
N ASN FA 30 -13.53 37.79 -17.24
CA ASN FA 30 -13.60 38.93 -16.34
C ASN FA 30 -14.44 40.05 -16.90
N VAL FA 31 -14.41 40.23 -18.23
CA VAL FA 31 -15.18 41.30 -18.83
C VAL FA 31 -16.52 40.84 -19.30
N SER FA 32 -16.84 39.58 -19.06
CA SER FA 32 -18.13 39.03 -19.43
C SER FA 32 -19.31 39.92 -19.01
N PRO FA 33 -19.69 39.92 -17.71
CA PRO FA 33 -20.84 40.68 -17.21
C PRO FA 33 -20.77 42.18 -17.57
N VAL FA 34 -19.55 42.70 -17.76
CA VAL FA 34 -19.36 44.07 -18.14
C VAL FA 34 -19.82 44.28 -19.55
N ALA FA 35 -19.37 43.39 -20.43
CA ALA FA 35 -19.76 43.41 -21.82
C ALA FA 35 -21.24 43.29 -21.95
N GLN FA 36 -21.84 42.45 -21.13
CA GLN FA 36 -23.25 42.23 -21.17
C GLN FA 36 -23.99 43.50 -20.91
N GLN FA 37 -23.53 44.25 -19.92
CA GLN FA 37 -24.14 45.52 -19.61
C GLN FA 37 -24.04 46.48 -20.76
N ASN FA 38 -22.88 46.54 -21.37
CA ASN FA 38 -22.65 47.48 -22.44
C ASN FA 38 -23.47 47.14 -23.67
N PHE FA 39 -23.56 45.85 -23.96
CA PHE FA 39 -24.34 45.38 -25.08
C PHE FA 39 -25.80 45.69 -24.85
N GLN FA 40 -26.30 45.34 -23.67
CA GLN FA 40 -27.68 45.57 -23.35
C GLN FA 40 -28.04 47.03 -23.38
N THR FA 41 -27.12 47.86 -22.96
CA THR FA 41 -27.39 49.28 -22.88
C THR FA 41 -27.51 49.95 -24.24
N ASN FA 42 -26.52 49.74 -25.11
CA ASN FA 42 -26.51 50.49 -26.36
C ASN FA 42 -27.14 49.79 -27.56
N VAL FA 43 -27.33 48.49 -27.51
CA VAL FA 43 -27.82 47.80 -28.70
C VAL FA 43 -29.33 47.98 -29.04
N PRO FA 44 -30.26 47.74 -28.08
CA PRO FA 44 -31.70 47.85 -28.32
C PRO FA 44 -32.09 49.22 -28.89
N LYS FA 45 -31.23 50.22 -28.65
CA LYS FA 45 -31.42 51.55 -29.18
C LYS FA 45 -31.44 51.55 -30.68
N PHE FA 46 -30.59 50.71 -31.27
CA PHE FA 46 -30.46 50.64 -32.71
C PHE FA 46 -31.41 49.63 -33.29
N THR FA 47 -31.78 48.64 -32.48
CA THR FA 47 -32.75 47.67 -32.94
C THR FA 47 -34.08 48.34 -33.22
N SER FA 48 -34.48 49.26 -32.34
CA SER FA 48 -35.72 49.98 -32.54
C SER FA 48 -35.67 50.83 -33.79
N VAL FA 49 -34.46 51.31 -34.12
CA VAL FA 49 -34.27 52.07 -35.34
C VAL FA 49 -34.52 51.20 -36.52
N ASN FA 50 -33.96 50.00 -36.49
CA ASN FA 50 -34.10 49.07 -37.58
C ASN FA 50 -35.54 48.76 -37.87
N GLU FA 51 -36.35 48.58 -36.82
CA GLU FA 51 -37.76 48.28 -37.04
C GLU FA 51 -38.47 49.43 -37.75
N ASN FA 52 -38.33 50.64 -37.22
CA ASN FA 52 -39.03 51.78 -37.80
C ASN FA 52 -38.51 52.12 -39.19
N VAL FA 53 -37.19 52.12 -39.36
CA VAL FA 53 -36.60 52.44 -40.64
C VAL FA 53 -37.00 51.44 -41.68
N SER FA 54 -36.99 50.17 -41.30
CA SER FA 54 -37.38 49.13 -42.21
C SER FA 54 -38.80 49.34 -42.67
N ALA FA 55 -39.69 49.67 -41.73
CA ALA FA 55 -41.07 49.91 -42.07
C ALA FA 55 -41.20 51.00 -43.12
N VAL FA 56 -40.45 52.07 -42.94
CA VAL FA 56 -40.44 53.15 -43.89
C VAL FA 56 -40.01 52.70 -45.25
N LEU FA 57 -38.94 51.93 -45.29
CA LEU FA 57 -38.41 51.46 -46.54
C LEU FA 57 -39.42 50.62 -47.29
N THR FA 58 -40.21 49.85 -46.56
CA THR FA 58 -41.28 49.09 -47.18
C THR FA 58 -42.33 50.01 -47.77
N GLN FA 59 -42.66 51.08 -47.06
CA GLN FA 59 -43.61 52.05 -47.59
C GLN FA 59 -43.06 52.79 -48.82
N TYR FA 60 -41.73 52.92 -48.91
CA TYR FA 60 -41.11 53.52 -50.09
C TYR FA 60 -40.79 52.51 -51.19
N GLY FA 61 -41.13 51.25 -50.99
CA GLY FA 61 -40.93 50.25 -52.03
C GLY FA 61 -39.47 49.82 -52.18
N ILE FA 62 -38.67 50.06 -51.16
CA ILE FA 62 -37.24 49.76 -51.22
C ILE FA 62 -36.99 48.31 -50.88
N THR FA 63 -36.26 47.62 -51.75
CA THR FA 63 -35.99 46.19 -51.54
C THR FA 63 -34.52 45.85 -51.64
N GLY FA 64 -34.17 44.69 -51.14
CA GLY FA 64 -32.82 44.18 -51.24
C GLY FA 64 -31.81 45.06 -50.55
N PRO FA 65 -30.61 45.09 -51.08
CA PRO FA 65 -29.46 45.83 -50.61
C PRO FA 65 -29.72 47.30 -50.59
N ASN FA 66 -30.73 47.75 -51.32
CA ASN FA 66 -31.05 49.14 -51.30
C ASN FA 66 -31.58 49.52 -49.95
N ARG FA 67 -32.24 48.58 -49.28
CA ARG FA 67 -32.72 48.82 -47.95
C ARG FA 67 -31.56 48.97 -47.05
N ALA FA 68 -30.57 48.10 -47.26
CA ALA FA 68 -29.35 48.09 -46.46
C ALA FA 68 -28.61 49.41 -46.56
N ILE FA 69 -28.66 50.05 -47.72
CA ILE FA 69 -28.04 51.36 -47.86
C ILE FA 69 -28.63 52.32 -46.87
N TYR FA 70 -29.95 52.34 -46.81
CA TYR FA 70 -30.63 53.26 -45.94
C TYR FA 70 -30.53 52.83 -44.49
N GLN FA 71 -30.43 51.53 -44.25
CA GLN FA 71 -30.25 51.05 -42.89
C GLN FA 71 -28.92 51.51 -42.36
N GLY FA 72 -27.89 51.43 -43.19
CA GLY FA 72 -26.56 51.88 -42.80
C GLY FA 72 -26.59 53.36 -42.48
N PHE FA 73 -27.23 54.13 -43.33
CA PHE FA 73 -27.38 55.54 -43.12
C PHE FA 73 -28.07 55.84 -41.80
N GLY FA 74 -29.23 55.23 -41.59
CA GLY FA 74 -30.02 55.46 -40.40
C GLY FA 74 -29.25 55.10 -39.15
N LEU FA 75 -28.61 53.97 -39.16
CA LEU FA 75 -27.85 53.52 -38.02
C LEU FA 75 -26.74 54.50 -37.68
N LYS FA 76 -26.10 55.03 -38.72
CA LYS FA 76 -25.03 55.99 -38.53
C LYS FA 76 -25.56 57.30 -37.96
N VAL FA 77 -26.76 57.70 -38.37
CA VAL FA 77 -27.40 58.87 -37.81
C VAL FA 77 -27.61 58.68 -36.32
N ALA FA 78 -28.14 57.52 -35.95
CA ALA FA 78 -28.41 57.20 -34.57
C ALA FA 78 -27.12 57.16 -33.76
N ARG FA 79 -26.06 56.62 -34.35
CA ARG FA 79 -24.76 56.61 -33.69
C ARG FA 79 -24.34 57.99 -33.26
N ALA FA 80 -24.38 58.92 -34.20
CA ALA FA 80 -24.00 60.28 -33.93
C ALA FA 80 -24.86 60.87 -32.84
N LEU FA 81 -26.14 60.57 -32.88
CA LEU FA 81 -27.03 61.03 -31.86
C LEU FA 81 -26.56 60.59 -30.49
N ASN FA 82 -26.20 59.33 -30.35
CA ASN FA 82 -25.71 58.83 -29.06
C ASN FA 82 -24.42 59.49 -28.60
N ARG FA 83 -23.46 59.63 -29.50
CA ARG FA 83 -22.14 60.12 -29.12
C ARG FA 83 -22.05 61.65 -29.08
N ILE FA 84 -22.91 62.33 -29.83
CA ILE FA 84 -22.94 63.79 -29.84
C ILE FA 84 -24.12 64.35 -29.06
N GLY FA 85 -25.30 63.83 -29.35
CA GLY FA 85 -26.53 64.34 -28.75
C GLY FA 85 -27.18 65.29 -29.72
N SER FA 86 -28.46 65.56 -29.52
CA SER FA 86 -29.18 66.42 -30.45
C SER FA 86 -28.72 67.86 -30.34
N GLY FA 87 -28.99 68.63 -31.38
CA GLY FA 87 -28.59 70.03 -31.41
C GLY FA 87 -27.62 70.29 -32.56
N PRO FA 88 -27.16 71.53 -32.66
CA PRO FA 88 -26.23 72.08 -33.66
C PRO FA 88 -25.28 71.04 -34.24
N ALA FA 89 -24.42 70.46 -33.40
CA ALA FA 89 -23.40 69.54 -33.87
C ALA FA 89 -23.99 68.36 -34.60
N LEU FA 90 -25.13 67.88 -34.14
CA LEU FA 90 -25.76 66.74 -34.77
C LEU FA 90 -26.20 67.12 -36.14
N VAL FA 91 -26.79 68.30 -36.26
CA VAL FA 91 -27.23 68.79 -37.54
C VAL FA 91 -26.06 68.89 -38.50
N ASN FA 92 -24.93 69.42 -38.00
CA ASN FA 92 -23.73 69.53 -38.81
C ASN FA 92 -23.33 68.17 -39.32
N MET FA 93 -23.36 67.18 -38.44
CA MET FA 93 -23.04 65.82 -38.78
C MET FA 93 -23.95 65.27 -39.83
N ILE FA 94 -25.25 65.41 -39.62
CA ILE FA 94 -26.22 64.82 -40.52
C ILE FA 94 -26.13 65.42 -41.89
N ASN FA 95 -25.90 66.72 -41.97
CA ASN FA 95 -25.77 67.37 -43.26
C ASN FA 95 -24.67 66.74 -44.08
N GLY FA 96 -23.52 66.51 -43.45
CA GLY FA 96 -22.41 65.89 -44.15
C GLY FA 96 -22.67 64.45 -44.46
N LEU FA 97 -23.28 63.75 -43.52
CA LEU FA 97 -23.61 62.35 -43.69
C LEU FA 97 -24.58 62.14 -44.82
N LYS FA 98 -25.62 62.93 -44.87
CA LYS FA 98 -26.59 62.84 -45.92
C LYS FA 98 -25.94 63.01 -47.27
N GLY FA 99 -25.20 64.12 -47.44
CA GLY FA 99 -24.52 64.39 -48.70
C GLY FA 99 -23.59 63.26 -49.08
N TYR FA 100 -22.89 62.73 -48.08
CA TYR FA 100 -22.00 61.61 -48.25
C TYR FA 100 -22.69 60.45 -48.91
N TYR FA 101 -23.79 60.00 -48.35
CA TYR FA 101 -24.53 58.89 -48.93
C TYR FA 101 -25.12 59.19 -50.29
N ILE FA 102 -25.60 60.42 -50.48
CA ILE FA 102 -26.21 60.76 -51.74
C ILE FA 102 -25.24 60.61 -52.88
N SER FA 103 -24.05 61.13 -52.72
CA SER FA 103 -23.10 61.13 -53.81
C SER FA 103 -22.14 59.95 -53.79
N ALA FA 104 -21.83 59.43 -52.62
CA ALA FA 104 -20.91 58.29 -52.55
C ALA FA 104 -21.58 57.02 -52.97
N PHE FA 105 -22.84 56.84 -52.55
CA PHE FA 105 -23.54 55.60 -52.81
C PHE FA 105 -24.78 55.77 -53.63
N ASN FA 106 -24.99 56.97 -54.15
CA ASN FA 106 -26.17 57.25 -54.95
C ASN FA 106 -27.45 57.01 -54.17
N ALA FA 107 -27.44 57.35 -52.88
CA ALA FA 107 -28.63 57.19 -52.08
C ALA FA 107 -29.63 58.28 -52.43
N ASN FA 108 -30.91 57.93 -52.39
CA ASN FA 108 -31.96 58.85 -52.79
C ASN FA 108 -32.39 59.78 -51.66
N PRO FA 109 -31.97 61.07 -51.72
CA PRO FA 109 -32.31 62.17 -50.79
C PRO FA 109 -33.68 62.02 -50.15
N GLN FA 110 -34.69 61.66 -50.95
CA GLN FA 110 -36.04 61.54 -50.45
C GLN FA 110 -36.17 60.50 -49.38
N VAL FA 111 -35.60 59.34 -49.63
CA VAL FA 111 -35.68 58.28 -48.67
C VAL FA 111 -34.80 58.61 -47.50
N LEU FA 112 -33.66 59.23 -47.77
CA LEU FA 112 -32.73 59.60 -46.72
C LEU FA 112 -33.39 60.52 -45.74
N ASP FA 113 -34.19 61.45 -46.24
CA ASP FA 113 -34.92 62.35 -45.40
C ASP FA 113 -35.94 61.61 -44.59
N ALA FA 114 -36.59 60.64 -45.21
CA ALA FA 114 -37.57 59.85 -44.49
C ALA FA 114 -36.94 59.13 -43.32
N VAL FA 115 -35.73 58.61 -43.52
CA VAL FA 115 -35.02 57.94 -42.44
C VAL FA 115 -34.74 58.90 -41.30
N VAL FA 116 -34.26 60.09 -41.64
CA VAL FA 116 -33.99 61.10 -40.63
C VAL FA 116 -35.27 61.51 -39.91
N ASN FA 117 -36.37 61.55 -40.65
CA ASN FA 117 -37.66 61.92 -40.10
C ASN FA 117 -38.23 60.87 -39.13
N ILE FA 118 -37.54 59.76 -38.97
CA ILE FA 118 -37.90 58.78 -38.00
C ILE FA 118 -37.04 58.91 -36.80
N ILE FA 119 -35.75 58.91 -37.03
CA ILE FA 119 -34.78 58.96 -35.97
C ILE FA 119 -34.81 60.27 -35.23
N THR FA 120 -34.80 61.37 -35.96
CA THR FA 120 -34.84 62.68 -35.36
C THR FA 120 -36.25 63.18 -35.30
N GLY FA 121 -37.02 62.83 -36.30
CA GLY FA 121 -38.41 63.26 -36.38
C GLY FA 121 -38.55 64.44 -37.33
N SER FA 122 -37.43 65.02 -37.73
CA SER FA 122 -37.46 66.16 -38.61
C SER FA 122 -36.23 66.18 -39.49
N PRO FA 123 -36.32 66.83 -40.66
CA PRO FA 123 -35.27 67.04 -41.63
C PRO FA 123 -34.12 67.79 -41.01
N THR FA 124 -32.97 67.66 -41.63
CA THR FA 124 -31.78 68.33 -41.16
C THR FA 124 -31.65 69.72 -41.78
N GLY FA 125 -30.43 70.12 -42.11
CA GLY FA 125 -30.20 71.42 -42.72
C GLY FA 125 -30.11 72.50 -41.64
N TYR FA 126 -31.22 72.70 -40.94
CA TYR FA 126 -31.29 73.68 -39.87
C TYR FA 126 -31.78 73.01 -38.59
N VAL FA 127 -31.37 73.57 -37.45
CA VAL FA 127 -31.74 73.00 -36.15
C VAL FA 127 -33.23 73.15 -35.90
N SER FA 128 -33.91 72.02 -35.67
CA SER FA 128 -35.35 72.04 -35.44
C SER FA 128 -35.84 70.73 -34.84
N SER GA 1 -20.60 55.54 -26.19
CA SER GA 1 -20.27 56.38 -25.05
C SER GA 1 -20.30 55.60 -23.75
N ARG GA 2 -19.52 56.04 -22.77
CA ARG GA 2 -19.40 55.33 -21.50
C ARG GA 2 -19.46 56.25 -20.30
N SER GA 3 -20.32 55.91 -19.36
CA SER GA 3 -20.44 56.62 -18.09
C SER GA 3 -19.34 56.20 -17.16
N TYR GA 4 -19.16 56.92 -16.06
CA TYR GA 4 -18.17 56.55 -15.08
C TYR GA 4 -18.32 55.12 -14.62
N SER GA 5 -19.55 54.74 -14.29
CA SER GA 5 -19.81 53.39 -13.85
C SER GA 5 -19.23 52.40 -14.83
N GLN GA 6 -19.46 52.65 -16.12
CA GLN GA 6 -18.95 51.79 -17.16
C GLN GA 6 -17.45 51.88 -17.30
N ARG GA 7 -16.90 53.09 -17.19
CA ARG GA 7 -15.47 53.27 -17.33
C ARG GA 7 -14.74 52.44 -16.34
N TYR GA 8 -15.13 52.58 -15.09
CA TYR GA 8 -14.53 51.88 -14.01
C TYR GA 8 -14.74 50.41 -14.08
N ALA GA 9 -15.98 50.00 -14.34
CA ALA GA 9 -16.31 48.59 -14.39
C ALA GA 9 -15.36 47.83 -15.28
N LYS GA 10 -15.19 48.29 -16.51
CA LYS GA 10 -14.34 47.58 -17.43
C LYS GA 10 -12.89 47.70 -17.05
N TRP GA 11 -12.49 48.87 -16.55
CA TRP GA 11 -11.11 49.05 -16.10
C TRP GA 11 -10.77 48.04 -15.06
N GLN GA 12 -11.69 47.80 -14.15
CA GLN GA 12 -11.46 46.88 -13.09
C GLN GA 12 -11.30 45.49 -13.61
N ALA GA 13 -12.15 45.10 -14.53
CA ALA GA 13 -12.11 43.77 -15.09
C ALA GA 13 -10.78 43.50 -15.77
N LYS GA 14 -10.28 44.49 -16.50
CA LYS GA 14 -9.04 44.32 -17.21
C LYS GA 14 -7.86 44.36 -16.30
N PHE GA 15 -7.94 45.18 -15.26
CA PHE GA 15 -6.88 45.24 -14.29
C PHE GA 15 -6.73 43.90 -13.61
N ASN GA 16 -7.85 43.34 -13.20
CA ASN GA 16 -7.87 42.06 -12.53
C ASN GA 16 -7.26 41.00 -13.41
N ALA GA 17 -7.66 40.97 -14.68
CA ALA GA 17 -7.16 40.01 -15.62
C ALA GA 17 -5.66 40.08 -15.72
N PHE GA 18 -5.14 41.28 -15.92
CA PHE GA 18 -3.72 41.48 -16.06
C PHE GA 18 -2.94 41.02 -14.86
N SER GA 19 -3.48 41.22 -13.66
CA SER GA 19 -2.75 40.86 -12.45
C SER GA 19 -2.47 39.36 -12.32
N ASN GA 20 -3.18 38.54 -13.10
CA ASN GA 20 -2.98 37.10 -13.09
C ASN GA 20 -1.58 36.73 -13.57
N PRO GA 21 -0.75 36.11 -12.70
CA PRO GA 21 0.63 35.65 -12.96
C PRO GA 21 0.89 35.28 -14.41
N THR GA 22 0.01 34.46 -14.97
CA THR GA 22 0.24 33.90 -16.28
C THR GA 22 -0.12 34.87 -17.35
N VAL GA 23 -1.07 35.72 -17.06
CA VAL GA 23 -1.48 36.69 -18.03
C VAL GA 23 -0.46 37.78 -18.15
N ALA GA 24 -0.01 38.26 -17.01
CA ALA GA 24 0.99 39.28 -17.00
C ALA GA 24 2.25 38.81 -17.67
N SER GA 25 2.71 37.62 -17.31
CA SER GA 25 3.94 37.12 -17.86
C SER GA 25 3.82 36.74 -19.30
N THR GA 26 2.65 36.27 -19.71
CA THR GA 26 2.45 35.96 -21.11
C THR GA 26 2.60 37.18 -21.94
N ILE GA 27 1.88 38.22 -21.59
CA ILE GA 27 1.89 39.42 -22.35
C ILE GA 27 3.25 40.07 -22.32
N LEU GA 28 3.78 40.27 -21.12
CA LEU GA 28 5.00 41.00 -20.94
C LEU GA 28 6.19 40.30 -21.56
N SER GA 29 6.24 38.98 -21.46
CA SER GA 29 7.34 38.25 -22.05
C SER GA 29 7.24 38.24 -23.57
N ASN GA 30 6.01 38.32 -24.09
CA ASN GA 30 5.84 38.35 -25.53
C ASN GA 30 6.22 39.68 -26.12
N VAL GA 31 5.95 40.76 -25.38
CA VAL GA 31 6.27 42.09 -25.90
C VAL GA 31 7.60 42.59 -25.42
N SER GA 32 8.32 41.75 -24.67
CA SER GA 32 9.64 42.10 -24.19
C SER GA 32 10.53 42.69 -25.30
N PRO GA 33 11.10 41.83 -26.19
CA PRO GA 33 12.03 42.26 -27.23
C PRO GA 33 11.48 43.40 -28.10
N VAL GA 34 10.14 43.50 -28.20
CA VAL GA 34 9.52 44.53 -28.97
C VAL GA 34 9.68 45.85 -28.27
N ALA GA 35 9.36 45.86 -26.99
CA ALA GA 35 9.51 47.04 -26.18
C ALA GA 35 10.94 47.48 -26.13
N GLN GA 36 11.84 46.51 -26.08
CA GLN GA 36 13.25 46.79 -26.02
C GLN GA 36 13.68 47.58 -27.22
N GLN GA 37 13.20 47.16 -28.38
CA GLN GA 37 13.49 47.85 -29.60
C GLN GA 37 13.01 49.28 -29.55
N ASN GA 38 11.79 49.47 -29.10
CA ASN GA 38 11.19 50.78 -29.06
C ASN GA 38 11.89 51.70 -28.10
N PHE GA 39 12.28 51.17 -26.95
CA PHE GA 39 12.98 51.94 -25.95
C PHE GA 39 14.31 52.38 -26.48
N GLN GA 40 15.05 51.44 -27.05
CA GLN GA 40 16.36 51.72 -27.60
C GLN GA 40 16.28 52.68 -28.76
N THR GA 41 15.25 52.56 -29.56
CA THR GA 41 15.12 53.38 -30.73
C THR GA 41 14.90 54.84 -30.41
N ASN GA 42 13.99 55.14 -29.50
CA ASN GA 42 13.63 56.52 -29.25
C ASN GA 42 14.31 57.17 -28.06
N VAL GA 43 14.60 56.42 -27.01
CA VAL GA 43 15.09 57.06 -25.78
C VAL GA 43 16.39 57.88 -25.92
N PRO GA 44 17.43 57.37 -26.60
CA PRO GA 44 18.71 58.01 -26.86
C PRO GA 44 18.52 59.39 -27.47
N LYS GA 45 17.43 59.56 -28.22
CA LYS GA 45 17.14 60.81 -28.88
C LYS GA 45 16.85 61.90 -27.88
N PHE GA 46 16.25 61.51 -26.75
CA PHE GA 46 15.89 62.46 -25.72
C PHE GA 46 16.98 62.60 -24.69
N THR GA 47 17.80 61.57 -24.55
CA THR GA 47 18.93 61.66 -23.66
C THR GA 47 19.88 62.73 -24.15
N SER GA 48 20.13 62.75 -25.45
CA SER GA 48 21.01 63.75 -26.02
C SER GA 48 20.46 65.15 -25.80
N VAL GA 49 19.14 65.27 -25.76
CA VAL GA 49 18.49 66.54 -25.48
C VAL GA 49 18.75 66.95 -24.07
N ASN GA 50 18.58 66.02 -23.14
CA ASN GA 50 18.81 66.29 -21.75
C ASN GA 50 20.21 66.76 -21.53
N GLU GA 51 21.14 66.16 -22.24
CA GLU GA 51 22.53 66.52 -22.12
C GLU GA 51 22.82 67.91 -22.63
N ASN GA 52 22.41 68.17 -23.85
CA ASN GA 52 22.72 69.44 -24.46
C ASN GA 52 22.00 70.58 -23.77
N VAL GA 53 20.76 70.34 -23.38
CA VAL GA 53 20.01 71.34 -22.66
C VAL GA 53 20.62 71.60 -21.32
N SER GA 54 21.08 70.55 -20.66
CA SER GA 54 21.75 70.69 -19.41
C SER GA 54 22.94 71.60 -19.53
N ALA GA 55 23.73 71.39 -20.59
CA ALA GA 55 24.90 72.22 -20.82
C ALA GA 55 24.51 73.68 -20.88
N VAL GA 56 23.45 73.96 -21.62
CA VAL GA 56 22.93 75.31 -21.74
C VAL GA 56 22.57 75.89 -20.41
N LEU GA 57 21.83 75.12 -19.63
CA LEU GA 57 21.34 75.58 -18.36
C LEU GA 57 22.46 75.91 -17.40
N THR GA 58 23.54 75.15 -17.48
CA THR GA 58 24.70 75.45 -16.67
C THR GA 58 25.33 76.77 -17.09
N GLN GA 59 25.37 77.02 -18.40
CA GLN GA 59 25.88 78.30 -18.89
C GLN GA 59 25.00 79.47 -18.44
N TYR GA 60 23.70 79.23 -18.29
CA TYR GA 60 22.80 80.28 -17.81
C TYR GA 60 22.66 80.34 -16.30
N GLY GA 61 23.39 79.50 -15.58
CA GLY GA 61 23.37 79.58 -14.12
C GLY GA 61 22.10 79.00 -13.52
N ILE GA 62 21.40 78.16 -14.27
CA ILE GA 62 20.15 77.60 -13.81
C ILE GA 62 20.38 76.39 -12.94
N THR GA 63 19.80 76.40 -11.74
CA THR GA 63 20.00 75.30 -10.80
C THR GA 63 18.69 74.74 -10.27
N GLY GA 64 18.76 73.56 -9.69
CA GLY GA 64 17.62 72.95 -9.05
C GLY GA 64 16.50 72.68 -10.03
N PRO GA 65 15.27 72.73 -9.54
CA PRO GA 65 14.04 72.50 -10.24
C PRO GA 65 13.86 73.45 -11.39
N ASN GA 66 14.60 74.56 -11.38
CA ASN GA 66 14.50 75.48 -12.47
C ASN GA 66 15.07 74.87 -13.71
N ARG GA 67 16.05 73.99 -13.54
CA ARG GA 67 16.61 73.29 -14.68
C ARG GA 67 15.57 72.37 -15.21
N ALA GA 68 14.87 71.72 -14.29
CA ALA GA 68 13.81 70.78 -14.64
C ALA GA 68 12.73 71.44 -15.49
N ILE GA 69 12.43 72.71 -15.20
CA ILE GA 69 11.45 73.45 -15.99
C ILE GA 69 11.86 73.49 -17.43
N TYR GA 70 13.10 73.91 -17.66
CA TYR GA 70 13.58 74.07 -19.00
C TYR GA 70 13.81 72.73 -19.69
N GLN GA 71 14.18 71.73 -18.91
CA GLN GA 71 14.36 70.40 -19.45
C GLN GA 71 13.06 69.87 -19.97
N GLY GA 72 11.98 70.10 -19.22
CA GLY GA 72 10.66 69.67 -19.65
C GLY GA 72 10.28 70.32 -20.96
N PHE GA 73 10.52 71.61 -21.05
CA PHE GA 73 10.28 72.35 -22.26
C PHE GA 73 11.02 71.76 -23.44
N GLY GA 74 12.32 71.53 -23.27
CA GLY GA 74 13.15 70.99 -24.32
C GLY GA 74 12.66 69.62 -24.77
N LEU GA 75 12.32 68.78 -23.81
CA LEU GA 75 11.84 67.46 -24.12
C LEU GA 75 10.56 67.51 -24.94
N LYS GA 76 9.70 68.45 -24.62
CA LYS GA 76 8.47 68.63 -25.35
C LYS GA 76 8.73 69.03 -26.78
N VAL GA 77 9.71 69.91 -26.99
CA VAL GA 77 10.07 70.32 -28.33
C VAL GA 77 10.48 69.11 -29.15
N ALA GA 78 11.33 68.28 -28.57
CA ALA GA 78 11.82 67.09 -29.22
C ALA GA 78 10.69 66.11 -29.51
N ARG GA 79 9.75 66.00 -28.58
CA ARG GA 79 8.62 65.10 -28.77
C ARG GA 79 7.85 65.44 -30.00
N ALA GA 80 7.50 66.71 -30.13
CA ALA GA 80 6.77 67.19 -31.27
C ALA GA 80 7.56 66.95 -32.53
N LEU GA 81 8.85 67.18 -32.47
CA LEU GA 81 9.69 66.96 -33.61
C LEU GA 81 9.56 65.52 -34.07
N ASN GA 82 9.64 64.57 -33.15
CA ASN GA 82 9.53 63.17 -33.53
C ASN GA 82 8.16 62.80 -34.10
N ARG GA 83 7.10 63.35 -33.53
CA ARG GA 83 5.75 62.96 -33.94
C ARG GA 83 5.18 63.83 -35.07
N ILE GA 84 5.80 64.96 -35.33
CA ILE GA 84 5.36 65.87 -36.39
C ILE GA 84 6.41 66.03 -37.48
N GLY GA 85 7.63 66.28 -37.07
CA GLY GA 85 8.71 66.54 -38.01
C GLY GA 85 8.91 68.04 -38.12
N SER GA 86 10.06 68.44 -38.65
CA SER GA 86 10.38 69.86 -38.74
C SER GA 86 9.53 70.55 -39.80
N GLY GA 87 9.47 71.87 -39.72
CA GLY GA 87 8.70 72.64 -40.67
C GLY GA 87 7.52 73.34 -39.99
N PRO GA 88 6.70 74.01 -40.79
CA PRO GA 88 5.49 74.77 -40.42
C PRO GA 88 4.83 74.29 -39.14
N ALA GA 89 4.37 73.05 -39.13
CA ALA GA 89 3.64 72.52 -38.00
C ALA GA 89 4.45 72.58 -36.71
N LEU GA 90 5.74 72.35 -36.80
CA LEU GA 90 6.59 72.40 -35.63
C LEU GA 90 6.66 73.81 -35.14
N VAL GA 91 6.78 74.74 -36.06
CA VAL GA 91 6.81 76.15 -35.72
C VAL GA 91 5.56 76.54 -34.95
N ASN GA 92 4.41 76.10 -35.45
CA ASN GA 92 3.15 76.38 -34.80
C ASN GA 92 3.15 75.83 -33.39
N MET GA 93 3.67 74.62 -33.25
CA MET GA 93 3.75 73.97 -31.97
C MET GA 93 4.60 74.72 -30.99
N ILE GA 94 5.81 75.07 -31.40
CA ILE GA 94 6.75 75.72 -30.51
C ILE GA 94 6.24 77.04 -30.02
N ASN GA 95 5.62 77.80 -30.90
CA ASN GA 95 5.07 79.09 -30.52
C ASN GA 95 4.10 78.93 -29.37
N GLY GA 96 3.19 77.97 -29.49
CA GLY GA 96 2.22 77.72 -28.43
C GLY GA 96 2.89 77.20 -27.18
N LEU GA 97 3.85 76.31 -27.38
CA LEU GA 97 4.57 75.72 -26.27
C LEU GA 97 5.29 76.75 -25.44
N LYS GA 98 5.95 77.68 -26.10
CA LYS GA 98 6.61 78.75 -25.40
C LYS GA 98 5.62 79.54 -24.59
N GLY GA 99 4.48 79.86 -25.20
CA GLY GA 99 3.44 80.58 -24.49
C GLY GA 99 3.03 79.83 -23.23
N TYR GA 100 2.89 78.52 -23.36
CA TYR GA 100 2.53 77.67 -22.26
C TYR GA 100 3.49 77.83 -21.11
N TYR GA 101 4.78 77.61 -21.36
CA TYR GA 101 5.76 77.69 -20.29
C TYR GA 101 6.01 79.09 -19.78
N ILE GA 102 6.04 80.06 -20.66
CA ILE GA 102 6.31 81.42 -20.25
C ILE GA 102 5.27 81.93 -19.29
N SER GA 103 4.02 81.72 -19.62
CA SER GA 103 2.95 82.27 -18.82
C SER GA 103 2.40 81.34 -17.76
N ALA GA 104 2.47 80.03 -17.98
CA ALA GA 104 1.93 79.11 -16.99
C ALA GA 104 2.91 78.83 -15.90
N PHE GA 105 4.20 78.76 -16.25
CA PHE GA 105 5.22 78.41 -15.27
C PHE GA 105 6.23 79.53 -15.06
N ASN GA 106 5.99 80.66 -15.70
CA ASN GA 106 6.88 81.81 -15.57
C ASN GA 106 8.29 81.49 -16.04
N ALA GA 107 8.40 80.70 -17.09
CA ALA GA 107 9.70 80.38 -17.64
C ALA GA 107 10.26 81.60 -18.38
N ASN GA 108 11.58 81.75 -18.35
CA ASN GA 108 12.22 82.90 -18.97
C ASN GA 108 12.40 82.75 -20.49
N PRO GA 109 11.52 83.39 -21.28
CA PRO GA 109 11.53 83.42 -22.76
C PRO GA 109 12.91 83.31 -23.37
N GLN GA 110 13.85 84.09 -22.84
CA GLN GA 110 15.19 84.13 -23.40
C GLN GA 110 15.91 82.79 -23.27
N VAL GA 111 15.77 82.17 -22.11
CA VAL GA 111 16.37 80.89 -21.90
C VAL GA 111 15.68 79.85 -22.72
N LEU GA 112 14.36 79.98 -22.84
CA LEU GA 112 13.58 79.06 -23.63
C LEU GA 112 14.04 79.05 -25.06
N ASP GA 113 14.36 80.22 -25.58
CA ASP GA 113 14.88 80.33 -26.92
C ASP GA 113 16.23 79.71 -27.04
N ALA GA 114 17.03 79.81 -25.97
CA ALA GA 114 18.32 79.15 -25.96
C ALA GA 114 18.16 77.64 -26.07
N VAL GA 115 17.14 77.09 -25.41
CA VAL GA 115 16.87 75.67 -25.50
C VAL GA 115 16.50 75.29 -26.92
N VAL GA 116 15.59 76.05 -27.52
CA VAL GA 116 15.17 75.80 -28.90
C VAL GA 116 16.36 75.88 -29.84
N ASN GA 117 17.23 76.87 -29.60
CA ASN GA 117 18.45 77.08 -30.38
C ASN GA 117 19.37 75.86 -30.42
N ILE GA 118 19.17 74.91 -29.53
CA ILE GA 118 19.96 73.72 -29.53
C ILE GA 118 19.26 72.61 -30.22
N ILE GA 119 18.03 72.36 -29.81
CA ILE GA 119 17.26 71.25 -30.33
C ILE GA 119 16.97 71.42 -31.80
N THR GA 120 16.54 72.62 -32.19
CA THR GA 120 16.23 72.90 -33.58
C THR GA 120 17.43 73.50 -34.26
N GLY GA 121 18.24 74.22 -33.48
CA GLY GA 121 19.42 74.85 -34.00
C GLY GA 121 19.22 76.36 -34.09
N SER GA 122 17.98 76.79 -33.93
CA SER GA 122 17.64 78.20 -33.96
C SER GA 122 16.28 78.40 -33.36
N PRO GA 123 15.97 79.62 -32.95
CA PRO GA 123 14.67 80.04 -32.47
C PRO GA 123 13.67 79.82 -33.57
N THR GA 124 12.41 79.70 -33.21
CA THR GA 124 11.42 79.32 -34.19
C THR GA 124 10.86 80.51 -34.93
N GLY GA 125 9.57 80.46 -35.26
CA GLY GA 125 8.94 81.54 -36.04
C GLY GA 125 9.26 81.35 -37.52
N TYR GA 126 10.54 81.44 -37.84
CA TYR GA 126 11.02 81.21 -39.18
C TYR GA 126 11.66 79.84 -39.25
N VAL GA 127 11.52 79.18 -40.38
CA VAL GA 127 12.13 77.88 -40.55
C VAL GA 127 13.54 78.01 -41.07
N SER GA 128 14.51 77.61 -40.26
CA SER GA 128 15.90 77.68 -40.65
C SER GA 128 16.77 76.91 -39.66
N SER HA 1 22.32 61.71 -12.49
CA SER HA 1 23.26 61.84 -13.60
C SER HA 1 23.52 60.51 -14.27
N ARG HA 2 22.85 60.27 -15.39
CA ARG HA 2 23.00 59.01 -16.11
C ARG HA 2 22.95 59.19 -17.63
N SER HA 3 23.74 58.40 -18.34
CA SER HA 3 23.70 58.36 -19.81
C SER HA 3 22.53 57.54 -20.23
N TYR HA 4 22.23 57.52 -21.51
CA TYR HA 4 21.08 56.73 -21.94
C TYR HA 4 21.40 55.28 -21.79
N SER HA 5 22.68 54.93 -21.89
CA SER HA 5 23.07 53.56 -21.81
C SER HA 5 22.81 53.03 -20.43
N GLN HA 6 22.97 53.89 -19.45
CA GLN HA 6 22.66 53.55 -18.09
C GLN HA 6 21.18 53.51 -17.85
N ARG HA 7 20.46 54.47 -18.45
CA ARG HA 7 19.03 54.53 -18.32
C ARG HA 7 18.43 53.26 -18.85
N TYR HA 8 18.87 52.86 -20.02
CA TYR HA 8 18.42 51.65 -20.65
C TYR HA 8 18.80 50.45 -19.88
N ALA HA 9 20.07 50.33 -19.51
CA ALA HA 9 20.55 49.17 -18.80
C ALA HA 9 19.66 48.83 -17.63
N LYS HA 10 19.42 49.81 -16.77
CA LYS HA 10 18.62 49.57 -15.61
C LYS HA 10 17.18 49.32 -15.96
N TRP HA 11 16.67 50.09 -16.93
CA TRP HA 11 15.30 49.90 -17.38
C TRP HA 11 15.08 48.49 -17.83
N GLN HA 12 16.03 47.95 -18.55
CA GLN HA 12 15.95 46.62 -19.05
C GLN HA 12 15.89 45.63 -17.93
N ALA HA 13 16.75 45.80 -16.95
CA ALA HA 13 16.80 44.89 -15.83
C ALA HA 13 15.50 44.89 -15.08
N LYS HA 14 14.89 46.05 -14.91
CA LYS HA 14 13.66 46.16 -14.17
C LYS HA 14 12.50 45.67 -14.95
N PHE HA 15 12.53 45.87 -16.26
CA PHE HA 15 11.47 45.35 -17.09
C PHE HA 15 11.47 43.85 -17.03
N ASN HA 16 12.67 43.26 -17.14
CA ASN HA 16 12.82 41.83 -17.08
C ASN HA 16 12.26 41.29 -15.79
N ALA HA 17 12.64 41.94 -14.69
CA ALA HA 17 12.19 41.52 -13.38
C ALA HA 17 10.69 41.50 -13.31
N PHE HA 18 10.07 42.60 -13.70
CA PHE HA 18 8.63 42.72 -13.63
C PHE HA 18 7.92 41.67 -14.44
N SER HA 19 8.47 41.32 -15.59
CA SER HA 19 7.81 40.35 -16.48
C SER HA 19 7.69 38.95 -15.86
N ASN HA 20 8.45 38.68 -14.80
CA ASN HA 20 8.41 37.39 -14.13
C ASN HA 20 7.06 37.16 -13.45
N PRO HA 21 6.30 36.13 -13.89
CA PRO HA 21 4.98 35.73 -13.37
C PRO HA 21 4.79 36.06 -11.90
N THR HA 22 5.77 35.68 -11.10
CA THR HA 22 5.68 35.86 -9.67
C THR HA 22 5.78 37.29 -9.29
N VAL HA 23 6.73 37.98 -9.87
CA VAL HA 23 6.95 39.37 -9.55
C VAL HA 23 5.78 40.21 -9.99
N ALA HA 24 5.30 39.96 -11.19
CA ALA HA 24 4.19 40.71 -11.72
C ALA HA 24 2.98 40.55 -10.84
N SER HA 25 2.63 39.32 -10.53
CA SER HA 25 1.44 39.08 -9.76
C SER HA 25 1.58 39.48 -8.33
N THR HA 26 2.79 39.39 -7.79
CA THR HA 26 3.00 39.80 -6.42
C THR HA 26 2.72 41.25 -6.26
N ILE HA 27 3.34 42.05 -7.11
CA ILE HA 27 3.16 43.46 -7.01
C ILE HA 27 1.75 43.87 -7.32
N LEU HA 28 1.24 43.40 -8.45
CA LEU HA 28 -0.05 43.81 -8.92
C LEU HA 28 -1.18 43.39 -8.02
N SER HA 29 -1.09 42.20 -7.45
CA SER HA 29 -2.11 41.74 -6.55
C SER HA 29 -2.06 42.48 -5.22
N ASN HA 30 -0.87 42.94 -4.84
CA ASN HA 30 -0.75 43.69 -3.61
C ASN HA 30 -1.27 45.09 -3.75
N VAL HA 31 -1.09 45.70 -4.93
CA VAL HA 31 -1.54 47.06 -5.13
C VAL HA 31 -2.90 47.13 -5.73
N SER HA 32 -3.52 45.97 -5.94
CA SER HA 32 -4.86 45.92 -6.50
C SER HA 32 -5.84 46.87 -5.78
N PRO HA 33 -6.33 46.52 -4.57
CA PRO HA 33 -7.31 47.32 -3.84
C PRO HA 33 -6.87 48.78 -3.65
N VAL HA 34 -5.56 49.02 -3.65
CA VAL HA 34 -5.04 50.36 -3.53
C VAL HA 34 -5.31 51.14 -4.78
N ALA HA 35 -5.01 50.51 -5.91
CA ALA HA 35 -5.25 51.09 -7.20
C ALA HA 35 -6.70 51.39 -7.38
N GLN HA 36 -7.54 50.49 -6.90
CA GLN HA 36 -8.97 50.64 -7.02
C GLN HA 36 -9.41 51.89 -6.33
N GLN HA 37 -8.88 52.13 -5.16
CA GLN HA 37 -9.23 53.32 -4.42
C GLN HA 37 -8.82 54.56 -5.16
N ASN HA 38 -7.61 54.54 -5.71
CA ASN HA 38 -7.08 55.70 -6.39
C ASN HA 38 -7.85 56.00 -7.65
N PHE HA 39 -8.21 54.95 -8.38
CA PHE HA 39 -8.98 55.09 -9.59
C PHE HA 39 -10.34 55.64 -9.28
N GLN HA 40 -10.99 55.05 -8.29
CA GLN HA 40 -12.32 55.48 -7.91
C GLN HA 40 -12.34 56.91 -7.44
N THR HA 41 -11.29 57.31 -6.75
CA THR HA 41 -11.24 58.63 -6.19
C THR HA 41 -11.09 59.73 -7.24
N ASN HA 42 -10.11 59.60 -8.11
CA ASN HA 42 -9.82 60.69 -9.03
C ASN HA 42 -10.47 60.62 -10.39
N VAL HA 43 -10.96 59.46 -10.81
CA VAL HA 43 -11.50 59.35 -12.17
C VAL HA 43 -12.89 59.99 -12.42
N PRO HA 44 -13.92 59.68 -11.61
CA PRO HA 44 -15.28 60.20 -11.80
C PRO HA 44 -15.30 61.73 -11.85
N LYS HA 45 -14.27 62.35 -11.29
CA LYS HA 45 -14.10 63.79 -11.31
C LYS HA 45 -13.99 64.30 -12.73
N PHE HA 46 -13.29 63.54 -13.57
CA PHE HA 46 -13.07 63.92 -14.94
C PHE HA 46 -14.17 63.42 -15.83
N THR HA 47 -14.82 62.34 -15.42
CA THR HA 47 -15.94 61.84 -16.20
C THR HA 47 -17.05 62.87 -16.24
N SER HA 48 -17.31 63.50 -15.09
CA SER HA 48 -18.33 64.53 -15.03
C SER HA 48 -17.98 65.71 -15.91
N VAL HA 49 -16.69 65.97 -16.05
CA VAL HA 49 -16.22 67.02 -16.92
C VAL HA 49 -16.55 66.68 -18.34
N ASN HA 50 -16.28 65.45 -18.71
CA ASN HA 50 -16.53 65.01 -20.06
C ASN HA 50 -17.98 65.17 -20.44
N GLU HA 51 -18.89 64.85 -19.52
CA GLU HA 51 -20.31 64.99 -19.84
C GLU HA 51 -20.67 66.44 -20.11
N ASN HA 52 -20.32 67.33 -19.19
CA ASN HA 52 -20.69 68.73 -19.36
C ASN HA 52 -19.99 69.38 -20.53
N VAL HA 53 -18.69 69.12 -20.68
CA VAL HA 53 -17.93 69.70 -21.77
C VAL HA 53 -18.47 69.24 -23.09
N SER HA 54 -18.77 67.96 -23.18
CA SER HA 54 -19.30 67.40 -24.40
C SER HA 54 -20.59 68.09 -24.76
N ALA HA 55 -21.46 68.29 -23.77
CA ALA HA 55 -22.72 68.96 -24.00
C ALA HA 55 -22.51 70.33 -24.61
N VAL HA 56 -21.55 71.06 -24.07
CA VAL HA 56 -21.22 72.38 -24.58
C VAL HA 56 -20.79 72.32 -26.01
N LEU HA 57 -19.92 71.37 -26.32
CA LEU HA 57 -19.40 71.23 -27.65
C LEU HA 57 -20.51 70.96 -28.65
N THR HA 58 -21.51 70.21 -28.23
CA THR HA 58 -22.66 69.98 -29.07
C THR HA 58 -23.42 71.26 -29.33
N GLN HA 59 -23.57 72.08 -28.28
CA GLN HA 59 -24.23 73.38 -28.44
C GLN HA 59 -23.42 74.34 -29.35
N TYR HA 60 -22.09 74.17 -29.37
CA TYR HA 60 -21.25 74.95 -30.28
C TYR HA 60 -21.07 74.33 -31.65
N GLY HA 61 -21.70 73.19 -31.90
CA GLY HA 61 -21.64 72.59 -33.23
C GLY HA 61 -20.31 71.89 -33.51
N ILE HA 62 -19.56 71.59 -32.47
CA ILE HA 62 -18.25 70.98 -32.62
C ILE HA 62 -18.35 69.49 -32.82
N THR HA 63 -17.73 68.97 -33.86
CA THR HA 63 -17.81 67.55 -34.17
C THR HA 63 -16.44 66.91 -34.37
N GLY HA 64 -16.41 65.60 -34.30
CA GLY HA 64 -15.21 64.84 -34.58
C GLY HA 64 -14.09 65.17 -33.61
N PRO HA 65 -12.87 65.08 -34.09
CA PRO HA 65 -11.63 65.31 -33.39
C PRO HA 65 -11.55 66.71 -32.86
N ASN HA 66 -12.36 67.61 -33.40
CA ASN HA 66 -12.37 68.96 -32.90
C ASN HA 66 -12.91 68.96 -31.50
N ARG HA 67 -13.83 68.05 -31.21
CA ARG HA 67 -14.35 67.94 -29.87
C ARG HA 67 -13.27 67.48 -28.97
N ALA HA 68 -12.49 66.53 -29.47
CA ALA HA 68 -11.38 65.97 -28.72
C ALA HA 68 -10.35 67.01 -28.35
N ILE HA 69 -10.16 68.00 -29.22
CA ILE HA 69 -9.25 69.08 -28.90
C ILE HA 69 -9.69 69.77 -27.64
N TYR HA 70 -10.97 70.08 -27.57
CA TYR HA 70 -11.49 70.80 -26.44
C TYR HA 70 -11.62 69.90 -25.23
N GLN HA 71 -11.83 68.60 -25.45
CA GLN HA 71 -11.89 67.67 -24.35
C GLN HA 71 -10.54 67.59 -23.68
N GLY HA 72 -9.48 67.55 -24.49
CA GLY HA 72 -8.13 67.51 -23.97
C GLY HA 72 -7.85 68.75 -23.14
N PHE HA 73 -8.22 69.89 -23.68
CA PHE HA 73 -8.08 71.13 -22.99
C PHE HA 73 -8.79 71.14 -21.66
N GLY HA 74 -10.07 70.79 -21.67
CA GLY HA 74 -10.89 70.79 -20.47
C GLY HA 74 -10.34 69.86 -19.42
N LEU HA 75 -9.96 68.67 -19.83
CA LEU HA 75 -9.43 67.70 -18.91
C LEU HA 75 -8.17 68.21 -18.25
N LYS HA 76 -7.33 68.89 -19.03
CA LYS HA 76 -6.10 69.44 -18.52
C LYS HA 76 -6.36 70.56 -17.54
N VAL HA 77 -7.40 71.35 -17.79
CA VAL HA 77 -7.80 72.39 -16.85
C VAL HA 77 -8.18 71.77 -15.52
N ALA HA 78 -9.00 70.72 -15.59
CA ALA HA 78 -9.44 70.02 -14.39
C ALA HA 78 -8.27 69.40 -13.65
N ARG HA 79 -7.31 68.86 -14.38
CA ARG HA 79 -6.11 68.31 -13.76
C ARG HA 79 -5.43 69.31 -12.89
N ALA HA 80 -5.18 70.49 -13.44
CA ALA HA 80 -4.52 71.54 -12.71
C ALA HA 80 -5.32 71.93 -11.49
N LEU HA 81 -6.63 71.97 -11.64
CA LEU HA 81 -7.48 72.26 -10.52
C LEU HA 81 -7.23 71.29 -9.39
N ASN HA 82 -7.18 70.01 -9.70
CA ASN HA 82 -6.93 69.01 -8.66
C ASN HA 82 -5.56 69.13 -8.00
N ARG HA 83 -4.52 69.33 -8.79
CA ARG HA 83 -3.16 69.34 -8.26
C ARG HA 83 -2.74 70.70 -7.69
N ILE HA 84 -3.36 71.77 -8.15
CA ILE HA 84 -3.06 73.11 -7.66
C ILE HA 84 -4.15 73.65 -6.74
N GLY HA 85 -5.38 73.55 -7.19
CA GLY HA 85 -6.51 74.11 -6.46
C GLY HA 85 -6.84 75.46 -7.04
N SER HA 86 -8.05 75.95 -6.77
CA SER HA 86 -8.47 77.22 -7.34
C SER HA 86 -7.71 78.38 -6.73
N GLY HA 87 -7.71 79.50 -7.44
CA GLY HA 87 -7.01 80.68 -6.98
C GLY HA 87 -5.90 81.07 -7.97
N PRO HA 88 -5.17 82.12 -7.63
CA PRO HA 88 -4.06 82.74 -8.37
C PRO HA 88 -3.32 81.75 -9.28
N ALA HA 89 -2.68 80.75 -8.68
CA ALA HA 89 -1.86 79.81 -9.43
C ALA HA 89 -2.64 79.12 -10.53
N LEU HA 90 -3.89 78.80 -10.28
CA LEU HA 90 -4.70 78.14 -11.28
C LEU HA 90 -4.92 79.04 -12.42
N VAL HA 91 -5.21 80.30 -12.12
CA VAL HA 91 -5.43 81.28 -13.16
C VAL HA 91 -4.19 81.42 -14.01
N ASN HA 92 -3.02 81.47 -13.36
CA ASN HA 92 -1.76 81.55 -14.08
C ASN HA 92 -1.63 80.37 -15.04
N MET HA 93 -1.97 79.20 -14.54
CA MET HA 93 -1.93 77.99 -15.33
C MET HA 93 -2.84 78.07 -16.52
N ILE HA 94 -4.09 78.43 -16.29
CA ILE HA 94 -5.09 78.44 -17.32
C ILE HA 94 -4.74 79.41 -18.40
N ASN HA 95 -4.23 80.58 -18.02
CA ASN HA 95 -3.84 81.57 -19.02
C ASN HA 95 -2.85 81.00 -20.00
N GLY HA 96 -1.83 80.30 -19.49
CA GLY HA 96 -0.83 79.71 -20.35
C GLY HA 96 -1.38 78.57 -21.14
N LEU HA 97 -2.22 77.76 -20.50
CA LEU HA 97 -2.83 76.63 -21.15
C LEU HA 97 -3.73 77.04 -22.29
N LYS HA 98 -4.55 78.03 -22.06
CA LYS HA 98 -5.42 78.53 -23.08
C LYS HA 98 -4.64 79.00 -24.29
N GLY HA 99 -3.65 79.87 -24.06
CA GLY HA 99 -2.83 80.39 -25.14
C GLY HA 99 -2.15 79.26 -25.89
N TYR HA 100 -1.67 78.28 -25.14
CA TYR HA 100 -1.05 77.09 -25.68
C TYR HA 100 -1.92 76.43 -26.71
N TYR HA 101 -3.14 76.09 -26.34
CA TYR HA 101 -4.05 75.46 -27.28
C TYR HA 101 -4.44 76.33 -28.44
N ILE HA 102 -4.61 77.62 -28.19
CA ILE HA 102 -5.01 78.50 -29.26
C ILE HA 102 -4.02 78.52 -30.38
N SER HA 103 -2.76 78.66 -30.04
CA SER HA 103 -1.74 78.80 -31.06
C SER HA 103 -1.07 77.48 -31.45
N ALA HA 104 -1.00 76.54 -30.53
CA ALA HA 104 -0.36 75.27 -30.86
C ALA HA 104 -1.26 74.40 -31.69
N PHE HA 105 -2.56 74.40 -31.38
CA PHE HA 105 -3.49 73.52 -32.06
C PHE HA 105 -4.59 74.26 -32.77
N ASN HA 106 -4.48 75.58 -32.83
CA ASN HA 106 -5.49 76.39 -33.48
C ASN HA 106 -6.85 76.22 -32.84
N ALA HA 107 -6.89 76.08 -31.52
CA ALA HA 107 -8.14 75.96 -30.82
C ALA HA 107 -8.84 77.30 -30.78
N ASN HA 108 -10.16 77.28 -30.86
CA ASN HA 108 -10.95 78.51 -30.92
C ASN HA 108 -11.24 79.08 -29.54
N PRO HA 109 -10.54 80.18 -29.15
CA PRO HA 109 -10.71 80.95 -27.89
C PRO HA 109 -12.13 80.93 -27.35
N GLN HA 110 -13.11 81.10 -28.23
CA GLN HA 110 -14.50 81.16 -27.81
C GLN HA 110 -14.95 79.88 -27.17
N VAL HA 111 -14.63 78.78 -27.80
CA VAL HA 111 -15.03 77.51 -27.27
C VAL HA 111 -14.21 77.20 -26.06
N LEU HA 112 -12.94 77.57 -26.09
CA LEU HA 112 -12.05 77.33 -24.97
C LEU HA 112 -12.56 78.00 -23.73
N ASP HA 113 -13.09 79.21 -23.89
CA ASP HA 113 -13.67 79.92 -22.79
C ASP HA 113 -14.88 79.22 -22.28
N ALA HA 114 -15.69 78.71 -23.20
CA ALA HA 114 -16.88 77.98 -22.82
C ALA HA 114 -16.53 76.79 -21.96
N VAL HA 115 -15.45 76.09 -22.32
CA VAL HA 115 -15.01 74.94 -21.54
C VAL HA 115 -14.62 75.36 -20.14
N VAL HA 116 -13.85 76.44 -20.04
CA VAL HA 116 -13.45 76.96 -18.74
C VAL HA 116 -14.66 77.40 -17.93
N ASN HA 117 -15.66 77.94 -18.62
CA ASN HA 117 -16.88 78.40 -17.98
C ASN HA 117 -17.75 77.27 -17.43
N ILE HA 118 -17.34 76.03 -17.67
CA ILE HA 118 -18.00 74.90 -17.10
C ILE HA 118 -17.24 74.41 -15.93
N ILE HA 119 -15.97 74.18 -16.14
CA ILE HA 119 -15.10 73.63 -15.12
C ILE HA 119 -14.91 74.59 -13.97
N THR HA 120 -14.58 75.83 -14.28
CA THR HA 120 -14.38 76.83 -13.26
C THR HA 120 -15.64 77.60 -13.03
N GLY HA 121 -16.38 77.80 -14.10
CA GLY HA 121 -17.62 78.56 -14.02
C GLY HA 121 -17.42 79.97 -14.51
N SER HA 122 -16.16 80.38 -14.67
CA SER HA 122 -15.86 81.73 -15.10
C SER HA 122 -14.59 81.74 -15.93
N PRO HA 123 -14.43 82.74 -16.79
CA PRO HA 123 -13.28 83.00 -17.63
C PRO HA 123 -12.04 83.21 -16.79
N THR HA 124 -10.90 83.02 -17.40
CA THR HA 124 -9.64 83.19 -16.72
C THR HA 124 -9.15 84.62 -16.83
N GLY HA 125 -7.84 84.81 -17.00
CA GLY HA 125 -7.27 86.15 -17.11
C GLY HA 125 -7.03 86.73 -15.73
N TYR HA 126 -8.12 86.96 -15.00
CA TYR HA 126 -8.07 87.50 -13.65
C TYR HA 126 -8.80 86.58 -12.68
N VAL HA 127 -8.38 86.60 -11.42
CA VAL HA 127 -8.97 85.74 -10.40
C VAL HA 127 -10.41 86.15 -10.12
N SER HA 128 -11.35 85.22 -10.30
CA SER HA 128 -12.76 85.50 -10.08
C SER HA 128 -13.59 84.22 -9.97
N SER IA 1 -2.95 63.81 -7.10
CA SER IA 1 -2.55 64.11 -5.74
C SER IA 1 -2.88 62.97 -4.79
N ARG IA 2 -2.10 62.85 -3.71
CA ARG IA 2 -2.25 61.76 -2.76
C ARG IA 2 -2.21 62.20 -1.32
N SER IA 3 -3.20 61.78 -0.56
CA SER IA 3 -3.26 62.03 0.88
C SER IA 3 -2.37 61.07 1.61
N TYR IA 4 -2.14 61.31 2.89
CA TYR IA 4 -1.34 60.40 3.68
C TYR IA 4 -1.85 59.00 3.61
N SER IA 5 -3.15 58.83 3.78
CA SER IA 5 -3.74 57.51 3.73
C SER IA 5 -3.32 56.80 2.47
N GLN IA 6 -3.37 57.51 1.35
CA GLN IA 6 -2.99 56.96 0.07
C GLN IA 6 -1.49 56.72 -0.03
N ARG IA 7 -0.69 57.66 0.50
CA ARG IA 7 0.75 57.53 0.44
C ARG IA 7 1.18 56.26 1.09
N TYR IA 8 0.72 56.06 2.31
CA TYR IA 8 1.06 54.92 3.08
C TYR IA 8 0.53 53.66 2.50
N ALA IA 9 -0.75 53.68 2.11
CA ALA IA 9 -1.37 52.48 1.57
C ALA IA 9 -0.55 51.85 0.47
N LYS IA 10 -0.18 52.64 -0.52
CA LYS IA 10 0.58 52.11 -1.62
C LYS IA 10 1.97 51.74 -1.22
N TRP IA 11 2.58 52.54 -0.35
CA TRP IA 11 3.91 52.22 0.14
C TRP IA 11 3.93 50.86 0.76
N GLN IA 12 2.92 50.56 1.54
CA GLN IA 12 2.82 49.31 2.21
C GLN IA 12 2.73 48.18 1.25
N ALA IA 13 1.89 48.35 0.24
CA ALA IA 13 1.68 47.31 -0.75
C ALA IA 13 2.96 46.97 -1.47
N LYS IA 14 3.73 47.99 -1.82
CA LYS IA 14 4.96 47.79 -2.54
C LYS IA 14 6.04 47.23 -1.66
N PHE IA 15 6.05 47.66 -0.41
CA PHE IA 15 7.01 47.12 0.52
C PHE IA 15 6.79 45.63 0.70
N ASN IA 16 5.54 45.26 0.89
CA ASN IA 16 5.17 43.87 1.07
C ASN IA 16 5.61 43.05 -0.12
N ALA IA 17 5.32 43.57 -1.32
CA ALA IA 17 5.68 42.88 -2.54
C ALA IA 17 7.15 42.61 -2.59
N PHE IA 18 7.94 43.65 -2.37
CA PHE IA 18 9.38 43.53 -2.43
C PHE IA 18 9.93 42.51 -1.47
N SER IA 19 9.36 42.43 -0.27
CA SER IA 19 9.87 41.53 0.75
C SER IA 19 9.80 40.04 0.35
N ASN IA 20 8.99 39.74 -0.67
CA ASN IA 20 8.87 38.36 -1.16
C ASN IA 20 10.18 37.85 -1.75
N PRO IA 21 10.77 36.79 -1.13
CA PRO IA 21 12.03 36.14 -1.53
C PRO IA 21 12.33 36.22 -3.02
N THR IA 22 11.33 35.87 -3.83
CA THR IA 22 11.54 35.75 -5.25
C THR IA 22 11.50 37.07 -5.92
N VAL IA 23 10.76 38.00 -5.36
CA VAL IA 23 10.65 39.30 -5.93
C VAL IA 23 11.89 40.07 -5.67
N ALA IA 24 12.34 40.03 -4.43
CA ALA IA 24 13.55 40.71 -4.05
C ALA IA 24 14.71 40.21 -4.85
N SER IA 25 14.86 38.89 -4.92
CA SER IA 25 15.98 38.32 -5.61
C SER IA 25 15.91 38.51 -7.09
N THR IA 26 14.72 38.49 -7.64
CA THR IA 26 14.57 38.71 -9.07
C THR IA 26 15.06 40.08 -9.42
N ILE IA 27 14.55 41.07 -8.73
CA ILE IA 27 14.92 42.42 -9.03
C ILE IA 27 16.37 42.68 -8.76
N LEU IA 28 16.83 42.33 -7.58
CA LEU IA 28 18.16 42.63 -7.15
C LEU IA 28 19.21 41.92 -7.96
N SER IA 29 18.96 40.67 -8.34
CA SER IA 29 19.91 39.95 -9.14
C SER IA 29 19.93 40.47 -10.56
N ASN IA 30 18.81 41.01 -11.03
CA ASN IA 30 18.77 41.57 -12.37
C ASN IA 30 19.50 42.89 -12.45
N VAL IA 31 19.42 43.69 -11.39
CA VAL IA 31 20.06 44.99 -11.41
C VAL IA 31 21.42 44.95 -10.78
N SER IA 32 21.87 43.77 -10.38
CA SER IA 32 23.19 43.62 -9.80
C SER IA 32 24.28 44.30 -10.64
N PRO IA 33 24.72 43.69 -11.76
CA PRO IA 33 25.81 44.21 -12.59
C PRO IA 33 25.60 45.67 -13.00
N VAL IA 34 24.34 46.11 -13.07
CA VAL IA 34 24.03 47.47 -13.43
C VAL IA 34 24.43 48.39 -12.32
N ALA IA 35 24.01 48.04 -11.12
CA ALA IA 35 24.34 48.81 -9.94
C ALA IA 35 25.83 48.85 -9.75
N GLN IA 36 26.48 47.73 -10.02
CA GLN IA 36 27.92 47.64 -9.87
C GLN IA 36 28.60 48.65 -10.72
N GLN IA 37 28.14 48.77 -11.96
CA GLN IA 37 28.69 49.75 -12.87
C GLN IA 37 28.55 51.14 -12.32
N ASN IA 38 27.37 51.45 -11.83
CA ASN IA 38 27.07 52.78 -11.35
C ASN IA 38 27.88 53.12 -10.12
N PHE IA 39 28.03 52.16 -9.23
CA PHE IA 39 28.80 52.35 -8.02
C PHE IA 39 30.24 52.61 -8.37
N GLN IA 40 30.79 51.76 -9.22
CA GLN IA 40 32.17 51.90 -9.63
C GLN IA 40 32.41 53.17 -10.39
N THR IA 41 31.45 53.59 -11.18
CA THR IA 41 31.62 54.76 -12.00
C THR IA 41 31.70 56.04 -11.20
N ASN IA 42 30.79 56.21 -10.24
CA ASN IA 42 30.75 57.48 -9.53
C ASN IA 42 31.45 57.51 -8.18
N VAL IA 43 31.47 56.41 -7.45
CA VAL IA 43 31.99 56.45 -6.07
C VAL IA 43 33.44 56.93 -5.92
N PRO IA 44 34.40 56.45 -6.73
CA PRO IA 44 35.80 56.81 -6.75
C PRO IA 44 35.98 58.32 -6.84
N LYS IA 45 35.03 58.99 -7.48
CA LYS IA 45 35.08 60.42 -7.67
C LYS IA 45 34.96 61.14 -6.35
N PHE IA 46 34.21 60.55 -5.44
CA PHE IA 46 33.97 61.15 -4.14
C PHE IA 46 34.98 60.67 -3.13
N THR IA 47 35.52 59.49 -3.35
CA THR IA 47 36.56 59.01 -2.47
C THR IA 47 37.77 59.90 -2.56
N SER IA 48 38.13 60.31 -3.77
CA SER IA 48 39.25 61.20 -3.96
C SER IA 48 39.02 62.53 -3.27
N VAL IA 49 37.76 62.94 -3.19
CA VAL IA 49 37.39 64.16 -2.49
C VAL IA 49 37.62 64.00 -1.02
N ASN IA 50 37.15 62.88 -0.48
CA ASN IA 50 37.32 62.60 0.92
C ASN IA 50 38.77 62.62 1.30
N GLU IA 51 39.60 62.09 0.42
CA GLU IA 51 41.02 62.04 0.66
C GLU IA 51 41.65 63.40 0.67
N ASN IA 52 41.42 64.16 -0.38
CA ASN IA 52 42.06 65.44 -0.51
C ASN IA 52 41.56 66.42 0.52
N VAL IA 53 40.27 66.38 0.81
CA VAL IA 53 39.70 67.23 1.82
C VAL IA 53 40.24 66.86 3.17
N SER IA 54 40.39 65.56 3.43
CA SER IA 54 40.96 65.11 4.66
C SER IA 54 42.33 65.70 4.86
N ALA IA 55 43.15 65.67 3.80
CA ALA IA 55 44.49 66.23 3.87
C ALA IA 55 44.44 67.67 4.32
N VAL IA 56 43.54 68.43 3.72
CA VAL IA 56 43.36 69.82 4.08
C VAL IA 56 43.02 69.98 5.54
N LEU IA 57 42.06 69.20 6.00
CA LEU IA 57 41.58 69.31 7.34
C LEU IA 57 42.66 69.01 8.35
N THR IA 58 43.54 68.09 8.02
CA THR IA 58 44.66 67.81 8.88
C THR IA 58 45.60 69.00 8.95
N GLN IA 59 45.82 69.66 7.82
CA GLN IA 59 46.64 70.87 7.79
C GLN IA 59 46.01 71.99 8.62
N TYR IA 60 44.69 72.05 8.68
CA TYR IA 60 44.00 73.06 9.49
C TYR IA 60 43.75 72.63 10.93
N GLY IA 61 44.21 71.45 11.31
CA GLY IA 61 44.08 71.04 12.70
C GLY IA 61 42.66 70.61 13.06
N ILE IA 62 41.87 70.26 12.06
CA ILE IA 62 40.48 69.91 12.31
C ILE IA 62 40.36 68.46 12.70
N THR IA 63 39.69 68.20 13.82
CA THR IA 63 39.56 66.84 14.33
C THR IA 63 38.11 66.46 14.62
N GLY IA 64 37.87 65.18 14.76
CA GLY IA 64 36.57 64.68 15.14
C GLY IA 64 35.51 65.03 14.12
N PRO IA 65 34.29 65.21 14.60
CA PRO IA 65 33.09 65.54 13.85
C PRO IA 65 33.24 66.83 13.11
N ASN IA 66 34.19 67.66 13.51
CA ASN IA 66 34.41 68.89 12.81
C ASN IA 66 34.93 68.61 11.43
N ARG IA 67 35.67 67.52 11.28
CA ARG IA 67 36.15 67.13 9.98
C ARG IA 67 34.99 66.72 9.16
N ALA IA 68 34.07 65.99 9.79
CA ALA IA 68 32.86 65.51 9.13
C ALA IA 68 32.04 66.66 8.57
N ILE IA 69 32.01 67.78 9.28
CA ILE IA 69 31.29 68.95 8.78
C ILE IA 69 31.83 69.39 7.46
N TYR IA 70 33.13 69.53 7.38
CA TYR IA 70 33.76 70.02 6.18
C TYR IA 70 33.74 68.98 5.08
N GLN IA 71 33.81 67.72 5.46
CA GLN IA 71 33.74 66.64 4.49
C GLN IA 71 32.40 66.65 3.81
N GLY IA 72 31.33 66.87 4.58
CA GLY IA 72 29.99 66.93 4.04
C GLY IA 72 29.88 68.06 3.03
N PHE IA 73 30.42 69.21 3.40
CA PHE IA 73 30.44 70.35 2.52
C PHE IA 73 31.14 70.03 1.21
N GLY IA 74 32.33 69.45 1.31
CA GLY IA 74 33.11 69.10 0.12
C GLY IA 74 32.36 68.13 -0.77
N LEU IA 75 31.77 67.13 -0.17
CA LEU IA 75 31.02 66.14 -0.92
C LEU IA 75 29.87 66.76 -1.67
N LYS IA 76 29.22 67.73 -1.05
CA LYS IA 76 28.13 68.45 -1.67
C LYS IA 76 28.59 69.22 -2.87
N VAL IA 77 29.76 69.85 -2.76
CA VAL IA 77 30.31 70.60 -3.88
C VAL IA 77 30.52 69.67 -5.06
N ALA IA 78 31.11 68.51 -4.80
CA ALA IA 78 31.36 67.53 -5.83
C ALA IA 78 30.08 67.00 -6.44
N ARG IA 79 29.05 66.81 -5.62
CA ARG IA 79 27.77 66.33 -6.11
C ARG IA 79 27.21 67.25 -7.14
N ALA IA 80 27.17 68.53 -6.82
CA ALA IA 80 26.66 69.53 -7.73
C ALA IA 80 27.48 69.55 -9.00
N LEU IA 81 28.78 69.42 -8.85
CA LEU IA 81 29.65 69.39 -9.99
C LEU IA 81 29.25 68.27 -10.93
N ASN IA 82 29.02 67.09 -10.40
CA ASN IA 82 28.63 65.96 -11.24
C ASN IA 82 27.27 66.14 -11.90
N ARG IA 83 26.31 66.72 -11.18
CA ARG IA 83 24.96 66.82 -11.71
C ARG IA 83 24.69 68.12 -12.46
N ILE IA 84 25.58 69.10 -12.31
CA ILE IA 84 25.44 70.39 -12.99
C ILE IA 84 26.59 70.65 -13.95
N GLY IA 85 27.79 70.43 -13.48
CA GLY IA 85 28.99 70.73 -14.27
C GLY IA 85 29.53 72.08 -13.86
N SER IA 86 30.78 72.35 -14.20
CA SER IA 86 31.41 73.61 -13.80
C SER IA 86 30.83 74.78 -14.54
N GLY IA 87 31.06 75.98 -14.02
CA GLY IA 87 30.57 77.19 -14.65
C GLY IA 87 29.53 77.87 -13.77
N PRO IA 88 28.96 78.95 -14.29
CA PRO IA 88 27.93 79.82 -13.68
C PRO IA 88 27.05 79.11 -12.65
N ALA IA 89 26.33 78.09 -13.08
CA ALA IA 89 25.40 77.40 -12.19
C ALA IA 89 26.09 76.83 -10.96
N LEU IA 90 27.31 76.32 -11.13
CA LEU IA 90 28.04 75.79 -10.00
C LEU IA 90 28.38 76.88 -9.06
N VAL IA 91 28.79 78.02 -9.60
CA VAL IA 91 29.10 79.17 -8.79
C VAL IA 91 27.92 79.57 -7.94
N ASN IA 92 26.75 79.61 -8.56
CA ASN IA 92 25.53 79.94 -7.86
C ASN IA 92 25.28 78.97 -6.73
N MET IA 93 25.50 77.70 -7.01
CA MET IA 93 25.32 76.66 -6.04
C MET IA 93 26.23 76.82 -4.85
N ILE IA 94 27.52 76.98 -5.11
CA ILE IA 94 28.51 77.04 -4.06
C ILE IA 94 28.27 78.20 -3.15
N ASN IA 95 27.91 79.34 -3.71
CA ASN IA 95 27.62 80.51 -2.89
C ASN IA 95 26.55 80.22 -1.87
N GLY IA 96 25.46 79.60 -2.32
CA GLY IA 96 24.37 79.26 -1.42
C GLY IA 96 24.80 78.20 -0.44
N LEU IA 97 25.55 77.22 -0.92
CA LEU IA 97 26.03 76.14 -0.08
C LEU IA 97 26.87 76.64 1.06
N LYS IA 98 27.79 77.54 0.76
CA LYS IA 98 28.60 78.12 1.79
C LYS IA 98 27.74 78.80 2.82
N GLY IA 99 26.77 79.58 2.36
CA GLY IA 99 25.86 80.25 3.28
C GLY IA 99 25.18 79.24 4.19
N TYR IA 100 24.77 78.12 3.61
CA TYR IA 100 24.13 77.05 4.34
C TYR IA 100 25.00 76.58 5.48
N TYR IA 101 26.22 76.17 5.17
CA TYR IA 101 27.10 75.64 6.20
C TYR IA 101 27.61 76.67 7.18
N ILE IA 102 27.93 77.85 6.70
CA ILE IA 102 28.47 78.88 7.55
C ILE IA 102 27.49 79.27 8.61
N SER IA 103 26.25 79.50 8.23
CA SER IA 103 25.28 79.99 9.18
C SER IA 103 24.44 78.92 9.84
N ALA IA 104 24.23 77.79 9.18
CA ALA IA 104 23.41 76.74 9.79
C ALA IA 104 24.21 75.88 10.71
N PHE IA 105 25.48 75.62 10.37
CA PHE IA 105 26.31 74.74 11.16
C PHE IA 105 27.51 75.43 11.76
N ASN IA 106 27.59 76.74 11.55
CA ASN IA 106 28.70 77.52 12.08
C ASN IA 106 30.03 77.05 11.53
N ALA IA 107 30.07 76.66 10.26
CA ALA IA 107 31.31 76.25 9.64
C ALA IA 107 32.18 77.45 9.37
N ASN IA 108 33.49 77.28 9.45
CA ASN IA 108 34.43 78.39 9.28
C ASN IA 108 34.70 78.71 7.81
N PRO IA 109 34.05 79.77 7.27
CA PRO IA 109 34.20 80.29 5.90
C PRO IA 109 35.57 80.06 5.30
N GLN IA 110 36.62 80.36 6.06
CA GLN IA 110 37.97 80.27 5.57
C GLN IA 110 38.34 78.84 5.22
N VAL IA 111 37.97 77.92 6.09
CA VAL IA 111 38.26 76.53 5.85
C VAL IA 111 37.42 76.03 4.71
N LEU IA 112 36.19 76.51 4.64
CA LEU IA 112 35.28 76.12 3.57
C LEU IA 112 35.85 76.48 2.23
N ASP IA 113 36.48 77.65 2.16
CA ASP IA 113 37.11 78.08 0.94
C ASP IA 113 38.31 77.22 0.62
N ALA IA 114 39.01 76.76 1.65
CA ALA IA 114 40.12 75.84 1.45
C ALA IA 114 39.63 74.55 0.81
N VAL IA 115 38.45 74.07 1.23
CA VAL IA 115 37.87 72.88 0.65
C VAL IA 115 37.54 73.09 -0.81
N VAL IA 116 36.89 74.21 -1.12
CA VAL IA 116 36.55 74.54 -2.49
C VAL IA 116 37.81 74.65 -3.35
N ASN IA 117 38.85 75.25 -2.76
CA ASN IA 117 40.14 75.41 -3.43
C ASN IA 117 40.77 74.10 -3.88
N ILE IA 118 40.28 72.98 -3.38
CA ILE IA 118 40.78 71.71 -3.79
C ILE IA 118 39.91 71.09 -4.83
N ILE IA 119 38.63 71.03 -4.53
CA ILE IA 119 37.68 70.38 -5.40
C ILE IA 119 37.55 71.11 -6.73
N THR IA 120 37.43 72.42 -6.67
CA THR IA 120 37.33 73.21 -7.88
C THR IA 120 38.69 73.71 -8.30
N GLY IA 121 39.56 73.90 -7.33
CA GLY IA 121 40.90 74.37 -7.59
C GLY IA 121 41.06 75.82 -7.16
N SER IA 122 39.93 76.45 -6.86
CA SER IA 122 39.93 77.83 -6.40
C SER IA 122 38.60 78.14 -5.76
N PRO IA 123 38.54 79.18 -4.96
CA PRO IA 123 37.33 79.72 -4.36
C PRO IA 123 36.40 80.13 -5.48
N THR IA 124 35.12 80.21 -5.19
CA THR IA 124 34.16 80.43 -6.24
C THR IA 124 33.95 81.90 -6.52
N GLY IA 125 32.72 82.28 -6.85
CA GLY IA 125 32.42 83.66 -7.21
C GLY IA 125 32.82 83.92 -8.67
N TYR IA 126 34.10 83.79 -8.94
CA TYR IA 126 34.63 83.93 -10.26
C TYR IA 126 34.95 82.55 -10.80
N VAL IA 127 34.77 82.36 -12.09
CA VAL IA 127 35.07 81.09 -12.70
C VAL IA 127 36.52 81.05 -13.14
N SER IA 128 37.29 80.17 -12.52
CA SER IA 128 38.70 80.02 -12.85
C SER IA 128 39.28 78.79 -12.19
N SER JA 1 38.89 54.47 8.03
CA SER JA 1 39.93 54.74 7.04
C SER JA 1 39.94 53.69 5.95
N ARG JA 2 39.34 54.01 4.81
CA ARG JA 2 39.27 53.06 3.69
C ARG JA 2 39.39 53.75 2.34
N SER JA 3 40.03 53.08 1.39
CA SER JA 3 40.11 53.54 0.01
C SER JA 3 38.83 53.22 -0.68
N TYR JA 4 38.64 53.71 -1.89
CA TYR JA 4 37.40 53.42 -2.56
C TYR JA 4 37.36 51.97 -2.92
N SER JA 5 38.53 51.38 -3.15
CA SER JA 5 38.60 50.01 -3.54
C SER JA 5 38.11 49.13 -2.43
N GLN JA 6 38.37 49.54 -1.21
CA GLN JA 6 37.88 48.84 -0.06
C GLN JA 6 36.42 49.09 0.15
N ARG JA 7 35.99 50.34 -0.08
CA ARG JA 7 34.60 50.68 0.05
C ARG JA 7 33.76 49.86 -0.89
N TYR JA 8 34.21 49.78 -2.12
CA TYR JA 8 33.56 48.99 -3.13
C TYR JA 8 33.59 47.55 -2.82
N ALA JA 9 34.75 47.03 -2.51
CA ALA JA 9 34.90 45.61 -2.26
C ALA JA 9 33.86 45.12 -1.28
N LYS JA 10 33.78 45.78 -0.13
CA LYS JA 10 32.85 45.35 0.87
C LYS JA 10 31.43 45.61 0.45
N TRP JA 11 31.18 46.75 -0.19
CA TRP JA 11 29.85 47.05 -0.68
C TRP JA 11 29.36 45.98 -1.59
N GLN JA 12 30.23 45.51 -2.45
CA GLN JA 12 29.87 44.48 -3.39
C GLN JA 12 29.51 43.21 -2.69
N ALA JA 13 30.30 42.84 -1.70
CA ALA JA 13 30.05 41.62 -0.96
C ALA JA 13 28.71 41.67 -0.26
N LYS JA 14 28.38 42.81 0.29
CA LYS JA 14 27.14 42.96 1.02
C LYS JA 14 25.97 43.06 0.12
N PHE JA 15 26.16 43.68 -1.04
CA PHE JA 15 25.09 43.75 -2.01
C PHE JA 15 24.74 42.35 -2.48
N ASN JA 16 25.78 41.57 -2.78
CA ASN JA 16 25.60 40.21 -3.21
C ASN JA 16 24.83 39.43 -2.19
N ALA JA 17 25.24 39.54 -0.93
CA ALA JA 17 24.60 38.83 0.15
C ALA JA 17 23.14 39.15 0.20
N PHE JA 18 22.81 40.43 0.22
CA PHE JA 18 21.44 40.87 0.31
C PHE JA 18 20.59 40.36 -0.81
N SER JA 19 21.13 40.30 -2.01
CA SER JA 19 20.36 39.87 -3.18
C SER JA 19 19.87 38.41 -3.08
N ASN JA 20 20.46 37.64 -2.18
CA ASN JA 20 20.07 36.24 -2.00
C ASN JA 20 18.65 36.12 -1.45
N PRO JA 21 17.72 35.52 -2.23
CA PRO JA 21 16.30 35.30 -1.87
C PRO JA 21 16.06 35.15 -0.39
N THR JA 22 16.86 34.29 0.24
CA THR JA 22 16.68 34.00 1.64
C THR JA 22 17.08 35.16 2.50
N VAL JA 23 18.21 35.75 2.19
CA VAL JA 23 18.70 36.86 2.97
C VAL JA 23 17.79 38.05 2.85
N ALA JA 24 17.38 38.34 1.64
CA ALA JA 24 16.51 39.46 1.40
C ALA JA 24 15.23 39.32 2.17
N SER JA 25 14.58 38.18 2.02
CA SER JA 25 13.30 37.97 2.66
C SER JA 25 13.41 37.84 4.15
N THR JA 26 14.51 37.27 4.62
CA THR JA 26 14.70 37.15 6.04
C THR JA 26 14.73 38.48 6.70
N ILE JA 27 15.59 39.34 6.18
CA ILE JA 27 15.73 40.65 6.76
C ILE JA 27 14.48 41.46 6.61
N LEU JA 28 13.97 41.52 5.39
CA LEU JA 28 12.85 42.37 5.09
C LEU JA 28 11.58 41.96 5.79
N SER JA 29 11.36 40.66 5.90
CA SER JA 29 10.17 40.19 6.58
C SER JA 29 10.28 40.40 8.08
N ASN JA 30 11.51 40.40 8.61
CA ASN JA 30 11.69 40.64 10.02
C ASN JA 30 11.51 42.09 10.38
N VAL JA 31 11.92 42.99 9.49
CA VAL JA 31 11.82 44.41 9.78
C VAL JA 31 10.56 45.00 9.22
N SER JA 32 9.71 44.16 8.62
CA SER JA 32 8.45 44.62 8.08
C SER JA 32 7.65 45.49 9.08
N PRO JA 33 6.99 44.88 10.09
CA PRO JA 33 6.16 45.60 11.05
C PRO JA 33 6.91 46.77 11.73
N VAL JA 34 8.22 46.67 11.82
CA VAL JA 34 9.02 47.72 12.40
C VAL JA 34 9.03 48.91 11.50
N ALA JA 35 9.29 48.65 10.22
CA ALA JA 35 9.29 49.67 9.21
C ALA JA 35 7.97 50.35 9.14
N GLN JA 36 6.91 49.57 9.29
CA GLN JA 36 5.57 50.10 9.21
C GLN JA 36 5.36 51.11 10.29
N GLN JA 37 5.83 50.80 11.49
CA GLN JA 37 5.70 51.73 12.59
C GLN JA 37 6.43 53.00 12.32
N ASN JA 38 7.65 52.88 11.80
CA ASN JA 38 8.48 54.03 11.57
C ASN JA 38 7.92 54.92 10.49
N PHE JA 39 7.40 54.29 9.44
CA PHE JA 39 6.79 55.01 8.34
C PHE JA 39 5.56 55.74 8.83
N GLN JA 40 4.71 55.04 9.55
CA GLN JA 40 3.49 55.61 10.05
C GLN JA 40 3.75 56.76 10.98
N THR JA 41 4.80 56.64 11.78
CA THR JA 41 5.09 57.64 12.76
C THR JA 41 5.57 58.95 12.17
N ASN JA 42 6.57 58.89 11.29
CA ASN JA 42 7.18 60.13 10.82
C ASN JA 42 6.64 60.67 9.51
N VAL JA 43 5.95 59.87 8.72
CA VAL JA 43 5.51 60.37 7.40
C VAL JA 43 4.34 61.37 7.39
N PRO JA 44 3.19 61.06 8.03
CA PRO JA 44 2.01 61.92 8.04
C PRO JA 44 2.34 63.34 8.52
N LYS JA 45 3.43 63.48 9.28
CA LYS JA 45 3.92 64.75 9.75
C LYS JA 45 4.26 65.66 8.58
N PHE JA 46 4.83 65.09 7.54
CA PHE JA 46 5.26 65.83 6.38
C PHE JA 46 4.16 65.94 5.37
N THR JA 47 3.25 64.99 5.37
CA THR JA 47 2.12 65.06 4.48
C THR JA 47 1.28 66.27 4.79
N SER JA 48 1.06 66.54 6.09
CA SER JA 48 0.29 67.69 6.50
C SER JA 48 0.99 68.98 6.09
N VAL JA 49 2.31 68.95 6.05
CA VAL JA 49 3.08 70.09 5.59
C VAL JA 49 2.80 70.33 4.16
N ASN JA 50 2.81 69.28 3.37
CA ASN JA 50 2.59 69.39 1.95
C ASN JA 50 1.25 70.01 1.64
N GLU JA 51 0.22 69.63 2.39
CA GLU JA 51 -1.10 70.21 2.15
C GLU JA 51 -1.10 71.71 2.38
N ASN JA 52 -0.64 72.12 3.55
CA ASN JA 52 -0.66 73.53 3.89
C ASN JA 52 0.26 74.35 3.02
N VAL JA 53 1.47 73.86 2.80
CA VAL JA 53 2.43 74.58 1.98
C VAL JA 53 1.93 74.72 0.57
N SER JA 54 1.35 73.66 0.05
CA SER JA 54 0.82 73.70 -1.29
C SER JA 54 -0.25 74.76 -1.39
N ALA JA 55 -1.13 74.81 -0.40
CA ALA JA 55 -2.19 75.80 -0.39
C ALA JA 55 -1.62 77.20 -0.48
N VAL JA 56 -0.58 77.45 0.29
CA VAL JA 56 0.09 78.74 0.26
C VAL JA 56 0.62 79.07 -1.10
N LEU JA 57 1.27 78.11 -1.71
CA LEU JA 57 1.86 78.30 -3.01
C LEU JA 57 0.82 78.65 -4.04
N THR JA 58 -0.36 78.07 -3.91
CA THR JA 58 -1.47 78.42 -4.80
C THR JA 58 -1.89 79.86 -4.58
N GLN JA 59 -1.94 80.30 -3.33
CA GLN JA 59 -2.27 81.68 -3.01
C GLN JA 59 -1.19 82.66 -3.53
N TYR JA 60 0.06 82.20 -3.61
CA TYR JA 60 1.13 83.02 -4.19
C TYR JA 60 1.28 82.87 -5.70
N GLY JA 61 0.43 82.07 -6.33
CA GLY JA 61 0.48 81.95 -7.77
C GLY JA 61 1.63 81.09 -8.29
N ILE JA 62 2.20 80.27 -7.41
CA ILE JA 62 3.35 79.47 -7.76
C ILE JA 62 2.93 78.19 -8.46
N THR JA 63 3.51 77.92 -9.61
CA THR JA 63 3.14 76.74 -10.40
C THR JA 63 4.34 75.91 -10.80
N GLY JA 64 4.07 74.68 -11.20
CA GLY JA 64 5.09 73.79 -11.71
C GLY JA 64 6.16 73.50 -10.69
N PRO JA 65 7.37 73.28 -11.17
CA PRO JA 65 8.57 72.97 -10.43
C PRO JA 65 8.92 74.04 -9.44
N ASN JA 66 8.38 75.23 -9.64
CA ASN JA 66 8.63 76.30 -8.70
C ASN JA 66 7.98 75.96 -7.39
N ARG JA 67 6.86 75.25 -7.44
CA ARG JA 67 6.21 74.82 -6.22
C ARG JA 67 7.09 73.85 -5.54
N ALA JA 68 7.67 72.95 -6.34
CA ALA JA 68 8.55 71.92 -5.82
C ALA JA 68 9.76 72.51 -5.11
N ILE JA 69 10.24 73.65 -5.58
CA ILE JA 69 11.33 74.31 -4.89
C ILE JA 69 10.96 74.62 -3.48
N TYR JA 70 9.78 75.19 -3.31
CA TYR JA 70 9.33 75.58 -2.00
C TYR JA 70 8.90 74.40 -1.17
N GLN JA 71 8.42 73.34 -1.84
CA GLN JA 71 8.07 72.13 -1.13
C GLN JA 71 9.30 71.51 -0.53
N GLY JA 72 10.38 71.49 -1.30
CA GLY JA 72 11.65 70.95 -0.81
C GLY JA 72 12.12 71.73 0.39
N PHE JA 73 12.06 73.04 0.28
CA PHE JA 73 12.44 73.91 1.36
C PHE JA 73 11.62 73.63 2.61
N GLY JA 74 10.30 73.64 2.46
CA GLY JA 74 9.40 73.42 3.59
C GLY JA 74 9.63 72.09 4.26
N LEU JA 75 9.77 71.06 3.46
CA LEU JA 75 10.00 69.74 3.99
C LEU JA 75 11.28 69.68 4.78
N LYS JA 76 12.30 70.36 4.29
CA LYS JA 76 13.58 70.38 4.96
C LYS JA 76 13.49 71.14 6.28
N VAL JA 77 12.68 72.19 6.31
CA VAL JA 77 12.44 72.92 7.55
C VAL JA 77 11.82 72.00 8.58
N ALA JA 78 10.80 71.26 8.15
CA ALA JA 78 10.11 70.33 9.03
C ALA JA 78 11.05 69.23 9.52
N ARG JA 79 11.92 68.75 8.64
CA ARG JA 79 12.90 67.76 9.03
C ARG JA 79 13.71 68.22 10.21
N ALA JA 80 14.27 69.41 10.10
CA ALA JA 80 15.08 69.97 11.15
C ALA JA 80 14.29 70.10 12.42
N LEU JA 81 13.04 70.50 12.29
CA LEU JA 81 12.19 70.60 13.44
C LEU JA 81 12.11 69.27 14.17
N ASN JA 82 11.89 68.19 13.43
CA ASN JA 82 11.82 66.88 14.07
C ASN JA 82 13.12 66.44 14.74
N ARG JA 83 14.25 66.64 14.05
CA ARG JA 83 15.52 66.14 14.55
C ARG JA 83 16.18 67.08 15.58
N ILE JA 84 15.86 68.36 15.51
CA ILE JA 84 16.41 69.34 16.44
C ILE JA 84 15.40 69.78 17.49
N GLY JA 85 14.22 70.15 17.03
CA GLY JA 85 13.19 70.69 17.90
C GLY JA 85 13.21 72.19 17.83
N SER JA 86 12.14 72.83 18.25
CA SER JA 86 12.06 74.28 18.15
C SER JA 86 13.02 74.94 19.12
N GLY JA 87 13.32 76.20 18.85
CA GLY JA 87 14.23 76.96 19.69
C GLY JA 87 15.47 77.38 18.91
N PRO JA 88 16.39 78.04 19.59
CA PRO JA 88 17.67 78.59 19.11
C PRO JA 88 18.25 77.82 17.92
N ALA JA 89 18.58 76.55 18.13
CA ALA JA 89 19.24 75.75 17.10
C ALA JA 89 18.42 75.68 15.83
N LEU JA 90 17.12 75.60 15.96
CA LEU JA 90 16.26 75.53 14.79
C LEU JA 90 16.36 76.80 14.02
N VAL JA 91 16.32 77.90 14.74
CA VAL JA 91 16.43 79.21 14.11
C VAL JA 91 17.74 79.32 13.36
N ASN JA 92 18.82 78.86 13.98
CA ASN JA 92 20.13 78.87 13.35
C ASN JA 92 20.08 78.09 12.05
N MET JA 93 19.44 76.93 12.10
CA MET JA 93 19.28 76.10 10.94
C MET JA 93 18.51 76.79 9.85
N ILE JA 94 17.36 77.33 10.20
CA ILE JA 94 16.48 77.94 9.22
C ILE JA 94 17.13 79.09 8.55
N ASN JA 95 17.85 79.91 9.31
CA ASN JA 95 18.54 81.05 8.73
C ASN JA 95 19.47 80.63 7.61
N GLY JA 96 20.25 79.57 7.85
CA GLY JA 96 21.16 79.08 6.84
C GLY JA 96 20.43 78.44 5.69
N LEU JA 97 19.39 77.69 6.01
CA LEU JA 97 18.60 77.03 5.01
C LEU JA 97 17.91 78.01 4.08
N LYS JA 98 17.32 79.03 4.64
CA LYS JA 98 16.68 80.04 3.85
C LYS JA 98 17.65 80.67 2.88
N GLY JA 99 18.78 81.16 3.40
CA GLY JA 99 19.79 81.79 2.57
C GLY JA 99 20.26 80.85 1.47
N TYR JA 100 20.43 79.59 1.85
CA TYR JA 100 20.83 78.54 0.92
C TYR JA 100 19.92 78.49 -0.27
N TYR JA 101 18.63 78.37 -0.04
CA TYR JA 101 17.67 78.32 -1.14
C TYR JA 101 17.60 79.60 -1.93
N ILE JA 102 17.70 80.73 -1.26
CA ILE JA 102 17.60 81.99 -1.95
C ILE JA 102 18.67 82.14 -2.98
N SER JA 103 19.89 81.85 -2.63
CA SER JA 103 21.00 82.06 -3.53
C SER JA 103 21.38 80.85 -4.34
N ALA JA 104 21.16 79.66 -3.82
CA ALA JA 104 21.52 78.45 -4.56
C ALA JA 104 20.53 78.17 -5.64
N PHE JA 105 19.24 78.37 -5.35
CA PHE JA 105 18.19 78.03 -6.30
C PHE JA 105 17.36 79.20 -6.70
N ASN JA 106 17.77 80.40 -6.31
CA ASN JA 106 17.02 81.60 -6.66
C ASN JA 106 15.61 81.55 -6.12
N ALA JA 107 15.44 80.99 -4.92
CA ALA JA 107 14.13 80.95 -4.31
C ALA JA 107 13.75 82.33 -3.81
N ASN JA 108 12.47 82.66 -3.90
CA ASN JA 108 11.99 83.98 -3.53
C ASN JA 108 11.71 84.12 -2.03
N PRO JA 109 12.60 84.81 -1.29
CA PRO JA 109 12.51 85.12 0.16
C PRO JA 109 11.07 85.27 0.65
N GLN JA 110 10.24 85.97 -0.10
CA GLN JA 110 8.87 86.20 0.31
C GLN JA 110 8.08 84.93 0.45
N VAL JA 111 8.20 84.06 -0.52
CA VAL JA 111 7.48 82.83 -0.46
C VAL JA 111 8.11 81.94 0.57
N LEU JA 112 9.44 81.99 0.68
CA LEU JA 112 10.14 81.17 1.64
C LEU JA 112 9.68 81.49 3.04
N ASP JA 113 9.46 82.76 3.31
CA ASP JA 113 8.96 83.19 4.58
C ASP JA 113 7.58 82.68 4.81
N ALA JA 114 6.76 82.71 3.77
CA ALA JA 114 5.41 82.20 3.87
C ALA JA 114 5.41 80.74 4.26
N VAL JA 115 6.33 79.97 3.68
CA VAL JA 115 6.42 78.56 4.01
C VAL JA 115 6.78 78.37 5.48
N VAL JA 116 7.76 79.14 5.95
CA VAL JA 116 8.16 79.08 7.36
C VAL JA 116 7.00 79.49 8.26
N ASN JA 117 6.22 80.47 7.80
CA ASN JA 117 5.08 80.97 8.55
C ASN JA 117 3.94 79.96 8.67
N ILE JA 118 4.07 78.82 8.02
CA ILE JA 118 3.13 77.75 8.16
C ILE JA 118 3.66 76.72 9.10
N ILE JA 119 4.86 76.27 8.82
CA ILE JA 119 5.49 75.23 9.58
C ILE JA 119 5.79 75.67 11.00
N THR JA 120 6.41 76.83 11.13
CA THR JA 120 6.75 77.33 12.44
C THR JA 120 5.68 78.27 12.92
N GLY JA 121 5.09 79.00 11.99
CA GLY JA 121 4.06 79.95 12.32
C GLY JA 121 4.62 81.36 12.35
N SER JA 122 5.94 81.47 12.35
CA SER JA 122 6.58 82.77 12.41
C SER JA 122 7.88 82.76 11.65
N PRO JA 123 8.34 83.91 11.19
CA PRO JA 123 9.58 84.17 10.50
C PRO JA 123 10.75 83.77 11.35
N THR JA 124 11.88 83.53 10.72
CA THR JA 124 13.08 83.15 11.42
C THR JA 124 13.89 84.38 11.82
N GLY JA 125 15.22 84.29 11.72
CA GLY JA 125 16.08 85.41 12.09
C GLY JA 125 16.32 85.43 13.59
N TYR JA 126 15.25 85.64 14.35
CA TYR JA 126 15.31 85.67 15.80
C TYR JA 126 14.31 84.68 16.39
N VAL JA 127 14.62 84.17 17.58
CA VAL JA 127 13.76 83.19 18.23
C VAL JA 127 12.43 83.82 18.63
N SER JA 128 11.32 83.25 18.13
CA SER JA 128 10.00 83.78 18.45
C SER JA 128 8.89 82.78 18.10
N SER KA 1 14.38 60.66 13.74
CA SER KA 1 14.72 60.38 15.12
C SER KA 1 14.07 59.10 15.61
N ARG KA 2 14.70 58.45 16.58
CA ARG KA 2 14.22 57.16 17.08
C ARG KA 2 14.24 57.07 18.59
N SER KA 3 13.11 56.68 19.16
CA SER KA 3 12.99 56.43 20.59
C SER KA 3 13.58 55.10 20.95
N TYR KA 4 13.74 54.83 22.23
CA TYR KA 4 14.25 53.54 22.66
C TYR KA 4 13.45 52.41 22.11
N SER KA 5 12.12 52.51 22.21
CA SER KA 5 11.26 51.48 21.70
C SER KA 5 11.62 51.15 20.26
N GLN KA 6 11.82 52.19 19.47
CA GLN KA 6 12.19 52.03 18.08
C GLN KA 6 13.58 51.48 17.91
N ARG KA 7 14.52 51.96 18.72
CA ARG KA 7 15.90 51.51 18.63
C ARG KA 7 15.99 50.03 18.80
N TYR KA 8 15.39 49.57 19.87
CA TYR KA 8 15.39 48.18 20.19
C TYR KA 8 14.63 47.35 19.21
N ALA KA 9 13.44 47.81 18.86
CA ALA KA 9 12.60 47.05 17.93
C ALA KA 9 13.37 46.64 16.69
N LYS KA 10 13.99 47.61 16.04
CA LYS KA 10 14.69 47.32 14.82
C LYS KA 10 15.92 46.50 15.07
N TRP KA 11 16.63 46.80 16.16
CA TRP KA 11 17.81 46.02 16.52
C TRP KA 11 17.47 44.57 16.63
N GLN KA 12 16.34 44.29 17.25
CA GLN KA 12 15.92 42.94 17.44
C GLN KA 12 15.65 42.26 16.15
N ALA KA 13 14.96 42.95 15.26
CA ALA KA 13 14.62 42.39 13.97
C ALA KA 13 15.84 42.01 13.18
N LYS KA 14 16.85 42.88 13.22
CA LYS KA 14 18.05 42.64 12.46
C LYS KA 14 18.90 41.58 13.10
N PHE KA 15 18.90 41.53 14.42
CA PHE KA 15 19.63 40.51 15.12
C PHE KA 15 19.08 39.15 14.76
N ASN KA 16 17.75 39.03 14.81
CA ASN KA 16 17.07 37.80 14.48
C ASN KA 16 17.42 37.36 13.09
N ALA KA 17 17.35 38.29 12.15
CA ALA KA 17 17.65 37.98 10.77
C ALA KA 17 19.03 37.41 10.63
N PHE KA 18 20.01 38.09 11.20
CA PHE KA 18 21.38 37.66 11.10
C PHE KA 18 21.61 36.27 11.66
N SER KA 19 20.92 35.93 12.75
CA SER KA 19 21.13 34.64 13.39
C SER KA 19 20.76 33.45 12.50
N ASN KA 20 20.00 33.70 11.43
CA ASN KA 20 19.61 32.66 10.50
C ASN KA 20 20.82 32.06 9.78
N PRO KA 21 21.10 30.76 9.99
CA PRO KA 21 22.21 29.99 9.39
C PRO KA 21 22.64 30.49 8.02
N THR KA 22 21.67 30.68 7.14
CA THR KA 22 21.97 31.00 5.77
C THR KA 22 22.28 32.44 5.60
N VAL KA 23 21.72 33.28 6.44
CA VAL KA 23 21.96 34.68 6.35
C VAL KA 23 23.32 34.99 6.87
N ALA KA 24 23.64 34.43 8.02
CA ALA KA 24 24.93 34.63 8.62
C ALA KA 24 26.02 34.16 7.71
N SER KA 25 25.86 32.95 7.17
CA SER KA 25 26.89 32.39 6.34
C SER KA 25 27.00 33.08 5.01
N THR KA 26 25.87 33.53 4.48
CA THR KA 26 25.91 34.26 3.23
C THR KA 26 26.72 35.50 3.37
N ILE KA 27 26.40 36.29 4.36
CA ILE KA 27 27.07 37.53 4.56
C ILE KA 27 28.53 37.33 4.89
N LEU KA 28 28.78 36.49 5.88
CA LEU KA 28 30.11 36.31 6.39
C LEU KA 28 31.04 35.68 5.39
N SER KA 29 30.54 34.74 4.61
CA SER KA 29 31.37 34.12 3.61
C SER KA 29 31.64 35.06 2.45
N ASN KA 30 30.71 35.98 2.19
CA ASN KA 30 30.92 36.95 1.13
C ASN KA 30 31.92 38.00 1.52
N VAL KA 31 31.93 38.39 2.79
CA VAL KA 31 32.86 39.43 3.22
C VAL KA 31 34.12 38.87 3.80
N SER KA 32 34.24 37.55 3.77
CA SER KA 32 35.44 36.89 4.26
C SER KA 32 36.72 37.53 3.72
N PRO KA 33 37.11 37.24 2.46
CA PRO KA 33 38.36 37.73 1.87
C PRO KA 33 38.52 39.25 1.98
N VAL KA 34 37.40 39.98 2.07
CA VAL KA 34 37.44 41.41 2.20
C VAL KA 34 37.94 41.78 3.56
N ALA KA 35 37.34 41.17 4.57
CA ALA KA 35 37.75 41.38 5.94
C ALA KA 35 39.17 40.99 6.14
N GLN KA 36 39.58 39.91 5.49
CA GLN KA 36 40.94 39.43 5.61
C GLN KA 36 41.91 40.47 5.17
N GLN KA 37 41.59 41.11 4.05
CA GLN KA 37 42.42 42.16 3.54
C GLN KA 37 42.55 43.29 4.54
N ASN KA 38 41.42 43.70 5.10
CA ASN KA 38 41.40 44.81 6.01
C ASN KA 38 42.15 44.52 7.28
N PHE KA 39 42.01 43.30 7.78
CA PHE KA 39 42.69 42.89 8.99
C PHE KA 39 44.18 42.90 8.76
N GLN KA 40 44.60 42.28 7.66
CA GLN KA 40 46.00 42.21 7.33
C GLN KA 40 46.59 43.57 7.07
N THR KA 41 45.83 44.44 6.45
CA THR KA 41 46.31 45.74 6.10
C THR KA 41 46.61 46.62 7.30
N ASN KA 42 45.70 46.67 8.26
CA ASN KA 42 45.87 47.59 9.37
C ASN KA 42 46.44 47.00 10.64
N VAL KA 43 46.15 45.74 10.94
CA VAL KA 43 46.54 45.20 12.24
C VAL KA 43 48.05 45.23 12.57
N PRO KA 44 48.93 44.84 11.64
CA PRO KA 44 50.39 44.83 11.75
C PRO KA 44 50.91 46.19 12.19
N LYS KA 45 50.18 47.25 11.81
CA LYS KA 45 50.57 48.60 12.14
C LYS KA 45 50.51 48.84 13.62
N PHE KA 46 49.56 48.19 14.28
CA PHE KA 46 49.36 48.34 15.69
C PHE KA 46 50.14 47.33 16.47
N THR KA 47 50.42 46.20 15.87
CA THR KA 47 51.25 45.21 16.53
C THR KA 47 52.63 45.77 16.76
N SER KA 48 53.17 46.45 15.76
CA SER KA 48 54.48 47.05 15.90
C SER KA 48 54.49 48.09 17.01
N VAL KA 49 53.36 48.75 17.22
CA VAL KA 49 53.22 49.71 18.30
C VAL KA 49 53.26 49.01 19.62
N ASN KA 50 52.53 47.92 19.74
CA ASN KA 50 52.50 47.16 20.96
C ASN KA 50 53.87 46.70 21.32
N GLU KA 51 54.63 46.30 20.32
CA GLU KA 51 55.98 45.83 20.53
C GLU KA 51 56.91 46.93 21.01
N ASN KA 52 56.94 48.02 20.29
CA ASN KA 52 57.86 49.09 20.61
C ASN KA 52 57.51 49.74 21.92
N VAL KA 53 56.22 49.92 22.16
CA VAL KA 53 55.77 50.49 23.42
C VAL KA 53 56.09 49.58 24.56
N SER KA 54 55.93 48.28 24.34
CA SER KA 54 56.28 47.31 25.35
C SER KA 54 57.72 47.44 25.74
N ALA KA 55 58.60 47.58 24.74
CA ALA KA 55 60.01 47.74 25.00
C ALA KA 55 60.25 48.91 25.92
N VAL KA 56 59.60 50.02 25.63
CA VAL KA 56 59.70 51.21 26.45
C VAL KA 56 59.28 50.95 27.86
N LEU KA 57 58.14 50.32 28.02
CA LEU KA 57 57.59 50.08 29.32
C LEU KA 57 58.48 49.21 30.16
N THR KA 58 59.15 48.27 29.54
CA THR KA 58 60.11 47.45 30.26
C THR KA 58 61.28 48.29 30.73
N GLN KA 59 61.74 49.21 29.89
CA GLN KA 59 62.81 50.14 30.30
C GLN KA 59 62.38 51.03 31.47
N TYR KA 60 61.10 51.36 31.54
CA TYR KA 60 60.59 52.18 32.64
C TYR KA 60 60.12 51.38 33.84
N GLY KA 61 60.28 50.06 33.80
CA GLY KA 61 59.93 49.25 34.94
C GLY KA 61 58.43 49.08 35.14
N ILE KA 62 57.66 49.29 34.09
CA ILE KA 62 56.22 49.22 34.18
C ILE KA 62 55.75 47.79 34.04
N THR KA 63 54.94 47.34 35.00
CA THR KA 63 54.46 45.96 35.01
C THR KA 63 52.95 45.87 35.14
N GLY KA 64 52.42 44.71 34.83
CA GLY KA 64 51.00 44.44 35.00
C GLY KA 64 50.14 45.37 34.17
N PRO KA 65 48.96 45.66 34.68
CA PRO KA 65 47.94 46.50 34.09
C PRO KA 65 48.44 47.90 33.84
N ASN KA 66 49.52 48.28 34.50
CA ASN KA 66 50.05 49.58 34.28
C ASN KA 66 50.62 49.68 32.89
N ARG KA 67 51.11 48.55 32.37
CA ARG KA 67 51.60 48.51 31.02
C ARG KA 67 50.45 48.70 30.11
N ALA KA 68 49.34 48.04 30.45
CA ALA KA 68 48.12 48.12 29.64
C ALA KA 68 47.62 49.55 29.52
N ILE KA 69 47.79 50.34 30.57
CA ILE KA 69 47.40 51.74 30.52
C ILE KA 69 48.13 52.46 29.42
N TYR KA 70 49.44 52.31 29.42
CA TYR KA 70 50.26 53.00 28.46
C TYR KA 70 50.10 52.43 27.06
N GLN KA 71 49.85 51.13 26.98
CA GLN KA 71 49.62 50.50 25.70
C GLN KA 71 48.37 51.05 25.06
N GLY KA 72 47.32 51.25 25.85
CA GLY KA 72 46.09 51.82 25.36
C GLY KA 72 46.32 53.21 24.81
N PHE KA 73 47.07 54.01 25.55
CA PHE KA 73 47.43 55.33 25.13
C PHE KA 73 48.15 55.31 23.79
N GLY KA 74 49.17 54.46 23.68
CA GLY KA 74 49.95 54.35 22.46
C GLY KA 74 49.08 53.96 21.28
N LEU KA 75 48.22 52.99 21.48
CA LEU KA 75 47.35 52.51 20.45
C LEU KA 75 46.43 53.61 19.95
N LYS KA 76 45.96 54.44 20.87
CA LYS KA 76 45.11 55.56 20.52
C LYS KA 76 45.84 56.56 19.67
N VAL KA 77 47.11 56.82 19.99
CA VAL KA 77 47.91 57.74 19.21
C VAL KA 77 48.00 57.24 17.78
N ALA KA 78 48.29 55.96 17.62
CA ALA KA 78 48.41 55.35 16.33
C ALA KA 78 47.09 55.39 15.56
N ARG KA 79 45.99 55.19 16.26
CA ARG KA 79 44.68 55.22 15.63
C ARG KA 79 44.43 56.54 14.98
N ALA KA 80 44.65 57.61 15.72
CA ALA KA 80 44.46 58.94 15.22
C ALA KA 80 45.37 59.18 14.04
N LEU KA 81 46.60 58.71 14.14
CA LEU KA 81 47.52 58.86 13.05
C LEU KA 81 46.96 58.26 11.79
N ASN KA 82 46.44 57.05 11.87
CA ASN KA 82 45.87 56.40 10.69
C ASN KA 82 44.65 57.12 10.12
N ARG KA 83 43.79 57.63 11.00
CA ARG KA 83 42.53 58.22 10.54
C ARG KA 83 42.64 59.73 10.28
N ILE KA 84 43.71 60.35 10.77
CA ILE KA 84 43.93 61.79 10.57
C ILE KA 84 45.18 62.07 9.77
N GLY KA 85 46.26 61.43 10.14
CA GLY KA 85 47.55 61.69 9.51
C GLY KA 85 48.34 62.63 10.38
N SER KA 86 49.65 62.70 10.14
CA SER KA 86 50.51 63.55 10.96
C SER KA 86 50.28 65.01 10.67
N GLY KA 87 50.73 65.87 11.57
CA GLY KA 87 50.58 67.30 11.41
C GLY KA 87 49.65 67.87 12.46
N PRO KA 88 49.37 69.17 12.35
CA PRO KA 88 48.52 70.00 13.22
C PRO KA 88 47.42 69.22 13.93
N ALA KA 89 46.53 68.61 13.17
CA ALA KA 89 45.39 67.91 13.76
C ALA KA 89 45.83 66.82 14.72
N LEU KA 90 46.91 66.12 14.39
CA LEU KA 90 47.41 65.07 15.26
C LEU KA 90 47.89 65.67 16.53
N VAL KA 91 48.59 66.79 16.42
CA VAL KA 91 49.10 67.50 17.58
C VAL KA 91 47.95 67.85 18.52
N ASN KA 92 46.88 68.38 17.95
CA ASN KA 92 45.71 68.75 18.72
C ASN KA 92 45.15 67.53 19.43
N MET KA 93 45.11 66.42 18.72
CA MET KA 93 44.62 65.19 19.27
C MET KA 93 45.44 64.71 20.44
N ILE KA 94 46.74 64.64 20.26
CA ILE KA 94 47.62 64.09 21.28
C ILE KA 94 47.57 64.91 22.54
N ASN KA 95 47.53 66.23 22.40
CA ASN KA 95 47.44 67.08 23.57
C ASN KA 95 46.25 66.72 24.42
N GLY KA 96 45.09 66.57 23.79
CA GLY KA 96 43.88 66.22 24.50
C GLY KA 96 43.97 64.83 25.07
N LEU KA 97 44.51 63.92 24.27
CA LEU KA 97 44.68 62.55 24.68
C LEU KA 97 45.50 62.41 25.92
N LYS KA 98 46.62 63.11 25.96
CA LYS KA 98 47.45 63.09 27.14
C LYS KA 98 46.69 63.58 28.33
N GLY KA 99 45.95 64.67 28.16
CA GLY KA 99 45.14 65.19 29.26
C GLY KA 99 44.18 64.13 29.77
N TYR KA 100 43.57 63.41 28.83
CA TYR KA 100 42.65 62.34 29.14
C TYR KA 100 43.29 61.31 30.05
N TYR KA 101 44.41 60.75 29.63
CA TYR KA 101 45.06 59.71 30.41
C TYR KA 101 45.70 60.20 31.68
N ILE KA 102 46.32 61.37 31.64
CA ILE KA 102 46.99 61.88 32.79
C ILE KA 102 46.05 62.11 33.93
N SER KA 103 44.93 62.75 33.64
CA SER KA 103 44.01 63.11 34.70
C SER KA 103 42.90 62.11 34.95
N ALA KA 104 42.49 61.35 33.93
CA ALA KA 104 41.41 60.40 34.14
C ALA KA 104 41.92 59.12 34.72
N PHE KA 105 43.12 58.69 34.30
CA PHE KA 105 43.65 57.41 34.75
C PHE KA 105 44.93 57.56 35.54
N ASN KA 106 45.32 58.80 35.81
CA ASN KA 106 46.52 59.07 36.56
C ASN KA 106 47.76 58.50 35.90
N ALA KA 107 47.81 58.57 34.57
CA ALA KA 107 48.97 58.09 33.86
C ALA KA 107 50.11 59.08 34.02
N ASN KA 108 51.35 58.58 34.04
CA ASN KA 108 52.52 59.40 34.26
C ASN KA 108 52.98 60.13 33.00
N PRO KA 109 52.65 61.43 32.87
CA PRO KA 109 53.02 62.34 31.77
C PRO KA 109 54.36 62.01 31.12
N GLN KA 110 55.36 61.77 31.95
CA GLN KA 110 56.70 61.53 31.44
C GLN KA 110 56.78 60.25 30.63
N VAL KA 111 56.13 59.21 31.12
CA VAL KA 111 56.11 57.96 30.42
C VAL KA 111 55.29 58.09 29.18
N LEU KA 112 54.20 58.84 29.27
CA LEU KA 112 53.33 59.06 28.13
C LEU KA 112 54.09 59.71 27.00
N ASP KA 113 54.95 60.65 27.34
CA ASP KA 113 55.77 61.29 26.35
C ASP KA 113 56.76 60.33 25.75
N ALA KA 114 57.26 59.40 26.56
CA ALA KA 114 58.15 58.36 26.06
C ALA KA 114 57.43 57.51 25.01
N VAL KA 115 56.14 57.22 25.24
CA VAL KA 115 55.37 56.46 24.27
C VAL KA 115 55.23 57.23 22.98
N VAL KA 116 54.87 58.51 23.08
CA VAL KA 116 54.73 59.35 21.90
C VAL KA 116 56.05 59.45 21.14
N ASN KA 117 57.15 59.55 21.90
CA ASN KA 117 58.49 59.60 21.33
C ASN KA 117 58.85 58.40 20.46
N ILE KA 118 58.08 57.35 20.53
CA ILE KA 118 58.32 56.20 19.71
C ILE KA 118 57.41 56.19 18.53
N ILE KA 119 56.14 56.35 18.78
CA ILE KA 119 55.14 56.29 17.72
C ILE KA 119 55.30 57.42 16.74
N THR KA 120 55.48 58.62 17.25
CA THR KA 120 55.66 59.78 16.39
C THR KA 120 57.13 60.04 16.17
N GLY KA 121 57.93 59.68 17.16
CA GLY KA 121 59.36 59.88 17.07
C GLY KA 121 59.80 61.01 17.98
N SER KA 122 58.82 61.76 18.48
CA SER KA 122 59.08 62.85 19.39
C SER KA 122 57.81 63.25 20.09
N PRO KA 123 57.92 63.94 21.21
CA PRO KA 123 56.82 64.51 21.95
C PRO KA 123 56.11 65.49 21.04
N THR KA 124 54.85 65.77 21.34
CA THR KA 124 54.06 66.56 20.43
C THR KA 124 54.21 68.04 20.67
N GLY KA 125 53.12 68.79 20.48
CA GLY KA 125 53.18 70.25 20.63
C GLY KA 125 53.75 70.87 19.36
N TYR KA 126 54.99 70.55 19.07
CA TYR KA 126 55.65 70.99 17.86
C TYR KA 126 55.69 69.84 16.89
N VAL KA 127 55.60 70.14 15.62
CA VAL KA 127 55.66 69.11 14.60
C VAL KA 127 57.09 68.87 14.17
N SER KA 128 57.59 67.67 14.46
CA SER KA 128 58.94 67.32 14.10
C SER KA 128 59.18 65.83 14.29
N SER LA 1 51.58 36.99 24.81
CA SER LA 1 52.73 37.32 23.97
C SER LA 1 52.60 36.72 22.59
N ARG LA 2 52.19 37.55 21.62
CA ARG LA 2 52.00 37.07 20.24
C ARG LA 2 52.40 38.13 19.22
N SER LA 3 52.95 37.68 18.10
CA SER LA 3 53.25 38.54 16.96
C SER LA 3 51.99 38.79 16.20
N TYR LA 4 52.03 39.69 15.23
CA TYR LA 4 50.81 39.95 14.50
C TYR LA 4 50.48 38.76 13.66
N SER LA 5 51.50 38.02 13.25
CA SER LA 5 51.29 36.89 12.40
C SER LA 5 50.53 35.83 13.13
N GLN LA 6 50.76 35.74 14.42
CA GLN LA 6 50.03 34.82 15.26
C GLN LA 6 48.64 35.34 15.53
N ARG LA 7 48.53 36.64 15.75
CA ARG LA 7 47.25 37.26 16.00
C ARG LA 7 46.33 37.02 14.82
N TYR LA 8 46.86 37.26 13.64
CA TYR LA 8 46.13 37.05 12.42
C TYR LA 8 45.81 35.61 12.20
N ALA LA 9 46.80 34.75 12.32
CA ALA LA 9 46.60 33.34 12.07
C ALA LA 9 45.39 32.81 12.82
N LYS LA 10 45.36 33.05 14.12
CA LYS LA 10 44.28 32.55 14.91
C LYS LA 10 42.99 33.27 14.60
N TRP LA 11 43.06 34.58 14.39
CA TRP LA 11 41.89 35.34 14.03
C TRP LA 11 41.25 34.80 12.80
N GLN LA 12 42.06 34.44 11.83
CA GLN LA 12 41.57 33.90 10.60
C GLN LA 12 40.85 32.60 10.82
N ALA LA 13 41.47 31.74 11.61
CA ALA LA 13 40.88 30.45 11.88
C ALA LA 13 39.53 30.58 12.55
N LYS LA 14 39.42 31.52 13.48
CA LYS LA 14 38.20 31.70 14.19
C LYS LA 14 37.16 32.37 13.38
N PHE LA 15 37.58 33.27 12.51
CA PHE LA 15 36.64 33.93 11.63
C PHE LA 15 36.03 32.90 10.70
N ASN LA 16 36.87 32.04 10.15
CA ASN LA 16 36.44 30.98 9.26
C ASN LA 16 35.43 30.11 9.95
N ALA LA 17 35.74 29.70 11.17
CA ALA LA 17 34.88 28.84 11.93
C ALA LA 17 33.52 29.47 12.09
N PHE LA 18 33.49 30.71 12.55
CA PHE LA 18 32.25 31.40 12.80
C PHE LA 18 31.41 31.52 11.56
N SER LA 19 32.02 31.74 10.40
CA SER LA 19 31.27 31.93 9.17
C SER LA 19 30.46 30.70 8.75
N ASN LA 20 30.78 29.54 9.32
CA ASN LA 20 30.08 28.29 9.01
C ASN LA 20 28.63 28.35 9.48
N PRO LA 21 27.65 28.29 8.54
CA PRO LA 21 26.19 28.31 8.79
C PRO LA 21 25.80 27.72 10.13
N THR LA 22 26.33 26.54 10.43
CA THR LA 22 25.97 25.85 11.63
C THR LA 22 26.54 26.52 12.83
N VAL LA 23 27.80 26.89 12.76
CA VAL LA 23 28.46 27.53 13.88
C VAL LA 23 27.85 28.86 14.18
N ALA LA 24 27.62 29.64 13.14
CA ALA LA 24 27.05 30.94 13.30
C ALA LA 24 25.71 30.87 13.97
N SER LA 25 24.83 30.03 13.44
CA SER LA 25 23.50 29.94 13.96
C SER LA 25 23.45 29.29 15.31
N THR LA 26 24.35 28.36 15.56
CA THR LA 26 24.37 27.71 16.85
C THR LA 26 24.65 28.70 17.92
N ILE LA 27 25.71 29.44 17.75
CA ILE LA 27 26.10 30.41 18.74
C ILE LA 27 25.08 31.49 18.87
N LEU LA 28 24.71 32.09 17.75
CA LEU LA 28 23.84 33.24 17.76
C LEU LA 28 22.45 32.93 18.26
N SER LA 29 21.93 31.76 17.93
CA SER LA 29 20.62 31.39 18.40
C SER LA 29 20.64 31.06 19.88
N ASN LA 30 21.78 30.58 20.38
CA ASN LA 30 21.89 30.28 21.79
C ASN LA 30 22.02 31.53 22.62
N VAL LA 31 22.70 32.55 22.10
CA VAL LA 31 22.89 33.77 22.87
C VAL LA 31 21.85 34.80 22.54
N SER LA 32 20.89 34.44 21.69
CA SER LA 32 19.82 35.34 21.34
C SER LA 32 19.15 35.99 22.57
N PRO LA 33 18.29 35.25 23.31
CA PRO LA 33 17.55 35.78 24.45
C PRO LA 33 18.47 36.44 25.50
N VAL LA 34 19.74 36.01 25.56
CA VAL LA 34 20.69 36.56 26.47
C VAL LA 34 21.05 37.95 26.04
N ALA LA 35 21.35 38.09 24.75
CA ALA LA 35 21.67 39.35 24.16
C ALA LA 35 20.54 40.31 24.32
N GLN LA 36 19.33 39.82 24.18
CA GLN LA 36 18.16 40.63 24.29
C GLN LA 36 18.08 41.25 25.65
N GLN LA 37 18.36 40.46 26.67
CA GLN LA 37 18.35 40.95 28.02
C GLN LA 37 19.38 42.03 28.22
N ASN LA 38 20.57 41.80 27.69
CA ASN LA 38 21.66 42.73 27.88
C ASN LA 38 21.40 44.03 27.17
N PHE LA 39 20.86 43.94 25.97
CA PHE LA 39 20.52 45.11 25.19
C PHE LA 39 19.44 45.90 25.89
N GLN LA 40 18.40 45.22 26.31
CA GLN LA 40 17.30 45.88 26.98
C GLN LA 40 17.73 46.54 28.26
N THR LA 41 18.65 45.92 28.97
CA THR LA 41 19.07 46.42 30.24
C THR LA 41 19.89 47.71 30.13
N ASN LA 42 20.93 47.70 29.31
CA ASN LA 42 21.83 48.84 29.29
C ASN LA 42 21.55 49.91 28.25
N VAL LA 43 20.77 49.61 27.23
CA VAL LA 43 20.57 50.61 26.17
C VAL LA 43 19.65 51.81 26.49
N PRO LA 44 18.41 51.59 26.99
CA PRO LA 44 17.46 52.67 27.29
C PRO LA 44 18.06 53.71 28.23
N LYS LA 45 19.08 53.31 28.98
CA LYS LA 45 19.79 54.20 29.88
C LYS LA 45 20.44 55.33 29.11
N PHE LA 46 20.96 55.02 27.92
CA PHE LA 46 21.63 55.99 27.11
C PHE LA 46 20.69 56.70 26.19
N THR LA 47 19.58 56.04 25.87
CA THR LA 47 18.57 56.69 25.04
C THR LA 47 18.00 57.89 25.75
N SER LA 48 17.74 57.73 27.05
CA SER LA 48 17.23 58.84 27.85
C SER LA 48 18.22 59.98 27.91
N VAL LA 49 19.51 59.65 27.86
CA VAL LA 49 20.54 60.65 27.84
C VAL LA 49 20.46 61.43 26.57
N ASN LA 50 20.30 60.72 25.46
CA ASN LA 50 20.23 61.36 24.17
C ASN LA 50 19.10 62.35 24.09
N GLU LA 51 17.94 62.00 24.66
CA GLU LA 51 16.81 62.93 24.62
C GLU LA 51 17.13 64.21 25.38
N ASN LA 52 17.57 64.09 26.62
CA ASN LA 52 17.83 65.27 27.43
C ASN LA 52 19.00 66.09 26.90
N VAL LA 53 20.08 65.42 26.52
CA VAL LA 53 21.24 66.11 26.00
C VAL LA 53 20.91 66.83 24.73
N SER LA 54 20.15 66.19 23.87
CA SER LA 54 19.76 66.80 22.62
C SER LA 54 18.97 68.05 22.89
N ALA LA 55 18.04 67.99 23.84
CA ALA LA 55 17.24 69.14 24.20
C ALA LA 55 18.11 70.30 24.59
N VAL LA 56 19.11 70.03 25.40
CA VAL LA 56 20.06 71.05 25.83
C VAL LA 56 20.76 71.67 24.67
N LEU LA 57 21.23 70.84 23.76
CA LEU LA 57 21.96 71.32 22.62
C LEU LA 57 21.11 72.24 21.76
N THR LA 58 19.82 71.95 21.68
CA THR LA 58 18.91 72.83 20.97
C THR LA 58 18.80 74.17 21.68
N GLN LA 59 18.75 74.15 22.99
CA GLN LA 59 18.72 75.40 23.76
C GLN LA 59 20.02 76.20 23.63
N TYR LA 60 21.13 75.50 23.40
CA TYR LA 60 22.41 76.18 23.15
C TYR LA 60 22.65 76.52 21.68
N GLY LA 61 21.70 76.21 20.81
CA GLY LA 61 21.84 76.58 19.41
C GLY LA 61 22.82 75.69 18.64
N ILE LA 62 23.11 74.51 19.17
CA ILE LA 62 24.08 73.62 18.57
C ILE LA 62 23.44 72.80 17.47
N THR LA 63 24.05 72.80 16.29
CA THR LA 63 23.48 72.08 15.15
C THR LA 63 24.49 71.17 14.48
N GLY LA 64 23.99 70.24 13.69
CA GLY LA 64 24.83 69.37 12.90
C GLY LA 64 25.72 68.50 13.75
N PRO LA 65 26.89 68.17 13.23
CA PRO LA 65 27.91 67.35 13.83
C PRO LA 65 28.40 67.91 15.12
N ASN LA 66 28.16 69.19 15.35
CA ASN LA 66 28.56 69.77 16.59
C ASN LA 66 27.75 69.19 17.72
N ARG LA 67 26.51 68.82 17.42
CA ARG LA 67 25.67 68.19 18.41
C ARG LA 67 26.25 66.86 18.72
N ALA LA 68 26.68 66.18 17.66
CA ALA LA 68 27.26 64.84 17.78
C ALA LA 68 28.49 64.85 18.66
N ILE LA 69 29.26 65.93 18.63
CA ILE LA 69 30.41 66.04 19.49
C ILE LA 69 30.00 65.93 20.92
N TYR LA 70 28.97 66.68 21.28
CA TYR LA 70 28.50 66.70 22.64
C TYR LA 70 27.75 65.45 23.00
N GLN LA 71 27.11 64.83 22.02
CA GLN LA 71 26.43 63.58 22.25
C GLN LA 71 27.43 62.51 22.60
N GLY LA 72 28.55 62.49 21.88
CA GLY LA 72 29.61 61.53 22.15
C GLY LA 72 30.14 61.72 23.56
N PHE LA 73 30.39 62.97 23.91
CA PHE LA 73 30.85 63.30 25.23
C PHE LA 73 29.89 62.83 26.30
N GLY LA 74 28.62 63.19 26.15
CA GLY LA 74 27.61 62.84 27.13
C GLY LA 74 27.48 61.35 27.29
N LEU LA 75 27.44 60.64 26.19
CA LEU LA 75 27.31 59.21 26.23
C LEU LA 75 28.48 58.57 26.96
N LYS LA 76 29.67 59.11 26.73
CA LYS LA 76 30.86 58.60 27.38
C LYS LA 76 30.83 58.87 28.88
N VAL LA 77 30.28 60.02 29.27
CA VAL LA 77 30.10 60.31 30.68
C VAL LA 77 29.21 59.29 31.32
N ALA LA 78 28.09 59.00 30.66
CA ALA LA 78 27.14 58.03 31.16
C ALA LA 78 27.75 56.64 31.25
N ARG LA 79 28.56 56.28 30.26
CA ARG LA 79 29.26 55.01 30.28
C ARG LA 79 30.04 54.83 31.55
N ALA LA 80 30.87 55.82 31.85
CA ALA LA 80 31.69 55.78 33.04
C ALA LA 80 30.84 55.67 34.27
N LEU LA 81 29.73 56.38 34.29
CA LEU LA 81 28.82 56.29 35.39
C LEU LA 81 28.39 54.85 35.62
N ASN LA 82 28.00 54.16 34.55
CA ASN LA 82 27.57 52.78 34.69
C ASN LA 82 28.68 51.84 35.17
N ARG LA 83 29.87 51.98 34.61
CA ARG LA 83 30.96 51.04 34.91
C ARG LA 83 31.72 51.40 36.18
N ILE LA 84 31.71 52.66 36.57
CA ILE LA 84 32.39 53.12 37.78
C ILE LA 84 31.40 53.41 38.91
N GLY LA 85 30.38 54.18 38.61
CA GLY LA 85 29.43 54.62 39.62
C GLY LA 85 29.80 56.01 40.07
N SER LA 86 28.86 56.71 40.68
CA SER LA 86 29.12 58.08 41.10
C SER LA 86 30.11 58.14 42.24
N GLY LA 87 30.72 59.31 42.43
CA GLY LA 87 31.70 59.48 43.47
C GLY LA 87 33.06 59.82 42.88
N PRO LA 88 34.04 59.98 43.76
CA PRO LA 88 35.45 60.33 43.51
C PRO LA 88 35.95 59.89 42.12
N ALA LA 89 35.96 58.58 41.88
CA ALA LA 89 36.50 58.05 40.64
C ALA LA 89 35.82 58.60 39.42
N LEU LA 90 34.51 58.81 39.52
CA LEU LA 90 33.77 59.34 38.38
C LEU LA 90 34.20 60.73 38.11
N VAL LA 91 34.36 61.50 39.17
CA VAL LA 91 34.82 62.87 39.03
C VAL LA 91 36.18 62.92 38.37
N ASN LA 92 37.08 62.02 38.80
CA ASN LA 92 38.40 61.93 38.20
C ASN LA 92 38.29 61.67 36.72
N MET LA 93 37.40 60.75 36.36
CA MET LA 93 37.16 60.43 34.98
C MET LA 93 36.66 61.60 34.19
N ILE LA 94 35.64 62.26 34.71
CA ILE LA 94 35.00 63.34 34.00
C ILE LA 94 35.95 64.48 33.77
N ASN LA 95 36.77 64.78 34.77
CA ASN LA 95 37.74 65.85 34.63
C ASN LA 95 38.65 65.63 33.43
N GLY LA 96 39.15 64.40 33.29
CA GLY LA 96 40.01 64.07 32.18
C GLY LA 96 39.26 64.05 30.88
N LEU LA 97 38.05 63.50 30.91
CA LEU LA 97 37.21 63.43 29.74
C LEU LA 97 36.86 64.79 29.20
N LYS LA 98 36.46 65.69 30.08
CA LYS LA 98 36.13 67.02 29.70
C LYS LA 98 37.31 67.68 29.02
N GLY LA 99 38.46 67.68 29.68
CA GLY LA 99 39.67 68.30 29.11
C GLY LA 99 39.99 67.70 27.76
N TYR LA 100 39.86 66.38 27.67
CA TYR LA 100 40.08 65.65 26.45
C TYR LA 100 39.29 66.22 25.31
N TYR LA 101 37.98 66.34 25.47
CA TYR LA 101 37.15 66.89 24.42
C TYR LA 101 37.43 68.34 24.12
N ILE LA 102 37.72 69.13 25.15
CA ILE LA 102 37.98 70.53 24.94
C ILE LA 102 39.13 70.75 24.02
N SER LA 103 40.22 70.06 24.27
CA SER LA 103 41.42 70.31 23.49
C SER LA 103 41.59 69.39 22.30
N ALA LA 104 41.07 68.17 22.39
CA ALA LA 104 41.20 67.24 21.28
C ALA LA 104 40.28 67.58 20.16
N PHE LA 105 39.04 67.99 20.50
CA PHE LA 105 38.03 68.24 19.49
C PHE LA 105 37.52 69.64 19.51
N ASN LA 106 38.15 70.50 20.29
CA ASN LA 106 37.73 71.89 20.39
C ASN LA 106 36.30 72.01 20.88
N ALA LA 107 35.91 71.14 21.81
CA ALA LA 107 34.58 71.21 22.35
C ALA LA 107 34.47 72.38 23.30
N ASN LA 108 33.31 73.03 23.33
CA ASN LA 108 33.11 74.22 24.14
C ASN LA 108 32.75 73.90 25.59
N PRO LA 109 33.70 74.07 26.52
CA PRO LA 109 33.55 73.90 27.98
C PRO LA 109 32.15 74.21 28.50
N GLN LA 110 31.56 75.29 28.03
CA GLN LA 110 30.24 75.71 28.48
C GLN LA 110 29.19 74.69 28.18
N VAL LA 111 29.19 74.20 26.97
CA VAL LA 111 28.21 73.23 26.59
C VAL LA 111 28.53 71.92 27.25
N LEU LA 112 29.81 71.62 27.37
CA LEU LA 112 30.24 70.37 28.00
C LEU LA 112 29.74 70.30 29.41
N ASP LA 113 29.79 71.43 30.11
CA ASP LA 113 29.29 71.49 31.45
C ASP LA 113 27.81 71.30 31.48
N ALA LA 114 27.12 71.87 30.52
CA ALA LA 114 25.68 71.70 30.43
C ALA LA 114 25.33 70.24 30.29
N VAL LA 115 26.08 69.51 29.48
CA VAL LA 115 25.84 68.09 29.31
C VAL LA 115 26.01 67.34 30.62
N VAL LA 116 27.08 67.65 31.33
CA VAL LA 116 27.34 67.02 32.62
C VAL LA 116 26.24 67.38 33.62
N ASN LA 117 25.73 68.61 33.52
CA ASN LA 117 24.68 69.08 34.40
C ASN LA 117 23.33 68.40 34.15
N ILE LA 118 23.27 67.54 33.14
CA ILE LA 118 22.10 66.75 32.90
C ILE LA 118 22.30 65.38 33.43
N ILE LA 119 23.40 64.77 33.01
CA ILE LA 119 23.69 63.41 33.37
C ILE LA 119 23.97 63.25 34.84
N THR LA 120 24.82 64.12 35.38
CA THR LA 120 25.14 64.07 36.78
C THR LA 120 24.28 65.01 37.55
N GLY LA 121 23.95 66.13 36.93
CA GLY LA 121 23.13 67.13 37.57
C GLY LA 121 23.98 68.27 38.09
N SER LA 122 25.30 68.07 38.13
CA SER LA 122 26.20 69.06 38.64
C SER LA 122 27.53 68.99 37.93
N PRO LA 123 28.27 70.09 37.90
CA PRO LA 123 29.60 70.26 37.34
C PRO LA 123 30.58 69.32 38.01
N THR LA 124 31.67 69.05 37.34
CA THR LA 124 32.69 68.17 37.87
C THR LA 124 33.72 68.95 38.67
N GLY LA 125 34.99 68.59 38.55
CA GLY LA 125 36.05 69.28 39.29
C GLY LA 125 36.16 68.73 40.70
N TYR LA 126 35.10 68.93 41.48
CA TYR LA 126 35.04 68.45 42.85
C TYR LA 126 33.80 67.60 43.06
N VAL LA 127 33.87 66.67 44.00
CA VAL LA 127 32.76 65.76 44.27
C VAL LA 127 31.58 66.52 44.86
N SER LA 128 30.43 66.43 44.19
CA SER LA 128 29.23 67.12 44.66
C SER LA 128 27.96 66.60 43.99
N SER MA 1 28.69 46.62 32.23
CA SER MA 1 28.84 45.80 33.43
C SER MA 1 27.87 44.63 33.44
N ARG MA 2 28.26 43.56 34.12
CA ARG MA 2 27.46 42.34 34.15
C ARG MA 2 27.33 41.74 35.54
N SER MA 3 26.09 41.46 35.93
CA SER MA 3 25.79 40.79 37.19
C SER MA 3 26.03 39.31 37.05
N TYR MA 4 26.03 38.60 38.17
CA TYR MA 4 26.19 37.15 38.13
C TYR MA 4 25.20 36.51 37.21
N SER MA 5 23.94 36.88 37.34
CA SER MA 5 22.90 36.32 36.50
C SER MA 5 23.30 36.42 35.04
N GLN MA 6 23.81 37.58 34.65
CA GLN MA 6 24.23 37.81 33.29
C GLN MA 6 25.50 37.03 32.95
N ARG MA 7 26.44 36.98 33.88
CA ARG MA 7 27.69 36.26 33.65
C ARG MA 7 27.42 34.85 33.29
N TYR MA 8 26.64 34.20 34.13
CA TYR MA 8 26.30 32.83 33.95
C TYR MA 8 25.47 32.60 32.75
N ALA MA 9 24.44 33.41 32.56
CA ALA MA 9 23.54 33.23 31.43
C ALA MA 9 24.30 33.10 30.13
N LYS MA 10 25.18 34.05 29.86
CA LYS MA 10 25.90 34.03 28.61
C LYS MA 10 26.89 32.90 28.57
N TRP MA 11 27.54 32.63 29.70
CA TRP MA 11 28.48 31.53 29.76
C TRP MA 11 27.81 30.25 29.37
N GLN MA 12 26.60 30.06 29.84
CA GLN MA 12 25.88 28.85 29.56
C GLN MA 12 25.57 28.75 28.11
N ALA MA 13 25.14 29.84 27.50
CA ALA MA 13 24.79 29.84 26.11
C ALA MA 13 25.97 29.47 25.24
N LYS MA 14 27.13 30.00 25.57
CA LYS MA 14 28.31 29.74 24.79
C LYS MA 14 28.84 28.36 25.03
N PHE MA 15 28.72 27.87 26.25
CA PHE MA 15 29.14 26.53 26.53
C PHE MA 15 28.32 25.55 25.73
N ASN MA 16 27.01 25.75 25.73
CA ASN MA 16 26.10 24.91 25.00
C ASN MA 16 26.45 24.88 23.54
N ALA MA 17 26.68 26.06 22.98
CA ALA MA 17 27.02 26.18 21.58
C ALA MA 17 28.24 25.37 21.25
N PHE MA 18 29.29 25.55 22.03
CA PHE MA 18 30.54 24.87 21.80
C PHE MA 18 30.40 23.37 21.83
N SER MA 19 29.56 22.86 22.74
CA SER MA 19 29.42 21.41 22.89
C SER MA 19 28.86 20.72 21.64
N ASN MA 20 28.28 21.49 20.72
CA ASN MA 20 27.74 20.95 19.48
C ASN MA 20 28.84 20.35 18.60
N PRO MA 21 28.80 19.02 18.35
CA PRO MA 21 29.77 18.26 17.52
C PRO MA 21 30.41 19.08 16.42
N THR MA 22 29.59 19.78 15.65
CA THR MA 22 30.07 20.46 14.48
C THR MA 22 30.72 21.76 14.82
N VAL MA 23 30.28 22.36 15.89
CA VAL MA 23 30.84 23.61 16.31
C VAL MA 23 32.18 23.40 16.91
N ALA MA 24 32.26 22.42 17.79
CA ALA MA 24 33.51 22.09 18.42
C ALA MA 24 34.55 21.70 17.40
N SER MA 25 34.17 20.82 16.48
CA SER MA 25 35.11 20.35 15.51
C SER MA 25 35.48 21.39 14.50
N THR MA 26 34.53 22.25 14.16
CA THR MA 26 34.85 23.33 13.24
C THR MA 26 35.90 24.21 13.81
N ILE MA 27 35.67 24.68 15.01
CA ILE MA 27 36.60 25.59 15.63
C ILE MA 27 37.93 24.94 15.88
N LEU MA 28 37.90 23.78 16.52
CA LEU MA 28 39.11 23.12 16.94
C LEU MA 28 39.96 22.66 15.77
N SER MA 29 39.33 22.19 14.71
CA SER MA 29 40.08 21.76 13.56
C SER MA 29 40.66 22.94 12.81
N ASN MA 30 39.98 24.09 12.88
CA ASN MA 30 40.49 25.28 12.22
C ASN MA 30 41.67 25.86 12.96
N VAL MA 31 41.66 25.79 14.28
CA VAL MA 31 42.75 26.37 15.06
C VAL MA 31 43.79 25.36 15.40
N SER MA 32 43.63 24.12 14.92
CA SER MA 32 44.60 23.08 15.16
C SER MA 32 46.04 23.53 14.88
N PRO MA 33 46.46 23.61 13.59
CA PRO MA 33 47.82 23.95 13.20
C PRO MA 33 48.32 25.26 13.85
N VAL MA 34 47.39 26.15 14.17
CA VAL MA 34 47.73 27.41 14.79
C VAL MA 34 48.19 27.17 16.20
N ALA MA 35 47.38 26.40 16.94
CA ALA MA 35 47.70 26.05 18.30
C ALA MA 35 48.98 25.29 18.36
N GLN MA 36 49.20 24.42 17.37
CA GLN MA 36 50.40 23.62 17.32
C GLN MA 36 51.60 24.48 17.26
N GLN MA 37 51.54 25.51 16.44
CA GLN MA 37 52.62 26.45 16.33
C GLN MA 37 52.91 27.09 17.65
N ASN MA 38 51.86 27.55 18.32
CA ASN MA 38 52.02 28.27 19.57
C ASN MA 38 52.57 27.39 20.66
N PHE MA 39 52.11 26.15 20.70
CA PHE MA 39 52.58 25.21 21.69
C PHE MA 39 54.04 24.92 21.48
N GLN MA 40 54.41 24.63 20.25
CA GLN MA 40 55.78 24.35 19.91
C GLN MA 40 56.69 25.53 20.14
N THR MA 41 56.18 26.71 19.87
CA THR MA 41 56.99 27.90 19.98
C THR MA 41 57.37 28.22 21.42
N ASN MA 42 56.41 28.17 22.33
CA ASN MA 42 56.69 28.59 23.69
C ASN MA 42 56.99 27.48 24.68
N VAL MA 43 56.40 26.31 24.52
CA VAL MA 43 56.55 25.28 25.56
C VAL MA 43 57.99 24.84 25.87
N PRO MA 44 58.85 24.58 24.87
CA PRO MA 44 60.24 24.19 24.99
C PRO MA 44 61.02 25.16 25.86
N LYS MA 45 60.58 26.41 25.87
CA LYS MA 45 61.25 27.44 26.65
C LYS MA 45 61.11 27.17 28.13
N PHE MA 46 59.98 26.59 28.50
CA PHE MA 46 59.70 26.32 29.90
C PHE MA 46 60.15 24.93 30.28
N THR MA 47 60.23 24.04 29.31
CA THR MA 47 60.75 22.72 29.59
C THR MA 47 62.19 22.82 30.01
N SER MA 48 62.96 23.65 29.31
CA SER MA 48 64.36 23.83 29.66
C SER MA 48 64.51 24.40 31.05
N VAL MA 49 63.54 25.20 31.47
CA VAL MA 49 63.52 25.74 32.81
C VAL MA 49 63.30 24.65 33.82
N ASN MA 50 62.32 23.80 33.55
CA ASN MA 50 62.02 22.70 34.44
C ASN MA 50 63.22 21.83 34.61
N GLU MA 51 63.96 21.62 33.54
CA GLU MA 51 65.14 20.80 33.58
C GLU MA 51 66.25 21.40 34.41
N ASN MA 52 66.58 22.64 34.12
CA ASN MA 52 67.69 23.27 34.78
C ASN MA 52 67.38 23.53 36.24
N VAL MA 53 66.14 23.91 36.53
CA VAL MA 53 65.74 24.12 37.90
C VAL MA 53 65.74 22.82 38.65
N SER MA 54 65.31 21.75 38.00
CA SER MA 54 65.34 20.45 38.61
C SER MA 54 66.74 20.10 39.02
N ALA MA 55 67.70 20.34 38.14
CA ALA MA 55 69.10 20.05 38.45
C ALA MA 55 69.51 20.75 39.71
N VAL MA 56 69.16 22.02 39.82
CA VAL MA 56 69.45 22.81 41.01
C VAL MA 56 68.86 22.20 42.24
N LEU MA 57 67.60 21.83 42.16
CA LEU MA 57 66.89 21.32 43.30
C LEU MA 57 67.50 20.03 43.80
N THR MA 58 67.99 19.22 42.88
CA THR MA 58 68.67 18.00 43.26
C THR MA 58 69.95 18.32 44.02
N GLN MA 59 70.68 19.34 43.55
CA GLN MA 59 71.88 19.78 44.25
C GLN MA 59 71.57 20.31 45.66
N TYR MA 60 70.40 20.90 45.84
CA TYR MA 60 69.99 21.39 47.15
C TYR MA 60 69.26 20.36 48.00
N GLY MA 61 69.11 19.15 47.50
CA GLY MA 61 68.50 18.10 48.30
C GLY MA 61 66.99 18.24 48.41
N ILE MA 62 66.38 18.98 47.49
CA ILE MA 62 64.96 19.24 47.55
C ILE MA 62 64.19 18.09 46.93
N THR MA 63 63.22 17.55 47.67
CA THR MA 63 62.44 16.42 47.19
C THR MA 63 60.94 16.66 47.29
N GLY MA 64 60.19 15.82 46.59
CA GLY MA 64 58.75 15.86 46.66
C GLY MA 64 58.19 17.19 46.19
N PRO MA 65 57.07 17.58 46.76
CA PRO MA 65 56.31 18.78 46.51
C PRO MA 65 57.13 20.02 46.75
N ASN MA 66 58.20 19.88 47.51
CA ASN MA 66 59.04 21.01 47.76
C ASN MA 66 59.73 21.43 46.48
N ARG MA 67 59.99 20.46 45.61
CA ARG MA 67 60.58 20.77 44.33
C ARG MA 67 59.59 21.51 43.53
N ALA MA 68 58.34 21.08 43.62
CA ALA MA 68 57.23 21.70 42.90
C ALA MA 68 57.08 23.17 43.27
N ILE MA 69 57.33 23.49 44.54
CA ILE MA 69 57.27 24.89 44.97
C ILE MA 69 58.24 25.74 44.20
N TYR MA 70 59.48 25.29 44.14
CA TYR MA 70 60.51 26.04 43.48
C TYR MA 70 60.35 26.03 41.97
N GLN MA 71 59.82 24.93 41.44
CA GLN MA 71 59.57 24.84 40.03
C GLN MA 71 58.54 25.87 39.61
N GLY MA 72 57.50 26.02 40.43
CA GLY MA 72 56.47 27.02 40.16
C GLY MA 72 57.05 28.40 40.12
N PHE MA 73 57.90 28.69 41.10
CA PHE MA 73 58.58 29.96 41.16
C PHE MA 73 59.39 30.21 39.91
N GLY MA 74 60.20 29.24 39.51
CA GLY MA 74 61.04 29.36 38.33
C GLY MA 74 60.21 29.61 37.08
N LEU MA 75 59.13 28.86 36.93
CA LEU MA 75 58.27 28.99 35.79
C LEU MA 75 57.67 30.38 35.71
N LYS MA 76 57.32 30.94 36.85
CA LYS MA 76 56.78 32.27 36.92
C LYS MA 76 57.80 33.30 36.46
N VAL MA 77 59.05 33.12 36.87
CA VAL MA 77 60.10 34.02 36.44
C VAL MA 77 60.21 34.03 34.93
N ALA MA 78 60.20 32.84 34.35
CA ALA MA 78 60.30 32.70 32.92
C ALA MA 78 59.10 33.31 32.21
N ARG MA 79 57.92 33.15 32.79
CA ARG MA 79 56.71 33.72 32.21
C ARG MA 79 56.81 35.20 32.05
N ALA MA 80 57.21 35.86 33.13
CA ALA MA 80 57.37 37.30 33.11
C ALA MA 80 58.41 37.69 32.09
N LEU MA 81 59.48 36.94 32.03
CA LEU MA 81 60.51 37.21 31.07
C LEU MA 81 59.94 37.22 29.67
N ASN MA 82 59.15 36.22 29.33
CA ASN MA 82 58.56 36.16 27.99
C ASN MA 82 57.58 37.30 27.70
N ARG MA 83 56.78 37.68 28.69
CA ARG MA 83 55.74 38.68 28.47
C ARG MA 83 56.21 40.11 28.76
N ILE MA 84 57.34 40.26 29.43
CA ILE MA 84 57.90 41.58 29.75
C ILE MA 84 59.24 41.81 29.09
N GLY MA 85 60.12 40.84 29.22
CA GLY MA 85 61.48 40.97 28.73
C GLY MA 85 62.39 41.36 29.86
N SER MA 86 63.69 41.17 29.68
CA SER MA 86 64.65 41.46 30.73
C SER MA 86 64.78 42.95 30.96
N GLY MA 87 65.33 43.32 32.12
CA GLY MA 87 65.52 44.71 32.47
C GLY MA 87 64.65 45.10 33.65
N PRO MA 88 64.68 46.39 34.00
CA PRO MA 88 63.97 47.06 35.09
C PRO MA 88 62.67 46.37 35.49
N ALA MA 89 61.72 46.29 34.57
CA ALA MA 89 60.42 45.72 34.86
C ALA MA 89 60.51 44.30 35.39
N LEU MA 90 61.43 43.52 34.84
CA LEU MA 90 61.60 42.16 35.29
C LEU MA 90 62.10 42.15 36.69
N VAL MA 91 63.04 43.04 36.98
CA VAL MA 91 63.58 43.17 38.32
C VAL MA 91 62.48 43.46 39.30
N ASN MA 92 61.61 44.39 38.95
CA ASN MA 92 60.49 44.74 39.80
C ASN MA 92 59.61 43.54 40.05
N MET MA 93 59.37 42.77 39.00
CA MET MA 93 58.57 41.57 39.09
C MET MA 93 59.16 40.56 40.02
N ILE MA 94 60.43 40.24 39.83
CA ILE MA 94 61.06 39.19 40.59
C ILE MA 94 61.09 39.51 42.05
N ASN MA 95 61.36 40.77 42.39
CA ASN MA 95 61.37 41.18 43.78
C ASN MA 95 60.05 40.86 44.46
N GLY MA 96 58.96 41.22 43.79
CA GLY MA 96 57.65 40.95 44.35
C GLY MA 96 57.36 39.47 44.40
N LEU MA 97 57.75 38.77 43.33
CA LEU MA 97 57.56 37.34 43.24
C LEU MA 97 58.23 36.60 44.36
N LYS MA 98 59.47 36.96 44.64
CA LYS MA 98 60.17 36.34 45.74
C LYS MA 98 59.44 36.57 47.03
N GLY MA 99 58.98 37.80 47.25
CA GLY MA 99 58.22 38.10 48.45
C GLY MA 99 57.01 37.19 48.56
N TYR MA 100 56.33 36.99 47.43
CA TYR MA 100 55.17 36.13 47.35
C TYR MA 100 55.49 34.74 47.84
N TYR MA 101 56.48 34.11 47.26
CA TYR MA 101 56.80 32.75 47.63
C TYR MA 101 57.43 32.60 49.00
N ILE MA 102 58.29 33.53 49.35
CA ILE MA 102 58.97 33.45 50.63
C ILE MA 102 58.00 33.50 51.77
N SER MA 103 57.08 34.45 51.72
CA SER MA 103 56.19 34.65 52.83
C SER MA 103 54.85 33.93 52.72
N ALA MA 104 54.38 33.68 51.49
CA ALA MA 104 53.10 32.99 51.35
C ALA MA 104 53.25 31.51 51.44
N PHE MA 105 54.35 30.97 50.92
CA PHE MA 105 54.55 29.53 50.90
C PHE MA 105 55.75 29.09 51.69
N ASN MA 106 56.39 30.03 52.37
CA ASN MA 106 57.55 29.73 53.19
C ASN MA 106 58.68 29.13 52.37
N ALA MA 107 58.86 29.63 51.15
CA ALA MA 107 59.94 29.16 50.31
C ALA MA 107 61.26 29.73 50.81
N ASN MA 108 62.34 28.97 50.66
CA ASN MA 108 63.64 29.37 51.16
C ASN MA 108 64.37 30.34 50.23
N PRO MA 109 64.34 31.66 50.55
CA PRO MA 109 65.00 32.76 49.84
C PRO MA 109 66.28 32.35 49.12
N GLN MA 110 67.14 31.61 49.81
CA GLN MA 110 68.42 31.24 49.26
C GLN MA 110 68.27 30.33 48.06
N VAL MA 111 67.38 29.37 48.16
CA VAL MA 111 67.15 28.48 47.06
C VAL MA 111 66.48 29.21 45.93
N LEU MA 112 65.58 30.13 46.29
CA LEU MA 112 64.88 30.92 45.29
C LEU MA 112 65.87 31.71 44.46
N ASP MA 113 66.89 32.24 45.11
CA ASP MA 113 67.92 32.96 44.41
C ASP MA 113 68.71 32.06 43.51
N ALA MA 114 68.91 30.81 43.95
CA ALA MA 114 69.58 29.83 43.12
C ALA MA 114 68.78 29.57 41.84
N VAL MA 115 67.46 29.54 41.95
CA VAL MA 115 66.61 29.37 40.78
C VAL MA 115 66.76 30.53 39.82
N VAL MA 116 66.70 31.75 40.37
CA VAL MA 116 66.85 32.95 39.55
C VAL MA 116 68.22 32.97 38.88
N ASN MA 117 69.24 32.54 39.62
CA ASN MA 117 70.61 32.46 39.13
C ASN MA 117 70.76 31.58 37.88
N ILE MA 118 69.77 30.77 37.58
CA ILE MA 118 69.81 29.95 36.42
C ILE MA 118 69.04 30.56 35.30
N ILE MA 119 67.80 30.92 35.58
CA ILE MA 119 66.92 31.46 34.58
C ILE MA 119 67.41 32.78 34.05
N THR MA 120 67.81 33.67 34.94
CA THR MA 120 68.32 34.96 34.54
C THR MA 120 69.82 34.93 34.43
N GLY MA 121 70.44 34.06 35.23
CA GLY MA 121 71.88 33.93 35.22
C GLY MA 121 72.48 34.54 36.47
N SER MA 122 71.66 35.30 37.20
CA SER MA 122 72.08 35.93 38.43
C SER MA 122 70.87 36.36 39.22
N PRO MA 123 71.03 36.59 40.50
CA PRO MA 123 70.03 37.13 41.39
C PRO MA 123 69.64 38.49 40.89
N THR MA 124 68.46 38.95 41.26
CA THR MA 124 67.96 40.16 40.67
C THR MA 124 68.41 41.40 41.42
N GLY MA 125 67.54 42.40 41.51
CA GLY MA 125 67.91 43.67 42.14
C GLY MA 125 68.71 44.53 41.17
N TYR MA 126 69.86 44.03 40.79
CA TYR MA 126 70.71 44.67 39.82
C TYR MA 126 70.58 43.94 38.49
N VAL MA 127 70.65 44.68 37.41
CA VAL MA 127 70.57 44.06 36.10
C VAL MA 127 71.94 43.64 35.62
N SER MA 128 72.13 42.34 35.47
CA SER MA 128 73.40 41.81 35.02
C SER MA 128 73.29 40.34 34.68
N SER NA 1 58.51 12.37 34.50
CA SER NA 1 59.78 12.67 33.84
C SER NA 1 59.63 12.63 32.33
N ARG NA 2 59.50 13.80 31.71
CA ARG NA 2 59.33 13.89 30.25
C ARG NA 2 60.03 15.09 29.66
N SER NA 3 60.58 14.92 28.46
CA SER NA 3 61.16 16.02 27.69
C SER NA 3 60.05 16.81 27.06
N TYR NA 4 60.38 17.94 26.46
CA TYR NA 4 59.32 18.72 25.86
C TYR NA 4 58.81 18.00 24.66
N SER NA 5 59.66 17.21 24.03
CA SER NA 5 59.27 16.52 22.83
C SER NA 5 58.23 15.50 23.14
N GLN NA 6 58.32 14.92 24.33
CA GLN NA 6 57.34 13.98 24.80
C GLN NA 6 56.09 14.69 25.23
N ARG NA 7 56.26 15.83 25.89
CA ARG NA 7 55.12 16.63 26.32
C ARG NA 7 54.29 17.02 25.14
N TYR NA 8 54.95 17.51 24.11
CA TYR NA 8 54.30 17.90 22.89
C TYR NA 8 53.69 16.75 22.19
N ALA NA 9 54.44 15.68 22.00
CA ALA NA 9 53.96 14.53 21.28
C ALA NA 9 52.61 14.09 21.79
N LYS NA 10 52.51 13.88 23.10
CA LYS NA 10 51.28 13.41 23.66
C LYS NA 10 50.22 14.48 23.61
N TRP NA 11 50.61 15.73 23.87
CA TRP NA 11 49.66 16.83 23.80
C TRP NA 11 49.02 16.91 22.45
N GLN NA 12 49.81 16.70 21.42
CA GLN NA 12 49.33 16.75 20.08
C GLN NA 12 48.33 15.67 19.83
N ALA NA 13 48.65 14.47 20.27
CA ALA NA 13 47.76 13.34 20.07
C ALA NA 13 46.43 13.56 20.75
N LYS NA 14 46.46 14.13 21.94
CA LYS NA 14 45.24 14.35 22.68
C LYS NA 14 44.46 15.49 22.14
N PHE NA 15 45.14 16.50 21.64
CA PHE NA 15 44.46 17.62 21.03
C PHE NA 15 43.71 17.14 19.81
N ASN NA 16 44.40 16.33 19.00
CA ASN NA 16 43.81 15.79 17.79
C ASN NA 16 42.57 15.00 18.14
N ALA NA 17 42.68 14.13 19.14
CA ALA NA 17 41.57 13.31 19.55
C ALA NA 17 40.38 14.15 19.92
N PHE NA 18 40.61 15.14 20.77
CA PHE NA 18 39.53 15.98 21.24
C PHE NA 18 38.83 16.71 20.12
N SER NA 19 39.59 17.15 19.11
CA SER NA 19 39.01 17.92 18.01
C SER NA 19 37.98 17.12 17.19
N ASN NA 20 37.99 15.80 17.34
CA ASN NA 20 37.05 14.95 16.61
C ASN NA 20 35.61 15.20 17.06
N PRO NA 21 34.74 15.69 16.16
CA PRO NA 21 33.31 15.97 16.38
C PRO NA 21 32.68 15.08 17.45
N THR NA 22 32.90 13.79 17.32
CA THR NA 22 32.29 12.83 18.20
C THR NA 22 32.89 12.90 19.57
N VAL NA 23 34.20 12.96 19.62
CA VAL NA 23 34.88 13.00 20.90
C VAL NA 23 34.57 14.26 21.64
N ALA NA 24 34.61 15.37 20.93
CA ALA NA 24 34.34 16.65 21.54
C ALA NA 24 32.96 16.68 22.13
N SER NA 25 31.97 16.31 21.34
CA SER NA 25 30.61 16.37 21.80
C SER NA 25 30.29 15.34 22.83
N THR NA 26 30.94 14.19 22.75
CA THR NA 26 30.70 13.16 23.74
C THR NA 26 31.11 13.63 25.09
N ILE NA 27 32.32 14.12 25.19
CA ILE NA 27 32.82 14.55 26.45
C ILE NA 27 32.06 15.75 26.95
N LEU NA 28 31.94 16.75 26.11
CA LEU NA 28 31.35 18.01 26.51
C LEU NA 28 29.89 17.89 26.87
N SER NA 29 29.16 17.07 26.15
CA SER NA 29 27.75 16.89 26.46
C SER NA 29 27.58 16.08 27.73
N ASN NA 30 28.54 15.21 28.03
CA ASN NA 30 28.45 14.44 29.25
C ASN NA 30 28.77 15.26 30.46
N VAL NA 31 29.72 16.19 30.33
CA VAL NA 31 30.10 17.01 31.48
C VAL NA 31 29.34 18.30 31.53
N SER NA 32 28.42 18.49 30.60
CA SER NA 32 27.61 19.70 30.59
C SER NA 32 27.00 20.03 31.96
N PRO NA 33 25.94 19.32 32.39
CA PRO NA 33 25.24 19.59 33.65
C PRO NA 33 26.20 19.62 34.87
N VAL NA 34 27.31 18.90 34.77
CA VAL NA 34 28.29 18.87 35.82
C VAL NA 34 28.98 20.19 35.89
N ALA NA 35 29.42 20.67 34.74
CA ALA NA 35 30.07 21.95 34.62
C ALA NA 35 29.17 23.04 35.11
N GLN NA 36 27.90 22.92 34.80
CA GLN NA 36 26.93 23.92 35.19
C GLN NA 36 26.88 24.04 36.67
N GLN NA 37 26.89 22.90 37.34
CA GLN NA 37 26.87 22.91 38.78
C GLN NA 37 28.10 23.57 39.35
N ASN NA 38 29.24 23.25 38.79
CA ASN NA 38 30.50 23.78 39.29
C ASN NA 38 30.61 25.26 39.07
N PHE NA 39 30.15 25.72 37.92
CA PHE NA 39 30.16 27.12 37.59
C PHE NA 39 29.24 27.87 38.53
N GLN NA 40 28.02 27.36 38.68
CA GLN NA 40 27.05 27.99 39.53
C GLN NA 40 27.51 28.06 40.95
N THR NA 41 28.19 27.04 41.40
CA THR NA 41 28.62 26.96 42.77
C THR NA 41 29.70 27.97 43.12
N ASN NA 42 30.78 28.00 42.36
CA ASN NA 42 31.92 28.82 42.73
C ASN NA 42 31.97 30.21 42.13
N VAL NA 43 31.24 30.47 41.06
CA VAL NA 43 31.36 31.78 40.42
C VAL NA 43 30.71 32.99 41.14
N PRO NA 44 29.42 32.92 41.51
CA PRO NA 44 28.70 34.02 42.17
C PRO NA 44 29.44 34.52 43.42
N LYS NA 45 30.28 33.66 43.99
CA LYS NA 45 31.10 33.99 45.14
C LYS NA 45 32.05 35.13 44.82
N PHE NA 46 32.58 35.12 43.60
CA PHE NA 46 33.53 36.12 43.17
C PHE NA 46 32.83 37.29 42.55
N THR NA 47 31.65 37.08 42.01
CA THR NA 47 30.89 38.18 41.46
C THR NA 47 30.54 39.17 42.55
N SER NA 48 30.15 38.65 43.71
CA SER NA 48 29.82 39.51 44.83
C SER NA 48 31.04 40.30 45.29
N VAL NA 49 32.22 39.70 45.14
CA VAL NA 49 33.45 40.37 45.47
C VAL NA 49 33.66 41.53 44.55
N ASN NA 50 33.43 41.30 43.26
CA ASN NA 50 33.63 42.33 42.28
C ASN NA 50 32.75 43.53 42.54
N GLU NA 51 31.50 43.30 42.95
CA GLU NA 51 30.62 44.43 43.23
C GLU NA 51 31.15 45.27 44.38
N ASN NA 52 31.44 44.62 45.51
CA ASN NA 52 31.90 45.37 46.68
C ASN NA 52 33.26 46.01 46.47
N VAL NA 53 34.18 45.27 45.88
CA VAL NA 53 35.51 45.79 45.64
C VAL NA 53 35.46 46.96 44.71
N SER NA 54 34.66 46.84 43.67
CA SER NA 54 34.52 47.91 42.71
C SER NA 54 34.02 49.15 43.40
N ALA NA 55 33.01 48.99 44.26
CA ALA NA 55 32.46 50.12 44.99
C ALA NA 55 33.54 50.84 45.77
N VAL NA 56 34.38 50.07 46.44
CA VAL NA 56 35.49 50.63 47.19
C VAL NA 56 36.41 51.42 46.32
N LEU NA 57 36.75 50.86 45.18
CA LEU NA 57 37.67 51.50 44.28
C LEU NA 57 37.13 52.82 43.80
N THR NA 58 35.82 52.90 43.62
CA THR NA 58 35.20 54.15 43.25
C THR NA 58 35.33 55.17 44.38
N GLN NA 59 35.16 54.73 45.61
CA GLN NA 59 35.34 55.60 46.77
C GLN NA 59 36.80 56.06 46.92
N TYR NA 60 37.75 55.25 46.47
CA TYR NA 60 39.16 55.64 46.47
C TYR NA 60 39.61 56.38 45.21
N GLY NA 61 38.69 56.62 44.28
CA GLY NA 61 39.03 57.39 43.10
C GLY NA 61 39.84 56.61 42.07
N ILE NA 62 39.81 55.28 42.17
CA ILE NA 62 40.60 54.43 41.29
C ILE NA 62 39.88 54.22 39.97
N THR NA 63 40.58 54.47 38.87
CA THR NA 63 39.98 54.34 37.55
C THR NA 63 40.81 53.48 36.61
N GLY NA 64 40.18 53.03 35.54
CA GLY NA 64 40.86 52.29 34.50
C GLY NA 64 41.46 51.00 35.01
N PRO NA 65 42.56 50.60 34.41
CA PRO NA 65 43.31 49.41 34.68
C PRO NA 65 43.81 49.36 36.09
N ASN NA 66 43.84 50.51 36.75
CA ASN NA 66 44.26 50.53 38.12
C ASN NA 66 43.24 49.81 38.96
N ARG NA 67 41.97 49.88 38.55
CA ARG NA 67 40.93 49.17 39.26
C ARG NA 67 41.16 47.72 39.08
N ALA NA 68 41.53 47.34 37.86
CA ALA NA 68 41.78 45.95 37.52
C ALA NA 68 42.90 45.37 38.35
N ILE NA 69 43.90 46.17 38.68
CA ILE NA 69 44.97 45.71 39.55
C ILE NA 69 44.41 45.22 40.85
N TYR NA 70 43.55 46.03 41.44
CA TYR NA 70 42.99 45.71 42.72
C TYR NA 70 41.94 44.62 42.62
N GLN NA 71 41.26 44.55 41.48
CA GLN NA 71 40.30 43.50 41.26
C GLN NA 71 41.00 42.16 41.22
N GLY NA 72 42.14 42.11 40.55
CA GLY NA 72 42.94 40.89 40.46
C GLY NA 72 43.37 40.47 41.85
N PHE NA 73 43.86 41.43 42.61
CA PHE NA 73 44.27 41.18 43.97
C PHE NA 73 43.14 40.62 44.81
N GLY NA 74 42.01 41.30 44.80
CA GLY NA 74 40.86 40.90 45.59
C GLY NA 74 40.38 39.52 45.23
N LEU NA 75 40.29 39.26 43.94
CA LEU NA 75 39.83 37.97 43.48
C LEU NA 75 40.76 36.87 43.94
N LYS NA 76 42.06 37.14 43.92
CA LYS NA 76 43.04 36.18 44.35
C LYS NA 76 42.93 35.93 45.85
N VAL NA 77 42.64 36.97 46.62
CA VAL NA 77 42.41 36.80 48.05
C VAL NA 77 41.25 35.86 48.28
N ALA NA 78 40.16 36.10 47.57
CA ALA NA 78 38.97 35.27 47.69
C ALA NA 78 39.24 33.84 47.29
N ARG NA 79 40.03 33.64 46.25
CA ARG NA 79 40.43 32.32 45.83
C ARG NA 79 41.05 31.54 46.95
N ALA NA 80 42.04 32.14 47.60
CA ALA NA 80 42.72 31.50 48.69
C ALA NA 80 41.76 31.19 49.80
N LEU NA 81 40.84 32.09 50.06
CA LEU NA 81 39.85 31.86 51.07
C LEU NA 81 39.08 30.58 50.77
N ASN NA 82 38.65 30.41 49.54
CA ASN NA 82 37.90 29.20 49.18
C ASN NA 82 38.73 27.92 49.31
N ARG NA 83 39.96 27.95 48.83
CA ARG NA 83 40.78 26.74 48.80
C ARG NA 83 41.50 26.44 50.12
N ILE NA 84 41.73 27.47 50.91
CA ILE NA 84 42.38 27.31 52.22
C ILE NA 84 41.41 27.43 53.38
N GLY NA 85 40.61 28.49 53.34
CA GLY NA 85 39.70 28.78 54.45
C GLY NA 85 40.33 29.80 55.36
N SER NA 86 39.52 30.45 56.16
CA SER NA 86 40.04 31.51 57.03
C SER NA 86 40.92 30.93 58.12
N GLY NA 87 41.76 31.78 58.71
CA GLY NA 87 42.66 31.36 59.76
C GLY NA 87 44.11 31.53 59.33
N PRO NA 88 45.02 31.16 60.21
CA PRO NA 88 46.49 31.21 60.09
C PRO NA 88 46.99 31.16 58.65
N ALA NA 89 46.73 30.05 57.96
CA ALA NA 89 47.25 29.85 56.62
C ALA NA 89 46.81 30.92 55.67
N LEU NA 90 45.58 31.40 55.82
CA LEU NA 90 45.08 32.44 54.94
C LEU NA 90 45.84 33.69 55.17
N VAL NA 91 46.08 34.00 56.44
CA VAL NA 91 46.83 35.19 56.78
C VAL NA 91 48.23 35.12 56.18
N ASN NA 92 48.85 33.94 56.28
CA ASN NA 92 50.17 33.75 55.70
C ASN NA 92 50.13 34.04 54.20
N MET NA 93 49.09 33.53 53.55
CA MET NA 93 48.91 33.76 52.14
C MET NA 93 48.76 35.21 51.81
N ILE NA 94 47.86 35.89 52.52
CA ILE NA 94 47.55 37.27 52.23
C ILE NA 94 48.75 38.14 52.41
N ASN NA 95 49.54 37.89 53.45
CA ASN NA 95 50.72 38.68 53.70
C ASN NA 95 51.65 38.66 52.50
N GLY NA 96 51.88 37.46 51.94
CA GLY NA 96 52.74 37.32 50.79
C GLY NA 96 52.11 37.93 49.55
N LEU NA 97 50.82 37.72 49.40
CA LEU NA 97 50.09 38.24 48.28
C LEU NA 97 50.10 39.76 48.24
N LYS NA 98 49.83 40.36 49.37
CA LYS NA 98 49.86 41.79 49.48
C LYS NA 98 51.19 42.34 49.06
N GLY NA 99 52.26 41.84 49.69
CA GLY NA 99 53.62 42.29 49.38
C GLY NA 99 53.92 42.12 47.91
N TYR NA 100 53.50 40.98 47.36
CA TYR NA 100 53.65 40.68 45.96
C TYR NA 100 53.11 41.78 45.08
N TYR NA 101 51.86 42.14 45.28
CA TYR NA 101 51.26 43.20 44.48
C TYR NA 101 51.89 44.55 44.71
N ILE NA 102 52.26 44.85 45.94
CA ILE NA 102 52.84 46.13 46.24
C ILE NA 102 54.09 46.38 45.46
N SER NA 103 54.98 45.40 45.45
CA SER NA 103 56.26 45.59 44.81
C SER NA 103 56.32 45.11 43.38
N ALA NA 104 55.52 44.11 43.03
CA ALA NA 104 55.56 43.60 41.67
C ALA NA 104 54.82 44.51 40.74
N PHE NA 105 53.69 45.06 41.19
CA PHE NA 105 52.85 45.87 40.33
C PHE NA 105 52.67 47.27 40.83
N ASN NA 106 53.41 47.63 41.88
CA ASN NA 106 53.30 48.96 42.44
C ASN NA 106 51.90 49.25 42.93
N ALA NA 107 51.25 48.25 43.50
CA ALA NA 107 49.91 48.44 44.04
C ALA NA 107 50.00 49.22 45.34
N ASN NA 108 49.02 50.08 45.57
CA ASN NA 108 49.02 50.94 46.75
C ASN NA 108 48.46 50.26 48.00
N PRO NA 109 49.34 49.87 48.94
CA PRO NA 109 49.04 49.25 50.25
C PRO NA 109 47.70 49.69 50.83
N GLN NA 110 47.41 50.99 50.77
CA GLN NA 110 46.20 51.52 51.34
C GLN NA 110 44.96 50.95 50.70
N VAL NA 111 44.96 50.91 49.38
CA VAL NA 111 43.83 50.39 48.69
C VAL NA 111 43.78 48.90 48.87
N LEU NA 112 44.95 48.27 48.87
CA LEU NA 112 45.03 46.83 49.03
C LEU NA 112 44.40 46.41 50.33
N ASP NA 113 44.66 47.19 51.37
CA ASP NA 113 44.07 46.92 52.65
C ASP NA 113 42.59 47.09 52.61
N ALA NA 114 42.11 48.10 51.90
CA ALA NA 114 40.70 48.32 51.76
C ALA NA 114 40.03 47.12 51.12
N VAL NA 115 40.68 46.55 50.11
CA VAL NA 115 40.14 45.37 49.45
C VAL NA 115 40.02 44.22 50.42
N VAL NA 116 41.07 43.99 51.19
CA VAL NA 116 41.07 42.93 52.18
C VAL NA 116 39.99 43.18 53.23
N ASN NA 117 39.79 44.45 53.58
CA ASN NA 117 38.79 44.84 54.55
C ASN NA 117 37.36 44.63 54.08
N ILE NA 118 37.18 44.20 52.85
CA ILE NA 118 35.89 43.84 52.35
C ILE NA 118 35.73 42.37 52.35
N ILE NA 119 36.69 41.70 51.76
CA ILE NA 119 36.65 40.26 51.62
C ILE NA 119 36.75 39.56 52.95
N THR NA 120 37.73 39.96 53.76
CA THR NA 120 37.90 39.36 55.06
C THR NA 120 37.22 40.17 56.11
N GLY NA 121 37.20 41.48 55.91
CA GLY NA 121 36.58 42.37 56.86
C GLY NA 121 37.62 43.03 57.74
N SER NA 122 38.83 42.51 57.71
CA SER NA 122 39.90 43.03 58.54
C SER NA 122 41.23 42.88 57.84
N PRO NA 123 42.21 43.72 58.21
CA PRO NA 123 43.58 43.74 57.74
C PRO NA 123 44.25 42.42 58.05
N THR NA 124 45.32 42.14 57.32
CA THR NA 124 46.06 40.92 57.52
C THR NA 124 47.16 41.11 58.55
N GLY NA 125 48.33 40.51 58.32
CA GLY NA 125 49.44 40.64 59.25
C GLY NA 125 49.31 39.64 60.39
N TYR NA 126 48.26 39.81 61.19
CA TYR NA 126 47.97 38.93 62.30
C TYR NA 126 46.55 38.37 62.19
N VAL NA 127 46.34 37.20 62.75
CA VAL NA 127 45.03 36.55 62.69
C VAL NA 127 44.01 37.33 63.50
N SER NA 128 42.93 37.75 62.84
CA SER NA 128 41.89 38.52 63.52
C SER NA 128 40.59 38.56 62.70
N SER OA 1 37.82 24.15 44.74
CA SER OA 1 37.68 22.97 45.58
C SER OA 1 36.47 22.13 45.18
N ARG OA 2 36.55 20.84 45.45
CA ARG OA 2 35.50 19.91 45.05
C ARG OA 2 35.11 18.93 46.14
N SER OA 3 33.81 18.84 46.41
CA SER OA 3 33.26 17.87 47.35
C SER OA 3 33.18 16.52 46.72
N TYR OA 4 32.91 15.49 47.52
CA TYR OA 4 32.75 14.16 46.97
C TYR OA 4 31.72 14.11 45.88
N SER OA 5 30.57 14.73 46.14
CA SER OA 5 29.52 14.74 45.15
C SER OA 5 30.05 15.23 43.82
N GLN OA 6 30.83 16.30 43.85
CA GLN OA 6 31.42 16.85 42.67
C GLN OA 6 32.50 15.96 42.08
N ARG OA 7 33.32 15.36 42.93
CA ARG OA 7 34.39 14.50 42.47
C ARG OA 7 33.84 13.39 41.64
N TYR OA 8 32.87 12.71 42.20
CA TYR OA 8 32.25 11.59 41.56
C TYR OA 8 31.49 12.00 40.34
N ALA OA 9 30.70 13.04 40.45
CA ALA OA 9 29.88 13.48 39.33
C ALA OA 9 30.70 13.61 38.07
N LYS OA 10 31.79 14.36 38.13
CA LYS OA 10 32.59 14.58 36.96
C LYS OA 10 33.30 13.34 36.53
N TRP OA 11 33.77 12.55 37.50
CA TRP OA 11 34.43 11.29 37.18
C TRP OA 11 33.54 10.42 36.36
N GLN OA 12 32.27 10.38 36.74
CA GLN OA 12 31.32 9.56 36.06
C GLN OA 12 31.13 10.02 34.65
N ALA OA 13 31.00 11.32 34.47
CA ALA OA 13 30.78 11.88 33.15
C ALA OA 13 31.92 11.56 32.21
N LYS OA 14 33.14 11.64 32.72
CA LYS OA 14 34.30 11.38 31.90
C LYS OA 14 34.48 9.93 31.64
N PHE OA 15 34.14 9.10 32.62
CA PHE OA 15 34.23 7.68 32.42
C PHE OA 15 33.27 7.25 31.32
N ASN OA 16 32.05 7.75 31.39
CA ASN OA 16 31.04 7.45 30.41
C ASN OA 16 31.50 7.83 29.04
N ALA OA 17 32.04 9.04 28.92
CA ALA OA 17 32.52 9.54 27.65
C ALA OA 17 33.55 8.61 27.06
N PHE OA 18 34.55 8.26 27.85
CA PHE OA 18 35.62 7.42 27.41
C PHE OA 18 35.14 6.07 26.92
N SER OA 19 34.14 5.51 27.58
CA SER OA 19 33.66 4.17 27.23
C SER OA 19 33.08 4.10 25.81
N ASN OA 20 32.75 5.25 25.22
CA ASN OA 20 32.23 5.30 23.86
C ASN OA 20 33.24 4.79 22.84
N PRO OA 21 32.93 3.68 22.14
CA PRO OA 21 33.75 3.03 21.10
C PRO OA 21 34.66 3.98 20.35
N THR OA 22 34.08 5.08 19.88
CA THR OA 22 34.80 5.98 19.01
C THR OA 22 35.70 6.89 19.78
N VAL OA 23 35.32 7.18 21.00
CA VAL OA 23 36.11 8.05 21.82
C VAL OA 23 37.30 7.32 22.32
N ALA OA 24 37.09 6.13 22.80
CA ALA OA 24 38.18 5.31 23.29
C ALA OA 24 39.18 5.06 22.20
N SER OA 25 38.70 4.65 21.04
CA SER OA 25 39.59 4.31 19.96
C SER OA 25 40.26 5.51 19.38
N THR OA 26 39.57 6.65 19.35
CA THR OA 26 40.19 7.86 18.87
C THR OA 26 41.37 8.22 19.70
N ILE OA 27 41.16 8.29 20.99
CA ILE OA 27 42.20 8.68 21.89
C ILE OA 27 43.32 7.69 21.90
N LEU OA 28 42.99 6.43 22.10
CA LEU OA 28 43.98 5.40 22.27
C LEU OA 28 44.79 5.17 21.02
N SER OA 29 44.15 5.24 19.86
CA SER OA 29 44.90 5.06 18.63
C SER OA 29 45.78 6.25 18.34
N ASN OA 30 45.39 7.44 18.80
CA ASN OA 30 46.20 8.61 18.60
C ASN OA 30 47.42 8.62 19.49
N VAL OA 31 47.27 8.11 20.72
CA VAL OA 31 48.39 8.11 21.64
C VAL OA 31 49.14 6.82 21.62
N SER OA 32 48.75 5.90 20.74
CA SER OA 32 49.43 4.64 20.60
C SER OA 32 50.97 4.79 20.50
N PRO OA 33 51.49 5.19 19.32
CA PRO OA 33 52.93 5.31 19.09
C PRO OA 33 53.65 6.16 20.14
N VAL OA 34 52.92 7.09 20.76
CA VAL OA 34 53.49 7.94 21.77
C VAL OA 34 53.75 7.14 23.01
N ALA OA 35 52.73 6.39 23.43
CA ALA OA 35 52.85 5.54 24.59
C ALA OA 35 53.91 4.51 24.38
N GLN OA 36 54.01 4.01 23.16
CA GLN OA 36 55.00 3.00 22.83
C GLN OA 36 56.37 3.52 23.08
N GLN OA 37 56.61 4.74 22.67
CA GLN OA 37 57.88 5.37 22.90
C GLN OA 37 58.19 5.45 24.36
N ASN OA 38 57.23 5.89 25.14
CA ASN OA 38 57.42 6.08 26.56
C ASN OA 38 57.67 4.79 27.28
N PHE OA 39 56.94 3.76 26.88
CA PHE OA 39 57.10 2.45 27.49
C PHE OA 39 58.47 1.92 27.20
N GLN OA 40 58.87 1.98 25.94
CA GLN OA 40 60.17 1.49 25.53
C GLN OA 40 61.28 2.28 26.16
N THR OA 41 61.09 3.56 26.31
CA THR OA 41 62.13 4.42 26.84
C THR OA 41 62.44 4.13 28.30
N ASN OA 42 61.42 4.01 29.13
CA ASN OA 42 61.68 3.87 30.55
C ASN OA 42 61.64 2.46 31.09
N VAL OA 43 60.82 1.58 30.54
CA VAL OA 43 60.64 0.26 31.15
C VAL OA 43 61.91 -0.60 31.30
N PRO OA 44 62.76 -0.69 30.27
CA PRO OA 44 64.02 -1.43 30.24
C PRO OA 44 64.91 -1.04 31.41
N LYS OA 45 64.78 0.22 31.86
CA LYS OA 45 65.58 0.73 32.95
C LYS OA 45 65.26 0.02 34.23
N PHE OA 46 64.00 -0.37 34.38
CA PHE OA 46 63.54 -1.02 35.59
C PHE OA 46 63.64 -2.52 35.47
N THR OA 47 63.61 -3.02 34.26
CA THR OA 47 63.79 -4.44 34.06
C THR OA 47 65.17 -4.85 34.49
N SER OA 48 66.17 -4.04 34.12
CA SER OA 48 67.53 -4.32 34.51
C SER OA 48 67.69 -4.30 36.03
N VAL OA 49 66.87 -3.49 36.70
CA VAL OA 49 66.88 -3.45 38.15
C VAL OA 49 66.32 -4.72 38.70
N ASN OA 50 65.20 -5.16 38.15
CA ASN OA 50 64.59 -6.40 38.60
C ASN OA 50 65.55 -7.54 38.47
N GLU OA 51 66.31 -7.54 37.39
CA GLU OA 51 67.27 -8.58 37.15
C GLU OA 51 68.40 -8.59 38.14
N ASN OA 52 69.04 -7.44 38.29
CA ASN OA 52 70.19 -7.35 39.15
C ASN OA 52 69.82 -7.54 40.60
N VAL OA 53 68.69 -6.99 41.00
CA VAL OA 53 68.22 -7.16 42.35
C VAL OA 53 67.86 -8.60 42.61
N SER OA 54 67.26 -9.25 41.62
CA SER OA 54 66.95 -10.64 41.74
C SER OA 54 68.20 -11.45 42.01
N ALA OA 55 69.26 -11.16 41.27
CA ALA OA 55 70.52 -11.86 41.46
C ALA OA 55 70.97 -11.75 42.89
N VAL OA 56 70.90 -10.54 43.43
CA VAL OA 56 71.25 -10.30 44.82
C VAL OA 56 70.45 -11.13 45.76
N LEU OA 57 69.15 -11.12 45.57
CA LEU OA 57 68.25 -11.81 46.45
C LEU OA 57 68.49 -13.29 46.46
N THR OA 58 68.87 -13.84 45.32
CA THR OA 58 69.23 -15.25 45.27
C THR OA 58 70.48 -15.52 46.08
N GLN OA 59 71.46 -14.60 46.01
CA GLN OA 59 72.66 -14.74 46.82
C GLN OA 59 72.36 -14.66 48.33
N TYR OA 60 71.33 -13.88 48.69
CA TYR OA 60 70.94 -13.79 50.09
C TYR OA 60 69.92 -14.83 50.53
N GLY OA 61 69.55 -15.73 49.64
CA GLY OA 61 68.65 -16.80 50.02
C GLY OA 61 67.20 -16.35 50.18
N ILE OA 62 66.85 -15.22 49.57
CA ILE OA 62 65.53 -14.67 49.70
C ILE OA 62 64.57 -15.31 48.72
N THR OA 63 63.45 -15.82 49.23
CA THR OA 63 62.48 -16.51 48.38
C THR OA 63 61.08 -15.96 48.55
N GLY OA 64 60.22 -16.30 47.60
CA GLY OA 64 58.83 -15.94 47.67
C GLY OA 64 58.62 -14.44 47.69
N PRO OA 65 57.57 -14.01 48.37
CA PRO OA 65 57.13 -12.64 48.53
C PRO OA 65 58.18 -11.80 49.20
N ASN OA 66 59.13 -12.43 49.87
CA ASN OA 66 60.17 -11.69 50.50
C ASN OA 66 61.04 -11.06 49.45
N ARG OA 67 61.15 -11.71 48.29
CA ARG OA 67 61.90 -11.14 47.20
C ARG OA 67 61.18 -9.95 46.72
N ALA OA 68 59.85 -10.07 46.63
CA ALA OA 68 59.00 -8.99 46.18
C ALA OA 68 59.14 -7.75 47.03
N ILE OA 69 59.35 -7.94 48.34
CA ILE OA 69 59.57 -6.80 49.22
C ILE OA 69 60.76 -6.00 48.79
N TYR OA 70 61.87 -6.69 48.59
CA TYR OA 70 63.10 -6.03 48.24
C TYR OA 70 63.07 -5.50 46.82
N GLN OA 71 62.36 -6.19 45.94
CA GLN OA 71 62.21 -5.73 44.58
C GLN OA 71 61.49 -4.42 44.54
N GLY OA 72 60.44 -4.29 45.36
CA GLY OA 72 59.68 -3.06 45.44
C GLY OA 72 60.57 -1.92 45.90
N PHE OA 73 61.36 -2.19 46.92
CA PHE OA 73 62.31 -1.22 47.42
C PHE OA 73 63.26 -0.76 46.33
N GLY OA 74 63.86 -1.71 45.62
CA GLY OA 74 64.79 -1.40 44.56
C GLY OA 74 64.16 -0.56 43.47
N LEU OA 75 62.97 -0.94 43.07
CA LEU OA 75 62.25 -0.21 42.05
C LEU OA 75 61.99 1.22 42.45
N LYS OA 76 61.67 1.42 43.71
CA LYS OA 76 61.45 2.75 44.24
C LYS OA 76 62.70 3.59 44.17
N VAL OA 77 63.84 2.98 44.49
CA VAL OA 77 65.10 3.69 44.41
C VAL OA 77 65.34 4.19 43.01
N ALA OA 78 65.12 3.31 42.04
CA ALA OA 78 65.31 3.63 40.64
C ALA OA 78 64.34 4.72 40.19
N ARG OA 79 63.10 4.66 40.67
CA ARG OA 79 62.11 5.67 40.33
C ARG OA 79 62.56 7.04 40.69
N ALA OA 80 63.00 7.19 41.93
CA ALA OA 80 63.47 8.46 42.41
C ALA OA 80 64.66 8.91 41.60
N LEU OA 81 65.54 7.99 41.28
CA LEU OA 81 66.68 8.31 40.48
C LEU OA 81 66.25 8.93 39.16
N ASN OA 82 65.29 8.33 38.50
CA ASN OA 82 64.81 8.86 37.23
C ASN OA 82 64.15 10.22 37.35
N ARG OA 83 63.37 10.44 38.40
CA ARG OA 83 62.61 11.67 38.54
C ARG OA 83 63.36 12.77 39.31
N ILE OA 84 64.43 12.40 39.99
CA ILE OA 84 65.24 13.37 40.75
C ILE OA 84 66.66 13.47 40.22
N GLY OA 85 67.27 12.33 40.00
CA GLY OA 85 68.67 12.29 39.59
C GLY OA 85 69.54 12.04 40.80
N SER OA 86 70.79 11.62 40.56
CA SER OA 86 71.69 11.30 41.66
C SER OA 86 72.13 12.54 42.39
N GLY OA 87 72.64 12.35 43.60
CA GLY OA 87 73.11 13.47 44.40
C GLY OA 87 72.25 13.63 45.66
N PRO OA 88 72.55 14.68 46.42
CA PRO OA 88 71.90 15.10 47.69
C PRO OA 88 70.45 14.64 47.82
N ALA OA 89 69.60 15.10 46.91
CA ALA OA 89 68.18 14.81 46.99
C ALA OA 89 67.91 13.32 47.00
N LEU OA 90 68.67 12.57 46.21
CA LEU OA 90 68.49 11.13 46.16
C LEU OA 90 68.85 10.53 47.47
N VAL OA 91 69.94 11.02 48.05
CA VAL OA 91 70.38 10.56 49.35
C VAL OA 91 69.29 10.75 50.39
N ASN OA 92 68.68 11.94 50.37
CA ASN OA 92 67.60 12.23 51.29
C ASN OA 92 66.46 11.26 51.10
N MET OA 93 66.14 10.98 49.84
CA MET OA 93 65.10 10.05 49.51
C MET OA 93 65.35 8.67 50.03
N ILE OA 94 66.53 8.14 49.75
CA ILE OA 94 66.85 6.78 50.10
C ILE OA 94 66.82 6.57 51.58
N ASN OA 95 67.34 7.54 52.33
CA ASN OA 95 67.32 7.44 53.78
C ASN OA 95 65.91 7.23 54.30
N GLY OA 96 64.97 8.05 53.80
CA GLY OA 96 63.59 7.93 54.23
C GLY OA 96 62.99 6.64 53.74
N LEU OA 97 63.30 6.26 52.51
CA LEU OA 97 62.80 5.04 51.93
C LEU OA 97 63.19 3.83 52.72
N LYS OA 98 64.44 3.76 53.12
CA LYS OA 98 64.89 2.67 53.93
C LYS OA 98 64.12 2.62 55.22
N GLY OA 99 63.93 3.77 55.86
CA GLY OA 99 63.15 3.83 57.08
C GLY OA 99 61.76 3.26 56.86
N TYR OA 100 61.17 3.62 55.72
CA TYR OA 100 59.85 3.14 55.36
C TYR OA 100 59.80 1.64 55.34
N TYR OA 101 60.67 1.01 54.56
CA TYR OA 101 60.65 -0.44 54.44
C TYR OA 101 61.11 -1.16 55.69
N ILE OA 102 62.12 -0.66 56.34
CA ILE OA 102 62.64 -1.32 57.51
C ILE OA 102 61.62 -1.41 58.60
N SER OA 103 60.95 -0.33 58.87
CA SER OA 103 60.03 -0.30 59.98
C SER OA 103 58.58 -0.59 59.62
N ALA OA 104 58.18 -0.30 58.38
CA ALA OA 104 56.79 -0.57 58.02
C ALA OA 104 56.59 -1.98 57.59
N PHE OA 105 57.59 -2.56 56.91
CA PHE OA 105 57.46 -3.91 56.38
C PHE OA 105 58.45 -4.87 56.99
N ASN OA 106 59.23 -4.39 57.95
CA ASN OA 106 60.22 -5.22 58.61
C ASN OA 106 61.25 -5.76 57.64
N ALA OA 107 61.64 -4.95 56.67
CA ALA OA 107 62.66 -5.35 55.72
C ALA OA 107 64.03 -5.31 56.40
N ASN OA 108 64.91 -6.22 55.99
CA ASN OA 108 66.23 -6.34 56.61
C ASN OA 108 67.22 -5.31 56.07
N PRO OA 109 67.46 -4.23 56.83
CA PRO OA 109 68.42 -3.13 56.55
C PRO OA 109 69.62 -3.58 55.73
N GLN OA 110 70.24 -4.69 56.13
CA GLN OA 110 71.45 -5.15 55.49
C GLN OA 110 71.20 -5.54 54.04
N VAL OA 111 70.11 -6.23 53.80
CA VAL OA 111 69.77 -6.62 52.46
C VAL OA 111 69.38 -5.41 51.65
N LEU OA 112 68.70 -4.48 52.31
CA LEU OA 112 68.28 -3.26 51.65
C LEU OA 112 69.49 -2.49 51.14
N ASP OA 113 70.54 -2.47 51.93
CA ASP OA 113 71.76 -1.82 51.53
C ASP OA 113 72.40 -2.54 50.38
N ALA OA 114 72.28 -3.87 50.36
CA ALA OA 114 72.78 -4.65 49.24
C ALA OA 114 72.06 -4.26 47.95
N VAL OA 115 70.76 -4.00 48.04
CA VAL OA 115 70.01 -3.56 46.88
C VAL OA 115 70.49 -2.22 46.39
N VAL OA 116 70.65 -1.28 47.32
CA VAL OA 116 71.14 0.05 46.98
C VAL OA 116 72.53 -0.03 46.36
N ASN OA 117 73.36 -0.92 46.90
CA ASN OA 117 74.71 -1.16 46.41
C ASN OA 117 74.77 -1.57 44.94
N ILE OA 118 73.65 -1.98 44.38
CA ILE OA 118 73.61 -2.35 43.00
C ILE OA 118 73.10 -1.22 42.16
N ILE OA 119 71.96 -0.69 42.55
CA ILE OA 119 71.31 0.35 41.79
C ILE OA 119 72.13 1.61 41.75
N THR OA 120 72.64 2.02 42.90
CA THR OA 120 73.46 3.22 42.97
C THR OA 120 74.91 2.86 42.86
N GLY OA 121 75.25 1.66 43.32
CA GLY OA 121 76.62 1.19 43.27
C GLY OA 121 77.23 1.19 44.66
N SER OA 122 76.54 1.82 45.60
CA SER OA 122 77.00 1.88 46.97
C SER OA 122 75.85 2.30 47.85
N PRO OA 123 75.94 2.03 49.15
CA PRO OA 123 75.02 2.47 50.16
C PRO OA 123 74.99 3.98 50.16
N THR OA 124 73.91 4.55 50.65
CA THR OA 124 73.74 5.97 50.53
C THR OA 124 74.39 6.74 51.66
N GLY OA 125 73.78 7.84 52.09
CA GLY OA 125 74.37 8.69 53.13
C GLY OA 125 75.41 9.61 52.51
N TYR OA 126 76.46 8.99 51.98
CA TYR OA 126 77.50 9.70 51.30
C TYR OA 126 77.32 9.52 49.81
N VAL OA 127 77.67 10.53 49.05
CA VAL OA 127 77.56 10.44 47.61
C VAL OA 127 78.84 9.88 47.01
N SER OA 128 78.74 8.70 46.42
CA SER OA 128 79.89 8.06 45.82
C SER OA 128 79.47 6.86 44.99
N SER PA 1 58.86 -14.97 35.06
CA SER PA 1 60.21 -14.78 34.54
C SER PA 1 60.19 -14.28 33.12
N ARG PA 2 60.38 -12.97 32.94
CA ARG PA 2 60.36 -12.36 31.61
C ARG PA 2 61.36 -11.24 31.47
N SER PA 3 61.96 -11.12 30.29
CA SER PA 3 62.84 -10.00 29.95
C SER PA 3 62.00 -8.81 29.64
N TYR PA 4 62.62 -7.65 29.47
CA TYR PA 4 61.81 -6.49 29.17
C TYR PA 4 61.26 -6.61 27.79
N SER PA 5 61.98 -7.32 26.93
CA SER PA 5 61.54 -7.45 25.57
C SER PA 5 60.27 -8.24 25.50
N GLN PA 6 60.13 -9.19 26.41
CA GLN PA 6 58.92 -9.96 26.52
C GLN PA 6 57.83 -9.15 27.17
N ARG PA 7 58.19 -8.38 28.18
CA ARG PA 7 57.24 -7.53 28.85
C ARG PA 7 56.62 -6.58 27.88
N TYR PA 8 57.46 -5.94 27.09
CA TYR PA 8 57.02 -5.02 26.08
C TYR PA 8 56.23 -5.69 25.02
N ALA PA 9 56.74 -6.77 24.48
CA ALA PA 9 56.06 -7.46 23.40
C ALA PA 9 54.62 -7.71 23.73
N LYS PA 10 54.36 -8.32 24.87
CA LYS PA 10 53.01 -8.63 25.23
C LYS PA 10 52.22 -7.39 25.55
N TRP PA 11 52.86 -6.44 26.24
CA TRP PA 11 52.20 -5.18 26.55
C TRP PA 11 51.71 -4.51 25.30
N GLN PA 12 52.53 -4.54 24.28
CA GLN PA 12 52.18 -3.93 23.03
C GLN PA 12 50.99 -4.58 22.42
N ALA PA 13 50.99 -5.90 22.42
CA ALA PA 13 49.90 -6.65 21.84
C ALA PA 13 48.59 -6.35 22.54
N LYS PA 14 48.65 -6.24 23.85
CA LYS PA 14 47.45 -6.00 24.62
C LYS PA 14 46.99 -4.59 24.51
N PHE PA 15 47.92 -3.66 24.39
CA PHE PA 15 47.57 -2.28 24.21
C PHE PA 15 46.84 -2.13 22.90
N ASN PA 16 47.39 -2.75 21.85
CA ASN PA 16 46.79 -2.70 20.55
C ASN PA 16 45.39 -3.23 20.58
N ALA PA 17 45.22 -4.38 21.22
CA ALA PA 17 43.93 -5.01 21.32
C ALA PA 17 42.93 -4.07 21.95
N PHE PA 18 43.29 -3.52 23.09
CA PHE PA 18 42.40 -2.65 23.83
C PHE PA 18 41.99 -1.44 23.03
N SER PA 19 42.90 -0.89 22.24
CA SER PA 19 42.61 0.32 21.48
C SER PA 19 41.51 0.13 20.42
N ASN PA 20 41.19 -1.12 20.09
CA ASN PA 20 40.15 -1.43 19.11
C ASN PA 20 38.78 -1.02 19.62
N PRO PA 21 38.12 -0.05 18.94
CA PRO PA 21 36.77 0.48 19.25
C PRO PA 21 35.88 -0.54 19.93
N THR PA 22 35.81 -1.73 19.36
CA THR PA 22 34.93 -2.75 19.85
C THR PA 22 35.40 -3.29 21.16
N VAL PA 23 36.68 -3.58 21.25
CA VAL PA 23 37.25 -4.13 22.45
C VAL PA 23 37.16 -3.15 23.59
N ALA PA 24 37.51 -1.92 23.31
CA ALA PA 24 37.48 -0.90 24.32
C ALA PA 24 36.10 -0.73 24.89
N SER PA 25 35.12 -0.56 24.01
CA SER PA 25 33.77 -0.33 24.45
C SER PA 25 33.14 -1.55 25.07
N THR PA 26 33.52 -2.72 24.59
CA THR PA 26 32.97 -3.93 25.16
C THR PA 26 33.36 -4.06 26.59
N ILE PA 27 34.64 -3.94 26.86
CA ILE PA 27 35.12 -4.09 28.20
C ILE PA 27 34.61 -2.98 29.08
N LEU PA 28 34.78 -1.75 28.63
CA LEU PA 28 34.46 -0.61 29.45
C LEU PA 28 32.98 -0.49 29.74
N SER PA 29 32.15 -0.81 28.77
CA SER PA 29 30.72 -0.74 29.00
C SER PA 29 30.26 -1.86 29.91
N ASN PA 30 30.96 -2.99 29.89
CA ASN PA 30 30.60 -4.09 30.76
C ASN PA 30 31.00 -3.82 32.19
N VAL PA 31 32.14 -3.15 32.40
CA VAL PA 31 32.59 -2.89 33.75
C VAL PA 31 32.14 -1.55 34.25
N SER PA 32 31.37 -0.83 33.44
CA SER PA 32 30.85 0.46 33.84
C SER PA 32 30.22 0.44 35.24
N PRO PA 33 28.99 -0.08 35.40
CA PRO PA 33 28.27 -0.10 36.67
C PRO PA 33 29.10 -0.71 37.82
N VAL PA 34 30.02 -1.60 37.48
CA VAL PA 34 30.88 -2.22 38.47
C VAL PA 34 31.85 -1.21 39.00
N ALA PA 35 32.47 -0.49 38.09
CA ALA PA 35 33.40 0.56 38.42
C ALA PA 35 32.73 1.60 39.25
N GLN PA 36 31.50 1.91 38.91
CA GLN PA 36 30.75 2.92 39.62
C GLN PA 36 30.60 2.54 41.05
N GLN PA 37 30.29 1.28 41.30
CA GLN PA 37 30.16 0.80 42.64
C GLN PA 37 31.44 0.92 43.41
N ASN PA 38 32.54 0.54 42.78
CA ASN PA 38 33.82 0.55 43.42
C ASN PA 38 34.28 1.95 43.74
N PHE PA 39 34.04 2.86 42.81
CA PHE PA 39 34.39 4.25 43.00
C PHE PA 39 33.58 4.84 44.13
N GLN PA 40 32.28 4.61 44.09
CA GLN PA 40 31.40 5.14 45.11
C GLN PA 40 31.74 4.61 46.48
N THR PA 41 32.14 3.36 46.54
CA THR PA 41 32.41 2.73 47.80
C THR PA 41 33.66 3.27 48.48
N ASN PA 42 34.78 3.29 47.77
CA ASN PA 42 36.04 3.65 48.41
C ASN PA 42 36.46 5.10 48.33
N VAL PA 43 35.89 5.87 47.42
CA VAL PA 43 36.37 7.26 47.26
C VAL PA 43 35.94 8.27 48.35
N PRO PA 44 34.64 8.39 48.69
CA PRO PA 44 34.14 9.34 49.68
C PRO PA 44 34.86 9.20 51.03
N LYS PA 45 35.43 8.01 51.27
CA LYS PA 45 36.20 7.74 52.47
C LYS PA 45 37.40 8.65 52.56
N PHE PA 46 38.02 8.92 51.41
CA PHE PA 46 39.20 9.75 51.37
C PHE PA 46 38.86 11.20 51.19
N THR PA 47 37.70 11.46 50.60
CA THR PA 47 37.26 12.83 50.46
C THR PA 47 37.05 13.45 51.83
N SER PA 48 36.44 12.69 52.74
CA SER PA 48 36.23 13.18 54.10
C SER PA 48 37.55 13.44 54.80
N VAL PA 49 38.57 12.67 54.45
CA VAL PA 49 39.89 12.87 55.00
C VAL PA 49 40.42 14.18 54.54
N ASN PA 50 40.27 14.46 53.25
CA ASN PA 50 40.77 15.68 52.68
C ASN PA 50 40.17 16.89 53.35
N GLU PA 51 38.87 16.85 53.65
CA GLU PA 51 38.24 17.99 54.30
C GLU PA 51 38.85 18.24 55.67
N ASN PA 52 38.89 17.21 56.50
CA ASN PA 52 39.40 17.38 57.86
C ASN PA 52 40.88 17.71 57.89
N VAL PA 53 41.66 17.01 57.09
CA VAL PA 53 43.09 17.25 57.05
C VAL PA 53 43.39 18.64 56.58
N SER PA 54 42.67 19.07 55.56
CA SER PA 54 42.86 20.39 55.04
C SER PA 54 42.59 21.42 56.11
N ALA PA 55 41.51 21.23 56.86
CA ALA PA 55 41.16 22.14 57.93
C ALA PA 55 42.31 22.27 58.91
N VAL PA 56 42.90 21.15 59.28
CA VAL PA 56 44.02 21.13 60.18
C VAL PA 56 45.17 21.92 59.65
N LEU PA 57 45.48 21.71 58.38
CA LEU PA 57 46.60 22.38 57.76
C LEU PA 57 46.41 23.88 57.77
N THR PA 58 45.17 24.33 57.62
CA THR PA 58 44.88 25.74 57.72
C THR PA 58 45.14 26.25 59.12
N GLN PA 59 44.76 25.47 60.12
CA GLN PA 59 45.04 25.85 61.51
C GLN PA 59 46.55 25.86 61.82
N TYR PA 60 47.32 25.04 61.11
CA TYR PA 60 48.78 25.05 61.26
C TYR PA 60 49.48 26.04 60.33
N GLY PA 61 48.73 26.80 59.55
CA GLY PA 61 49.33 27.81 58.70
C GLY PA 61 50.03 27.25 57.47
N ILE PA 62 49.70 26.02 57.10
CA ILE PA 62 50.35 25.35 55.99
C ILE PA 62 49.72 25.77 54.67
N THR PA 63 50.55 26.21 53.74
CA THR PA 63 50.04 26.67 52.44
C THR PA 63 50.74 26.00 51.27
N GLY PA 64 50.12 26.11 50.11
CA GLY PA 64 50.72 25.63 48.88
C GLY PA 64 50.95 24.14 48.90
N PRO PA 65 51.99 23.70 48.20
CA PRO PA 65 52.42 22.34 48.04
C PRO PA 65 52.77 21.70 49.35
N ASN PA 66 53.01 22.52 50.38
CA ASN PA 66 53.29 21.98 51.67
C ASN PA 66 52.07 21.29 52.21
N ARG PA 67 50.89 21.79 51.85
CA ARG PA 67 49.67 21.16 52.26
C ARG PA 67 49.58 19.84 51.60
N ALA PA 68 49.94 19.82 50.31
CA ALA PA 68 49.92 18.60 49.50
C ALA PA 68 50.80 17.53 50.08
N ILE PA 69 51.92 17.91 50.68
CA ILE PA 69 52.77 16.94 51.33
C ILE PA 69 52.02 16.20 52.39
N TYR PA 70 51.31 16.94 53.21
CA TYR PA 70 50.58 16.35 54.30
C TYR PA 70 49.33 15.65 53.83
N GLN PA 71 48.76 16.13 52.73
CA GLN PA 71 47.60 15.47 52.16
C GLN PA 71 47.99 14.10 51.67
N GLY PA 72 49.14 14.02 51.01
CA GLY PA 72 49.65 12.74 50.52
C GLY PA 72 49.85 11.78 51.67
N PHE PA 73 50.48 12.28 52.73
CA PHE PA 73 50.71 11.50 53.91
C PHE PA 73 49.41 10.98 54.49
N GLY PA 74 48.46 11.88 54.72
CA GLY PA 74 47.18 11.53 55.32
C GLY PA 74 46.44 10.50 54.50
N LEU PA 75 46.40 10.71 53.20
CA LEU PA 75 45.72 9.81 52.32
C LEU PA 75 46.32 8.43 52.38
N LYS PA 76 47.65 8.37 52.45
CA LYS PA 76 48.35 7.11 52.53
C LYS PA 76 48.06 6.40 53.85
N VAL PA 77 47.93 7.17 54.92
CA VAL PA 77 47.55 6.60 56.20
C VAL PA 77 46.20 5.94 56.10
N ALA PA 78 45.25 6.65 55.50
CA ALA PA 78 43.90 6.16 55.33
C ALA PA 78 43.88 4.91 54.46
N ARG PA 79 44.71 4.90 53.41
CA ARG PA 79 44.82 3.72 52.56
C ARG PA 79 45.13 2.49 53.35
N ALA PA 80 46.18 2.58 54.15
CA ALA PA 80 46.61 1.48 54.96
C ALA PA 80 45.51 1.05 55.91
N LEU PA 81 44.80 2.01 56.46
CA LEU PA 81 43.69 1.70 57.32
C LEU PA 81 42.70 0.82 56.59
N ASN PA 82 42.34 1.18 55.37
CA ASN PA 82 41.38 0.38 54.61
C ASN PA 82 41.88 -1.03 54.30
N ARG PA 83 43.13 -1.14 53.86
CA ARG PA 83 43.65 -2.43 53.40
C ARG PA 83 44.15 -3.31 54.55
N ILE PA 84 44.55 -2.71 55.65
CA ILE PA 84 45.04 -3.45 56.82
C ILE PA 84 44.01 -3.49 57.94
N GLY PA 85 43.48 -2.33 58.28
CA GLY PA 85 42.57 -2.21 59.41
C GLY PA 85 43.33 -1.74 60.62
N SER PA 86 42.62 -1.22 61.61
CA SER PA 86 43.29 -0.68 62.79
C SER PA 86 43.92 -1.79 63.61
N GLY PA 87 44.87 -1.41 64.45
CA GLY PA 87 45.56 -2.37 65.30
C GLY PA 87 47.04 -2.41 64.96
N PRO PA 88 47.77 -3.27 65.66
CA PRO PA 88 49.22 -3.53 65.56
C PRO PA 88 49.81 -3.21 64.20
N ALA PA 89 49.37 -3.94 63.17
CA ALA PA 89 49.95 -3.79 61.84
C ALA PA 89 49.84 -2.38 61.32
N LEU PA 90 48.74 -1.71 61.63
CA LEU PA 90 48.57 -0.34 61.16
C LEU PA 90 49.57 0.54 61.81
N VAL PA 91 49.76 0.34 63.10
CA VAL PA 91 50.74 1.12 63.84
C VAL PA 91 52.12 0.93 63.26
N ASN PA 92 52.46 -0.33 62.95
CA ASN PA 92 53.73 -0.64 62.34
C ASN PA 92 53.90 0.14 61.04
N MET PA 93 52.83 0.15 60.24
CA MET PA 93 52.82 0.88 59.01
C MET PA 93 53.03 2.35 59.20
N ILE PA 94 52.26 2.94 60.10
CA ILE PA 94 52.30 4.37 60.29
C ILE PA 94 53.64 4.81 60.78
N ASN PA 95 54.25 4.04 61.67
CA ASN PA 95 55.56 4.39 62.18
C ASN PA 95 56.56 4.55 61.05
N GLY PA 96 56.55 3.60 60.12
CA GLY PA 96 57.46 3.65 58.98
C GLY PA 96 57.09 4.77 58.04
N LEU PA 97 55.80 4.94 57.82
CA LEU PA 97 55.31 5.98 56.93
C LEU PA 97 55.66 7.36 57.44
N LYS PA 98 55.45 7.60 58.70
CA LYS PA 98 55.77 8.86 59.30
C LYS PA 98 57.24 9.17 59.10
N GLY PA 99 58.11 8.24 59.52
CA GLY PA 99 59.55 8.45 59.40
C GLY PA 99 59.94 8.70 57.95
N TYR PA 100 59.31 7.96 57.05
CA TYR PA 100 59.52 8.11 55.62
C TYR PA 100 59.32 9.54 55.19
N TYR PA 101 58.16 10.10 55.49
CA TYR PA 101 57.90 11.48 55.10
C TYR PA 101 58.78 12.48 55.79
N ILE PA 102 59.10 12.25 57.05
CA ILE PA 102 59.93 13.18 57.77
C ILE PA 102 61.27 13.36 57.13
N SER PA 103 61.92 12.27 56.79
CA SER PA 103 63.25 12.35 56.27
C SER PA 103 63.33 12.38 54.75
N ALA PA 104 62.36 11.76 54.07
CA ALA PA 104 62.39 11.75 52.62
C ALA PA 104 61.97 13.08 52.06
N PHE PA 105 60.95 13.69 52.67
CA PHE PA 105 60.39 14.93 52.15
C PHE PA 105 60.50 16.08 53.10
N ASN PA 106 61.20 15.88 54.21
CA ASN PA 106 61.35 16.92 55.21
C ASN PA 106 60.01 17.36 55.76
N ALA PA 107 59.10 16.41 55.95
CA ALA PA 107 57.81 16.73 56.51
C ALA PA 107 57.95 16.98 58.00
N ASN PA 108 57.16 17.92 58.53
CA ASN PA 108 57.26 18.31 59.91
C ASN PA 108 56.46 17.40 60.85
N PRO PA 109 57.15 16.50 61.60
CA PRO PA 109 56.60 15.58 62.61
C PRO PA 109 55.36 16.12 63.31
N GLN PA 110 55.37 17.38 63.70
CA GLN PA 110 54.26 17.98 64.42
C GLN PA 110 52.99 17.97 63.61
N VAL PA 111 53.09 18.37 62.37
CA VAL PA 111 51.94 18.41 61.53
C VAL PA 111 51.54 17.00 61.17
N LEU PA 112 52.54 16.14 60.97
CA LEU PA 112 52.27 14.77 60.62
C LEU PA 112 51.46 14.08 61.69
N ASP PA 113 51.78 14.39 62.93
CA ASP PA 113 51.04 13.86 64.05
C ASP PA 113 49.65 14.37 64.05
N ALA PA 114 49.49 15.65 63.74
CA ALA PA 114 48.16 16.24 63.67
C ALA PA 114 47.30 15.53 62.65
N VAL PA 115 47.89 15.18 61.51
CA VAL PA 115 47.15 14.47 60.49
C VAL PA 115 46.70 13.12 60.99
N VAL PA 116 47.60 12.39 61.64
CA VAL PA 116 47.28 11.09 62.20
C VAL PA 116 46.20 11.24 63.28
N ASN PA 117 46.25 12.33 64.04
CA ASN PA 117 45.29 12.60 65.10
C ASN PA 117 43.89 12.90 64.57
N ILE PA 118 43.74 12.97 63.26
CA ILE PA 118 42.45 13.13 62.66
C ILE PA 118 41.96 11.82 62.15
N ILE PA 119 42.79 11.18 61.37
CA ILE PA 119 42.44 9.93 60.74
C ILE PA 119 42.26 8.81 61.74
N THR PA 120 43.22 8.68 62.65
CA THR PA 120 43.16 7.64 63.66
C THR PA 120 42.58 8.19 64.91
N GLY PA 121 42.87 9.46 65.17
CA GLY PA 121 42.39 10.11 66.38
C GLY PA 121 43.47 10.15 67.44
N SER PA 122 44.54 9.40 67.23
CA SER PA 122 45.61 9.34 68.21
C SER PA 122 46.94 9.12 67.50
N PRO PA 123 48.04 9.51 68.13
CA PRO PA 123 49.41 9.36 67.70
C PRO PA 123 49.75 7.90 67.55
N THR PA 124 50.77 7.63 66.76
CA THR PA 124 51.20 6.27 66.53
C THR PA 124 52.23 5.84 67.57
N GLY PA 125 53.25 5.09 67.15
CA GLY PA 125 54.27 4.63 68.06
C GLY PA 125 53.82 3.36 68.78
N TYR PA 126 52.77 3.51 69.59
CA TYR PA 126 52.20 2.39 70.32
C TYR PA 126 50.71 2.27 70.03
N VAL PA 127 50.19 1.06 70.14
CA VAL PA 127 48.78 0.80 69.85
C VAL PA 127 47.89 1.48 70.88
N SER PA 128 46.99 2.35 70.40
CA SER PA 128 46.10 3.07 71.30
C SER PA 128 44.92 3.70 70.55
N SER QA 1 40.53 -2.71 48.69
CA SER QA 1 40.07 -4.02 49.07
C SER QA 1 38.74 -4.37 48.41
N ARG QA 2 38.50 -5.66 48.21
CA ARG QA 2 37.31 -6.11 47.50
C ARG QA 2 36.62 -7.28 48.19
N SER QA 3 35.32 -7.14 48.40
CA SER QA 3 34.48 -8.20 48.95
C SER QA 3 34.15 -9.20 47.88
N TYR QA 4 33.59 -10.34 48.27
CA TYR QA 4 33.18 -11.33 47.30
C TYR QA 4 32.27 -10.77 46.26
N SER QA 5 31.26 -10.02 46.71
CA SER QA 5 30.33 -9.40 45.78
C SER QA 5 31.07 -8.65 44.71
N GLN QA 6 32.07 -7.89 45.12
CA GLN QA 6 32.87 -7.11 44.19
C GLN QA 6 33.76 -7.99 43.33
N ARG QA 7 34.35 -9.02 43.93
CA ARG QA 7 35.24 -9.91 43.20
C ARG QA 7 34.52 -10.50 42.04
N TYR QA 8 33.38 -11.08 42.33
CA TYR QA 8 32.59 -11.72 41.33
C TYR QA 8 32.05 -10.77 40.32
N ALA QA 9 31.49 -9.66 40.78
CA ALA QA 9 30.90 -8.68 39.89
C ALA QA 9 31.84 -8.33 38.75
N LYS QA 10 33.05 -7.94 39.08
CA LYS QA 10 33.98 -7.54 38.06
C LYS QA 10 34.44 -8.70 37.23
N TRP QA 11 34.64 -9.86 37.86
CA TRP QA 11 35.01 -11.05 37.12
C TRP QA 11 34.02 -11.35 36.06
N GLN QA 12 32.75 -11.22 36.39
CA GLN QA 12 31.70 -11.50 35.46
C GLN QA 12 31.73 -10.56 34.30
N ALA QA 13 31.92 -9.29 34.59
CA ALA QA 13 31.95 -8.28 33.55
C ALA QA 13 33.07 -8.53 32.56
N LYS QA 14 34.23 -8.92 33.06
CA LYS QA 14 35.36 -9.16 32.21
C LYS QA 14 35.23 -10.44 31.46
N PHE QA 15 34.64 -11.44 32.08
CA PHE QA 15 34.41 -12.70 31.42
C PHE QA 15 33.49 -12.49 30.23
N ASN QA 16 32.40 -11.76 30.46
CA ASN QA 16 31.44 -11.47 29.44
C ASN QA 16 32.10 -10.76 28.28
N ALA QA 17 32.90 -9.75 28.59
CA ALA QA 17 33.58 -8.99 27.57
C ALA QA 17 34.43 -9.88 26.71
N PHE QA 18 35.25 -10.70 27.34
CA PHE QA 18 36.14 -11.58 26.62
C PHE QA 18 35.41 -12.53 25.69
N SER QA 19 34.25 -13.02 26.12
CA SER QA 19 33.52 -14.00 25.32
C SER QA 19 33.06 -13.45 23.96
N ASN QA 20 33.06 -12.13 23.81
CA ASN QA 20 32.68 -11.49 22.55
C ASN QA 20 33.63 -11.86 21.42
N PRO QA 21 33.14 -12.56 20.37
CA PRO QA 21 33.89 -13.01 19.18
C PRO QA 21 35.05 -12.10 18.80
N THR QA 22 34.78 -10.80 18.75
CA THR QA 22 35.75 -9.87 18.25
C THR QA 22 36.75 -9.51 19.29
N VAL QA 23 36.35 -9.56 20.54
CA VAL QA 23 37.24 -9.24 21.61
C VAL QA 23 38.19 -10.36 21.83
N ALA QA 24 37.68 -11.56 21.85
CA ALA QA 24 38.50 -12.73 22.03
C ALA QA 24 39.51 -12.84 20.93
N SER QA 25 39.05 -12.69 19.69
CA SER QA 25 39.94 -12.85 18.57
C SER QA 25 40.91 -11.72 18.44
N THR QA 26 40.50 -10.52 18.81
CA THR QA 26 41.42 -9.40 18.78
C THR QA 26 42.56 -9.64 19.69
N ILE QA 27 42.26 -9.95 20.93
CA ILE QA 27 43.29 -10.16 21.90
C ILE QA 27 44.15 -11.34 21.58
N LEU QA 28 43.52 -12.47 21.33
CA LEU QA 28 44.23 -13.70 21.13
C LEU QA 28 45.09 -13.69 19.87
N SER QA 29 44.59 -13.07 18.81
CA SER QA 29 45.38 -13.01 17.60
C SER QA 29 46.52 -12.04 17.74
N ASN QA 30 46.36 -11.02 18.60
CA ASN QA 30 47.44 -10.08 18.81
C ASN QA 30 48.54 -10.67 19.65
N VAL QA 31 48.19 -11.51 20.62
CA VAL QA 31 49.19 -12.09 21.49
C VAL QA 31 49.63 -13.44 21.02
N SER QA 32 49.12 -13.88 19.88
CA SER QA 32 49.51 -15.16 19.31
C SER QA 32 51.03 -15.34 19.28
N PRO QA 33 51.74 -14.71 18.32
CA PRO QA 33 53.19 -14.88 18.13
C PRO QA 33 53.98 -14.62 19.43
N VAL QA 34 53.43 -13.81 20.33
CA VAL QA 34 54.09 -13.51 21.57
C VAL QA 34 54.05 -14.73 22.46
N ALA QA 35 52.86 -15.30 22.60
CA ALA QA 35 52.68 -16.49 23.37
C ALA QA 35 53.50 -17.61 22.83
N GLN QA 36 53.59 -17.68 21.51
CA GLN QA 36 54.35 -18.73 20.85
C GLN QA 36 55.77 -18.68 21.27
N GLN QA 37 56.31 -17.48 21.31
CA GLN QA 37 57.67 -17.29 21.75
C GLN QA 37 57.87 -17.78 23.15
N ASN QA 38 56.96 -17.41 24.03
CA ASN QA 38 57.08 -17.76 25.43
C ASN QA 38 56.96 -19.25 25.65
N PHE QA 39 56.05 -19.88 24.93
CA PHE QA 39 55.86 -21.31 25.04
C PHE QA 39 57.10 -22.03 24.59
N GLN QA 40 57.61 -21.64 23.43
CA GLN QA 40 58.79 -22.26 22.87
C GLN QA 40 60.00 -22.03 23.74
N THR QA 41 60.09 -20.85 24.33
CA THR QA 41 61.24 -20.51 25.13
C THR QA 41 61.36 -21.33 26.39
N ASN QA 42 60.27 -21.48 27.13
CA ASN QA 42 60.36 -22.14 28.42
C ASN QA 42 59.95 -23.61 28.44
N VAL QA 43 59.01 -24.02 27.61
CA VAL QA 43 58.49 -25.39 27.73
C VAL QA 43 59.51 -26.52 27.58
N PRO QA 44 60.41 -26.47 26.57
CA PRO QA 44 61.46 -27.43 26.29
C PRO QA 44 62.32 -27.68 27.53
N LYS QA 45 62.43 -26.66 28.38
CA LYS QA 45 63.23 -26.75 29.59
C LYS QA 45 62.65 -27.75 30.55
N PHE QA 46 61.33 -27.85 30.55
CA PHE QA 46 60.64 -28.74 31.44
C PHE QA 46 60.40 -30.09 30.82
N THR QA 47 60.36 -30.13 29.50
CA THR QA 47 60.23 -31.40 28.83
C THR QA 47 61.44 -32.24 29.09
N SER QA 48 62.63 -31.62 29.03
CA SER QA 48 63.85 -32.35 29.31
C SER QA 48 63.88 -32.88 30.73
N VAL QA 49 63.22 -32.18 31.64
CA VAL QA 49 63.11 -32.61 33.01
C VAL QA 49 62.23 -33.83 33.09
N ASN QA 50 61.09 -33.77 32.42
CA ASN QA 50 60.18 -34.90 32.41
C ASN QA 50 60.86 -36.13 31.89
N GLU QA 51 61.70 -35.96 30.89
CA GLU QA 51 62.42 -37.06 30.29
C GLU QA 51 63.43 -37.66 31.23
N ASN QA 52 64.29 -36.82 31.77
CA ASN QA 52 65.36 -37.31 32.61
C ASN QA 52 64.83 -37.88 33.90
N VAL QA 53 63.82 -37.24 34.47
CA VAL QA 53 63.21 -37.74 35.68
C VAL QA 53 62.52 -39.05 35.41
N SER QA 54 61.87 -39.16 34.27
CA SER QA 54 61.24 -40.40 33.88
C SER QA 54 62.24 -41.52 33.87
N ALA QA 55 63.40 -41.26 33.27
CA ALA QA 55 64.45 -42.27 33.22
C ALA QA 55 64.80 -42.76 34.60
N VAL QA 56 64.95 -41.83 35.52
CA VAL QA 56 65.24 -42.15 36.91
C VAL QA 56 64.18 -43.03 37.50
N LEU QA 57 62.93 -42.65 37.31
CA LEU QA 57 61.83 -43.35 37.90
C LEU QA 57 61.74 -44.76 37.40
N THR QA 58 62.08 -44.98 36.15
CA THR QA 58 62.11 -46.32 35.60
C THR QA 58 63.19 -47.14 36.28
N GLN QA 59 64.35 -46.52 36.52
CA GLN QA 59 65.44 -47.20 37.25
C GLN QA 59 65.02 -47.56 38.68
N TYR QA 60 64.17 -46.74 39.30
CA TYR QA 60 63.69 -47.03 40.64
C TYR QA 60 62.42 -47.88 40.68
N GLY QA 61 61.93 -48.31 39.53
CA GLY QA 61 60.79 -49.20 39.51
C GLY QA 61 59.48 -48.49 39.82
N ILE QA 62 59.45 -47.17 39.63
CA ILE QA 62 58.27 -46.39 39.95
C ILE QA 62 57.28 -46.43 38.80
N THR QA 63 56.04 -46.79 39.09
CA THR QA 63 55.01 -46.90 38.06
C THR QA 63 53.76 -46.11 38.40
N GLY QA 64 52.94 -45.90 37.40
CA GLY QA 64 51.65 -45.25 37.58
C GLY QA 64 51.79 -43.85 38.13
N PRO QA 65 50.81 -43.43 38.90
CA PRO QA 65 50.68 -42.13 39.53
C PRO QA 65 51.82 -41.84 40.46
N ASN QA 66 52.55 -42.87 40.87
CA ASN QA 66 53.68 -42.66 41.72
C ASN QA 66 54.75 -41.94 40.96
N ARG QA 67 54.81 -42.17 39.64
CA ARG QA 67 55.76 -41.47 38.83
C ARG QA 67 55.37 -40.04 38.78
N ALA QA 68 54.06 -39.81 38.65
CA ALA QA 68 53.51 -38.46 38.60
C ALA QA 68 53.87 -37.66 39.83
N ILE QA 69 53.90 -38.32 40.99
CA ILE QA 69 54.29 -37.63 42.22
C ILE QA 69 55.67 -37.05 42.09
N TYR QA 70 56.61 -37.88 41.67
CA TYR QA 70 57.98 -37.45 41.56
C TYR QA 70 58.19 -36.49 40.42
N GLN QA 71 57.43 -36.65 39.36
CA GLN QA 71 57.50 -35.74 38.24
C GLN QA 71 57.10 -34.35 38.66
N GLY QA 72 56.04 -34.26 39.46
CA GLY QA 72 55.58 -32.98 39.97
C GLY QA 72 56.65 -32.32 40.80
N PHE QA 73 57.28 -33.08 41.66
CA PHE QA 73 58.36 -32.61 42.47
C PHE QA 73 59.48 -32.05 41.61
N GLY QA 74 59.91 -32.82 40.62
CA GLY QA 74 60.99 -32.40 39.73
C GLY QA 74 60.65 -31.12 39.01
N LEU QA 75 59.45 -31.04 38.49
CA LEU QA 75 59.00 -29.87 37.78
C LEU QA 75 59.04 -28.64 38.66
N LYS QA 76 58.67 -28.80 39.91
CA LYS QA 76 58.70 -27.72 40.86
C LYS QA 76 60.12 -27.23 41.09
N VAL QA 77 61.06 -28.16 41.19
CA VAL QA 77 62.45 -27.79 41.37
C VAL QA 77 62.91 -26.93 40.22
N ALA QA 78 62.59 -27.36 39.01
CA ALA QA 78 62.96 -26.63 37.81
C ALA QA 78 62.30 -25.26 37.76
N ARG QA 79 61.04 -25.17 38.19
CA ARG QA 79 60.33 -23.91 38.21
C ARG QA 79 61.05 -22.88 39.03
N ALA QA 80 61.40 -23.27 40.24
CA ALA QA 80 62.11 -22.39 41.14
C ALA QA 80 63.44 -21.99 40.54
N LEU QA 81 64.11 -22.93 39.92
CA LEU QA 81 65.35 -22.65 39.28
C LEU QA 81 65.19 -21.54 38.27
N ASN QA 82 64.18 -21.64 37.42
CA ASN QA 82 63.96 -20.60 36.42
C ASN QA 82 63.60 -19.24 37.01
N ARG QA 83 62.80 -19.22 38.07
CA ARG QA 83 62.33 -17.96 38.62
C ARG QA 83 63.23 -17.39 39.73
N ILE QA 84 64.14 -18.22 40.24
CA ILE QA 84 65.07 -17.79 41.29
C ILE QA 84 66.51 -17.86 40.83
N GLY QA 85 66.87 -18.98 40.23
CA GLY QA 85 68.26 -19.21 39.84
C GLY QA 85 68.94 -20.05 40.88
N SER QA 86 70.07 -20.65 40.52
CA SER QA 86 70.79 -21.53 41.44
C SER QA 86 71.43 -20.75 42.56
N GLY QA 87 71.79 -21.46 43.63
CA GLY QA 87 72.42 -20.83 44.78
C GLY QA 87 71.52 -20.89 46.00
N PRO QA 88 71.97 -20.26 47.09
CA PRO QA 88 71.33 -20.16 48.41
C PRO QA 88 69.81 -20.26 48.38
N ALA QA 89 69.16 -19.33 47.68
CA ALA QA 89 67.71 -19.29 47.65
C ALA QA 89 67.11 -20.58 47.14
N LEU QA 90 67.75 -21.18 46.13
CA LEU QA 90 67.25 -22.43 45.59
C LEU QA 90 67.36 -23.50 46.63
N VAL QA 91 68.47 -23.51 47.34
CA VAL QA 91 68.68 -24.48 48.40
C VAL QA 91 67.58 -24.39 49.43
N ASN QA 92 67.25 -23.16 49.82
CA ASN QA 92 66.20 -22.93 50.79
C ASN QA 92 64.89 -23.48 50.27
N MET QA 93 64.63 -23.24 48.98
CA MET QA 93 63.43 -23.72 48.35
C MET QA 93 63.32 -25.22 48.36
N ILE QA 94 64.37 -25.89 47.91
CA ILE QA 94 64.34 -27.32 47.78
C ILE QA 94 64.14 -28.00 49.10
N ASN QA 95 64.79 -27.50 50.14
CA ASN QA 95 64.63 -28.08 51.45
C ASN QA 95 63.16 -28.09 51.87
N GLY QA 96 62.49 -26.96 51.68
CA GLY QA 96 61.08 -26.87 52.03
C GLY QA 96 60.25 -27.74 51.14
N LEU QA 97 60.57 -27.75 49.85
CA LEU QA 97 59.87 -28.54 48.88
C LEU QA 97 59.90 -30.01 49.20
N LYS QA 98 61.07 -30.50 49.55
CA LYS QA 98 61.19 -31.88 49.93
C LYS QA 98 60.32 -32.18 51.12
N GLY QA 99 60.34 -31.29 52.11
CA GLY QA 99 59.49 -31.47 53.29
C GLY QA 99 58.03 -31.58 52.87
N TYR QA 100 57.63 -30.72 51.94
CA TYR QA 100 56.28 -30.72 51.42
C TYR QA 100 55.90 -32.07 50.88
N TYR QA 101 56.66 -32.58 49.94
CA TYR QA 101 56.32 -33.86 49.33
C TYR QA 101 56.49 -35.05 50.24
N ILE QA 102 57.54 -35.05 51.03
CA ILE QA 102 57.80 -36.18 51.90
C ILE QA 102 56.70 -36.38 52.87
N SER QA 103 56.26 -35.32 53.51
CA SER QA 103 55.27 -35.46 54.56
C SER QA 103 53.84 -35.24 54.10
N ALA QA 104 53.62 -34.46 53.06
CA ALA QA 104 52.24 -34.25 52.61
C ALA QA 104 51.78 -35.35 51.72
N PHE QA 105 52.67 -35.89 50.89
CA PHE QA 105 52.28 -36.91 49.92
C PHE QA 105 52.98 -38.22 50.16
N ASN QA 106 53.75 -38.30 51.23
CA ASN QA 106 54.47 -39.52 51.57
C ASN QA 106 55.43 -39.93 50.47
N ALA QA 107 56.08 -38.95 49.85
CA ALA QA 107 57.06 -39.24 48.83
C ALA QA 107 58.33 -39.77 49.47
N ASN QA 108 59.02 -40.67 48.78
CA ASN QA 108 60.22 -41.31 49.32
C ASN QA 108 61.47 -40.43 49.18
N PRO QA 109 61.88 -39.76 50.27
CA PRO QA 109 63.08 -38.90 50.38
C PRO QA 109 64.22 -39.32 49.47
N GLN QA 110 64.53 -40.60 49.46
CA GLN QA 110 65.65 -41.10 48.70
C GLN QA 110 65.46 -40.91 47.21
N VAL QA 111 64.25 -41.20 46.73
CA VAL QA 111 63.96 -41.01 45.34
C VAL QA 111 63.93 -39.56 45.01
N LEU QA 112 63.42 -38.76 45.94
CA LEU QA 112 63.35 -37.32 45.74
C LEU QA 112 64.72 -36.75 45.54
N ASP QA 113 65.68 -37.25 46.30
CA ASP QA 113 67.06 -36.82 46.14
C ASP QA 113 67.62 -37.25 44.82
N ALA QA 114 67.20 -38.41 44.33
CA ALA QA 114 67.61 -38.86 43.01
C ALA QA 114 67.11 -37.90 41.94
N VAL QA 115 65.89 -37.39 42.11
CA VAL QA 115 65.35 -36.42 41.17
C VAL QA 115 66.17 -35.14 41.18
N VAL QA 116 66.47 -34.64 42.38
CA VAL QA 116 67.27 -33.42 42.52
C VAL QA 116 68.65 -33.64 41.91
N ASN QA 117 69.21 -34.82 42.12
CA ASN QA 117 70.51 -35.20 41.58
C ASN QA 117 70.60 -35.11 40.06
N ILE QA 118 69.46 -35.01 39.40
CA ILE QA 118 69.46 -34.86 37.97
C ILE QA 118 69.30 -33.44 37.57
N ILE QA 119 68.28 -32.82 38.12
CA ILE QA 119 67.95 -31.46 37.76
C ILE QA 119 69.03 -30.49 38.17
N THR QA 120 69.52 -30.62 39.39
CA THR QA 120 70.58 -29.77 39.88
C THR QA 120 71.91 -30.41 39.65
N GLY QA 121 71.93 -31.72 39.66
CA GLY QA 121 73.15 -32.47 39.46
C GLY QA 121 73.63 -33.09 40.76
N SER QA 122 73.02 -32.66 41.86
CA SER QA 122 73.35 -33.17 43.17
C SER QA 122 72.26 -32.81 44.14
N PRO QA 123 72.18 -33.52 45.26
CA PRO QA 123 71.29 -33.24 46.36
C PRO QA 123 71.60 -31.86 46.89
N THR QA 124 70.65 -31.24 47.55
CA THR QA 124 70.82 -29.86 47.93
C THR QA 124 71.52 -29.70 49.25
N GLY QA 125 71.13 -28.70 50.03
CA GLY QA 125 71.80 -28.41 51.30
C GLY QA 125 73.08 -27.63 51.04
N TYR QA 126 74.00 -28.25 50.34
CA TYR QA 126 75.24 -27.64 49.94
C TYR QA 126 75.16 -27.25 48.48
N VAL QA 127 75.77 -26.16 48.13
CA VAL QA 127 75.77 -25.73 46.74
C VAL QA 127 76.94 -26.35 46.00
N SER QA 128 76.63 -27.20 45.03
CA SER QA 128 77.66 -27.85 44.25
C SER QA 128 77.05 -28.57 43.05
N SER RA 1 53.00 -40.14 26.10
CA SER RA 1 54.39 -40.12 25.68
C SER RA 1 54.61 -39.17 24.52
N ARG RA 2 55.10 -37.97 24.81
CA ARG RA 2 55.33 -36.96 23.76
C ARG RA 2 56.58 -36.13 24.03
N SER RA 3 57.28 -35.77 22.97
CA SER RA 3 58.42 -34.85 23.05
C SER RA 3 57.90 -33.46 23.15
N TYR RA 4 58.78 -32.49 23.40
CA TYR RA 4 58.29 -31.14 23.53
C TYR RA 4 57.83 -30.65 22.18
N SER RA 5 58.44 -31.18 21.14
CA SER RA 5 58.11 -30.75 19.81
C SER RA 5 56.70 -31.13 19.47
N GLN RA 6 56.28 -32.27 19.99
CA GLN RA 6 54.93 -32.71 19.82
C GLN RA 6 53.99 -31.94 20.71
N ARG RA 7 54.43 -31.65 21.93
CA ARG RA 7 53.63 -30.88 22.86
C ARG RA 7 53.33 -29.54 22.27
N TYR RA 8 54.36 -28.90 21.75
CA TYR RA 8 54.23 -27.62 21.12
C TYR RA 8 53.40 -27.68 19.89
N ALA RA 9 53.70 -28.61 19.01
CA ALA RA 9 52.98 -28.70 17.75
C ALA RA 9 51.49 -28.69 17.98
N LYS RA 10 51.01 -29.57 18.83
CA LYS RA 10 49.60 -29.65 19.06
C LYS RA 10 49.09 -28.43 19.80
N TRP RA 11 49.85 -27.96 20.76
CA TRP RA 11 49.47 -26.76 21.49
C TRP RA 11 49.25 -25.61 20.56
N GLN RA 12 50.13 -25.48 19.59
CA GLN RA 12 50.04 -24.42 18.63
C GLN RA 12 48.78 -24.52 17.82
N ALA RA 13 48.49 -25.73 17.37
CA ALA RA 13 47.31 -25.95 16.56
C ALA RA 13 46.05 -25.61 17.31
N LYS RA 14 46.01 -25.96 18.58
CA LYS RA 14 44.84 -25.71 19.39
C LYS RA 14 44.73 -24.28 19.77
N PHE RA 15 45.85 -23.62 19.99
CA PHE RA 15 45.82 -22.21 20.29
C PHE RA 15 45.28 -21.45 19.11
N ASN RA 16 45.76 -21.81 17.92
CA ASN RA 16 45.30 -21.18 16.70
C ASN RA 16 43.82 -21.33 16.56
N ALA RA 17 43.34 -22.55 16.74
CA ALA RA 17 41.94 -22.85 16.63
C ALA RA 17 41.12 -21.97 17.53
N PHE RA 18 41.49 -21.93 18.81
CA PHE RA 18 40.76 -21.17 19.78
C PHE RA 18 40.71 -19.70 19.46
N SER RA 19 41.78 -19.16 18.91
CA SER RA 19 41.84 -17.72 18.61
C SER RA 19 40.81 -17.28 17.55
N ASN RA 20 40.26 -18.24 16.81
CA ASN RA 20 39.27 -17.94 15.78
C ASN RA 20 37.98 -17.40 16.39
N PRO RA 21 37.62 -16.13 16.09
CA PRO RA 21 36.40 -15.43 16.57
C PRO RA 21 35.25 -16.36 16.85
N THR RA 22 34.96 -17.24 15.90
CA THR RA 22 33.84 -18.13 16.01
C THR RA 22 34.06 -19.18 17.05
N VAL RA 23 35.23 -19.77 17.03
CA VAL RA 23 35.54 -20.82 17.97
C VAL RA 23 35.59 -20.29 19.37
N ALA RA 24 36.23 -19.15 19.54
CA ALA RA 24 36.35 -18.56 20.85
C ALA RA 24 34.99 -18.27 21.43
N SER RA 25 34.16 -17.58 20.67
CA SER RA 25 32.86 -17.20 21.16
C SER RA 25 31.93 -18.36 21.31
N THR RA 26 32.07 -19.36 20.45
CA THR RA 26 31.21 -20.52 20.56
C THR RA 26 31.43 -21.20 21.87
N ILE RA 27 32.67 -21.50 22.16
CA ILE RA 27 32.99 -22.19 23.37
C ILE RA 27 32.67 -21.37 24.58
N LEU RA 28 33.15 -20.14 24.59
CA LEU RA 28 33.03 -19.29 25.74
C LEU RA 28 31.61 -18.92 26.05
N SER RA 29 30.81 -18.70 25.03
CA SER RA 29 29.41 -18.36 25.27
C SER RA 29 28.63 -19.57 25.72
N ASN RA 30 29.06 -20.77 25.32
CA ASN RA 30 28.40 -21.97 25.76
C ASN RA 30 28.72 -22.30 27.19
N VAL RA 31 29.94 -22.04 27.62
CA VAL RA 31 30.33 -22.37 28.98
C VAL RA 31 30.16 -21.21 29.91
N SER RA 32 29.63 -20.10 29.40
CA SER RA 32 29.40 -18.93 30.22
C SER RA 32 28.65 -19.26 31.53
N PRO RA 33 27.32 -19.50 31.49
CA PRO RA 33 26.52 -19.77 32.68
C PRO RA 33 27.08 -20.91 33.55
N VAL RA 34 27.82 -21.83 32.92
CA VAL RA 34 28.41 -22.93 33.63
C VAL RA 34 29.54 -22.42 34.49
N ALA RA 35 30.38 -21.60 33.88
CA ALA RA 35 31.49 -20.99 34.56
C ALA RA 35 31.01 -20.16 35.70
N GLN RA 36 29.91 -19.47 35.49
CA GLN RA 36 29.35 -18.61 36.49
C GLN RA 36 28.99 -19.40 37.71
N GLN RA 37 28.38 -20.55 37.50
CA GLN RA 37 28.03 -21.42 38.60
C GLN RA 37 29.24 -21.87 39.36
N ASN RA 38 30.27 -22.27 38.63
CA ASN RA 38 31.47 -22.79 39.25
C ASN RA 38 32.20 -21.73 40.03
N PHE RA 39 32.25 -20.52 39.48
CA PHE RA 39 32.88 -19.41 40.14
C PHE RA 39 32.14 -19.06 41.39
N GLN RA 40 30.83 -18.95 41.28
CA GLN RA 40 30.00 -18.60 42.42
C GLN RA 40 30.10 -19.61 43.51
N THR RA 41 30.20 -20.87 43.13
CA THR RA 41 30.21 -21.93 44.11
C THR RA 41 31.49 -21.98 44.94
N ASN RA 42 32.64 -21.97 44.29
CA ASN RA 42 33.88 -22.18 45.01
C ASN RA 42 34.63 -20.93 45.44
N VAL RA 43 34.33 -19.79 44.85
CA VAL RA 43 35.11 -18.59 45.20
C VAL RA 43 34.83 -17.93 46.56
N PRO RA 44 33.56 -17.62 46.91
CA PRO RA 44 33.21 -16.96 48.18
C PRO RA 44 33.76 -17.73 49.39
N LYS RA 45 34.02 -19.02 49.21
CA LYS RA 45 34.61 -19.85 50.23
C LYS RA 45 35.97 -19.35 50.63
N PHE RA 46 36.73 -18.86 49.67
CA PHE RA 46 38.07 -18.38 49.91
C PHE RA 46 38.07 -16.92 50.25
N THR RA 47 37.06 -16.20 49.79
CA THR RA 47 36.95 -14.80 50.13
C THR RA 47 36.77 -14.65 51.63
N SER RA 48 35.94 -15.50 52.21
CA SER RA 48 35.72 -15.46 53.65
C SER RA 48 37.00 -15.77 54.41
N VAL RA 49 37.84 -16.61 53.81
CA VAL RA 49 39.12 -16.93 54.40
C VAL RA 49 39.98 -15.71 54.43
N ASN RA 50 40.00 -14.99 53.32
CA ASN RA 50 40.80 -13.80 53.21
C ASN RA 50 40.44 -12.78 54.26
N GLU RA 51 39.15 -12.61 54.52
CA GLU RA 51 38.74 -11.63 55.52
C GLU RA 51 39.26 -12.01 56.90
N ASN RA 52 39.00 -13.24 57.32
CA ASN RA 52 39.42 -13.66 58.65
C ASN RA 52 40.92 -13.74 58.80
N VAL RA 53 41.60 -14.29 57.81
CA VAL RA 53 43.04 -14.40 57.86
C VAL RA 53 43.68 -13.06 57.90
N SER RA 54 43.17 -12.14 57.09
CA SER RA 54 43.70 -10.80 57.06
C SER RA 54 43.57 -10.17 58.42
N ALA RA 55 42.42 -10.34 59.05
CA ALA RA 55 42.20 -9.78 60.37
C ALA RA 55 43.25 -10.27 61.35
N VAL RA 56 43.53 -11.55 61.31
CA VAL RA 56 44.55 -12.15 62.15
C VAL RA 56 45.89 -11.52 61.92
N LEU RA 57 46.25 -11.36 60.67
CA LEU RA 57 47.52 -10.81 60.31
C LEU RA 57 47.69 -9.41 60.84
N THR RA 58 46.60 -8.65 60.85
CA THR RA 58 46.62 -7.33 61.44
C THR RA 58 46.87 -7.39 62.93
N GLN RA 59 46.25 -8.36 63.60
CA GLN RA 59 46.48 -8.55 65.03
C GLN RA 59 47.91 -9.00 65.33
N TYR RA 60 48.54 -9.70 64.39
CA TYR RA 60 49.95 -10.08 64.53
C TYR RA 60 50.94 -9.04 64.01
N GLY RA 61 50.44 -7.91 63.53
CA GLY RA 61 51.33 -6.84 63.09
C GLY RA 61 51.99 -7.12 61.75
N ILE RA 62 51.42 -8.03 60.97
CA ILE RA 62 52.00 -8.41 59.70
C ILE RA 62 51.60 -7.45 58.60
N THR RA 63 52.58 -6.93 57.88
CA THR RA 63 52.31 -5.96 56.83
C THR RA 63 52.94 -6.32 55.50
N GLY RA 64 52.46 -5.69 54.44
CA GLY RA 64 53.03 -5.86 53.12
C GLY RA 64 52.92 -7.28 52.63
N PRO RA 65 53.89 -7.69 51.83
CA PRO RA 65 54.02 -8.98 51.21
C PRO RA 65 54.10 -10.09 52.22
N ASN RA 66 54.42 -9.74 53.46
CA ASN RA 66 54.47 -10.74 54.49
C ASN RA 66 53.08 -11.26 54.75
N ARG RA 67 52.09 -10.40 54.57
CA ARG RA 67 50.71 -10.81 54.74
C ARG RA 67 50.40 -11.76 53.65
N ALA RA 68 50.86 -11.44 52.45
CA ALA RA 68 50.62 -12.27 51.27
C ALA RA 68 51.19 -13.66 51.44
N ILE RA 69 52.31 -13.78 52.14
CA ILE RA 69 52.86 -15.09 52.41
C ILE RA 69 51.87 -15.94 53.14
N TYR RA 70 51.29 -15.37 54.18
CA TYR RA 70 50.35 -16.10 54.99
C TYR RA 70 49.01 -16.27 54.30
N GLN RA 71 48.65 -15.33 53.43
CA GLN RA 71 47.45 -15.46 52.67
C GLN RA 71 47.55 -16.63 51.73
N GLY RA 72 48.71 -16.77 51.08
CA GLY RA 72 48.95 -17.89 50.19
C GLY RA 72 48.84 -19.20 50.93
N PHE RA 73 49.47 -19.25 52.10
CA PHE RA 73 49.40 -20.41 52.94
C PHE RA 73 47.98 -20.77 53.30
N GLY RA 74 47.25 -19.80 53.83
CA GLY RA 74 45.87 -20.03 54.26
C GLY RA 74 44.99 -20.49 53.13
N LEU RA 75 45.11 -19.85 51.99
CA LEU RA 75 44.33 -20.22 50.84
C LEU RA 75 44.60 -21.64 50.42
N LYS RA 76 45.86 -22.04 50.48
CA LYS RA 76 46.25 -23.37 50.11
C LYS RA 76 45.70 -24.40 51.10
N VAL RA 77 45.65 -24.03 52.37
CA VAL RA 77 45.05 -24.89 53.38
C VAL RA 77 43.58 -25.13 53.05
N ALA RA 78 42.89 -24.05 52.73
CA ALA RA 78 41.48 -24.12 52.39
C ALA RA 78 41.25 -24.95 51.14
N ARG RA 79 42.14 -24.80 50.15
CA ARG RA 79 42.06 -25.62 48.95
C ARG RA 79 42.02 -27.08 49.27
N ALA RA 80 42.99 -27.52 50.06
CA ALA RA 80 43.08 -28.91 50.44
C ALA RA 80 41.84 -29.35 51.15
N LEU RA 81 41.32 -28.49 52.00
CA LEU RA 81 40.10 -28.80 52.71
C LEU RA 81 39.00 -29.11 51.72
N ASN RA 82 38.84 -28.28 50.69
CA ASN RA 82 37.79 -28.53 49.70
C ASN RA 82 37.99 -29.82 48.92
N ARG RA 83 39.21 -30.08 48.47
CA ARG RA 83 39.46 -31.22 47.60
C ARG RA 83 39.66 -32.54 48.37
N ILE RA 84 40.08 -32.45 49.62
CA ILE RA 84 40.29 -33.63 50.45
C ILE RA 84 39.19 -33.79 51.49
N GLY RA 85 38.91 -32.73 52.21
CA GLY RA 85 37.95 -32.78 53.30
C GLY RA 85 38.69 -32.95 54.60
N SER RA 86 38.04 -32.64 55.71
CA SER RA 86 38.71 -32.70 57.01
C SER RA 86 39.00 -34.13 57.40
N GLY RA 87 39.93 -34.30 58.32
CA GLY RA 87 40.32 -35.62 58.78
C GLY RA 87 41.77 -35.92 58.46
N PRO RA 88 42.21 -37.11 58.81
CA PRO RA 88 43.57 -37.67 58.64
C PRO RA 88 44.34 -37.05 57.48
N ALA RA 89 43.84 -37.26 56.26
CA ALA RA 89 44.54 -36.82 55.06
C ALA RA 89 44.81 -35.34 55.06
N LEU RA 90 43.87 -34.56 55.58
CA LEU RA 90 44.04 -33.13 55.61
C LEU RA 90 45.15 -32.78 56.54
N VAL RA 91 45.19 -33.44 57.68
CA VAL RA 91 46.24 -33.22 58.64
C VAL RA 91 47.58 -33.53 58.03
N ASN RA 92 47.66 -34.65 57.31
CA ASN RA 92 48.89 -35.03 56.63
C ASN RA 92 49.33 -33.93 55.68
N MET RA 93 48.37 -33.39 54.95
CA MET RA 93 48.63 -32.30 54.03
C MET RA 93 49.15 -31.08 54.73
N ILE RA 94 48.45 -30.67 55.77
CA ILE RA 94 48.79 -29.44 56.45
C ILE RA 94 50.16 -29.52 57.07
N ASN RA 95 50.49 -30.67 57.64
CA ASN RA 95 51.81 -30.83 58.24
C ASN RA 95 52.91 -30.55 57.24
N GLY RA 96 52.77 -31.11 56.03
CA GLY RA 96 53.76 -30.89 54.99
C GLY RA 96 53.74 -29.47 54.49
N LEU RA 97 52.54 -28.93 54.33
CA LEU RA 97 52.38 -27.57 53.88
C LEU RA 97 52.99 -26.56 54.82
N LYS RA 98 52.71 -26.72 56.09
CA LYS RA 98 53.27 -25.86 57.08
C LYS RA 98 54.78 -25.86 57.03
N GLY RA 99 55.38 -27.05 57.10
CA GLY RA 99 56.83 -27.17 57.04
C GLY RA 99 57.39 -26.54 55.79
N TYR RA 100 56.70 -26.77 54.68
CA TYR RA 100 57.05 -26.19 53.40
C TYR RA 100 57.22 -24.71 53.48
N TYR RA 101 56.20 -24.01 53.95
CA TYR RA 101 56.28 -22.57 54.07
C TYR RA 101 57.32 -22.10 55.07
N ILE RA 102 57.46 -22.81 56.17
CA ILE RA 102 58.41 -22.41 57.18
C ILE RA 102 59.81 -22.35 56.64
N SER RA 103 60.21 -23.39 55.94
CA SER RA 103 61.57 -23.47 55.48
C SER RA 103 61.79 -22.95 54.07
N ALA RA 104 60.77 -23.04 53.23
CA ALA RA 104 60.92 -22.56 51.86
C ALA RA 104 60.85 -21.07 51.79
N PHE RA 105 59.95 -20.47 52.57
CA PHE RA 105 59.73 -19.04 52.50
C PHE RA 105 60.00 -18.33 53.80
N ASN RA 106 60.55 -19.05 54.76
CA ASN RA 106 60.85 -18.48 56.07
C ASN RA 106 59.59 -17.94 56.74
N ALA RA 107 58.48 -18.65 56.57
CA ALA RA 107 57.25 -18.24 57.21
C ALA RA 107 57.32 -18.55 58.70
N ASN RA 108 56.72 -17.68 59.51
CA ASN RA 108 56.79 -17.81 60.96
C ASN RA 108 55.72 -18.77 61.50
N PRO RA 109 56.12 -19.99 61.91
CA PRO RA 109 55.30 -21.04 62.54
C PRO RA 109 54.14 -20.50 63.37
N GLN RA 110 54.42 -19.48 64.17
CA GLN RA 110 53.41 -18.91 65.04
C GLN RA 110 52.25 -18.34 64.29
N VAL RA 111 52.53 -17.58 63.26
CA VAL RA 111 51.49 -16.99 62.49
C VAL RA 111 50.83 -18.05 61.66
N LEU RA 112 51.61 -19.00 61.17
CA LEU RA 112 51.08 -20.08 60.36
C LEU RA 112 50.04 -20.86 61.13
N ASP RA 113 50.32 -21.08 62.40
CA ASP RA 113 49.39 -21.76 63.26
C ASP RA 113 48.15 -20.96 63.44
N ALA RA 114 48.31 -19.64 63.59
CA ALA RA 114 47.17 -18.77 63.74
C ALA RA 114 46.26 -18.87 62.53
N VAL RA 115 46.84 -18.94 61.34
CA VAL RA 115 46.06 -19.07 60.12
C VAL RA 115 45.27 -20.36 60.13
N VAL RA 116 45.93 -21.45 60.49
CA VAL RA 116 45.26 -22.75 60.57
C VAL RA 116 44.16 -22.73 61.62
N ASN RA 117 44.40 -22.00 62.71
CA ASN RA 117 43.43 -21.87 63.79
C ASN RA 117 42.19 -21.08 63.40
N ILE RA 118 42.17 -20.54 62.19
CA ILE RA 118 41.00 -19.89 61.68
C ILE RA 118 40.27 -20.78 60.76
N ILE RA 119 41.01 -21.31 59.79
CA ILE RA 119 40.43 -22.15 58.77
C ILE RA 119 39.93 -23.46 59.33
N THR RA 120 40.76 -24.12 60.13
CA THR RA 120 40.37 -25.38 60.71
C THR RA 120 39.82 -25.16 62.09
N GLY RA 121 40.36 -24.18 62.77
CA GLY RA 121 39.95 -23.88 64.12
C GLY RA 121 40.92 -24.45 65.14
N SER RA 122 41.80 -25.33 64.69
CA SER RA 122 42.74 -25.97 65.57
C SER RA 122 44.04 -26.25 64.85
N PRO RA 123 45.14 -26.36 65.58
CA PRO RA 123 46.48 -26.69 65.12
C PRO RA 123 46.49 -28.05 64.47
N THR RA 124 47.49 -28.29 63.65
CA THR RA 124 47.63 -29.54 62.95
C THR RA 124 48.44 -30.53 63.78
N GLY RA 125 49.29 -31.32 63.12
CA GLY RA 125 50.10 -32.29 63.83
C GLY RA 125 49.32 -33.58 64.06
N TYR RA 126 48.25 -33.47 64.87
CA TYR RA 126 47.39 -34.59 65.18
C TYR RA 126 45.94 -34.24 64.85
N VAL RA 127 45.15 -35.26 64.53
CA VAL RA 127 43.75 -35.05 64.16
C VAL RA 127 42.95 -34.57 65.37
N SER RA 128 42.32 -33.40 65.22
CA SER RA 128 41.53 -32.82 66.31
C SER RA 128 40.60 -31.72 65.82
N SER SA 1 36.79 -29.14 43.08
CA SER SA 1 36.01 -30.36 42.98
C SER SA 1 34.70 -30.12 42.23
N ARG SA 2 34.19 -31.17 41.59
CA ARG SA 2 32.99 -31.06 40.77
C ARG SA 2 32.01 -32.18 41.01
N SER SA 3 30.76 -31.82 41.25
CA SER SA 3 29.66 -32.77 41.40
C SER SA 3 29.20 -33.24 40.05
N TYR SA 4 28.37 -34.27 40.01
CA TYR SA 4 27.83 -34.75 38.76
C TYR SA 4 27.16 -33.66 37.98
N SER SA 5 26.32 -32.89 38.65
CA SER SA 5 25.63 -31.80 37.99
C SER SA 5 26.62 -30.93 37.25
N GLN SA 6 27.72 -30.61 37.90
CA GLN SA 6 28.75 -29.79 37.31
C GLN SA 6 29.50 -30.51 36.20
N ARG SA 7 29.78 -31.79 36.41
CA ARG SA 7 30.51 -32.57 35.41
C ARG SA 7 29.78 -32.56 34.11
N TYR SA 8 28.52 -32.90 34.18
CA TYR SA 8 27.68 -32.96 33.02
C TYR SA 8 27.46 -31.63 32.41
N ALA SA 9 27.14 -30.64 33.23
CA ALA SA 9 26.86 -29.30 32.72
C ALA SA 9 27.94 -28.82 31.77
N LYS SA 10 29.18 -28.87 32.23
CA LYS SA 10 30.26 -28.38 31.42
C LYS SA 10 30.52 -29.27 30.23
N TRP SA 11 30.39 -30.59 30.41
CA TRP SA 11 30.56 -31.52 29.32
C TRP SA 11 29.61 -31.19 28.21
N GLN SA 12 28.39 -30.87 28.57
CA GLN SA 12 27.39 -30.57 27.59
C GLN SA 12 27.73 -29.33 26.83
N ALA SA 13 28.18 -28.31 27.54
CA ALA SA 13 28.53 -27.06 26.92
C ALA SA 13 29.63 -27.22 25.90
N LYS SA 14 30.62 -28.02 26.25
CA LYS SA 14 31.75 -28.22 25.36
C LYS SA 14 31.40 -29.11 24.22
N PHE SA 15 30.54 -30.09 24.46
CA PHE SA 15 30.10 -30.95 23.38
C PHE SA 15 29.35 -30.14 22.35
N ASN SA 16 28.44 -29.29 22.82
CA ASN SA 16 27.67 -28.44 21.95
C ASN SA 16 28.56 -27.57 21.11
N ALA SA 17 29.54 -26.95 21.75
CA ALA SA 17 30.47 -26.08 21.07
C ALA SA 17 31.15 -26.80 19.95
N PHE SA 18 31.71 -27.96 20.26
CA PHE SA 18 32.44 -28.74 19.29
C PHE SA 18 31.60 -29.10 18.09
N SER SA 19 30.33 -29.42 18.31
CA SER SA 19 29.47 -29.87 17.22
C SER SA 19 29.26 -28.80 16.13
N ASN SA 20 29.57 -27.55 16.45
CA ASN SA 20 29.44 -26.46 15.50
C ASN SA 20 30.40 -26.64 14.30
N PRO SA 21 29.85 -26.81 13.08
CA PRO SA 21 30.58 -26.98 11.81
C PRO SA 21 31.94 -26.31 11.77
N THR SA 22 31.97 -25.05 12.17
CA THR SA 22 33.17 -24.26 12.03
C THR SA 22 34.13 -24.53 13.14
N VAL SA 23 33.62 -24.90 14.28
CA VAL SA 23 34.47 -25.18 15.40
C VAL SA 23 35.13 -26.50 15.22
N ALA SA 24 34.34 -27.49 14.83
CA ALA SA 24 34.86 -28.80 14.59
C ALA SA 24 35.91 -28.77 13.52
N SER SA 25 35.62 -28.12 12.41
CA SER SA 25 36.54 -28.10 11.31
C SER SA 25 37.74 -27.26 11.58
N THR SA 26 37.59 -26.20 12.34
CA THR SA 26 38.73 -25.38 12.70
C THR SA 26 39.71 -26.19 13.48
N ILE SA 27 39.24 -26.81 14.53
CA ILE SA 27 40.10 -27.57 15.39
C ILE SA 27 40.71 -28.75 14.66
N LEU SA 28 39.86 -29.54 14.04
CA LEU SA 28 40.30 -30.77 13.42
C LEU SA 28 41.22 -30.55 12.26
N SER SA 29 40.98 -29.51 11.47
CA SER SA 29 41.86 -29.23 10.36
C SER SA 29 43.18 -28.67 10.83
N ASN SA 30 43.18 -27.99 11.98
CA ASN SA 30 44.42 -27.47 12.52
C ASN SA 30 45.29 -28.55 13.11
N VAL SA 31 44.66 -29.56 13.73
CA VAL SA 31 45.43 -30.62 14.34
C VAL SA 31 45.60 -31.79 13.44
N SER SA 32 45.11 -31.69 12.21
CA SER SA 32 45.25 -32.76 11.24
C SER SA 32 46.68 -33.27 11.14
N PRO SA 33 47.60 -32.55 10.46
CA PRO SA 33 48.97 -32.99 10.24
C PRO SA 33 49.70 -33.39 11.54
N VAL SA 34 49.27 -32.81 12.66
CA VAL SA 34 49.86 -33.12 13.93
C VAL SA 34 49.47 -34.51 14.35
N ALA SA 35 48.18 -34.80 14.26
CA ALA SA 35 47.67 -36.10 14.59
C ALA SA 35 48.26 -37.13 13.69
N GLN SA 36 48.44 -36.78 12.42
CA GLN SA 36 49.00 -37.69 11.46
C GLN SA 36 50.36 -38.13 11.87
N GLN SA 37 51.15 -37.18 12.32
CA GLN SA 37 52.48 -37.48 12.80
C GLN SA 37 52.43 -38.46 13.94
N ASN SA 38 51.56 -38.19 14.89
CA ASN SA 38 51.47 -39.01 16.09
C ASN SA 38 51.01 -40.41 15.77
N PHE SA 39 50.04 -40.52 14.88
CA PHE SA 39 49.52 -41.81 14.49
C PHE SA 39 50.60 -42.61 13.82
N GLN SA 40 51.29 -42.00 12.86
CA GLN SA 40 52.34 -42.66 12.15
C GLN SA 40 53.50 -43.02 13.03
N THR SA 41 53.79 -42.18 13.99
CA THR SA 41 54.92 -42.40 14.86
C THR SA 41 54.73 -43.62 15.77
N ASN SA 42 53.58 -43.74 16.40
CA ASN SA 42 53.41 -44.80 17.38
C ASN SA 42 52.69 -46.04 16.89
N VAL SA 43 51.75 -45.90 15.97
CA VAL SA 43 50.93 -47.06 15.60
C VAL SA 43 51.67 -48.29 15.06
N PRO SA 44 52.64 -48.12 14.14
CA PRO SA 44 53.48 -49.17 13.55
C PRO SA 44 54.15 -50.00 14.62
N LYS SA 45 54.41 -49.40 15.78
CA LYS SA 45 55.07 -50.08 16.88
C LYS SA 45 54.18 -51.16 17.43
N PHE SA 46 52.89 -50.94 17.39
CA PHE SA 46 51.93 -51.89 17.93
C PHE SA 46 51.46 -52.84 16.88
N THR SA 47 51.52 -52.43 15.62
CA THR SA 47 51.17 -53.32 14.54
C THR SA 47 52.14 -54.48 14.50
N SER SA 48 53.42 -54.18 14.67
CA SER SA 48 54.44 -55.22 14.67
C SER SA 48 54.21 -56.19 15.83
N VAL SA 49 53.66 -55.70 16.93
CA VAL SA 49 53.32 -56.53 18.06
C VAL SA 49 52.20 -57.46 17.71
N ASN SA 50 51.17 -56.91 17.09
CA ASN SA 50 50.02 -57.71 16.69
C ASN SA 50 50.46 -58.81 15.78
N GLU SA 51 51.39 -58.52 14.90
CA GLU SA 51 51.89 -59.50 13.96
C GLU SA 51 52.66 -60.60 14.64
N ASN SA 52 53.64 -60.23 15.44
CA ASN SA 52 54.49 -61.21 16.05
C ASN SA 52 53.74 -62.04 17.07
N VAL SA 53 52.85 -61.40 17.81
CA VAL SA 53 52.04 -62.11 18.77
C VAL SA 53 51.10 -63.05 18.07
N SER SA 54 50.55 -62.61 16.95
CA SER SA 54 49.69 -63.46 16.17
C SER SA 54 50.41 -64.72 15.76
N ALA SA 55 51.65 -64.57 15.30
CA ALA SA 55 52.44 -65.71 14.90
C ALA SA 55 52.54 -66.71 16.03
N VAL SA 56 52.82 -66.21 17.22
CA VAL SA 56 52.91 -67.04 18.40
C VAL SA 56 51.64 -67.79 18.65
N LEU SA 57 50.53 -67.07 18.60
CA LEU SA 57 49.25 -67.65 18.91
C LEU SA 57 48.88 -68.74 17.95
N THR SA 58 49.28 -68.59 16.70
CA THR SA 58 49.05 -69.63 15.72
C THR SA 58 49.86 -70.87 16.07
N GLN SA 59 51.10 -70.67 16.52
CA GLN SA 59 51.93 -71.80 16.97
C GLN SA 59 51.33 -72.51 18.19
N TYR SA 60 50.64 -71.76 19.05
CA TYR SA 60 49.99 -72.36 20.20
C TYR SA 60 48.57 -72.85 19.95
N GLY SA 61 48.10 -72.74 18.72
CA GLY SA 61 46.78 -73.26 18.39
C GLY SA 61 45.63 -72.40 18.91
N ILE SA 62 45.93 -71.14 19.19
CA ILE SA 62 44.93 -70.25 19.76
C ILE SA 62 44.06 -69.65 18.67
N THR SA 63 42.75 -69.77 18.82
CA THR SA 63 41.82 -69.28 17.81
C THR SA 63 40.75 -68.39 18.39
N GLY SA 64 40.09 -67.64 17.53
CA GLY SA 64 38.97 -66.82 17.92
C GLY SA 64 39.37 -65.75 18.92
N PRO SA 65 38.45 -65.39 19.79
CA PRO SA 65 38.56 -64.40 20.83
C PRO SA 65 39.65 -64.72 21.80
N ASN SA 66 40.09 -65.97 21.83
CA ASN SA 66 41.16 -66.33 22.70
C ASN SA 66 42.43 -65.67 22.24
N ARG SA 67 42.56 -65.46 20.93
CA ARG SA 67 43.70 -64.78 20.41
C ARG SA 67 43.65 -63.36 20.85
N ALA SA 68 42.44 -62.80 20.82
CA ALA SA 68 42.22 -61.43 21.23
C ALA SA 68 42.63 -61.19 22.67
N ILE SA 69 42.42 -62.19 23.53
CA ILE SA 69 42.84 -62.07 24.91
C ILE SA 69 44.32 -61.83 25.01
N TYR SA 70 45.09 -62.66 24.32
CA TYR SA 70 46.53 -62.58 24.38
C TYR SA 70 47.04 -61.37 23.64
N GLN SA 71 46.35 -60.97 22.59
CA GLN SA 71 46.74 -59.79 21.85
C GLN SA 71 46.62 -58.57 22.73
N GLY SA 72 45.54 -58.51 23.51
CA GLY SA 72 45.33 -57.39 24.43
C GLY SA 72 46.45 -57.32 25.44
N PHE SA 73 46.81 -58.47 25.99
CA PHE SA 73 47.91 -58.56 26.92
C PHE SA 73 49.19 -58.03 26.31
N GLY SA 74 49.52 -58.51 25.12
CA GLY SA 74 50.74 -58.10 24.42
C GLY SA 74 50.76 -56.60 24.19
N LEU SA 75 49.65 -56.06 23.73
CA LEU SA 75 49.54 -54.65 23.46
C LEU SA 75 49.78 -53.83 24.71
N LYS SA 76 49.28 -54.32 25.83
CA LYS SA 76 49.48 -53.66 27.11
C LYS SA 76 50.93 -53.63 27.50
N VAL SA 77 51.63 -54.74 27.27
CA VAL SA 77 53.05 -54.80 27.57
C VAL SA 77 53.79 -53.73 26.79
N ALA SA 78 53.48 -53.63 25.50
CA ALA SA 78 54.11 -52.66 24.63
C ALA SA 78 53.78 -51.24 25.06
N ARG SA 79 52.55 -51.01 25.50
CA ARG SA 79 52.14 -49.68 25.95
C ARG SA 79 53.00 -49.21 27.07
N ALA SA 80 53.15 -50.05 28.08
CA ALA SA 80 53.96 -49.73 29.22
C ALA SA 80 55.39 -49.47 28.81
N LEU SA 81 55.87 -50.29 27.89
CA LEU SA 81 57.21 -50.11 27.41
C LEU SA 81 57.39 -48.72 26.84
N ASN SA 82 56.46 -48.28 26.01
CA ASN SA 82 56.56 -46.95 25.43
C ASN SA 82 56.47 -45.82 26.45
N ARG SA 83 55.61 -45.97 27.45
CA ARG SA 83 55.38 -44.89 28.40
C ARG SA 83 56.30 -44.97 29.63
N ILE SA 84 56.94 -46.11 29.84
CA ILE SA 84 57.85 -46.30 30.97
C ILE SA 84 59.28 -46.55 30.53
N GLY SA 85 59.43 -47.46 29.57
CA GLY SA 85 60.75 -47.87 29.13
C GLY SA 85 61.14 -49.16 29.82
N SER SA 86 62.13 -49.84 29.28
CA SER SA 86 62.54 -51.13 29.83
C SER SA 86 63.24 -50.95 31.16
N GLY SA 87 63.34 -52.04 31.92
CA GLY SA 87 63.99 -52.00 33.21
C GLY SA 87 63.00 -52.25 34.34
N PRO SA 88 63.49 -52.16 35.57
CA PRO SA 88 62.77 -52.36 36.85
C PRO SA 88 61.29 -52.07 36.77
N ALA SA 89 60.92 -50.84 36.45
CA ALA SA 89 59.53 -50.43 36.44
C ALA SA 89 58.70 -51.30 35.49
N LEU SA 90 59.27 -51.66 34.36
CA LEU SA 90 58.55 -52.49 33.41
C LEU SA 90 58.33 -53.84 34.00
N VAL SA 91 59.34 -54.36 34.67
CA VAL SA 91 59.23 -55.64 35.32
C VAL SA 91 58.09 -55.64 36.32
N ASN SA 92 58.02 -54.58 37.11
CA ASN SA 92 56.96 -54.44 38.09
C ASN SA 92 55.61 -54.45 37.42
N MET SA 93 55.53 -53.75 36.30
CA MET SA 93 54.31 -53.67 35.54
C MET SA 93 53.87 -55.01 35.02
N ILE SA 94 54.78 -55.72 34.38
CA ILE SA 94 54.44 -56.98 33.74
C ILE SA 94 53.98 -58.00 34.74
N ASN SA 95 54.62 -58.04 35.89
CA ASN SA 95 54.23 -58.96 36.94
C ASN SA 95 52.78 -58.77 37.31
N GLY SA 96 52.38 -57.51 37.52
CA GLY SA 96 51.01 -57.22 37.88
C GLY SA 96 50.08 -57.50 36.73
N LEU SA 97 50.51 -57.15 35.53
CA LEU SA 97 49.72 -57.37 34.34
C LEU SA 97 49.40 -58.83 34.13
N LYS SA 98 50.39 -59.68 34.29
CA LYS SA 98 50.16 -61.09 34.17
C LYS SA 98 49.15 -61.55 35.18
N GLY SA 99 49.28 -61.09 36.42
CA GLY SA 99 48.32 -61.44 37.45
C GLY SA 99 46.92 -61.04 37.03
N TYR SA 100 46.80 -59.85 36.44
CA TYR SA 100 45.53 -59.35 35.96
C TYR SA 100 44.90 -60.30 34.98
N TYR SA 101 45.62 -60.65 33.93
CA TYR SA 101 45.06 -61.52 32.91
C TYR SA 101 44.87 -62.95 33.34
N ILE SA 102 45.82 -63.48 34.09
CA ILE SA 102 45.74 -64.85 34.51
C ILE SA 102 44.54 -65.10 35.36
N SER SA 103 44.30 -64.24 36.32
CA SER SA 103 43.22 -64.47 37.25
C SER SA 103 41.91 -63.79 36.90
N ALA SA 104 41.97 -62.67 36.18
CA ALA SA 104 40.72 -62.00 35.84
C ALA SA 104 40.09 -62.58 34.62
N PHE SA 105 40.91 -63.00 33.65
CA PHE SA 105 40.39 -63.52 32.40
C PHE SA 105 40.75 -64.96 32.16
N ASN SA 106 41.39 -65.58 33.14
CA ASN SA 106 41.79 -66.97 33.04
C ASN SA 106 42.73 -67.21 31.87
N ALA SA 107 43.62 -66.27 31.63
CA ALA SA 107 44.60 -66.43 30.56
C ALA SA 107 45.66 -67.43 30.99
N ASN SA 108 46.19 -68.19 30.03
CA ASN SA 108 47.16 -69.23 30.32
C ASN SA 108 48.57 -68.69 30.50
N PRO SA 109 49.04 -68.54 31.76
CA PRO SA 109 50.38 -68.09 32.16
C PRO SA 109 51.48 -68.44 31.17
N GLN SA 110 51.49 -69.68 30.71
CA GLN SA 110 52.53 -70.15 29.83
C GLN SA 110 52.51 -69.43 28.50
N VAL SA 111 51.32 -69.23 27.95
CA VAL SA 111 51.20 -68.53 26.71
C VAL SA 111 51.53 -67.09 26.90
N LEU SA 112 51.13 -66.54 28.05
CA LEU SA 112 51.39 -65.16 28.36
C LEU SA 112 52.88 -64.89 28.37
N ASP SA 113 53.64 -65.84 28.91
CA ASP SA 113 55.07 -65.73 28.92
C ASP SA 113 55.64 -65.80 27.53
N ALA SA 114 55.01 -66.61 26.68
CA ALA SA 114 55.42 -66.67 25.28
C ALA SA 114 55.24 -65.32 24.60
N VAL SA 115 54.17 -64.61 24.94
CA VAL SA 115 53.95 -63.28 24.39
C VAL SA 115 55.02 -62.33 24.85
N VAL SA 116 55.32 -62.34 26.15
CA VAL SA 116 56.36 -61.48 26.71
C VAL SA 116 57.70 -61.79 26.06
N ASN SA 117 57.96 -63.09 25.85
CA ASN SA 117 59.19 -63.56 25.22
C ASN SA 117 59.43 -62.98 23.83
N ILE SA 118 58.41 -62.40 23.23
CA ILE SA 118 58.56 -61.79 21.94
C ILE SA 118 58.75 -60.31 22.07
N ILE SA 119 57.85 -59.68 22.79
CA ILE SA 119 57.87 -58.24 22.93
C ILE SA 119 59.11 -57.76 23.65
N THR SA 120 59.44 -58.41 24.75
CA THR SA 120 60.62 -58.05 25.51
C THR SA 120 61.80 -58.88 25.07
N GLY SA 121 61.51 -60.09 24.63
CA GLY SA 121 62.56 -60.99 24.18
C GLY SA 121 62.76 -62.11 25.19
N SER SA 122 62.17 -61.94 26.37
CA SER SA 122 62.26 -62.93 27.42
C SER SA 122 61.20 -62.66 28.46
N PRO SA 123 60.88 -63.65 29.26
CA PRO SA 123 59.97 -63.56 30.38
C PRO SA 123 60.54 -62.55 31.36
N THR SA 124 59.69 -61.99 32.18
CA THR SA 124 60.14 -60.89 33.03
C THR SA 124 60.74 -61.37 34.32
N GLY SA 125 60.52 -60.62 35.40
CA GLY SA 125 61.13 -60.95 36.69
C GLY SA 125 62.57 -60.46 36.73
N TYR SA 126 63.39 -61.02 35.86
CA TYR SA 126 64.75 -60.62 35.71
C TYR SA 126 64.89 -59.77 34.47
N VAL SA 127 65.76 -58.79 34.51
CA VAL SA 127 65.98 -57.94 33.36
C VAL SA 127 67.04 -58.53 32.46
N SER SA 128 66.63 -58.91 31.25
CA SER SA 128 67.56 -59.48 30.29
C SER SA 128 66.90 -59.59 28.91
N SER TA 1 42.42 -58.62 8.92
CA SER TA 1 43.82 -58.80 8.55
C SER TA 1 44.34 -57.60 7.79
N ARG TA 2 45.06 -56.72 8.48
CA ARG TA 2 45.60 -55.51 7.85
C ARG TA 2 46.98 -55.14 8.40
N SER TA 3 47.83 -54.62 7.52
CA SER TA 3 49.13 -54.08 7.92
C SER TA 3 48.94 -52.73 8.50
N TYR TA 4 49.99 -52.14 9.08
CA TYR TA 4 49.80 -50.84 9.66
C TYR TA 4 49.59 -49.84 8.57
N SER TA 5 50.14 -50.11 7.40
CA SER TA 5 50.04 -49.19 6.31
C SER TA 5 48.62 -49.09 5.85
N GLN TA 6 47.91 -50.19 5.95
CA GLN TA 6 46.50 -50.22 5.63
C GLN TA 6 45.69 -49.59 6.73
N ARG TA 7 46.08 -49.84 7.97
CA ARG TA 7 45.39 -49.26 9.11
C ARG TA 7 45.46 -47.77 9.03
N TYR TA 8 46.65 -47.26 8.76
CA TYR TA 8 46.87 -45.85 8.62
C TYR TA 8 46.15 -45.28 7.44
N ALA TA 9 46.31 -45.91 6.29
CA ALA TA 9 45.70 -45.40 5.07
C ALA TA 9 44.24 -45.10 5.28
N LYS TA 10 43.49 -46.08 5.78
CA LYS TA 10 42.08 -45.89 5.97
C LYS TA 10 41.81 -44.90 7.07
N TRP TA 11 42.57 -44.97 8.15
CA TRP TA 11 42.40 -44.04 9.24
C TRP TA 11 42.53 -42.63 8.77
N GLN TA 12 43.49 -42.39 7.91
CA GLN TA 12 43.73 -41.09 7.38
C GLN TA 12 42.55 -40.61 6.58
N ALA TA 13 42.04 -41.48 5.73
CA ALA TA 13 40.91 -41.12 4.89
C ALA TA 13 39.71 -40.76 5.72
N LYS TA 14 39.48 -41.50 6.79
CA LYS TA 14 38.33 -41.26 7.61
C LYS TA 14 38.51 -40.06 8.48
N PHE TA 15 39.73 -39.80 8.91
CA PHE TA 15 40.00 -38.63 9.69
C PHE TA 15 39.73 -37.40 8.84
N ASN TA 16 40.23 -37.44 7.61
CA ASN TA 16 40.03 -36.35 6.68
C ASN TA 16 38.57 -36.08 6.48
N ALA TA 17 37.81 -37.14 6.24
CA ALA TA 17 36.40 -37.02 6.02
C ALA TA 17 35.73 -36.34 7.18
N PHE TA 18 35.98 -36.83 8.37
CA PHE TA 18 35.36 -36.28 9.55
C PHE TA 18 35.66 -34.83 9.76
N SER TA 19 36.88 -34.40 9.43
CA SER TA 19 37.28 -33.01 9.67
C SER TA 19 36.48 -32.01 8.82
N ASN TA 20 35.78 -32.49 7.80
CA ASN TA 20 34.99 -31.64 6.93
C ASN TA 20 33.80 -31.04 7.69
N PRO TA 21 33.76 -29.69 7.83
CA PRO TA 21 32.70 -28.93 8.52
C PRO TA 21 31.34 -29.59 8.46
N THR TA 22 30.95 -30.00 7.27
CA THR TA 22 29.65 -30.57 7.05
C THR TA 22 29.54 -31.93 7.67
N VAL TA 23 30.55 -32.74 7.45
CA VAL TA 23 30.53 -34.09 7.96
C VAL TA 23 30.57 -34.09 9.46
N ALA TA 24 31.43 -33.27 10.03
CA ALA TA 24 31.56 -33.19 11.46
C ALA TA 24 30.27 -32.80 12.09
N SER TA 25 29.68 -31.71 11.61
CA SER TA 25 28.47 -31.22 12.20
C SER TA 25 27.29 -32.10 11.94
N THR TA 26 27.26 -32.76 10.79
CA THR TA 26 26.17 -33.65 10.49
C THR TA 26 26.11 -34.76 11.47
N ILE TA 27 27.23 -35.43 11.65
CA ILE TA 27 27.28 -36.54 12.54
C ILE TA 27 27.05 -36.11 13.96
N LEU TA 28 27.80 -35.12 14.40
CA LEU TA 28 27.77 -34.71 15.78
C LEU TA 28 26.43 -34.13 16.20
N SER TA 29 25.79 -33.39 15.31
CA SER TA 29 24.50 -32.83 15.64
C SER TA 29 23.43 -33.90 15.65
N ASN TA 30 23.61 -34.95 14.86
CA ASN TA 30 22.65 -36.04 14.85
C ASN TA 30 22.77 -36.91 16.08
N VAL TA 31 23.99 -37.10 16.57
CA VAL TA 31 24.18 -37.95 17.74
C VAL TA 31 24.19 -37.17 19.01
N SER TA 32 23.97 -35.86 18.92
CA SER TA 32 23.92 -35.01 20.09
C SER TA 32 23.02 -35.58 21.20
N PRO TA 33 21.68 -35.46 21.07
CA PRO TA 33 20.73 -35.91 22.09
C PRO TA 33 20.95 -37.38 22.52
N VAL TA 34 21.51 -38.18 21.61
CA VAL TA 34 21.78 -39.57 21.90
C VAL TA 34 22.91 -39.65 22.88
N ALA TA 35 23.96 -38.91 22.59
CA ALA TA 35 25.13 -38.85 23.45
C ALA TA 35 24.74 -38.37 24.81
N GLN TA 36 23.84 -37.40 24.84
CA GLN TA 36 23.41 -36.83 26.08
C GLN TA 36 22.78 -37.86 26.94
N GLN TA 37 21.96 -38.70 26.34
CA GLN TA 37 21.32 -39.76 27.08
C GLN TA 37 22.32 -40.73 27.64
N ASN TA 38 23.30 -41.09 26.82
CA ASN TA 38 24.29 -42.06 27.22
C ASN TA 38 25.17 -41.53 28.33
N PHE TA 39 25.54 -40.27 28.23
CA PHE TA 39 26.35 -39.62 29.23
C PHE TA 39 25.59 -39.55 30.54
N GLN TA 40 24.36 -39.09 30.46
CA GLN TA 40 23.54 -38.96 31.65
C GLN TA 40 23.31 -40.27 32.32
N THR TA 41 23.15 -41.32 31.54
CA THR TA 41 22.85 -42.61 32.07
C THR TA 41 23.99 -43.24 32.84
N ASN TA 42 25.18 -43.29 32.23
CA ASN TA 42 26.27 -44.02 32.85
C ASN TA 42 27.23 -43.22 33.68
N VAL TA 43 27.25 -41.90 33.53
CA VAL TA 43 28.26 -41.12 34.27
C VAL TA 43 28.01 -40.91 35.78
N PRO TA 44 26.82 -40.44 36.21
CA PRO TA 44 26.53 -40.18 37.62
C PRO TA 44 26.78 -41.41 38.50
N LYS TA 45 26.76 -42.59 37.87
CA LYS TA 45 27.05 -43.84 38.55
C LYS TA 45 28.45 -43.84 39.11
N PHE TA 46 29.38 -43.26 38.37
CA PHE TA 46 30.77 -43.23 38.77
C PHE TA 46 31.07 -42.01 39.59
N THR TA 47 30.29 -40.96 39.41
CA THR TA 47 30.48 -39.77 40.22
C THR TA 47 30.21 -40.09 41.67
N SER TA 48 29.15 -40.87 41.92
CA SER TA 48 28.82 -41.26 43.28
C SER TA 48 29.92 -42.10 43.89
N VAL TA 49 30.60 -42.87 43.05
CA VAL TA 49 31.72 -43.67 43.49
C VAL TA 49 32.83 -42.78 43.94
N ASN TA 50 33.11 -41.76 43.15
CA ASN TA 50 34.17 -40.83 43.47
C ASN TA 50 33.95 -40.16 44.80
N GLU TA 51 32.71 -39.78 45.10
CA GLU TA 51 32.45 -39.13 46.38
C GLU TA 51 32.75 -40.07 47.54
N ASN TA 52 32.19 -41.27 47.51
CA ASN TA 52 32.38 -42.20 48.60
C ASN TA 52 33.81 -42.68 48.73
N VAL TA 53 34.43 -43.01 47.61
CA VAL TA 53 35.80 -43.48 47.62
C VAL TA 53 36.72 -42.42 48.13
N SER TA 54 36.50 -41.19 47.68
CA SER TA 54 37.32 -40.08 48.12
C SER TA 54 37.22 -39.94 49.62
N ALA TA 55 36.01 -40.02 50.16
CA ALA TA 55 35.80 -39.91 51.59
C ALA TA 55 36.63 -40.93 52.33
N VAL TA 56 36.62 -42.17 51.84
CA VAL TA 56 37.40 -43.22 52.43
C VAL TA 56 38.86 -42.91 52.44
N LEU TA 57 39.35 -42.43 51.32
CA LEU TA 57 40.75 -42.12 51.19
C LEU TA 57 41.17 -41.05 52.17
N THR TA 58 40.29 -40.11 52.43
CA THR TA 58 40.56 -39.11 53.44
C THR TA 58 40.66 -39.73 54.83
N GLN TA 59 39.78 -40.67 55.11
CA GLN TA 59 39.83 -41.39 56.39
C GLN TA 59 41.10 -42.25 56.51
N TYR TA 60 41.64 -42.72 55.39
CA TYR TA 60 42.90 -43.45 55.40
C TYR TA 60 44.13 -42.57 55.27
N GLY TA 61 43.95 -41.25 55.22
CA GLY TA 61 45.09 -40.36 55.19
C GLY TA 61 45.79 -40.30 53.82
N ILE TA 62 45.10 -40.74 52.78
CA ILE TA 62 45.69 -40.81 51.45
C ILE TA 62 45.60 -39.46 50.77
N THR TA 63 46.73 -38.98 50.26
CA THR TA 63 46.78 -37.67 49.62
C THR TA 63 47.42 -37.72 48.25
N GLY TA 64 47.19 -36.67 47.48
CA GLY TA 64 47.83 -36.51 46.18
C GLY TA 64 47.44 -37.62 45.22
N PRO TA 65 48.36 -37.95 44.33
CA PRO TA 65 48.25 -38.95 43.30
C PRO TA 65 48.00 -40.32 43.86
N ASN TA 66 48.27 -40.51 45.15
CA ASN TA 66 48.01 -41.77 45.77
C ASN TA 66 46.53 -41.98 45.83
N ARG TA 67 45.76 -40.90 45.96
CA ARG TA 67 44.33 -41.00 45.97
C ARG TA 67 43.89 -41.43 44.62
N ALA TA 68 44.51 -40.85 43.60
CA ALA TA 68 44.21 -41.15 42.21
C ALA TA 68 44.43 -42.60 41.89
N ILE TA 69 45.43 -43.22 42.50
CA ILE TA 69 45.65 -44.64 42.31
C ILE TA 69 44.42 -45.42 42.69
N TYR TA 70 43.89 -45.10 43.85
CA TYR TA 70 42.76 -45.81 44.37
C TYR TA 70 41.48 -45.42 43.65
N GLN TA 71 41.43 -44.19 43.17
CA GLN TA 71 40.28 -43.76 42.40
C GLN TA 71 40.20 -44.52 41.11
N GLY TA 72 41.36 -44.72 40.47
CA GLY TA 72 41.41 -45.49 39.23
C GLY TA 72 40.95 -46.91 39.48
N PHE TA 73 41.44 -47.50 40.55
CA PHE TA 73 41.05 -48.82 40.93
C PHE TA 73 39.56 -48.93 41.15
N GLY TA 74 39.02 -48.04 41.97
CA GLY TA 74 37.60 -48.06 42.30
C GLY TA 74 36.74 -47.90 41.08
N LEU TA 75 37.09 -46.96 40.23
CA LEU TA 75 36.34 -46.71 39.02
C LEU TA 75 36.32 -47.93 38.13
N LYS TA 76 37.46 -48.62 38.06
CA LYS TA 76 37.57 -49.81 37.25
C LYS TA 76 36.72 -50.93 37.82
N VAL TA 77 36.65 -51.03 39.15
CA VAL TA 77 35.77 -52.00 39.78
C VAL TA 77 34.33 -51.75 39.39
N ALA TA 78 33.93 -50.49 39.46
CA ALA TA 78 32.57 -50.10 39.12
C ALA TA 78 32.27 -50.39 37.65
N ARG TA 79 33.25 -50.15 36.78
CA ARG TA 79 33.09 -50.45 35.37
C ARG TA 79 32.70 -51.88 35.16
N ALA TA 80 33.47 -52.78 35.75
CA ALA TA 80 33.22 -54.19 35.62
C ALA TA 80 31.85 -54.54 36.14
N LEU TA 81 31.47 -53.91 37.24
CA LEU TA 81 30.16 -54.13 37.78
C LEU TA 81 29.10 -53.83 36.74
N ASN TA 82 29.21 -52.69 36.07
CA ASN TA 82 28.23 -52.33 35.06
C ASN TA 82 28.20 -53.29 33.87
N ARG TA 83 29.37 -53.67 33.37
CA ARG TA 83 29.43 -54.48 32.15
C ARG TA 83 29.26 -55.98 32.40
N ILE TA 84 29.58 -56.42 33.61
CA ILE TA 84 29.45 -57.83 33.99
C ILE TA 84 28.25 -58.07 34.90
N GLY TA 85 28.15 -57.26 35.94
CA GLY TA 85 27.11 -57.45 36.95
C GLY TA 85 27.68 -58.21 38.12
N SER TA 86 27.03 -58.15 39.26
CA SER TA 86 27.55 -58.81 40.45
C SER TA 86 27.47 -60.30 40.33
N GLY TA 87 28.26 -60.99 41.14
CA GLY TA 87 28.30 -62.45 41.11
C GLY TA 87 29.67 -62.95 40.71
N PRO TA 88 29.81 -64.27 40.63
CA PRO TA 88 31.02 -65.04 40.28
C PRO TA 88 32.00 -64.28 39.40
N ALA TA 89 31.57 -63.94 38.18
CA ALA TA 89 32.46 -63.31 37.22
C ALA TA 89 33.04 -62.02 37.74
N LEU TA 90 32.26 -61.25 38.49
CA LEU TA 90 32.75 -60.01 39.02
C LEU TA 90 33.83 -60.27 40.00
N VAL TA 91 33.61 -61.26 40.85
CA VAL TA 91 34.60 -61.64 41.84
C VAL TA 91 35.89 -62.04 41.15
N ASN TA 92 35.78 -62.83 40.09
CA ASN TA 92 36.94 -63.24 39.32
C ASN TA 92 37.70 -62.03 38.83
N MET TA 93 36.96 -61.06 38.31
CA MET TA 93 37.52 -59.83 37.83
C MET TA 93 38.24 -59.09 38.91
N ILE TA 94 37.57 -58.88 40.03
CA ILE TA 94 38.12 -58.09 41.10
C ILE TA 94 39.37 -58.69 41.65
N ASN TA 95 39.40 -60.01 41.78
CA ASN TA 95 40.58 -60.67 42.30
C ASN TA 95 41.80 -60.34 41.46
N GLY TA 96 41.64 -60.41 40.13
CA GLY TA 96 42.74 -60.11 39.24
C GLY TA 96 43.08 -58.64 39.26
N LEU TA 97 42.06 -57.80 39.30
CA LEU TA 97 42.24 -56.37 39.34
C LEU TA 97 42.98 -55.92 40.58
N LYS TA 98 42.58 -56.43 41.71
CA LYS TA 98 43.21 -56.10 42.94
C LYS TA 98 44.68 -56.45 42.90
N GLY TA 99 45.00 -57.70 42.55
CA GLY TA 99 46.38 -58.15 42.47
C GLY TA 99 47.17 -57.29 41.52
N TYR TA 100 46.54 -56.96 40.39
CA TYR TA 100 47.13 -56.09 39.38
C TYR TA 100 47.61 -54.80 39.98
N TYR TA 101 46.74 -54.09 40.67
CA TYR TA 101 47.14 -52.83 41.28
C TYR TA 101 48.16 -52.98 42.38
N ILE TA 102 48.04 -54.04 43.16
CA ILE TA 102 48.97 -54.24 44.25
C ILE TA 102 50.38 -54.34 43.76
N SER TA 103 50.60 -55.15 42.76
CA SER TA 103 51.95 -55.39 42.30
C SER TA 103 52.40 -54.50 41.15
N ALA TA 104 51.47 -54.06 40.33
CA ALA TA 104 51.84 -53.19 39.21
C ALA TA 104 52.11 -51.80 39.67
N PHE TA 105 51.31 -51.30 40.61
CA PHE TA 105 51.43 -49.92 41.04
C PHE TA 105 51.73 -49.79 42.50
N ASN TA 106 52.01 -50.90 43.16
CA ASN TA 106 52.32 -50.87 44.58
C ASN TA 106 51.16 -50.31 45.39
N ALA TA 107 49.94 -50.63 44.99
CA ALA TA 107 48.78 -50.17 45.73
C ALA TA 107 48.65 -50.97 47.01
N ASN TA 108 48.20 -50.31 48.08
CA ASN TA 108 48.10 -50.94 49.38
C ASN TA 108 46.81 -51.73 49.57
N PRO TA 109 46.89 -53.08 49.52
CA PRO TA 109 45.79 -54.04 49.74
C PRO TA 109 44.73 -53.55 50.71
N GLN TA 110 45.15 -52.96 51.81
CA GLN TA 110 44.23 -52.50 52.83
C GLN TA 110 43.29 -51.44 52.30
N VAL TA 111 43.83 -50.48 51.61
CA VAL TA 111 43.03 -49.43 51.09
C VAL TA 111 42.21 -49.95 49.95
N LEU TA 112 42.80 -50.85 49.15
CA LEU TA 112 42.10 -51.42 48.02
C LEU TA 112 40.87 -52.15 48.47
N ASP TA 113 40.97 -52.84 49.59
CA ASP TA 113 39.84 -53.52 50.15
C ASP TA 113 38.79 -52.55 50.59
N ALA TA 114 39.24 -51.45 51.20
CA ALA TA 114 38.31 -50.42 51.63
C ALA TA 114 37.51 -49.89 50.46
N VAL TA 115 38.18 -49.69 49.32
CA VAL TA 115 37.49 -49.22 48.13
C VAL TA 115 36.43 -50.21 47.68
N VAL TA 116 36.79 -51.48 47.64
CA VAL TA 116 35.85 -52.52 47.27
C VAL TA 116 34.69 -52.58 48.26
N ASN TA 117 34.98 -52.35 49.54
CA ASN TA 117 33.98 -52.36 50.59
C ASN TA 117 32.98 -51.22 50.49
N ILE TA 118 33.19 -50.31 49.55
CA ILE TA 118 32.25 -49.26 49.30
C ILE TA 118 31.43 -49.60 48.11
N ILE TA 119 32.10 -49.92 47.03
CA ILE TA 119 31.45 -50.20 45.78
C ILE TA 119 30.62 -51.46 45.85
N THR TA 120 31.21 -52.54 46.36
CA THR TA 120 30.49 -53.79 46.48
C THR TA 120 29.89 -53.91 47.84
N GLY TA 121 30.58 -53.38 48.82
CA GLY TA 121 30.12 -53.46 50.20
C GLY TA 121 30.85 -54.55 50.95
N SER TA 122 31.55 -55.42 50.22
CA SER TA 122 32.24 -56.52 50.84
C SER TA 122 33.49 -56.85 50.06
N PRO TA 123 34.48 -57.46 50.72
CA PRO TA 123 35.74 -57.93 50.18
C PRO TA 123 35.50 -58.96 49.09
N THR TA 124 36.49 -59.13 48.25
CA THR TA 124 36.41 -60.07 47.16
C THR TA 124 36.89 -61.44 47.59
N GLY TA 125 37.60 -62.15 46.70
CA GLY TA 125 38.11 -63.48 47.02
C GLY TA 125 37.04 -64.53 46.79
N TYR TA 126 35.96 -64.45 47.59
CA TYR TA 126 34.85 -65.37 47.48
C TYR TA 126 33.55 -64.58 47.30
N VAL TA 127 32.58 -65.21 46.64
CA VAL TA 127 31.30 -64.56 46.37
C VAL TA 127 30.52 -64.33 47.65
N SER TA 128 30.19 -63.07 47.92
CA SER TA 128 29.46 -62.72 49.14
C SER TA 128 28.85 -61.33 49.06
N SER UA 1 27.70 -50.42 28.62
CA SER UA 1 26.67 -51.30 28.10
C SER UA 1 25.52 -50.52 27.48
N ARG UA 2 24.85 -51.14 26.52
CA ARG UA 2 23.78 -50.47 25.78
C ARG UA 2 22.55 -51.33 25.60
N SER UA 3 21.40 -50.78 25.96
CA SER UA 3 20.10 -51.43 25.76
C SER UA 3 19.67 -51.30 24.34
N TYR UA 4 18.64 -52.03 23.95
CA TYR UA 4 18.11 -51.91 22.60
C TYR UA 4 17.78 -50.50 22.24
N SER UA 5 17.07 -49.81 23.14
CA SER UA 5 16.71 -48.43 22.90
C SER UA 5 17.93 -47.63 22.51
N GLN UA 6 19.02 -47.83 23.24
CA GLN UA 6 20.25 -47.13 22.96
C GLN UA 6 20.91 -47.59 21.68
N ARG UA 7 20.88 -48.90 21.42
CA ARG UA 7 21.49 -49.45 20.22
C ARG UA 7 20.90 -48.82 19.01
N TYR UA 8 19.59 -48.85 18.95
CA TYR UA 8 18.87 -48.32 17.84
C TYR UA 8 19.01 -46.84 17.72
N ALA UA 9 18.85 -46.13 18.84
CA ALA UA 9 18.92 -44.68 18.83
C ALA UA 9 20.16 -44.19 18.11
N LYS UA 10 21.31 -44.68 18.52
CA LYS UA 10 22.55 -44.23 17.93
C LYS UA 10 22.69 -44.70 16.50
N TRP UA 11 22.26 -45.93 16.24
CA TRP UA 11 22.30 -46.44 14.88
C TRP UA 11 21.56 -45.55 13.94
N GLN UA 12 20.41 -45.08 14.39
CA GLN UA 12 19.58 -44.24 13.58
C GLN UA 12 20.26 -42.94 13.29
N ALA UA 13 20.87 -42.35 14.32
CA ALA UA 13 21.54 -41.08 14.17
C ALA UA 13 22.66 -41.16 13.16
N LYS UA 14 23.42 -42.25 13.20
CA LYS UA 14 24.53 -42.40 12.32
C LYS UA 14 24.10 -42.74 10.93
N PHE UA 15 23.03 -43.50 10.81
CA PHE UA 15 22.49 -43.82 9.52
C PHE UA 15 22.04 -42.55 8.81
N ASN UA 16 21.32 -41.72 9.55
CA ASN UA 16 20.82 -40.47 9.02
C ASN UA 16 21.95 -39.61 8.55
N ALA UA 17 22.99 -39.50 9.37
CA ALA UA 17 24.14 -38.69 9.04
C ALA UA 17 24.75 -39.15 7.73
N PHE UA 18 25.01 -40.44 7.62
CA PHE UA 18 25.62 -40.99 6.44
C PHE UA 18 24.83 -40.73 5.19
N SER UA 19 23.51 -40.78 5.28
CA SER UA 19 22.66 -40.62 4.10
C SER UA 19 22.79 -39.23 3.45
N ASN UA 20 23.35 -38.27 4.19
CA ASN UA 20 23.56 -36.92 3.66
C ASN UA 20 24.54 -36.92 2.49
N PRO UA 21 24.08 -36.53 1.29
CA PRO UA 21 24.85 -36.43 0.03
C PRO UA 21 26.33 -36.14 0.23
N THR UA 22 26.62 -35.14 1.04
CA THR UA 22 27.97 -34.66 1.19
C THR UA 22 28.75 -35.51 2.13
N VAL UA 23 28.06 -36.10 3.08
CA VAL UA 23 28.73 -36.94 4.03
C VAL UA 23 29.08 -38.24 3.41
N ALA UA 24 28.14 -38.82 2.70
CA ALA UA 24 28.37 -40.06 2.03
C ALA UA 24 29.48 -39.93 1.03
N SER UA 25 29.44 -38.89 0.21
CA SER UA 25 30.43 -38.72 -0.81
C SER UA 25 31.77 -38.34 -0.26
N THR UA 26 31.79 -37.58 0.83
CA THR UA 26 33.05 -37.25 1.45
C THR UA 26 33.76 -38.48 1.90
N ILE UA 27 33.07 -39.29 2.67
CA ILE UA 27 33.66 -40.47 3.21
C ILE UA 27 34.04 -41.44 2.13
N LEU UA 28 33.10 -41.74 1.26
CA LEU UA 28 33.30 -42.77 0.26
C LEU UA 28 34.35 -42.40 -0.75
N SER UA 29 34.41 -41.13 -1.13
CA SER UA 29 35.42 -40.71 -2.07
C SER UA 29 36.80 -40.68 -1.43
N ASN UA 30 36.85 -40.45 -0.12
CA ASN UA 30 38.12 -40.45 0.57
C ASN UA 30 38.66 -41.84 0.74
N VAL UA 31 37.78 -42.82 0.97
CA VAL UA 31 38.24 -44.18 1.19
C VAL UA 31 38.21 -44.98 -0.07
N SER UA 32 37.87 -44.36 -1.18
CA SER UA 32 37.84 -45.03 -2.47
C SER UA 32 39.13 -45.82 -2.73
N PRO UA 33 40.24 -45.15 -3.11
CA PRO UA 33 41.50 -45.81 -3.47
C PRO UA 33 41.99 -46.78 -2.39
N VAL UA 34 41.61 -46.53 -1.13
CA VAL UA 34 42.00 -47.38 -0.05
C VAL UA 34 41.28 -48.70 -0.15
N ALA UA 35 39.97 -48.62 -0.32
CA ALA UA 35 39.15 -49.79 -0.47
C ALA UA 35 39.57 -50.57 -1.68
N GLN UA 36 39.94 -49.87 -2.74
CA GLN UA 36 40.36 -50.50 -3.97
C GLN UA 36 41.53 -51.37 -3.72
N GLN UA 37 42.49 -50.85 -2.97
CA GLN UA 37 43.66 -51.61 -2.62
C GLN UA 37 43.31 -52.86 -1.89
N ASN UA 38 42.43 -52.73 -0.90
CA ASN UA 38 42.06 -53.85 -0.07
C ASN UA 38 41.32 -54.91 -0.85
N PHE UA 39 40.44 -54.48 -1.73
CA PHE UA 39 39.68 -55.39 -2.55
C PHE UA 39 40.60 -56.17 -3.45
N GLN UA 40 41.48 -55.44 -4.13
CA GLN UA 40 42.43 -56.06 -5.03
C GLN UA 40 43.38 -56.98 -4.32
N THR UA 41 43.78 -56.59 -3.13
CA THR UA 41 44.75 -57.37 -2.39
C THR UA 41 44.22 -58.73 -1.96
N ASN UA 42 43.02 -58.77 -1.41
CA ASN UA 42 42.53 -60.03 -0.86
C ASN UA 42 41.59 -60.82 -1.76
N VAL UA 43 40.78 -60.16 -2.58
CA VAL UA 43 39.76 -60.89 -3.32
C VAL UA 43 40.26 -62.01 -4.25
N PRO UA 44 41.32 -61.79 -5.06
CA PRO UA 44 41.94 -62.73 -5.97
C PRO UA 44 42.31 -64.02 -5.26
N LYS UA 45 42.60 -63.92 -3.96
CA LYS UA 45 42.99 -65.06 -3.16
C LYS UA 45 41.84 -66.04 -3.02
N PHE UA 46 40.63 -65.50 -2.99
CA PHE UA 46 39.45 -66.31 -2.81
C PHE UA 46 38.86 -66.72 -4.14
N THR UA 47 39.13 -65.92 -5.17
CA THR UA 47 38.68 -66.31 -6.49
C THR UA 47 39.36 -67.57 -6.93
N SER UA 48 40.66 -67.66 -6.66
CA SER UA 48 41.41 -68.86 -7.02
C SER UA 48 40.87 -70.07 -6.28
N VAL UA 49 40.35 -69.85 -5.07
CA VAL UA 49 39.74 -70.92 -4.30
C VAL UA 49 38.47 -71.36 -4.95
N ASN UA 50 37.65 -70.41 -5.35
CA ASN UA 50 36.40 -70.73 -6.00
C ASN UA 50 36.64 -71.54 -7.24
N GLU UA 51 37.69 -71.20 -7.96
CA GLU UA 51 38.04 -71.90 -9.18
C GLU UA 51 38.47 -73.31 -8.93
N ASN UA 52 39.44 -73.48 -8.05
CA ASN UA 52 39.99 -74.78 -7.81
C ASN UA 52 38.99 -75.70 -7.15
N VAL UA 53 38.21 -75.15 -6.22
CA VAL UA 53 37.17 -75.93 -5.57
C VAL UA 53 36.12 -76.33 -6.56
N SER UA 54 35.77 -75.41 -7.46
CA SER UA 54 34.82 -75.71 -8.49
C SER UA 54 35.27 -76.89 -9.30
N ALA UA 55 36.55 -76.90 -9.68
CA ALA UA 55 37.10 -78.01 -10.45
C ALA UA 55 36.87 -79.32 -9.75
N VAL UA 56 37.16 -79.32 -8.45
CA VAL UA 56 36.95 -80.50 -7.63
C VAL UA 56 35.53 -80.96 -7.66
N LEU UA 57 34.61 -80.02 -7.46
CA LEU UA 57 33.22 -80.33 -7.38
C LEU UA 57 32.69 -80.93 -8.66
N THR UA 58 33.22 -80.47 -9.78
CA THR UA 58 32.85 -81.03 -11.06
C THR UA 58 33.33 -82.48 -11.16
N GLN UA 59 34.54 -82.75 -10.67
CA GLN UA 59 35.06 -84.11 -10.63
C GLN UA 59 34.20 -85.03 -9.75
N TYR UA 60 33.62 -84.47 -8.68
CA TYR UA 60 32.75 -85.25 -7.79
C TYR UA 60 31.29 -85.26 -8.22
N GLY UA 61 30.96 -84.63 -9.32
CA GLY UA 61 29.60 -84.68 -9.83
C GLY UA 61 28.64 -83.79 -9.04
N ILE UA 62 29.17 -82.81 -8.33
CA ILE UA 62 28.37 -81.96 -7.49
C ILE UA 62 27.75 -80.84 -8.31
N THR UA 63 26.44 -80.69 -8.22
CA THR UA 63 25.73 -79.67 -9.00
C THR UA 63 24.85 -78.79 -8.14
N GLY UA 64 24.44 -77.67 -8.70
CA GLY UA 64 23.52 -76.77 -8.05
C GLY UA 64 24.06 -76.23 -6.75
N PRO UA 65 23.16 -75.98 -5.80
CA PRO UA 65 23.40 -75.45 -4.48
C PRO UA 65 24.30 -76.34 -3.68
N ASN UA 66 24.45 -77.59 -4.09
CA ASN UA 66 25.33 -78.47 -3.40
C ASN UA 66 26.76 -78.03 -3.59
N ARG UA 67 27.03 -77.41 -4.74
CA ARG UA 67 28.35 -76.90 -4.99
C ARG UA 67 28.57 -75.74 -4.09
N ALA UA 68 27.53 -74.93 -3.92
CA ALA UA 68 27.59 -73.76 -3.07
C ALA UA 68 27.91 -74.13 -1.63
N ILE UA 69 27.42 -75.28 -1.17
CA ILE UA 69 27.74 -75.74 0.17
C ILE UA 69 29.22 -75.91 0.34
N TYR UA 70 29.83 -76.62 -0.59
CA TYR UA 70 31.23 -76.91 -0.49
C TYR UA 70 32.07 -75.69 -0.76
N GLN UA 71 31.59 -74.80 -1.62
CA GLN UA 71 32.29 -73.57 -1.89
C GLN UA 71 32.37 -72.72 -0.64
N GLY UA 72 31.27 -72.67 0.10
CA GLY UA 72 31.24 -71.92 1.36
C GLY UA 72 32.26 -72.46 2.32
N PHE UA 73 32.31 -73.78 2.44
CA PHE UA 73 33.27 -74.44 3.28
C PHE UA 73 34.68 -74.07 2.89
N GLY UA 74 35.00 -74.18 1.61
CA GLY UA 74 36.33 -73.86 1.12
C GLY UA 74 36.71 -72.43 1.41
N LEU UA 75 35.79 -71.52 1.17
CA LEU UA 75 36.03 -70.12 1.41
C LEU UA 75 36.34 -69.85 2.87
N LYS UA 76 35.64 -70.54 3.75
CA LYS UA 76 35.88 -70.42 5.17
C LYS UA 76 37.26 -70.87 5.56
N VAL UA 77 37.71 -71.97 4.95
CA VAL UA 77 39.04 -72.47 5.22
C VAL UA 77 40.08 -71.42 4.86
N ALA UA 78 39.90 -70.82 3.69
CA ALA UA 78 40.81 -69.80 3.21
C ALA UA 78 40.78 -68.57 4.10
N ARG UA 79 39.59 -68.20 4.59
CA ARG UA 79 39.46 -67.05 5.46
C ARG UA 79 40.30 -67.21 6.70
N ALA UA 80 40.17 -68.35 7.34
CA ALA UA 80 40.92 -68.63 8.54
C ALA UA 80 42.40 -68.61 8.23
N LEU UA 81 42.78 -69.16 7.10
CA LEU UA 81 44.15 -69.15 6.70
C LEU UA 81 44.68 -67.75 6.66
N ASN UA 82 43.95 -66.83 6.03
CA ASN UA 82 44.40 -65.45 5.94
C ASN UA 82 44.48 -64.75 7.30
N ARG UA 83 43.52 -65.02 8.17
CA ARG UA 83 43.47 -64.29 9.46
C ARG UA 83 44.23 -65.01 10.58
N ILE UA 84 44.58 -66.27 10.37
CA ILE UA 84 45.32 -67.04 11.37
C ILE UA 84 46.69 -67.47 10.87
N GLY UA 85 46.71 -68.01 9.67
CA GLY UA 85 47.94 -68.55 9.11
C GLY UA 85 47.97 -70.04 9.31
N SER UA 86 48.82 -70.73 8.57
CA SER UA 86 48.88 -72.18 8.65
C SER UA 86 49.49 -72.63 9.95
N GLY UA 87 49.27 -73.90 10.28
CA GLY UA 87 49.81 -74.47 11.51
C GLY UA 87 48.69 -74.84 12.48
N PRO UA 88 49.08 -75.28 13.67
CA PRO UA 88 48.23 -75.72 14.80
C PRO UA 88 46.85 -75.07 14.82
N ALA UA 89 46.81 -73.75 14.95
CA ALA UA 89 45.55 -73.05 15.06
C ALA UA 89 44.63 -73.31 13.88
N LEU UA 90 45.20 -73.40 12.69
CA LEU UA 90 44.40 -73.67 11.50
C LEU UA 90 43.82 -75.04 11.59
N VAL UA 91 44.63 -75.98 12.05
CA VAL UA 91 44.19 -77.34 12.22
C VAL UA 91 43.00 -77.40 13.15
N ASN UA 92 43.09 -76.68 14.25
CA ASN UA 92 42.01 -76.63 15.22
C ASN UA 92 40.76 -76.08 14.58
N MET UA 93 40.93 -75.04 13.78
CA MET UA 93 39.83 -74.43 13.08
C MET UA 93 39.15 -75.37 12.13
N ILE UA 94 39.92 -76.02 11.29
CA ILE UA 94 39.37 -76.87 10.25
C ILE UA 94 38.60 -78.01 10.83
N ASN UA 95 39.12 -78.60 11.90
CA ASN UA 95 38.44 -79.71 12.56
C ASN UA 95 37.03 -79.30 12.97
N GLY UA 96 36.93 -78.14 13.61
CA GLY UA 96 35.63 -77.65 14.04
C GLY UA 96 34.76 -77.31 12.86
N LEU UA 97 35.36 -76.69 11.86
CA LEU UA 97 34.65 -76.29 10.66
C LEU UA 97 34.03 -77.47 9.96
N LYS UA 98 34.78 -78.54 9.82
CA LYS UA 98 34.25 -79.73 9.22
C LYS UA 98 33.08 -80.24 10.00
N GLY UA 99 33.21 -80.27 11.33
CA GLY UA 99 32.11 -80.70 12.17
C GLY UA 99 30.87 -79.86 11.90
N TYR UA 100 31.08 -78.56 11.76
CA TYR UA 100 30.00 -77.63 11.48
C TYR UA 100 29.26 -78.02 10.23
N TYR UA 101 29.97 -78.14 9.12
CA TYR UA 101 29.31 -78.46 7.86
C TYR UA 101 28.78 -79.86 7.77
N ILE UA 102 29.51 -80.82 8.30
CA ILE UA 102 29.09 -82.20 8.21
C ILE UA 102 27.79 -82.42 8.92
N SER UA 103 27.67 -81.90 10.12
CA SER UA 103 26.49 -82.17 10.91
C SER UA 103 25.40 -81.11 10.81
N ALA UA 104 25.77 -79.87 10.53
CA ALA UA 104 24.74 -78.83 10.43
C ALA UA 104 24.11 -78.80 9.08
N PHE UA 105 24.89 -79.07 8.03
CA PHE UA 105 24.38 -78.98 6.67
C PHE UA 105 24.43 -80.30 5.96
N ASN UA 106 24.82 -81.35 6.66
CA ASN UA 106 24.90 -82.69 6.08
C ASN UA 106 25.86 -82.74 4.91
N ALA UA 107 26.97 -82.01 5.01
CA ALA UA 107 27.97 -82.04 3.96
C ALA UA 107 28.73 -83.35 4.01
N ASN UA 108 29.16 -83.84 2.86
CA ASN UA 108 29.85 -85.12 2.77
C ASN UA 108 31.33 -85.03 3.12
N PRO UA 109 31.70 -85.43 4.36
CA PRO UA 109 33.07 -85.47 4.90
C PRO UA 109 34.14 -85.72 3.85
N GLN UA 110 33.90 -86.70 2.99
CA GLN UA 110 34.89 -87.09 1.99
C GLN UA 110 35.15 -85.97 1.00
N VAL UA 111 34.09 -85.33 0.56
CA VAL UA 111 34.23 -84.25 -0.37
C VAL UA 111 34.86 -83.07 0.32
N LEU UA 112 34.49 -82.87 1.58
CA LEU UA 112 35.04 -81.77 2.36
C LEU UA 112 36.54 -81.90 2.46
N ASP UA 113 37.01 -83.11 2.64
CA ASP UA 113 38.43 -83.36 2.69
C ASP UA 113 39.08 -83.11 1.37
N ALA UA 114 38.36 -83.39 0.28
CA ALA UA 114 38.87 -83.09 -1.04
C ALA UA 114 39.07 -81.58 -1.21
N VAL UA 115 38.15 -80.79 -0.65
CA VAL UA 115 38.28 -79.34 -0.70
C VAL UA 115 39.50 -78.88 0.06
N VAL UA 116 39.68 -79.41 1.27
CA VAL UA 116 40.82 -79.05 2.10
C VAL UA 116 42.13 -79.46 1.39
N ASN UA 117 42.10 -80.63 0.74
CA ASN UA 117 43.23 -81.13 -0.01
C ASN UA 117 43.72 -80.20 -1.12
N ILE UA 118 42.91 -79.22 -1.47
CA ILE UA 118 43.31 -78.27 -2.47
C ILE UA 118 43.81 -77.01 -1.85
N ILE UA 119 43.02 -76.47 -0.95
CA ILE UA 119 43.35 -75.20 -0.32
C ILE UA 119 44.60 -75.31 0.53
N THR UA 120 44.68 -76.35 1.33
CA THR UA 120 45.83 -76.56 2.18
C THR UA 120 46.83 -77.45 1.49
N GLY UA 121 46.32 -78.34 0.64
CA GLY UA 121 47.17 -79.26 -0.08
C GLY UA 121 47.03 -80.66 0.48
N SER UA 122 46.40 -80.77 1.64
CA SER UA 122 46.17 -82.04 2.28
C SER UA 122 45.11 -81.89 3.34
N PRO UA 123 44.50 -82.99 3.75
CA PRO UA 123 43.55 -83.07 4.83
C PRO UA 123 44.24 -82.61 6.10
N THR UA 124 43.48 -82.17 7.07
CA THR UA 124 44.08 -81.56 8.24
C THR UA 124 44.44 -82.58 9.29
N GLY UA 125 44.31 -82.21 10.56
CA GLY UA 125 44.70 -83.09 11.66
C GLY UA 125 46.21 -83.01 11.87
N TYR UA 126 46.96 -83.42 10.85
CA TYR UA 126 48.39 -83.33 10.86
C TYR UA 126 48.81 -82.17 10.00
N VAL UA 127 49.89 -81.51 10.38
CA VAL UA 127 50.39 -80.40 9.59
C VAL UA 127 51.36 -80.89 8.54
N SER UA 128 50.98 -80.72 7.28
CA SER UA 128 51.83 -81.15 6.19
C SER UA 128 51.29 -80.63 4.86
N SER VA 1 29.47 -67.12 -13.62
CA SER VA 1 30.82 -67.49 -14.04
C SER VA 1 31.67 -66.27 -14.34
N ARG VA 2 32.50 -65.87 -13.37
CA ARG VA 2 33.36 -64.69 -13.54
C ARG VA 2 34.73 -64.88 -12.90
N SER VA 3 35.76 -64.32 -13.54
CA SER VA 3 37.10 -64.27 -12.98
C SER VA 3 37.17 -63.18 -11.95
N TYR VA 4 38.26 -63.10 -11.21
CA TYR VA 4 38.33 -62.06 -10.21
C TYR VA 4 38.44 -60.73 -10.89
N SER VA 5 39.02 -60.72 -12.08
CA SER VA 5 39.22 -59.49 -12.78
C SER VA 5 37.91 -58.91 -13.17
N GLN VA 6 36.96 -59.77 -13.47
CA GLN VA 6 35.62 -59.35 -13.79
C GLN VA 6 34.88 -58.94 -12.54
N ARG VA 7 35.09 -59.69 -11.46
CA ARG VA 7 34.46 -59.38 -10.20
C ARG VA 7 34.86 -58.00 -9.75
N TYR VA 8 36.15 -57.74 -9.82
CA TYR VA 8 36.69 -56.46 -9.46
C TYR VA 8 36.23 -55.38 -10.37
N ALA VA 9 36.35 -55.59 -11.66
CA ALA VA 9 35.97 -54.58 -12.63
C ALA VA 9 34.59 -54.02 -12.34
N LYS VA 10 33.62 -54.91 -12.21
CA LYS VA 10 32.28 -54.45 -11.98
C LYS VA 10 32.13 -53.86 -10.61
N TRP VA 11 32.76 -54.47 -9.62
CA TRP VA 11 32.72 -53.94 -8.26
C TRP VA 11 33.20 -52.53 -8.21
N GLN VA 12 34.26 -52.27 -8.94
CA GLN VA 12 34.83 -50.95 -8.98
C GLN VA 12 33.87 -49.97 -9.57
N ALA VA 13 33.25 -50.34 -10.67
CA ALA VA 13 32.30 -49.48 -11.34
C ALA VA 13 31.14 -49.13 -10.44
N LYS VA 14 30.67 -50.11 -9.70
CA LYS VA 14 29.54 -49.89 -8.83
C LYS VA 14 29.89 -49.12 -7.61
N PHE VA 15 31.11 -49.34 -7.11
CA PHE VA 15 31.56 -48.58 -5.97
C PHE VA 15 31.65 -47.13 -6.34
N ASN VA 16 32.23 -46.86 -7.51
CA ASN VA 16 32.37 -45.51 -8.00
C ASN VA 16 31.03 -44.84 -8.10
N ALA VA 17 30.07 -45.55 -8.69
CA ALA VA 17 28.74 -45.03 -8.87
C ALA VA 17 28.15 -44.63 -7.55
N PHE VA 18 28.18 -45.54 -6.59
CA PHE VA 18 27.60 -45.30 -5.29
C PHE VA 18 28.20 -44.11 -4.60
N SER VA 19 29.51 -43.90 -4.75
CA SER VA 19 30.19 -42.82 -4.05
C SER VA 19 29.71 -41.43 -4.50
N ASN VA 20 29.02 -41.35 -5.64
CA ASN VA 20 28.51 -40.08 -6.14
C ASN VA 20 27.43 -39.52 -5.24
N PRO VA 21 27.68 -38.34 -4.62
CA PRO VA 21 26.76 -37.61 -3.72
C PRO VA 21 25.30 -37.86 -4.01
N THR VA 22 24.92 -37.74 -5.28
CA THR VA 22 23.55 -37.87 -5.67
C THR VA 22 23.10 -39.29 -5.58
N VAL VA 23 23.90 -40.20 -6.06
CA VAL VA 23 23.54 -41.60 -6.04
C VAL VA 23 23.45 -42.12 -4.64
N ALA VA 24 24.43 -41.76 -3.83
CA ALA VA 24 24.45 -42.21 -2.47
C ALA VA 24 23.23 -41.75 -1.72
N SER VA 25 22.93 -40.46 -1.81
CA SER VA 25 21.82 -39.92 -1.08
C SER VA 25 20.50 -40.34 -1.64
N THR VA 26 20.44 -40.55 -2.94
CA THR VA 26 19.19 -40.99 -3.54
C THR VA 26 18.81 -42.32 -3.01
N ILE VA 27 19.73 -43.26 -3.07
CA ILE VA 27 19.44 -44.59 -2.61
C ILE VA 27 19.19 -44.62 -1.13
N LEU VA 28 20.10 -44.04 -0.37
CA LEU VA 28 20.04 -44.12 1.06
C LEU VA 28 18.85 -43.43 1.65
N SER VA 29 18.47 -42.28 1.08
CA SER VA 29 17.31 -41.59 1.57
C SER VA 29 16.04 -42.29 1.21
N ASN VA 30 16.04 -43.03 0.10
CA ASN VA 30 14.87 -43.79 -0.29
C ASN VA 30 14.67 -45.02 0.56
N VAL VA 31 15.77 -45.65 0.96
CA VAL VA 31 15.67 -46.87 1.77
C VAL VA 31 15.74 -46.58 3.23
N SER VA 32 15.84 -45.31 3.60
CA SER VA 32 15.88 -44.92 4.99
C SER VA 32 14.78 -45.59 5.83
N PRO VA 33 13.52 -45.12 5.75
CA PRO VA 33 12.40 -45.64 6.55
C PRO VA 33 12.25 -47.17 6.43
N VAL VA 34 12.68 -47.74 5.30
CA VAL VA 34 12.62 -49.16 5.10
C VAL VA 34 13.60 -49.84 5.98
N ALA VA 35 14.82 -49.33 5.98
CA ALA VA 35 15.88 -49.83 6.81
C ALA VA 35 15.51 -49.76 8.25
N GLN VA 36 14.85 -48.67 8.61
CA GLN VA 36 14.45 -48.47 9.99
C GLN VA 36 13.53 -49.55 10.42
N GLN VA 37 12.59 -49.91 9.57
CA GLN VA 37 11.67 -50.98 9.88
C GLN VA 37 12.39 -52.28 10.08
N ASN VA 38 13.31 -52.58 9.19
CA ASN VA 38 14.02 -53.82 9.23
C ASN VA 38 14.90 -53.93 10.46
N PHE VA 39 15.55 -52.84 10.79
CA PHE VA 39 16.40 -52.79 11.96
C PHE VA 39 15.57 -52.98 13.21
N GLN VA 40 14.48 -52.23 13.30
CA GLN VA 40 13.61 -52.31 14.45
C GLN VA 40 13.03 -53.68 14.63
N THR VA 41 12.72 -54.33 13.53
CA THR VA 41 12.08 -55.62 13.58
C THR VA 41 13.00 -56.73 14.09
N ASN VA 42 14.18 -56.86 13.50
CA ASN VA 42 15.03 -57.99 13.82
C ASN VA 42 16.07 -57.76 14.89
N VAL VA 43 16.41 -56.52 15.21
CA VAL VA 43 17.48 -56.29 16.17
C VAL VA 43 17.16 -56.56 17.66
N PRO VA 44 16.08 -55.98 18.23
CA PRO VA 44 15.72 -56.15 19.64
C PRO VA 44 15.61 -57.64 20.03
N LYS VA 45 15.38 -58.49 19.04
CA LYS VA 45 15.32 -59.93 19.24
C LYS VA 45 16.64 -60.46 19.77
N PHE VA 46 17.74 -59.90 19.29
CA PHE VA 46 19.06 -60.33 19.67
C PHE VA 46 19.55 -59.58 20.87
N THR VA 47 19.04 -58.37 21.06
CA THR VA 47 19.41 -57.61 22.23
C THR VA 47 18.96 -58.32 23.48
N SER VA 48 17.75 -58.86 23.45
CA SER VA 48 17.22 -59.59 24.59
C SER VA 48 18.05 -60.84 24.86
N VAL VA 49 18.61 -61.41 23.80
CA VAL VA 49 19.48 -62.56 23.94
C VAL VA 49 20.71 -62.16 24.68
N ASN VA 50 21.28 -61.04 24.30
CA ASN VA 50 22.49 -60.56 24.91
C ASN VA 50 22.32 -60.33 26.40
N GLU VA 51 21.18 -59.79 26.81
CA GLU VA 51 20.95 -59.58 28.24
C GLU VA 51 20.94 -60.89 29.00
N ASN VA 52 20.12 -61.83 28.55
CA ASN VA 52 20.00 -63.10 29.27
C ASN VA 52 21.27 -63.91 29.21
N VAL VA 53 21.89 -63.99 28.04
CA VAL VA 53 23.12 -64.75 27.90
C VAL VA 53 24.20 -64.18 28.75
N SER VA 54 24.31 -62.86 28.76
CA SER VA 54 25.31 -62.21 29.55
C SER VA 54 25.12 -62.54 31.02
N ALA VA 55 23.88 -62.52 31.47
CA ALA VA 55 23.58 -62.84 32.86
C ALA VA 55 24.08 -64.22 33.21
N VAL VA 56 23.84 -65.18 32.32
CA VAL VA 56 24.31 -66.53 32.51
C VAL VA 56 25.80 -66.59 32.63
N LEU VA 57 26.49 -65.90 31.74
CA LEU VA 57 27.92 -65.91 31.73
C LEU VA 57 28.48 -65.38 33.02
N THR VA 58 27.82 -64.38 33.61
CA THR VA 58 28.22 -63.88 34.89
C THR VA 58 28.05 -64.94 35.97
N GLN VA 59 26.95 -65.68 35.91
CA GLN VA 59 26.74 -66.78 36.86
C GLN VA 59 27.76 -67.91 36.69
N TYR VA 60 28.28 -68.07 35.47
CA TYR VA 60 29.34 -69.06 35.22
C TYR VA 60 30.74 -68.51 35.42
N GLY VA 61 30.87 -67.25 35.82
CA GLY VA 61 32.18 -66.70 36.10
C GLY VA 61 32.99 -66.36 34.85
N ILE VA 62 32.31 -66.24 33.72
CA ILE VA 62 32.98 -66.00 32.45
C ILE VA 62 33.27 -64.51 32.28
N THR VA 63 34.52 -64.18 31.98
CA THR VA 63 34.91 -62.79 31.82
C THR VA 63 35.64 -62.52 30.52
N GLY VA 64 35.72 -61.26 30.16
CA GLY VA 64 36.48 -60.83 29.00
C GLY VA 64 35.94 -61.42 27.72
N PRO VA 65 36.84 -61.64 26.77
CA PRO VA 65 36.59 -62.19 25.46
C PRO VA 65 35.99 -63.56 25.51
N ASN VA 66 36.11 -64.22 26.65
CA ASN VA 66 35.51 -65.51 26.79
C ASN VA 66 34.01 -65.38 26.76
N ARG VA 67 33.51 -64.26 27.27
CA ARG VA 67 32.09 -64.01 27.23
C ARG VA 67 31.69 -63.84 25.82
N ALA VA 68 32.52 -63.10 25.07
CA ALA VA 68 32.27 -62.84 23.67
C ALA VA 68 32.18 -64.11 22.85
N ILE VA 69 32.96 -65.13 23.22
CA ILE VA 69 32.87 -66.40 22.54
C ILE VA 69 31.48 -66.94 22.64
N TYR VA 70 30.93 -66.92 23.83
CA TYR VA 70 29.63 -67.47 24.06
C TYR VA 70 28.54 -66.56 23.52
N GLN VA 71 28.80 -65.25 23.50
CA GLN VA 71 27.86 -64.33 22.92
C GLN VA 71 27.72 -64.58 21.45
N GLY VA 72 28.84 -64.82 20.78
CA GLY VA 72 28.83 -65.12 19.35
C GLY VA 72 28.04 -66.38 19.09
N PHE VA 73 28.30 -67.40 19.89
CA PHE VA 73 27.58 -68.64 19.80
C PHE VA 73 26.10 -68.44 19.95
N GLY VA 74 25.70 -67.79 21.03
CA GLY VA 74 24.29 -67.57 21.33
C GLY VA 74 23.60 -66.80 20.22
N LEU VA 75 24.23 -65.75 19.77
CA LEU VA 75 23.65 -64.94 18.72
C LEU VA 75 23.45 -65.75 17.46
N LYS VA 76 24.39 -66.62 17.15
CA LYS VA 76 24.30 -67.45 15.98
C LYS VA 76 23.18 -68.47 16.11
N VAL VA 77 22.98 -68.98 17.33
CA VAL VA 77 21.85 -69.87 17.59
C VAL VA 77 20.55 -69.17 17.30
N ALA VA 78 20.42 -67.94 17.80
CA ALA VA 78 19.22 -67.15 17.61
C ALA VA 78 19.00 -66.84 16.14
N ARG VA 79 20.08 -66.56 15.41
CA ARG VA 79 19.99 -66.33 13.98
C ARG VA 79 19.30 -67.47 13.29
N ALA VA 80 19.79 -68.68 13.53
CA ALA VA 80 19.24 -69.86 12.92
C ALA VA 80 17.79 -70.02 13.28
N LEU VA 81 17.46 -69.72 14.53
CA LEU VA 81 16.09 -69.79 14.95
C LEU VA 81 15.22 -68.90 14.09
N ASN VA 82 15.66 -67.67 13.85
CA ASN VA 82 14.87 -66.76 13.02
C ASN VA 82 14.72 -67.23 11.57
N ARG VA 83 15.81 -67.68 10.97
CA ARG VA 83 15.80 -68.04 9.55
C ARG VA 83 15.28 -69.45 9.27
N ILE VA 84 15.38 -70.33 10.25
CA ILE VA 84 14.90 -71.71 10.12
C ILE VA 84 13.61 -71.93 10.88
N GLY VA 85 13.60 -71.53 12.14
CA GLY VA 85 12.46 -71.79 13.01
C GLY VA 85 12.74 -73.02 13.84
N SER VA 86 12.02 -73.18 14.94
CA SER VA 86 12.27 -74.31 15.83
C SER VA 86 11.88 -75.62 15.19
N GLY VA 87 12.42 -76.71 15.71
CA GLY VA 87 12.13 -78.03 15.18
C GLY VA 87 13.39 -78.68 14.64
N PRO VA 88 13.22 -79.89 14.10
CA PRO VA 88 14.25 -80.76 13.51
C PRO VA 88 15.46 -80.01 12.95
N ALA VA 89 15.23 -79.19 11.92
CA ALA VA 89 16.31 -78.50 11.25
C ALA VA 89 17.13 -77.64 12.18
N LEU VA 90 16.48 -77.01 13.15
CA LEU VA 90 17.18 -76.18 14.08
C LEU VA 90 18.09 -77.01 14.92
N VAL VA 91 17.58 -78.14 15.37
CA VAL VA 91 18.38 -79.05 16.16
C VAL VA 91 19.59 -79.50 15.39
N ASN VA 92 19.39 -79.84 14.11
CA ASN VA 92 20.49 -80.24 13.26
C ASN VA 92 21.55 -79.15 13.21
N MET VA 93 21.09 -77.92 13.07
CA MET VA 93 21.96 -76.77 13.05
C MET VA 93 22.73 -76.62 14.32
N ILE VA 94 22.03 -76.65 15.45
CA ILE VA 94 22.64 -76.41 16.72
C ILE VA 94 23.67 -77.45 17.03
N ASN VA 95 23.39 -78.71 16.70
CA ASN VA 95 24.34 -79.77 16.95
C ASN VA 95 25.67 -79.49 16.28
N GLY VA 96 25.62 -79.06 15.01
CA GLY VA 96 26.83 -78.75 14.29
C GLY VA 96 27.49 -77.50 14.81
N LEU VA 97 26.69 -76.51 15.15
CA LEU VA 97 27.18 -75.26 15.67
C LEU VA 97 27.90 -75.44 16.99
N LYS VA 98 27.29 -76.19 17.88
CA LYS VA 98 27.88 -76.47 19.16
C LYS VA 98 29.23 -77.11 19.00
N GLY VA 99 29.28 -78.22 18.23
CA GLY VA 99 30.53 -78.93 18.00
C GLY VA 99 31.57 -78.01 17.41
N TYR VA 100 31.13 -77.18 16.47
CA TYR VA 100 31.99 -76.20 15.83
C TYR VA 100 32.70 -75.33 16.84
N TYR VA 101 31.95 -74.71 17.73
CA TYR VA 101 32.56 -73.87 18.74
C TYR VA 101 33.42 -74.62 19.72
N ILE VA 102 33.01 -75.82 20.08
CA ILE VA 102 33.77 -76.59 21.04
C ILE VA 102 35.16 -76.87 20.55
N SER VA 103 35.28 -77.31 19.33
CA SER VA 103 36.57 -77.71 18.82
C SER VA 103 37.30 -76.61 18.07
N ALA VA 104 36.57 -75.70 17.43
CA ALA VA 104 37.22 -74.64 16.69
C ALA VA 104 37.76 -73.59 17.60
N PHE VA 105 37.01 -73.25 18.65
CA PHE VA 105 37.40 -72.17 19.54
C PHE VA 105 37.60 -72.62 20.95
N ASN VA 106 37.57 -73.91 21.19
CA ASN VA 106 37.74 -74.46 22.53
C ASN VA 106 36.69 -73.93 23.49
N ALA VA 107 35.46 -73.79 22.99
CA ALA VA 107 34.38 -73.34 23.84
C ALA VA 107 33.96 -74.47 24.77
N ASN VA 108 33.57 -74.12 25.98
CA ASN VA 108 33.23 -75.11 26.99
C ASN VA 108 31.77 -75.57 26.89
N PRO VA 109 31.55 -76.80 26.37
CA PRO VA 109 30.25 -77.51 26.24
C PRO VA 109 29.25 -77.12 27.32
N GLN VA 110 29.70 -77.05 28.57
CA GLN VA 110 28.81 -76.75 29.68
C GLN VA 110 28.18 -75.39 29.55
N VAL VA 111 28.99 -74.40 29.23
CA VAL VA 111 28.48 -73.08 29.11
C VAL VA 111 27.68 -72.98 27.86
N LEU VA 112 28.12 -73.66 26.81
CA LEU VA 112 27.41 -73.64 25.54
C LEU VA 112 26.01 -74.16 25.70
N ASP VA 113 25.86 -75.19 26.51
CA ASP VA 113 24.56 -75.72 26.79
C ASP VA 113 23.73 -74.74 27.55
N ALA VA 114 24.35 -74.05 28.50
CA ALA VA 114 23.65 -73.04 29.25
C ALA VA 114 23.09 -71.96 28.34
N VAL VA 115 23.88 -71.55 27.34
CA VAL VA 115 23.42 -70.55 26.39
C VAL VA 115 22.21 -71.05 25.63
N VAL VA 116 22.28 -72.29 25.15
CA VAL VA 116 21.16 -72.88 24.43
C VAL VA 116 19.94 -73.00 25.33
N ASN VA 117 20.17 -73.28 26.61
CA ASN VA 117 19.10 -73.41 27.59
C ASN VA 117 18.40 -72.09 27.90
N ILE VA 118 18.89 -71.00 27.33
CA ILE VA 118 18.23 -69.73 27.45
C ILE VA 118 17.45 -69.44 26.23
N ILE VA 119 18.13 -69.54 25.10
CA ILE VA 119 17.54 -69.21 23.83
C ILE VA 119 16.44 -70.18 23.44
N THR VA 120 16.73 -71.47 23.56
CA THR VA 120 15.75 -72.47 23.23
C THR VA 120 15.01 -72.91 24.46
N GLY VA 121 15.72 -72.92 25.58
CA GLY VA 121 15.13 -73.34 26.83
C GLY VA 121 15.52 -74.77 27.16
N SER VA 122 16.08 -75.48 26.18
CA SER VA 122 16.45 -76.86 26.37
C SER VA 122 17.66 -77.19 25.54
N PRO VA 123 18.42 -78.22 25.94
CA PRO VA 123 19.59 -78.76 25.27
C PRO VA 123 19.22 -79.26 23.90
N THR VA 124 20.21 -79.37 23.05
CA THR VA 124 20.01 -79.85 21.70
C THR VA 124 20.14 -81.37 21.63
N GLY VA 125 20.74 -81.88 20.56
CA GLY VA 125 20.90 -83.32 20.40
C GLY VA 125 19.66 -83.95 19.82
N TYR VA 126 18.56 -83.87 20.59
CA TYR VA 126 17.28 -84.41 20.16
C TYR VA 126 16.21 -83.32 20.25
N VAL VA 127 15.18 -83.44 19.42
CA VAL VA 127 14.11 -82.45 19.39
C VAL VA 127 13.30 -82.48 20.68
N SER VA 128 13.24 -81.34 21.36
CA SER VA 128 12.50 -81.25 22.62
C SER VA 128 12.23 -79.81 23.02
N SER WA 1 15.34 -62.72 7.65
CA SER WA 1 14.18 -63.11 6.85
C SER WA 1 13.30 -61.91 6.54
N ARG WA 2 12.58 -61.99 5.41
CA ARG WA 2 11.77 -60.88 4.95
C ARG WA 2 10.39 -61.31 4.49
N SER WA 3 9.36 -60.65 5.01
CA SER WA 3 7.98 -60.87 4.59
C SER WA 3 7.72 -60.15 3.29
N TYR WA 4 6.58 -60.44 2.68
CA TYR WA 4 6.22 -59.75 1.45
C TYR WA 4 6.24 -58.26 1.61
N SER WA 5 5.63 -57.77 2.68
CA SER WA 5 5.61 -56.35 2.93
C SER WA 5 7.01 -55.78 2.85
N GLN WA 6 7.96 -56.46 3.46
CA GLN WA 6 9.33 -56.03 3.46
C GLN WA 6 9.98 -56.18 2.10
N ARG WA 7 9.67 -57.28 1.41
CA ARG WA 7 10.26 -57.52 0.10
C ARG WA 7 9.93 -56.40 -0.83
N TYR WA 8 8.66 -56.09 -0.90
CA TYR WA 8 8.17 -55.06 -1.75
C TYR WA 8 8.65 -53.71 -1.35
N ALA WA 9 8.55 -53.40 -0.07
CA ALA WA 9 8.96 -52.09 0.42
C ALA WA 9 10.33 -51.71 -0.07
N LYS WA 10 11.30 -52.57 0.14
CA LYS WA 10 12.65 -52.25 -0.25
C LYS WA 10 12.80 -52.24 -1.74
N TRP WA 11 12.13 -53.16 -2.43
CA TRP WA 11 12.18 -53.19 -3.87
C TRP WA 11 11.74 -51.88 -4.44
N GLN WA 12 10.69 -51.33 -3.87
CA GLN WA 12 10.16 -50.09 -4.33
C GLN WA 12 11.13 -48.98 -4.15
N ALA WA 13 11.76 -48.93 -2.99
CA ALA WA 13 12.70 -47.88 -2.68
C ALA WA 13 13.87 -47.89 -3.65
N LYS WA 14 14.35 -49.07 -3.98
CA LYS WA 14 15.48 -49.19 -4.87
C LYS WA 14 15.10 -48.92 -6.29
N PHE WA 15 13.90 -49.31 -6.66
CA PHE WA 15 13.42 -49.03 -8.00
C PHE WA 15 13.33 -47.54 -8.21
N ASN WA 16 12.74 -46.86 -7.23
CA ASN WA 16 12.59 -45.42 -7.29
C ASN WA 16 13.93 -44.75 -7.44
N ALA WA 17 14.89 -45.18 -6.63
CA ALA WA 17 16.22 -44.62 -6.66
C ALA WA 17 16.82 -44.74 -8.03
N PHE WA 18 16.78 -45.93 -8.59
CA PHE WA 18 17.36 -46.18 -9.89
C PHE WA 18 16.76 -45.33 -10.97
N SER WA 19 15.45 -45.10 -10.90
CA SER WA 19 14.77 -44.34 -11.96
C SER WA 19 15.27 -42.89 -12.09
N ASN WA 20 15.97 -42.40 -11.06
CA ASN WA 20 16.51 -41.05 -11.08
C ASN WA 20 17.57 -40.88 -12.17
N PRO WA 21 17.31 -40.01 -13.17
CA PRO WA 21 18.19 -39.69 -14.32
C PRO WA 21 19.67 -39.86 -14.02
N THR WA 22 20.11 -39.28 -12.91
CA THR WA 22 21.51 -39.22 -12.60
C THR WA 22 22.00 -40.50 -12.00
N VAL WA 23 21.12 -41.19 -11.33
CA VAL WA 23 21.49 -42.44 -10.72
C VAL WA 23 21.60 -43.50 -11.77
N ALA WA 24 20.61 -43.55 -12.63
CA ALA WA 24 20.62 -44.52 -13.69
C ALA WA 24 21.82 -44.33 -14.58
N SER WA 25 22.07 -43.10 -14.98
CA SER WA 25 23.16 -42.83 -15.87
C SER WA 25 24.50 -43.00 -15.23
N THR WA 26 24.59 -42.69 -13.94
CA THR WA 26 25.85 -42.89 -13.24
C THR WA 26 26.21 -44.33 -13.24
N ILE WA 27 25.29 -45.16 -12.80
CA ILE WA 27 25.56 -46.56 -12.71
C ILE WA 27 25.80 -47.18 -14.06
N LEU WA 28 24.89 -46.93 -14.98
CA LEU WA 28 24.94 -47.57 -16.28
C LEU WA 28 26.14 -47.15 -17.09
N SER WA 29 26.51 -45.88 -17.00
CA SER WA 29 27.68 -45.43 -17.73
C SER WA 29 28.95 -45.95 -17.12
N ASN WA 30 28.94 -46.19 -15.81
CA ASN WA 30 30.11 -46.73 -15.16
C ASN WA 30 30.31 -48.19 -15.48
N VAL WA 31 29.22 -48.93 -15.60
CA VAL WA 31 29.34 -50.36 -15.88
C VAL WA 31 29.24 -50.67 -17.34
N SER WA 32 29.14 -49.63 -18.16
CA SER WA 32 29.08 -49.82 -19.60
C SER WA 32 30.18 -50.75 -20.13
N PRO WA 33 31.44 -50.28 -20.24
CA PRO WA 33 32.54 -51.06 -20.80
C PRO WA 33 32.71 -52.43 -20.12
N VAL WA 34 32.29 -52.54 -18.87
CA VAL WA 34 32.38 -53.77 -18.14
C VAL WA 34 31.39 -54.76 -18.69
N ALA WA 35 30.15 -54.31 -18.84
CA ALA WA 35 29.11 -55.13 -19.38
C ALA WA 35 29.44 -55.54 -20.78
N GLN WA 36 30.05 -54.63 -21.53
CA GLN WA 36 30.42 -54.89 -22.90
C GLN WA 36 31.35 -56.05 -22.98
N GLN WA 37 32.33 -56.06 -22.08
CA GLN WA 37 33.26 -57.15 -22.01
C GLN WA 37 32.57 -58.45 -21.76
N ASN WA 38 31.67 -58.46 -20.80
CA ASN WA 38 30.99 -59.66 -20.41
C ASN WA 38 30.09 -60.19 -21.50
N PHE WA 39 29.41 -59.29 -22.19
CA PHE WA 39 28.54 -59.66 -23.27
C PHE WA 39 29.34 -60.28 -24.39
N GLN WA 40 30.41 -59.61 -24.77
CA GLN WA 40 31.27 -60.09 -25.83
C GLN WA 40 31.93 -61.40 -25.48
N THR WA 41 32.30 -61.56 -24.22
CA THR WA 41 32.99 -62.73 -23.79
C THR WA 41 32.15 -63.99 -23.87
N ASN WA 42 30.93 -63.92 -23.37
CA ASN WA 42 30.12 -65.13 -23.29
C ASN WA 42 29.10 -65.32 -24.41
N VAL WA 43 28.54 -64.25 -24.95
CA VAL WA 43 27.44 -64.43 -25.91
C VAL WA 43 27.76 -65.25 -27.17
N PRO WA 44 28.91 -65.03 -27.84
CA PRO WA 44 29.38 -65.73 -29.02
C PRO WA 44 29.38 -67.24 -28.79
N LYS WA 45 29.57 -67.65 -27.54
CA LYS WA 45 29.63 -69.06 -27.19
C LYS WA 45 28.29 -69.71 -27.41
N PHE WA 46 27.23 -68.95 -27.19
CA PHE WA 46 25.89 -69.45 -27.31
C PHE WA 46 25.34 -69.23 -28.70
N THR WA 47 25.85 -68.24 -29.39
CA THR WA 47 25.46 -68.03 -30.76
C THR WA 47 25.87 -69.20 -31.60
N SER WA 48 27.09 -69.68 -31.39
CA SER WA 48 27.57 -70.84 -32.13
C SER WA 48 26.72 -72.06 -31.87
N VAL WA 49 26.15 -72.14 -30.66
CA VAL WA 49 25.26 -73.22 -30.31
C VAL WA 49 23.98 -73.10 -31.08
N ASN WA 50 23.43 -71.91 -31.12
CA ASN WA 50 22.20 -71.67 -31.86
C ASN WA 50 22.36 -72.05 -33.28
N GLU WA 51 23.52 -71.75 -33.85
CA GLU WA 51 23.80 -72.05 -35.22
C GLU WA 51 23.90 -73.53 -35.48
N ASN WA 52 24.71 -74.22 -34.71
CA ASN WA 52 24.94 -75.62 -34.93
C ASN WA 52 23.69 -76.43 -34.64
N VAL WA 53 22.98 -76.07 -33.59
CA VAL WA 53 21.75 -76.73 -33.25
C VAL WA 53 20.72 -76.51 -34.31
N SER WA 54 20.67 -75.29 -34.84
CA SER WA 54 19.76 -74.99 -35.92
C SER WA 54 20.01 -75.90 -37.09
N ALA WA 55 21.28 -76.09 -37.44
CA ALA WA 55 21.63 -76.96 -38.55
C ALA WA 55 21.06 -78.33 -38.33
N VAL WA 56 21.21 -78.85 -37.13
CA VAL WA 56 20.68 -80.15 -36.77
C VAL WA 56 19.20 -80.21 -36.95
N LEU WA 57 18.51 -79.21 -36.44
CA LEU WA 57 17.07 -79.19 -36.48
C LEU WA 57 16.55 -79.17 -37.90
N THR WA 58 17.26 -78.50 -38.79
CA THR WA 58 16.88 -78.50 -40.18
C THR WA 58 17.03 -79.88 -40.77
N GLN WA 59 18.09 -80.59 -40.39
CA GLN WA 59 18.28 -81.98 -40.84
C GLN WA 59 17.18 -82.90 -40.32
N TYR WA 60 16.65 -82.60 -39.14
CA TYR WA 60 15.56 -83.40 -38.58
C TYR WA 60 14.17 -82.92 -38.98
N GLY WA 61 14.09 -81.90 -39.81
CA GLY WA 61 12.80 -81.44 -40.29
C GLY WA 61 12.00 -80.67 -39.26
N ILE WA 62 12.68 -80.15 -38.25
CA ILE WA 62 12.01 -79.45 -37.17
C ILE WA 62 11.74 -78.01 -37.55
N THR WA 63 10.48 -77.58 -37.42
CA THR WA 63 10.10 -76.22 -37.79
C THR WA 63 9.36 -75.50 -36.69
N GLY WA 64 9.27 -74.19 -36.82
CA GLY WA 64 8.51 -73.38 -35.91
C GLY WA 64 9.04 -73.46 -34.49
N PRO WA 65 8.16 -73.32 -33.53
CA PRO WA 65 8.39 -73.35 -32.10
C PRO WA 65 9.01 -74.64 -31.65
N ASN WA 66 8.89 -75.67 -32.47
CA ASN WA 66 9.49 -76.92 -32.12
C ASN WA 66 11.00 -76.80 -32.15
N ARG WA 67 11.50 -75.93 -33.02
CA ARG WA 67 12.92 -75.68 -33.06
C ARG WA 67 13.31 -74.99 -31.81
N ALA WA 68 12.47 -74.05 -31.39
CA ALA WA 68 12.71 -73.29 -30.17
C ALA WA 68 12.83 -74.19 -28.96
N ILE WA 69 12.05 -75.27 -28.93
CA ILE WA 69 12.14 -76.23 -27.83
C ILE WA 69 13.51 -76.79 -27.72
N TYR WA 70 14.03 -77.27 -28.84
CA TYR WA 70 15.32 -77.91 -28.84
C TYR WA 70 16.44 -76.91 -28.67
N GLN WA 71 16.24 -75.69 -29.16
CA GLN WA 71 17.22 -74.65 -29.00
C GLN WA 71 17.38 -74.32 -27.54
N GLY WA 72 16.26 -74.25 -26.81
CA GLY WA 72 16.30 -73.99 -25.38
C GLY WA 72 17.08 -75.05 -24.65
N PHE WA 73 16.81 -76.29 -25.01
CA PHE WA 73 17.52 -77.41 -24.44
C PHE WA 73 19.02 -77.28 -24.67
N GLY WA 74 19.41 -77.04 -25.91
CA GLY WA 74 20.82 -76.90 -26.26
C GLY WA 74 21.49 -75.78 -25.48
N LEU WA 75 20.81 -74.65 -25.39
CA LEU WA 75 21.34 -73.52 -24.69
C LEU WA 75 21.58 -73.84 -23.22
N LYS WA 76 20.66 -74.60 -22.64
CA LYS WA 76 20.80 -75.01 -21.27
C LYS WA 76 22.01 -75.90 -21.06
N VAL WA 77 22.25 -76.80 -22.01
CA VAL WA 77 23.41 -77.66 -21.92
C VAL WA 77 24.67 -76.84 -21.88
N ALA WA 78 24.75 -75.86 -22.78
CA ALA WA 78 25.90 -74.98 -22.87
C ALA WA 78 26.07 -74.16 -21.60
N ARG WA 79 24.95 -73.70 -21.03
CA ARG WA 79 25.01 -72.92 -19.81
C ARG WA 79 25.67 -73.67 -18.71
N ALA WA 80 25.24 -74.90 -18.49
CA ALA WA 80 25.81 -75.75 -17.47
C ALA WA 80 27.28 -75.98 -17.74
N LEU WA 81 27.61 -76.18 -18.99
CA LEU WA 81 28.98 -76.38 -19.36
C LEU WA 81 29.82 -75.20 -18.91
N ASN WA 82 29.37 -74.00 -19.19
CA ASN WA 82 30.12 -72.81 -18.79
C ASN WA 82 30.25 -72.65 -17.28
N ARG WA 83 29.17 -72.96 -16.54
CA ARG WA 83 29.18 -72.71 -15.10
C ARG WA 83 29.65 -73.92 -14.28
N ILE WA 84 29.72 -75.08 -14.92
CA ILE WA 84 30.19 -76.31 -14.25
C ILE WA 84 31.46 -76.85 -14.85
N GLY WA 85 31.47 -76.94 -16.18
CA GLY WA 85 32.59 -77.55 -16.88
C GLY WA 85 32.26 -78.98 -17.21
N SER WA 86 33.00 -79.56 -18.15
CA SER WA 86 32.73 -80.93 -18.58
C SER WA 86 33.10 -81.93 -17.51
N GLY WA 87 32.58 -83.14 -17.63
CA GLY WA 87 32.86 -84.20 -16.68
C GLY WA 87 31.61 -84.58 -15.90
N PRO WA 88 31.78 -85.49 -14.95
CA PRO WA 88 30.76 -86.06 -14.04
C PRO WA 88 29.57 -85.14 -13.79
N ALA WA 89 29.82 -83.97 -13.22
CA ALA WA 89 28.74 -83.07 -12.87
C ALA WA 89 27.89 -82.69 -14.07
N LEU WA 90 28.52 -82.51 -15.22
CA LEU WA 90 27.80 -82.16 -16.43
C LEU WA 90 26.92 -83.30 -16.82
N VAL WA 91 27.46 -84.50 -16.73
CA VAL WA 91 26.70 -85.70 -17.04
C VAL WA 91 25.44 -85.77 -16.19
N ASN WA 92 25.61 -85.52 -14.90
CA ASN WA 92 24.49 -85.53 -13.98
C ASN WA 92 23.45 -84.53 -14.39
N MET WA 93 23.92 -83.34 -14.78
CA MET WA 93 23.06 -82.29 -15.23
C MET WA 93 22.26 -82.66 -16.44
N ILE WA 94 22.94 -83.15 -17.47
CA ILE WA 94 22.29 -83.44 -18.73
C ILE WA 94 21.24 -84.50 -18.58
N ASN WA 95 21.53 -85.52 -17.79
CA ASN WA 95 20.55 -86.58 -17.56
C ASN WA 95 19.26 -86.01 -17.03
N GLY WA 96 19.35 -85.14 -16.03
CA GLY WA 96 18.17 -84.53 -15.46
C GLY WA 96 17.50 -83.61 -16.45
N LEU WA 97 18.31 -82.84 -17.17
CA LEU WA 97 17.81 -81.93 -18.16
C LEU WA 97 17.00 -82.60 -19.23
N LYS WA 98 17.51 -83.72 -19.73
CA LYS WA 98 16.78 -84.47 -20.71
C LYS WA 98 15.46 -84.91 -20.16
N GLY WA 99 15.46 -85.42 -18.92
CA GLY WA 99 14.22 -85.83 -18.28
C GLY WA 99 13.23 -84.67 -18.25
N TYR WA 100 13.73 -83.50 -17.92
CA TYR WA 100 12.93 -82.29 -17.87
C TYR WA 100 12.23 -82.05 -19.18
N TYR WA 101 12.99 -81.96 -20.26
CA TYR WA 101 12.39 -81.66 -21.55
C TYR WA 101 11.56 -82.78 -22.13
N ILE WA 102 12.01 -84.00 -21.97
CA ILE WA 102 11.30 -85.13 -22.52
C ILE WA 102 9.93 -85.25 -21.95
N SER WA 103 9.82 -85.16 -20.63
CA SER WA 103 8.55 -85.39 -19.99
C SER WA 103 7.74 -84.13 -19.72
N ALA WA 104 8.40 -82.99 -19.56
CA ALA WA 104 7.65 -81.77 -19.28
C ALA WA 104 7.16 -81.14 -20.54
N PHE WA 105 7.95 -81.21 -21.62
CA PHE WA 105 7.59 -80.56 -22.86
C PHE WA 105 7.39 -81.52 -24.00
N ASN WA 106 7.48 -82.81 -23.69
CA ASN WA 106 7.31 -83.85 -24.70
C ASN WA 106 8.33 -83.73 -25.82
N ALA WA 107 9.56 -83.37 -25.47
CA ALA WA 107 10.62 -83.28 -26.45
C ALA WA 107 11.06 -84.68 -26.86
N ASN WA 108 11.46 -84.83 -28.11
CA ASN WA 108 11.85 -86.14 -28.64
C ASN WA 108 13.27 -86.54 -28.28
N PRO WA 109 13.43 -87.40 -27.25
CA PRO WA 109 14.71 -87.96 -26.75
C PRO WA 109 15.78 -88.09 -27.82
N GLN WA 110 15.41 -88.64 -28.98
CA GLN WA 110 16.37 -88.89 -30.04
C GLN WA 110 16.96 -87.60 -30.58
N VAL WA 111 16.11 -86.61 -30.78
CA VAL WA 111 16.57 -85.34 -31.28
C VAL WA 111 17.38 -84.65 -30.21
N LEU WA 112 16.97 -84.81 -28.95
CA LEU WA 112 17.68 -84.20 -27.85
C LEU WA 112 19.10 -84.72 -27.79
N ASP WA 113 19.27 -86.00 -28.04
CA ASP WA 113 20.58 -86.59 -28.08
C ASP WA 113 21.39 -86.06 -29.23
N ALA WA 114 20.72 -85.79 -30.35
CA ALA WA 114 21.39 -85.18 -31.48
C ALA WA 114 21.94 -83.81 -31.12
N VAL WA 115 21.18 -83.06 -30.32
CA VAL WA 115 21.64 -81.74 -29.86
C VAL WA 115 22.86 -81.88 -28.99
N VAL WA 116 22.80 -82.81 -28.03
CA VAL WA 116 23.93 -83.04 -27.13
C VAL WA 116 25.16 -83.48 -27.93
N ASN WA 117 24.92 -84.32 -28.94
CA ASN WA 117 25.98 -84.80 -29.82
C ASN WA 117 26.75 -83.70 -30.53
N ILE WA 118 26.22 -82.49 -30.53
CA ILE WA 118 26.91 -81.39 -31.14
C ILE WA 118 27.63 -80.57 -30.11
N ILE WA 119 26.91 -80.19 -29.08
CA ILE WA 119 27.45 -79.33 -28.05
C ILE WA 119 28.57 -80.01 -27.28
N THR WA 120 28.34 -81.26 -26.89
CA THR WA 120 29.34 -82.01 -26.17
C THR WA 120 30.17 -82.82 -27.13
N GLY WA 121 29.55 -83.22 -28.22
CA GLY WA 121 30.22 -84.02 -29.22
C GLY WA 121 29.73 -85.45 -29.19
N SER WA 122 28.99 -85.79 -28.14
CA SER WA 122 28.43 -87.11 -27.98
C SER WA 122 27.34 -87.08 -26.94
N PRO WA 123 26.46 -88.07 -26.93
CA PRO WA 123 25.43 -88.27 -25.96
C PRO WA 123 26.10 -88.45 -24.61
N THR WA 124 25.37 -88.19 -23.54
CA THR WA 124 25.99 -88.17 -22.24
C THR WA 124 26.03 -89.54 -21.61
N GLY WA 125 25.87 -89.60 -20.28
CA GLY WA 125 25.96 -90.87 -19.56
C GLY WA 125 27.42 -91.23 -19.32
N TYR WA 126 28.14 -91.44 -20.41
CA TYR WA 126 29.54 -91.71 -20.38
C TYR WA 126 30.29 -90.45 -20.78
N VAL WA 127 31.45 -90.25 -20.19
CA VAL WA 127 32.25 -89.09 -20.54
C VAL WA 127 33.18 -89.41 -21.69
N SER WA 128 32.96 -88.76 -22.82
CA SER WA 128 33.78 -88.98 -24.00
C SER WA 128 33.49 -87.92 -25.06
N SER XA 1 16.96 -64.15 -37.77
CA SER XA 1 18.22 -64.67 -38.27
C SER XA 1 19.34 -63.67 -38.13
N ARG XA 2 20.15 -63.84 -37.09
CA ARG XA 2 21.26 -62.91 -36.83
C ARG XA 2 22.50 -63.62 -36.29
N SER XA 3 23.67 -63.14 -36.68
CA SER XA 3 24.94 -63.62 -36.14
C SER XA 3 25.16 -62.98 -34.81
N TYR XA 4 26.18 -63.42 -34.08
CA TYR XA 4 26.39 -62.83 -32.78
C TYR XA 4 26.86 -61.41 -32.95
N SER XA 5 27.53 -61.15 -34.06
CA SER XA 5 28.06 -59.84 -34.29
C SER XA 5 26.95 -58.86 -34.46
N GLN XA 6 25.86 -59.31 -35.05
CA GLN XA 6 24.68 -58.50 -35.20
C GLN XA 6 23.95 -58.37 -33.89
N ARG XA 7 23.89 -59.47 -33.14
CA ARG XA 7 23.24 -59.45 -31.84
C ARG XA 7 23.90 -58.45 -30.95
N TYR XA 8 25.22 -58.49 -30.91
CA TYR XA 8 26.00 -57.59 -30.13
C TYR XA 8 25.87 -56.18 -30.61
N ALA XA 9 26.05 -55.98 -31.91
CA ALA XA 9 25.99 -54.63 -32.45
C ALA XA 9 24.77 -53.90 -32.00
N LYS XA 10 23.60 -54.50 -32.18
CA LYS XA 10 22.38 -53.85 -31.81
C LYS XA 10 22.26 -53.74 -30.32
N TRP XA 11 22.65 -54.78 -29.59
CA TRP XA 11 22.60 -54.75 -28.15
C TRP XA 11 23.39 -53.59 -27.61
N GLN XA 12 24.54 -53.36 -28.20
CA GLN XA 12 25.39 -52.29 -27.78
C GLN XA 12 24.73 -50.96 -27.99
N ALA XA 13 24.14 -50.79 -29.16
CA ALA XA 13 23.47 -49.54 -29.47
C ALA XA 13 22.35 -49.25 -28.52
N LYS XA 14 21.59 -50.27 -28.17
CA LYS XA 14 20.47 -50.09 -27.29
C LYS XA 14 20.90 -49.90 -25.86
N PHE XA 15 21.98 -50.55 -25.47
CA PHE XA 15 22.48 -50.35 -24.14
C PHE XA 15 22.94 -48.92 -23.98
N ASN XA 16 23.66 -48.43 -24.98
CA ASN XA 16 24.14 -47.06 -24.98
C ASN XA 16 23.00 -46.11 -24.84
N ALA XA 17 21.96 -46.32 -25.65
CA ALA XA 17 20.80 -45.47 -25.63
C ALA XA 17 20.20 -45.40 -24.25
N PHE XA 18 19.95 -46.56 -23.67
CA PHE XA 18 19.33 -46.64 -22.37
C PHE XA 18 20.12 -45.93 -21.31
N SER XA 19 21.45 -46.01 -21.38
CA SER XA 19 22.29 -45.42 -20.34
C SER XA 19 22.18 -43.89 -20.28
N ASN XA 20 21.62 -43.27 -21.32
CA ASN XA 20 21.45 -41.82 -21.36
C ASN XA 20 20.46 -41.35 -20.32
N PRO XA 21 20.91 -40.54 -19.33
CA PRO XA 21 20.11 -39.96 -18.23
C PRO XA 21 18.65 -39.74 -18.60
N THR XA 22 18.43 -39.11 -19.74
CA THR XA 22 17.10 -38.77 -20.17
C THR XA 22 16.33 -39.99 -20.57
N VAL XA 23 16.95 -40.85 -21.34
CA VAL XA 23 16.29 -42.04 -21.81
C VAL XA 23 15.96 -42.96 -20.67
N ALA XA 24 16.92 -43.14 -19.79
CA ALA XA 24 16.72 -44.02 -18.66
C ALA XA 24 15.57 -43.56 -17.81
N SER XA 25 15.58 -42.28 -17.44
CA SER XA 25 14.56 -41.76 -16.57
C SER XA 25 13.23 -41.64 -17.25
N THR XA 26 13.24 -41.37 -18.54
CA THR XA 26 11.99 -41.28 -19.27
C THR XA 26 11.27 -42.58 -19.22
N ILE XA 27 11.95 -43.63 -19.61
CA ILE XA 27 11.33 -44.93 -19.65
C ILE XA 27 10.95 -45.39 -18.27
N LEU XA 28 11.90 -45.33 -17.35
CA LEU XA 28 11.71 -45.88 -16.03
C LEU XA 28 10.65 -45.16 -15.24
N SER XA 29 10.59 -43.84 -15.39
CA SER XA 29 9.58 -43.08 -14.68
C SER XA 29 8.21 -43.31 -15.28
N ASN XA 30 8.15 -43.61 -16.57
CA ASN XA 30 6.88 -43.88 -17.20
C ASN XA 30 6.34 -45.23 -16.84
N VAL XA 31 7.23 -46.22 -16.67
CA VAL XA 31 6.78 -47.56 -16.34
C VAL XA 31 6.79 -47.82 -14.87
N SER XA 32 7.14 -46.80 -14.08
CA SER XA 32 7.14 -46.93 -12.64
C SER XA 32 5.86 -47.56 -12.09
N PRO XA 33 4.73 -46.79 -12.00
CA PRO XA 33 3.47 -47.28 -11.44
C PRO XA 33 2.99 -48.59 -12.08
N VAL XA 34 3.38 -48.83 -13.33
CA VAL XA 34 3.01 -50.04 -14.02
C VAL XA 34 3.74 -51.20 -13.43
N ALA XA 35 5.04 -51.02 -13.25
CA ALA XA 35 5.89 -52.01 -12.64
C ALA XA 35 5.42 -52.34 -11.27
N GLN XA 36 4.99 -51.31 -10.54
CA GLN XA 36 4.53 -51.48 -9.20
C GLN XA 36 3.35 -52.40 -9.16
N GLN XA 37 2.44 -52.22 -10.09
CA GLN XA 37 1.28 -53.07 -10.17
C GLN XA 37 1.66 -54.50 -10.43
N ASN XA 38 2.58 -54.68 -11.37
CA ASN XA 38 2.97 -56.02 -11.77
C ASN XA 38 3.70 -56.74 -10.65
N PHE XA 39 4.55 -56.01 -9.95
CA PHE XA 39 5.28 -56.56 -8.83
C PHE XA 39 4.32 -56.95 -7.73
N GLN XA 40 3.43 -56.05 -7.39
CA GLN XA 40 2.47 -56.29 -6.34
C GLN XA 40 1.59 -57.46 -6.65
N THR XA 41 1.22 -57.60 -7.91
CA THR XA 41 0.30 -58.63 -8.31
C THR XA 41 0.91 -60.03 -8.21
N ASN XA 42 2.08 -60.24 -8.82
CA ASN XA 42 2.61 -61.59 -8.90
C ASN XA 42 3.58 -61.99 -7.81
N VAL XA 43 4.16 -61.05 -7.08
CA VAL XA 43 5.17 -61.43 -6.09
C VAL XA 43 4.67 -62.09 -4.79
N PRO XA 44 3.70 -61.50 -4.06
CA PRO XA 44 3.20 -62.04 -2.80
C PRO XA 44 2.73 -63.50 -2.95
N LYS XA 45 2.40 -63.90 -4.18
CA LYS XA 45 2.00 -65.24 -4.49
C LYS XA 45 3.11 -66.22 -4.17
N PHE XA 46 4.34 -65.82 -4.43
CA PHE XA 46 5.49 -66.66 -4.22
C PHE XA 46 6.03 -66.49 -2.83
N THR XA 47 5.80 -65.34 -2.23
CA THR XA 47 6.23 -65.13 -0.87
C THR XA 47 5.52 -66.09 0.05
N SER XA 48 4.22 -66.27 -0.16
CA SER XA 48 3.44 -67.20 0.64
C SER XA 48 3.95 -68.62 0.48
N VAL XA 49 4.46 -68.93 -0.72
CA VAL XA 49 5.03 -70.23 -0.97
C VAL XA 49 6.25 -70.41 -0.14
N ASN XA 50 7.10 -69.39 -0.11
CA ASN XA 50 8.32 -69.45 0.64
C ASN XA 50 8.07 -69.71 2.10
N GLU XA 51 7.05 -69.08 2.67
CA GLU XA 51 6.77 -69.32 4.09
C GLU XA 51 6.39 -70.76 4.35
N ASN XA 52 5.42 -71.27 3.59
CA ASN XA 52 4.95 -72.63 3.82
C ASN XA 52 6.01 -73.67 3.50
N VAL XA 53 6.69 -73.50 2.38
CA VAL XA 53 7.72 -74.43 1.98
C VAL XA 53 8.84 -74.46 2.98
N SER XA 54 9.23 -73.29 3.44
CA SER XA 54 10.28 -73.19 4.42
C SER XA 54 9.90 -73.95 5.67
N ALA XA 55 8.66 -73.78 6.11
CA ALA XA 55 8.18 -74.47 7.30
C ALA XA 55 8.32 -75.97 7.14
N VAL XA 56 7.95 -76.47 5.98
CA VAL XA 56 8.09 -77.88 5.69
C VAL XA 56 9.51 -78.34 5.77
N LEU XA 57 10.40 -77.58 5.19
CA LEU XA 57 11.80 -77.94 5.18
C LEU XA 57 12.35 -78.01 6.58
N THR XA 58 11.88 -77.15 7.47
CA THR XA 58 12.27 -77.22 8.85
C THR XA 58 11.78 -78.51 9.50
N GLN XA 59 10.55 -78.90 9.18
CA GLN XA 59 10.01 -80.16 9.69
C GLN XA 59 10.77 -81.38 9.13
N TYR XA 60 11.33 -81.25 7.94
CA TYR XA 60 12.16 -82.32 7.37
C TYR XA 60 13.63 -82.22 7.75
N GLY XA 61 14.00 -81.25 8.56
CA GLY XA 61 15.38 -81.14 9.03
C GLY XA 61 16.34 -80.61 7.97
N ILE XA 62 15.81 -79.96 6.95
CA ILE XA 62 16.63 -79.47 5.85
C ILE XA 62 17.25 -78.14 6.19
N THR XA 63 18.57 -78.03 6.03
CA THR XA 63 19.27 -76.81 6.37
C THR XA 63 20.16 -76.31 5.25
N GLY XA 64 20.55 -75.04 5.35
CA GLY XA 64 21.48 -74.45 4.42
C GLY XA 64 20.94 -74.43 3.01
N PRO XA 65 21.83 -74.53 2.05
CA PRO XA 65 21.59 -74.52 0.62
C PRO XA 65 20.70 -75.64 0.20
N ASN XA 66 20.56 -76.66 1.03
CA ASN XA 66 19.68 -77.73 0.71
C ASN XA 66 18.26 -77.25 0.73
N ARG XA 67 17.98 -76.27 1.59
CA ARG XA 67 16.66 -75.69 1.64
C ARG XA 67 16.43 -74.96 0.36
N ALA XA 68 17.47 -74.25 -0.08
CA ALA XA 68 17.40 -73.47 -1.30
C ALA XA 68 17.10 -74.34 -2.51
N ILE XA 69 17.60 -75.57 -2.50
CA ILE XA 69 17.28 -76.49 -3.59
C ILE XA 69 15.81 -76.67 -3.70
N TYR XA 70 15.17 -76.93 -2.57
CA TYR XA 70 13.76 -77.18 -2.55
C TYR XA 70 12.96 -75.91 -2.74
N GLN XA 71 13.51 -74.78 -2.32
CA GLN XA 71 12.85 -73.51 -2.53
C GLN XA 71 12.79 -73.22 -4.00
N GLY XA 72 13.88 -73.47 -4.71
CA GLY XA 72 13.93 -73.27 -6.15
C GLY XA 72 12.91 -74.14 -6.83
N PHE XA 73 12.86 -75.40 -6.43
CA PHE XA 73 11.89 -76.32 -6.96
C PHE XA 73 10.47 -75.84 -6.75
N GLY XA 74 10.14 -75.50 -5.51
CA GLY XA 74 8.80 -75.07 -5.16
C GLY XA 74 8.39 -73.84 -5.92
N LEU XA 75 9.28 -72.87 -6.00
CA LEU XA 75 9.00 -71.64 -6.70
C LEU XA 75 8.72 -71.90 -8.17
N LYS XA 76 9.48 -72.82 -8.74
CA LYS XA 76 9.30 -73.16 -10.14
C LYS XA 76 7.97 -73.87 -10.36
N VAL XA 77 7.55 -74.68 -9.40
CA VAL XA 77 6.24 -75.31 -9.47
C VAL XA 77 5.16 -74.26 -9.50
N ALA XA 78 5.26 -73.29 -8.60
CA ALA XA 78 4.29 -72.22 -8.52
C ALA XA 78 4.28 -71.39 -9.79
N ARG XA 79 5.45 -71.14 -10.37
CA ARG XA 79 5.54 -70.44 -11.62
C ARG XA 79 4.68 -71.06 -12.68
N ALA XA 80 4.86 -72.37 -12.87
CA ALA XA 80 4.11 -73.11 -13.85
C ALA XA 80 2.63 -73.02 -13.57
N LEU XA 81 2.27 -73.09 -12.30
CA LEU XA 81 0.90 -72.97 -11.94
C LEU XA 81 0.33 -71.65 -12.44
N ASN XA 82 1.04 -70.56 -12.23
CA ASN XA 82 0.55 -69.27 -12.70
C ASN XA 82 0.44 -69.17 -14.22
N ARG XA 83 1.44 -69.65 -14.93
CA ARG XA 83 1.48 -69.48 -16.39
C ARG XA 83 0.67 -70.54 -17.14
N ILE XA 84 0.49 -71.71 -16.52
CA ILE XA 84 -0.27 -72.80 -17.14
C ILE XA 84 -1.65 -72.95 -16.50
N GLY XA 85 -1.67 -73.01 -15.18
CA GLY XA 85 -2.91 -73.27 -14.46
C GLY XA 85 -2.98 -74.73 -14.10
N SER XA 86 -3.82 -75.07 -13.14
CA SER XA 86 -3.89 -76.46 -12.69
C SER XA 86 -4.52 -77.34 -13.74
N GLY XA 87 -4.29 -78.64 -13.64
CA GLY XA 87 -4.82 -79.59 -14.59
C GLY XA 87 -3.70 -80.31 -15.33
N PRO XA 88 -4.07 -81.19 -16.25
CA PRO XA 88 -3.23 -82.03 -17.10
C PRO XA 88 -1.85 -81.45 -17.36
N ALA XA 89 -1.80 -80.30 -18.04
CA ALA XA 89 -0.53 -79.71 -18.43
C ALA XA 89 0.37 -79.44 -17.25
N LEU XA 90 -0.21 -79.04 -16.14
CA LEU XA 90 0.59 -78.76 -14.96
C LEU XA 90 1.21 -80.01 -14.47
N VAL XA 91 0.42 -81.07 -14.44
CA VAL XA 91 0.91 -82.35 -14.01
C VAL XA 91 2.07 -82.80 -14.89
N ASN XA 92 1.91 -82.63 -16.20
CA ASN XA 92 2.96 -82.97 -17.14
C ASN XA 92 4.23 -82.22 -16.80
N MET XA 93 4.08 -80.93 -16.51
CA MET XA 93 5.18 -80.10 -16.13
C MET XA 93 5.85 -80.58 -14.88
N ILE XA 94 5.07 -80.81 -13.84
CA ILE XA 94 5.61 -81.17 -12.56
C ILE XA 94 6.35 -82.47 -12.62
N ASN XA 95 5.82 -83.43 -13.37
CA ASN XA 95 6.49 -84.71 -13.50
C ASN XA 95 7.90 -84.55 -14.03
N GLY XA 96 8.05 -83.73 -15.07
CA GLY XA 96 9.36 -83.48 -15.64
C GLY XA 96 10.24 -82.70 -14.70
N LEU XA 97 9.65 -81.70 -14.06
CA LEU XA 97 10.37 -80.87 -13.12
C LEU XA 97 10.90 -81.64 -11.95
N LYS XA 98 10.06 -82.48 -11.38
CA LYS XA 98 10.47 -83.30 -10.27
C LYS XA 98 11.65 -84.16 -10.65
N GLY XA 99 11.51 -84.91 -11.75
CA GLY XA 99 12.58 -85.80 -12.20
C GLY XA 99 13.86 -85.02 -12.44
N TYR XA 100 13.71 -83.83 -13.03
CA TYR XA 100 14.80 -82.93 -13.28
C TYR XA 100 15.60 -82.66 -12.04
N TYR XA 101 14.94 -82.20 -10.99
CA TYR XA 101 15.63 -81.92 -9.75
C TYR XA 101 16.22 -83.15 -9.09
N ILE XA 102 15.51 -84.26 -9.16
CA ILE XA 102 15.99 -85.47 -8.53
C ILE XA 102 17.33 -85.89 -9.08
N SER XA 103 17.45 -85.91 -10.38
CA SER XA 103 18.66 -86.42 -10.99
C SER XA 103 19.68 -85.33 -11.32
N ALA XA 104 19.22 -84.13 -11.60
CA ALA XA 104 20.16 -83.06 -11.92
C ALA XA 104 20.84 -82.53 -10.70
N PHE XA 105 20.10 -82.41 -9.60
CA PHE XA 105 20.64 -81.82 -8.40
C PHE XA 105 20.62 -82.75 -7.21
N ASN XA 106 20.27 -84.00 -7.45
CA ASN XA 106 20.21 -84.98 -6.38
C ASN XA 106 19.21 -84.58 -5.31
N ALA XA 107 18.09 -83.98 -5.72
CA ALA XA 107 17.07 -83.60 -4.78
C ALA XA 107 16.33 -84.84 -4.31
N ASN XA 108 15.93 -84.83 -3.04
CA ASN XA 108 15.29 -85.99 -2.43
C ASN XA 108 13.78 -86.04 -2.70
N PRO XA 109 13.33 -86.92 -3.61
CA PRO XA 109 11.93 -87.20 -3.98
C PRO XA 109 10.94 -86.97 -2.85
N GLN XA 110 11.29 -87.43 -1.65
CA GLN XA 110 10.40 -87.32 -0.50
C GLN XA 110 10.10 -85.89 -0.16
N VAL XA 111 11.15 -85.08 -0.10
CA VAL XA 111 10.96 -83.71 0.24
C VAL XA 111 10.30 -83.00 -0.91
N LEU XA 112 10.67 -83.39 -2.13
CA LEU XA 112 10.10 -82.77 -3.31
C LEU XA 112 8.61 -82.94 -3.33
N ASP XA 113 8.16 -84.12 -2.94
CA ASP XA 113 6.75 -84.39 -2.86
C ASP XA 113 6.10 -83.55 -1.81
N ALA XA 114 6.78 -83.38 -0.69
CA ALA XA 114 6.26 -82.56 0.38
C ALA XA 114 6.04 -81.14 -0.11
N VAL XA 115 6.98 -80.62 -0.90
CA VAL XA 115 6.84 -79.28 -1.45
C VAL XA 115 5.63 -79.18 -2.34
N VAL XA 116 5.45 -80.16 -3.21
CA VAL XA 116 4.30 -80.19 -4.10
C VAL XA 116 3.01 -80.30 -3.30
N ASN XA 117 3.06 -81.04 -2.20
CA ASN XA 117 1.91 -81.24 -1.33
C ASN XA 117 1.50 -79.97 -0.59
N ILE XA 118 2.26 -78.90 -0.74
CA ILE XA 118 1.91 -77.64 -0.18
C ILE XA 118 1.33 -76.77 -1.23
N ILE XA 119 2.05 -76.64 -2.32
CA ILE XA 119 1.66 -75.78 -3.41
C ILE XA 119 0.41 -76.26 -4.11
N THR XA 120 0.39 -77.55 -4.45
CA THR XA 120 -0.77 -78.12 -5.11
C THR XA 120 -1.67 -78.74 -4.10
N GLY XA 121 -1.09 -79.30 -3.07
CA GLY XA 121 -1.86 -79.96 -2.03
C GLY XA 121 -1.82 -81.47 -2.22
N SER XA 122 -1.37 -81.92 -3.37
CA SER XA 122 -1.33 -83.33 -3.68
C SER XA 122 -0.16 -83.65 -4.58
N PRO XA 123 0.31 -84.90 -4.55
CA PRO XA 123 1.37 -85.45 -5.36
C PRO XA 123 1.02 -85.36 -6.82
N THR XA 124 2.04 -85.41 -7.66
CA THR XA 124 1.84 -85.35 -9.09
C THR XA 124 1.64 -86.73 -9.68
N GLY XA 125 2.20 -86.98 -10.86
CA GLY XA 125 2.06 -88.28 -11.50
C GLY XA 125 0.75 -88.35 -12.27
N TYR XA 126 -0.36 -88.28 -11.54
CA TYR XA 126 -1.69 -88.31 -12.11
C TYR XA 126 -2.50 -87.09 -11.66
N VAL XA 127 -3.44 -86.68 -12.49
CA VAL XA 127 -4.26 -85.51 -12.18
C VAL XA 127 -5.16 -85.77 -10.98
N SER XA 128 -5.03 -84.96 -9.95
CA SER XA 128 -5.84 -85.12 -8.74
C SER XA 128 -5.81 -83.88 -7.85
N SER YA 1 2.39 -63.90 -16.32
CA SER YA 1 1.24 -63.70 -17.21
C SER YA 1 0.69 -62.29 -17.10
N ARG YA 2 0.07 -61.82 -18.18
CA ARG YA 2 -0.44 -60.45 -18.22
C ARG YA 2 -1.83 -60.35 -18.82
N SER YA 3 -2.72 -59.68 -18.10
CA SER YA 3 -4.07 -59.41 -18.57
C SER YA 3 -4.06 -58.26 -19.55
N TYR YA 4 -5.16 -58.03 -20.23
CA TYR YA 4 -5.26 -56.90 -21.14
C TYR YA 4 -4.91 -55.62 -20.47
N SER YA 5 -5.49 -55.38 -19.29
CA SER YA 5 -5.21 -54.17 -18.56
C SER YA 5 -3.72 -53.95 -18.44
N GLN YA 6 -3.01 -55.02 -18.10
CA GLN YA 6 -1.58 -54.96 -17.95
C GLN YA 6 -0.86 -54.78 -19.28
N ARG YA 7 -1.35 -55.47 -20.31
CA ARG YA 7 -0.73 -55.40 -21.62
C ARG YA 7 -0.70 -53.99 -22.10
N TYR YA 8 -1.86 -53.37 -22.07
CA TYR YA 8 -2.03 -52.03 -22.51
C TYR YA 8 -1.30 -51.05 -21.65
N ALA YA 9 -1.43 -51.18 -20.35
CA ALA YA 9 -0.80 -50.26 -19.44
C ALA YA 9 0.67 -50.07 -19.75
N LYS YA 10 1.40 -51.16 -19.86
CA LYS YA 10 2.82 -51.06 -20.10
C LYS YA 10 3.09 -50.59 -21.50
N TRP YA 11 2.29 -51.04 -22.47
CA TRP YA 11 2.45 -50.58 -23.84
C TRP YA 11 2.38 -49.09 -23.91
N GLN YA 12 1.43 -48.53 -23.19
CA GLN YA 12 1.23 -47.12 -23.20
C GLN YA 12 2.41 -46.40 -22.63
N ALA YA 13 2.94 -46.90 -21.52
CA ALA YA 13 4.07 -46.28 -20.87
C ALA YA 13 5.27 -46.24 -21.78
N LYS YA 14 5.50 -47.32 -22.50
CA LYS YA 14 6.65 -47.39 -23.37
C LYS YA 14 6.46 -46.58 -24.60
N PHE YA 15 5.24 -46.53 -25.09
CA PHE YA 15 4.96 -45.71 -26.25
C PHE YA 15 5.22 -44.26 -25.94
N ASN YA 16 4.73 -43.82 -24.78
CA ASN YA 16 4.91 -42.46 -24.34
C ASN YA 16 6.37 -42.12 -24.25
N ALA YA 17 7.13 -43.02 -23.63
CA ALA YA 17 8.55 -42.81 -23.45
C ALA YA 17 9.23 -42.60 -24.78
N PHE YA 18 8.97 -43.50 -25.72
CA PHE YA 18 9.58 -43.43 -27.02
C PHE YA 18 9.29 -42.14 -27.74
N SER YA 19 8.07 -41.63 -27.60
CA SER YA 19 7.67 -40.43 -28.33
C SER YA 19 8.49 -39.19 -27.95
N ASN YA 20 9.18 -39.26 -26.81
CA ASN YA 20 10.02 -38.15 -26.36
C ASN YA 20 11.18 -37.89 -27.32
N PRO YA 21 11.21 -36.70 -27.96
CA PRO YA 21 12.24 -36.23 -28.92
C PRO YA 21 13.61 -36.83 -28.69
N THR YA 22 14.07 -36.79 -27.44
CA THR YA 22 15.42 -37.18 -27.14
C THR YA 22 15.55 -38.66 -27.02
N VAL YA 23 14.48 -39.31 -26.63
CA VAL YA 23 14.51 -40.73 -26.49
C VAL YA 23 14.46 -41.38 -27.83
N ALA YA 24 13.57 -40.90 -28.68
CA ALA YA 24 13.45 -41.42 -30.01
C ALA YA 24 14.74 -41.24 -30.77
N SER YA 25 15.29 -40.04 -30.71
CA SER YA 25 16.49 -39.77 -31.46
C SER YA 25 17.69 -40.45 -30.90
N THR YA 26 17.74 -40.62 -29.59
CA THR YA 26 18.85 -41.35 -29.00
C THR YA 26 18.88 -42.75 -29.50
N ILE YA 27 17.77 -43.43 -29.38
CA ILE YA 27 17.70 -44.80 -29.78
C ILE YA 27 17.91 -44.96 -31.26
N LEU YA 28 17.17 -44.22 -32.04
CA LEU YA 28 17.18 -44.37 -33.48
C LEU YA 28 18.51 -44.00 -34.09
N SER YA 29 19.15 -42.97 -33.56
CA SER YA 29 20.44 -42.58 -34.09
C SER YA 29 21.52 -43.58 -33.69
N ASN YA 30 21.34 -44.23 -32.55
CA ASN YA 30 22.30 -45.23 -32.12
C ASN YA 30 22.19 -46.50 -32.92
N VAL YA 31 20.98 -46.87 -33.31
CA VAL YA 31 20.79 -48.11 -34.06
C VAL YA 31 20.75 -47.87 -35.53
N SER YA 32 20.96 -46.62 -35.95
CA SER YA 32 20.98 -46.29 -37.36
C SER YA 32 21.88 -47.23 -38.17
N PRO YA 33 23.22 -47.06 -38.11
CA PRO YA 33 24.16 -47.86 -38.91
C PRO YA 33 23.96 -49.38 -38.74
N VAL YA 34 23.42 -49.79 -37.60
CA VAL YA 34 23.17 -51.18 -37.35
C VAL YA 34 22.03 -51.65 -38.22
N ALA YA 35 20.95 -50.90 -38.19
CA ALA YA 35 19.79 -51.21 -39.00
C ALA YA 35 20.15 -51.20 -40.45
N GLN YA 36 21.01 -50.26 -40.83
CA GLN YA 36 21.43 -50.13 -42.21
C GLN YA 36 22.07 -51.38 -42.68
N GLN YA 37 22.94 -51.93 -41.85
CA GLN YA 37 23.60 -53.16 -42.15
C GLN YA 37 22.61 -54.27 -42.37
N ASN YA 38 21.65 -54.38 -41.48
CA ASN YA 38 20.68 -55.45 -41.53
C ASN YA 38 19.79 -55.34 -42.75
N PHE YA 39 19.40 -54.12 -43.07
CA PHE YA 39 18.56 -53.90 -44.23
C PHE YA 39 19.30 -54.27 -45.49
N GLN YA 40 20.52 -53.79 -45.61
CA GLN YA 40 21.33 -54.08 -46.77
C GLN YA 40 21.65 -55.55 -46.88
N THR YA 41 21.87 -56.19 -45.76
CA THR YA 41 22.24 -57.59 -45.77
C THR YA 41 21.13 -58.49 -46.27
N ASN YA 42 19.92 -58.32 -45.78
CA ASN YA 42 18.86 -59.24 -46.14
C ASN YA 42 17.93 -58.80 -47.25
N VAL YA 43 17.68 -57.51 -47.39
CA VAL YA 43 16.66 -57.08 -48.35
C VAL YA 43 16.89 -57.48 -49.82
N PRO YA 44 18.10 -57.33 -50.37
CA PRO YA 44 18.50 -57.70 -51.72
C PRO YA 44 18.15 -59.14 -52.03
N LYS YA 45 18.14 -59.98 -51.00
CA LYS YA 45 17.85 -61.39 -51.16
C LYS YA 45 16.41 -61.58 -51.59
N PHE YA 46 15.54 -60.71 -51.12
CA PHE YA 46 14.13 -60.80 -51.42
C PHE YA 46 13.77 -60.01 -52.65
N THR YA 47 14.56 -58.99 -52.95
CA THR YA 47 14.33 -58.25 -54.15
C THR YA 47 14.55 -59.13 -55.36
N SER YA 48 15.60 -59.94 -55.32
CA SER YA 48 15.87 -60.85 -56.41
C SER YA 48 14.74 -61.84 -56.60
N VAL YA 49 14.08 -62.19 -55.49
CA VAL YA 49 12.93 -63.07 -55.54
C VAL YA 49 11.78 -62.40 -56.23
N ASN YA 50 11.52 -61.16 -55.85
CA ASN YA 50 10.45 -60.41 -56.46
C ASN YA 50 10.65 -60.31 -57.94
N GLU YA 51 11.89 -60.14 -58.35
CA GLU YA 51 12.21 -60.01 -59.74
C GLU YA 51 11.99 -61.29 -60.50
N ASN YA 52 12.56 -62.38 -60.02
CA ASN YA 52 12.48 -63.63 -60.71
C ASN YA 52 11.07 -64.16 -60.73
N VAL YA 53 10.37 -64.01 -59.61
CA VAL YA 53 8.99 -64.44 -59.53
C VAL YA 53 8.14 -63.63 -60.46
N SER YA 54 8.40 -62.33 -60.53
CA SER YA 54 7.69 -61.47 -61.44
C SER YA 54 7.82 -61.97 -62.85
N ALA YA 55 9.04 -62.32 -63.24
CA ALA YA 55 9.28 -62.83 -64.58
C ALA YA 55 8.40 -64.02 -64.86
N VAL YA 56 8.34 -64.94 -63.90
CA VAL YA 56 7.49 -66.10 -64.02
C VAL YA 56 6.05 -65.74 -64.22
N LEU YA 57 5.56 -64.84 -63.40
CA LEU YA 57 4.18 -64.46 -63.43
C LEU YA 57 3.79 -63.84 -64.74
N THR YA 58 4.71 -63.09 -65.34
CA THR YA 58 4.46 -62.54 -66.65
C THR YA 58 4.35 -63.64 -67.70
N GLN YA 59 5.20 -64.67 -67.58
CA GLN YA 59 5.11 -65.82 -68.48
C GLN YA 59 3.78 -66.57 -68.32
N TYR YA 60 3.23 -66.57 -67.10
CA TYR YA 60 1.94 -67.22 -66.87
C TYR YA 60 0.74 -66.32 -67.07
N GLY YA 61 0.97 -65.09 -67.50
CA GLY YA 61 -0.15 -64.20 -67.80
C GLY YA 61 -0.84 -63.66 -66.56
N ILE YA 62 -0.15 -63.67 -65.43
CA ILE YA 62 -0.73 -63.24 -64.18
C ILE YA 62 -0.63 -61.74 -64.03
N THR YA 63 -1.77 -61.10 -63.76
CA THR YA 63 -1.80 -59.64 -63.65
C THR YA 63 -2.46 -59.18 -62.36
N GLY YA 64 -2.24 -57.92 -62.04
CA GLY YA 64 -2.87 -57.30 -60.89
C GLY YA 64 -2.49 -57.98 -59.60
N PRO YA 65 -3.41 -57.96 -58.64
CA PRO YA 65 -3.31 -58.52 -57.31
C PRO YA 65 -3.04 -60.00 -57.35
N ASN YA 66 -3.31 -60.64 -58.47
CA ASN YA 66 -3.04 -62.04 -58.58
C ASN YA 66 -1.56 -62.28 -58.55
N ARG YA 67 -0.79 -61.32 -59.06
CA ARG YA 67 0.64 -61.41 -59.02
C ARG YA 67 1.06 -61.31 -57.60
N ALA YA 68 0.43 -60.39 -56.88
CA ALA YA 68 0.74 -60.16 -55.48
C ALA YA 68 0.53 -61.43 -54.64
N ILE YA 69 -0.47 -62.23 -55.00
CA ILE YA 69 -0.69 -63.48 -54.30
C ILE YA 69 0.51 -64.37 -54.40
N TYR YA 70 0.99 -64.55 -55.60
CA TYR YA 70 2.11 -65.44 -55.83
C TYR YA 70 3.40 -64.86 -55.31
N GLN YA 71 3.52 -63.54 -55.35
CA GLN YA 71 4.70 -62.87 -54.82
C GLN YA 71 4.80 -63.11 -53.34
N GLY YA 72 3.67 -63.02 -52.65
CA GLY YA 72 3.64 -63.27 -51.22
C GLY YA 72 4.09 -64.67 -50.90
N PHE YA 73 3.58 -65.63 -51.67
CA PHE YA 73 3.98 -67.00 -51.52
C PHE YA 73 5.48 -67.17 -51.68
N GLY YA 74 6.02 -66.62 -52.76
CA GLY YA 74 7.45 -66.72 -53.04
C GLY YA 74 8.28 -66.12 -51.91
N LEU YA 75 7.87 -64.96 -51.45
CA LEU YA 75 8.59 -64.29 -50.38
C LEU YA 75 8.60 -65.13 -49.12
N LYS YA 76 7.50 -65.81 -48.84
CA LYS YA 76 7.42 -66.68 -47.69
C LYS YA 76 8.37 -67.83 -47.80
N VAL YA 77 8.48 -68.40 -49.00
CA VAL YA 77 9.41 -69.50 -49.23
C VAL YA 77 10.83 -69.05 -48.90
N ALA YA 78 11.20 -67.89 -49.40
CA ALA YA 78 12.51 -67.33 -49.18
C ALA YA 78 12.75 -67.04 -47.70
N ARG YA 79 11.73 -66.56 -47.00
CA ARG YA 79 11.84 -66.27 -45.59
C ARG YA 79 12.24 -67.49 -44.82
N ALA YA 80 11.52 -68.58 -45.05
CA ALA YA 80 11.79 -69.83 -44.38
C ALA YA 80 13.18 -70.30 -44.70
N LEU YA 81 13.57 -70.14 -45.96
CA LEU YA 81 14.89 -70.53 -46.35
C LEU YA 81 15.93 -69.82 -45.53
N ASN YA 82 15.78 -68.51 -45.37
CA ASN YA 82 16.75 -67.75 -44.58
C ASN YA 82 16.77 -68.15 -43.11
N ARG YA 83 15.60 -68.41 -42.53
CA ARG YA 83 15.53 -68.68 -41.09
C ARG YA 83 15.65 -70.17 -40.75
N ILE YA 84 15.52 -71.03 -41.74
CA ILE YA 84 15.65 -72.48 -41.53
C ILE YA 84 16.81 -73.08 -42.30
N GLY YA 85 16.91 -72.72 -43.56
CA GLY YA 85 17.92 -73.30 -44.43
C GLY YA 85 17.30 -74.41 -45.24
N SER YA 86 17.97 -74.81 -46.32
CA SER YA 86 17.44 -75.83 -47.20
C SER YA 86 17.48 -77.20 -46.54
N GLY YA 87 16.71 -78.13 -47.08
CA GLY YA 87 16.67 -79.49 -46.54
C GLY YA 87 15.29 -79.79 -45.96
N PRO YA 88 15.18 -80.99 -45.37
CA PRO YA 88 13.98 -81.56 -44.73
C PRO YA 88 13.00 -80.53 -44.18
N ALA YA 89 13.46 -79.71 -43.24
CA ALA YA 89 12.59 -78.75 -42.60
C ALA YA 89 11.96 -77.79 -43.60
N LEU YA 90 12.71 -77.39 -44.60
CA LEU YA 90 12.18 -76.50 -45.62
C LEU YA 90 11.11 -77.19 -46.39
N VAL YA 91 11.36 -78.45 -46.71
CA VAL YA 91 10.38 -79.24 -47.42
C VAL YA 91 9.08 -79.30 -46.66
N ASN YA 92 9.17 -79.55 -45.36
CA ASN YA 92 8.00 -79.60 -44.51
C ASN YA 92 7.26 -78.28 -44.54
N MET YA 93 8.01 -77.20 -44.50
CA MET YA 93 7.45 -75.88 -44.55
C MET YA 93 6.70 -75.61 -45.83
N ILE YA 94 7.34 -75.88 -46.96
CA ILE YA 94 6.76 -75.56 -48.24
C ILE YA 94 5.49 -76.32 -48.47
N ASN YA 95 5.47 -77.59 -48.08
CA ASN YA 95 4.26 -78.39 -48.23
C ASN YA 95 3.08 -77.74 -47.55
N GLY YA 96 3.29 -77.31 -46.30
CA GLY YA 96 2.22 -76.65 -45.56
C GLY YA 96 1.87 -75.33 -46.17
N LEU YA 97 2.89 -74.58 -46.59
CA LEU YA 97 2.71 -73.29 -47.19
C LEU YA 97 1.85 -73.36 -48.43
N LYS YA 98 2.13 -74.32 -49.29
CA LYS YA 98 1.35 -74.50 -50.47
C LYS YA 98 -0.09 -74.77 -50.11
N GLY YA 99 -0.30 -75.64 -49.13
CA GLY YA 99 -1.65 -75.94 -48.68
C GLY YA 99 -2.36 -74.66 -48.25
N TYR YA 100 -1.63 -73.81 -47.52
CA TYR YA 100 -2.15 -72.55 -47.06
C TYR YA 100 -2.66 -71.71 -48.21
N TYR YA 101 -1.82 -71.46 -49.18
CA TYR YA 101 -2.21 -70.60 -50.30
C TYR YA 101 -3.22 -71.24 -51.23
N ILE YA 102 -3.07 -72.51 -51.50
CA ILE YA 102 -3.96 -73.18 -52.42
C ILE YA 102 -5.37 -73.15 -51.92
N SER YA 103 -5.57 -73.48 -50.67
CA SER YA 103 -6.91 -73.60 -50.15
C SER YA 103 -7.44 -72.35 -49.46
N ALA YA 104 -6.55 -71.52 -48.90
CA ALA YA 104 -7.03 -70.32 -48.23
C ALA YA 104 -7.26 -69.20 -49.19
N PHE YA 105 -6.41 -69.10 -50.21
CA PHE YA 105 -6.51 -67.99 -51.16
C PHE YA 105 -6.81 -68.45 -52.55
N ASN YA 106 -7.05 -69.75 -52.73
CA ASN YA 106 -7.37 -70.30 -54.03
C ASN YA 106 -6.24 -70.07 -55.03
N ALA YA 107 -5.01 -70.16 -54.58
CA ALA YA 107 -3.88 -70.00 -55.47
C ALA YA 107 -3.72 -71.24 -56.33
N ASN YA 108 -3.26 -71.06 -57.56
CA ASN YA 108 -3.14 -72.17 -58.51
C ASN YA 108 -1.87 -73.00 -58.29
N PRO YA 109 -1.99 -74.17 -57.63
CA PRO YA 109 -0.93 -75.15 -57.36
C PRO YA 109 0.18 -75.17 -58.40
N GLN YA 110 -0.21 -75.18 -59.67
CA GLN YA 110 0.76 -75.29 -60.76
C GLN YA 110 1.67 -74.07 -60.81
N VAL YA 111 1.08 -72.90 -60.66
CA VAL YA 111 1.86 -71.69 -60.68
C VAL YA 111 2.71 -71.62 -59.45
N LEU YA 112 2.16 -72.09 -58.33
CA LEU YA 112 2.89 -72.07 -57.07
C LEU YA 112 4.15 -72.90 -57.19
N ASP YA 113 4.05 -74.03 -57.88
CA ASP YA 113 5.19 -74.87 -58.11
C ASP YA 113 6.19 -74.20 -59.00
N ALA YA 114 5.70 -73.41 -59.96
CA ALA YA 114 6.59 -72.64 -60.80
C ALA YA 114 7.40 -71.64 -59.98
N VAL YA 115 6.76 -71.04 -58.98
CA VAL YA 115 7.46 -70.12 -58.09
C VAL YA 115 8.54 -70.83 -57.31
N VAL YA 116 8.20 -71.98 -56.74
CA VAL YA 116 9.15 -72.77 -55.98
C VAL YA 116 10.32 -73.20 -56.87
N ASN YA 117 10.00 -73.56 -58.11
CA ASN YA 117 10.98 -73.96 -59.11
C ASN YA 117 12.04 -72.90 -59.38
N ILE YA 118 11.80 -71.67 -58.97
CA ILE YA 118 12.77 -70.64 -59.14
C ILE YA 118 13.55 -70.41 -57.90
N ILE YA 119 12.86 -70.24 -56.80
CA ILE YA 119 13.49 -69.92 -55.53
C ILE YA 119 14.35 -71.07 -55.06
N THR YA 120 13.81 -72.28 -55.12
CA THR YA 120 14.57 -73.46 -54.70
C THR YA 120 15.26 -74.07 -55.87
N GLY YA 121 14.66 -73.92 -57.05
CA GLY YA 121 15.23 -74.48 -58.26
C GLY YA 121 14.42 -75.67 -58.73
N SER YA 122 13.53 -76.15 -57.85
CA SER YA 122 12.68 -77.28 -58.17
C SER YA 122 11.54 -77.32 -57.19
N PRO YA 123 10.47 -78.02 -57.53
CA PRO YA 123 9.34 -78.29 -56.68
C PRO YA 123 9.82 -79.06 -55.48
N THR YA 124 9.09 -79.01 -54.39
CA THR YA 124 9.58 -79.58 -53.16
C THR YA 124 9.25 -81.05 -53.05
N GLY YA 125 8.97 -81.50 -51.82
CA GLY YA 125 8.71 -82.93 -51.58
C GLY YA 125 10.04 -83.68 -51.48
N TYR YA 126 10.77 -83.68 -52.58
CA TYR YA 126 12.07 -84.28 -52.63
C TYR YA 126 13.12 -83.19 -52.57
N VAL YA 127 14.24 -83.47 -51.95
CA VAL YA 127 15.30 -82.49 -51.87
C VAL YA 127 16.23 -82.63 -53.06
N SER YA 128 16.26 -81.59 -53.88
CA SER YA 128 17.11 -81.60 -55.06
C SER YA 128 17.16 -80.21 -55.69
N SER ZA 1 7.56 -50.31 -59.40
CA SER ZA 1 8.71 -50.92 -60.06
C SER ZA 1 10.01 -50.32 -59.57
N ARG ZA 2 10.68 -51.02 -58.65
CA ARG ZA 2 11.94 -50.53 -58.09
C ARG ZA 2 12.93 -51.66 -57.82
N SER ZA 3 14.21 -51.37 -58.02
CA SER ZA 3 15.30 -52.29 -57.67
C SER ZA 3 15.53 -52.22 -56.20
N TYR ZA 4 16.36 -53.11 -55.67
CA TYR ZA 4 16.58 -53.05 -54.24
C TYR ZA 4 17.37 -51.83 -53.91
N SER ZA 5 18.18 -51.37 -54.86
CA SER ZA 5 19.00 -50.23 -54.62
C SER ZA 5 18.17 -49.01 -54.44
N GLN ZA 6 17.05 -48.97 -55.15
CA GLN ZA 6 16.11 -47.89 -55.01
C GLN ZA 6 15.31 -48.04 -53.74
N ARG ZA 7 14.94 -49.28 -53.42
CA ARG ZA 7 14.20 -49.54 -52.21
C ARG ZA 7 14.99 -49.08 -51.01
N TYR ZA 8 16.26 -49.46 -50.99
CA TYR ZA 8 17.16 -49.07 -49.94
C TYR ZA 8 17.38 -47.62 -49.90
N ALA ZA 9 17.71 -47.02 -51.04
CA ALA ZA 9 18.02 -45.61 -51.09
C ALA ZA 9 16.95 -44.80 -50.41
N LYS ZA 10 15.70 -45.01 -50.80
CA LYS ZA 10 14.63 -44.24 -50.23
C LYS ZA 10 14.40 -44.61 -48.79
N TRP ZA 11 14.48 -45.90 -48.48
CA TRP ZA 11 14.33 -46.34 -47.11
C TRP ZA 11 15.30 -45.66 -46.20
N GLN ZA 12 16.53 -45.53 -46.66
CA GLN ZA 12 17.55 -44.90 -45.90
C GLN ZA 12 17.23 -43.47 -45.64
N ALA ZA 13 16.79 -42.77 -46.67
CA ALA ZA 13 16.46 -41.37 -46.55
C ALA ZA 13 15.35 -41.15 -45.55
N LYS ZA 14 14.36 -42.02 -45.57
CA LYS ZA 14 13.23 -41.89 -44.68
C LYS ZA 14 13.56 -42.29 -43.29
N PHE ZA 15 14.43 -43.27 -43.15
CA PHE ZA 15 14.85 -43.67 -41.83
C PHE ZA 15 15.60 -42.53 -41.17
N ASN ZA 16 16.49 -41.91 -41.94
CA ASN ZA 16 17.27 -40.80 -41.46
C ASN ZA 16 16.37 -39.69 -41.00
N ALA ZA 17 15.39 -39.36 -41.84
CA ALA ZA 17 14.45 -38.31 -41.52
C ALA ZA 17 13.76 -38.56 -40.22
N PHE ZA 18 13.20 -39.75 -40.07
CA PHE ZA 18 12.47 -40.11 -38.89
C PHE ZA 18 13.31 -40.03 -37.64
N SER ZA 19 14.58 -40.40 -37.73
CA SER ZA 19 15.45 -40.40 -36.55
C SER ZA 19 15.68 -39.00 -35.96
N ASN ZA 20 15.37 -37.96 -36.72
CA ASN ZA 20 15.53 -36.59 -36.25
C ASN ZA 20 14.58 -36.27 -35.12
N PRO ZA 21 15.11 -35.98 -33.91
CA PRO ZA 21 14.37 -35.63 -32.68
C PRO ZA 21 13.04 -34.95 -32.95
N THR ZA 22 13.06 -33.94 -33.81
CA THR ZA 22 11.89 -33.17 -34.09
C THR ZA 22 10.91 -33.95 -34.88
N VAL ZA 23 11.38 -34.62 -35.92
CA VAL ZA 23 10.51 -35.39 -36.77
C VAL ZA 23 9.88 -36.53 -36.02
N ALA ZA 24 10.69 -37.23 -35.25
CA ALA ZA 24 10.21 -38.36 -34.50
C ALA ZA 24 9.12 -37.94 -33.55
N SER ZA 25 9.39 -36.91 -32.76
CA SER ZA 25 8.44 -36.48 -31.77
C SER ZA 25 7.24 -35.82 -32.36
N THR ZA 26 7.41 -35.14 -33.49
CA THR ZA 26 6.28 -34.51 -34.13
C THR ZA 26 5.28 -35.54 -34.55
N ILE ZA 27 5.75 -36.53 -35.27
CA ILE ZA 27 4.86 -37.54 -35.75
C ILE ZA 27 4.27 -38.34 -34.63
N LEU ZA 28 5.13 -38.83 -33.74
CA LEU ZA 28 4.70 -39.73 -32.70
C LEU ZA 28 3.77 -39.07 -31.71
N SER ZA 29 4.03 -37.82 -31.39
CA SER ZA 29 3.15 -37.12 -30.46
C SER ZA 29 1.82 -36.79 -31.10
N ASN ZA 30 1.81 -36.62 -32.43
CA ASN ZA 30 0.56 -36.35 -33.11
C ASN ZA 30 -0.29 -37.58 -33.24
N VAL ZA 31 0.33 -38.74 -33.42
CA VAL ZA 31 -0.44 -39.96 -33.59
C VAL ZA 31 -0.62 -40.70 -32.30
N SER ZA 32 -0.11 -40.12 -31.21
CA SER ZA 32 -0.26 -40.72 -29.89
C SER ZA 32 -1.70 -41.17 -29.60
N PRO ZA 33 -2.62 -40.23 -29.26
CA PRO ZA 33 -4.00 -40.56 -28.90
C PRO ZA 33 -4.72 -41.41 -29.96
N VAL ZA 34 -4.28 -41.31 -31.21
CA VAL ZA 34 -4.85 -42.09 -32.28
C VAL ZA 34 -4.45 -43.52 -32.12
N ALA ZA 35 -3.16 -43.73 -31.89
CA ALA ZA 35 -2.62 -45.05 -31.67
C ALA ZA 35 -3.27 -45.69 -30.49
N GLN ZA 36 -3.52 -44.90 -29.46
CA GLN ZA 36 -4.12 -45.39 -28.26
C GLN ZA 36 -5.47 -45.96 -28.54
N GLN ZA 37 -6.23 -45.26 -29.35
CA GLN ZA 37 -7.54 -45.72 -29.72
C GLN ZA 37 -7.48 -47.02 -30.47
N ASN ZA 38 -6.55 -47.11 -31.42
CA ASN ZA 38 -6.42 -48.28 -32.24
C ASN ZA 38 -5.98 -49.49 -31.45
N PHE ZA 39 -5.05 -49.26 -30.53
CA PHE ZA 39 -4.56 -50.31 -29.67
C PHE ZA 39 -5.68 -50.82 -28.78
N GLN ZA 40 -6.38 -49.88 -28.15
CA GLN ZA 40 -7.44 -50.24 -27.25
C GLN ZA 40 -8.55 -50.98 -27.95
N THR ZA 41 -8.81 -50.60 -29.18
CA THR ZA 41 -9.90 -51.18 -29.92
C THR ZA 41 -9.64 -52.64 -30.32
N ASN ZA 42 -8.51 -52.90 -30.94
CA ASN ZA 42 -8.28 -54.23 -31.49
C ASN ZA 42 -7.52 -55.20 -30.61
N VAL ZA 43 -6.82 -54.72 -29.59
CA VAL ZA 43 -6.00 -55.65 -28.80
C VAL ZA 43 -6.75 -56.57 -27.81
N PRO ZA 44 -7.62 -56.04 -26.93
CA PRO ZA 44 -8.34 -56.83 -25.93
C PRO ZA 44 -9.11 -58.00 -26.57
N LYS ZA 45 -9.42 -57.87 -27.86
CA LYS ZA 45 -10.07 -58.89 -28.63
C LYS ZA 45 -9.25 -60.16 -28.66
N PHE ZA 46 -7.94 -59.99 -28.77
CA PHE ZA 46 -7.03 -61.12 -28.85
C PHE ZA 46 -6.59 -61.57 -27.49
N THR ZA 47 -6.60 -60.66 -26.54
CA THR ZA 47 -6.26 -61.03 -25.18
C THR ZA 47 -7.25 -62.05 -24.65
N SER ZA 48 -8.52 -61.82 -24.92
CA SER ZA 48 -9.56 -62.75 -24.49
C SER ZA 48 -9.38 -64.11 -25.14
N VAL ZA 49 -8.85 -64.11 -26.36
CA VAL ZA 49 -8.56 -65.34 -27.05
C VAL ZA 49 -7.49 -66.09 -26.33
N ASN ZA 50 -6.44 -65.37 -25.94
CA ASN ZA 50 -5.34 -65.97 -25.26
C ASN ZA 50 -5.76 -66.65 -23.98
N GLU ZA 51 -6.66 -66.01 -23.23
CA GLU ZA 51 -7.11 -66.63 -21.99
C GLU ZA 51 -7.83 -67.94 -22.25
N ASN ZA 52 -8.82 -67.93 -23.14
CA ASN ZA 52 -9.59 -69.13 -23.39
C ASN ZA 52 -8.77 -70.22 -24.06
N VAL ZA 53 -7.98 -69.85 -25.04
CA VAL ZA 53 -7.15 -70.81 -25.73
C VAL ZA 53 -6.16 -71.44 -24.81
N SER ZA 54 -5.55 -70.63 -23.96
CA SER ZA 54 -4.60 -71.12 -23.01
C SER ZA 54 -5.25 -72.15 -22.10
N ALA ZA 55 -6.46 -71.83 -21.63
CA ALA ZA 55 -7.18 -72.75 -20.76
C ALA ZA 55 -7.36 -74.09 -21.43
N VAL ZA 56 -7.73 -74.07 -22.70
CA VAL ZA 56 -7.90 -75.29 -23.46
C VAL ZA 56 -6.63 -76.08 -23.53
N LEU ZA 57 -5.54 -75.41 -23.80
CA LEU ZA 57 -4.27 -76.06 -23.93
C LEU ZA 57 -3.86 -76.74 -22.64
N THR ZA 58 -4.21 -76.13 -21.53
CA THR ZA 58 -3.96 -76.76 -20.24
C THR ZA 58 -4.78 -78.02 -20.08
N GLN ZA 59 -6.03 -77.98 -20.52
CA GLN ZA 59 -6.88 -79.17 -20.48
C GLN ZA 59 -6.38 -80.28 -21.43
N TYR ZA 60 -5.70 -79.89 -22.51
CA TYR ZA 60 -5.08 -80.87 -23.41
C TYR ZA 60 -3.67 -81.27 -23.01
N GLY ZA 61 -3.15 -80.74 -21.91
CA GLY ZA 61 -1.84 -81.15 -21.44
C GLY ZA 61 -0.69 -80.53 -22.23
N ILE ZA 62 -0.97 -79.46 -22.98
CA ILE ZA 62 0.02 -78.84 -23.83
C ILE ZA 62 0.90 -77.90 -23.04
N THR ZA 63 2.21 -78.06 -23.15
CA THR ZA 63 3.15 -77.24 -22.40
C THR ZA 63 4.21 -76.61 -23.28
N GLY ZA 64 4.87 -75.60 -22.74
CA GLY ZA 64 5.99 -74.97 -23.41
C GLY ZA 64 5.59 -74.34 -24.73
N PRO ZA 65 6.52 -74.33 -25.67
CA PRO ZA 65 6.41 -73.79 -27.00
C PRO ZA 65 5.32 -74.44 -27.79
N ASN ZA 66 4.89 -75.62 -27.36
CA ASN ZA 66 3.83 -76.28 -28.04
C ASN ZA 66 2.54 -75.50 -27.85
N ARG ZA 67 2.42 -74.83 -26.71
CA ARG ZA 67 1.27 -73.99 -26.47
C ARG ZA 67 1.32 -72.85 -27.40
N ALA ZA 68 2.52 -72.30 -27.56
CA ALA ZA 68 2.75 -71.17 -28.45
C ALA ZA 68 2.37 -71.47 -29.88
N ILE ZA 69 2.57 -72.72 -30.30
CA ILE ZA 69 2.15 -73.11 -31.64
C ILE ZA 69 0.68 -72.89 -31.81
N TYR ZA 70 -0.08 -73.35 -30.84
CA TYR ZA 70 -1.51 -73.25 -30.92
C TYR ZA 70 -1.99 -71.83 -30.65
N GLN ZA 71 -1.24 -71.08 -29.86
CA GLN ZA 71 -1.58 -69.70 -29.63
C GLN ZA 71 -1.44 -68.91 -30.91
N GLY ZA 72 -0.37 -69.18 -31.66
CA GLY ZA 72 -0.16 -68.52 -32.93
C GLY ZA 72 -1.29 -68.83 -33.88
N PHE ZA 73 -1.66 -70.10 -33.94
CA PHE ZA 73 -2.76 -70.53 -34.76
C PHE ZA 73 -4.04 -69.82 -34.40
N GLY ZA 74 -4.39 -69.86 -33.13
CA GLY ZA 74 -5.63 -69.25 -32.65
C GLY ZA 74 -5.67 -67.77 -32.94
N LEU ZA 75 -4.60 -67.08 -32.66
CA LEU ZA 75 -4.54 -65.67 -32.90
C LEU ZA 75 -4.73 -65.34 -34.36
N LYS ZA 76 -4.16 -66.16 -35.23
CA LYS ZA 76 -4.29 -65.96 -36.65
C LYS ZA 76 -5.72 -66.21 -37.11
N VAL ZA 77 -6.39 -67.18 -36.50
CA VAL ZA 77 -7.79 -67.41 -36.78
C VAL ZA 77 -8.61 -66.18 -36.45
N ALA ZA 78 -8.36 -65.63 -35.27
CA ALA ZA 78 -9.07 -64.45 -34.82
C ALA ZA 78 -8.79 -63.25 -35.72
N ARG ZA 79 -7.55 -63.13 -36.18
CA ARG ZA 79 -7.20 -62.07 -37.12
C ARG ZA 79 -8.08 -62.09 -38.32
N ALA ZA 80 -8.18 -63.25 -38.95
CA ALA ZA 80 -8.99 -63.41 -40.14
C ALA ZA 80 -10.42 -63.07 -39.85
N LEU ZA 81 -10.90 -63.48 -38.69
CA LEU ZA 81 -12.24 -63.16 -38.30
C LEU ZA 81 -12.45 -61.65 -38.32
N ASN ZA 82 -11.53 -60.90 -37.74
CA ASN ZA 82 -11.67 -59.45 -37.72
C ASN ZA 82 -11.63 -58.82 -39.12
N ARG ZA 83 -10.71 -59.25 -39.95
CA ARG ZA 83 -10.51 -58.63 -41.26
C ARG ZA 83 -11.47 -59.14 -42.34
N ILE ZA 84 -11.95 -60.36 -42.17
CA ILE ZA 84 -12.89 -60.97 -43.12
C ILE ZA 84 -14.32 -60.99 -42.58
N GLY ZA 85 -14.46 -61.49 -41.36
CA GLY ZA 85 -15.78 -61.66 -40.78
C GLY ZA 85 -16.22 -63.09 -40.95
N SER ZA 86 -17.19 -63.53 -40.17
CA SER ZA 86 -17.61 -64.92 -40.24
C SER ZA 86 -18.34 -65.22 -41.53
N GLY ZA 87 -18.41 -66.49 -41.88
CA GLY ZA 87 -19.06 -66.92 -43.11
C GLY ZA 87 -18.06 -67.58 -44.04
N PRO ZA 88 -18.55 -67.99 -45.21
CA PRO ZA 88 -17.84 -68.67 -46.30
C PRO ZA 88 -16.35 -68.38 -46.34
N ALA ZA 89 -15.98 -67.13 -46.57
CA ALA ZA 89 -14.58 -66.76 -46.73
C ALA ZA 89 -13.75 -67.13 -45.53
N LEU ZA 90 -14.31 -67.00 -44.34
CA LEU ZA 90 -13.58 -67.33 -43.15
C LEU ZA 90 -13.30 -68.79 -43.11
N VAL ZA 91 -14.31 -69.58 -43.46
CA VAL ZA 91 -14.16 -71.01 -43.50
C VAL ZA 91 -13.07 -71.40 -44.49
N ASN ZA 92 -13.06 -70.76 -45.65
CA ASN ZA 92 -12.04 -71.01 -46.64
C ASN ZA 92 -10.67 -70.74 -46.05
N MET ZA 93 -10.55 -69.63 -45.34
CA MET ZA 93 -9.32 -69.27 -44.70
C MET ZA 93 -8.88 -70.29 -43.68
N ILE ZA 94 -9.79 -70.66 -42.80
CA ILE ZA 94 -9.46 -71.56 -41.72
C ILE ZA 94 -9.02 -72.89 -42.23
N ASN ZA 95 -9.69 -73.39 -43.26
CA ASN ZA 95 -9.32 -74.68 -43.83
C ASN ZA 95 -7.87 -74.69 -44.25
N GLY ZA 96 -7.45 -73.63 -44.95
CA GLY ZA 96 -6.06 -73.52 -45.39
C GLY ZA 96 -5.13 -73.32 -44.24
N LEU ZA 97 -5.53 -72.50 -43.30
CA LEU ZA 97 -4.73 -72.22 -42.13
C LEU ZA 97 -4.49 -73.46 -41.29
N LYS ZA 98 -5.53 -74.22 -41.05
CA LYS ZA 98 -5.42 -75.43 -40.30
C LYS ZA 98 -4.44 -76.37 -40.95
N GLY ZA 99 -4.65 -76.66 -42.24
CA GLY ZA 99 -3.77 -77.56 -42.97
C GLY ZA 99 -2.33 -77.07 -42.91
N TYR ZA 100 -2.16 -75.77 -43.06
CA TYR ZA 100 -0.87 -75.11 -42.98
C TYR ZA 100 -0.14 -75.49 -41.72
N TYR ZA 101 -0.77 -75.27 -40.58
CA TYR ZA 101 -0.15 -75.60 -39.31
C TYR ZA 101 0.09 -77.08 -39.11
N ILE ZA 102 -0.84 -77.90 -39.57
CA ILE ZA 102 -0.70 -79.32 -39.40
C ILE ZA 102 0.55 -79.84 -40.05
N SER ZA 103 0.77 -79.45 -41.28
CA SER ZA 103 1.89 -80.00 -42.03
C SER ZA 103 3.15 -79.15 -41.96
N ALA ZA 104 3.01 -77.84 -41.80
CA ALA ZA 104 4.18 -76.98 -41.73
C ALA ZA 104 4.85 -77.09 -40.40
N PHE ZA 105 4.07 -77.16 -39.32
CA PHE ZA 105 4.62 -77.16 -37.99
C PHE ZA 105 4.29 -78.40 -37.21
N ASN ZA 106 3.70 -79.37 -37.86
CA ASN ZA 106 3.32 -80.61 -37.20
C ASN ZA 106 2.35 -80.36 -36.06
N ALA ZA 107 1.43 -79.42 -36.24
CA ALA ZA 107 0.45 -79.14 -35.23
C ALA ZA 107 -0.60 -80.25 -35.21
N ASN ZA 108 -1.09 -80.58 -34.03
CA ASN ZA 108 -2.03 -81.68 -33.86
C ASN ZA 108 -3.48 -81.26 -34.14
N PRO ZA 109 -4.03 -81.66 -35.31
CA PRO ZA 109 -5.42 -81.45 -35.74
C PRO ZA 109 -6.42 -81.38 -34.60
N GLN ZA 110 -6.31 -82.30 -33.65
CA GLN ZA 110 -7.24 -82.36 -32.54
C GLN ZA 110 -7.23 -81.10 -31.71
N VAL ZA 111 -6.06 -80.64 -31.38
CA VAL ZA 111 -5.94 -79.45 -30.58
C VAL ZA 111 -6.32 -78.26 -31.41
N LEU ZA 112 -5.95 -78.29 -32.69
CA LEU ZA 112 -6.26 -77.20 -33.59
C LEU ZA 112 -7.75 -76.99 -33.68
N ASP ZA 113 -8.48 -78.08 -33.71
CA ASP ZA 113 -9.92 -78.02 -33.74
C ASP ZA 113 -10.45 -77.45 -32.47
N ALA ZA 114 -9.85 -77.84 -31.35
CA ALA ZA 114 -10.26 -77.32 -30.07
C ALA ZA 114 -10.11 -75.80 -30.03
N VAL ZA 115 -9.02 -75.30 -30.59
CA VAL ZA 115 -8.80 -73.86 -30.64
C VAL ZA 115 -9.88 -73.18 -31.44
N VAL ZA 116 -10.19 -73.74 -32.60
CA VAL ZA 116 -11.24 -73.19 -33.44
C VAL ZA 116 -12.59 -73.24 -32.75
N ASN ZA 117 -12.81 -74.30 -31.97
CA ASN ZA 117 -14.04 -74.50 -31.23
C ASN ZA 117 -14.22 -73.50 -30.08
N ILE ZA 118 -13.22 -72.65 -29.85
CA ILE ZA 118 -13.33 -71.60 -28.90
C ILE ZA 118 -13.61 -70.31 -29.58
N ILE ZA 119 -12.78 -70.01 -30.56
CA ILE ZA 119 -12.87 -68.77 -31.27
C ILE ZA 119 -14.13 -68.68 -32.11
N THR ZA 120 -14.42 -69.72 -32.86
CA THR ZA 120 -15.60 -69.74 -33.69
C THR ZA 120 -16.72 -70.43 -32.97
N GLY ZA 121 -16.37 -71.43 -32.19
CA GLY ZA 121 -17.35 -72.19 -31.45
C GLY ZA 121 -17.64 -73.50 -32.15
N SER ZA 122 -17.19 -73.63 -33.39
CA SER ZA 122 -17.45 -74.83 -34.16
C SER ZA 122 -16.31 -75.10 -35.11
N PRO ZA 123 -16.13 -76.36 -35.51
CA PRO ZA 123 -15.16 -76.85 -36.46
C PRO ZA 123 -15.35 -76.18 -37.80
N THR ZA 124 -14.31 -76.20 -38.61
CA THR ZA 124 -14.35 -75.61 -39.92
C THR ZA 124 -14.82 -76.62 -40.96
N GLY ZA 125 -14.22 -76.60 -42.15
CA GLY ZA 125 -14.60 -77.52 -43.21
C GLY ZA 125 -15.82 -77.01 -43.96
N TYR ZA 126 -16.95 -76.93 -43.24
CA TYR ZA 126 -18.19 -76.44 -43.80
C TYR ZA 126 -18.74 -75.29 -42.96
N VAL ZA 127 -19.49 -74.40 -43.59
CA VAL ZA 127 -20.05 -73.24 -42.90
C VAL ZA 127 -21.09 -73.68 -41.88
N SER ZA 128 -20.86 -73.31 -40.61
CA SER ZA 128 -21.79 -73.67 -39.55
C SER ZA 128 -21.56 -72.85 -38.28
N SER AB 1 -8.38 -53.78 -39.26
CA SER AB 1 -9.36 -53.03 -40.03
C SER AB 1 -9.60 -51.65 -39.43
N ARG AB 2 -10.00 -50.71 -40.28
CA ARG AB 2 -10.17 -49.32 -39.85
C ARG AB 2 -11.45 -48.70 -40.38
N SER AB 3 -12.23 -48.11 -39.48
CA SER AB 3 -13.43 -47.38 -39.83
C SER AB 3 -13.09 -46.02 -40.33
N TYR AB 4 -14.06 -45.31 -40.90
CA TYR AB 4 -13.81 -43.96 -41.37
C TYR AB 4 -13.24 -43.09 -40.29
N SER AB 5 -13.84 -43.13 -39.11
CA SER AB 5 -13.36 -42.34 -38.01
C SER AB 5 -11.88 -42.54 -37.81
N GLN AB 6 -11.46 -43.80 -37.85
CA GLN AB 6 -10.06 -44.13 -37.70
C GLN AB 6 -9.23 -43.71 -38.87
N ARG AB 7 -9.75 -43.87 -40.08
CA ARG AB 7 -9.02 -43.51 -41.29
C ARG AB 7 -8.65 -42.07 -41.24
N TYR AB 8 -9.64 -41.24 -40.99
CA TYR AB 8 -9.46 -39.83 -40.95
C TYR AB 8 -8.60 -39.41 -39.81
N ALA AB 9 -8.87 -39.93 -38.62
CA ALA AB 9 -8.13 -39.54 -37.44
C ALA AB 9 -6.64 -39.61 -37.68
N LYS AB 10 -6.16 -40.76 -38.14
CA LYS AB 10 -4.75 -40.93 -38.34
C LYS AB 10 -4.24 -40.09 -39.49
N TRP AB 11 -5.04 -39.98 -40.56
CA TRP AB 11 -4.66 -39.15 -41.67
C TRP AB 11 -4.40 -37.75 -41.23
N GLN AB 12 -5.25 -37.25 -40.36
CA GLN AB 12 -5.12 -35.91 -39.88
C GLN AB 12 -3.87 -35.73 -39.09
N ALA AB 13 -3.58 -36.69 -38.23
CA ALA AB 13 -2.39 -36.61 -37.40
C ALA AB 13 -1.14 -36.57 -38.23
N LYS AB 14 -1.08 -37.37 -39.28
CA LYS AB 14 0.08 -37.41 -40.12
C LYS AB 14 0.19 -36.22 -40.99
N PHE AB 15 -0.94 -35.70 -41.44
CA PHE AB 15 -0.93 -34.50 -42.25
C PHE AB 15 -0.37 -33.36 -41.45
N ASN AB 16 -0.86 -33.23 -40.22
CA ASN AB 16 -0.42 -32.18 -39.32
C ASN AB 16 1.07 -32.25 -39.11
N ALA AB 17 1.56 -33.46 -38.84
CA ALA AB 17 2.97 -33.67 -38.60
C ALA AB 17 3.79 -33.19 -39.77
N PHE AB 18 3.41 -33.63 -40.96
CA PHE AB 18 4.14 -33.28 -42.16
C PHE AB 18 4.20 -31.80 -42.39
N SER AB 19 3.12 -31.09 -42.09
CA SER AB 19 3.07 -29.65 -42.35
C SER AB 19 4.10 -28.85 -41.55
N ASN AB 20 4.67 -29.46 -40.51
CA ASN AB 20 5.70 -28.80 -39.70
C ASN AB 20 6.96 -28.52 -40.51
N PRO AB 21 7.32 -27.23 -40.70
CA PRO AB 21 8.50 -26.74 -41.44
C PRO AB 21 9.68 -27.69 -41.42
N THR AB 22 10.02 -28.17 -40.24
CA THR AB 22 11.21 -28.95 -40.08
C THR AB 22 11.00 -30.38 -40.48
N VAL AB 23 9.79 -30.84 -40.35
CA VAL AB 23 9.48 -32.19 -40.71
C VAL AB 23 9.41 -32.32 -42.19
N ALA AB 24 8.72 -31.39 -42.81
CA ALA AB 24 8.60 -31.38 -44.24
C ALA AB 24 9.96 -31.28 -44.88
N SER AB 25 10.76 -30.33 -44.43
CA SER AB 25 12.05 -30.12 -45.03
C SER AB 25 13.02 -31.22 -44.74
N THR AB 26 12.91 -31.83 -43.57
CA THR AB 26 13.77 -32.96 -43.25
C THR AB 26 13.53 -34.07 -44.21
N ILE AB 27 12.29 -34.46 -44.34
CA ILE AB 27 11.95 -35.56 -45.19
C ILE AB 27 12.25 -35.26 -46.63
N LEU AB 28 11.75 -34.13 -47.11
CA LEU AB 28 11.86 -33.79 -48.51
C LEU AB 28 13.28 -33.58 -48.95
N SER AB 29 14.10 -32.97 -48.11
CA SER AB 29 15.48 -32.75 -48.46
C SER AB 29 16.26 -34.05 -48.43
N ASN AB 30 15.84 -34.99 -47.58
CA ASN AB 30 16.51 -36.27 -47.52
C ASN AB 30 16.20 -37.13 -48.72
N VAL AB 31 14.96 -37.05 -49.21
CA VAL AB 31 14.57 -37.87 -50.34
C VAL AB 31 14.72 -37.15 -51.64
N SER AB 32 15.23 -35.93 -51.60
CA SER AB 32 15.45 -35.16 -52.81
C SER AB 32 16.18 -35.96 -53.90
N PRO AB 33 17.51 -36.15 -53.78
CA PRO AB 33 18.33 -36.83 -54.80
C PRO AB 33 17.77 -38.22 -55.17
N VAL AB 34 17.05 -38.85 -54.25
CA VAL AB 34 16.47 -40.14 -54.50
C VAL AB 34 15.34 -40.01 -55.47
N ALA AB 35 14.45 -39.06 -55.20
CA ALA AB 35 13.33 -38.80 -56.06
C ALA AB 35 13.81 -38.38 -57.42
N GLN AB 36 14.88 -37.60 -57.45
CA GLN AB 36 15.44 -37.12 -58.69
C GLN AB 36 15.83 -38.26 -59.56
N GLN AB 37 16.48 -39.25 -58.97
CA GLN AB 37 16.85 -40.43 -59.69
C GLN AB 37 15.67 -41.12 -60.28
N ASN AB 38 14.63 -41.30 -59.48
CA ASN AB 38 13.46 -42.02 -59.91
C ASN AB 38 12.73 -41.30 -61.01
N PHE AB 39 12.65 -39.99 -60.90
CA PHE AB 39 11.98 -39.18 -61.90
C PHE AB 39 12.72 -39.28 -63.21
N GLN AB 40 14.03 -39.11 -63.15
CA GLN AB 40 14.86 -39.17 -64.33
C GLN AB 40 14.84 -40.54 -64.95
N THR AB 41 14.81 -41.56 -64.13
CA THR AB 41 14.86 -42.91 -64.62
C THR AB 41 13.63 -43.31 -65.41
N ASN AB 42 12.45 -43.01 -64.89
CA ASN AB 42 11.24 -43.48 -65.55
C ASN AB 42 10.53 -42.48 -66.45
N VAL AB 43 10.59 -41.20 -66.12
CA VAL AB 43 9.77 -40.23 -66.88
C VAL AB 43 10.03 -40.16 -68.40
N PRO AB 44 11.30 -40.14 -68.85
CA PRO AB 44 11.73 -40.11 -70.25
C PRO AB 44 11.08 -41.23 -71.04
N LYS AB 45 10.80 -42.35 -70.37
CA LYS AB 45 10.21 -43.50 -71.00
C LYS AB 45 8.81 -43.20 -71.48
N PHE AB 46 8.11 -42.34 -70.74
CA PHE AB 46 6.75 -41.98 -71.06
C PHE AB 46 6.69 -40.77 -71.94
N THR AB 47 7.71 -39.93 -71.86
CA THR AB 47 7.76 -38.78 -72.73
C THR AB 47 7.88 -39.23 -74.16
N SER AB 48 8.71 -40.24 -74.41
CA SER AB 48 8.87 -40.76 -75.75
C SER AB 48 7.56 -41.34 -76.26
N VAL AB 49 6.75 -41.87 -75.36
CA VAL AB 49 5.44 -42.38 -75.71
C VAL AB 49 4.53 -41.27 -76.13
N ASN AB 50 4.52 -40.19 -75.35
CA ASN AB 50 3.71 -39.05 -75.66
C ASN AB 50 4.05 -38.51 -77.01
N GLU AB 51 5.33 -38.50 -77.33
CA GLU AB 51 5.78 -38.00 -78.60
C GLU AB 51 5.34 -38.86 -79.76
N ASN AB 52 5.62 -40.14 -79.67
CA ASN AB 52 5.32 -41.03 -80.76
C ASN AB 52 3.83 -41.18 -80.97
N VAL AB 53 3.09 -41.25 -79.86
CA VAL AB 53 1.65 -41.33 -79.94
C VAL AB 53 1.08 -40.07 -80.53
N SER AB 54 1.64 -38.94 -80.14
CA SER AB 54 1.22 -37.68 -80.70
C SER AB 54 1.35 -37.69 -82.19
N ALA AB 55 2.50 -38.17 -82.69
CA ALA AB 55 2.74 -38.25 -84.12
C ALA AB 55 1.63 -39.02 -84.79
N VAL AB 56 1.28 -40.16 -84.21
CA VAL AB 56 0.21 -40.98 -84.74
C VAL AB 56 -1.09 -40.23 -84.80
N LEU AB 57 -1.43 -39.57 -83.71
CA LEU AB 57 -2.69 -38.88 -83.62
C LEU AB 57 -2.81 -37.78 -84.64
N THR AB 58 -1.70 -37.13 -84.94
CA THR AB 58 -1.70 -36.12 -85.97
C THR AB 58 -1.97 -36.74 -87.33
N GLN AB 59 -1.39 -37.92 -87.57
CA GLN AB 59 -1.65 -38.64 -88.83
C GLN AB 59 -3.13 -39.06 -88.94
N TYR AB 60 -3.77 -39.33 -87.80
CA TYR AB 60 -5.18 -39.70 -87.81
C TYR AB 60 -6.12 -38.51 -87.70
N GLY AB 61 -5.60 -37.30 -87.66
CA GLY AB 61 -6.45 -36.13 -87.64
C GLY AB 61 -7.10 -35.89 -86.29
N ILE AB 62 -6.54 -36.44 -85.23
CA ILE AB 62 -7.12 -36.33 -83.92
C ILE AB 62 -6.71 -35.04 -83.26
N THR AB 63 -7.67 -34.27 -82.79
CA THR AB 63 -7.39 -32.98 -82.18
C THR AB 63 -8.03 -32.83 -80.80
N GLY AB 64 -7.57 -31.85 -80.06
CA GLY AB 64 -8.14 -31.51 -78.78
C GLY AB 64 -8.03 -32.66 -77.79
N PRO AB 65 -9.00 -32.75 -76.90
CA PRO AB 65 -9.14 -33.72 -75.85
C PRO AB 65 -9.22 -35.13 -76.39
N ASN AB 66 -9.53 -35.26 -77.66
CA ASN AB 66 -9.57 -36.57 -78.25
C ASN AB 66 -8.19 -37.15 -78.30
N ARG AB 67 -7.19 -36.29 -78.44
CA ARG AB 67 -5.82 -36.73 -78.44
C ARG AB 67 -5.50 -37.22 -77.07
N ALA AB 68 -5.98 -36.47 -76.08
CA ALA AB 68 -5.75 -36.82 -74.68
C ALA AB 68 -6.31 -38.19 -74.34
N ILE AB 69 -7.43 -38.56 -74.95
CA ILE AB 69 -7.99 -39.89 -74.74
C ILE AB 69 -7.01 -40.95 -75.13
N TYR AB 70 -6.48 -40.83 -76.32
CA TYR AB 70 -5.57 -41.83 -76.83
C TYR AB 70 -4.23 -41.78 -76.15
N GLN AB 71 -3.82 -40.60 -75.73
CA GLN AB 71 -2.58 -40.46 -75.00
C GLN AB 71 -2.66 -41.19 -73.69
N GLY AB 72 -3.79 -41.08 -73.01
CA GLY AB 72 -4.01 -41.77 -71.75
C GLY AB 72 -3.90 -43.27 -71.95
N PHE AB 73 -4.54 -43.76 -72.99
CA PHE AB 73 -4.48 -45.15 -73.34
C PHE AB 73 -3.06 -45.61 -73.54
N GLY AB 74 -2.31 -44.87 -74.36
CA GLY AB 74 -0.93 -45.22 -74.64
C GLY AB 74 -0.08 -45.25 -73.38
N LEU AB 75 -0.25 -44.26 -72.54
CA LEU AB 75 0.50 -44.18 -71.31
C LEU AB 75 0.22 -45.37 -70.42
N LYS AB 76 -1.03 -45.81 -70.39
CA LYS AB 76 -1.40 -46.97 -69.62
C LYS AB 76 -0.73 -48.22 -70.13
N VAL AB 77 -0.64 -48.36 -71.45
CA VAL AB 77 0.03 -49.50 -72.03
C VAL AB 77 1.47 -49.55 -71.57
N ALA AB 78 2.13 -48.41 -71.63
CA ALA AB 78 3.52 -48.30 -71.23
C ALA AB 78 3.69 -48.59 -69.74
N ARG AB 79 2.75 -48.14 -68.93
CA ARG AB 79 2.80 -48.38 -67.49
C ARG AB 79 2.84 -49.85 -67.19
N ALA AB 80 1.92 -50.57 -67.78
CA ALA AB 80 1.84 -52.00 -67.59
C ALA AB 80 3.11 -52.66 -68.06
N LEU AB 81 3.64 -52.20 -69.18
CA LEU AB 81 4.86 -52.73 -69.69
C LEU AB 81 5.96 -52.61 -68.66
N ASN AB 82 6.10 -51.44 -68.05
CA ASN AB 82 7.14 -51.24 -67.05
C ASN AB 82 6.95 -52.10 -65.80
N ARG AB 83 5.70 -52.26 -65.35
CA ARG AB 83 5.45 -52.97 -64.10
C ARG AB 83 5.20 -54.47 -64.29
N ILE AB 84 4.97 -54.89 -65.53
CA ILE AB 84 4.73 -56.30 -65.83
C ILE AB 84 5.80 -56.87 -66.75
N GLY AB 85 6.09 -56.15 -67.82
CA GLY AB 85 7.01 -56.63 -68.83
C GLY AB 85 6.24 -57.22 -69.98
N SER AB 86 6.89 -57.38 -71.13
CA SER AB 86 6.21 -57.90 -72.31
C SER AB 86 5.89 -59.36 -72.16
N GLY AB 87 4.98 -59.85 -73.00
CA GLY AB 87 4.59 -61.24 -72.97
C GLY AB 87 3.14 -61.40 -72.53
N PRO AB 88 2.71 -62.64 -72.39
CA PRO AB 88 1.36 -63.11 -71.99
C PRO AB 88 0.60 -62.10 -71.13
N ALA AB 89 1.14 -61.79 -69.96
CA ALA AB 89 0.46 -60.92 -69.02
C ALA AB 89 0.14 -59.57 -69.63
N LEU AB 90 1.05 -59.04 -70.43
CA LEU AB 90 0.83 -57.76 -71.07
C LEU AB 90 -0.29 -57.87 -72.04
N VAL AB 91 -0.32 -58.97 -72.78
CA VAL AB 91 -1.39 -59.22 -73.73
C VAL AB 91 -2.73 -59.21 -73.04
N ASN AB 92 -2.80 -59.89 -71.89
CA ASN AB 92 -4.02 -59.94 -71.12
C ASN AB 92 -4.44 -58.55 -70.71
N MET AB 93 -3.47 -57.76 -70.29
CA MET AB 93 -3.72 -56.41 -69.88
C MET AB 93 -4.27 -55.56 -70.98
N ILE AB 94 -3.62 -55.57 -72.13
CA ILE AB 94 -4.00 -54.71 -73.22
C ILE AB 94 -5.38 -55.03 -73.71
N ASN AB 95 -5.72 -56.31 -73.79
CA ASN AB 95 -7.06 -56.69 -74.21
C ASN AB 95 -8.11 -56.04 -73.35
N GLY AB 96 -7.93 -56.11 -72.03
CA GLY AB 96 -8.88 -55.52 -71.10
C GLY AB 96 -8.87 -54.02 -71.22
N LEU AB 97 -7.68 -53.46 -71.34
CA LEU AB 97 -7.52 -52.02 -71.47
C LEU AB 97 -8.24 -51.47 -72.66
N LYS AB 98 -8.11 -52.12 -73.79
CA LYS AB 98 -8.82 -51.70 -74.96
C LYS AB 98 -10.31 -51.72 -74.73
N GLY AB 99 -10.79 -52.79 -74.11
CA GLY AB 99 -12.21 -52.88 -73.80
C GLY AB 99 -12.64 -51.70 -72.95
N TYR AB 100 -11.81 -51.34 -71.98
CA TYR AB 100 -12.06 -50.22 -71.10
C TYR AB 100 -12.27 -48.95 -71.89
N TYR AB 101 -11.31 -48.59 -72.71
CA TYR AB 101 -11.41 -47.36 -73.46
C TYR AB 101 -12.45 -47.36 -74.55
N ILE AB 102 -12.57 -48.47 -75.26
CA ILE AB 102 -13.50 -48.55 -76.34
C ILE AB 102 -14.91 -48.36 -75.88
N SER AB 103 -15.28 -49.04 -74.81
CA SER AB 103 -16.66 -48.99 -74.37
C SER AB 103 -16.95 -47.96 -73.29
N ALA AB 104 -15.95 -47.61 -72.48
CA ALA AB 104 -16.21 -46.63 -71.43
C ALA AB 104 -16.09 -45.23 -71.95
N PHE AB 105 -15.16 -44.99 -72.87
CA PHE AB 105 -14.92 -43.65 -73.38
C PHE AB 105 -15.20 -43.52 -74.85
N ASN AB 106 -15.70 -44.59 -75.45
CA ASN AB 106 -16.01 -44.58 -76.87
C ASN AB 106 -14.80 -44.30 -77.73
N ALA AB 107 -13.65 -44.83 -77.33
CA ALA AB 107 -12.43 -44.66 -78.10
C ALA AB 107 -12.50 -45.54 -79.34
N ASN AB 108 -11.90 -45.07 -80.44
CA ASN AB 108 -11.95 -45.79 -81.70
C ASN AB 108 -10.93 -46.92 -81.79
N PRO AB 109 -11.36 -48.17 -81.58
CA PRO AB 109 -10.57 -49.42 -81.65
C PRO AB 109 -9.41 -49.35 -82.64
N GLN AB 110 -9.69 -48.85 -83.84
CA GLN AB 110 -8.68 -48.82 -84.88
C GLN AB 110 -7.52 -47.91 -84.51
N VAL AB 111 -7.84 -46.75 -83.97
CA VAL AB 111 -6.81 -45.83 -83.56
C VAL AB 111 -6.07 -46.39 -82.37
N LEU AB 112 -6.80 -47.05 -81.49
CA LEU AB 112 -6.20 -47.65 -80.31
C LEU AB 112 -5.17 -48.66 -80.70
N ASP AB 113 -5.45 -49.43 -81.73
CA ASP AB 113 -4.50 -50.39 -82.24
C ASP AB 113 -3.31 -49.72 -82.84
N ALA AB 114 -3.52 -48.56 -83.47
CA ALA AB 114 -2.41 -47.79 -83.99
C ALA AB 114 -1.47 -47.35 -82.87
N VAL AB 115 -2.05 -46.99 -81.72
CA VAL AB 115 -1.24 -46.61 -80.57
C VAL AB 115 -0.42 -47.78 -80.09
N VAL AB 116 -1.06 -48.94 -79.94
CA VAL AB 116 -0.37 -50.15 -79.50
C VAL AB 116 0.73 -50.51 -80.49
N ASN AB 117 0.45 -50.36 -81.77
CA ASN AB 117 1.40 -50.62 -82.85
C ASN AB 117 2.70 -49.82 -82.73
N ILE AB 118 2.70 -48.78 -81.91
CA ILE AB 118 3.89 -48.01 -81.72
C ILE AB 118 4.60 -48.42 -80.47
N ILE AB 119 3.86 -48.46 -79.38
CA ILE AB 119 4.44 -48.76 -78.09
C ILE AB 119 4.97 -50.17 -78.03
N THR AB 120 4.19 -51.12 -78.51
CA THR AB 120 4.61 -52.51 -78.52
C THR AB 120 5.25 -52.85 -79.85
N GLY AB 121 4.81 -52.16 -80.88
CA GLY AB 121 5.33 -52.40 -82.22
C GLY AB 121 4.32 -53.13 -83.06
N SER AB 122 3.28 -53.64 -82.43
CA SER AB 122 2.22 -54.36 -83.12
C SER AB 122 1.02 -54.46 -82.21
N PRO AB 123 -0.14 -54.72 -82.78
CA PRO AB 123 -1.37 -54.98 -82.08
C PRO AB 123 -1.18 -56.20 -81.22
N THR AB 124 -1.98 -56.35 -80.18
CA THR AB 124 -1.74 -57.40 -79.23
C THR AB 124 -2.40 -58.70 -79.63
N GLY AB 125 -2.88 -59.45 -78.65
CA GLY AB 125 -3.47 -60.76 -78.92
C GLY AB 125 -2.37 -61.81 -79.08
N TYR AB 126 -1.55 -61.62 -80.09
CA TYR AB 126 -0.42 -62.46 -80.36
C TYR AB 126 0.84 -61.73 -79.92
N VAL AB 127 1.80 -62.47 -79.42
CA VAL AB 127 3.05 -61.87 -79.01
C VAL AB 127 4.03 -61.81 -80.17
N SER AB 128 4.36 -60.61 -80.59
CA SER AB 128 5.28 -60.41 -81.69
C SER AB 128 5.70 -58.95 -81.80
N SER BB 1 3.43 -28.17 -74.92
CA SER BB 1 4.46 -28.78 -75.74
C SER BB 1 5.82 -28.72 -75.08
N ARG BB 2 6.23 -29.82 -74.45
CA ARG BB 2 7.52 -29.86 -73.75
C ARG BB 2 8.20 -31.22 -73.89
N SER BB 3 9.53 -31.20 -73.97
CA SER BB 3 10.34 -32.42 -73.97
C SER BB 3 10.46 -32.90 -72.56
N TYR BB 4 11.02 -34.09 -72.36
CA TYR BB 4 11.12 -34.57 -71.00
C TYR BB 4 12.14 -33.75 -70.27
N SER BB 5 13.10 -33.22 -71.00
CA SER BB 5 14.15 -32.46 -70.37
C SER BB 5 13.59 -31.21 -69.78
N GLN BB 6 12.58 -30.66 -70.44
CA GLN BB 6 11.89 -29.51 -69.93
C GLN BB 6 10.98 -29.87 -68.80
N ARG BB 7 10.31 -31.01 -68.93
CA ARG BB 7 9.43 -31.49 -67.89
C ARG BB 7 10.19 -31.67 -66.61
N TYR BB 8 11.34 -32.31 -66.71
CA TYR BB 8 12.20 -32.54 -65.59
C TYR BB 8 12.75 -31.27 -65.05
N ALA BB 9 13.30 -30.44 -65.91
CA ALA BB 9 13.91 -29.20 -65.46
C ALA BB 9 13.00 -28.43 -64.54
N LYS BB 10 11.78 -28.19 -64.99
CA LYS BB 10 10.86 -27.44 -64.19
C LYS BB 10 10.43 -28.19 -62.96
N TRP BB 11 10.20 -29.50 -63.12
CA TRP BB 11 9.82 -30.32 -61.99
C TRP BB 11 10.85 -30.25 -60.91
N GLN BB 12 12.11 -30.26 -61.29
CA GLN BB 12 13.17 -30.20 -60.34
C GLN BB 12 13.16 -28.89 -59.61
N ALA BB 13 12.98 -27.80 -60.33
CA ALA BB 13 12.96 -26.49 -59.73
C ALA BB 13 11.85 -26.36 -58.73
N LYS BB 14 10.70 -26.91 -59.05
CA LYS BB 14 9.56 -26.81 -58.17
C LYS BB 14 9.67 -27.74 -57.01
N PHE BB 15 10.27 -28.89 -57.20
CA PHE BB 15 10.48 -29.79 -56.11
C PHE BB 15 11.40 -29.15 -55.10
N ASN BB 16 12.48 -28.55 -55.60
CA ASN BB 16 13.44 -27.88 -54.76
C ASN BB 16 12.77 -26.80 -53.95
N ALA BB 17 11.97 -25.99 -54.62
CA ALA BB 17 11.27 -24.91 -53.97
C ALA BB 17 10.42 -25.42 -52.83
N PHE BB 18 9.60 -26.42 -53.11
CA PHE BB 18 8.72 -26.97 -52.11
C PHE BB 18 9.43 -27.50 -50.92
N SER BB 19 10.60 -28.12 -51.13
CA SER BB 19 11.33 -28.74 -50.03
C SER BB 19 11.83 -27.72 -48.98
N ASN BB 20 11.82 -26.43 -49.33
CA ASN BB 20 12.25 -25.38 -48.42
C ASN BB 20 11.31 -25.24 -47.24
N PRO BB 21 11.78 -25.51 -46.01
CA PRO BB 21 11.03 -25.43 -44.74
C PRO BB 21 9.91 -24.40 -44.77
N THR BB 22 10.24 -23.20 -45.21
CA THR BB 22 9.30 -22.11 -45.22
C THR BB 22 8.23 -22.32 -46.24
N VAL BB 23 8.64 -22.70 -47.43
CA VAL BB 23 7.69 -22.91 -48.50
C VAL BB 23 6.76 -24.04 -48.19
N ALA BB 24 7.32 -25.14 -47.72
CA ALA BB 24 6.53 -26.30 -47.40
C ALA BB 24 5.49 -25.97 -46.37
N SER BB 25 5.92 -25.37 -45.27
CA SER BB 25 5.01 -25.09 -44.20
C SER BB 25 4.03 -23.99 -44.53
N THR BB 26 4.45 -23.04 -45.35
CA THR BB 26 3.56 -21.99 -45.74
C THR BB 26 2.39 -22.53 -46.48
N ILE BB 27 2.68 -23.30 -47.51
CA ILE BB 27 1.64 -23.85 -48.32
C ILE BB 27 0.79 -24.82 -47.55
N LEU BB 28 1.42 -25.76 -46.88
CA LEU BB 28 0.72 -26.83 -46.21
C LEU BB 28 -0.11 -26.34 -45.06
N SER BB 29 0.39 -25.36 -44.32
CA SER BB 29 -0.39 -24.83 -43.22
C SER BB 29 -1.55 -24.00 -43.70
N ASN BB 30 -1.41 -23.39 -44.88
CA ASN BB 30 -2.50 -22.61 -45.43
C ASN BB 30 -3.59 -23.48 -45.98
N VAL BB 31 -3.24 -24.63 -46.56
CA VAL BB 31 -4.24 -25.50 -47.14
C VAL BB 31 -4.69 -26.56 -46.18
N SER BB 32 -4.17 -26.52 -44.96
CA SER BB 32 -4.56 -27.48 -43.94
C SER BB 32 -6.08 -27.63 -43.82
N PRO BB 33 -6.79 -26.68 -43.18
CA PRO BB 33 -8.24 -26.76 -42.96
C PRO BB 33 -9.02 -27.01 -44.26
N VAL BB 34 -8.48 -26.60 -45.40
CA VAL BB 34 -9.11 -26.81 -46.67
C VAL BB 34 -9.06 -28.27 -47.01
N ALA BB 35 -7.88 -28.85 -46.87
CA ALA BB 35 -7.67 -30.25 -47.11
C ALA BB 35 -8.54 -31.08 -46.23
N GLN BB 36 -8.70 -30.64 -44.99
CA GLN BB 36 -9.49 -31.36 -44.04
C GLN BB 36 -10.91 -31.45 -44.51
N GLN BB 37 -11.42 -30.35 -45.03
CA GLN BB 37 -12.77 -30.34 -45.54
C GLN BB 37 -12.93 -31.29 -46.70
N ASN BB 38 -11.97 -31.27 -47.60
CA ASN BB 38 -12.04 -32.09 -48.78
C ASN BB 38 -11.94 -33.56 -48.45
N PHE BB 39 -11.07 -33.89 -47.52
CA PHE BB 39 -10.91 -35.25 -47.08
C PHE BB 39 -12.18 -35.73 -46.41
N GLN BB 40 -12.70 -34.94 -45.51
CA GLN BB 40 -13.89 -35.30 -44.79
C GLN BB 40 -15.08 -35.47 -45.71
N THR BB 41 -15.14 -34.65 -46.73
CA THR BB 41 -16.27 -34.67 -47.62
C THR BB 41 -16.31 -35.91 -48.50
N ASN BB 42 -15.21 -36.22 -49.18
CA ASN BB 42 -15.24 -37.31 -50.16
C ASN BB 42 -14.80 -38.67 -49.66
N VAL BB 43 -14.10 -38.74 -48.54
CA VAL BB 43 -13.58 -40.05 -48.12
C VAL BB 43 -14.60 -41.05 -47.51
N PRO BB 44 -15.40 -40.65 -46.50
CA PRO BB 44 -16.37 -41.53 -45.85
C PRO BB 44 -17.32 -42.18 -46.85
N LYS BB 45 -17.48 -41.57 -48.02
CA LYS BB 45 -18.28 -42.09 -49.10
C LYS BB 45 -17.76 -43.42 -49.57
N PHE BB 46 -16.44 -43.55 -49.60
CA PHE BB 46 -15.81 -44.77 -50.07
C PHE BB 46 -15.60 -45.74 -48.95
N THR BB 47 -15.49 -45.23 -47.73
CA THR BB 47 -15.35 -46.10 -46.59
C THR BB 47 -16.59 -46.97 -46.45
N SER BB 48 -17.76 -46.36 -46.63
CA SER BB 48 -19.00 -47.11 -46.56
C SER BB 48 -19.07 -48.17 -47.64
N VAL BB 49 -18.46 -47.89 -48.78
CA VAL BB 49 -18.39 -48.85 -49.86
C VAL BB 49 -17.59 -50.03 -49.43
N ASN BB 50 -16.44 -49.76 -48.82
CA ASN BB 50 -15.56 -50.81 -48.38
C ASN BB 50 -16.24 -51.74 -47.43
N GLU BB 51 -17.03 -51.20 -46.50
CA GLU BB 51 -17.72 -52.07 -45.54
C GLU BB 51 -18.69 -53.01 -46.24
N ASN BB 52 -19.57 -52.45 -47.07
CA ASN BB 52 -20.57 -53.28 -47.74
C ASN BB 52 -19.96 -54.24 -48.73
N VAL BB 53 -19.01 -53.77 -49.53
CA VAL BB 53 -18.37 -54.61 -50.52
C VAL BB 53 -17.63 -55.74 -49.86
N SER BB 54 -16.93 -55.43 -48.79
CA SER BB 54 -16.21 -56.43 -48.06
C SER BB 54 -17.14 -57.51 -47.56
N ALA BB 55 -18.28 -57.09 -47.02
CA ALA BB 55 -19.26 -58.04 -46.53
C ALA BB 55 -19.69 -58.99 -47.62
N VAL BB 56 -19.94 -58.46 -48.80
CA VAL BB 56 -20.30 -59.27 -49.94
C VAL BB 56 -19.24 -60.28 -50.27
N LEU BB 57 -18.01 -59.83 -50.29
CA LEU BB 57 -16.91 -60.69 -50.64
C LEU BB 57 -16.78 -61.83 -49.67
N THR BB 58 -17.08 -61.58 -48.40
CA THR BB 58 -17.10 -62.64 -47.42
C THR BB 58 -18.19 -63.66 -47.71
N GLN BB 59 -19.35 -63.16 -48.11
CA GLN BB 59 -20.44 -64.05 -48.50
C GLN BB 59 -20.12 -64.87 -49.76
N TYR BB 60 -19.28 -64.32 -50.63
CA TYR BB 60 -18.83 -65.06 -51.82
C TYR BB 60 -17.57 -65.89 -51.58
N GLY BB 61 -17.06 -65.89 -50.36
CA GLY BB 61 -15.91 -66.74 -50.05
C GLY BB 61 -14.59 -66.19 -50.59
N ILE BB 62 -14.57 -64.90 -50.91
CA ILE BB 62 -13.38 -64.30 -51.50
C ILE BB 62 -12.39 -63.91 -50.43
N THR BB 63 -11.14 -64.35 -50.58
CA THR BB 63 -10.12 -64.06 -49.59
C THR BB 63 -8.86 -63.45 -50.19
N GLY BB 64 -8.04 -62.87 -49.34
CA GLY BB 64 -6.76 -62.34 -49.74
C GLY BB 64 -6.89 -61.23 -50.76
N PRO BB 65 -5.90 -61.13 -51.63
CA PRO BB 65 -5.77 -60.16 -52.69
C PRO BB 65 -6.91 -60.23 -53.67
N ASN BB 66 -7.63 -61.35 -53.67
CA ASN BB 66 -8.76 -61.46 -54.54
C ASN BB 66 -9.83 -60.50 -54.10
N ARG BB 67 -9.91 -60.25 -52.79
CA ARG BB 67 -10.85 -59.30 -52.29
C ARG BB 67 -10.47 -57.95 -52.76
N ALA BB 68 -9.16 -57.68 -52.72
CA ALA BB 68 -8.62 -56.40 -53.15
C ALA BB 68 -8.92 -56.12 -54.60
N ILE BB 69 -8.97 -57.15 -55.44
CA ILE BB 69 -9.35 -56.95 -56.82
C ILE BB 69 -10.72 -56.35 -56.90
N TYR BB 70 -11.65 -56.90 -56.16
CA TYR BB 70 -13.00 -56.44 -56.21
C TYR BB 70 -13.17 -55.13 -55.47
N GLN BB 71 -12.34 -54.89 -54.46
CA GLN BB 71 -12.38 -53.63 -53.76
C GLN BB 71 -11.96 -52.52 -54.69
N GLY BB 72 -10.92 -52.76 -55.48
CA GLY BB 72 -10.45 -51.79 -56.45
C GLY BB 72 -11.54 -51.48 -57.45
N PHE BB 73 -12.17 -52.53 -57.95
CA PHE BB 73 -13.27 -52.37 -58.87
C PHE BB 73 -14.38 -51.54 -58.29
N GLY BB 74 -14.85 -51.91 -57.10
CA GLY BB 74 -15.95 -51.22 -56.45
C GLY BB 74 -15.64 -49.77 -56.21
N LEU BB 75 -14.46 -49.51 -55.71
CA LEU BB 75 -14.06 -48.15 -55.43
C LEU BB 75 -14.05 -47.31 -56.69
N LYS BB 76 -13.60 -47.91 -57.79
CA LYS BB 76 -13.56 -47.22 -59.06
C LYS BB 76 -14.97 -46.94 -59.58
N VAL BB 77 -15.89 -47.86 -59.34
CA VAL BB 77 -17.28 -47.64 -59.70
C VAL BB 77 -17.82 -46.44 -58.96
N ALA BB 78 -17.56 -46.39 -57.66
CA ALA BB 78 -18.02 -45.29 -56.82
C ALA BB 78 -17.40 -43.97 -57.26
N ARG BB 79 -16.13 -44.01 -57.64
CA ARG BB 79 -15.47 -42.81 -58.14
C ARG BB 79 -16.22 -42.20 -59.30
N ALA BB 80 -16.53 -43.03 -60.28
CA ALA BB 80 -17.24 -42.58 -61.45
C ALA BB 80 -18.59 -42.02 -61.07
N LEU BB 81 -19.24 -42.68 -60.12
CA LEU BB 81 -20.51 -42.18 -59.65
C LEU BB 81 -20.38 -40.77 -59.15
N ASN BB 82 -19.36 -40.49 -58.33
CA ASN BB 82 -19.17 -39.14 -57.82
C ASN BB 82 -18.87 -38.11 -58.91
N ARG BB 83 -18.00 -38.45 -59.85
CA ARG BB 83 -17.55 -37.48 -60.84
C ARG BB 83 -18.50 -37.37 -62.04
N ILE BB 84 -19.27 -38.41 -62.31
CA ILE BB 84 -20.23 -38.41 -63.41
C ILE BB 84 -21.67 -38.27 -62.93
N GLY BB 85 -22.02 -39.10 -61.95
CA GLY BB 85 -23.39 -39.13 -61.47
C GLY BB 85 -24.12 -40.28 -62.13
N SER BB 86 -25.23 -40.71 -61.55
CA SER BB 86 -25.95 -41.85 -62.10
C SER BB 86 -26.60 -41.51 -63.41
N GLY BB 87 -26.93 -42.54 -64.18
CA GLY BB 87 -27.55 -42.35 -65.48
C GLY BB 87 -26.65 -42.89 -66.59
N PRO BB 88 -27.11 -42.74 -67.83
CA PRO BB 88 -26.48 -43.17 -69.09
C PRO BB 88 -24.97 -43.26 -69.03
N ALA BB 89 -24.32 -42.12 -68.80
CA ALA BB 89 -22.86 -42.07 -68.82
C ALA BB 89 -22.24 -43.00 -67.82
N LEU BB 90 -22.85 -43.15 -66.66
CA LEU BB 90 -22.32 -44.04 -65.65
C LEU BB 90 -22.39 -45.44 -66.13
N VAL BB 91 -23.51 -45.80 -66.73
CA VAL BB 91 -23.68 -47.12 -67.26
C VAL BB 91 -22.63 -47.42 -68.30
N ASN BB 92 -22.37 -46.44 -69.19
CA ASN BB 92 -21.35 -46.58 -70.20
C ASN BB 92 -20.01 -46.86 -69.55
N MET BB 93 -19.71 -46.12 -68.50
CA MET BB 93 -18.50 -46.30 -67.76
C MET BB 93 -18.39 -47.68 -67.17
N ILE BB 94 -19.43 -48.10 -66.47
CA ILE BB 94 -19.40 -49.35 -65.76
C ILE BB 94 -19.24 -50.50 -66.70
N ASN BB 95 -19.90 -50.44 -67.85
CA ASN BB 95 -19.79 -51.51 -68.83
C ASN BB 95 -18.34 -51.73 -69.23
N GLY BB 96 -17.63 -50.64 -69.51
CA GLY BB 96 -16.24 -50.73 -69.89
C GLY BB 96 -15.38 -51.16 -68.73
N LEU BB 97 -15.66 -50.63 -67.56
CA LEU BB 97 -14.92 -50.97 -66.37
C LEU BB 97 -15.04 -52.43 -66.01
N LYS BB 98 -16.24 -52.94 -66.04
CA LYS BB 98 -16.48 -54.33 -65.77
C LYS BB 98 -15.68 -55.21 -66.70
N GLY BB 99 -15.83 -54.99 -68.02
CA GLY BB 99 -15.11 -55.78 -69.01
C GLY BB 99 -13.61 -55.69 -68.79
N TYR BB 100 -13.15 -54.50 -68.46
CA TYR BB 100 -11.75 -54.24 -68.16
C TYR BB 100 -11.24 -55.18 -67.10
N TYR BB 101 -11.90 -55.21 -65.96
CA TYR BB 101 -11.47 -56.09 -64.89
C TYR BB 101 -11.60 -57.56 -65.21
N ILE BB 102 -12.64 -57.93 -65.93
CA ILE BB 102 -12.84 -59.31 -66.26
C ILE BB 102 -11.69 -59.87 -67.05
N SER BB 103 -11.29 -59.15 -68.07
CA SER BB 103 -10.26 -59.67 -68.95
C SER BB 103 -8.85 -59.23 -68.59
N ALA BB 104 -8.71 -58.06 -67.98
CA ALA BB 104 -7.38 -57.58 -67.63
C ALA BB 104 -6.86 -58.28 -66.42
N PHE BB 105 -7.74 -58.52 -65.43
CA PHE BB 105 -7.31 -59.11 -64.17
C PHE BB 105 -7.99 -60.42 -63.87
N ASN BB 106 -8.72 -60.94 -64.83
CA ASN BB 106 -9.43 -62.20 -64.64
C ASN BB 106 -10.41 -62.12 -63.48
N ALA BB 107 -11.07 -60.97 -63.33
CA ALA BB 107 -12.05 -60.83 -62.29
C ALA BB 107 -13.32 -61.59 -62.66
N ASN BB 108 -13.97 -62.17 -61.67
CA ASN BB 108 -15.15 -63.00 -61.90
C ASN BB 108 -16.44 -62.18 -62.01
N PRO BB 109 -16.96 -62.02 -63.24
CA PRO BB 109 -18.22 -61.33 -63.59
C PRO BB 109 -19.28 -61.43 -62.49
N GLN BB 110 -19.45 -62.61 -61.92
CA GLN BB 110 -20.47 -62.81 -60.90
C GLN BB 110 -20.25 -61.95 -59.69
N VAL BB 111 -19.03 -61.93 -59.21
CA VAL BB 111 -18.73 -61.15 -58.06
C VAL BB 111 -18.75 -59.69 -58.42
N LEU BB 112 -18.29 -59.37 -59.63
CA LEU BB 112 -18.26 -58.00 -60.10
C LEU BB 112 -19.65 -57.42 -60.10
N ASP BB 113 -20.62 -58.23 -60.53
CA ASP BB 113 -21.99 -57.81 -60.53
C ASP BB 113 -22.48 -57.59 -59.14
N ALA BB 114 -22.09 -58.48 -58.23
CA ALA BB 114 -22.48 -58.32 -56.84
C ALA BB 114 -22.00 -57.00 -56.28
N VAL BB 115 -20.77 -56.61 -56.63
CA VAL BB 115 -20.24 -55.34 -56.18
C VAL BB 115 -21.06 -54.19 -56.69
N VAL BB 116 -21.39 -54.23 -57.99
CA VAL BB 116 -22.21 -53.19 -58.59
C VAL BB 116 -23.59 -53.16 -57.94
N ASN BB 117 -24.11 -54.34 -57.59
CA ASN BB 117 -25.41 -54.45 -56.96
C ASN BB 117 -25.46 -53.88 -55.54
N ILE BB 118 -24.32 -53.44 -55.03
CA ILE BB 118 -24.28 -52.77 -53.77
C ILE BB 118 -24.20 -51.31 -53.97
N ILE BB 119 -23.24 -50.90 -54.78
CA ILE BB 119 -22.98 -49.50 -55.02
C ILE BB 119 -24.11 -48.84 -55.76
N THR BB 120 -24.57 -49.47 -56.84
CA THR BB 120 -25.65 -48.92 -57.62
C THR BB 120 -26.94 -49.52 -57.20
N GLY BB 121 -26.90 -50.79 -56.80
CA GLY BB 121 -28.08 -51.49 -56.39
C GLY BB 121 -28.61 -52.38 -57.49
N SER BB 122 -28.10 -52.19 -58.70
CA SER BB 122 -28.55 -52.95 -59.84
C SER BB 122 -27.42 -53.16 -60.82
N PRO BB 123 -27.50 -54.21 -61.64
CA PRO BB 123 -26.58 -54.57 -62.70
C PRO BB 123 -26.50 -53.47 -63.72
N THR BB 124 -25.42 -53.47 -64.48
CA THR BB 124 -25.21 -52.47 -65.51
C THR BB 124 -25.81 -52.93 -66.83
N GLY BB 125 -25.11 -52.65 -67.94
CA GLY BB 125 -25.60 -53.05 -69.25
C GLY BB 125 -26.60 -52.03 -69.78
N TYR BB 126 -27.75 -51.93 -69.09
CA TYR BB 126 -28.79 -50.99 -69.44
C TYR BB 126 -29.13 -50.10 -68.25
N VAL BB 127 -29.61 -48.90 -68.54
CA VAL BB 127 -29.95 -47.94 -67.49
C VAL BB 127 -31.14 -48.43 -66.68
N SER BB 128 -30.96 -48.57 -65.37
CA SER BB 128 -32.03 -49.05 -64.50
C SER BB 128 -31.73 -48.77 -63.02
N SER CB 1 -14.57 -34.26 -57.28
CA SER CB 1 -15.29 -33.08 -57.75
C SER CB 1 -15.26 -31.97 -56.71
N ARG CB 2 -15.35 -30.73 -57.18
CA ARG CB 2 -15.25 -29.57 -56.30
C ARG CB 2 -16.30 -28.52 -56.58
N SER CB 3 -17.00 -28.09 -55.53
CA SER CB 3 -17.98 -27.02 -55.60
C SER CB 3 -17.29 -25.69 -55.61
N TYR CB 4 -18.02 -24.63 -55.90
CA TYR CB 4 -17.44 -23.29 -55.87
C TYR CB 4 -16.79 -23.00 -54.55
N SER CB 5 -17.49 -23.30 -53.47
CA SER CB 5 -16.94 -23.06 -52.14
C SER CB 5 -15.56 -23.67 -52.04
N GLN CB 6 -15.43 -24.90 -52.50
CA GLN CB 6 -14.17 -25.60 -52.46
C GLN CB 6 -13.15 -25.01 -53.43
N ARG CB 7 -13.60 -24.64 -54.62
CA ARG CB 7 -12.70 -24.07 -55.63
C ARG CB 7 -12.02 -22.86 -55.08
N TYR CB 8 -12.82 -21.96 -54.56
CA TYR CB 8 -12.33 -20.73 -54.03
C TYR CB 8 -11.50 -20.93 -52.81
N ALA CB 9 -11.98 -21.74 -51.88
CA ALA CB 9 -11.27 -21.97 -50.63
C ALA CB 9 -9.82 -22.32 -50.88
N LYS CB 10 -9.58 -23.32 -51.71
CA LYS CB 10 -8.23 -23.74 -51.95
C LYS CB 10 -7.45 -22.72 -52.73
N TRP CB 11 -8.11 -22.07 -53.69
CA TRP CB 11 -7.45 -21.02 -54.45
C TRP CB 11 -6.92 -19.96 -53.55
N GLN CB 12 -7.71 -19.59 -52.57
CA GLN CB 12 -7.33 -18.57 -51.64
C GLN CB 12 -6.14 -18.97 -50.85
N ALA CB 13 -6.15 -20.21 -50.37
CA ALA CB 13 -5.05 -20.70 -49.56
C ALA CB 13 -3.75 -20.68 -50.32
N LYS CB 14 -3.79 -21.06 -51.58
CA LYS CB 14 -2.60 -21.12 -52.38
C LYS CB 14 -2.14 -19.75 -52.78
N PHE CB 15 -3.09 -18.87 -53.03
CA PHE CB 15 -2.74 -17.51 -53.37
C PHE CB 15 -2.01 -16.86 -52.21
N ASN CB 16 -2.56 -17.04 -51.01
CA ASN CB 16 -1.97 -16.49 -49.82
C ASN CB 16 -0.56 -16.99 -49.63
N ALA CB 17 -0.39 -18.30 -49.80
CA ALA CB 17 0.91 -18.91 -49.65
C ALA CB 17 1.92 -18.28 -50.58
N PHE CB 18 1.56 -18.19 -51.85
CA PHE CB 18 2.45 -17.65 -52.85
C PHE CB 18 2.86 -16.23 -52.55
N SER CB 19 1.95 -15.42 -52.02
CA SER CB 19 2.24 -14.01 -51.77
C SER CB 19 3.36 -13.80 -50.74
N ASN CB 20 3.69 -14.84 -49.97
CA ASN CB 20 4.75 -14.77 -48.98
C ASN CB 20 6.11 -14.54 -49.64
N PRO CB 21 6.76 -13.39 -49.36
CA PRO CB 21 8.08 -12.98 -49.88
C PRO CB 21 9.02 -14.13 -50.20
N THR CB 22 9.14 -15.06 -49.25
CA THR CB 22 10.11 -16.12 -49.38
C THR CB 22 9.62 -17.21 -50.25
N VAL CB 23 8.32 -17.39 -50.28
CA VAL CB 23 7.75 -18.42 -51.10
C VAL CB 23 7.78 -18.02 -52.53
N ALA CB 24 7.39 -16.80 -52.78
CA ALA CB 24 7.39 -16.28 -54.13
C ALA CB 24 8.78 -16.29 -54.69
N SER CB 25 9.73 -15.79 -53.92
CA SER CB 25 11.08 -15.71 -54.41
C SER CB 25 11.74 -17.04 -54.52
N THR CB 26 11.41 -17.96 -53.64
CA THR CB 26 11.96 -19.29 -53.73
C THR CB 26 11.57 -19.93 -55.02
N ILE CB 27 10.28 -19.95 -55.28
CA ILE CB 27 9.77 -20.58 -56.46
C ILE CB 27 10.26 -19.90 -57.70
N LEU CB 28 10.08 -18.59 -57.77
CA LEU CB 28 10.37 -17.83 -58.96
C LEU CB 28 11.85 -17.83 -59.29
N SER CB 29 12.69 -17.75 -58.28
CA SER CB 29 14.12 -17.77 -58.54
C SER CB 29 14.59 -19.15 -58.95
N ASN CB 30 13.89 -20.19 -58.49
CA ASN CB 30 14.25 -21.53 -58.88
C ASN CB 30 13.85 -21.84 -60.29
N VAL CB 31 12.72 -21.30 -60.73
CA VAL CB 31 12.25 -21.58 -62.08
C VAL CB 31 12.66 -20.53 -63.05
N SER CB 32 13.43 -19.54 -62.59
CA SER CB 32 13.93 -18.49 -63.45
C SER CB 32 14.55 -19.04 -64.75
N PRO CB 33 15.79 -19.57 -64.70
CA PRO CB 33 16.50 -20.03 -65.89
C PRO CB 33 15.69 -21.04 -66.72
N VAL CB 34 14.77 -21.75 -66.07
CA VAL CB 34 13.94 -22.70 -66.76
C VAL CB 34 12.96 -21.99 -67.63
N ALA CB 35 12.28 -21.01 -67.05
CA ALA CB 35 11.33 -20.20 -67.77
C ALA CB 35 12.01 -19.48 -68.89
N GLN CB 36 13.22 -19.02 -68.64
CA GLN CB 36 13.98 -18.30 -69.65
C GLN CB 36 14.17 -19.14 -70.86
N GLN CB 37 14.53 -20.39 -70.65
CA GLN CB 37 14.70 -21.32 -71.72
C GLN CB 37 13.44 -21.47 -72.53
N ASN CB 38 12.33 -21.64 -71.84
CA ASN CB 38 11.06 -21.87 -72.49
C ASN CB 38 10.61 -20.67 -73.28
N PHE CB 39 10.81 -19.49 -72.72
CA PHE CB 39 10.44 -18.26 -73.38
C PHE CB 39 11.24 -18.09 -74.64
N GLN CB 40 12.55 -18.27 -74.52
CA GLN CB 40 13.44 -18.12 -75.65
C GLN CB 40 13.18 -19.16 -76.71
N THR CB 41 12.83 -20.36 -76.29
CA THR CB 41 12.62 -21.44 -77.22
C THR CB 41 11.41 -21.23 -78.10
N ASN CB 42 10.28 -20.85 -77.51
CA ASN CB 42 9.07 -20.77 -78.30
C ASN CB 42 8.69 -19.39 -78.79
N VAL CB 43 9.00 -18.34 -78.05
CA VAL CB 43 8.49 -17.01 -78.43
C VAL CB 43 8.89 -16.50 -79.82
N PRO CB 44 10.16 -16.63 -80.24
CA PRO CB 44 10.70 -16.24 -81.53
C PRO CB 44 9.90 -16.84 -82.67
N LYS CB 45 9.30 -18.00 -82.42
CA LYS CB 45 8.53 -18.71 -83.43
C LYS CB 45 7.28 -17.92 -83.77
N PHE CB 46 6.74 -17.23 -82.79
CA PHE CB 46 5.52 -16.48 -82.96
C PHE CB 46 5.82 -15.06 -83.35
N THR CB 47 6.98 -14.56 -82.99
CA THR CB 47 7.37 -13.24 -83.42
C THR CB 47 7.50 -13.19 -84.92
N SER CB 48 8.11 -14.22 -85.49
CA SER CB 48 8.26 -14.29 -86.93
C SER CB 48 6.90 -14.33 -87.61
N VAL CB 49 5.92 -14.92 -86.95
CA VAL CB 49 4.56 -14.95 -87.46
C VAL CB 49 3.97 -13.58 -87.47
N ASN CB 50 4.13 -12.86 -86.37
CA ASN CB 50 3.62 -11.52 -86.26
C ASN CB 50 4.20 -10.65 -87.34
N GLU CB 51 5.47 -10.85 -87.63
CA GLU CB 51 6.13 -10.08 -88.66
C GLU CB 51 5.62 -10.37 -90.03
N ASN CB 52 5.59 -11.63 -90.40
CA ASN CB 52 5.19 -11.99 -91.73
C ASN CB 52 3.72 -11.71 -91.98
N VAL CB 53 2.89 -11.96 -90.97
CA VAL CB 53 1.48 -11.66 -91.08
C VAL CB 53 1.27 -10.18 -91.19
N SER CB 54 2.04 -9.41 -90.44
CA SER CB 54 1.95 -7.97 -90.52
C SER CB 54 2.22 -7.51 -91.93
N ALA CB 55 3.26 -8.06 -92.55
CA ALA CB 55 3.59 -7.70 -93.92
C ALA CB 55 2.41 -7.91 -94.83
N VAL CB 56 1.76 -9.06 -94.68
CA VAL CB 56 0.58 -9.38 -95.45
C VAL CB 56 -0.50 -8.36 -95.26
N LEU CB 57 -0.78 -8.04 -94.01
CA LEU CB 57 -1.85 -7.14 -93.69
C LEU CB 57 -1.63 -5.77 -94.26
N THR CB 58 -0.38 -5.34 -94.32
CA THR CB 58 -0.06 -4.07 -94.93
C THR CB 58 -0.35 -4.12 -96.42
N GLN CB 59 -0.03 -5.25 -97.06
CA GLN CB 59 -0.34 -5.42 -98.48
C GLN CB 59 -1.86 -5.41 -98.73
N TYR CB 60 -2.65 -5.90 -97.78
CA TYR CB 60 -4.10 -5.88 -97.91
C TYR CB 60 -4.76 -4.61 -97.40
N GLY CB 61 -3.96 -3.65 -96.94
CA GLY CB 61 -4.54 -2.38 -96.52
C GLY CB 61 -5.23 -2.46 -95.17
N ILE CB 62 -4.90 -3.46 -94.37
CA ILE CB 62 -5.55 -3.66 -93.10
C ILE CB 62 -4.92 -2.80 -92.03
N THR CB 63 -5.73 -2.03 -91.33
CA THR CB 63 -5.21 -1.12 -90.30
C THR CB 63 -5.92 -1.30 -88.96
N GLY CB 64 -5.31 -0.77 -87.92
CA GLY CB 64 -5.90 -0.75 -86.61
C GLY CB 64 -6.15 -2.15 -86.08
N PRO CB 65 -7.18 -2.30 -85.28
CA PRO CB 65 -7.63 -3.51 -84.63
C PRO CB 65 -7.97 -4.58 -85.63
N ASN CB 66 -8.19 -4.20 -86.87
CA ASN CB 66 -8.48 -5.18 -87.88
C ASN CB 66 -7.26 -6.03 -88.12
N ARG CB 67 -6.08 -5.43 -87.95
CA ARG CB 67 -4.85 -6.18 -88.09
C ARG CB 67 -4.78 -7.16 -86.98
N ALA CB 68 -5.15 -6.69 -85.79
CA ALA CB 68 -5.14 -7.53 -84.60
C ALA CB 68 -6.01 -8.77 -84.76
N ILE CB 69 -7.13 -8.63 -85.46
CA ILE CB 69 -8.00 -9.77 -85.72
C ILE CB 69 -7.25 -10.85 -86.46
N TYR CB 70 -6.59 -10.46 -87.53
CA TYR CB 70 -5.91 -11.41 -88.36
C TYR CB 70 -4.65 -11.93 -87.69
N GLN CB 71 -4.01 -11.09 -86.89
CA GLN CB 71 -2.85 -11.51 -86.15
C GLN CB 71 -3.20 -12.61 -85.18
N GLY CB 72 -4.34 -12.45 -84.50
CA GLY CB 72 -4.80 -13.45 -83.57
C GLY CB 72 -5.03 -14.78 -84.27
N PHE CB 73 -5.67 -14.71 -85.42
CA PHE CB 73 -5.90 -15.89 -86.23
C PHE CB 73 -4.59 -16.58 -86.58
N GLY CB 74 -3.64 -15.81 -87.09
CA GLY CB 74 -2.34 -16.35 -87.47
C GLY CB 74 -1.64 -17.02 -86.30
N LEU CB 75 -1.66 -16.35 -85.17
CA LEU CB 75 -1.02 -16.87 -83.97
C LEU CB 75 -1.63 -18.19 -83.56
N LYS CB 76 -2.94 -18.30 -83.69
CA LYS CB 76 -3.63 -19.52 -83.37
C LYS CB 76 -3.22 -20.66 -84.28
N VAL CB 77 -3.05 -20.36 -85.56
CA VAL CB 77 -2.61 -21.36 -86.50
C VAL CB 77 -1.26 -21.92 -86.08
N ALA CB 78 -0.36 -21.02 -85.75
CA ALA CB 78 0.98 -21.39 -85.32
C ALA CB 78 0.95 -22.19 -84.03
N ARG CB 79 0.07 -21.82 -83.11
CA ARG CB 79 -0.05 -22.54 -81.85
C ARG CB 79 -0.37 -23.98 -82.08
N ALA CB 80 -1.38 -24.23 -82.89
CA ALA CB 80 -1.79 -25.58 -83.20
C ALA CB 80 -0.66 -26.33 -83.86
N LEU CB 81 0.04 -25.65 -84.75
CA LEU CB 81 1.15 -26.26 -85.41
C LEU CB 81 2.16 -26.76 -84.40
N ASN CB 82 2.51 -25.93 -83.43
CA ASN CB 82 3.47 -26.34 -82.42
C ASN CB 82 2.98 -27.49 -81.54
N ARG CB 83 1.71 -27.49 -81.18
CA ARG CB 83 1.19 -28.50 -80.26
C ARG CB 83 0.63 -29.74 -80.96
N ILE CB 84 0.41 -29.65 -82.26
CA ILE CB 84 -0.10 -30.78 -83.04
C ILE CB 84 0.88 -31.24 -84.10
N GLY CB 85 1.40 -30.29 -84.85
CA GLY CB 85 2.29 -30.61 -85.96
C GLY CB 85 1.50 -30.58 -87.24
N SER CB 86 2.19 -30.50 -88.37
CA SER CB 86 1.53 -30.41 -89.65
C SER CB 86 0.87 -31.71 -90.04
N GLY CB 87 -0.05 -31.65 -90.99
CA GLY CB 87 -0.74 -32.84 -91.45
C GLY CB 87 -2.22 -32.78 -91.10
N PRO CB 88 -2.93 -33.86 -91.40
CA PRO CB 88 -4.38 -34.08 -91.19
C PRO CB 88 -4.97 -33.28 -90.03
N ALA CB 89 -4.47 -33.53 -88.83
CA ALA CB 89 -5.02 -32.88 -87.65
C ALA CB 89 -4.97 -31.37 -87.74
N LEU CB 90 -3.90 -30.83 -88.31
CA LEU CB 90 -3.77 -29.40 -88.47
C LEU CB 90 -4.81 -28.90 -89.42
N VAL CB 91 -5.01 -29.64 -90.50
CA VAL CB 91 -6.02 -29.30 -91.48
C VAL CB 91 -7.38 -29.20 -90.82
N ASN CB 92 -7.71 -30.19 -89.99
CA ASN CB 92 -8.97 -30.21 -89.28
C ASN CB 92 -9.09 -28.98 -88.42
N MET CB 93 -8.01 -28.64 -87.75
CA MET CB 93 -7.98 -27.48 -86.89
C MET CB 93 -8.24 -26.20 -87.64
N ILE CB 94 -7.50 -25.99 -88.72
CA ILE CB 94 -7.59 -24.74 -89.45
C ILE CB 94 -8.95 -24.53 -90.01
N ASN CB 95 -9.57 -25.59 -90.53
CA ASN CB 95 -10.91 -25.47 -91.06
C ASN CB 95 -11.87 -24.92 -90.03
N GLY CB 96 -11.82 -25.47 -88.82
CA GLY CB 96 -12.68 -25.01 -87.76
C GLY CB 96 -12.33 -23.61 -87.34
N LEU CB 97 -11.03 -23.34 -87.26
CA LEU CB 97 -10.55 -22.03 -86.87
C LEU CB 97 -11.03 -20.95 -87.80
N LYS CB 98 -10.94 -21.19 -89.09
CA LYS CB 98 -11.43 -20.25 -90.04
C LYS CB 98 -12.90 -20.00 -89.83
N GLY CB 99 -13.67 -21.05 -89.63
CA GLY CB 99 -15.09 -20.91 -89.37
C GLY CB 99 -15.31 -20.01 -88.16
N TYR CB 100 -14.51 -20.21 -87.12
CA TYR CB 100 -14.58 -19.42 -85.92
C TYR CB 100 -14.44 -17.95 -86.21
N TYR CB 101 -13.35 -17.58 -86.86
CA TYR CB 101 -13.10 -16.17 -87.13
C TYR CB 101 -14.01 -15.57 -88.17
N ILE CB 102 -14.33 -16.31 -89.20
CA ILE CB 102 -15.16 -15.79 -90.25
C ILE CB 102 -16.52 -15.43 -89.76
N SER CB 103 -17.12 -16.32 -89.00
CA SER CB 103 -18.48 -16.10 -88.57
C SER CB 103 -18.62 -15.45 -87.20
N ALA CB 104 -17.65 -15.64 -86.31
CA ALA CB 104 -17.77 -15.04 -84.99
C ALA CB 104 -17.30 -13.62 -84.98
N PHE CB 105 -16.26 -13.32 -85.78
CA PHE CB 105 -15.68 -11.99 -85.78
C PHE CB 105 -15.80 -11.30 -87.11
N ASN CB 106 -16.47 -11.95 -88.05
CA ASN CB 106 -16.65 -11.40 -89.39
C ASN CB 106 -15.33 -11.14 -90.09
N ALA CB 107 -14.38 -12.04 -89.89
CA ALA CB 107 -13.09 -11.91 -90.55
C ALA CB 107 -13.24 -12.28 -92.02
N ASN CB 108 -12.46 -11.63 -92.89
CA ASN CB 108 -12.56 -11.85 -94.32
C ASN CB 108 -11.81 -13.09 -94.78
N PRO CB 109 -12.54 -14.21 -95.02
CA PRO CB 109 -12.04 -15.50 -95.53
C PRO CB 109 -10.83 -15.38 -96.42
N GLN CB 110 -10.87 -14.46 -97.37
CA GLN CB 110 -9.79 -14.33 -98.34
C GLN CB 110 -8.50 -13.90 -97.68
N VAL CB 111 -8.59 -12.95 -96.76
CA VAL CB 111 -7.42 -12.50 -96.06
C VAL CB 111 -6.93 -13.58 -95.14
N LEU CB 112 -7.87 -14.31 -94.54
CA LEU CB 112 -7.52 -15.39 -93.63
C LEU CB 112 -6.71 -16.44 -94.36
N ASP CB 113 -7.06 -16.71 -95.59
CA ASP CB 113 -6.33 -17.65 -96.40
C ASP CB 113 -4.96 -17.12 -96.73
N ALA CB 114 -4.85 -15.81 -96.91
CA ALA CB 114 -3.55 -15.19 -97.13
C ALA CB 114 -2.65 -15.40 -95.92
N VAL CB 115 -3.22 -15.32 -94.72
CA VAL CB 115 -2.44 -15.55 -93.51
C VAL CB 115 -1.96 -16.98 -93.46
N VAL CB 116 -2.85 -17.93 -93.74
CA VAL CB 116 -2.50 -19.35 -93.73
C VAL CB 116 -1.42 -19.62 -94.78
N ASN CB 117 -1.55 -18.96 -95.94
CA ASN CB 117 -0.59 -19.08 -97.03
C ASN CB 117 0.84 -18.70 -96.64
N ILE CB 118 1.00 -18.03 -95.51
CA ILE CB 118 2.31 -17.68 -95.06
C ILE CB 118 2.80 -18.64 -94.04
N ILE CB 119 1.99 -18.87 -93.02
CA ILE CB 119 2.36 -19.71 -91.91
C ILE CB 119 2.56 -21.14 -92.34
N THR CB 120 1.63 -21.66 -93.13
CA THR CB 120 1.72 -23.02 -93.62
C THR CB 120 2.39 -23.04 -94.97
N GLY CB 121 2.20 -21.96 -95.72
CA GLY CB 121 2.76 -21.85 -97.05
C GLY CB 121 1.70 -21.99 -98.10
N SER CB 122 0.52 -22.43 -97.69
CA SER CB 122 -0.61 -22.59 -98.58
C SER CB 122 -1.88 -22.70 -97.78
N PRO CB 123 -3.02 -22.46 -98.39
CA PRO CB 123 -4.34 -22.64 -97.83
C PRO CB 123 -4.49 -24.08 -97.44
N THR CB 124 -5.39 -24.37 -96.53
CA THR CB 124 -5.48 -25.71 -96.00
C THR CB 124 -6.37 -26.60 -96.83
N GLY CB 125 -7.10 -27.51 -96.17
CA GLY CB 125 -7.94 -28.46 -96.89
C GLY CB 125 -7.10 -29.62 -97.39
N TYR CB 126 -6.16 -29.30 -98.28
CA TYR CB 126 -5.23 -30.25 -98.80
C TYR CB 126 -3.89 -30.04 -98.15
N VAL CB 127 -3.16 -31.12 -97.94
CA VAL CB 127 -1.85 -31.01 -97.34
C VAL CB 127 -0.80 -30.79 -98.40
N SER CB 128 -0.16 -29.63 -98.37
CA SER CB 128 0.87 -29.31 -99.33
C SER CB 128 1.61 -28.04 -98.92
N SER DB 1 5.75 -1.79 -81.80
CA SER DB 1 6.68 -2.32 -82.78
C SER DB 1 7.96 -2.82 -82.12
N ARG DB 2 8.05 -4.12 -81.92
CA ARG DB 2 9.23 -4.72 -81.27
C ARG DB 2 9.60 -6.07 -81.87
N SER DB 3 10.90 -6.35 -81.94
CA SER DB 3 11.41 -7.65 -82.35
C SER DB 3 11.29 -8.60 -81.20
N TYR DB 4 11.55 -9.88 -81.43
CA TYR DB 4 11.42 -10.80 -80.32
C TYR DB 4 12.52 -10.55 -79.34
N SER DB 5 13.65 -10.04 -79.83
CA SER DB 5 14.78 -9.82 -78.98
C SER DB 5 14.47 -8.74 -78.00
N GLN DB 6 13.68 -7.77 -78.43
CA GLN DB 6 13.22 -6.73 -77.56
C GLN DB 6 12.15 -7.22 -76.62
N ARG DB 7 11.26 -8.06 -77.14
CA ARG DB 7 10.20 -8.63 -76.32
C ARG DB 7 10.80 -9.40 -75.19
N TYR DB 8 11.76 -10.24 -75.51
CA TYR DB 8 12.46 -11.02 -74.53
C TYR DB 8 13.24 -10.19 -73.59
N ALA DB 9 14.03 -9.27 -74.10
CA ALA DB 9 14.87 -8.44 -73.25
C ALA DB 9 14.08 -7.83 -72.13
N LYS DB 10 12.98 -7.18 -72.46
CA LYS DB 10 12.20 -6.52 -71.46
C LYS DB 10 11.50 -7.53 -70.57
N TRP DB 11 10.99 -8.60 -71.17
CA TRP DB 11 10.35 -9.65 -70.40
C TRP DB 11 11.26 -10.18 -69.35
N GLN DB 12 12.51 -10.37 -69.70
CA GLN DB 12 13.49 -10.89 -68.80
C GLN DB 12 13.70 -9.95 -67.65
N ALA DB 13 13.83 -8.67 -67.96
CA ALA DB 13 14.06 -7.68 -66.94
C ALA DB 13 12.92 -7.63 -65.95
N LYS DB 14 11.70 -7.75 -66.45
CA LYS DB 14 10.55 -7.67 -65.60
C LYS DB 14 10.34 -8.92 -64.82
N PHE DB 15 10.69 -10.05 -65.41
CA PHE DB 15 10.60 -11.30 -64.69
C PHE DB 15 11.55 -11.27 -63.52
N ASN DB 16 12.77 -10.82 -63.78
CA ASN DB 16 13.78 -10.72 -62.75
C ASN DB 16 13.30 -9.86 -61.62
N ALA DB 17 12.76 -8.70 -61.97
CA ALA DB 17 12.28 -7.76 -60.99
C ALA DB 17 11.24 -8.41 -60.10
N PHE DB 18 10.25 -9.03 -60.72
CA PHE DB 18 9.17 -9.65 -59.98
C PHE DB 18 9.65 -10.71 -59.04
N SER DB 19 10.65 -11.48 -59.44
CA SER DB 19 11.13 -12.59 -58.62
C SER DB 19 11.75 -12.13 -57.28
N ASN DB 20 12.06 -10.84 -57.17
CA ASN DB 20 12.64 -10.29 -55.95
C ASN DB 20 11.64 -10.34 -54.80
N PRO DB 21 11.95 -11.12 -53.73
CA PRO DB 21 11.13 -11.28 -52.51
C PRO DB 21 10.28 -10.07 -52.19
N THR DB 22 10.90 -8.90 -52.19
CA THR DB 22 10.23 -7.69 -51.82
C THR DB 22 9.24 -7.28 -52.85
N VAL DB 23 9.65 -7.32 -54.10
CA VAL DB 23 8.77 -6.92 -55.18
C VAL DB 23 7.59 -7.83 -55.29
N ALA DB 24 7.85 -9.12 -55.22
CA ALA DB 24 6.80 -10.09 -55.33
C ALA DB 24 5.77 -9.90 -54.26
N SER DB 25 6.22 -9.82 -53.02
CA SER DB 25 5.31 -9.71 -51.91
C SER DB 25 4.64 -8.37 -51.84
N THR DB 26 5.33 -7.33 -52.27
CA THR DB 26 4.74 -6.01 -52.27
C THR DB 26 3.54 -5.98 -53.17
N ILE DB 27 3.74 -6.41 -54.39
CA ILE DB 27 2.67 -6.38 -55.36
C ILE DB 27 1.57 -7.32 -54.96
N LEU DB 28 1.91 -8.55 -54.67
CA LEU DB 28 0.93 -9.58 -54.41
C LEU DB 28 0.12 -9.31 -53.17
N SER DB 29 0.77 -8.79 -52.13
CA SER DB 29 0.05 -8.50 -50.91
C SER DB 29 -0.85 -7.29 -51.09
N ASN DB 30 -0.48 -6.38 -51.98
CA ASN DB 30 -1.32 -5.23 -52.23
C ASN DB 30 -2.52 -5.57 -53.05
N VAL DB 31 -2.38 -6.50 -53.99
CA VAL DB 31 -3.50 -6.86 -54.85
C VAL DB 31 -4.25 -8.04 -54.31
N SER DB 32 -3.85 -8.54 -53.15
CA SER DB 32 -4.53 -9.66 -52.52
C SER DB 32 -6.06 -9.48 -52.47
N PRO DB 33 -6.59 -8.64 -51.55
CA PRO DB 33 -8.03 -8.45 -51.36
C PRO DB 33 -8.74 -8.05 -52.68
N VAL DB 34 -8.01 -7.42 -53.59
CA VAL DB 34 -8.56 -7.04 -54.87
C VAL DB 34 -8.82 -8.27 -55.70
N ALA DB 35 -7.81 -9.12 -55.76
CA ALA DB 35 -7.90 -10.38 -56.48
C ALA DB 35 -9.02 -11.21 -55.94
N GLN DB 36 -9.17 -11.19 -54.63
CA GLN DB 36 -10.19 -11.97 -53.98
C GLN DB 36 -11.53 -11.56 -54.46
N GLN DB 37 -11.75 -10.25 -54.56
CA GLN DB 37 -13.01 -9.75 -55.05
C GLN DB 37 -13.27 -10.18 -56.45
N ASN DB 38 -12.25 -10.09 -57.30
CA ASN DB 38 -12.41 -10.42 -58.70
C ASN DB 38 -12.69 -11.90 -58.89
N PHE DB 39 -11.99 -12.72 -58.13
CA PHE DB 39 -12.18 -14.15 -58.19
C PHE DB 39 -13.58 -14.51 -57.74
N GLN DB 40 -13.97 -13.96 -56.60
CA GLN DB 40 -15.29 -14.25 -56.06
C GLN DB 40 -16.39 -13.81 -57.00
N THR DB 41 -16.18 -12.69 -57.67
CA THR DB 41 -17.19 -12.14 -58.52
C THR DB 41 -17.44 -12.98 -59.78
N ASN DB 42 -16.39 -13.30 -60.51
CA ASN DB 42 -16.57 -13.95 -61.80
C ASN DB 42 -16.49 -15.45 -61.81
N VAL DB 43 -15.93 -16.08 -60.79
CA VAL DB 43 -15.76 -17.52 -60.83
C VAL DB 43 -17.02 -18.39 -60.62
N PRO DB 44 -17.80 -18.18 -59.53
CA PRO DB 44 -18.99 -18.97 -59.23
C PRO DB 44 -19.97 -18.99 -60.41
N LYS DB 45 -19.88 -18.00 -61.28
CA LYS DB 45 -20.70 -17.91 -62.47
C LYS DB 45 -20.44 -19.10 -63.38
N PHE DB 46 -19.20 -19.53 -63.45
CA PHE DB 46 -18.81 -20.62 -64.32
C PHE DB 46 -18.92 -21.94 -63.60
N THR DB 47 -18.80 -21.91 -62.28
CA THR DB 47 -18.97 -23.12 -61.52
C THR DB 47 -20.38 -23.67 -61.69
N SER DB 48 -21.36 -22.77 -61.65
CA SER DB 48 -22.74 -23.17 -61.84
C SER DB 48 -22.96 -23.76 -63.22
N VAL DB 49 -22.20 -23.27 -64.19
CA VAL DB 49 -22.26 -23.79 -65.53
C VAL DB 49 -21.77 -25.20 -65.55
N ASN DB 50 -20.66 -25.44 -64.88
CA ASN DB 50 -20.08 -26.75 -64.84
C ASN DB 50 -21.03 -27.77 -64.26
N GLU DB 51 -21.76 -27.40 -63.20
CA GLU DB 51 -22.71 -28.34 -62.61
C GLU DB 51 -23.78 -28.72 -63.60
N ASN DB 52 -24.45 -27.73 -64.19
CA ASN DB 52 -25.55 -28.02 -65.09
C ASN DB 52 -25.09 -28.70 -66.36
N VAL DB 53 -23.99 -28.23 -66.94
CA VAL DB 53 -23.47 -28.82 -68.16
C VAL DB 53 -23.07 -30.24 -67.93
N SER DB 54 -22.42 -30.49 -66.81
CA SER DB 54 -22.00 -31.82 -66.48
C SER DB 54 -23.19 -32.74 -66.39
N ALA DB 55 -24.25 -32.28 -65.74
CA ALA DB 55 -25.46 -33.06 -65.61
C ALA DB 55 -25.99 -33.47 -66.97
N VAL DB 56 -26.01 -32.53 -67.89
CA VAL DB 56 -26.45 -32.80 -69.24
C VAL DB 56 -25.62 -33.86 -69.90
N LEU DB 57 -24.32 -33.74 -69.76
CA LEU DB 57 -23.41 -34.66 -70.38
C LEU DB 57 -23.64 -36.07 -69.87
N THR DB 58 -23.97 -36.19 -68.60
CA THR DB 58 -24.31 -37.49 -68.04
C THR DB 58 -25.57 -38.04 -68.67
N GLN DB 59 -26.56 -37.18 -68.88
CA GLN DB 59 -27.79 -37.60 -69.55
C GLN DB 59 -27.55 -37.99 -71.02
N TYR DB 60 -26.53 -37.40 -71.65
CA TYR DB 60 -26.15 -37.78 -73.01
C TYR DB 60 -25.15 -38.92 -73.07
N GLY DB 61 -24.76 -39.46 -71.93
CA GLY DB 61 -23.86 -40.61 -71.93
C GLY DB 61 -22.41 -40.25 -72.24
N ILE DB 62 -22.06 -38.98 -72.09
CA ILE DB 62 -20.73 -38.51 -72.43
C ILE DB 62 -19.77 -38.76 -71.29
N THR DB 63 -18.65 -39.40 -71.58
CA THR DB 63 -17.67 -39.73 -70.54
C THR DB 63 -16.26 -39.27 -70.90
N GLY DB 64 -15.41 -39.22 -69.89
CA GLY DB 64 -14.01 -38.91 -70.08
C GLY DB 64 -13.80 -37.54 -70.66
N PRO DB 65 -12.75 -37.38 -71.42
CA PRO DB 65 -12.31 -36.18 -72.08
C PRO DB 65 -13.35 -35.65 -73.03
N ASN DB 66 -14.29 -36.47 -73.42
CA ASN DB 66 -15.34 -36.02 -74.28
C ASN DB 66 -16.21 -35.03 -73.54
N ARG DB 67 -16.33 -35.23 -72.23
CA ARG DB 67 -17.08 -34.30 -71.42
C ARG DB 67 -16.36 -33.01 -71.40
N ALA DB 68 -15.04 -33.10 -71.26
CA ALA DB 68 -14.18 -31.92 -71.23
C ALA DB 68 -14.30 -31.09 -72.48
N ILE DB 69 -14.50 -31.74 -73.63
CA ILE DB 69 -14.70 -31.01 -74.87
C ILE DB 69 -15.88 -30.09 -74.74
N TYR DB 70 -16.97 -30.63 -74.23
CA TYR DB 70 -18.19 -29.87 -74.11
C TYR DB 70 -18.12 -28.88 -72.97
N GLN DB 71 -17.35 -29.20 -71.94
CA GLN DB 71 -17.16 -28.28 -70.84
C GLN DB 71 -16.42 -27.06 -71.33
N GLY DB 72 -15.40 -27.27 -72.15
CA GLY DB 72 -14.63 -26.17 -72.71
C GLY DB 72 -15.54 -25.29 -73.55
N PHE DB 73 -16.34 -25.91 -74.38
CA PHE DB 73 -17.29 -25.21 -75.20
C PHE DB 73 -18.24 -24.37 -74.37
N GLY DB 74 -18.88 -25.00 -73.38
CA GLY DB 74 -19.85 -24.33 -72.54
C GLY DB 74 -19.24 -23.16 -71.81
N LEU DB 75 -18.08 -23.37 -71.25
CA LEU DB 75 -17.41 -22.32 -70.51
C LEU DB 75 -17.11 -21.14 -71.40
N LYS DB 76 -16.71 -21.42 -72.64
CA LYS DB 76 -16.41 -20.38 -73.59
C LYS DB 76 -17.66 -19.60 -73.98
N VAL DB 77 -18.78 -20.31 -74.08
CA VAL DB 77 -20.05 -19.65 -74.34
C VAL DB 77 -20.37 -18.67 -73.24
N ALA DB 78 -20.22 -19.13 -72.00
CA ALA DB 78 -20.49 -18.31 -70.84
C ALA DB 78 -19.56 -17.10 -70.78
N ARG DB 79 -18.29 -17.31 -71.14
CA ARG DB 79 -17.35 -16.21 -71.21
C ARG DB 79 -17.84 -15.10 -72.08
N ALA DB 80 -18.23 -15.44 -73.28
CA ALA DB 80 -18.73 -14.46 -74.24
C ALA DB 80 -19.94 -13.76 -73.68
N LEU DB 81 -20.81 -14.51 -73.03
CA LEU DB 81 -21.96 -13.92 -72.42
C LEU DB 81 -21.56 -12.82 -71.45
N ASN DB 82 -20.59 -13.10 -70.59
CA ASN DB 82 -20.14 -12.08 -69.64
C ASN DB 82 -19.52 -10.85 -70.30
N ARG DB 83 -18.67 -11.06 -71.28
CA ARG DB 83 -17.93 -9.95 -71.90
C ARG DB 83 -18.73 -9.21 -72.98
N ILE DB 84 -19.68 -9.90 -73.60
CA ILE DB 84 -20.52 -9.29 -74.63
C ILE DB 84 -21.92 -8.99 -74.13
N GLY DB 85 -22.54 -9.97 -73.51
CA GLY DB 85 -23.92 -9.84 -73.07
C GLY DB 85 -24.82 -10.48 -74.09
N SER DB 86 -26.04 -10.81 -73.70
CA SER DB 86 -26.96 -11.48 -74.61
C SER DB 86 -27.40 -10.57 -75.74
N GLY DB 87 -27.88 -11.17 -76.81
CA GLY DB 87 -28.32 -10.41 -77.96
C GLY DB 87 -27.48 -10.75 -79.19
N PRO DB 88 -27.80 -10.08 -80.29
CA PRO DB 88 -27.17 -10.20 -81.63
C PRO DB 88 -25.72 -10.68 -81.59
N ALA DB 89 -24.85 -9.86 -80.99
CA ALA DB 89 -23.42 -10.16 -80.98
C ALA DB 89 -23.12 -11.50 -80.37
N LEU DB 90 -23.86 -11.88 -79.33
CA LEU DB 90 -23.62 -13.15 -78.69
C LEU DB 90 -23.97 -14.25 -79.62
N VAL DB 91 -25.08 -14.10 -80.32
CA VAL DB 91 -25.49 -15.09 -81.28
C VAL DB 91 -24.45 -15.26 -82.36
N ASN DB 92 -23.91 -14.13 -82.84
CA ASN DB 92 -22.86 -14.17 -83.84
C ASN DB 92 -21.68 -14.97 -83.33
N MET DB 93 -21.31 -14.72 -82.08
CA MET DB 93 -20.23 -15.43 -81.44
C MET DB 93 -20.49 -16.90 -81.36
N ILE DB 94 -21.66 -17.27 -80.86
CA ILE DB 94 -21.97 -18.66 -80.63
C ILE DB 94 -21.99 -19.43 -81.92
N ASN DB 95 -22.53 -18.83 -82.98
CA ASN DB 95 -22.57 -19.50 -84.26
C ASN DB 95 -21.19 -19.91 -84.71
N GLY DB 96 -20.22 -18.99 -84.58
CA GLY DB 96 -18.85 -19.28 -84.97
C GLY DB 96 -18.21 -20.28 -84.04
N LEU DB 97 -18.47 -20.12 -82.76
CA LEU DB 97 -17.94 -21.01 -81.74
C LEU DB 97 -18.41 -22.42 -81.92
N LYS DB 98 -19.70 -22.59 -82.14
CA LYS DB 98 -20.25 -23.89 -82.36
C LYS DB 98 -19.59 -24.57 -83.54
N GLY DB 99 -19.58 -23.89 -84.69
CA GLY DB 99 -18.98 -24.44 -85.89
C GLY DB 99 -17.52 -24.81 -85.65
N TYR DB 100 -16.83 -23.94 -84.94
CA TYR DB 100 -15.45 -24.14 -84.56
C TYR DB 100 -15.25 -25.47 -83.89
N TYR DB 101 -16.00 -25.73 -82.82
CA TYR DB 101 -15.87 -26.99 -82.13
C TYR DB 101 -16.30 -28.19 -82.94
N ILE DB 102 -17.33 -28.03 -83.75
CA ILE DB 102 -17.80 -29.14 -84.54
C ILE DB 102 -16.75 -29.65 -85.47
N SER DB 103 -16.10 -28.75 -86.18
CA SER DB 103 -15.15 -29.18 -87.17
C SER DB 103 -13.71 -29.23 -86.68
N ALA DB 104 -13.36 -28.41 -85.70
CA ALA DB 104 -12.00 -28.42 -85.20
C ALA DB 104 -11.76 -29.60 -84.30
N PHE DB 105 -12.75 -29.93 -83.47
CA PHE DB 105 -12.58 -30.99 -82.49
C PHE DB 105 -13.55 -32.11 -82.66
N ASN DB 106 -14.30 -32.09 -83.76
CA ASN DB 106 -15.28 -33.13 -84.01
C ASN DB 106 -16.31 -33.22 -82.90
N ALA DB 107 -16.72 -32.06 -82.37
CA ALA DB 107 -17.73 -32.04 -81.33
C ALA DB 107 -19.09 -32.32 -81.95
N ASN DB 108 -19.94 -33.01 -81.21
CA ASN DB 108 -21.24 -33.40 -81.73
C ASN DB 108 -22.30 -32.31 -81.56
N PRO DB 109 -22.67 -31.62 -82.66
CA PRO DB 109 -23.72 -30.58 -82.75
C PRO DB 109 -24.86 -30.78 -81.76
N GLN DB 110 -25.34 -32.01 -81.62
CA GLN DB 110 -26.46 -32.29 -80.75
C GLN DB 110 -26.15 -31.97 -79.31
N VAL DB 111 -25.01 -32.39 -78.86
CA VAL DB 111 -24.64 -32.14 -77.50
C VAL DB 111 -24.30 -30.69 -77.34
N LEU DB 112 -23.68 -30.11 -78.35
CA LEU DB 112 -23.30 -28.71 -78.32
C LEU DB 112 -24.53 -27.84 -78.13
N ASP DB 113 -25.60 -28.21 -78.80
CA ASP DB 113 -26.84 -27.50 -78.67
C ASP DB 113 -27.39 -27.64 -77.30
N ALA DB 114 -27.28 -28.85 -76.74
CA ALA DB 114 -27.75 -29.09 -75.39
C ALA DB 114 -27.04 -28.18 -74.41
N VAL DB 115 -25.73 -28.01 -74.60
CA VAL DB 115 -24.96 -27.13 -73.72
C VAL DB 115 -25.46 -25.71 -73.82
N VAL DB 116 -25.67 -25.24 -75.04
CA VAL DB 116 -26.18 -23.89 -75.24
C VAL DB 116 -27.58 -23.74 -74.64
N ASN DB 117 -28.37 -24.81 -74.71
CA ASN DB 117 -29.72 -24.81 -74.17
C ASN DB 117 -29.76 -24.76 -72.64
N ILE DB 118 -28.60 -24.80 -72.01
CA ILE DB 118 -28.51 -24.63 -70.59
C ILE DB 118 -28.09 -23.24 -70.27
N ILE DB 119 -26.99 -22.84 -70.88
CA ILE DB 119 -26.41 -21.55 -70.62
C ILE DB 119 -27.30 -20.42 -71.10
N THR DB 120 -27.78 -20.52 -72.32
CA THR DB 120 -28.64 -19.50 -72.86
C THR DB 120 -30.07 -19.88 -72.67
N GLY DB 121 -30.34 -21.17 -72.75
CA GLY DB 121 -31.69 -21.67 -72.61
C GLY DB 121 -32.30 -21.97 -73.96
N SER DB 122 -31.66 -21.52 -75.02
CA SER DB 122 -32.17 -21.72 -76.35
C SER DB 122 -31.04 -21.84 -77.35
N PRO DB 123 -31.27 -22.51 -78.47
CA PRO DB 123 -30.38 -22.71 -79.59
C PRO DB 123 -29.96 -21.38 -80.17
N THR DB 124 -28.85 -21.38 -80.87
CA THR DB 124 -28.34 -20.18 -81.50
C THR DB 124 -28.90 -20.01 -82.90
N GLY DB 125 -28.07 -19.55 -83.83
CA GLY DB 125 -28.52 -19.35 -85.20
C GLY DB 125 -29.22 -18.01 -85.34
N TYR DB 126 -30.36 -17.87 -84.67
CA TYR DB 126 -31.14 -16.65 -84.68
C TYR DB 126 -31.37 -16.16 -83.26
N VAL DB 127 -31.55 -14.85 -83.11
CA VAL DB 127 -31.75 -14.25 -81.80
C VAL DB 127 -33.08 -14.68 -81.21
N SER DB 128 -33.05 -15.30 -80.03
CA SER DB 128 -34.27 -15.75 -79.38
C SER DB 128 -34.04 -16.07 -77.90
N SER EB 1 -14.62 -8.93 -67.43
CA SER EB 1 -15.01 -7.54 -67.46
C SER EB 1 -14.82 -6.88 -66.09
N ARG EB 2 -14.60 -5.56 -66.10
CA ARG EB 2 -14.32 -4.83 -64.87
C ARG EB 2 -15.08 -3.52 -64.78
N SER EB 3 -15.75 -3.32 -63.65
CA SER EB 3 -16.45 -2.09 -63.35
C SER EB 3 -15.48 -1.04 -62.89
N TYR EB 4 -15.93 0.20 -62.79
CA TYR EB 4 -15.07 1.26 -62.30
C TYR EB 4 -14.48 0.93 -60.96
N SER EB 5 -15.31 0.47 -60.05
CA SER EB 5 -14.85 0.11 -58.72
C SER EB 5 -13.65 -0.82 -58.83
N GLN EB 6 -13.77 -1.82 -59.69
CA GLN EB 6 -12.70 -2.76 -59.90
C GLN EB 6 -11.50 -2.16 -60.59
N ARG EB 7 -11.75 -1.30 -61.58
CA ARG EB 7 -10.66 -0.67 -62.32
C ARG EB 7 -9.77 0.08 -61.39
N TYR EB 8 -10.39 0.92 -60.60
CA TYR EB 8 -9.69 1.74 -59.67
C TYR EB 8 -9.03 0.95 -58.59
N ALA EB 9 -9.76 0.02 -58.01
CA ALA EB 9 -9.23 -0.79 -56.92
C ALA EB 9 -7.88 -1.36 -57.25
N LYS EB 10 -7.80 -2.05 -58.39
CA LYS EB 10 -6.56 -2.69 -58.76
C LYS EB 10 -5.51 -1.68 -59.13
N TRP EB 11 -5.92 -0.61 -59.80
CA TRP EB 11 -4.98 0.45 -60.16
C TRP EB 11 -4.31 0.99 -58.93
N GLN EB 12 -5.08 1.18 -57.88
CA GLN EB 12 -4.56 1.71 -56.67
C GLN EB 12 -3.56 0.78 -56.06
N ALA EB 13 -3.88 -0.49 -56.04
CA ALA EB 13 -3.00 -1.49 -55.44
C ALA EB 13 -1.66 -1.52 -56.14
N LYS EB 14 -1.68 -1.44 -57.46
CA LYS EB 14 -0.46 -1.50 -58.23
C LYS EB 14 0.31 -0.24 -58.14
N PHE EB 15 -0.39 0.89 -58.06
CA PHE EB 15 0.29 2.15 -57.89
C PHE EB 15 1.04 2.17 -56.59
N ASN EB 16 0.37 1.74 -55.52
CA ASN EB 16 0.96 1.70 -54.21
C ASN EB 16 2.19 0.84 -54.22
N ALA EB 17 2.09 -0.34 -54.82
CA ALA EB 17 3.20 -1.26 -54.89
C ALA EB 17 4.39 -0.62 -55.53
N PHE EB 18 4.18 -0.03 -56.70
CA PHE EB 18 5.25 0.60 -57.44
C PHE EB 18 5.94 1.68 -56.67
N SER EB 19 5.19 2.46 -55.89
CA SER EB 19 5.77 3.59 -55.16
C SER EB 19 6.81 3.16 -54.13
N ASN EB 20 6.83 1.89 -53.77
CA ASN EB 20 7.80 1.36 -52.81
C ASN EB 20 9.23 1.46 -53.34
N PRO EB 21 10.09 2.26 -52.68
CA PRO EB 21 11.52 2.49 -53.01
C PRO EB 21 12.19 1.32 -53.71
N THR EB 22 12.02 0.13 -53.15
CA THR EB 22 12.73 -1.03 -53.63
C THR EB 22 12.08 -1.62 -54.83
N VAL EB 23 10.78 -1.45 -54.93
CA VAL EB 23 10.07 -1.98 -56.05
C VAL EB 23 10.31 -1.14 -57.25
N ALA EB 24 10.22 0.16 -57.07
CA ALA EB 24 10.46 1.07 -58.15
C ALA EB 24 11.85 0.92 -58.68
N SER EB 25 12.83 0.90 -57.79
CA SER EB 25 14.20 0.82 -58.21
C SER EB 25 14.56 -0.53 -58.78
N THR EB 26 13.94 -1.59 -58.27
CA THR EB 26 14.19 -2.90 -58.82
C THR EB 26 13.77 -2.95 -60.24
N ILE EB 27 12.54 -2.56 -60.50
CA ILE EB 27 12.01 -2.62 -61.82
C ILE EB 27 12.75 -1.70 -62.75
N LEU EB 28 12.87 -0.45 -62.36
CA LEU EB 28 13.43 0.57 -63.22
C LEU EB 28 14.89 0.33 -63.52
N SER EB 29 15.64 -0.15 -62.55
CA SER EB 29 17.04 -0.42 -62.79
C SER EB 29 17.21 -1.64 -63.65
N ASN EB 30 16.27 -2.58 -63.58
CA ASN EB 30 16.35 -3.76 -64.41
C ASN EB 30 16.02 -3.47 -65.85
N VAL EB 31 15.07 -2.55 -66.07
CA VAL EB 31 14.68 -2.25 -67.44
C VAL EB 31 15.40 -1.06 -67.98
N SER EB 32 16.32 -0.51 -67.20
CA SER EB 32 17.12 0.63 -67.64
C SER EB 32 17.71 0.42 -69.04
N PRO EB 33 18.79 -0.38 -69.18
CA PRO EB 33 19.48 -0.58 -70.46
C PRO EB 33 18.54 -1.02 -71.58
N VAL EB 34 17.43 -1.66 -71.24
CA VAL EB 34 16.47 -2.10 -72.21
C VAL EB 34 15.75 -0.92 -72.78
N ALA EB 35 15.27 -0.05 -71.89
CA ALA EB 35 14.59 1.15 -72.30
C ALA EB 35 15.50 2.02 -73.10
N GLN EB 36 16.76 2.07 -72.71
CA GLN EB 36 17.74 2.87 -73.38
C GLN EB 36 17.85 2.47 -74.81
N GLN EB 37 17.89 1.18 -75.04
CA GLN EB 37 17.95 0.65 -76.38
C GLN EB 37 16.76 1.09 -77.19
N ASN EB 38 15.58 0.97 -76.61
CA ASN EB 38 14.36 1.28 -77.30
C ASN EB 38 14.25 2.75 -77.63
N PHE EB 39 14.67 3.59 -76.69
CA PHE EB 39 14.64 5.02 -76.89
C PHE EB 39 15.57 5.40 -78.01
N GLN EB 40 16.79 4.89 -77.95
CA GLN EB 40 17.77 5.18 -78.96
C GLN EB 40 17.38 4.66 -80.31
N THR EB 41 16.75 3.50 -80.33
CA THR EB 41 16.38 2.89 -81.58
C THR EB 41 15.33 3.67 -82.34
N ASN EB 42 14.27 4.09 -81.67
CA ASN EB 42 13.16 4.71 -82.37
C ASN EB 42 13.15 6.24 -82.36
N VAL EB 43 13.63 6.87 -81.30
CA VAL EB 43 13.47 8.32 -81.19
C VAL EB 43 14.09 9.16 -82.32
N PRO EB 44 15.33 8.88 -82.75
CA PRO EB 44 16.06 9.54 -83.83
C PRO EB 44 15.24 9.57 -85.10
N LYS EB 45 14.38 8.57 -85.28
CA LYS EB 45 13.55 8.45 -86.46
C LYS EB 45 12.55 9.58 -86.52
N PHE EB 46 12.10 10.01 -85.36
CA PHE EB 46 11.10 11.06 -85.26
C PHE EB 46 11.74 12.40 -85.14
N THR EB 47 12.95 12.46 -84.63
CA THR EB 47 13.66 13.71 -84.56
C THR EB 47 13.93 14.22 -85.95
N SER EB 48 14.33 13.33 -86.85
CA SER EB 48 14.59 13.71 -88.22
C SER EB 48 13.33 14.24 -88.89
N VAL EB 49 12.18 13.72 -88.46
CA VAL EB 49 10.90 14.19 -88.96
C VAL EB 49 10.64 15.58 -88.49
N ASN EB 50 10.86 15.82 -87.21
CA ASN EB 50 10.66 17.13 -86.64
C ASN EB 50 11.50 18.15 -87.35
N GLU EB 51 12.72 17.76 -87.69
CA GLU EB 51 13.63 18.64 -88.37
C GLU EB 51 13.18 18.97 -89.78
N ASN EB 52 12.89 17.95 -90.56
CA ASN EB 52 12.54 18.16 -91.93
C ASN EB 52 11.21 18.85 -92.06
N VAL EB 53 10.27 18.49 -91.21
CA VAL EB 53 8.97 19.14 -91.22
C VAL EB 53 9.10 20.57 -90.81
N SER EB 54 9.95 20.84 -89.83
CA SER EB 54 10.20 22.20 -89.42
C SER EB 54 10.69 23.03 -90.58
N ALA EB 55 11.63 22.48 -91.34
CA ALA EB 55 12.15 23.19 -92.50
C ALA EB 55 11.03 23.59 -93.42
N VAL EB 56 10.13 22.65 -93.68
CA VAL EB 56 8.98 22.91 -94.53
C VAL EB 56 8.14 24.03 -94.00
N LEU EB 57 7.84 23.97 -92.73
CA LEU EB 57 6.96 24.94 -92.10
C LEU EB 57 7.54 26.32 -92.16
N THR EB 58 8.85 26.43 -92.06
CA THR EB 58 9.50 27.72 -92.21
C THR EB 58 9.34 28.25 -93.62
N GLN EB 59 9.45 27.36 -94.61
CA GLN EB 59 9.23 27.74 -96.01
C GLN EB 59 7.79 28.22 -96.24
N TYR EB 60 6.84 27.63 -95.51
CA TYR EB 60 5.44 28.04 -95.63
C TYR EB 60 5.04 29.19 -94.72
N GLY EB 61 5.98 29.72 -93.95
CA GLY EB 61 5.68 30.87 -93.11
C GLY EB 61 4.87 30.51 -91.87
N ILE EB 62 4.90 29.25 -91.48
CA ILE EB 62 4.10 28.80 -90.35
C ILE EB 62 4.83 29.06 -89.05
N THR EB 63 4.15 29.73 -88.12
CA THR EB 63 4.77 30.09 -86.84
C THR EB 63 3.93 29.65 -85.66
N GLY EB 64 4.55 29.64 -84.50
CA GLY EB 64 3.86 29.34 -83.26
C GLY EB 64 3.27 27.95 -83.26
N PRO EB 65 2.16 27.80 -82.55
CA PRO EB 65 1.40 26.59 -82.36
C PRO EB 65 0.91 26.02 -83.67
N ASN EB 66 0.89 26.84 -84.71
CA ASN EB 66 0.48 26.35 -85.99
C ASN EB 66 1.50 25.37 -86.51
N ARG EB 67 2.76 25.58 -86.15
CA ARG EB 67 3.79 24.65 -86.53
C ARG EB 67 3.55 23.37 -85.83
N ALA EB 68 3.18 23.48 -84.55
CA ALA EB 68 2.91 22.31 -83.73
C ALA EB 68 1.80 21.45 -84.31
N ILE EB 69 0.80 22.08 -84.92
CA ILE EB 69 -0.27 21.34 -85.57
C ILE EB 69 0.27 20.42 -86.62
N TYR EB 70 1.08 20.98 -87.50
CA TYR EB 70 1.62 20.23 -88.61
C TYR EB 70 2.66 19.23 -88.16
N GLN EB 71 3.39 19.57 -87.11
CA GLN EB 71 4.37 18.66 -86.56
C GLN EB 71 3.70 17.43 -86.02
N GLY EB 72 2.57 17.62 -85.35
CA GLY EB 72 1.81 16.50 -84.81
C GLY EB 72 1.35 15.58 -85.94
N PHE EB 73 0.84 16.19 -87.00
CA PHE EB 73 0.43 15.44 -88.16
C PHE EB 73 1.57 14.62 -88.72
N GLY EB 74 2.72 15.25 -88.93
CA GLY EB 74 3.89 14.57 -89.47
C GLY EB 74 4.31 13.40 -88.61
N LEU EB 75 4.35 13.63 -87.31
CA LEU EB 75 4.75 12.60 -86.38
C LEU EB 75 3.82 11.41 -86.45
N LYS EB 76 2.54 11.67 -86.61
CA LYS EB 76 1.56 10.62 -86.74
C LYS EB 76 1.79 9.80 -87.98
N VAL EB 77 2.13 10.46 -89.08
CA VAL EB 77 2.42 9.76 -90.32
C VAL EB 77 3.56 8.78 -90.10
N ALA EB 78 4.61 9.27 -89.47
CA ALA EB 78 5.79 8.46 -89.20
C ALA EB 78 5.47 7.31 -88.27
N ARG EB 79 4.62 7.55 -87.28
CA ARG EB 79 4.23 6.50 -86.35
C ARG EB 79 3.61 5.34 -87.06
N ALA EB 80 2.65 5.63 -87.91
CA ALA EB 80 1.97 4.61 -88.68
C ALA EB 80 2.96 3.88 -89.56
N LEU EB 81 3.87 4.62 -90.15
CA LEU EB 81 4.87 4.03 -90.98
C LEU EB 81 5.65 2.99 -90.21
N ASN EB 82 6.09 3.33 -89.00
CA ASN EB 82 6.85 2.38 -88.19
C ASN EB 82 6.04 1.15 -87.77
N ARG EB 83 4.77 1.35 -87.44
CA ARG EB 83 3.95 0.25 -86.92
C ARG EB 83 3.19 -0.52 -88.00
N ILE EB 84 3.11 0.05 -89.20
CA ILE EB 84 2.43 -0.59 -90.33
C ILE EB 84 3.37 -0.89 -91.48
N GLY EB 85 4.16 0.09 -91.84
CA GLY EB 85 5.04 -0.04 -93.00
C GLY EB 85 4.39 0.62 -94.20
N SER EB 86 5.18 0.92 -95.21
CA SER EB 86 4.67 1.59 -96.40
C SER EB 86 3.77 0.69 -97.21
N GLY EB 87 2.97 1.28 -98.08
CA GLY EB 87 2.07 0.52 -98.93
C GLY EB 87 0.62 0.81 -98.58
N PRO EB 88 -0.29 0.11 -99.24
CA PRO EB 88 -1.76 0.18 -99.13
C PRO EB 88 -2.25 0.66 -97.76
N ALA EB 89 -1.93 -0.09 -96.72
CA ALA EB 89 -2.42 0.24 -95.38
C ALA EB 89 -2.02 1.64 -94.96
N LEU EB 90 -0.80 2.05 -95.31
CA LEU EB 90 -0.35 3.38 -94.95
C LEU EB 90 -1.16 4.40 -95.67
N VAL EB 91 -1.43 4.14 -96.93
CA VAL EB 91 -2.26 5.02 -97.74
C VAL EB 91 -3.61 5.23 -97.10
N ASN EB 92 -4.21 4.12 -96.67
CA ASN EB 92 -5.50 4.17 -96.02
C ASN EB 92 -5.43 5.03 -94.77
N MET EB 93 -4.35 4.86 -94.01
CA MET EB 93 -4.14 5.61 -92.81
C MET EB 93 -4.04 7.09 -93.07
N ILE EB 94 -3.18 7.47 -94.01
CA ILE EB 94 -2.92 8.86 -94.26
C ILE EB 94 -4.15 9.59 -94.72
N ASN EB 95 -4.94 8.95 -95.56
CA ASN EB 95 -6.17 9.55 -96.04
C ASN EB 95 -7.06 9.93 -94.88
N GLY EB 96 -7.24 9.01 -93.94
CA GLY EB 96 -8.08 9.28 -92.78
C GLY EB 96 -7.45 10.33 -91.90
N LEU EB 97 -6.14 10.24 -91.73
CA LEU EB 97 -5.40 11.17 -90.91
C LEU EB 97 -5.54 12.60 -91.40
N LYS EB 98 -5.41 12.78 -92.70
CA LYS EB 98 -5.59 14.09 -93.26
C LYS EB 98 -6.98 14.60 -92.99
N GLY EB 99 -7.98 13.75 -93.16
CA GLY EB 99 -9.35 14.14 -92.87
C GLY EB 99 -9.47 14.61 -91.43
N TYR EB 100 -8.82 13.88 -90.53
CA TYR EB 100 -8.82 14.21 -89.12
C TYR EB 100 -8.32 15.62 -88.89
N TYR EB 101 -7.13 15.90 -89.35
CA TYR EB 101 -6.55 17.22 -89.13
C TYR EB 101 -7.21 18.34 -89.89
N ILE EB 102 -7.58 18.09 -91.12
CA ILE EB 102 -8.18 19.11 -91.93
C ILE EB 102 -9.47 19.60 -91.35
N SER EB 103 -10.32 18.68 -90.94
CA SER EB 103 -11.62 19.08 -90.47
C SER EB 103 -11.73 19.23 -88.96
N ALA EB 104 -10.91 18.52 -88.19
CA ALA EB 104 -11.00 18.65 -86.74
C ALA EB 104 -10.23 19.83 -86.24
N PHE EB 105 -9.09 20.12 -86.87
CA PHE EB 105 -8.23 21.20 -86.41
C PHE EB 105 -8.06 22.30 -87.43
N ASN EB 106 -8.78 22.18 -88.53
CA ASN EB 106 -8.73 23.18 -89.58
C ASN EB 106 -7.33 23.33 -90.15
N ALA EB 107 -6.61 22.21 -90.28
CA ALA EB 107 -5.28 22.24 -90.86
C ALA EB 107 -5.38 22.44 -92.36
N ASN EB 108 -4.41 23.13 -92.94
CA ASN EB 108 -4.43 23.44 -94.36
C ASN EB 108 -3.94 22.29 -95.23
N PRO EB 109 -4.88 21.53 -95.85
CA PRO EB 109 -4.64 20.40 -96.77
C PRO EB 109 -3.35 20.51 -97.55
N GLN EB 110 -3.10 21.69 -98.13
CA GLN EB 110 -1.95 21.88 -98.99
C GLN EB 110 -0.65 21.73 -98.22
N VAL EB 111 -0.61 22.30 -97.03
CA VAL EB 111 0.57 22.19 -96.21
C VAL EB 111 0.72 20.79 -95.72
N LEU EB 112 -0.41 20.15 -95.41
CA LEU EB 112 -0.39 18.77 -94.94
C LEU EB 112 0.23 17.87 -95.97
N ASP EB 113 -0.08 18.12 -97.23
CA ASP EB 113 0.49 17.36 -98.31
C ASP EB 113 1.97 17.61 -98.43
N ALA EB 114 2.39 18.85 -98.15
CA ALA EB 114 3.81 19.18 -98.13
C ALA EB 114 4.53 18.36 -97.08
N VAL EB 115 3.89 18.17 -95.92
CA VAL EB 115 4.48 17.36 -94.87
C VAL EB 115 4.64 15.92 -95.31
N VAL EB 116 3.58 15.37 -95.89
CA VAL EB 116 3.60 13.99 -96.39
C VAL EB 116 4.68 13.84 -97.46
N ASN EB 117 4.80 14.85 -98.32
CA ASN EB 117 5.80 14.89 -99.38
C ASN EB 117 7.23 14.75 -98.88
N ILE EB 118 7.45 14.94 -97.59
CA ILE EB 118 8.76 14.79 -97.04
C ILE EB 118 8.93 13.46 -96.40
N ILE EB 119 8.00 13.11 -95.54
CA ILE EB 119 8.08 11.88 -94.80
C ILE EB 119 7.99 10.67 -95.70
N THR EB 120 7.04 10.69 -96.62
CA THR EB 120 6.87 9.60 -97.55
C THR EB 120 7.62 9.87 -98.81
N GLY EB 121 7.74 11.15 -99.14
CA GLY EB 121 8.44 11.56 -100.35
C GLY EB 121 7.45 12.05 -101.40
N SER EB 122 6.17 11.79 -101.16
CA SER EB 122 5.12 12.22 -102.05
C SER EB 122 3.79 12.15 -101.34
N PRO EB 123 2.80 12.86 -101.84
CA PRO EB 123 1.43 12.83 -101.38
C PRO EB 123 0.92 11.41 -101.53
N THR EB 124 -0.09 11.06 -100.76
CA THR EB 124 -0.52 9.68 -100.73
C THR EB 124 -1.53 9.37 -101.82
N GLY EB 125 -2.48 8.49 -101.52
CA GLY EB 125 -3.46 8.07 -102.52
C GLY EB 125 -2.86 6.98 -103.41
N TYR EB 126 -1.81 7.34 -104.12
CA TYR EB 126 -1.07 6.43 -104.95
C TYR EB 126 0.23 6.08 -104.25
N VAL EB 127 0.67 4.85 -104.42
CA VAL EB 127 1.92 4.43 -103.81
C VAL EB 127 3.08 4.73 -104.73
N SER EB 128 3.95 5.63 -104.30
CA SER EB 128 5.12 5.99 -105.09
C SER EB 128 6.09 6.83 -104.27
N SER FB 1 14.52 23.97 -79.07
CA SER FB 1 15.40 23.59 -80.17
C SER FB 1 16.46 22.62 -79.73
N ARG FB 2 16.24 21.33 -79.99
CA ARG FB 2 17.20 20.29 -79.59
C ARG FB 2 17.30 19.18 -80.62
N SER FB 3 18.51 18.64 -80.77
CA SER FB 3 18.74 17.46 -81.61
C SER FB 3 18.32 16.24 -80.86
N TYR FB 4 18.30 15.09 -81.52
CA TYR FB 4 17.88 13.91 -80.80
C TYR FB 4 18.92 13.55 -79.80
N SER FB 5 20.17 13.90 -80.08
CA SER FB 5 21.24 13.55 -79.20
C SER FB 5 21.10 14.27 -77.89
N GLN FB 6 20.58 15.48 -77.96
CA GLN FB 6 20.30 16.26 -76.78
C GLN FB 6 19.07 15.75 -76.09
N ARG FB 7 18.06 15.37 -76.87
CA ARG FB 7 16.84 14.84 -76.30
C ARG FB 7 17.14 13.61 -75.50
N TYR FB 8 17.93 12.72 -76.09
CA TYR FB 8 18.33 11.51 -75.45
C TYR FB 8 19.19 11.76 -74.27
N ALA FB 9 20.21 12.58 -74.43
CA ALA FB 9 21.14 12.85 -73.35
C ALA FB 9 20.41 13.21 -72.08
N LYS FB 10 19.52 14.19 -72.17
CA LYS FB 10 18.82 14.62 -71.00
C LYS FB 10 17.84 13.58 -70.52
N TRP FB 11 17.16 12.93 -71.46
CA TRP FB 11 16.23 11.88 -71.10
C TRP FB 11 16.91 10.81 -70.29
N GLN FB 12 18.11 10.46 -70.70
CA GLN FB 12 18.86 9.45 -70.02
C GLN FB 12 19.18 9.86 -68.62
N ALA FB 13 19.62 11.11 -68.46
CA ALA FB 13 19.97 11.61 -67.16
C ALA FB 13 18.80 11.60 -66.22
N LYS FB 14 17.63 11.96 -66.73
CA LYS FB 14 16.46 12.02 -65.91
C LYS FB 14 15.91 10.66 -65.62
N PHE FB 15 16.04 9.75 -66.56
CA PHE FB 15 15.61 8.39 -66.32
C PHE FB 15 16.44 7.79 -65.21
N ASN FB 16 17.75 8.00 -65.29
CA ASN FB 16 18.66 7.50 -64.29
C ASN FB 16 18.29 8.02 -62.94
N ALA FB 17 18.06 9.32 -62.86
CA ALA FB 17 17.71 9.96 -61.61
C ALA FB 17 16.49 9.32 -61.02
N PHE FB 18 15.43 9.20 -61.81
CA PHE FB 18 14.19 8.66 -61.33
C PHE FB 18 14.33 7.25 -60.82
N SER FB 19 15.17 6.45 -61.46
CA SER FB 19 15.31 5.05 -61.07
C SER FB 19 15.89 4.87 -59.66
N ASN FB 20 16.48 5.93 -59.11
CA ASN FB 20 17.06 5.88 -57.77
C ASN FB 20 15.99 5.69 -56.71
N PRO FB 21 16.01 4.55 -55.98
CA PRO FB 21 15.07 4.18 -54.89
C PRO FB 21 14.49 5.38 -54.17
N THR FB 22 15.36 6.30 -53.76
CA THR FB 22 14.95 7.44 -52.99
C THR FB 22 14.17 8.40 -53.82
N VAL FB 23 14.66 8.68 -55.01
CA VAL FB 23 14.01 9.62 -55.89
C VAL FB 23 12.67 9.12 -56.31
N ALA FB 24 12.61 7.85 -56.68
CA ALA FB 24 11.38 7.26 -57.14
C ALA FB 24 10.34 7.32 -56.05
N SER FB 25 10.69 6.86 -54.86
CA SER FB 25 9.73 6.82 -53.80
C SER FB 25 9.38 8.17 -53.27
N THR FB 26 10.32 9.11 -53.31
CA THR FB 26 10.04 10.45 -52.86
C THR FB 26 8.97 11.06 -53.69
N ILE FB 27 9.17 11.04 -54.99
CA ILE FB 27 8.22 11.64 -55.88
C ILE FB 27 6.89 10.93 -55.84
N LEU FB 28 6.94 9.62 -55.99
CA LEU FB 28 5.74 8.84 -56.11
C LEU FB 28 4.90 8.85 -54.85
N SER FB 29 5.55 8.81 -53.70
CA SER FB 29 4.81 8.85 -52.46
C SER FB 29 4.22 10.22 -52.21
N ASN FB 30 4.87 11.27 -52.73
CA ASN FB 30 4.34 12.60 -52.56
C ASN FB 30 3.16 12.86 -53.46
N VAL FB 31 3.17 12.29 -54.65
CA VAL FB 31 2.07 12.52 -55.58
C VAL FB 31 1.03 11.45 -55.50
N SER FB 32 1.21 10.50 -54.58
CA SER FB 32 0.24 9.44 -54.39
C SER FB 32 -1.20 9.95 -54.28
N PRO FB 33 -1.61 10.53 -53.12
CA PRO FB 33 -2.97 10.99 -52.89
C PRO FB 33 -3.46 11.96 -53.99
N VAL FB 34 -2.54 12.67 -54.62
CA VAL FB 34 -2.88 13.59 -55.69
C VAL FB 34 -3.32 12.82 -56.90
N ALA FB 35 -2.54 11.81 -57.25
CA ALA FB 35 -2.85 10.94 -58.35
C ALA FB 35 -4.16 10.26 -58.13
N GLN FB 36 -4.42 9.88 -56.91
CA GLN FB 36 -5.64 9.20 -56.58
C GLN FB 36 -6.81 10.06 -56.88
N GLN FB 37 -6.72 11.32 -56.52
CA GLN FB 37 -7.78 12.25 -56.81
C GLN FB 37 -8.02 12.40 -58.28
N ASN FB 38 -6.94 12.51 -59.04
CA ASN FB 38 -7.04 12.73 -60.46
C ASN FB 38 -7.62 11.51 -61.17
N PHE FB 39 -7.20 10.33 -60.73
CA PHE FB 39 -7.70 9.10 -61.28
C PHE FB 39 -9.17 8.96 -60.99
N GLN FB 40 -9.54 9.18 -59.74
CA GLN FB 40 -10.92 9.05 -59.33
C GLN FB 40 -11.81 10.02 -60.05
N THR FB 41 -11.30 11.21 -60.30
CA THR FB 41 -12.09 12.24 -60.91
C THR FB 41 -12.41 11.97 -62.37
N ASN FB 42 -11.39 11.67 -63.18
CA ASN FB 42 -11.61 11.56 -64.61
C ASN FB 42 -11.87 10.17 -65.14
N VAL FB 43 -11.55 9.13 -64.39
CA VAL FB 43 -11.70 7.78 -64.95
C VAL FB 43 -13.14 7.23 -65.04
N PRO FB 44 -13.94 7.25 -63.96
CA PRO FB 44 -15.31 6.70 -63.95
C PRO FB 44 -16.17 7.31 -65.07
N LYS FB 45 -15.78 8.50 -65.54
CA LYS FB 45 -16.44 9.17 -66.64
C LYS FB 45 -16.40 8.34 -67.90
N PHE FB 46 -15.26 7.67 -68.11
CA PHE FB 46 -15.06 6.86 -69.29
C PHE FB 46 -15.53 5.46 -69.08
N THR FB 47 -15.53 5.01 -67.83
CA THR FB 47 -16.02 3.69 -67.54
C THR FB 47 -17.49 3.59 -67.89
N SER FB 48 -18.24 4.63 -67.55
CA SER FB 48 -19.66 4.66 -67.87
C SER FB 48 -19.88 4.65 -69.37
N VAL FB 49 -18.95 5.24 -70.10
CA VAL FB 49 -19.02 5.22 -71.55
C VAL FB 49 -18.86 3.83 -72.05
N ASN FB 50 -17.89 3.12 -71.50
CA ASN FB 50 -17.63 1.78 -71.91
C ASN FB 50 -18.82 0.88 -71.73
N GLU FB 51 -19.54 1.04 -70.61
CA GLU FB 51 -20.73 0.21 -70.39
C GLU FB 51 -21.78 0.45 -71.46
N ASN FB 52 -22.15 1.72 -71.66
CA ASN FB 52 -23.19 2.02 -72.61
C ASN FB 52 -22.80 1.71 -74.04
N VAL FB 53 -21.58 2.08 -74.42
CA VAL FB 53 -21.11 1.83 -75.76
C VAL FB 53 -21.04 0.35 -76.03
N SER FB 54 -20.56 -0.41 -75.07
CA SER FB 54 -20.48 -1.84 -75.22
C SER FB 54 -21.85 -2.42 -75.46
N ALA FB 55 -22.84 -1.94 -74.69
CA ALA FB 55 -24.20 -2.42 -74.85
C ALA FB 55 -24.68 -2.21 -76.27
N VAL FB 56 -24.41 -1.03 -76.81
CA VAL FB 56 -24.79 -0.72 -78.17
C VAL FB 56 -24.16 -1.66 -79.14
N LEU FB 57 -22.89 -1.91 -78.97
CA LEU FB 57 -22.16 -2.77 -79.87
C LEU FB 57 -22.74 -4.17 -79.88
N THR FB 58 -23.21 -4.62 -78.73
CA THR FB 58 -23.87 -5.91 -78.66
C THR FB 58 -25.16 -5.89 -79.45
N GLN FB 59 -25.91 -4.80 -79.35
CA GLN FB 59 -27.14 -4.66 -80.13
C GLN FB 59 -26.87 -4.58 -81.64
N TYR FB 60 -25.69 -4.07 -82.02
CA TYR FB 60 -25.29 -4.06 -83.42
C TYR FB 60 -24.58 -5.31 -83.88
N GLY FB 61 -24.42 -6.29 -83.00
CA GLY FB 61 -23.80 -7.55 -83.39
C GLY FB 61 -22.29 -7.47 -83.56
N ILE FB 62 -21.68 -6.45 -82.97
CA ILE FB 62 -20.25 -6.23 -83.12
C ILE FB 62 -19.47 -7.07 -82.14
N THR FB 63 -18.50 -7.82 -82.63
CA THR FB 63 -17.71 -8.70 -81.77
C THR FB 63 -16.22 -8.51 -81.93
N GLY FB 64 -15.47 -9.00 -80.97
CA GLY FB 64 -14.02 -9.00 -81.05
C GLY FB 64 -13.46 -7.60 -81.10
N PRO FB 65 -12.33 -7.45 -81.77
CA PRO FB 65 -11.58 -6.25 -81.96
C PRO FB 65 -12.38 -5.19 -82.66
N ASN FB 66 -13.45 -5.59 -83.33
CA ASN FB 66 -14.30 -4.63 -83.98
C ASN FB 66 -14.98 -3.78 -82.94
N ARG FB 67 -15.26 -4.37 -81.78
CA ARG FB 67 -15.85 -3.62 -80.69
C ARG FB 67 -14.86 -2.62 -80.24
N ALA FB 68 -13.60 -3.05 -80.13
CA ALA FB 68 -12.51 -2.21 -79.69
C ALA FB 68 -12.33 -1.00 -80.58
N ILE FB 69 -12.58 -1.17 -81.88
CA ILE FB 69 -12.50 -0.04 -82.78
C ILE FB 69 -13.45 1.05 -82.34
N TYR FB 70 -14.67 0.65 -82.06
CA TYR FB 70 -15.69 1.59 -81.69
C TYR FB 70 -15.49 2.09 -80.28
N GLN FB 71 -14.91 1.27 -79.42
CA GLN FB 71 -14.61 1.70 -78.07
C GLN FB 71 -13.59 2.79 -78.10
N GLY FB 72 -12.57 2.63 -78.94
CA GLY FB 72 -11.53 3.64 -79.08
C GLY FB 72 -12.14 4.94 -79.57
N PHE FB 73 -12.99 4.85 -80.57
CA PHE FB 73 -13.68 5.99 -81.09
C PHE FB 73 -14.48 6.70 -80.02
N GLY FB 74 -15.33 5.95 -79.32
CA GLY FB 74 -16.19 6.52 -78.30
C GLY FB 74 -15.41 7.18 -77.20
N LEU FB 75 -14.36 6.52 -76.74
CA LEU FB 75 -13.55 7.06 -75.70
C LEU FB 75 -12.91 8.37 -76.12
N LYS FB 76 -12.48 8.44 -77.36
CA LYS FB 76 -11.87 9.63 -77.90
C LYS FB 76 -12.88 10.76 -78.00
N VAL FB 77 -14.13 10.44 -78.35
CA VAL FB 77 -15.19 11.42 -78.36
C VAL FB 77 -15.36 12.03 -76.99
N ALA FB 78 -15.43 11.16 -75.98
CA ALA FB 78 -15.61 11.58 -74.61
C ALA FB 78 -14.44 12.43 -74.14
N ARG FB 79 -13.22 12.06 -74.55
CA ARG FB 79 -12.05 12.85 -74.22
C ARG FB 79 -12.20 14.28 -74.65
N ALA FB 80 -12.56 14.47 -75.91
CA ALA FB 80 -12.74 15.79 -76.46
C ALA FB 80 -13.80 16.54 -75.69
N LEU FB 81 -14.87 15.84 -75.34
CA LEU FB 81 -15.91 16.45 -74.57
C LEU FB 81 -15.35 17.03 -73.29
N ASN FB 82 -14.54 16.26 -72.58
CA ASN FB 82 -13.97 16.75 -71.33
C ASN FB 82 -13.03 17.94 -71.52
N ARG FB 83 -12.16 17.89 -72.52
CA ARG FB 83 -11.15 18.92 -72.69
C ARG FB 83 -11.67 20.15 -73.46
N ILE FB 84 -12.68 19.96 -74.27
CA ILE FB 84 -13.28 21.06 -75.05
C ILE FB 84 -14.61 21.51 -74.47
N GLY FB 85 -15.48 20.56 -74.23
CA GLY FB 85 -16.84 20.86 -73.77
C GLY FB 85 -17.77 20.84 -74.95
N SER FB 86 -19.06 20.70 -74.71
CA SER FB 86 -20.02 20.62 -75.79
C SER FB 86 -20.15 21.93 -76.53
N GLY FB 87 -20.66 21.86 -77.75
CA GLY FB 87 -20.82 23.05 -78.57
C GLY FB 87 -19.98 22.95 -79.84
N PRO FB 88 -20.03 24.01 -80.64
CA PRO FB 88 -19.34 24.19 -81.94
C PRO FB 88 -18.04 23.41 -82.06
N ALA FB 89 -17.05 23.72 -81.21
CA ALA FB 89 -15.75 23.11 -81.30
C ALA FB 89 -15.80 21.60 -81.20
N LEU FB 90 -16.69 21.10 -80.35
CA LEU FB 90 -16.80 19.66 -80.19
C LEU FB 90 -17.30 19.05 -81.46
N VAL FB 91 -18.29 19.70 -82.05
CA VAL FB 91 -18.83 19.21 -83.31
C VAL FB 91 -17.76 19.18 -84.37
N ASN FB 92 -16.95 20.23 -84.43
CA ASN FB 92 -15.84 20.29 -85.37
C ASN FB 92 -14.92 19.11 -85.17
N MET FB 93 -14.62 18.83 -83.91
CA MET FB 93 -13.80 17.70 -83.56
C MET FB 93 -14.38 16.39 -84.00
N ILE FB 94 -15.64 16.17 -83.65
CA ILE FB 94 -16.28 14.91 -83.93
C ILE FB 94 -16.35 14.65 -85.39
N ASN FB 95 -16.65 15.67 -86.18
CA ASN FB 95 -16.73 15.51 -87.62
C ASN FB 95 -15.44 14.95 -88.17
N GLY FB 96 -14.31 15.51 -87.73
CA GLY FB 96 -13.02 15.04 -88.19
C GLY FB 96 -12.70 13.68 -87.66
N LEU FB 97 -13.03 13.44 -86.41
CA LEU FB 97 -12.79 12.17 -85.77
C LEU FB 97 -13.55 11.05 -86.44
N LYS FB 98 -14.82 11.29 -86.70
CA LYS FB 98 -15.64 10.32 -87.36
C LYS FB 98 -15.05 9.93 -88.69
N GLY FB 99 -14.78 10.93 -89.53
CA GLY FB 99 -14.21 10.69 -90.86
C GLY FB 99 -12.91 9.92 -90.75
N TYR FB 100 -12.10 10.31 -89.78
CA TYR FB 100 -10.84 9.66 -89.49
C TYR FB 100 -11.00 8.18 -89.32
N TYR FB 101 -11.87 7.77 -88.42
CA TYR FB 101 -12.10 6.35 -88.20
C TYR FB 101 -12.71 5.64 -89.39
N ILE FB 102 -13.61 6.30 -90.09
CA ILE FB 102 -14.25 5.68 -91.22
C ILE FB 102 -13.27 5.27 -92.26
N SER FB 103 -12.37 6.16 -92.61
CA SER FB 103 -11.45 5.89 -93.69
C SER FB 103 -10.12 5.32 -93.24
N ALA FB 104 -9.67 5.67 -92.05
CA ALA FB 104 -8.39 5.15 -91.57
C ALA FB 104 -8.50 3.73 -91.14
N PHE FB 105 -9.61 3.38 -90.47
CA PHE FB 105 -9.77 2.04 -89.92
C PHE FB 105 -10.96 1.31 -90.48
N ASN FB 106 -11.59 1.88 -91.49
CA ASN FB 106 -12.75 1.25 -92.10
C ASN FB 106 -13.87 1.05 -91.09
N ALA FB 107 -14.04 2.02 -90.19
CA ALA FB 107 -15.10 1.94 -89.22
C ALA FB 107 -16.43 2.23 -89.90
N ASN FB 108 -17.48 1.55 -89.46
CA ASN FB 108 -18.79 1.67 -90.08
C ASN FB 108 -19.59 2.86 -89.54
N PRO FB 109 -19.69 3.96 -90.33
CA PRO FB 109 -20.46 5.18 -90.06
C PRO FB 109 -21.70 4.95 -89.21
N GLN FB 110 -22.46 3.90 -89.51
CA GLN FB 110 -23.68 3.61 -88.78
C GLN FB 110 -23.45 3.36 -87.32
N VAL FB 111 -22.46 2.54 -87.04
CA VAL FB 111 -22.17 2.22 -85.68
C VAL FB 111 -21.54 3.41 -85.02
N LEU FB 112 -20.70 4.13 -85.77
CA LEU FB 112 -20.03 5.31 -85.25
C LEU FB 112 -21.04 6.32 -84.77
N ASP FB 113 -22.10 6.48 -85.54
CA ASP FB 113 -23.16 7.38 -85.17
C ASP FB 113 -23.85 6.91 -83.94
N ALA FB 114 -24.06 5.61 -83.83
CA ALA FB 114 -24.68 5.05 -82.64
C ALA FB 114 -23.88 5.37 -81.42
N VAL FB 115 -22.55 5.27 -81.52
CA VAL FB 115 -21.68 5.58 -80.40
C VAL FB 115 -21.83 7.04 -79.98
N VAL FB 116 -21.83 7.94 -80.97
CA VAL FB 116 -22.01 9.35 -80.70
C VAL FB 116 -23.38 9.61 -80.08
N ASN FB 117 -24.38 8.85 -80.53
CA ASN FB 117 -25.73 8.99 -80.02
C ASN FB 117 -25.89 8.54 -78.58
N ILE FB 118 -24.84 8.02 -77.99
CA ILE FB 118 -24.84 7.66 -76.60
C ILE FB 118 -24.14 8.72 -75.82
N ILE FB 119 -22.94 9.03 -76.25
CA ILE FB 119 -22.10 9.98 -75.55
C ILE FB 119 -22.67 11.38 -75.61
N THR FB 120 -23.05 11.82 -76.80
CA THR FB 120 -23.61 13.14 -76.96
C THR FB 120 -25.10 13.08 -76.91
N GLY FB 121 -25.65 11.99 -77.43
CA GLY FB 121 -27.08 11.82 -77.47
C GLY FB 121 -27.63 12.14 -78.85
N SER FB 122 -26.80 12.75 -79.69
CA SER FB 122 -27.24 13.14 -81.00
C SER FB 122 -26.07 13.08 -81.97
N PRO FB 123 -26.35 12.92 -83.27
CA PRO FB 123 -25.43 12.89 -84.38
C PRO FB 123 -24.68 14.21 -84.46
N THR FB 124 -23.54 14.16 -85.12
CA THR FB 124 -22.72 15.35 -85.28
C THR FB 124 -23.10 16.11 -86.54
N GLY FB 125 -22.12 16.65 -87.25
CA GLY FB 125 -22.39 17.40 -88.47
C GLY FB 125 -22.76 18.83 -88.14
N TYR FB 126 -23.89 19.00 -87.46
CA TYR FB 126 -24.37 20.31 -87.06
C TYR FB 126 -24.61 20.33 -85.55
N VAL FB 127 -24.50 21.52 -84.95
CA VAL FB 127 -24.67 21.66 -83.52
C VAL FB 127 -26.11 21.41 -83.12
N SER FB 128 -26.32 20.44 -82.23
CA SER FB 128 -27.67 20.09 -81.77
C SER FB 128 -27.64 19.25 -80.50
#